data_2K8P
#
_entry.id   2K8P
#
_entity_poly.entity_id   1
_entity_poly.type   'polypeptide(L)'
_entity_poly.pdbx_seq_one_letter_code
;GWQAFKNDATEIIPELGEYPEPPPELENNKTMNRAENGGRPPHHPFETKDVSEYSCRELHFTRYVTDGPCRSAKPVTELV
CSGQCGPARLLPNAIGRGKWWRPSGPDFRCIPDRYRAQRVQLLCPGGEAPRARKVRLVASCKCKRLTRFHNQSELKDFGT
EAARPQKGRKPRPRARSAKANQAELENAY
;
_entity_poly.pdbx_strand_id   A
#
# COMPACT_ATOMS: atom_id res chain seq x y z
N GLY A 1 -61.16 105.08 -92.13
CA GLY A 1 -60.95 105.25 -90.71
C GLY A 1 -59.85 104.36 -90.16
N TRP A 2 -59.28 104.75 -89.02
CA TRP A 2 -58.21 103.99 -88.40
C TRP A 2 -58.44 103.85 -86.90
N GLN A 3 -57.78 102.88 -86.29
CA GLN A 3 -57.91 102.64 -84.85
C GLN A 3 -56.55 102.43 -84.21
N ALA A 4 -56.16 103.34 -83.33
CA ALA A 4 -54.88 103.25 -82.65
C ALA A 4 -55.07 103.00 -81.15
N PHE A 5 -53.97 102.99 -80.40
CA PHE A 5 -54.02 102.76 -78.97
C PHE A 5 -53.05 103.69 -78.24
N LYS A 6 -53.04 103.60 -76.91
CA LYS A 6 -52.17 104.43 -76.09
C LYS A 6 -51.79 103.71 -74.80
N ASN A 7 -50.49 103.60 -74.54
CA ASN A 7 -50.01 102.94 -73.33
C ASN A 7 -48.99 103.80 -72.60
N ASP A 8 -48.38 103.25 -71.57
CA ASP A 8 -47.39 103.98 -70.78
C ASP A 8 -46.23 103.06 -70.39
N ALA A 9 -45.39 103.54 -69.48
CA ALA A 9 -44.25 102.76 -69.01
C ALA A 9 -44.69 101.64 -68.07
N THR A 10 -43.74 101.09 -67.32
CA THR A 10 -44.04 100.02 -66.39
C THR A 10 -42.88 99.80 -65.41
N GLU A 11 -43.14 100.03 -64.12
CA GLU A 11 -42.13 99.86 -63.10
C GLU A 11 -42.43 98.65 -62.23
N ILE A 12 -41.40 97.84 -61.96
CA ILE A 12 -41.56 96.65 -61.14
C ILE A 12 -40.86 96.82 -59.79
N ILE A 13 -41.63 97.17 -58.77
CA ILE A 13 -41.08 97.36 -57.44
C ILE A 13 -41.91 96.62 -56.39
N PRO A 14 -41.81 95.28 -56.41
CA PRO A 14 -42.55 94.43 -55.46
C PRO A 14 -42.02 94.55 -54.03
N GLU A 15 -42.90 94.29 -53.06
CA GLU A 15 -42.52 94.38 -51.66
C GLU A 15 -42.12 93.01 -51.12
N LEU A 16 -42.72 91.96 -51.67
CA LEU A 16 -42.43 90.60 -51.24
C LEU A 16 -42.59 90.45 -49.74
N GLY A 17 -42.23 89.28 -49.23
CA GLY A 17 -42.34 89.03 -47.79
C GLY A 17 -42.08 87.58 -47.44
N GLU A 18 -40.89 87.10 -47.74
CA GLU A 18 -40.52 85.72 -47.45
C GLU A 18 -39.37 85.65 -46.46
N TYR A 19 -39.68 85.88 -45.18
CA TYR A 19 -38.67 85.86 -44.14
C TYR A 19 -39.00 84.79 -43.09
N PRO A 20 -38.89 83.51 -43.51
CA PRO A 20 -39.16 82.37 -42.64
C PRO A 20 -38.11 82.21 -41.55
N GLU A 21 -38.49 82.49 -40.30
CA GLU A 21 -37.56 82.38 -39.19
C GLU A 21 -38.22 81.65 -38.02
N PRO A 22 -38.41 80.33 -38.18
CA PRO A 22 -39.04 79.49 -37.14
C PRO A 22 -38.14 79.31 -35.92
N PRO A 23 -38.72 78.78 -34.83
CA PRO A 23 -37.99 78.55 -33.58
C PRO A 23 -36.97 77.42 -33.71
N PRO A 24 -36.09 77.31 -32.71
CA PRO A 24 -35.05 76.28 -32.68
C PRO A 24 -35.61 74.88 -32.46
N GLU A 25 -34.74 73.88 -32.49
CA GLU A 25 -35.17 72.49 -32.30
C GLU A 25 -33.97 71.60 -31.96
N LEU A 26 -33.70 71.45 -30.67
CA LEU A 26 -32.59 70.63 -30.22
C LEU A 26 -32.95 69.88 -28.93
N GLU A 27 -31.93 69.38 -28.24
CA GLU A 27 -32.15 68.66 -27.00
C GLU A 27 -30.86 68.60 -26.17
N ASN A 28 -31.01 68.50 -24.86
CA ASN A 28 -29.86 68.44 -23.96
C ASN A 28 -30.24 67.75 -22.65
N ASN A 29 -29.67 66.56 -22.44
CA ASN A 29 -29.95 65.79 -21.23
C ASN A 29 -28.68 65.61 -20.40
N LYS A 30 -28.85 65.29 -19.12
CA LYS A 30 -27.72 65.09 -18.22
C LYS A 30 -27.74 63.69 -17.62
N THR A 31 -26.73 63.38 -16.81
CA THR A 31 -26.64 62.07 -16.17
C THR A 31 -25.88 62.15 -14.86
N MET A 32 -26.37 61.46 -13.84
CA MET A 32 -25.73 61.45 -12.53
C MET A 32 -26.32 60.37 -11.64
N ASN A 33 -25.46 59.59 -11.01
CA ASN A 33 -25.90 58.52 -10.12
C ASN A 33 -24.76 58.05 -9.22
N ARG A 34 -25.02 57.01 -8.44
CA ARG A 34 -24.02 56.46 -7.53
C ARG A 34 -24.34 55.01 -7.17
N ALA A 35 -23.31 54.28 -6.75
CA ALA A 35 -23.49 52.88 -6.37
C ALA A 35 -22.62 52.53 -5.17
N GLU A 36 -22.76 51.30 -4.69
CA GLU A 36 -22.00 50.84 -3.53
C GLU A 36 -21.49 49.42 -3.76
N ASN A 37 -20.36 49.10 -3.11
CA ASN A 37 -19.76 47.77 -3.24
C ASN A 37 -19.79 47.03 -1.90
N GLY A 38 -19.31 45.79 -1.91
CA GLY A 38 -19.30 44.99 -0.71
C GLY A 38 -18.33 43.83 -0.79
N GLY A 39 -17.54 43.63 0.27
CA GLY A 39 -16.59 42.55 0.29
C GLY A 39 -15.88 42.42 1.62
N ARG A 40 -16.34 41.47 2.44
CA ARG A 40 -15.75 41.25 3.76
C ARG A 40 -15.60 39.76 4.03
N PRO A 41 -14.65 39.12 3.34
CA PRO A 41 -14.38 37.68 3.50
C PRO A 41 -13.75 37.36 4.84
N PRO A 42 -13.70 36.06 5.17
CA PRO A 42 -13.12 35.59 6.44
C PRO A 42 -11.60 35.76 6.48
N HIS A 43 -11.05 35.83 7.68
CA HIS A 43 -9.61 35.98 7.86
C HIS A 43 -9.13 35.25 9.11
N HIS A 44 -8.24 34.28 8.92
CA HIS A 44 -7.71 33.50 10.04
C HIS A 44 -6.20 33.30 9.89
N PRO A 45 -5.53 33.04 11.01
CA PRO A 45 -4.07 32.82 11.02
C PRO A 45 -3.69 31.49 10.36
N PHE A 46 -2.39 31.31 10.15
CA PHE A 46 -1.89 30.09 9.53
C PHE A 46 -1.33 29.13 10.57
N GLU A 47 -1.36 27.84 10.26
CA GLU A 47 -0.86 26.82 11.18
C GLU A 47 -0.16 25.69 10.42
N THR A 48 0.41 24.75 11.15
CA THR A 48 1.10 23.62 10.55
C THR A 48 1.55 22.62 11.62
N LYS A 49 1.28 21.35 11.38
CA LYS A 49 1.65 20.30 12.32
C LYS A 49 2.94 19.60 11.85
N ASP A 50 3.83 19.34 12.79
CA ASP A 50 5.10 18.67 12.49
C ASP A 50 5.34 17.52 13.46
N VAL A 51 5.75 16.37 12.91
CA VAL A 51 6.03 15.19 13.71
C VAL A 51 7.17 14.37 13.12
N SER A 52 8.06 13.91 13.99
CA SER A 52 9.21 13.11 13.56
C SER A 52 9.86 12.41 14.74
N GLU A 53 9.15 11.46 15.33
CA GLU A 53 9.66 10.71 16.47
C GLU A 53 10.60 9.60 16.01
N TYR A 54 11.02 8.77 16.96
CA TYR A 54 11.92 7.66 16.66
C TYR A 54 11.14 6.40 16.29
N SER A 55 11.83 5.43 15.72
CA SER A 55 11.20 4.18 15.31
C SER A 55 10.15 4.43 14.24
N CYS A 56 9.39 3.38 13.90
CA CYS A 56 8.35 3.49 12.89
C CYS A 56 7.10 4.14 13.45
N ARG A 57 6.73 5.29 12.89
CA ARG A 57 5.55 6.02 13.34
C ARG A 57 4.28 5.20 13.12
N GLU A 58 3.22 5.56 13.83
CA GLU A 58 1.95 4.86 13.73
C GLU A 58 0.93 5.69 12.95
N LEU A 59 0.52 5.18 11.80
CA LEU A 59 -0.44 5.88 10.95
C LEU A 59 -1.87 5.51 11.34
N HIS A 60 -2.58 6.45 11.95
CA HIS A 60 -3.97 6.22 12.38
C HIS A 60 -4.94 6.71 11.32
N PHE A 61 -5.70 5.78 10.74
CA PHE A 61 -6.67 6.13 9.71
C PHE A 61 -8.09 5.82 10.18
N THR A 62 -9.07 6.53 9.62
CA THR A 62 -10.46 6.35 9.99
C THR A 62 -11.34 6.17 8.75
N ARG A 63 -12.23 5.19 8.80
CA ARG A 63 -13.13 4.92 7.67
C ARG A 63 -14.39 4.21 8.15
N TYR A 64 -15.47 4.36 7.38
CA TYR A 64 -16.74 3.74 7.72
C TYR A 64 -16.85 2.35 7.10
N VAL A 65 -17.11 1.35 7.94
CA VAL A 65 -17.25 -0.02 7.47
C VAL A 65 -18.71 -0.38 7.22
N THR A 66 -18.95 -1.25 6.24
CA THR A 66 -20.30 -1.67 5.91
C THR A 66 -20.32 -3.11 5.42
N ASP A 67 -21.26 -3.90 5.94
CA ASP A 67 -21.39 -5.30 5.55
C ASP A 67 -22.85 -5.69 5.42
N GLY A 68 -23.34 -5.75 4.19
CA GLY A 68 -24.72 -6.12 3.95
C GLY A 68 -25.64 -4.91 3.82
N PRO A 69 -26.93 -5.11 4.04
CA PRO A 69 -27.94 -4.04 3.95
C PRO A 69 -27.80 -3.03 5.09
N CYS A 70 -26.93 -3.32 6.03
CA CYS A 70 -26.70 -2.43 7.17
C CYS A 70 -25.39 -1.66 7.00
N ARG A 71 -25.19 -0.67 7.87
CA ARG A 71 -23.99 0.16 7.81
C ARG A 71 -23.53 0.53 9.22
N SER A 72 -22.22 0.59 9.41
CA SER A 72 -21.65 0.94 10.70
C SER A 72 -22.17 2.29 11.19
N ALA A 73 -22.58 2.35 12.45
CA ALA A 73 -23.10 3.57 13.03
C ALA A 73 -22.00 4.58 13.27
N LYS A 74 -20.77 4.08 13.42
CA LYS A 74 -19.62 4.95 13.66
C LYS A 74 -18.41 4.46 12.87
N PRO A 75 -17.43 5.34 12.68
CA PRO A 75 -16.19 5.02 11.95
C PRO A 75 -15.29 4.06 12.72
N VAL A 76 -14.32 3.48 12.02
CA VAL A 76 -13.40 2.55 12.65
C VAL A 76 -11.96 3.05 12.58
N THR A 77 -11.20 2.81 13.63
CA THR A 77 -9.80 3.24 13.68
C THR A 77 -8.87 2.15 13.20
N GLU A 78 -7.96 2.51 12.30
CA GLU A 78 -7.00 1.55 11.75
C GLU A 78 -5.57 2.03 11.98
N LEU A 79 -4.71 1.11 12.41
CA LEU A 79 -3.31 1.44 12.67
C LEU A 79 -2.41 0.85 11.59
N VAL A 80 -1.65 1.71 10.93
CA VAL A 80 -0.74 1.27 9.87
C VAL A 80 0.71 1.39 10.32
N CYS A 81 1.56 0.53 9.78
CA CYS A 81 2.98 0.54 10.12
C CYS A 81 3.79 1.26 9.05
N SER A 82 4.45 2.34 9.43
CA SER A 82 5.25 3.12 8.50
C SER A 82 6.25 4.00 9.24
N GLY A 83 7.37 4.29 8.59
CA GLY A 83 8.40 5.12 9.20
C GLY A 83 9.77 4.89 8.62
N GLN A 84 10.79 5.47 9.24
CA GLN A 84 12.16 5.32 8.77
C GLN A 84 13.15 5.36 9.93
N CYS A 85 14.18 4.54 9.85
CA CYS A 85 15.20 4.48 10.90
C CYS A 85 16.60 4.40 10.29
N GLY A 86 17.61 4.54 11.14
CA GLY A 86 18.99 4.48 10.67
C GLY A 86 19.53 3.07 10.70
N PRO A 87 20.68 2.86 10.05
CA PRO A 87 21.35 1.56 9.98
C PRO A 87 21.93 1.14 11.32
N ALA A 88 21.91 2.05 12.28
CA ALA A 88 22.44 1.77 13.62
C ALA A 88 23.89 1.33 13.55
N ARG A 89 24.77 2.28 13.23
CA ARG A 89 26.21 1.99 13.14
C ARG A 89 26.93 2.36 14.42
N LEU A 90 27.54 1.37 15.06
CA LEU A 90 28.26 1.60 16.31
C LEU A 90 29.14 0.40 16.65
N LEU A 91 30.45 0.55 16.45
CA LEU A 91 31.39 -0.52 16.74
C LEU A 91 32.28 -0.16 17.92
N PRO A 92 32.91 -1.17 18.54
CA PRO A 92 33.79 -0.99 19.68
C PRO A 92 35.10 -0.30 19.29
N ASN A 93 35.48 -0.42 18.03
CA ASN A 93 36.70 0.18 17.53
C ASN A 93 36.39 1.29 16.52
N ALA A 94 35.49 1.01 15.59
CA ALA A 94 35.09 1.99 14.59
C ALA A 94 36.29 2.39 13.73
N ILE A 95 36.45 1.72 12.60
CA ILE A 95 37.56 2.01 11.69
C ILE A 95 37.09 2.02 10.24
N GLY A 96 37.96 2.49 9.34
CA GLY A 96 37.61 2.55 7.94
C GLY A 96 38.27 3.71 7.22
N ARG A 97 39.38 3.42 6.55
CA ARG A 97 40.12 4.46 5.81
C ARG A 97 40.07 4.20 4.31
N GLY A 98 40.60 3.06 3.89
CA GLY A 98 40.61 2.71 2.48
C GLY A 98 40.68 1.21 2.26
N LYS A 99 40.11 0.45 3.17
CA LYS A 99 40.11 -1.01 3.07
C LYS A 99 38.81 -1.59 3.60
N TRP A 100 38.14 -2.39 2.77
CA TRP A 100 36.88 -3.02 3.16
C TRP A 100 36.78 -4.43 2.60
N TRP A 101 35.64 -5.08 2.85
CA TRP A 101 35.43 -6.44 2.37
C TRP A 101 33.94 -6.77 2.37
N ARG A 102 33.30 -6.63 3.53
CA ARG A 102 31.88 -6.92 3.67
C ARG A 102 31.06 -6.15 2.65
N PRO A 103 29.84 -6.61 2.40
CA PRO A 103 28.92 -5.97 1.44
C PRO A 103 28.42 -4.62 1.94
N SER A 104 28.16 -3.71 1.01
CA SER A 104 27.67 -2.38 1.35
C SER A 104 26.22 -2.20 0.92
N GLY A 105 25.38 -3.16 1.28
CA GLY A 105 23.97 -3.09 0.92
C GLY A 105 23.07 -2.93 2.12
N PRO A 106 23.04 -1.71 2.67
CA PRO A 106 22.22 -1.39 3.85
C PRO A 106 20.73 -1.40 3.52
N ASP A 107 19.92 -1.84 4.48
CA ASP A 107 18.48 -1.89 4.30
C ASP A 107 17.75 -1.47 5.59
N PHE A 108 16.46 -1.18 5.46
CA PHE A 108 15.66 -0.76 6.60
C PHE A 108 14.27 -1.39 6.55
N ARG A 109 13.72 -1.69 7.72
CA ARG A 109 12.40 -2.30 7.82
C ARG A 109 11.92 -2.32 9.27
N CYS A 110 10.60 -2.32 9.45
CA CYS A 110 10.01 -2.33 10.78
C CYS A 110 9.24 -3.63 11.01
N ILE A 111 9.32 -4.16 12.23
CA ILE A 111 8.64 -5.39 12.58
C ILE A 111 7.27 -5.10 13.18
N PRO A 112 6.29 -5.99 12.92
CA PRO A 112 4.93 -5.85 13.42
C PRO A 112 4.84 -6.07 14.92
N ASP A 113 3.67 -5.83 15.49
CA ASP A 113 3.45 -6.00 16.92
C ASP A 113 2.06 -6.58 17.20
N ARG A 114 1.69 -6.61 18.47
CA ARG A 114 0.39 -7.13 18.88
C ARG A 114 -0.73 -6.47 18.08
N TYR A 115 -1.77 -7.23 17.78
CA TYR A 115 -2.92 -6.71 17.04
C TYR A 115 -4.07 -6.38 17.96
N ARG A 116 -5.13 -5.81 17.40
CA ARG A 116 -6.32 -5.45 18.17
C ARG A 116 -7.59 -5.67 17.37
N ALA A 117 -8.42 -6.60 17.83
CA ALA A 117 -9.67 -6.91 17.15
C ALA A 117 -10.82 -6.07 17.70
N GLN A 118 -11.31 -5.13 16.88
CA GLN A 118 -12.40 -4.26 17.29
C GLN A 118 -13.73 -4.74 16.70
N ARG A 119 -14.81 -4.53 17.44
CA ARG A 119 -16.13 -4.94 16.99
C ARG A 119 -16.99 -3.73 16.65
N VAL A 120 -17.46 -3.68 15.41
CA VAL A 120 -18.30 -2.57 14.94
C VAL A 120 -19.77 -2.94 15.00
N GLN A 121 -20.62 -1.94 15.19
CA GLN A 121 -22.07 -2.15 15.25
C GLN A 121 -22.76 -1.56 14.03
N LEU A 122 -23.22 -2.42 13.14
CA LEU A 122 -23.91 -1.99 11.94
C LEU A 122 -25.41 -1.91 12.16
N LEU A 123 -26.03 -0.85 11.65
CA LEU A 123 -27.47 -0.65 11.80
C LEU A 123 -28.17 -0.77 10.46
N CYS A 124 -29.42 -1.24 10.48
CA CYS A 124 -30.20 -1.40 9.27
C CYS A 124 -31.42 -0.47 9.27
N PRO A 125 -31.97 -0.22 8.09
CA PRO A 125 -33.14 0.65 7.92
C PRO A 125 -34.41 0.03 8.49
N GLY A 126 -35.54 0.69 8.29
CA GLY A 126 -36.80 0.19 8.79
C GLY A 126 -37.25 -1.07 8.08
N GLY A 127 -36.79 -2.22 8.57
CA GLY A 127 -37.16 -3.49 7.95
C GLY A 127 -36.21 -4.60 8.34
N GLU A 128 -34.94 -4.28 8.47
CA GLU A 128 -33.93 -5.28 8.83
C GLU A 128 -33.36 -5.00 10.22
N ALA A 129 -32.52 -5.90 10.70
CA ALA A 129 -31.90 -5.74 12.01
C ALA A 129 -30.41 -5.46 11.90
N PRO A 130 -29.83 -4.90 12.97
CA PRO A 130 -28.40 -4.56 13.01
C PRO A 130 -27.51 -5.80 13.04
N ARG A 131 -26.23 -5.62 12.72
CA ARG A 131 -25.28 -6.72 12.71
C ARG A 131 -23.89 -6.24 13.13
N ALA A 132 -23.19 -7.08 13.88
CA ALA A 132 -21.85 -6.74 14.35
C ALA A 132 -20.79 -7.26 13.38
N ARG A 133 -19.67 -6.54 13.29
CA ARG A 133 -18.59 -6.93 12.40
C ARG A 133 -17.23 -6.73 13.07
N LYS A 134 -16.46 -7.80 13.18
CA LYS A 134 -15.14 -7.73 13.81
C LYS A 134 -14.07 -7.34 12.79
N VAL A 135 -13.10 -6.56 13.24
CA VAL A 135 -12.02 -6.11 12.37
C VAL A 135 -10.67 -6.24 13.06
N ARG A 136 -9.76 -7.00 12.45
CA ARG A 136 -8.43 -7.19 13.01
C ARG A 136 -7.46 -6.14 12.49
N LEU A 137 -7.13 -5.17 13.35
CA LEU A 137 -6.21 -4.11 12.98
C LEU A 137 -5.01 -4.08 13.91
N VAL A 138 -3.84 -3.79 13.35
CA VAL A 138 -2.61 -3.73 14.13
C VAL A 138 -2.78 -2.83 15.36
N ALA A 139 -2.21 -3.25 16.49
CA ALA A 139 -2.31 -2.49 17.73
C ALA A 139 -1.02 -1.72 17.98
N SER A 140 0.12 -2.35 17.70
CA SER A 140 1.41 -1.72 17.91
C SER A 140 2.36 -2.00 16.75
N CYS A 141 3.56 -1.48 16.82
CA CYS A 141 4.57 -1.68 15.78
C CYS A 141 5.92 -1.14 16.21
N LYS A 142 6.98 -1.86 15.86
CA LYS A 142 8.33 -1.45 16.21
C LYS A 142 9.24 -1.45 14.97
N CYS A 143 10.28 -0.63 15.02
CA CYS A 143 11.22 -0.53 13.91
C CYS A 143 12.54 -1.21 14.25
N LYS A 144 12.78 -2.37 13.64
CA LYS A 144 14.01 -3.12 13.89
C LYS A 144 14.75 -3.37 12.58
N ARG A 145 16.00 -2.93 12.52
CA ARG A 145 16.83 -3.10 11.33
C ARG A 145 17.09 -4.57 11.06
N LEU A 146 17.40 -4.90 9.81
CA LEU A 146 17.66 -6.28 9.43
C LEU A 146 18.39 -6.33 8.08
N THR A 147 19.46 -7.13 8.02
CA THR A 147 20.22 -7.27 6.79
C THR A 147 19.97 -8.62 6.14
N ARG A 148 19.56 -8.60 4.87
CA ARG A 148 19.29 -9.82 4.13
C ARG A 148 20.49 -10.23 3.28
N PHE A 149 20.40 -11.39 2.64
CA PHE A 149 21.47 -11.88 1.80
C PHE A 149 20.93 -12.83 0.72
N HIS A 150 19.73 -12.52 0.22
CA HIS A 150 19.10 -13.33 -0.81
C HIS A 150 19.73 -13.05 -2.18
N ASN A 151 19.44 -13.92 -3.14
CA ASN A 151 19.97 -13.78 -4.49
C ASN A 151 19.06 -14.46 -5.51
N GLN A 152 19.48 -14.46 -6.77
CA GLN A 152 18.72 -15.08 -7.84
C GLN A 152 17.37 -14.38 -8.01
N SER A 153 16.73 -14.63 -9.16
CA SER A 153 15.44 -14.02 -9.45
C SER A 153 14.91 -14.48 -10.79
N GLU A 154 13.63 -14.22 -11.05
CA GLU A 154 13.01 -14.62 -12.31
C GLU A 154 11.88 -13.66 -12.68
N LEU A 155 11.81 -13.30 -13.96
CA LEU A 155 10.78 -12.39 -14.45
C LEU A 155 10.60 -12.53 -15.95
N LYS A 156 9.49 -11.99 -16.47
CA LYS A 156 9.21 -12.05 -17.89
C LYS A 156 9.04 -13.49 -18.36
N ASP A 157 8.58 -13.66 -19.59
CA ASP A 157 8.38 -14.99 -20.15
C ASP A 157 7.91 -14.91 -21.61
N PHE A 158 8.87 -15.00 -22.53
CA PHE A 158 8.56 -14.93 -23.95
C PHE A 158 9.44 -15.89 -24.74
N GLY A 159 8.80 -16.82 -25.45
CA GLY A 159 9.54 -17.79 -26.24
C GLY A 159 9.00 -17.91 -27.65
N THR A 160 9.38 -18.98 -28.34
CA THR A 160 8.94 -19.21 -29.70
C THR A 160 9.02 -20.69 -30.08
N GLU A 161 8.81 -20.99 -31.35
CA GLU A 161 8.87 -22.36 -31.83
C GLU A 161 8.90 -22.41 -33.35
N ALA A 162 9.77 -23.25 -33.90
CA ALA A 162 9.90 -23.39 -35.34
C ALA A 162 10.08 -24.86 -35.74
N ALA A 163 9.41 -25.25 -36.82
CA ALA A 163 9.51 -26.63 -37.29
C ALA A 163 9.68 -26.67 -38.81
N ARG A 164 10.69 -27.41 -39.27
CA ARG A 164 10.95 -27.52 -40.70
C ARG A 164 10.98 -28.98 -41.13
N PRO A 165 10.75 -29.22 -42.43
CA PRO A 165 10.73 -30.57 -43.00
C PRO A 165 12.12 -31.20 -43.03
N GLN A 166 12.23 -32.40 -43.61
CA GLN A 166 13.49 -33.10 -43.69
C GLN A 166 13.40 -34.27 -44.67
N LYS A 167 14.07 -34.14 -45.80
CA LYS A 167 14.07 -35.19 -46.82
C LYS A 167 15.48 -35.70 -47.08
N GLY A 168 15.59 -36.71 -47.94
CA GLY A 168 16.89 -37.29 -48.26
C GLY A 168 16.79 -38.74 -48.66
N ARG A 169 17.90 -39.29 -49.15
CA ARG A 169 17.95 -40.68 -49.59
C ARG A 169 19.17 -41.39 -49.02
N LYS A 170 19.06 -42.70 -48.83
CA LYS A 170 20.16 -43.49 -48.30
C LYS A 170 21.23 -43.71 -49.35
N PRO A 171 22.44 -44.06 -48.90
CA PRO A 171 23.58 -44.31 -49.78
C PRO A 171 23.42 -45.58 -50.61
N ARG A 172 24.39 -45.86 -51.46
CA ARG A 172 24.35 -47.05 -52.30
C ARG A 172 25.70 -47.76 -52.32
N PRO A 173 26.05 -48.41 -51.22
CA PRO A 173 27.32 -49.14 -51.08
C PRO A 173 27.37 -50.39 -51.96
N ARG A 174 28.03 -50.27 -53.10
CA ARG A 174 28.16 -51.39 -54.02
C ARG A 174 29.58 -51.95 -54.01
N ALA A 175 29.70 -53.26 -54.23
CA ALA A 175 31.00 -53.91 -54.25
C ALA A 175 30.87 -55.38 -54.66
N ARG A 176 31.67 -55.79 -55.64
CA ARG A 176 31.64 -57.16 -56.12
C ARG A 176 33.03 -57.79 -56.04
N SER A 177 33.11 -58.94 -55.36
CA SER A 177 34.37 -59.65 -55.20
C SER A 177 34.35 -60.98 -55.93
N ALA A 178 35.53 -61.57 -56.12
CA ALA A 178 35.65 -62.85 -56.81
C ALA A 178 36.80 -63.67 -56.26
N LYS A 179 36.48 -64.82 -55.67
CA LYS A 179 37.49 -65.70 -55.09
C LYS A 179 38.14 -66.55 -56.18
N ALA A 180 39.38 -66.22 -56.52
CA ALA A 180 40.12 -66.96 -57.54
C ALA A 180 41.60 -67.03 -57.19
N ASN A 181 42.18 -68.22 -57.34
CA ASN A 181 43.60 -68.43 -57.05
C ASN A 181 44.12 -69.66 -57.76
N GLN A 182 45.41 -69.64 -58.12
CA GLN A 182 46.04 -70.76 -58.81
C GLN A 182 46.92 -71.55 -57.85
N ALA A 183 47.31 -72.75 -58.28
CA ALA A 183 48.16 -73.61 -57.46
C ALA A 183 48.82 -74.69 -58.31
N GLU A 184 50.05 -75.05 -57.95
CA GLU A 184 50.79 -76.08 -58.67
C GLU A 184 51.25 -77.19 -57.74
N LEU A 185 51.05 -78.43 -58.17
CA LEU A 185 51.44 -79.59 -57.36
C LEU A 185 51.89 -80.74 -58.25
N GLU A 186 52.45 -80.41 -59.41
CA GLU A 186 52.92 -81.41 -60.35
C GLU A 186 54.36 -81.81 -60.05
N ASN A 187 54.53 -82.82 -59.20
CA ASN A 187 55.85 -83.30 -58.82
C ASN A 187 56.55 -83.97 -60.01
N ALA A 188 57.79 -84.40 -59.80
CA ALA A 188 58.55 -85.06 -60.85
C ALA A 188 59.50 -86.10 -60.26
N TYR A 189 60.24 -86.77 -61.14
CA TYR A 189 61.19 -87.79 -60.70
C TYR A 189 62.46 -87.17 -60.15
N GLY A 1 -112.06 34.02 -57.11
CA GLY A 1 -111.93 33.05 -56.04
C GLY A 1 -110.61 33.17 -55.31
N TRP A 2 -110.59 33.98 -54.26
CA TRP A 2 -109.37 34.18 -53.48
C TRP A 2 -109.70 34.45 -52.02
N GLN A 3 -108.70 34.33 -51.16
CA GLN A 3 -108.89 34.56 -49.72
C GLN A 3 -107.62 35.10 -49.09
N ALA A 4 -107.79 35.96 -48.08
CA ALA A 4 -106.66 36.56 -47.39
C ALA A 4 -106.93 36.70 -45.90
N PHE A 5 -106.01 37.35 -45.19
CA PHE A 5 -106.16 37.54 -43.75
C PHE A 5 -105.67 38.92 -43.33
N LYS A 6 -106.44 39.59 -42.48
CA LYS A 6 -106.09 40.92 -42.01
C LYS A 6 -106.10 40.97 -40.49
N ASN A 7 -105.21 40.20 -39.87
CA ASN A 7 -105.12 40.16 -38.41
C ASN A 7 -103.86 39.42 -37.96
N ASP A 8 -103.33 39.80 -36.82
CA ASP A 8 -102.13 39.18 -36.28
C ASP A 8 -101.76 39.78 -34.93
N ALA A 9 -100.75 39.19 -34.29
CA ALA A 9 -100.29 39.68 -32.99
C ALA A 9 -98.81 39.39 -32.78
N THR A 10 -98.03 40.43 -32.53
CA THR A 10 -96.59 40.28 -32.31
C THR A 10 -96.20 40.78 -30.93
N GLU A 11 -97.14 40.75 -29.99
CA GLU A 11 -96.89 41.20 -28.64
C GLU A 11 -96.29 42.62 -28.63
N ILE A 12 -95.91 43.08 -27.44
CA ILE A 12 -95.33 44.41 -27.31
C ILE A 12 -93.97 44.36 -26.62
N ILE A 13 -92.92 44.35 -27.43
CA ILE A 13 -91.55 44.29 -26.90
C ILE A 13 -91.34 45.35 -25.83
N PRO A 14 -91.23 44.91 -24.58
CA PRO A 14 -91.02 45.81 -23.43
C PRO A 14 -89.62 46.42 -23.44
N GLU A 15 -89.49 47.59 -22.79
CA GLU A 15 -88.22 48.28 -22.73
C GLU A 15 -87.62 48.20 -21.32
N LEU A 16 -88.49 48.12 -20.32
CA LEU A 16 -88.07 48.03 -18.94
C LEU A 16 -87.07 49.15 -18.61
N GLY A 17 -86.44 49.04 -17.44
CA GLY A 17 -85.47 50.04 -17.03
C GLY A 17 -84.39 49.46 -16.13
N GLU A 18 -83.38 48.86 -16.74
CA GLU A 18 -82.28 48.26 -16.00
C GLU A 18 -81.05 49.17 -16.03
N TYR A 19 -80.76 49.82 -14.90
CA TYR A 19 -79.62 50.71 -14.80
C TYR A 19 -78.66 50.25 -13.71
N PRO A 20 -78.00 49.10 -13.95
CA PRO A 20 -77.05 48.52 -13.01
C PRO A 20 -75.77 49.35 -12.90
N GLU A 21 -75.31 49.57 -11.67
CA GLU A 21 -74.10 50.34 -11.43
C GLU A 21 -72.92 49.41 -11.13
N PRO A 22 -71.70 49.95 -11.29
CA PRO A 22 -70.46 49.19 -11.05
C PRO A 22 -70.25 48.91 -9.57
N PRO A 23 -69.30 48.01 -9.26
CA PRO A 23 -68.97 47.63 -7.89
C PRO A 23 -68.29 48.77 -7.12
N PRO A 24 -68.19 48.60 -5.79
CA PRO A 24 -67.56 49.59 -4.92
C PRO A 24 -66.05 49.67 -5.12
N GLU A 25 -65.44 50.71 -4.54
CA GLU A 25 -64.00 50.90 -4.66
C GLU A 25 -63.38 51.27 -3.32
N LEU A 26 -63.31 50.29 -2.41
CA LEU A 26 -62.75 50.51 -1.09
C LEU A 26 -61.62 49.53 -0.81
N GLU A 27 -60.39 49.92 -1.16
CA GLU A 27 -59.23 49.07 -0.94
C GLU A 27 -58.06 49.89 -0.39
N ASN A 28 -57.02 49.19 0.05
CA ASN A 28 -55.82 49.85 0.59
C ASN A 28 -54.56 49.12 0.16
N ASN A 29 -53.41 49.70 0.49
CA ASN A 29 -52.12 49.11 0.13
C ASN A 29 -51.28 48.86 1.39
N LYS A 30 -51.09 49.91 2.17
CA LYS A 30 -50.30 49.82 3.40
C LYS A 30 -48.88 49.33 3.09
N THR A 31 -48.06 49.20 4.14
CA THR A 31 -46.69 48.76 3.98
C THR A 31 -46.13 48.24 5.30
N MET A 32 -45.04 47.48 5.22
CA MET A 32 -44.41 46.92 6.40
C MET A 32 -43.00 46.41 6.08
N ASN A 33 -42.10 46.52 7.06
CA ASN A 33 -40.73 46.08 6.87
C ASN A 33 -39.98 46.05 8.21
N ARG A 34 -39.29 44.95 8.47
CA ARG A 34 -38.54 44.79 9.72
C ARG A 34 -37.10 44.39 9.43
N ALA A 35 -36.22 44.65 10.39
CA ALA A 35 -34.81 44.31 10.24
C ALA A 35 -34.38 43.29 11.27
N GLU A 36 -33.13 42.83 11.17
CA GLU A 36 -32.60 41.83 12.09
C GLU A 36 -31.09 41.72 11.95
N ASN A 37 -30.52 40.72 12.62
CA ASN A 37 -29.08 40.50 12.58
C ASN A 37 -28.73 39.06 12.96
N GLY A 38 -27.44 38.75 12.96
CA GLY A 38 -27.00 37.41 13.31
C GLY A 38 -25.69 37.41 14.08
N GLY A 39 -24.60 37.10 13.38
CA GLY A 39 -23.30 37.07 14.02
C GLY A 39 -22.48 35.86 13.62
N ARG A 40 -21.28 36.10 13.13
CA ARG A 40 -20.39 35.02 12.70
C ARG A 40 -19.00 35.55 12.38
N PRO A 41 -18.26 35.94 13.43
CA PRO A 41 -16.91 36.46 13.29
C PRO A 41 -15.91 35.40 12.86
N PRO A 42 -14.71 35.82 12.47
CA PRO A 42 -13.64 34.93 12.02
C PRO A 42 -13.07 34.10 13.18
N HIS A 43 -12.44 32.97 12.85
CA HIS A 43 -11.85 32.10 13.85
C HIS A 43 -10.35 31.98 13.64
N HIS A 44 -9.66 31.45 14.65
CA HIS A 44 -8.21 31.27 14.58
C HIS A 44 -7.84 29.79 14.61
N PRO A 45 -6.62 29.47 14.16
CA PRO A 45 -6.11 28.10 14.13
C PRO A 45 -5.85 27.56 15.52
N PHE A 46 -5.82 26.23 15.64
CA PHE A 46 -5.57 25.57 16.92
C PHE A 46 -4.15 25.00 16.97
N GLU A 47 -3.61 24.91 18.18
CA GLU A 47 -2.26 24.38 18.37
C GLU A 47 -2.17 22.93 17.88
N THR A 48 -0.96 22.51 17.56
CA THR A 48 -0.73 21.15 17.07
C THR A 48 0.68 20.68 17.40
N LYS A 49 0.77 19.60 18.16
CA LYS A 49 2.07 19.05 18.55
C LYS A 49 2.66 18.22 17.41
N ASP A 50 3.90 17.77 17.61
CA ASP A 50 4.58 16.97 16.60
C ASP A 50 5.46 15.91 17.25
N VAL A 51 6.15 15.13 16.42
CA VAL A 51 7.03 14.07 16.92
C VAL A 51 8.30 13.97 16.08
N SER A 52 9.42 13.69 16.75
CA SER A 52 10.69 13.57 16.07
C SER A 52 11.44 12.33 16.54
N GLU A 53 10.83 11.17 16.35
CA GLU A 53 11.44 9.90 16.75
C GLU A 53 12.23 9.29 15.60
N TYR A 54 12.81 8.11 15.85
CA TYR A 54 13.59 7.42 14.83
C TYR A 54 12.87 6.18 14.35
N SER A 55 12.13 5.53 15.25
CA SER A 55 11.39 4.32 14.91
C SER A 55 10.26 4.64 13.93
N CYS A 56 9.39 3.66 13.71
CA CYS A 56 8.26 3.82 12.80
C CYS A 56 7.18 4.68 13.44
N ARG A 57 6.80 5.76 12.77
CA ARG A 57 5.77 6.65 13.27
C ARG A 57 4.41 5.97 13.24
N GLU A 58 3.84 5.74 14.43
CA GLU A 58 2.54 5.09 14.55
C GLU A 58 1.46 5.94 13.88
N LEU A 59 0.87 5.39 12.82
CA LEU A 59 -0.18 6.10 12.08
C LEU A 59 -1.56 5.60 12.51
N HIS A 60 -2.58 6.40 12.22
CA HIS A 60 -3.95 6.03 12.56
C HIS A 60 -4.94 6.60 11.55
N PHE A 61 -5.70 5.71 10.91
CA PHE A 61 -6.68 6.11 9.91
C PHE A 61 -8.09 5.72 10.33
N THR A 62 -9.04 6.60 10.07
CA THR A 62 -10.44 6.36 10.42
C THR A 62 -11.34 6.36 9.20
N ARG A 63 -12.36 5.53 9.22
CA ARG A 63 -13.30 5.43 8.11
C ARG A 63 -14.54 4.64 8.50
N TYR A 64 -15.60 4.75 7.70
CA TYR A 64 -16.84 4.05 7.96
C TYR A 64 -16.85 2.68 7.28
N VAL A 65 -16.95 1.63 8.08
CA VAL A 65 -16.97 0.27 7.57
C VAL A 65 -18.39 -0.15 7.19
N THR A 66 -18.49 -1.00 6.17
CA THR A 66 -19.79 -1.48 5.71
C THR A 66 -19.67 -2.87 5.09
N ASP A 67 -20.47 -3.80 5.59
CA ASP A 67 -20.47 -5.17 5.09
C ASP A 67 -21.88 -5.65 4.80
N GLY A 68 -22.27 -5.64 3.53
CA GLY A 68 -23.60 -6.08 3.14
C GLY A 68 -24.57 -4.93 3.03
N PRO A 69 -25.87 -5.24 3.14
CA PRO A 69 -26.94 -4.23 3.05
C PRO A 69 -26.95 -3.30 4.25
N CYS A 70 -26.11 -3.59 5.24
CA CYS A 70 -26.03 -2.77 6.44
C CYS A 70 -24.80 -1.88 6.40
N ARG A 71 -24.80 -0.85 7.25
CA ARG A 71 -23.68 0.08 7.31
C ARG A 71 -23.37 0.46 8.76
N SER A 72 -22.09 0.56 9.08
CA SER A 72 -21.66 0.92 10.43
C SER A 72 -22.27 2.24 10.86
N ALA A 73 -22.63 2.34 12.14
CA ALA A 73 -23.23 3.55 12.69
C ALA A 73 -22.15 4.59 13.01
N LYS A 74 -20.94 4.11 13.27
CA LYS A 74 -19.83 4.99 13.59
C LYS A 74 -18.55 4.55 12.89
N PRO A 75 -17.59 5.48 12.77
CA PRO A 75 -16.30 5.20 12.11
C PRO A 75 -15.43 4.24 12.93
N VAL A 76 -14.48 3.61 12.26
CA VAL A 76 -13.58 2.67 12.92
C VAL A 76 -12.13 3.16 12.86
N THR A 77 -11.51 3.27 14.03
CA THR A 77 -10.13 3.73 14.12
C THR A 77 -9.15 2.56 14.00
N GLU A 78 -8.40 2.54 12.90
CA GLU A 78 -7.43 1.48 12.66
C GLU A 78 -6.01 2.04 12.66
N LEU A 79 -5.11 1.34 13.36
CA LEU A 79 -3.72 1.76 13.46
C LEU A 79 -2.93 1.28 12.24
N VAL A 80 -2.10 2.18 11.69
CA VAL A 80 -1.29 1.84 10.53
C VAL A 80 0.19 2.01 10.83
N CYS A 81 1.03 1.21 10.17
CA CYS A 81 2.47 1.28 10.37
C CYS A 81 3.13 2.10 9.26
N SER A 82 4.05 2.97 9.65
CA SER A 82 4.77 3.81 8.70
C SER A 82 6.06 4.35 9.32
N GLY A 83 6.88 4.99 8.48
CA GLY A 83 8.13 5.54 8.95
C GLY A 83 9.34 4.75 8.46
N GLN A 84 10.53 5.29 8.71
CA GLN A 84 11.76 4.63 8.29
C GLN A 84 12.77 4.57 9.43
N CYS A 85 13.74 3.68 9.31
CA CYS A 85 14.77 3.52 10.33
C CYS A 85 16.16 3.46 9.69
N GLY A 86 17.19 3.71 10.51
CA GLY A 86 18.55 3.68 10.01
C GLY A 86 19.52 3.09 11.02
N PRO A 87 19.85 3.86 12.06
CA PRO A 87 20.77 3.42 13.10
C PRO A 87 20.18 2.33 13.98
N ALA A 88 20.94 1.26 14.18
CA ALA A 88 20.49 0.14 15.00
C ALA A 88 21.64 -0.81 15.30
N ARG A 89 22.68 -0.29 15.95
CA ARG A 89 23.84 -1.10 16.30
C ARG A 89 23.55 -1.97 17.51
N LEU A 90 24.44 -2.93 17.78
CA LEU A 90 24.27 -3.84 18.91
C LEU A 90 24.58 -3.13 20.22
N LEU A 91 23.94 -3.58 21.30
CA LEU A 91 24.14 -2.99 22.62
C LEU A 91 25.47 -3.43 23.21
N PRO A 92 25.96 -2.67 24.21
CA PRO A 92 27.23 -2.97 24.89
C PRO A 92 27.13 -4.21 25.76
N ASN A 93 25.91 -4.61 26.10
CA ASN A 93 25.69 -5.79 26.92
C ASN A 93 24.76 -6.79 26.22
N ALA A 94 24.92 -6.90 24.90
CA ALA A 94 24.11 -7.82 24.12
C ALA A 94 24.97 -8.69 23.22
N ILE A 95 25.83 -9.50 23.84
CA ILE A 95 26.71 -10.39 23.09
C ILE A 95 26.61 -11.82 23.59
N GLY A 96 27.23 -12.75 22.87
CA GLY A 96 27.20 -14.14 23.25
C GLY A 96 27.91 -15.04 22.26
N ARG A 97 29.21 -14.82 22.10
CA ARG A 97 30.01 -15.61 21.17
C ARG A 97 29.41 -15.56 19.77
N GLY A 98 29.24 -14.35 19.25
CA GLY A 98 28.69 -14.17 17.91
C GLY A 98 29.50 -13.20 17.07
N LYS A 99 29.29 -11.91 17.29
CA LYS A 99 30.01 -10.88 16.55
C LYS A 99 29.72 -11.00 15.05
N TRP A 100 30.20 -10.02 14.29
CA TRP A 100 30.00 -10.01 12.85
C TRP A 100 31.21 -9.42 12.13
N TRP A 101 31.90 -10.25 11.35
CA TRP A 101 33.08 -9.82 10.62
C TRP A 101 32.75 -8.62 9.74
N ARG A 102 32.05 -8.87 8.63
CA ARG A 102 31.67 -7.81 7.70
C ARG A 102 30.22 -7.40 7.91
N PRO A 103 29.87 -6.20 7.42
CA PRO A 103 28.51 -5.66 7.55
C PRO A 103 27.51 -6.42 6.67
N SER A 104 26.65 -7.20 7.30
CA SER A 104 25.64 -7.98 6.59
C SER A 104 24.32 -8.02 7.36
N GLY A 105 23.46 -7.05 7.08
CA GLY A 105 22.18 -6.99 7.76
C GLY A 105 21.59 -5.59 7.78
N PRO A 106 21.21 -5.09 6.59
CA PRO A 106 20.64 -3.75 6.45
C PRO A 106 19.23 -3.66 7.04
N ASP A 107 18.83 -2.44 7.40
CA ASP A 107 17.51 -2.22 7.98
C ASP A 107 16.41 -2.64 7.01
N PHE A 108 15.76 -3.77 7.31
CA PHE A 108 14.69 -4.28 6.46
C PHE A 108 13.65 -3.21 6.18
N ARG A 109 12.88 -2.87 7.21
CA ARG A 109 11.84 -1.84 7.07
C ARG A 109 11.11 -1.64 8.40
N CYS A 110 10.27 -2.60 8.77
CA CYS A 110 9.50 -2.52 10.00
C CYS A 110 8.65 -3.77 10.20
N ILE A 111 8.83 -4.44 11.33
CA ILE A 111 8.07 -5.65 11.63
C ILE A 111 6.79 -5.31 12.40
N PRO A 112 5.78 -6.18 12.26
CA PRO A 112 4.49 -6.00 12.92
C PRO A 112 4.59 -6.20 14.43
N ASP A 113 3.46 -6.02 15.12
CA ASP A 113 3.42 -6.18 16.57
C ASP A 113 2.03 -6.64 17.02
N ARG A 114 1.81 -6.61 18.33
CA ARG A 114 0.52 -7.03 18.90
C ARG A 114 -0.63 -6.39 18.15
N TYR A 115 -1.64 -7.19 17.81
CA TYR A 115 -2.81 -6.69 17.10
C TYR A 115 -3.97 -6.45 18.05
N ARG A 116 -4.90 -5.60 17.63
CA ARG A 116 -6.07 -5.28 18.45
C ARG A 116 -7.33 -5.20 17.60
N ALA A 117 -8.25 -6.14 17.82
CA ALA A 117 -9.49 -6.16 17.06
C ALA A 117 -10.58 -5.36 17.77
N GLN A 118 -11.52 -4.83 16.99
CA GLN A 118 -12.62 -4.03 17.55
C GLN A 118 -13.94 -4.40 16.88
N ARG A 119 -14.98 -4.57 17.70
CA ARG A 119 -16.30 -4.91 17.19
C ARG A 119 -17.09 -3.66 16.83
N VAL A 120 -17.76 -3.69 15.69
CA VAL A 120 -18.56 -2.55 15.23
C VAL A 120 -20.00 -2.96 14.97
N GLN A 121 -20.91 -2.01 15.10
CA GLN A 121 -22.33 -2.28 14.88
C GLN A 121 -22.79 -1.70 13.54
N LEU A 122 -23.45 -2.52 12.74
CA LEU A 122 -23.95 -2.08 11.44
C LEU A 122 -25.47 -2.07 11.41
N LEU A 123 -26.04 -0.99 10.90
CA LEU A 123 -27.49 -0.85 10.82
C LEU A 123 -27.99 -1.27 9.44
N CYS A 124 -29.16 -1.91 9.41
CA CYS A 124 -29.75 -2.36 8.15
C CYS A 124 -31.05 -1.63 7.87
N PRO A 125 -31.40 -1.51 6.58
CA PRO A 125 -32.64 -0.85 6.15
C PRO A 125 -33.89 -1.64 6.52
N GLY A 126 -35.05 -1.11 6.14
CA GLY A 126 -36.30 -1.77 6.45
C GLY A 126 -36.72 -1.59 7.89
N GLY A 127 -35.87 -2.02 8.81
CA GLY A 127 -36.18 -1.89 10.22
C GLY A 127 -35.55 -2.98 11.06
N GLU A 128 -35.09 -4.04 10.40
CA GLU A 128 -34.46 -5.15 11.09
C GLU A 128 -33.36 -4.66 12.03
N ALA A 129 -32.96 -5.52 12.97
CA ALA A 129 -31.92 -5.18 13.94
C ALA A 129 -30.56 -5.10 13.26
N PRO A 130 -29.62 -4.39 13.90
CA PRO A 130 -28.26 -4.23 13.38
C PRO A 130 -27.46 -5.52 13.46
N ARG A 131 -26.17 -5.44 13.13
CA ARG A 131 -25.30 -6.59 13.16
C ARG A 131 -23.99 -6.27 13.89
N ALA A 132 -23.07 -7.23 13.88
CA ALA A 132 -21.77 -7.05 14.53
C ALA A 132 -20.64 -7.50 13.63
N ARG A 133 -19.78 -6.56 13.24
CA ARG A 133 -18.65 -6.86 12.38
C ARG A 133 -17.33 -6.65 13.11
N LYS A 134 -16.62 -7.74 13.37
CA LYS A 134 -15.34 -7.67 14.06
C LYS A 134 -14.20 -7.39 13.09
N VAL A 135 -13.42 -6.35 13.39
CA VAL A 135 -12.30 -5.97 12.54
C VAL A 135 -10.98 -6.09 13.29
N ARG A 136 -9.99 -6.69 12.64
CA ARG A 136 -8.67 -6.88 13.24
C ARG A 136 -7.70 -5.80 12.77
N LEU A 137 -7.44 -4.82 13.63
CA LEU A 137 -6.53 -3.73 13.30
C LEU A 137 -5.26 -3.81 14.15
N VAL A 138 -4.13 -3.43 13.56
CA VAL A 138 -2.86 -3.45 14.25
C VAL A 138 -2.91 -2.61 15.53
N ALA A 139 -2.29 -3.11 16.58
CA ALA A 139 -2.27 -2.40 17.87
C ALA A 139 -0.92 -1.72 18.09
N SER A 140 0.15 -2.36 17.65
CA SER A 140 1.49 -1.83 17.80
C SER A 140 2.35 -2.13 16.58
N CYS A 141 3.59 -1.65 16.60
CA CYS A 141 4.51 -1.88 15.50
C CYS A 141 5.96 -1.71 15.95
N LYS A 142 6.83 -2.58 15.48
CA LYS A 142 8.25 -2.54 15.83
C LYS A 142 9.11 -2.35 14.59
N CYS A 143 10.28 -1.75 14.78
CA CYS A 143 11.21 -1.51 13.68
C CYS A 143 12.53 -2.23 13.91
N LYS A 144 12.76 -3.29 13.15
CA LYS A 144 13.99 -4.06 13.28
C LYS A 144 14.39 -4.68 11.93
N ARG A 145 15.67 -4.99 11.78
CA ARG A 145 16.18 -5.58 10.54
C ARG A 145 16.11 -7.10 10.61
N LEU A 146 16.42 -7.75 9.49
CA LEU A 146 16.40 -9.21 9.42
C LEU A 146 17.05 -9.70 8.13
N THR A 147 17.08 -11.01 7.95
CA THR A 147 17.66 -11.61 6.75
C THR A 147 17.23 -13.06 6.59
N ARG A 148 16.57 -13.36 5.48
CA ARG A 148 16.10 -14.72 5.20
C ARG A 148 15.61 -14.85 3.77
N PHE A 149 15.01 -15.99 3.46
CA PHE A 149 14.49 -16.24 2.12
C PHE A 149 13.50 -17.40 2.12
N HIS A 150 12.41 -17.25 1.38
CA HIS A 150 11.40 -18.30 1.29
C HIS A 150 10.54 -18.12 0.04
N ASN A 151 9.78 -19.15 -0.30
CA ASN A 151 8.91 -19.10 -1.46
C ASN A 151 7.91 -20.25 -1.45
N GLN A 152 6.62 -19.91 -1.56
CA GLN A 152 5.57 -20.92 -1.54
C GLN A 152 4.40 -20.50 -2.44
N SER A 153 3.77 -21.47 -3.08
CA SER A 153 2.66 -21.20 -3.97
C SER A 153 1.77 -22.44 -4.12
N GLU A 154 0.54 -22.34 -3.64
CA GLU A 154 -0.41 -23.45 -3.73
C GLU A 154 -1.84 -22.94 -3.85
N LEU A 155 -2.58 -23.49 -4.79
CA LEU A 155 -3.97 -23.09 -5.02
C LEU A 155 -4.76 -24.21 -5.69
N LYS A 156 -5.70 -24.80 -4.94
CA LYS A 156 -6.52 -25.88 -5.46
C LYS A 156 -7.86 -25.34 -5.95
N ASP A 157 -8.42 -26.00 -6.97
CA ASP A 157 -9.70 -25.60 -7.53
C ASP A 157 -10.39 -26.77 -8.21
N PHE A 158 -11.49 -27.23 -7.61
CA PHE A 158 -12.25 -28.35 -8.15
C PHE A 158 -13.72 -28.23 -7.81
N GLY A 159 -14.56 -28.18 -8.84
CA GLY A 159 -15.99 -28.07 -8.62
C GLY A 159 -16.78 -28.15 -9.91
N THR A 160 -16.95 -29.37 -10.43
CA THR A 160 -17.69 -29.58 -11.67
C THR A 160 -18.68 -30.72 -11.52
N GLU A 161 -19.96 -30.38 -11.34
CA GLU A 161 -21.01 -31.37 -11.19
C GLU A 161 -22.29 -30.93 -11.91
N ALA A 162 -22.99 -31.89 -12.49
CA ALA A 162 -24.22 -31.60 -13.21
C ALA A 162 -25.04 -32.88 -13.43
N ALA A 163 -26.35 -32.76 -13.33
CA ALA A 163 -27.24 -33.89 -13.52
C ALA A 163 -28.62 -33.44 -13.99
N ARG A 164 -29.25 -34.25 -14.84
CA ARG A 164 -30.57 -33.93 -15.37
C ARG A 164 -31.50 -35.15 -15.30
N PRO A 165 -31.86 -35.55 -14.07
CA PRO A 165 -32.74 -36.70 -13.84
C PRO A 165 -34.17 -36.44 -14.28
N GLN A 166 -34.74 -37.39 -15.02
CA GLN A 166 -36.11 -37.25 -15.51
C GLN A 166 -36.58 -38.55 -16.17
N LYS A 167 -37.60 -39.15 -15.59
CA LYS A 167 -38.15 -40.40 -16.12
C LYS A 167 -39.43 -40.79 -15.39
N GLY A 168 -40.18 -41.73 -15.98
CA GLY A 168 -41.41 -42.18 -15.36
C GLY A 168 -42.64 -41.63 -16.06
N ARG A 169 -43.21 -42.42 -16.96
CA ARG A 169 -44.38 -42.01 -17.71
C ARG A 169 -45.21 -43.22 -18.14
N LYS A 170 -46.50 -43.20 -17.80
CA LYS A 170 -47.39 -44.30 -18.15
C LYS A 170 -48.71 -43.77 -18.69
N PRO A 171 -49.45 -44.63 -19.41
CA PRO A 171 -50.74 -44.28 -19.99
C PRO A 171 -51.82 -44.08 -18.94
N ARG A 172 -53.03 -43.73 -19.38
CA ARG A 172 -54.14 -43.51 -18.49
C ARG A 172 -55.46 -43.94 -19.12
N PRO A 173 -55.62 -45.26 -19.29
CA PRO A 173 -56.84 -45.84 -19.89
C PRO A 173 -58.05 -45.70 -18.98
N ARG A 174 -59.23 -45.97 -19.54
CA ARG A 174 -60.47 -45.88 -18.78
C ARG A 174 -61.38 -47.07 -19.07
N ALA A 175 -62.20 -47.45 -18.10
CA ALA A 175 -63.12 -48.57 -18.25
C ALA A 175 -64.45 -48.28 -17.56
N ARG A 176 -65.45 -47.89 -18.35
CA ARG A 176 -66.77 -47.59 -17.82
C ARG A 176 -67.86 -47.90 -18.85
N SER A 177 -69.10 -47.82 -18.42
CA SER A 177 -70.23 -48.10 -19.30
C SER A 177 -71.56 -47.83 -18.59
N ALA A 178 -72.54 -47.33 -19.34
CA ALA A 178 -73.85 -47.02 -18.79
C ALA A 178 -74.95 -47.80 -19.50
N LYS A 179 -76.10 -47.90 -18.87
CA LYS A 179 -77.24 -48.63 -19.44
C LYS A 179 -78.56 -47.97 -19.06
N ALA A 180 -79.65 -48.46 -19.64
CA ALA A 180 -80.97 -47.92 -19.36
C ALA A 180 -81.94 -49.03 -18.97
N ASN A 181 -83.16 -48.65 -18.61
CA ASN A 181 -84.19 -49.61 -18.22
C ASN A 181 -85.55 -49.20 -18.76
N GLN A 182 -85.93 -47.94 -18.52
CA GLN A 182 -87.20 -47.43 -18.98
C GLN A 182 -88.35 -48.29 -18.48
N ALA A 183 -88.89 -47.94 -17.32
CA ALA A 183 -90.00 -48.69 -16.73
C ALA A 183 -91.00 -47.74 -16.07
N GLU A 184 -92.22 -47.72 -16.60
CA GLU A 184 -93.27 -46.86 -16.06
C GLU A 184 -94.56 -47.64 -15.85
N LEU A 185 -95.41 -47.15 -14.95
CA LEU A 185 -96.67 -47.81 -14.67
C LEU A 185 -97.75 -46.78 -14.30
N GLU A 186 -97.98 -45.83 -15.20
CA GLU A 186 -98.98 -44.80 -14.97
C GLU A 186 -100.34 -45.22 -15.52
N ASN A 187 -101.40 -44.63 -14.98
CA ASN A 187 -102.76 -44.95 -15.42
C ASN A 187 -103.78 -44.08 -14.69
N ALA A 188 -104.63 -43.40 -15.46
CA ALA A 188 -105.66 -42.54 -14.89
C ALA A 188 -106.59 -42.02 -15.98
N TYR A 189 -107.51 -41.13 -15.58
CA TYR A 189 -108.46 -40.56 -16.52
C TYR A 189 -107.82 -39.45 -17.34
N GLY A 1 -75.36 149.70 -9.70
CA GLY A 1 -74.58 148.52 -10.03
C GLY A 1 -73.27 148.45 -9.28
N TRP A 2 -72.64 147.28 -9.30
CA TRP A 2 -71.37 147.09 -8.61
C TRP A 2 -70.51 146.05 -9.33
N GLN A 3 -69.39 145.68 -8.70
CA GLN A 3 -68.49 144.69 -9.29
C GLN A 3 -68.28 143.52 -8.33
N ALA A 4 -68.59 142.31 -8.82
CA ALA A 4 -68.44 141.11 -8.00
C ALA A 4 -66.98 140.89 -7.61
N PHE A 5 -66.72 139.82 -6.87
CA PHE A 5 -65.36 139.51 -6.43
C PHE A 5 -65.00 138.07 -6.80
N LYS A 6 -63.80 137.89 -7.35
CA LYS A 6 -63.34 136.57 -7.75
C LYS A 6 -62.03 136.22 -7.04
N ASN A 7 -61.67 134.95 -7.07
CA ASN A 7 -60.43 134.49 -6.44
C ASN A 7 -60.20 133.00 -6.70
N ASP A 8 -58.98 132.66 -7.08
CA ASP A 8 -58.63 131.27 -7.35
C ASP A 8 -58.05 130.60 -6.12
N ALA A 9 -57.65 129.33 -6.28
CA ALA A 9 -57.08 128.57 -5.17
C ALA A 9 -56.01 127.60 -5.67
N THR A 10 -54.76 127.87 -5.30
CA THR A 10 -53.65 127.02 -5.71
C THR A 10 -52.62 126.88 -4.59
N GLU A 11 -52.65 125.74 -3.91
CA GLU A 11 -51.72 125.48 -2.82
C GLU A 11 -50.84 124.26 -3.13
N ILE A 12 -50.00 123.90 -2.18
CA ILE A 12 -49.11 122.75 -2.34
C ILE A 12 -48.94 122.00 -1.03
N ILE A 13 -49.69 120.90 -0.89
CA ILE A 13 -49.63 120.09 0.32
C ILE A 13 -49.51 118.60 -0.03
N PRO A 14 -48.32 118.22 -0.51
CA PRO A 14 -48.04 116.82 -0.88
C PRO A 14 -47.97 115.89 0.33
N GLU A 15 -47.55 114.66 0.10
CA GLU A 15 -47.45 113.68 1.17
C GLU A 15 -46.48 112.56 0.79
N LEU A 16 -45.28 112.62 1.37
CA LEU A 16 -44.25 111.62 1.10
C LEU A 16 -44.74 110.23 1.46
N GLY A 17 -43.91 109.22 1.18
CA GLY A 17 -44.28 107.85 1.49
C GLY A 17 -43.08 106.92 1.52
N GLU A 18 -42.40 106.87 2.66
CA GLU A 18 -41.22 106.01 2.79
C GLU A 18 -41.62 104.62 3.29
N TYR A 19 -41.46 103.63 2.41
CA TYR A 19 -41.80 102.26 2.75
C TYR A 19 -40.57 101.35 2.66
N PRO A 20 -39.63 101.56 3.58
CA PRO A 20 -38.39 100.77 3.63
C PRO A 20 -38.64 99.33 4.07
N GLU A 21 -37.58 98.53 4.09
CA GLU A 21 -37.68 97.14 4.49
C GLU A 21 -36.68 96.80 5.58
N PRO A 22 -36.93 95.70 6.30
CA PRO A 22 -36.05 95.25 7.39
C PRO A 22 -34.71 94.73 6.88
N PRO A 23 -33.77 94.53 7.82
CA PRO A 23 -32.43 94.03 7.48
C PRO A 23 -32.44 92.58 7.05
N PRO A 24 -31.32 92.11 6.49
CA PRO A 24 -31.18 90.73 6.03
C PRO A 24 -31.13 89.73 7.19
N GLU A 25 -30.84 88.47 6.86
CA GLU A 25 -30.77 87.42 7.87
C GLU A 25 -30.26 86.12 7.27
N LEU A 26 -28.97 85.85 7.45
CA LEU A 26 -28.36 84.63 6.93
C LEU A 26 -27.39 84.04 7.94
N GLU A 27 -27.85 83.04 8.69
CA GLU A 27 -27.01 82.40 9.69
C GLU A 27 -26.25 81.22 9.08
N ASN A 28 -25.32 80.65 9.85
CA ASN A 28 -24.52 79.53 9.39
C ASN A 28 -24.50 78.42 10.42
N ASN A 29 -24.13 77.22 9.99
CA ASN A 29 -24.06 76.07 10.88
C ASN A 29 -22.62 75.57 11.01
N LYS A 30 -22.46 74.42 11.67
CA LYS A 30 -21.14 73.84 11.87
C LYS A 30 -21.21 72.31 11.91
N THR A 31 -20.05 71.67 11.92
CA THR A 31 -19.98 70.22 11.95
C THR A 31 -18.74 69.74 12.67
N MET A 32 -18.72 68.45 13.02
CA MET A 32 -17.58 67.87 13.72
C MET A 32 -17.32 66.44 13.25
N ASN A 33 -16.42 65.75 13.93
CA ASN A 33 -16.08 64.38 13.58
C ASN A 33 -15.99 63.51 14.83
N ARG A 34 -15.56 62.25 14.64
CA ARG A 34 -15.42 61.33 15.77
C ARG A 34 -14.22 60.41 15.55
N ALA A 35 -14.09 59.41 16.43
CA ALA A 35 -12.98 58.47 16.35
C ALA A 35 -13.47 57.04 16.59
N GLU A 36 -12.52 56.12 16.72
CA GLU A 36 -12.85 54.71 16.96
C GLU A 36 -11.75 54.02 17.75
N ASN A 37 -11.99 52.77 18.13
CA ASN A 37 -11.01 51.99 18.88
C ASN A 37 -11.16 50.50 18.60
N GLY A 38 -10.15 49.72 18.97
CA GLY A 38 -10.19 48.30 18.75
C GLY A 38 -9.01 47.57 19.38
N GLY A 39 -8.91 46.27 19.12
CA GLY A 39 -7.82 45.49 19.68
C GLY A 39 -8.00 44.01 19.46
N ARG A 40 -6.96 43.23 19.77
CA ARG A 40 -7.01 41.78 19.60
C ARG A 40 -6.60 41.07 20.89
N PRO A 41 -6.98 39.79 21.01
CA PRO A 41 -6.66 38.97 22.18
C PRO A 41 -5.19 38.64 22.27
N PRO A 42 -4.76 38.12 23.44
CA PRO A 42 -3.37 37.75 23.68
C PRO A 42 -2.94 36.54 22.87
N HIS A 43 -1.73 36.05 23.13
CA HIS A 43 -1.20 34.89 22.42
C HIS A 43 -0.17 34.16 23.27
N HIS A 44 0.31 33.03 22.77
CA HIS A 44 1.30 32.23 23.48
C HIS A 44 2.40 31.75 22.54
N PRO A 45 3.55 31.36 23.11
CA PRO A 45 4.69 30.88 22.34
C PRO A 45 4.43 29.51 21.72
N PHE A 46 5.31 29.11 20.80
CA PHE A 46 5.18 27.81 20.12
C PHE A 46 6.52 27.34 19.60
N GLU A 47 7.11 26.36 20.29
CA GLU A 47 8.39 25.82 19.89
C GLU A 47 8.21 24.57 19.01
N THR A 48 7.02 24.43 18.45
CA THR A 48 6.72 23.28 17.60
C THR A 48 7.07 21.98 18.28
N LYS A 49 6.12 21.43 19.04
CA LYS A 49 6.34 20.18 19.75
C LYS A 49 5.65 19.02 19.03
N ASP A 50 6.25 17.84 19.10
CA ASP A 50 5.69 16.66 18.46
C ASP A 50 6.32 15.39 19.02
N VAL A 51 5.68 14.25 18.78
CA VAL A 51 6.17 12.96 19.26
C VAL A 51 5.31 11.81 18.74
N SER A 52 5.96 10.69 18.46
CA SER A 52 5.26 9.51 17.95
C SER A 52 6.18 8.29 17.96
N GLU A 53 6.29 7.65 19.11
CA GLU A 53 7.13 6.47 19.25
C GLU A 53 8.54 6.75 18.76
N TYR A 54 9.34 5.69 18.65
CA TYR A 54 10.72 5.82 18.19
C TYR A 54 11.01 4.85 17.06
N SER A 55 10.57 3.61 17.21
CA SER A 55 10.78 2.58 16.20
C SER A 55 10.12 2.97 14.89
N CYS A 56 8.79 2.87 14.84
CA CYS A 56 8.03 3.21 13.65
C CYS A 56 6.90 4.18 13.98
N ARG A 57 6.81 5.25 13.19
CA ARG A 57 5.77 6.26 13.40
C ARG A 57 4.38 5.66 13.20
N GLU A 58 3.57 5.69 14.26
CA GLU A 58 2.22 5.15 14.21
C GLU A 58 1.25 6.16 13.61
N LEU A 59 0.44 5.71 12.66
CA LEU A 59 -0.54 6.58 12.01
C LEU A 59 -1.96 6.11 12.30
N HIS A 60 -2.88 7.06 12.39
CA HIS A 60 -4.28 6.74 12.66
C HIS A 60 -5.15 7.10 11.47
N PHE A 61 -5.92 6.14 10.99
CA PHE A 61 -6.81 6.36 9.85
C PHE A 61 -8.26 6.06 10.22
N THR A 62 -9.19 6.69 9.50
CA THR A 62 -10.61 6.49 9.76
C THR A 62 -11.35 6.15 8.47
N ARG A 63 -12.48 5.45 8.61
CA ARG A 63 -13.27 5.05 7.46
C ARG A 63 -14.57 4.37 7.91
N TYR A 64 -15.63 4.57 7.13
CA TYR A 64 -16.93 3.98 7.45
C TYR A 64 -17.08 2.62 6.79
N VAL A 65 -17.19 1.58 7.62
CA VAL A 65 -17.34 0.21 7.12
C VAL A 65 -18.81 -0.14 6.91
N THR A 66 -19.09 -0.88 5.84
CA THR A 66 -20.47 -1.27 5.53
C THR A 66 -20.48 -2.61 4.78
N ASP A 67 -21.25 -3.56 5.31
CA ASP A 67 -21.37 -4.87 4.69
C ASP A 67 -22.83 -5.27 4.52
N GLY A 68 -23.32 -5.21 3.29
CA GLY A 68 -24.71 -5.56 3.02
C GLY A 68 -25.63 -4.36 3.10
N PRO A 69 -26.93 -4.63 3.34
CA PRO A 69 -27.94 -3.58 3.45
C PRO A 69 -27.78 -2.73 4.70
N CYS A 70 -26.85 -3.12 5.56
CA CYS A 70 -26.59 -2.40 6.79
C CYS A 70 -25.32 -1.56 6.68
N ARG A 71 -25.20 -0.56 7.54
CA ARG A 71 -24.04 0.32 7.54
C ARG A 71 -23.60 0.65 8.96
N SER A 72 -22.29 0.76 9.15
CA SER A 72 -21.73 1.06 10.47
C SER A 72 -22.32 2.36 11.02
N ALA A 73 -22.52 2.39 12.33
CA ALA A 73 -23.06 3.58 12.99
C ALA A 73 -22.01 4.66 13.15
N LYS A 74 -20.75 4.25 13.20
CA LYS A 74 -19.64 5.18 13.35
C LYS A 74 -18.42 4.70 12.58
N PRO A 75 -17.49 5.64 12.30
CA PRO A 75 -16.26 5.34 11.57
C PRO A 75 -15.29 4.47 12.37
N VAL A 76 -14.67 3.51 11.71
CA VAL A 76 -13.72 2.62 12.36
C VAL A 76 -12.31 3.19 12.34
N THR A 77 -11.59 3.04 13.44
CA THR A 77 -10.22 3.54 13.53
C THR A 77 -9.20 2.46 13.19
N GLU A 78 -8.26 2.80 12.32
CA GLU A 78 -7.23 1.86 11.90
C GLU A 78 -5.84 2.40 12.21
N LEU A 79 -4.93 1.51 12.61
CA LEU A 79 -3.56 1.90 12.92
C LEU A 79 -2.61 1.49 11.82
N VAL A 80 -2.01 2.48 11.15
CA VAL A 80 -1.07 2.21 10.07
C VAL A 80 0.37 2.41 10.53
N CYS A 81 1.25 1.51 10.09
CA CYS A 81 2.66 1.59 10.45
C CYS A 81 3.48 2.24 9.35
N SER A 82 4.42 3.09 9.75
CA SER A 82 5.28 3.79 8.78
C SER A 82 6.54 4.32 9.46
N GLY A 83 7.69 3.96 8.91
CA GLY A 83 8.95 4.41 9.48
C GLY A 83 10.13 3.60 8.97
N GLN A 84 11.33 4.12 9.17
CA GLN A 84 12.55 3.44 8.73
C GLN A 84 13.72 3.79 9.63
N CYS A 85 14.23 2.80 10.35
CA CYS A 85 15.37 3.00 11.25
C CYS A 85 16.50 2.04 10.91
N GLY A 86 17.65 2.27 11.55
CA GLY A 86 18.80 1.41 11.31
C GLY A 86 20.11 2.09 11.70
N PRO A 87 20.36 2.21 13.00
CA PRO A 87 21.57 2.83 13.53
C PRO A 87 22.81 1.98 13.28
N ALA A 88 22.60 0.76 12.79
CA ALA A 88 23.70 -0.15 12.51
C ALA A 88 24.51 -0.44 13.76
N ARG A 89 23.90 -1.17 14.70
CA ARG A 89 24.55 -1.53 15.95
C ARG A 89 24.66 -3.04 16.10
N LEU A 90 25.89 -3.54 16.13
CA LEU A 90 26.12 -4.97 16.27
C LEU A 90 26.76 -5.29 17.62
N LEU A 91 26.38 -6.42 18.20
CA LEU A 91 26.91 -6.84 19.49
C LEU A 91 27.69 -8.14 19.36
N PRO A 92 28.55 -8.42 20.35
CA PRO A 92 29.36 -9.65 20.37
C PRO A 92 28.53 -10.89 20.61
N ASN A 93 27.37 -10.71 21.22
CA ASN A 93 26.48 -11.83 21.51
C ASN A 93 25.11 -11.33 21.98
N ALA A 94 24.21 -11.12 21.03
CA ALA A 94 22.87 -10.65 21.35
C ALA A 94 21.81 -11.39 20.53
N ILE A 95 22.24 -12.44 19.83
CA ILE A 95 21.34 -13.24 19.01
C ILE A 95 20.79 -12.41 17.85
N GLY A 96 20.52 -13.07 16.73
CA GLY A 96 20.00 -12.39 15.57
C GLY A 96 19.39 -13.34 14.55
N ARG A 97 18.08 -13.48 14.59
CA ARG A 97 17.38 -14.38 13.68
C ARG A 97 17.14 -13.69 12.34
N GLY A 98 16.71 -14.47 11.35
CA GLY A 98 16.45 -13.92 10.03
C GLY A 98 16.04 -14.99 9.03
N LYS A 99 14.75 -15.28 8.97
CA LYS A 99 14.24 -16.29 8.04
C LYS A 99 12.90 -15.84 7.44
N TRP A 100 12.89 -15.65 6.12
CA TRP A 100 11.68 -15.23 5.43
C TRP A 100 10.74 -16.41 5.20
N TRP A 101 9.70 -16.50 6.03
CA TRP A 101 8.74 -17.59 5.91
C TRP A 101 8.17 -17.67 4.50
N ARG A 102 7.63 -16.55 4.02
CA ARG A 102 7.06 -16.49 2.68
C ARG A 102 8.09 -16.01 1.66
N PRO A 103 7.82 -16.29 0.38
CA PRO A 103 8.72 -15.90 -0.71
C PRO A 103 8.73 -14.39 -0.95
N SER A 104 7.66 -13.73 -0.51
CA SER A 104 7.53 -12.28 -0.67
C SER A 104 8.25 -11.55 0.46
N GLY A 105 9.09 -10.58 0.09
CA GLY A 105 9.82 -9.81 1.09
C GLY A 105 11.23 -9.49 0.63
N PRO A 106 11.34 -8.61 -0.38
CA PRO A 106 12.64 -8.19 -0.92
C PRO A 106 13.42 -7.32 0.05
N ASP A 107 12.70 -6.56 0.86
CA ASP A 107 13.33 -5.67 1.83
C ASP A 107 12.32 -5.23 2.89
N PHE A 108 12.83 -4.83 4.06
CA PHE A 108 11.97 -4.38 5.15
C PHE A 108 12.76 -3.55 6.15
N ARG A 109 12.12 -2.52 6.69
CA ARG A 109 12.76 -1.64 7.66
C ARG A 109 11.89 -1.47 8.90
N CYS A 110 11.04 -2.45 9.16
CA CYS A 110 10.15 -2.40 10.32
C CYS A 110 9.31 -3.68 10.40
N ILE A 111 9.15 -4.19 11.62
CA ILE A 111 8.38 -5.40 11.85
C ILE A 111 7.05 -5.10 12.54
N PRO A 112 6.07 -5.98 12.34
CA PRO A 112 4.74 -5.82 12.94
C PRO A 112 4.75 -6.02 14.45
N ASP A 113 3.59 -5.82 15.08
CA ASP A 113 3.47 -5.98 16.52
C ASP A 113 2.08 -6.45 16.90
N ARG A 114 1.79 -6.44 18.20
CA ARG A 114 0.49 -6.87 18.70
C ARG A 114 -0.64 -6.16 17.93
N TYR A 115 -1.73 -6.90 17.70
CA TYR A 115 -2.87 -6.35 16.98
C TYR A 115 -4.02 -6.02 17.94
N ARG A 116 -5.08 -5.43 17.41
CA ARG A 116 -6.24 -5.06 18.21
C ARG A 116 -7.53 -5.33 17.44
N ALA A 117 -8.32 -6.29 17.94
CA ALA A 117 -9.58 -6.63 17.30
C ALA A 117 -10.72 -5.76 17.83
N GLN A 118 -11.22 -4.88 16.98
CA GLN A 118 -12.31 -3.98 17.36
C GLN A 118 -13.65 -4.51 16.84
N ARG A 119 -14.72 -4.15 17.54
CA ARG A 119 -16.06 -4.59 17.15
C ARG A 119 -16.88 -3.41 16.63
N VAL A 120 -17.34 -3.54 15.39
CA VAL A 120 -18.14 -2.49 14.77
C VAL A 120 -19.63 -2.83 14.80
N GLN A 121 -20.47 -1.80 14.86
CA GLN A 121 -21.91 -2.00 14.88
C GLN A 121 -22.57 -1.47 13.61
N LEU A 122 -23.20 -2.38 12.86
CA LEU A 122 -23.87 -2.01 11.63
C LEU A 122 -25.38 -1.96 11.81
N LEU A 123 -26.00 -0.87 11.37
CA LEU A 123 -27.44 -0.70 11.49
C LEU A 123 -28.13 -1.01 10.16
N CYS A 124 -29.36 -1.52 10.25
CA CYS A 124 -30.13 -1.85 9.06
C CYS A 124 -31.47 -1.13 9.05
N PRO A 125 -32.03 -0.92 7.85
CA PRO A 125 -33.32 -0.25 7.68
C PRO A 125 -34.49 -1.08 8.19
N GLY A 126 -35.69 -0.53 8.09
CA GLY A 126 -36.87 -1.24 8.54
C GLY A 126 -36.96 -2.63 7.96
N GLY A 127 -36.97 -3.65 8.83
CA GLY A 127 -37.04 -5.01 8.37
C GLY A 127 -35.77 -5.79 8.61
N GLU A 128 -34.95 -5.30 9.54
CA GLU A 128 -33.69 -5.95 9.87
C GLU A 128 -33.07 -5.35 11.13
N ALA A 129 -32.38 -6.18 11.90
CA ALA A 129 -31.75 -5.73 13.13
C ALA A 129 -30.26 -5.47 12.92
N PRO A 130 -29.66 -4.70 13.83
CA PRO A 130 -28.23 -4.36 13.77
C PRO A 130 -27.34 -5.56 14.06
N ARG A 131 -26.18 -5.61 13.40
CA ARG A 131 -25.25 -6.71 13.58
C ARG A 131 -23.89 -6.19 14.06
N ALA A 132 -23.00 -7.11 14.42
CA ALA A 132 -21.68 -6.75 14.90
C ALA A 132 -20.59 -7.44 14.08
N ARG A 133 -19.65 -6.66 13.58
CA ARG A 133 -18.56 -7.20 12.77
C ARG A 133 -17.21 -6.90 13.42
N LYS A 134 -16.39 -7.93 13.57
CA LYS A 134 -15.06 -7.77 14.17
C LYS A 134 -14.03 -7.40 13.12
N VAL A 135 -13.11 -6.50 13.49
CA VAL A 135 -12.06 -6.07 12.57
C VAL A 135 -10.69 -6.16 13.23
N ARG A 136 -9.79 -6.91 12.60
CA ARG A 136 -8.44 -7.08 13.13
C ARG A 136 -7.49 -6.04 12.53
N LEU A 137 -7.14 -5.04 13.33
CA LEU A 137 -6.24 -3.98 12.88
C LEU A 137 -5.01 -3.89 13.78
N VAL A 138 -3.88 -3.56 13.18
CA VAL A 138 -2.62 -3.44 13.93
C VAL A 138 -2.80 -2.53 15.14
N ALA A 139 -2.18 -2.93 16.25
CA ALA A 139 -2.27 -2.15 17.49
C ALA A 139 -0.93 -1.49 17.81
N SER A 140 0.16 -2.14 17.43
CA SER A 140 1.50 -1.61 17.67
C SER A 140 2.42 -1.88 16.49
N CYS A 141 3.68 -1.47 16.62
CA CYS A 141 4.66 -1.67 15.56
C CYS A 141 6.08 -1.53 16.11
N LYS A 142 6.97 -2.39 15.63
CA LYS A 142 8.36 -2.38 16.07
C LYS A 142 9.30 -2.15 14.89
N CYS A 143 10.47 -1.58 15.17
CA CYS A 143 11.46 -1.32 14.14
C CYS A 143 12.75 -2.07 14.41
N LYS A 144 13.00 -3.11 13.60
CA LYS A 144 14.20 -3.91 13.76
C LYS A 144 14.72 -4.38 12.39
N ARG A 145 16.03 -4.22 12.17
CA ARG A 145 16.64 -4.62 10.91
C ARG A 145 17.05 -6.10 10.96
N LEU A 146 17.19 -6.70 9.78
CA LEU A 146 17.58 -8.10 9.69
C LEU A 146 18.55 -8.32 8.54
N THR A 147 19.13 -9.51 8.47
CA THR A 147 20.08 -9.86 7.42
C THR A 147 19.38 -10.47 6.22
N ARG A 148 19.89 -10.17 5.03
CA ARG A 148 19.30 -10.70 3.79
C ARG A 148 20.38 -11.29 2.89
N PHE A 149 19.96 -12.00 1.85
CA PHE A 149 20.88 -12.63 0.91
C PHE A 149 20.46 -12.35 -0.53
N HIS A 150 21.45 -12.12 -1.39
CA HIS A 150 21.19 -11.84 -2.79
C HIS A 150 21.67 -12.99 -3.67
N ASN A 151 21.08 -13.11 -4.86
CA ASN A 151 21.45 -14.16 -5.80
C ASN A 151 22.44 -13.65 -6.84
N GLN A 152 22.99 -14.58 -7.62
CA GLN A 152 23.95 -14.22 -8.66
C GLN A 152 23.38 -14.47 -10.05
N SER A 153 23.27 -15.75 -10.41
CA SER A 153 22.75 -16.13 -11.72
C SER A 153 23.62 -15.56 -12.84
N GLU A 154 23.23 -15.86 -14.08
CA GLU A 154 23.98 -15.38 -15.23
C GLU A 154 23.08 -15.28 -16.47
N LEU A 155 23.68 -15.06 -17.63
CA LEU A 155 22.94 -14.95 -18.87
C LEU A 155 23.69 -15.60 -20.02
N LYS A 156 23.03 -15.72 -21.17
CA LYS A 156 23.63 -16.32 -22.34
C LYS A 156 23.36 -15.48 -23.59
N ASP A 157 23.89 -15.93 -24.72
CA ASP A 157 23.69 -15.22 -25.99
C ASP A 157 24.00 -16.13 -27.18
N PHE A 158 23.37 -15.86 -28.31
CA PHE A 158 23.59 -16.66 -29.51
C PHE A 158 23.46 -15.79 -30.76
N GLY A 159 23.37 -16.43 -31.92
CA GLY A 159 23.26 -15.71 -33.17
C GLY A 159 23.97 -16.39 -34.31
N THR A 160 23.50 -16.17 -35.53
CA THR A 160 24.10 -16.79 -36.70
C THR A 160 23.60 -16.12 -37.98
N GLU A 161 24.49 -15.98 -38.96
CA GLU A 161 24.13 -15.36 -40.24
C GLU A 161 24.66 -16.19 -41.41
N ALA A 162 23.88 -16.24 -42.48
CA ALA A 162 24.26 -17.00 -43.67
C ALA A 162 23.75 -16.33 -44.94
N ALA A 163 24.34 -16.68 -46.07
CA ALA A 163 23.93 -16.12 -47.35
C ALA A 163 23.92 -17.19 -48.44
N ARG A 164 23.56 -16.77 -49.66
CA ARG A 164 23.51 -17.71 -50.79
C ARG A 164 23.27 -16.95 -52.09
N PRO A 165 24.27 -16.18 -52.53
CA PRO A 165 24.19 -15.39 -53.77
C PRO A 165 24.20 -16.28 -55.01
N GLN A 166 24.14 -15.64 -56.18
CA GLN A 166 24.14 -16.37 -57.44
C GLN A 166 24.37 -15.43 -58.62
N LYS A 167 24.44 -15.98 -59.82
CA LYS A 167 24.66 -15.19 -61.02
C LYS A 167 23.62 -15.52 -62.08
N GLY A 168 23.65 -14.77 -63.18
CA GLY A 168 22.70 -14.99 -64.25
C GLY A 168 23.36 -14.97 -65.62
N ARG A 169 22.61 -15.37 -66.64
CA ARG A 169 23.13 -15.40 -68.00
C ARG A 169 22.44 -14.35 -68.87
N LYS A 170 23.24 -13.46 -69.46
CA LYS A 170 22.71 -12.41 -70.31
C LYS A 170 23.83 -11.78 -71.14
N PRO A 171 24.34 -12.53 -72.12
CA PRO A 171 25.41 -12.06 -73.01
C PRO A 171 24.94 -10.97 -73.96
N ARG A 172 25.88 -10.39 -74.70
CA ARG A 172 25.56 -9.34 -75.66
C ARG A 172 26.21 -9.61 -77.01
N PRO A 173 25.71 -10.63 -77.71
CA PRO A 173 26.24 -11.02 -79.03
C PRO A 173 25.91 -9.99 -80.10
N ARG A 174 26.76 -9.93 -81.13
CA ARG A 174 26.56 -8.98 -82.23
C ARG A 174 26.64 -9.69 -83.57
N ALA A 175 25.58 -9.58 -84.36
CA ALA A 175 25.52 -10.20 -85.68
C ALA A 175 25.85 -9.20 -86.78
N ARG A 176 26.62 -9.65 -87.77
CA ARG A 176 27.02 -8.78 -88.87
C ARG A 176 26.65 -9.42 -90.21
N SER A 177 25.83 -8.72 -90.99
CA SER A 177 25.39 -9.21 -92.29
C SER A 177 26.24 -8.62 -93.40
N ALA A 178 25.99 -9.08 -94.63
CA ALA A 178 26.73 -8.60 -95.79
C ALA A 178 25.79 -8.02 -96.84
N LYS A 179 26.36 -7.35 -97.83
CA LYS A 179 25.57 -6.75 -98.91
C LYS A 179 26.21 -7.00 -100.26
N ALA A 180 25.56 -6.52 -101.32
CA ALA A 180 26.08 -6.69 -102.67
C ALA A 180 26.23 -5.35 -103.38
N ASN A 181 26.59 -5.39 -104.66
CA ASN A 181 26.77 -4.17 -105.44
C ASN A 181 26.31 -4.38 -106.88
N GLN A 182 25.91 -3.30 -107.53
CA GLN A 182 25.44 -3.35 -108.90
C GLN A 182 26.61 -3.41 -109.88
N ALA A 183 26.34 -3.83 -111.11
CA ALA A 183 27.37 -3.93 -112.13
C ALA A 183 27.07 -3.03 -113.32
N GLU A 184 28.07 -2.29 -113.77
CA GLU A 184 27.90 -1.38 -114.90
C GLU A 184 28.39 -2.03 -116.19
N LEU A 185 28.02 -1.44 -117.32
CA LEU A 185 28.42 -1.95 -118.62
C LEU A 185 28.37 -0.85 -119.69
N GLU A 186 28.60 0.38 -119.25
CA GLU A 186 28.59 1.52 -120.16
C GLU A 186 29.85 1.55 -121.03
N ASN A 187 29.66 1.62 -122.33
CA ASN A 187 30.78 1.65 -123.27
C ASN A 187 30.70 2.87 -124.18
N ALA A 188 29.60 2.99 -124.91
CA ALA A 188 29.39 4.11 -125.82
C ALA A 188 30.35 4.04 -127.01
N TYR A 189 31.60 4.40 -126.77
CA TYR A 189 32.62 4.38 -127.82
C TYR A 189 33.09 2.96 -128.08
N GLY A 1 49.68 -13.49 -112.42
CA GLY A 1 48.44 -12.76 -112.21
C GLY A 1 47.23 -13.66 -112.25
N TRP A 2 46.17 -13.25 -111.55
CA TRP A 2 44.93 -14.04 -111.51
C TRP A 2 43.72 -13.12 -111.46
N GLN A 3 42.53 -13.73 -111.51
CA GLN A 3 41.29 -12.96 -111.47
C GLN A 3 40.52 -13.23 -110.18
N ALA A 4 39.85 -12.21 -109.66
CA ALA A 4 39.08 -12.34 -108.43
C ALA A 4 37.63 -11.94 -108.65
N PHE A 5 36.78 -12.23 -107.68
CA PHE A 5 35.37 -11.89 -107.75
C PHE A 5 34.86 -11.33 -106.43
N LYS A 6 33.55 -11.09 -106.36
CA LYS A 6 32.93 -10.56 -105.16
C LYS A 6 31.80 -11.46 -104.69
N ASN A 7 30.78 -11.62 -105.53
CA ASN A 7 29.63 -12.46 -105.19
C ASN A 7 28.90 -11.91 -103.97
N ASP A 8 27.74 -12.49 -103.68
CA ASP A 8 26.94 -12.06 -102.54
C ASP A 8 26.56 -10.59 -102.65
N ALA A 9 25.94 -10.05 -101.61
CA ALA A 9 25.51 -8.66 -101.60
C ALA A 9 25.24 -8.18 -100.18
N THR A 10 25.97 -7.16 -99.75
CA THR A 10 25.82 -6.60 -98.42
C THR A 10 25.00 -5.31 -98.44
N GLU A 11 23.68 -5.45 -98.46
CA GLU A 11 22.79 -4.29 -98.49
C GLU A 11 22.04 -4.15 -97.17
N ILE A 12 21.72 -2.91 -96.80
CA ILE A 12 21.00 -2.64 -95.56
C ILE A 12 19.97 -1.53 -95.76
N ILE A 13 18.71 -1.92 -95.95
CA ILE A 13 17.63 -0.97 -96.14
C ILE A 13 16.63 -1.02 -94.99
N PRO A 14 17.04 -0.49 -93.83
CA PRO A 14 16.20 -0.46 -92.63
C PRO A 14 15.02 0.50 -92.77
N GLU A 15 13.95 0.22 -92.04
CA GLU A 15 12.76 1.06 -92.09
C GLU A 15 12.02 1.03 -90.75
N LEU A 16 12.76 1.24 -89.67
CA LEU A 16 12.19 1.24 -88.33
C LEU A 16 11.48 2.57 -88.04
N GLY A 17 10.17 2.53 -87.97
CA GLY A 17 9.40 3.73 -87.69
C GLY A 17 9.07 3.89 -86.22
N GLU A 18 9.02 2.76 -85.50
CA GLU A 18 8.71 2.79 -84.07
C GLU A 18 7.37 3.46 -83.82
N TYR A 19 6.96 3.48 -82.56
CA TYR A 19 5.69 4.08 -82.17
C TYR A 19 5.90 5.16 -81.11
N PRO A 20 6.48 6.29 -81.52
CA PRO A 20 6.75 7.42 -80.61
C PRO A 20 5.47 8.12 -80.16
N GLU A 21 5.23 8.12 -78.85
CA GLU A 21 4.04 8.76 -78.29
C GLU A 21 4.32 10.21 -77.94
N PRO A 22 3.25 11.00 -77.81
CA PRO A 22 3.34 12.43 -77.48
C PRO A 22 3.82 12.66 -76.05
N PRO A 23 4.18 13.91 -75.73
CA PRO A 23 4.66 14.29 -74.41
C PRO A 23 3.54 14.26 -73.36
N PRO A 24 3.92 14.34 -72.08
CA PRO A 24 2.97 14.32 -70.96
C PRO A 24 2.12 15.59 -70.90
N GLU A 25 0.84 15.42 -70.63
CA GLU A 25 -0.07 16.55 -70.53
C GLU A 25 -1.01 16.41 -69.34
N LEU A 26 -0.55 16.88 -68.18
CA LEU A 26 -1.34 16.81 -66.96
C LEU A 26 -1.15 18.05 -66.10
N GLU A 27 -1.53 17.95 -64.83
CA GLU A 27 -1.40 19.08 -63.91
C GLU A 27 -1.32 18.58 -62.46
N ASN A 28 -0.84 19.45 -61.58
CA ASN A 28 -0.72 19.11 -60.17
C ASN A 28 -1.70 19.91 -59.33
N ASN A 29 -2.15 19.33 -58.22
CA ASN A 29 -3.09 19.99 -57.33
C ASN A 29 -2.69 19.81 -55.87
N LYS A 30 -3.27 20.60 -54.99
CA LYS A 30 -2.98 20.53 -53.56
C LYS A 30 -4.17 21.00 -52.73
N THR A 31 -4.14 20.71 -51.43
CA THR A 31 -5.21 21.11 -50.54
C THR A 31 -4.66 21.48 -49.16
N MET A 32 -5.25 22.51 -48.55
CA MET A 32 -4.81 22.95 -47.23
C MET A 32 -5.76 22.42 -46.16
N ASN A 33 -5.45 22.75 -44.90
CA ASN A 33 -6.26 22.31 -43.77
C ASN A 33 -6.14 23.27 -42.60
N ARG A 34 -6.84 22.96 -41.51
CA ARG A 34 -6.80 23.80 -40.32
C ARG A 34 -7.31 23.03 -39.09
N ALA A 35 -6.86 23.44 -37.91
CA ALA A 35 -7.27 22.79 -36.68
C ALA A 35 -7.21 23.78 -35.51
N GLU A 36 -7.38 23.24 -34.30
CA GLU A 36 -7.35 24.07 -33.10
C GLU A 36 -7.23 23.20 -31.84
N ASN A 37 -6.62 23.77 -30.80
CA ASN A 37 -6.44 23.05 -29.54
C ASN A 37 -6.37 24.02 -28.37
N GLY A 38 -6.12 23.48 -27.19
CA GLY A 38 -6.03 24.32 -26.00
C GLY A 38 -5.28 23.64 -24.87
N GLY A 39 -5.19 24.31 -23.72
CA GLY A 39 -4.49 23.75 -22.58
C GLY A 39 -4.17 24.80 -21.52
N ARG A 40 -4.59 24.52 -20.29
CA ARG A 40 -4.35 25.44 -19.19
C ARG A 40 -4.56 24.75 -17.85
N PRO A 41 -3.62 23.87 -17.48
CA PRO A 41 -3.68 23.12 -16.22
C PRO A 41 -3.46 24.01 -15.01
N PRO A 42 -3.74 23.47 -13.81
CA PRO A 42 -3.57 24.21 -12.55
C PRO A 42 -2.11 24.44 -12.21
N HIS A 43 -1.86 25.29 -11.22
CA HIS A 43 -0.51 25.59 -10.78
C HIS A 43 -0.52 26.41 -9.48
N HIS A 44 -0.86 25.74 -8.39
CA HIS A 44 -0.91 26.39 -7.08
C HIS A 44 0.18 25.85 -6.17
N PRO A 45 0.50 26.62 -5.12
CA PRO A 45 1.53 26.23 -4.14
C PRO A 45 1.09 25.06 -3.27
N PHE A 46 2.07 24.34 -2.73
CA PHE A 46 1.80 23.19 -1.88
C PHE A 46 2.80 23.08 -0.74
N GLU A 47 2.32 22.79 0.45
CA GLU A 47 3.19 22.66 1.62
C GLU A 47 2.97 21.32 2.32
N THR A 48 4.03 20.81 2.96
CA THR A 48 3.95 19.55 3.67
C THR A 48 4.86 19.54 4.89
N LYS A 49 4.28 19.82 6.06
CA LYS A 49 5.03 19.85 7.30
C LYS A 49 4.92 18.51 8.03
N ASP A 50 6.05 17.81 8.14
CA ASP A 50 6.08 16.52 8.81
C ASP A 50 7.51 16.01 8.93
N VAL A 51 7.74 15.14 9.91
CA VAL A 51 9.07 14.57 10.13
C VAL A 51 9.02 13.39 11.10
N SER A 52 9.61 12.27 10.71
CA SER A 52 9.62 11.08 11.54
C SER A 52 10.80 10.17 11.17
N GLU A 53 12.00 10.60 11.56
CA GLU A 53 13.20 9.82 11.27
C GLU A 53 13.66 9.05 12.50
N TYR A 54 13.31 9.56 13.68
CA TYR A 54 13.70 8.91 14.93
C TYR A 54 13.22 7.46 14.96
N SER A 55 11.92 7.27 14.86
CA SER A 55 11.33 5.93 14.87
C SER A 55 10.12 5.85 13.95
N CYS A 56 9.42 4.72 14.00
CA CYS A 56 8.24 4.52 13.16
C CYS A 56 7.06 5.33 13.69
N ARG A 57 6.26 5.85 12.78
CA ARG A 57 5.09 6.65 13.15
C ARG A 57 3.81 5.83 13.02
N GLU A 58 2.92 6.00 13.99
CA GLU A 58 1.65 5.27 13.99
C GLU A 58 0.68 5.87 12.98
N LEU A 59 0.33 5.10 11.96
CA LEU A 59 -0.59 5.55 10.93
C LEU A 59 -2.01 5.08 11.23
N HIS A 60 -2.90 6.02 11.55
CA HIS A 60 -4.29 5.70 11.85
C HIS A 60 -5.18 5.99 10.64
N PHE A 61 -5.79 4.95 10.09
CA PHE A 61 -6.67 5.08 8.94
C PHE A 61 -8.13 5.04 9.37
N THR A 62 -8.82 6.17 9.21
CA THR A 62 -10.23 6.26 9.58
C THR A 62 -11.12 6.17 8.35
N ARG A 63 -12.29 5.55 8.51
CA ARG A 63 -13.24 5.41 7.42
C ARG A 63 -14.49 4.68 7.88
N TYR A 64 -15.57 4.85 7.12
CA TYR A 64 -16.84 4.20 7.45
C TYR A 64 -16.95 2.83 6.79
N VAL A 65 -17.02 1.79 7.60
CA VAL A 65 -17.13 0.43 7.09
C VAL A 65 -18.59 0.05 6.86
N THR A 66 -18.83 -0.77 5.83
CA THR A 66 -20.17 -1.20 5.48
C THR A 66 -20.16 -2.57 4.82
N ASP A 67 -20.99 -3.48 5.31
CA ASP A 67 -21.07 -4.83 4.77
C ASP A 67 -22.53 -5.29 4.68
N GLY A 68 -23.08 -5.22 3.47
CA GLY A 68 -24.46 -5.63 3.27
C GLY A 68 -25.43 -4.47 3.29
N PRO A 69 -26.70 -4.75 3.56
CA PRO A 69 -27.75 -3.73 3.61
C PRO A 69 -27.59 -2.81 4.82
N CYS A 70 -26.65 -3.15 5.71
CA CYS A 70 -26.41 -2.35 6.90
C CYS A 70 -25.16 -1.49 6.73
N ARG A 71 -25.02 -0.49 7.59
CA ARG A 71 -23.87 0.41 7.53
C ARG A 71 -23.39 0.77 8.94
N SER A 72 -22.09 0.86 9.11
CA SER A 72 -21.51 1.20 10.42
C SER A 72 -22.07 2.53 10.93
N ALA A 73 -22.29 2.59 12.24
CA ALA A 73 -22.83 3.80 12.86
C ALA A 73 -21.75 4.86 13.01
N LYS A 74 -20.51 4.41 13.21
CA LYS A 74 -19.38 5.32 13.37
C LYS A 74 -18.19 4.86 12.55
N PRO A 75 -17.25 5.79 12.28
CA PRO A 75 -16.05 5.49 11.50
C PRO A 75 -15.08 4.60 12.26
N VAL A 76 -14.64 3.53 11.60
CA VAL A 76 -13.71 2.58 12.20
C VAL A 76 -12.26 2.94 11.87
N THR A 77 -11.44 3.11 12.90
CA THR A 77 -10.04 3.45 12.71
C THR A 77 -9.15 2.23 12.83
N GLU A 78 -8.25 2.04 11.86
CA GLU A 78 -7.34 0.91 11.87
C GLU A 78 -5.88 1.37 11.92
N LEU A 79 -5.09 0.74 12.78
CA LEU A 79 -3.69 1.08 12.92
C LEU A 79 -2.85 0.45 11.81
N VAL A 80 -1.84 1.17 11.35
CA VAL A 80 -0.96 0.68 10.30
C VAL A 80 0.51 0.83 10.70
N CYS A 81 1.35 -0.07 10.18
CA CYS A 81 2.77 -0.04 10.48
C CYS A 81 3.54 0.63 9.34
N SER A 82 4.20 1.74 9.65
CA SER A 82 4.98 2.47 8.65
C SER A 82 5.99 3.39 9.33
N GLY A 83 7.01 3.79 8.57
CA GLY A 83 8.03 4.67 9.10
C GLY A 83 9.43 4.16 8.84
N GLN A 84 10.44 4.90 9.31
CA GLN A 84 11.82 4.52 9.11
C GLN A 84 12.67 4.96 10.30
N CYS A 85 13.52 4.05 10.78
CA CYS A 85 14.39 4.34 11.91
C CYS A 85 15.86 4.16 11.52
N GLY A 86 16.75 4.68 12.37
CA GLY A 86 18.17 4.57 12.10
C GLY A 86 19.02 5.03 13.27
N PRO A 87 19.10 6.36 13.46
CA PRO A 87 19.88 6.97 14.55
C PRO A 87 19.26 6.70 15.91
N ALA A 88 20.00 6.00 16.77
CA ALA A 88 19.53 5.69 18.11
C ALA A 88 20.66 5.18 18.99
N ARG A 89 21.26 6.09 19.75
CA ARG A 89 22.37 5.72 20.63
C ARG A 89 22.00 5.98 22.10
N LEU A 90 21.70 4.90 22.82
CA LEU A 90 21.33 5.00 24.22
C LEU A 90 21.22 3.62 24.85
N LEU A 91 21.02 3.59 26.17
CA LEU A 91 20.90 2.34 26.90
C LEU A 91 19.44 1.94 27.08
N PRO A 92 19.20 0.66 27.36
CA PRO A 92 17.84 0.13 27.56
C PRO A 92 17.21 0.63 28.85
N ASN A 93 18.03 0.75 29.90
CA ASN A 93 17.54 1.22 31.19
C ASN A 93 18.18 2.56 31.55
N ALA A 94 19.50 2.63 31.42
CA ALA A 94 20.23 3.86 31.74
C ALA A 94 20.02 4.26 33.20
N ILE A 95 20.41 3.38 34.11
CA ILE A 95 20.26 3.64 35.53
C ILE A 95 21.62 3.64 36.23
N GLY A 96 22.54 2.83 35.72
CA GLY A 96 23.87 2.74 36.31
C GLY A 96 24.91 2.26 35.31
N ARG A 97 24.83 0.99 34.95
CA ARG A 97 25.77 0.40 34.00
C ARG A 97 25.04 -0.46 32.97
N GLY A 98 25.81 -0.98 32.01
CA GLY A 98 25.22 -1.83 30.99
C GLY A 98 25.62 -1.40 29.58
N LYS A 99 26.91 -1.34 29.34
CA LYS A 99 27.42 -0.93 28.03
C LYS A 99 28.03 -2.12 27.29
N TRP A 100 28.14 -2.00 25.97
CA TRP A 100 28.70 -3.07 25.15
C TRP A 100 29.84 -2.55 24.28
N TRP A 101 30.31 -3.38 23.36
CA TRP A 101 31.40 -2.99 22.48
C TRP A 101 30.87 -2.48 21.15
N ARG A 102 30.26 -3.36 20.36
CA ARG A 102 29.72 -2.99 19.07
C ARG A 102 28.22 -2.75 19.17
N PRO A 103 27.74 -1.65 18.53
CA PRO A 103 26.33 -1.28 18.54
C PRO A 103 25.48 -2.26 17.72
N SER A 104 24.16 -2.09 17.81
CA SER A 104 23.24 -2.94 17.08
C SER A 104 23.32 -2.69 15.57
N GLY A 105 23.60 -1.44 15.21
CA GLY A 105 23.69 -1.07 13.81
C GLY A 105 22.52 -0.22 13.35
N PRO A 106 22.66 0.37 12.16
CA PRO A 106 21.62 1.23 11.58
C PRO A 106 20.40 0.43 11.14
N ASP A 107 19.21 0.91 11.53
CA ASP A 107 17.97 0.24 11.18
C ASP A 107 17.29 0.93 10.00
N PHE A 108 16.10 0.45 9.64
CA PHE A 108 15.35 1.02 8.53
C PHE A 108 13.97 0.39 8.42
N ARG A 109 13.95 -0.93 8.28
CA ARG A 109 12.69 -1.66 8.16
C ARG A 109 11.94 -1.66 9.48
N CYS A 110 10.62 -1.69 9.40
CA CYS A 110 9.77 -1.69 10.60
C CYS A 110 9.13 -3.05 10.80
N ILE A 111 9.01 -3.46 12.06
CA ILE A 111 8.40 -4.75 12.39
C ILE A 111 7.05 -4.56 13.09
N PRO A 112 6.10 -5.45 12.78
CA PRO A 112 4.76 -5.41 13.37
C PRO A 112 4.76 -5.77 14.86
N ASP A 113 3.61 -5.62 15.49
CA ASP A 113 3.48 -5.93 16.92
C ASP A 113 2.15 -6.60 17.20
N ARG A 114 1.84 -6.77 18.48
CA ARG A 114 0.58 -7.39 18.90
C ARG A 114 -0.60 -6.76 18.18
N TYR A 115 -1.55 -7.60 17.77
CA TYR A 115 -2.74 -7.12 17.06
C TYR A 115 -3.93 -7.04 18.00
N ARG A 116 -5.05 -6.52 17.49
CA ARG A 116 -6.27 -6.39 18.29
C ARG A 116 -7.49 -6.34 17.39
N ALA A 117 -8.37 -7.32 17.53
CA ALA A 117 -9.59 -7.39 16.74
C ALA A 117 -10.71 -6.60 17.39
N GLN A 118 -11.21 -5.58 16.69
CA GLN A 118 -12.29 -4.74 17.20
C GLN A 118 -13.63 -5.14 16.59
N ARG A 119 -14.71 -4.82 17.28
CA ARG A 119 -16.05 -5.15 16.81
C ARG A 119 -16.85 -3.88 16.50
N VAL A 120 -17.37 -3.79 15.29
CA VAL A 120 -18.15 -2.63 14.88
C VAL A 120 -19.63 -2.96 14.83
N GLN A 121 -20.46 -1.94 15.02
CA GLN A 121 -21.91 -2.12 14.99
C GLN A 121 -22.52 -1.47 13.76
N LEU A 122 -23.11 -2.29 12.89
CA LEU A 122 -23.73 -1.79 11.67
C LEU A 122 -25.25 -1.73 11.81
N LEU A 123 -25.84 -0.63 11.36
CA LEU A 123 -27.28 -0.45 11.44
C LEU A 123 -27.96 -0.82 10.11
N CYS A 124 -29.14 -1.41 10.20
CA CYS A 124 -29.88 -1.82 9.02
C CYS A 124 -31.18 -1.03 8.90
N PRO A 125 -31.68 -0.90 7.66
CA PRO A 125 -32.92 -0.17 7.39
C PRO A 125 -34.15 -0.92 7.90
N GLY A 126 -35.33 -0.37 7.62
CA GLY A 126 -36.57 -0.99 8.05
C GLY A 126 -36.56 -1.31 9.53
N GLY A 127 -36.83 -2.56 9.87
CA GLY A 127 -36.85 -2.97 11.26
C GLY A 127 -35.72 -3.92 11.62
N GLU A 128 -35.01 -4.38 10.59
CA GLU A 128 -33.90 -5.31 10.79
C GLU A 128 -32.93 -4.76 11.84
N ALA A 129 -32.60 -5.60 12.82
CA ALA A 129 -31.68 -5.21 13.87
C ALA A 129 -30.26 -5.02 13.34
N PRO A 130 -29.43 -4.28 14.09
CA PRO A 130 -28.05 -4.00 13.70
C PRO A 130 -27.17 -5.25 13.77
N ARG A 131 -26.18 -5.33 12.88
CA ARG A 131 -25.27 -6.46 12.84
C ARG A 131 -23.94 -6.11 13.48
N ALA A 132 -22.99 -7.04 13.41
CA ALA A 132 -21.66 -6.82 14.00
C ALA A 132 -20.57 -7.27 13.04
N ARG A 133 -19.56 -6.42 12.85
CA ARG A 133 -18.45 -6.75 11.95
C ARG A 133 -17.12 -6.63 12.68
N LYS A 134 -16.33 -7.70 12.64
CA LYS A 134 -15.03 -7.72 13.30
C LYS A 134 -13.95 -7.19 12.36
N VAL A 135 -13.01 -6.41 12.92
CA VAL A 135 -11.93 -5.85 12.14
C VAL A 135 -10.57 -6.14 12.78
N ARG A 136 -9.77 -6.97 12.12
CA ARG A 136 -8.46 -7.33 12.63
C ARG A 136 -7.42 -6.29 12.23
N LEU A 137 -7.01 -5.46 13.20
CA LEU A 137 -6.02 -4.42 12.96
C LEU A 137 -4.93 -4.44 14.02
N VAL A 138 -3.69 -4.26 13.59
CA VAL A 138 -2.56 -4.25 14.52
C VAL A 138 -2.80 -3.30 15.68
N ALA A 139 -2.22 -3.62 16.83
CA ALA A 139 -2.37 -2.78 18.01
C ALA A 139 -1.13 -1.92 18.24
N SER A 140 0.04 -2.57 18.20
CA SER A 140 1.30 -1.87 18.41
C SER A 140 2.19 -1.97 17.19
N CYS A 141 3.40 -1.43 17.28
CA CYS A 141 4.35 -1.46 16.18
C CYS A 141 5.71 -0.94 16.62
N LYS A 142 6.77 -1.58 16.11
CA LYS A 142 8.13 -1.18 16.46
C LYS A 142 9.03 -1.18 15.21
N CYS A 143 10.08 -0.35 15.25
CA CYS A 143 11.00 -0.26 14.13
C CYS A 143 12.36 -0.82 14.50
N LYS A 144 12.69 -1.98 13.93
CA LYS A 144 13.97 -2.63 14.20
C LYS A 144 14.49 -3.34 12.96
N ARG A 145 15.80 -3.56 12.91
CA ARG A 145 16.43 -4.23 11.78
C ARG A 145 16.33 -5.74 11.92
N LEU A 146 16.27 -6.44 10.79
CA LEU A 146 16.17 -7.89 10.78
C LEU A 146 17.04 -8.49 9.69
N THR A 147 17.05 -9.82 9.61
CA THR A 147 17.85 -10.52 8.61
C THR A 147 17.08 -11.71 8.04
N ARG A 148 17.09 -11.84 6.72
CA ARG A 148 16.40 -12.93 6.04
C ARG A 148 17.38 -13.77 5.21
N PHE A 149 17.59 -15.00 5.65
CA PHE A 149 18.50 -15.90 4.95
C PHE A 149 17.81 -17.20 4.58
N HIS A 150 17.48 -17.35 3.29
CA HIS A 150 16.81 -18.55 2.81
C HIS A 150 17.12 -18.78 1.33
N ASN A 151 17.80 -19.87 1.04
CA ASN A 151 18.15 -20.20 -0.34
C ASN A 151 18.08 -21.71 -0.58
N GLN A 152 17.64 -22.10 -1.76
CA GLN A 152 17.53 -23.51 -2.11
C GLN A 152 17.26 -23.69 -3.60
N SER A 153 17.71 -24.80 -4.15
CA SER A 153 17.52 -25.09 -5.57
C SER A 153 17.74 -26.57 -5.86
N GLU A 154 17.08 -27.07 -6.90
CA GLU A 154 17.20 -28.47 -7.29
C GLU A 154 16.50 -28.74 -8.61
N LEU A 155 17.20 -29.39 -9.52
CA LEU A 155 16.65 -29.71 -10.83
C LEU A 155 17.10 -31.09 -11.30
N LYS A 156 16.33 -31.68 -12.21
CA LYS A 156 16.65 -33.01 -12.74
C LYS A 156 15.82 -33.31 -13.98
N ASP A 157 16.29 -34.26 -14.78
CA ASP A 157 15.58 -34.66 -15.99
C ASP A 157 16.29 -35.82 -16.69
N PHE A 158 15.74 -37.02 -16.53
CA PHE A 158 16.31 -38.21 -17.13
C PHE A 158 15.23 -39.06 -17.80
N GLY A 159 15.33 -39.22 -19.11
CA GLY A 159 14.36 -40.01 -19.84
C GLY A 159 14.59 -39.97 -21.34
N THR A 160 14.40 -41.11 -21.99
CA THR A 160 14.59 -41.22 -23.43
C THR A 160 14.28 -42.62 -23.94
N GLU A 161 13.40 -42.69 -24.94
CA GLU A 161 13.01 -43.97 -25.51
C GLU A 161 12.34 -43.78 -26.87
N ALA A 162 12.66 -44.67 -27.82
CA ALA A 162 12.08 -44.60 -29.15
C ALA A 162 12.46 -45.83 -29.97
N ALA A 163 11.44 -46.48 -30.54
CA ALA A 163 11.66 -47.67 -31.35
C ALA A 163 10.36 -48.16 -31.98
N ARG A 164 10.36 -48.26 -33.31
CA ARG A 164 9.17 -48.71 -34.03
C ARG A 164 9.56 -49.34 -35.37
N PRO A 165 10.19 -50.51 -35.32
CA PRO A 165 10.63 -51.23 -36.52
C PRO A 165 9.46 -51.79 -37.31
N GLN A 166 9.76 -52.49 -38.40
CA GLN A 166 8.74 -53.08 -39.25
C GLN A 166 9.33 -54.14 -40.16
N LYS A 167 8.54 -55.17 -40.46
CA LYS A 167 8.99 -56.26 -41.31
C LYS A 167 7.80 -57.11 -41.78
N GLY A 168 8.06 -58.03 -42.70
CA GLY A 168 7.01 -58.89 -43.21
C GLY A 168 7.32 -59.41 -44.60
N ARG A 169 7.40 -60.73 -44.73
CA ARG A 169 7.69 -61.36 -46.02
C ARG A 169 6.40 -61.75 -46.72
N LYS A 170 6.26 -61.32 -47.97
CA LYS A 170 5.07 -61.62 -48.76
C LYS A 170 5.42 -61.77 -50.24
N PRO A 171 6.10 -62.88 -50.58
CA PRO A 171 6.51 -63.17 -51.95
C PRO A 171 5.33 -63.49 -52.86
N ARG A 172 5.52 -63.36 -54.16
CA ARG A 172 4.47 -63.63 -55.13
C ARG A 172 5.06 -64.10 -56.46
N PRO A 173 5.57 -65.33 -56.48
CA PRO A 173 6.18 -65.93 -57.68
C PRO A 173 5.15 -66.22 -58.75
N ARG A 174 5.50 -65.96 -60.01
CA ARG A 174 4.61 -66.20 -61.13
C ARG A 174 4.65 -67.67 -61.55
N ALA A 175 3.53 -68.35 -61.37
CA ALA A 175 3.43 -69.77 -61.73
C ALA A 175 2.01 -70.14 -62.13
N ARG A 176 1.83 -70.45 -63.41
CA ARG A 176 0.52 -70.82 -63.93
C ARG A 176 0.58 -72.14 -64.70
N SER A 177 -0.40 -73.00 -64.46
CA SER A 177 -0.44 -74.30 -65.13
C SER A 177 -1.73 -74.45 -65.93
N ALA A 178 -1.63 -74.33 -67.25
CA ALA A 178 -2.79 -74.46 -68.12
C ALA A 178 -2.36 -74.67 -69.57
N LYS A 179 -2.91 -75.69 -70.20
CA LYS A 179 -2.58 -76.00 -71.59
C LYS A 179 -3.82 -75.85 -72.48
N ALA A 180 -3.59 -75.71 -73.78
CA ALA A 180 -4.68 -75.56 -74.74
C ALA A 180 -4.45 -76.43 -75.96
N ASN A 181 -5.54 -76.86 -76.60
CA ASN A 181 -5.46 -77.70 -77.79
C ASN A 181 -6.84 -77.90 -78.41
N GLN A 182 -6.86 -78.45 -79.62
CA GLN A 182 -8.11 -78.69 -80.33
C GLN A 182 -7.87 -79.54 -81.58
N ALA A 183 -8.96 -80.00 -82.18
CA ALA A 183 -8.88 -80.82 -83.38
C ALA A 183 -10.26 -81.04 -83.99
N GLU A 184 -10.28 -81.58 -85.20
CA GLU A 184 -11.54 -81.84 -85.91
C GLU A 184 -11.34 -82.88 -87.01
N LEU A 185 -12.44 -83.39 -87.53
CA LEU A 185 -12.40 -84.39 -88.60
C LEU A 185 -13.73 -84.47 -89.33
N GLU A 186 -13.82 -83.80 -90.47
CA GLU A 186 -15.04 -83.79 -91.27
C GLU A 186 -14.79 -84.37 -92.66
N ASN A 187 -15.86 -84.71 -93.37
CA ASN A 187 -15.75 -85.27 -94.70
C ASN A 187 -16.93 -84.81 -95.58
N ALA A 188 -16.68 -84.72 -96.88
CA ALA A 188 -17.70 -84.30 -97.83
C ALA A 188 -17.95 -85.37 -98.87
N TYR A 189 -18.86 -85.08 -99.81
CA TYR A 189 -19.18 -86.02 -100.87
C TYR A 189 -17.99 -86.26 -101.79
N GLY A 1 -60.47 -97.86 -44.49
CA GLY A 1 -61.16 -97.73 -43.22
C GLY A 1 -62.66 -97.89 -43.35
N TRP A 2 -63.38 -97.68 -42.26
CA TRP A 2 -64.84 -97.82 -42.25
C TRP A 2 -65.51 -96.45 -42.34
N GLN A 3 -65.99 -96.10 -43.52
CA GLN A 3 -66.65 -94.82 -43.74
C GLN A 3 -65.79 -93.67 -43.23
N ALA A 4 -66.37 -92.48 -43.16
CA ALA A 4 -65.66 -91.30 -42.70
C ALA A 4 -66.54 -90.44 -41.80
N PHE A 5 -65.98 -89.34 -41.31
CA PHE A 5 -66.73 -88.43 -40.44
C PHE A 5 -66.19 -87.01 -40.55
N LYS A 6 -66.98 -86.04 -40.11
CA LYS A 6 -66.59 -84.64 -40.15
C LYS A 6 -67.44 -83.80 -39.22
N ASN A 7 -66.84 -82.76 -38.64
CA ASN A 7 -67.55 -81.88 -37.72
C ASN A 7 -67.01 -80.46 -37.80
N ASP A 8 -67.86 -79.49 -37.49
CA ASP A 8 -67.47 -78.08 -37.53
C ASP A 8 -67.78 -77.40 -36.20
N ALA A 9 -67.20 -76.22 -36.01
CA ALA A 9 -67.40 -75.46 -34.78
C ALA A 9 -66.79 -74.07 -34.89
N THR A 10 -67.64 -73.05 -34.82
CA THR A 10 -67.19 -71.67 -34.92
C THR A 10 -68.01 -70.76 -34.00
N GLU A 11 -67.56 -70.62 -32.76
CA GLU A 11 -68.26 -69.77 -31.79
C GLU A 11 -67.41 -68.57 -31.41
N ILE A 12 -68.04 -67.40 -31.35
CA ILE A 12 -67.34 -66.17 -31.01
C ILE A 12 -67.97 -65.51 -29.78
N ILE A 13 -67.38 -65.76 -28.62
CA ILE A 13 -67.87 -65.18 -27.38
C ILE A 13 -66.77 -64.46 -26.63
N PRO A 14 -66.38 -63.28 -27.13
CA PRO A 14 -65.33 -62.46 -26.52
C PRO A 14 -65.77 -61.85 -25.19
N GLU A 15 -64.86 -61.12 -24.56
CA GLU A 15 -65.15 -60.49 -23.27
C GLU A 15 -64.87 -58.99 -23.33
N LEU A 16 -64.73 -58.37 -22.16
CA LEU A 16 -64.45 -56.95 -22.07
C LEU A 16 -62.96 -56.68 -21.85
N GLY A 17 -62.46 -55.60 -22.42
CA GLY A 17 -61.06 -55.26 -22.28
C GLY A 17 -60.83 -53.76 -22.21
N GLU A 18 -61.58 -53.09 -21.34
CA GLU A 18 -61.46 -51.65 -21.20
C GLU A 18 -60.06 -51.27 -20.70
N TYR A 19 -59.35 -50.48 -21.49
CA TYR A 19 -58.01 -50.05 -21.14
C TYR A 19 -57.92 -48.53 -21.04
N PRO A 20 -58.56 -47.97 -19.99
CA PRO A 20 -58.57 -46.53 -19.76
C PRO A 20 -57.21 -45.99 -19.34
N GLU A 21 -56.72 -44.98 -20.07
CA GLU A 21 -55.42 -44.39 -19.77
C GLU A 21 -55.35 -42.96 -20.30
N PRO A 22 -56.12 -42.06 -19.67
CA PRO A 22 -56.16 -40.64 -20.06
C PRO A 22 -54.86 -39.92 -19.74
N PRO A 23 -54.71 -38.70 -20.29
CA PRO A 23 -53.51 -37.87 -20.07
C PRO A 23 -53.43 -37.35 -18.64
N PRO A 24 -52.25 -36.81 -18.28
CA PRO A 24 -52.01 -36.26 -16.95
C PRO A 24 -52.79 -34.98 -16.70
N GLU A 25 -53.00 -34.65 -15.42
CA GLU A 25 -53.73 -33.45 -15.05
C GLU A 25 -53.20 -32.88 -13.74
N LEU A 26 -52.27 -31.93 -13.85
CA LEU A 26 -51.68 -31.30 -12.67
C LEU A 26 -51.43 -29.82 -12.92
N GLU A 27 -50.60 -29.21 -12.07
CA GLU A 27 -50.26 -27.80 -12.20
C GLU A 27 -48.97 -27.48 -11.46
N ASN A 28 -48.43 -26.29 -11.73
CA ASN A 28 -47.19 -25.86 -11.09
C ASN A 28 -47.34 -24.46 -10.52
N ASN A 29 -46.63 -24.19 -9.42
CA ASN A 29 -46.68 -22.88 -8.77
C ASN A 29 -45.47 -22.03 -9.17
N LYS A 30 -45.65 -20.72 -9.16
CA LYS A 30 -44.57 -19.80 -9.51
C LYS A 30 -44.57 -18.59 -8.59
N THR A 31 -43.54 -17.76 -8.70
CA THR A 31 -43.41 -16.57 -7.89
C THR A 31 -42.65 -15.46 -8.61
N MET A 32 -42.84 -14.23 -8.16
CA MET A 32 -42.17 -13.09 -8.77
C MET A 32 -41.06 -12.55 -7.87
N ASN A 33 -40.13 -11.80 -8.46
CA ASN A 33 -39.02 -11.25 -7.72
C ASN A 33 -38.85 -9.76 -8.01
N ARG A 34 -38.26 -9.03 -7.07
CA ARG A 34 -38.05 -7.60 -7.22
C ARG A 34 -37.07 -7.07 -6.19
N ALA A 35 -36.21 -6.14 -6.61
CA ALA A 35 -35.22 -5.56 -5.71
C ALA A 35 -34.55 -4.35 -6.36
N GLU A 36 -34.20 -3.37 -5.53
CA GLU A 36 -33.55 -2.15 -6.01
C GLU A 36 -32.34 -1.80 -5.14
N ASN A 37 -31.29 -1.31 -5.79
CA ASN A 37 -30.07 -0.93 -5.08
C ASN A 37 -29.78 0.56 -5.26
N GLY A 38 -29.02 1.13 -4.33
CA GLY A 38 -28.68 2.54 -4.40
C GLY A 38 -27.22 2.76 -4.76
N GLY A 39 -26.60 3.74 -4.10
CA GLY A 39 -25.20 4.04 -4.37
C GLY A 39 -24.92 5.52 -4.32
N ARG A 40 -24.24 5.96 -3.26
CA ARG A 40 -23.91 7.37 -3.10
C ARG A 40 -22.58 7.69 -3.78
N PRO A 41 -22.35 8.99 -4.06
CA PRO A 41 -21.12 9.45 -4.71
C PRO A 41 -19.91 9.33 -3.80
N PRO A 42 -18.71 9.48 -4.39
CA PRO A 42 -17.45 9.40 -3.65
C PRO A 42 -17.25 10.57 -2.71
N HIS A 43 -16.60 10.31 -1.57
CA HIS A 43 -16.35 11.35 -0.58
C HIS A 43 -14.96 11.97 -0.78
N HIS A 44 -14.82 13.23 -0.39
CA HIS A 44 -13.54 13.93 -0.53
C HIS A 44 -12.99 14.33 0.83
N PRO A 45 -12.54 13.33 1.61
CA PRO A 45 -11.98 13.56 2.95
C PRO A 45 -10.63 14.27 2.90
N PHE A 46 -9.97 14.35 4.05
CA PHE A 46 -8.67 15.01 4.13
C PHE A 46 -7.54 14.02 3.86
N GLU A 47 -6.40 14.53 3.41
CA GLU A 47 -5.25 13.68 3.10
C GLU A 47 -4.03 14.13 3.92
N THR A 48 -3.13 13.19 4.16
CA THR A 48 -1.92 13.46 4.92
C THR A 48 -0.75 12.61 4.45
N LYS A 49 0.08 13.18 3.59
CA LYS A 49 1.24 12.46 3.06
C LYS A 49 2.33 12.33 4.11
N ASP A 50 3.19 11.33 3.96
CA ASP A 50 4.27 11.10 4.90
C ASP A 50 5.49 10.54 4.19
N VAL A 51 6.63 11.23 4.31
CA VAL A 51 7.87 10.79 3.68
C VAL A 51 9.08 11.47 4.32
N SER A 52 10.18 10.74 4.41
CA SER A 52 11.40 11.26 5.00
C SER A 52 11.13 11.83 6.39
N GLU A 53 10.56 11.00 7.26
CA GLU A 53 10.25 11.43 8.62
C GLU A 53 11.23 10.82 9.62
N TYR A 54 11.31 11.44 10.80
CA TYR A 54 12.21 10.95 11.84
C TYR A 54 11.53 9.91 12.71
N SER A 55 12.24 8.81 12.97
CA SER A 55 11.71 7.72 13.78
C SER A 55 10.49 7.09 13.12
N CYS A 56 10.15 5.88 13.55
CA CYS A 56 9.00 5.17 13.00
C CYS A 56 7.69 5.76 13.49
N ARG A 57 6.91 6.31 12.57
CA ARG A 57 5.63 6.93 12.91
C ARG A 57 4.49 5.97 12.63
N GLU A 58 3.48 5.97 13.51
CA GLU A 58 2.32 5.10 13.37
C GLU A 58 1.27 5.75 12.49
N LEU A 59 1.01 5.14 11.32
CA LEU A 59 0.03 5.67 10.39
C LEU A 59 -1.38 5.18 10.75
N HIS A 60 -2.34 6.07 10.65
CA HIS A 60 -3.74 5.73 10.95
C HIS A 60 -4.64 5.95 9.75
N PHE A 61 -5.51 4.99 9.49
CA PHE A 61 -6.43 5.07 8.36
C PHE A 61 -7.88 4.87 8.81
N THR A 62 -8.74 5.81 8.45
CA THR A 62 -10.15 5.74 8.81
C THR A 62 -11.01 5.41 7.61
N ARG A 63 -12.19 4.84 7.87
CA ARG A 63 -13.11 4.48 6.80
C ARG A 63 -14.39 3.86 7.36
N TYR A 64 -15.49 4.02 6.64
CA TYR A 64 -16.78 3.49 7.07
C TYR A 64 -16.99 2.08 6.53
N VAL A 65 -17.41 1.17 7.39
CA VAL A 65 -17.66 -0.21 7.00
C VAL A 65 -19.15 -0.52 6.95
N THR A 66 -19.58 -1.18 5.88
CA THR A 66 -20.98 -1.53 5.71
C THR A 66 -21.14 -2.87 4.99
N ASP A 67 -22.01 -3.72 5.52
CA ASP A 67 -22.24 -5.03 4.93
C ASP A 67 -23.73 -5.34 4.88
N GLY A 68 -24.32 -5.17 3.70
CA GLY A 68 -25.74 -5.44 3.53
C GLY A 68 -26.57 -4.17 3.62
N PRO A 69 -27.87 -4.34 3.93
CA PRO A 69 -28.80 -3.21 4.06
C PRO A 69 -28.51 -2.34 5.28
N CYS A 70 -27.58 -2.80 6.12
CA CYS A 70 -27.22 -2.07 7.32
C CYS A 70 -25.88 -1.35 7.13
N ARG A 71 -25.57 -0.45 8.05
CA ARG A 71 -24.33 0.31 7.99
C ARG A 71 -23.75 0.54 9.39
N SER A 72 -22.43 0.54 9.49
CA SER A 72 -21.76 0.75 10.76
C SER A 72 -22.22 2.05 11.41
N ALA A 73 -22.19 2.10 12.74
CA ALA A 73 -22.59 3.28 13.48
C ALA A 73 -21.49 4.34 13.46
N LYS A 74 -20.25 3.88 13.43
CA LYS A 74 -19.10 4.80 13.40
C LYS A 74 -17.97 4.22 12.57
N PRO A 75 -17.05 5.10 12.13
CA PRO A 75 -15.90 4.70 11.32
C PRO A 75 -14.88 3.87 12.11
N VAL A 76 -14.01 3.18 11.39
CA VAL A 76 -12.99 2.35 12.03
C VAL A 76 -11.59 2.84 11.66
N THR A 77 -10.78 3.11 12.68
CA THR A 77 -9.42 3.59 12.47
C THR A 77 -8.42 2.46 12.62
N GLU A 78 -7.75 2.11 11.53
CA GLU A 78 -6.76 1.03 11.54
C GLU A 78 -5.35 1.60 11.60
N LEU A 79 -4.46 0.92 12.33
CA LEU A 79 -3.08 1.36 12.47
C LEU A 79 -2.19 0.68 11.44
N VAL A 80 -1.08 1.32 11.12
CA VAL A 80 -0.13 0.78 10.14
C VAL A 80 1.31 1.07 10.54
N CYS A 81 2.22 0.25 10.06
CA CYS A 81 3.64 0.42 10.37
C CYS A 81 4.36 1.15 9.24
N SER A 82 4.99 2.27 9.57
CA SER A 82 5.71 3.07 8.59
C SER A 82 6.78 3.93 9.26
N GLY A 83 7.89 4.15 8.55
CA GLY A 83 8.96 4.95 9.09
C GLY A 83 10.17 4.12 9.47
N GLN A 84 11.15 4.76 10.11
CA GLN A 84 12.36 4.06 10.52
C GLN A 84 12.97 4.71 11.76
N CYS A 85 13.47 3.88 12.68
CA CYS A 85 14.07 4.37 13.91
C CYS A 85 15.58 4.50 13.76
N GLY A 86 16.08 5.72 13.95
CA GLY A 86 17.52 5.94 13.83
C GLY A 86 18.04 6.88 14.91
N PRO A 87 19.37 6.95 15.04
CA PRO A 87 20.01 7.81 16.03
C PRO A 87 19.88 9.29 15.69
N ALA A 88 19.86 10.13 16.72
CA ALA A 88 19.75 11.57 16.53
C ALA A 88 20.71 12.33 17.44
N ARG A 89 21.90 12.61 16.91
CA ARG A 89 22.92 13.32 17.67
C ARG A 89 23.55 14.43 16.84
N LEU A 90 23.91 15.52 17.49
CA LEU A 90 24.52 16.66 16.81
C LEU A 90 25.48 17.41 17.74
N LEU A 91 26.72 16.96 17.77
CA LEU A 91 27.74 17.59 18.61
C LEU A 91 27.86 19.08 18.30
N PRO A 92 28.45 19.84 19.24
CA PRO A 92 28.65 21.28 19.08
C PRO A 92 29.71 21.60 18.03
N ASN A 93 30.54 20.62 17.72
CA ASN A 93 31.61 20.80 16.73
C ASN A 93 32.31 19.47 16.44
N ALA A 94 31.88 18.81 15.38
CA ALA A 94 32.48 17.53 14.99
C ALA A 94 32.43 17.34 13.48
N ILE A 95 33.39 17.95 12.79
CA ILE A 95 33.46 17.85 11.33
C ILE A 95 34.56 16.89 10.90
N GLY A 96 35.61 16.77 11.73
CA GLY A 96 36.70 15.89 11.42
C GLY A 96 37.48 16.32 10.20
N ARG A 97 37.42 15.50 9.14
CA ARG A 97 38.12 15.81 7.90
C ARG A 97 37.31 15.34 6.69
N GLY A 98 37.12 14.03 6.59
CA GLY A 98 36.37 13.47 5.49
C GLY A 98 35.01 12.96 5.91
N LYS A 99 33.98 13.76 5.70
CA LYS A 99 32.61 13.38 6.06
C LYS A 99 31.72 13.33 4.83
N TRP A 100 30.50 12.84 5.01
CA TRP A 100 29.54 12.75 3.92
C TRP A 100 28.12 12.94 4.42
N TRP A 101 27.26 13.51 3.58
CA TRP A 101 25.87 13.74 3.95
C TRP A 101 25.00 12.53 3.59
N ARG A 102 25.41 11.80 2.57
CA ARG A 102 24.68 10.61 2.13
C ARG A 102 24.49 9.63 3.29
N PRO A 103 23.52 8.73 3.15
CA PRO A 103 23.22 7.72 4.16
C PRO A 103 24.31 6.66 4.28
N SER A 104 24.17 5.77 5.26
CA SER A 104 25.15 4.71 5.48
C SER A 104 24.49 3.35 5.40
N GLY A 105 25.06 2.46 4.58
CA GLY A 105 24.52 1.13 4.43
C GLY A 105 23.05 1.13 4.07
N PRO A 106 22.40 -0.04 4.16
CA PRO A 106 20.98 -0.19 3.85
C PRO A 106 20.09 0.49 4.89
N ASP A 107 18.95 1.00 4.43
CA ASP A 107 18.00 1.67 5.32
C ASP A 107 17.29 0.65 6.21
N PHE A 108 17.19 0.97 7.50
CA PHE A 108 16.53 0.09 8.46
C PHE A 108 15.06 -0.07 8.12
N ARG A 109 14.31 -0.70 9.02
CA ARG A 109 12.89 -0.92 8.82
C ARG A 109 12.17 -1.06 10.16
N CYS A 110 10.90 -1.43 10.09
CA CYS A 110 10.08 -1.59 11.30
C CYS A 110 9.33 -2.91 11.26
N ILE A 111 9.13 -3.51 12.43
CA ILE A 111 8.41 -4.78 12.54
C ILE A 111 7.04 -4.58 13.15
N PRO A 112 6.11 -5.50 12.83
CA PRO A 112 4.74 -5.45 13.35
C PRO A 112 4.66 -5.75 14.84
N ASP A 113 3.48 -5.57 15.41
CA ASP A 113 3.27 -5.82 16.84
C ASP A 113 1.90 -6.40 17.10
N ARG A 114 1.52 -6.49 18.37
CA ARG A 114 0.23 -7.04 18.75
C ARG A 114 -0.89 -6.38 17.96
N TYR A 115 -1.91 -7.17 17.59
CA TYR A 115 -3.04 -6.66 16.83
C TYR A 115 -4.24 -6.42 17.74
N ARG A 116 -5.31 -5.85 17.16
CA ARG A 116 -6.52 -5.57 17.92
C ARG A 116 -7.76 -5.73 17.05
N ALA A 117 -8.59 -6.71 17.38
CA ALA A 117 -9.81 -6.95 16.61
C ALA A 117 -10.99 -6.20 17.21
N GLN A 118 -11.42 -5.14 16.52
CA GLN A 118 -12.55 -4.34 17.00
C GLN A 118 -13.84 -4.73 16.27
N ARG A 119 -14.87 -5.03 17.04
CA ARG A 119 -16.16 -5.42 16.48
C ARG A 119 -17.06 -4.21 16.29
N VAL A 120 -17.49 -3.98 15.06
CA VAL A 120 -18.36 -2.85 14.74
C VAL A 120 -19.82 -3.27 14.73
N GLN A 121 -20.69 -2.38 15.17
CA GLN A 121 -22.12 -2.66 15.22
C GLN A 121 -22.84 -1.94 14.08
N LEU A 122 -23.34 -2.71 13.12
CA LEU A 122 -24.05 -2.16 11.97
C LEU A 122 -25.55 -2.05 12.27
N LEU A 123 -26.14 -0.94 11.85
CA LEU A 123 -27.57 -0.71 12.07
C LEU A 123 -28.32 -0.66 10.74
N CYS A 124 -29.59 -1.04 10.78
CA CYS A 124 -30.42 -1.04 9.57
C CYS A 124 -31.53 0.01 9.68
N PRO A 125 -31.97 0.52 8.52
CA PRO A 125 -33.02 1.55 8.45
C PRO A 125 -34.39 0.99 8.84
N GLY A 126 -34.56 0.72 10.13
CA GLY A 126 -35.83 0.19 10.60
C GLY A 126 -36.35 -0.94 9.75
N GLY A 127 -35.86 -2.16 10.01
CA GLY A 127 -36.28 -3.31 9.25
C GLY A 127 -35.75 -4.61 9.82
N GLU A 128 -34.42 -4.73 9.86
CA GLU A 128 -33.79 -5.93 10.38
C GLU A 128 -32.83 -5.60 11.52
N ALA A 129 -32.57 -6.57 12.38
CA ALA A 129 -31.67 -6.38 13.52
C ALA A 129 -30.30 -5.91 13.06
N PRO A 130 -29.55 -5.31 13.98
CA PRO A 130 -28.20 -4.79 13.69
C PRO A 130 -27.19 -5.91 13.46
N ARG A 131 -26.23 -5.67 12.56
CA ARG A 131 -25.22 -6.65 12.24
C ARG A 131 -23.93 -6.38 13.01
N ALA A 132 -22.98 -7.29 12.92
CA ALA A 132 -21.70 -7.16 13.60
C ALA A 132 -20.53 -7.55 12.70
N ARG A 133 -19.61 -6.62 12.50
CA ARG A 133 -18.45 -6.88 11.65
C ARG A 133 -17.15 -6.73 12.45
N LYS A 134 -16.42 -7.82 12.58
CA LYS A 134 -15.16 -7.81 13.32
C LYS A 134 -13.98 -7.53 12.38
N VAL A 135 -13.27 -6.43 12.66
CA VAL A 135 -12.12 -6.05 11.85
C VAL A 135 -10.82 -6.15 12.65
N ARG A 136 -9.87 -6.91 12.11
CA ARG A 136 -8.58 -7.09 12.78
C ARG A 136 -7.57 -6.06 12.29
N LEU A 137 -7.31 -5.05 13.12
CA LEU A 137 -6.35 -4.01 12.77
C LEU A 137 -5.19 -3.97 13.76
N VAL A 138 -4.01 -3.61 13.27
CA VAL A 138 -2.83 -3.53 14.11
C VAL A 138 -3.09 -2.68 15.35
N ALA A 139 -2.56 -3.11 16.48
CA ALA A 139 -2.73 -2.40 17.74
C ALA A 139 -1.46 -1.67 18.13
N SER A 140 -0.31 -2.26 17.81
CA SER A 140 0.99 -1.67 18.13
C SER A 140 1.97 -1.87 17.00
N CYS A 141 3.13 -1.24 17.11
CA CYS A 141 4.17 -1.34 16.09
C CYS A 141 5.55 -1.08 16.68
N LYS A 142 6.54 -1.84 16.23
CA LYS A 142 7.91 -1.71 16.71
C LYS A 142 8.86 -1.38 15.57
N CYS A 143 9.96 -0.71 15.90
CA CYS A 143 10.96 -0.34 14.90
C CYS A 143 12.29 -1.02 15.17
N LYS A 144 12.68 -1.93 14.30
CA LYS A 144 13.93 -2.66 14.44
C LYS A 144 14.54 -2.99 13.09
N ARG A 145 15.85 -3.15 13.05
CA ARG A 145 16.55 -3.47 11.81
C ARG A 145 16.54 -4.97 11.55
N LEU A 146 16.15 -5.35 10.34
CA LEU A 146 16.09 -6.76 9.96
C LEU A 146 15.74 -6.91 8.48
N THR A 147 15.56 -8.15 8.05
CA THR A 147 15.21 -8.44 6.66
C THR A 147 13.92 -9.25 6.56
N ARG A 148 13.60 -9.68 5.35
CA ARG A 148 12.40 -10.46 5.12
C ARG A 148 12.67 -11.96 5.31
N PHE A 149 11.62 -12.71 5.64
CA PHE A 149 11.75 -14.14 5.84
C PHE A 149 10.39 -14.77 6.16
N HIS A 150 10.06 -15.83 5.43
CA HIS A 150 8.78 -16.52 5.63
C HIS A 150 8.68 -17.74 4.71
N ASN A 151 7.72 -18.60 4.99
CA ASN A 151 7.51 -19.80 4.19
C ASN A 151 6.07 -19.90 3.70
N GLN A 152 5.75 -20.99 3.01
CA GLN A 152 4.41 -21.19 2.50
C GLN A 152 3.65 -22.23 3.32
N SER A 153 4.10 -23.48 3.25
CA SER A 153 3.46 -24.57 3.99
C SER A 153 2.02 -24.77 3.54
N GLU A 154 1.79 -25.83 2.76
CA GLU A 154 0.46 -26.13 2.27
C GLU A 154 0.25 -27.63 2.14
N LEU A 155 -0.95 -28.09 2.47
CA LEU A 155 -1.28 -29.51 2.40
C LEU A 155 -2.77 -29.72 2.12
N LYS A 156 -3.17 -30.97 2.01
CA LYS A 156 -4.56 -31.31 1.74
C LYS A 156 -4.90 -32.71 2.25
N ASP A 157 -6.17 -33.09 2.15
CA ASP A 157 -6.61 -34.40 2.59
C ASP A 157 -7.90 -34.81 1.87
N PHE A 158 -8.10 -36.11 1.73
CA PHE A 158 -9.29 -36.63 1.06
C PHE A 158 -9.91 -37.77 1.86
N GLY A 159 -11.10 -37.53 2.40
CA GLY A 159 -11.78 -38.55 3.18
C GLY A 159 -13.29 -38.42 3.12
N THR A 160 -13.97 -39.51 2.75
CA THR A 160 -15.42 -39.51 2.64
C THR A 160 -15.96 -40.93 2.55
N GLU A 161 -17.13 -41.15 3.14
CA GLU A 161 -17.75 -42.47 3.12
C GLU A 161 -19.23 -42.38 3.53
N ALA A 162 -20.09 -43.08 2.80
CA ALA A 162 -21.51 -43.08 3.09
C ALA A 162 -22.21 -44.24 2.41
N ALA A 163 -23.16 -44.84 3.11
CA ALA A 163 -23.90 -45.98 2.57
C ALA A 163 -25.17 -46.23 3.37
N ARG A 164 -26.28 -46.47 2.67
CA ARG A 164 -27.56 -46.73 3.32
C ARG A 164 -28.40 -47.70 2.50
N PRO A 165 -27.99 -48.98 2.50
CA PRO A 165 -28.69 -50.03 1.77
C PRO A 165 -30.05 -50.36 2.38
N GLN A 166 -30.96 -50.87 1.55
CA GLN A 166 -32.29 -51.23 2.02
C GLN A 166 -32.60 -52.69 1.70
N LYS A 167 -33.47 -53.29 2.49
CA LYS A 167 -33.86 -54.68 2.29
C LYS A 167 -34.90 -55.11 3.32
N GLY A 168 -35.55 -56.24 3.07
CA GLY A 168 -36.55 -56.75 3.99
C GLY A 168 -37.64 -57.53 3.28
N ARG A 169 -37.39 -58.81 3.07
CA ARG A 169 -38.36 -59.68 2.39
C ARG A 169 -39.04 -60.62 3.37
N LYS A 170 -40.33 -60.84 3.19
CA LYS A 170 -41.09 -61.73 4.07
C LYS A 170 -41.71 -62.87 3.28
N PRO A 171 -42.09 -63.94 3.99
CA PRO A 171 -42.71 -65.12 3.37
C PRO A 171 -44.12 -64.84 2.87
N ARG A 172 -44.70 -65.81 2.18
CA ARG A 172 -46.05 -65.67 1.65
C ARG A 172 -46.98 -66.73 2.23
N PRO A 173 -47.33 -66.56 3.51
CA PRO A 173 -48.23 -67.49 4.22
C PRO A 173 -49.66 -67.42 3.70
N ARG A 174 -50.26 -68.59 3.49
CA ARG A 174 -51.63 -68.65 3.00
C ARG A 174 -52.28 -69.98 3.38
N ALA A 175 -53.56 -69.93 3.75
CA ALA A 175 -54.29 -71.13 4.13
C ALA A 175 -55.76 -71.03 3.73
N ARG A 176 -56.34 -72.16 3.33
CA ARG A 176 -57.73 -72.19 2.92
C ARG A 176 -58.53 -73.17 3.79
N SER A 177 -59.86 -73.08 3.71
CA SER A 177 -60.73 -73.94 4.49
C SER A 177 -62.10 -74.07 3.83
N ALA A 178 -62.88 -75.03 4.29
CA ALA A 178 -64.22 -75.26 3.75
C ALA A 178 -65.03 -76.19 4.64
N LYS A 179 -66.33 -76.26 4.40
CA LYS A 179 -67.21 -77.11 5.19
C LYS A 179 -68.61 -77.17 4.57
N ALA A 180 -69.08 -78.37 4.28
CA ALA A 180 -70.41 -78.56 3.69
C ALA A 180 -70.88 -80.00 3.85
N ASN A 181 -72.12 -80.15 4.31
CA ASN A 181 -72.69 -81.48 4.51
C ASN A 181 -74.21 -81.39 4.70
N GLN A 182 -74.88 -82.54 4.63
CA GLN A 182 -76.33 -82.59 4.78
C GLN A 182 -76.77 -83.97 5.25
N ALA A 183 -77.57 -84.01 6.32
CA ALA A 183 -78.06 -85.25 6.86
C ALA A 183 -79.56 -85.19 7.13
N GLU A 184 -80.21 -86.34 7.12
CA GLU A 184 -81.65 -86.41 7.37
C GLU A 184 -82.01 -87.62 8.21
N LEU A 185 -83.20 -87.60 8.79
CA LEU A 185 -83.66 -88.70 9.63
C LEU A 185 -85.15 -88.97 9.41
N GLU A 186 -85.44 -89.96 8.57
CA GLU A 186 -86.83 -90.31 8.27
C GLU A 186 -87.33 -91.39 9.23
N ASN A 187 -86.72 -92.57 9.15
CA ASN A 187 -87.11 -93.68 10.02
C ASN A 187 -88.60 -93.98 9.88
N ALA A 188 -89.01 -94.41 8.70
CA ALA A 188 -90.40 -94.74 8.44
C ALA A 188 -90.66 -96.24 8.60
N TYR A 189 -91.86 -96.58 9.04
CA TYR A 189 -92.23 -97.98 9.24
C TYR A 189 -93.72 -98.19 8.99
N GLY A 1 2.95 84.63 -117.60
CA GLY A 1 3.11 86.01 -117.14
C GLY A 1 4.54 86.32 -116.76
N TRP A 2 5.33 86.71 -117.75
CA TRP A 2 6.73 87.05 -117.52
C TRP A 2 6.86 88.10 -116.43
N GLN A 3 7.59 87.76 -115.37
CA GLN A 3 7.79 88.68 -114.26
C GLN A 3 9.19 88.50 -113.66
N ALA A 4 10.11 88.00 -114.47
CA ALA A 4 11.49 87.78 -114.02
C ALA A 4 11.53 86.88 -112.79
N PHE A 5 12.73 86.68 -112.25
CA PHE A 5 12.90 85.84 -111.08
C PHE A 5 14.06 86.35 -110.22
N LYS A 6 13.86 86.34 -108.90
CA LYS A 6 14.89 86.80 -107.96
C LYS A 6 15.33 85.67 -107.05
N ASN A 7 15.58 84.50 -107.63
CA ASN A 7 16.01 83.34 -106.87
C ASN A 7 17.25 82.70 -107.50
N ASP A 8 18.42 83.16 -107.09
CA ASP A 8 19.68 82.64 -107.60
C ASP A 8 20.34 81.72 -106.59
N ALA A 9 21.54 81.26 -106.91
CA ALA A 9 22.29 80.36 -106.02
C ALA A 9 22.93 81.14 -104.88
N THR A 10 23.90 80.50 -104.22
CA THR A 10 24.59 81.13 -103.10
C THR A 10 23.63 81.48 -101.97
N GLU A 11 23.23 80.46 -101.21
CA GLU A 11 22.31 80.66 -100.09
C GLU A 11 23.07 80.68 -98.77
N ILE A 12 22.35 81.03 -97.70
CA ILE A 12 22.94 81.09 -96.37
C ILE A 12 22.25 80.14 -95.41
N ILE A 13 22.80 78.93 -95.29
CA ILE A 13 22.23 77.91 -94.41
C ILE A 13 23.28 77.40 -93.42
N PRO A 14 23.62 78.24 -92.44
CA PRO A 14 24.60 77.90 -91.40
C PRO A 14 24.10 76.82 -90.46
N GLU A 15 24.87 76.55 -89.40
CA GLU A 15 24.49 75.54 -88.42
C GLU A 15 25.49 75.51 -87.27
N LEU A 16 25.08 76.04 -86.12
CA LEU A 16 25.93 76.07 -84.94
C LEU A 16 26.11 74.68 -84.35
N GLY A 17 26.89 74.58 -83.29
CA GLY A 17 27.13 73.31 -82.64
C GLY A 17 28.18 73.38 -81.56
N GLU A 18 27.75 73.62 -80.32
CA GLU A 18 28.67 73.72 -79.19
C GLU A 18 28.61 72.46 -78.33
N TYR A 19 29.07 71.35 -78.88
CA TYR A 19 29.06 70.07 -78.16
C TYR A 19 30.47 69.48 -78.09
N PRO A 20 31.35 70.12 -77.30
CA PRO A 20 32.73 69.67 -77.12
C PRO A 20 32.82 68.36 -76.35
N GLU A 21 32.09 68.28 -75.24
CA GLU A 21 32.09 67.08 -74.42
C GLU A 21 31.15 67.23 -73.23
N PRO A 22 30.70 66.09 -72.68
CA PRO A 22 29.79 66.08 -71.53
C PRO A 22 30.46 66.55 -70.24
N PRO A 23 29.65 66.82 -69.21
CA PRO A 23 30.16 67.27 -67.90
C PRO A 23 30.92 66.19 -67.16
N PRO A 24 31.63 66.60 -66.09
CA PRO A 24 32.41 65.67 -65.27
C PRO A 24 31.53 64.72 -64.46
N GLU A 25 32.17 63.83 -63.71
CA GLU A 25 31.45 62.87 -62.87
C GLU A 25 32.40 62.07 -62.00
N LEU A 26 32.48 62.45 -60.72
CA LEU A 26 33.35 61.77 -59.78
C LEU A 26 32.90 62.01 -58.35
N GLU A 27 32.37 60.96 -57.71
CA GLU A 27 31.91 61.06 -56.34
C GLU A 27 31.97 59.71 -55.64
N ASN A 28 31.70 59.70 -54.33
CA ASN A 28 31.74 58.47 -53.55
C ASN A 28 31.16 58.71 -52.16
N ASN A 29 31.08 57.64 -51.37
CA ASN A 29 30.56 57.72 -50.01
C ASN A 29 30.73 56.40 -49.28
N LYS A 30 30.51 56.42 -47.97
CA LYS A 30 30.63 55.22 -47.15
C LYS A 30 30.13 55.47 -45.74
N THR A 31 29.45 54.49 -45.17
CA THR A 31 28.91 54.60 -43.81
C THR A 31 28.17 53.34 -43.40
N MET A 32 28.56 52.77 -42.27
CA MET A 32 27.94 51.56 -41.76
C MET A 32 28.33 51.30 -40.31
N ASN A 33 27.50 50.54 -39.60
CA ASN A 33 27.76 50.22 -38.20
C ASN A 33 26.74 49.24 -37.66
N ARG A 34 27.14 48.45 -36.67
CA ARG A 34 26.26 47.46 -36.07
C ARG A 34 26.82 46.96 -34.75
N ALA A 35 25.99 46.28 -33.96
CA ALA A 35 26.39 45.74 -32.68
C ALA A 35 25.30 44.88 -32.06
N GLU A 36 25.71 43.89 -31.28
CA GLU A 36 24.76 42.99 -30.62
C GLU A 36 25.47 42.06 -29.65
N ASN A 37 24.85 41.82 -28.50
CA ASN A 37 25.42 40.96 -27.48
C ASN A 37 24.35 40.45 -26.53
N GLY A 38 24.66 39.37 -25.82
CA GLY A 38 23.71 38.79 -24.88
C GLY A 38 24.13 37.43 -24.40
N GLY A 39 23.71 37.07 -23.18
CA GLY A 39 24.05 35.78 -22.61
C GLY A 39 24.02 35.79 -21.10
N ARG A 40 22.89 36.15 -20.53
CA ARG A 40 22.73 36.20 -19.08
C ARG A 40 21.43 35.52 -18.65
N PRO A 41 21.38 34.19 -18.80
CA PRO A 41 20.21 33.40 -18.43
C PRO A 41 20.00 33.34 -16.91
N PRO A 42 18.82 32.85 -16.50
CA PRO A 42 18.47 32.73 -15.08
C PRO A 42 19.28 31.65 -14.38
N HIS A 43 18.98 31.41 -13.11
CA HIS A 43 19.67 30.40 -12.32
C HIS A 43 18.69 29.64 -11.42
N HIS A 44 18.70 28.32 -11.52
CA HIS A 44 17.82 27.49 -10.72
C HIS A 44 18.18 26.01 -10.86
N PRO A 45 19.30 25.61 -10.25
CA PRO A 45 19.79 24.23 -10.29
C PRO A 45 18.90 23.29 -9.49
N PHE A 46 19.35 22.04 -9.35
CA PHE A 46 18.60 21.03 -8.61
C PHE A 46 19.23 20.77 -7.24
N GLU A 47 18.68 19.82 -6.52
CA GLU A 47 19.18 19.46 -5.20
C GLU A 47 18.72 18.07 -4.79
N THR A 48 19.26 17.58 -3.68
CA THR A 48 18.91 16.25 -3.17
C THR A 48 18.95 16.22 -1.65
N LYS A 49 17.79 16.05 -1.03
CA LYS A 49 17.70 15.98 0.43
C LYS A 49 17.40 14.56 0.89
N ASP A 50 18.05 14.16 1.98
CA ASP A 50 17.86 12.83 2.54
C ASP A 50 18.29 12.78 3.99
N VAL A 51 17.58 11.98 4.79
CA VAL A 51 17.90 11.84 6.21
C VAL A 51 17.13 10.69 6.82
N SER A 52 17.76 9.98 7.75
CA SER A 52 17.13 8.85 8.42
C SER A 52 17.34 8.92 9.93
N GLU A 53 16.25 9.12 10.66
CA GLU A 53 16.33 9.22 12.12
C GLU A 53 14.97 8.92 12.75
N TYR A 54 14.89 9.07 14.06
CA TYR A 54 13.65 8.82 14.78
C TYR A 54 13.25 7.34 14.68
N SER A 55 12.04 7.03 15.12
CA SER A 55 11.54 5.67 15.08
C SER A 55 10.30 5.57 14.17
N CYS A 56 9.64 4.41 14.21
CA CYS A 56 8.45 4.19 13.39
C CYS A 56 7.26 4.96 13.96
N ARG A 57 6.73 5.88 13.17
CA ARG A 57 5.58 6.68 13.59
C ARG A 57 4.28 5.91 13.41
N GLU A 58 3.38 6.05 14.37
CA GLU A 58 2.09 5.36 14.32
C GLU A 58 1.09 6.14 13.48
N LEU A 59 0.68 5.54 12.36
CA LEU A 59 -0.28 6.17 11.46
C LEU A 59 -1.70 5.73 11.78
N HIS A 60 -2.60 6.70 11.91
CA HIS A 60 -4.00 6.42 12.21
C HIS A 60 -4.90 6.81 11.05
N PHE A 61 -5.54 5.82 10.43
CA PHE A 61 -6.42 6.06 9.30
C PHE A 61 -7.86 5.66 9.64
N THR A 62 -8.80 6.54 9.32
CA THR A 62 -10.21 6.28 9.58
C THR A 62 -10.96 5.91 8.30
N ARG A 63 -12.09 5.24 8.46
CA ARG A 63 -12.90 4.83 7.32
C ARG A 63 -14.20 4.17 7.78
N TYR A 64 -15.25 4.33 6.99
CA TYR A 64 -16.54 3.75 7.31
C TYR A 64 -16.70 2.36 6.70
N VAL A 65 -16.93 1.37 7.54
CA VAL A 65 -17.09 -0.01 7.08
C VAL A 65 -18.56 -0.33 6.82
N THR A 66 -18.80 -1.12 5.79
CA THR A 66 -20.16 -1.51 5.42
C THR A 66 -20.18 -2.89 4.75
N ASP A 67 -21.03 -3.77 5.27
CA ASP A 67 -21.15 -5.12 4.71
C ASP A 67 -22.61 -5.52 4.58
N GLY A 68 -23.10 -5.57 3.35
CA GLY A 68 -24.48 -5.94 3.11
C GLY A 68 -25.42 -4.74 3.13
N PRO A 69 -26.71 -5.00 3.37
CA PRO A 69 -27.73 -3.95 3.41
C PRO A 69 -27.57 -3.03 4.62
N CYS A 70 -26.67 -3.40 5.52
CA CYS A 70 -26.42 -2.61 6.72
C CYS A 70 -25.13 -1.81 6.60
N ARG A 71 -25.03 -0.73 7.38
CA ARG A 71 -23.86 0.12 7.35
C ARG A 71 -23.43 0.51 8.76
N SER A 72 -22.12 0.58 8.98
CA SER A 72 -21.58 0.93 10.28
C SER A 72 -22.13 2.27 10.76
N ALA A 73 -22.40 2.37 12.07
CA ALA A 73 -22.93 3.59 12.65
C ALA A 73 -21.82 4.62 12.87
N LYS A 74 -20.60 4.14 13.01
CA LYS A 74 -19.45 5.02 13.22
C LYS A 74 -18.23 4.51 12.47
N PRO A 75 -17.25 5.40 12.26
CA PRO A 75 -16.01 5.06 11.56
C PRO A 75 -15.12 4.13 12.38
N VAL A 76 -14.13 3.53 11.71
CA VAL A 76 -13.20 2.62 12.39
C VAL A 76 -11.78 3.17 12.35
N THR A 77 -11.10 3.09 13.49
CA THR A 77 -9.73 3.59 13.59
C THR A 77 -8.73 2.49 13.27
N GLU A 78 -8.08 2.61 12.12
CA GLU A 78 -7.09 1.63 11.69
C GLU A 78 -5.67 2.12 11.97
N LEU A 79 -4.84 1.22 12.48
CA LEU A 79 -3.46 1.56 12.80
C LEU A 79 -2.51 0.98 11.75
N VAL A 80 -1.83 1.85 11.02
CA VAL A 80 -0.88 1.43 10.00
C VAL A 80 0.56 1.54 10.50
N CYS A 81 1.42 0.65 10.01
CA CYS A 81 2.83 0.66 10.41
C CYS A 81 3.68 1.35 9.35
N SER A 82 4.37 2.41 9.77
CA SER A 82 5.23 3.16 8.86
C SER A 82 6.25 4.00 9.63
N GLY A 83 7.24 4.53 8.93
CA GLY A 83 8.26 5.33 9.56
C GLY A 83 9.67 4.86 9.26
N GLN A 84 10.45 5.71 8.60
CA GLN A 84 11.82 5.36 8.25
C GLN A 84 12.75 5.50 9.45
N CYS A 85 13.26 4.38 9.94
CA CYS A 85 14.17 4.39 11.09
C CYS A 85 15.13 3.20 11.02
N GLY A 86 16.09 3.18 11.93
CA GLY A 86 17.06 2.10 11.96
C GLY A 86 18.30 2.45 12.78
N PRO A 87 19.14 3.32 12.21
CA PRO A 87 20.39 3.75 12.87
C PRO A 87 20.11 4.65 14.07
N ALA A 88 18.85 5.02 14.26
CA ALA A 88 18.46 5.89 15.37
C ALA A 88 17.28 5.29 16.13
N ARG A 89 17.58 4.47 17.14
CA ARG A 89 16.53 3.83 17.94
C ARG A 89 15.72 4.88 18.70
N LEU A 90 14.88 4.41 19.60
CA LEU A 90 14.03 5.30 20.40
C LEU A 90 14.88 6.34 21.13
N LEU A 91 14.70 7.60 20.77
CA LEU A 91 15.45 8.69 21.40
C LEU A 91 15.04 8.85 22.86
N PRO A 92 15.91 9.52 23.64
CA PRO A 92 15.66 9.75 25.07
C PRO A 92 14.53 10.75 25.30
N ASN A 93 14.47 11.77 24.44
CA ASN A 93 13.44 12.80 24.57
C ASN A 93 12.44 12.69 23.41
N ALA A 94 12.93 12.26 22.26
CA ALA A 94 12.08 12.10 21.08
C ALA A 94 11.49 13.45 20.66
N ILE A 95 12.15 14.10 19.69
CA ILE A 95 11.71 15.39 19.20
C ILE A 95 11.46 15.34 17.69
N GLY A 96 11.01 16.46 17.14
CA GLY A 96 10.74 16.53 15.71
C GLY A 96 9.26 16.58 15.40
N ARG A 97 8.91 17.02 14.20
CA ARG A 97 7.52 17.13 13.78
C ARG A 97 7.42 17.43 12.29
N GLY A 98 7.82 16.48 11.46
CA GLY A 98 7.77 16.67 10.02
C GLY A 98 7.34 15.41 9.29
N LYS A 99 6.19 15.47 8.63
CA LYS A 99 5.67 14.33 7.88
C LYS A 99 5.71 14.61 6.38
N TRP A 100 5.77 13.53 5.60
CA TRP A 100 5.81 13.65 4.15
C TRP A 100 4.60 12.97 3.51
N TRP A 101 4.64 12.84 2.18
CA TRP A 101 3.55 12.21 1.45
C TRP A 101 3.99 10.87 0.86
N ARG A 102 4.95 10.94 -0.07
CA ARG A 102 5.46 9.74 -0.72
C ARG A 102 6.65 9.18 0.05
N PRO A 103 6.95 7.89 -0.20
CA PRO A 103 8.07 7.20 0.46
C PRO A 103 9.43 7.72 0.00
N SER A 104 10.49 7.13 0.53
CA SER A 104 11.84 7.52 0.16
C SER A 104 12.85 6.45 0.59
N GLY A 105 13.13 5.53 -0.32
CA GLY A 105 14.08 4.46 -0.04
C GLY A 105 13.63 3.12 -0.58
N PRO A 106 14.56 2.16 -0.63
CA PRO A 106 14.27 0.81 -1.13
C PRO A 106 13.36 0.02 -0.21
N ASP A 107 13.67 0.03 1.08
CA ASP A 107 12.88 -0.68 2.07
C ASP A 107 12.80 0.11 3.38
N PHE A 108 12.12 -0.46 4.37
CA PHE A 108 11.97 0.19 5.66
C PHE A 108 12.11 -0.81 6.80
N ARG A 109 12.73 -0.37 7.89
CA ARG A 109 12.93 -1.24 9.05
C ARG A 109 11.79 -1.10 10.04
N CYS A 110 10.99 -2.15 10.18
CA CYS A 110 9.87 -2.14 11.10
C CYS A 110 9.15 -3.49 11.09
N ILE A 111 8.91 -4.02 12.29
CA ILE A 111 8.23 -5.31 12.42
C ILE A 111 6.85 -5.14 13.05
N PRO A 112 5.89 -5.96 12.60
CA PRO A 112 4.52 -5.92 13.10
C PRO A 112 4.41 -6.42 14.54
N ASP A 113 3.53 -5.80 15.31
CA ASP A 113 3.33 -6.18 16.71
C ASP A 113 1.93 -6.75 16.93
N ARG A 114 1.56 -6.94 18.18
CA ARG A 114 0.25 -7.48 18.52
C ARG A 114 -0.86 -6.72 17.79
N TYR A 115 -1.94 -7.43 17.49
CA TYR A 115 -3.07 -6.82 16.79
C TYR A 115 -4.24 -6.57 17.75
N ARG A 116 -5.29 -5.94 17.23
CA ARG A 116 -6.46 -5.63 18.03
C ARG A 116 -7.74 -5.86 17.23
N ALA A 117 -8.56 -6.80 17.70
CA ALA A 117 -9.82 -7.11 17.03
C ALA A 117 -10.98 -6.34 17.64
N GLN A 118 -11.46 -5.33 16.92
CA GLN A 118 -12.57 -4.51 17.40
C GLN A 118 -13.88 -4.94 16.75
N ARG A 119 -14.99 -4.73 17.46
CA ARG A 119 -16.30 -5.10 16.95
C ARG A 119 -17.08 -3.85 16.53
N VAL A 120 -17.50 -3.83 15.28
CA VAL A 120 -18.27 -2.70 14.74
C VAL A 120 -19.76 -3.01 14.67
N GLN A 121 -20.59 -2.00 14.89
CA GLN A 121 -22.03 -2.19 14.85
C GLN A 121 -22.62 -1.59 13.57
N LEU A 122 -23.23 -2.44 12.76
CA LEU A 122 -23.83 -2.00 11.50
C LEU A 122 -25.35 -1.95 11.62
N LEU A 123 -25.92 -0.83 11.17
CA LEU A 123 -27.37 -0.64 11.23
C LEU A 123 -28.02 -0.99 9.90
N CYS A 124 -29.22 -1.55 9.96
CA CYS A 124 -29.94 -1.94 8.76
C CYS A 124 -31.23 -1.11 8.60
N PRO A 125 -31.68 -0.95 7.36
CA PRO A 125 -32.90 -0.19 7.05
C PRO A 125 -34.16 -0.89 7.52
N GLY A 126 -35.21 -0.11 7.78
CA GLY A 126 -36.46 -0.67 8.24
C GLY A 126 -36.44 -1.00 9.72
N GLY A 127 -36.92 -2.18 10.07
CA GLY A 127 -36.94 -2.60 11.46
C GLY A 127 -35.87 -3.61 11.78
N GLU A 128 -35.24 -4.16 10.74
CA GLU A 128 -34.19 -5.15 10.92
C GLU A 128 -33.12 -4.63 11.88
N ALA A 129 -32.88 -5.38 12.96
CA ALA A 129 -31.89 -5.00 13.95
C ALA A 129 -30.49 -4.95 13.34
N PRO A 130 -29.57 -4.24 14.01
CA PRO A 130 -28.19 -4.10 13.55
C PRO A 130 -27.41 -5.41 13.67
N ARG A 131 -26.14 -5.37 13.26
CA ARG A 131 -25.30 -6.55 13.30
C ARG A 131 -23.94 -6.21 13.91
N ALA A 132 -23.05 -7.21 13.98
CA ALA A 132 -21.73 -7.01 14.55
C ALA A 132 -20.66 -7.57 13.62
N ARG A 133 -19.67 -6.75 13.28
CA ARG A 133 -18.59 -7.16 12.39
C ARG A 133 -17.23 -6.93 13.06
N LYS A 134 -16.46 -8.00 13.21
CA LYS A 134 -15.15 -7.92 13.83
C LYS A 134 -14.09 -7.50 12.81
N VAL A 135 -13.21 -6.58 13.20
CA VAL A 135 -12.16 -6.10 12.32
C VAL A 135 -10.79 -6.29 12.96
N ARG A 136 -9.91 -7.01 12.29
CA ARG A 136 -8.57 -7.27 12.78
C ARG A 136 -7.59 -6.21 12.26
N LEU A 137 -7.21 -5.29 13.13
CA LEU A 137 -6.28 -4.23 12.76
C LEU A 137 -5.08 -4.20 13.70
N VAL A 138 -3.92 -3.83 13.17
CA VAL A 138 -2.70 -3.76 13.95
C VAL A 138 -2.91 -2.94 15.24
N ALA A 139 -2.32 -3.41 16.33
CA ALA A 139 -2.45 -2.72 17.61
C ALA A 139 -1.16 -2.00 17.97
N SER A 140 -0.03 -2.60 17.61
CA SER A 140 1.28 -2.00 17.90
C SER A 140 2.27 -2.30 16.78
N CYS A 141 3.47 -1.75 16.90
CA CYS A 141 4.51 -1.94 15.90
C CYS A 141 5.86 -1.50 16.43
N LYS A 142 6.90 -2.29 16.15
CA LYS A 142 8.25 -1.97 16.59
C LYS A 142 9.16 -1.69 15.40
N CYS A 143 10.21 -0.90 15.64
CA CYS A 143 11.15 -0.55 14.59
C CYS A 143 12.46 -1.32 14.77
N LYS A 144 12.69 -2.28 13.89
CA LYS A 144 13.90 -3.09 13.95
C LYS A 144 14.38 -3.46 12.54
N ARG A 145 15.67 -3.77 12.41
CA ARG A 145 16.24 -4.14 11.13
C ARG A 145 16.65 -5.61 11.12
N LEU A 146 16.11 -6.35 10.17
CA LEU A 146 16.42 -7.78 10.05
C LEU A 146 15.72 -8.38 8.83
N THR A 147 14.49 -7.93 8.57
CA THR A 147 13.73 -8.43 7.43
C THR A 147 13.57 -9.94 7.49
N ARG A 148 13.32 -10.46 8.69
CA ARG A 148 13.16 -11.90 8.88
C ARG A 148 12.05 -12.44 7.97
N PHE A 149 11.92 -13.76 7.94
CA PHE A 149 10.90 -14.41 7.11
C PHE A 149 9.76 -14.93 7.98
N HIS A 150 10.09 -15.75 8.97
CA HIS A 150 9.10 -16.32 9.86
C HIS A 150 8.12 -17.21 9.09
N ASN A 151 7.28 -17.93 9.82
CA ASN A 151 6.30 -18.84 9.22
C ASN A 151 5.09 -19.00 10.12
N GLN A 152 4.23 -19.95 9.76
CA GLN A 152 3.02 -20.21 10.54
C GLN A 152 2.67 -21.70 10.51
N SER A 153 1.82 -22.11 11.44
CA SER A 153 1.41 -23.52 11.52
C SER A 153 -0.09 -23.65 11.23
N GLU A 154 -0.61 -24.85 11.48
CA GLU A 154 -2.03 -25.12 11.24
C GLU A 154 -2.50 -26.32 12.06
N LEU A 155 -3.76 -26.29 12.46
CA LEU A 155 -4.33 -27.38 13.25
C LEU A 155 -5.80 -27.58 12.92
N LYS A 156 -6.24 -28.84 12.94
CA LYS A 156 -7.62 -29.18 12.64
C LYS A 156 -8.31 -29.78 13.86
N ASP A 157 -9.54 -30.27 13.66
CA ASP A 157 -10.31 -30.87 14.73
C ASP A 157 -11.47 -31.69 14.18
N PHE A 158 -11.87 -32.72 14.93
CA PHE A 158 -12.97 -33.59 14.52
C PHE A 158 -13.98 -33.77 15.64
N GLY A 159 -15.07 -33.02 15.57
CA GLY A 159 -16.10 -33.10 16.59
C GLY A 159 -17.07 -34.24 16.33
N THR A 160 -18.31 -34.08 16.82
CA THR A 160 -19.33 -35.10 16.65
C THR A 160 -20.73 -34.50 16.75
N GLU A 161 -21.57 -34.79 15.77
CA GLU A 161 -22.94 -34.28 15.76
C GLU A 161 -23.94 -35.39 16.03
N ALA A 162 -24.80 -35.18 17.03
CA ALA A 162 -25.81 -36.16 17.40
C ALA A 162 -27.20 -35.70 16.98
N ALA A 163 -28.15 -36.63 16.96
CA ALA A 163 -29.52 -36.31 16.58
C ALA A 163 -30.50 -37.32 17.18
N ARG A 164 -31.16 -36.94 18.26
CA ARG A 164 -32.12 -37.80 18.93
C ARG A 164 -33.28 -37.00 19.50
N PRO A 165 -34.13 -36.48 18.61
CA PRO A 165 -35.30 -35.68 18.99
C PRO A 165 -36.38 -36.52 19.68
N GLN A 166 -37.53 -35.91 19.91
CA GLN A 166 -38.64 -36.61 20.56
C GLN A 166 -39.97 -36.25 19.90
N LYS A 167 -41.03 -36.94 20.31
CA LYS A 167 -42.36 -36.70 19.76
C LYS A 167 -43.43 -36.83 20.83
N GLY A 168 -44.68 -36.74 20.43
CA GLY A 168 -45.78 -36.85 21.38
C GLY A 168 -47.14 -36.67 20.72
N ARG A 169 -48.19 -37.12 21.40
CA ARG A 169 -49.54 -37.00 20.87
C ARG A 169 -50.50 -36.51 21.95
N LYS A 170 -51.60 -35.90 21.53
CA LYS A 170 -52.60 -35.38 22.46
C LYS A 170 -53.87 -36.23 22.42
N PRO A 171 -54.69 -36.13 23.48
CA PRO A 171 -55.94 -36.88 23.59
C PRO A 171 -56.99 -36.40 22.61
N ARG A 172 -57.79 -37.32 22.08
CA ARG A 172 -58.84 -36.99 21.13
C ARG A 172 -60.00 -36.29 21.83
N PRO A 173 -60.51 -35.21 21.20
CA PRO A 173 -61.63 -34.44 21.75
C PRO A 173 -62.95 -35.21 21.70
N ARG A 174 -63.67 -35.20 22.81
CA ARG A 174 -64.95 -35.90 22.89
C ARG A 174 -66.10 -34.98 22.50
N ALA A 175 -67.30 -35.53 22.44
CA ALA A 175 -68.49 -34.76 22.08
C ALA A 175 -69.74 -35.62 22.17
N ARG A 176 -70.89 -34.96 22.28
CA ARG A 176 -72.17 -35.65 22.36
C ARG A 176 -73.33 -34.69 22.18
N SER A 177 -74.55 -35.23 22.14
CA SER A 177 -75.75 -34.43 21.95
C SER A 177 -77.01 -35.26 22.14
N ALA A 178 -78.08 -34.61 22.57
CA ALA A 178 -79.35 -35.30 22.80
C ALA A 178 -80.53 -34.36 22.55
N LYS A 179 -81.72 -34.93 22.49
CA LYS A 179 -82.93 -34.14 22.26
C LYS A 179 -84.17 -35.02 22.36
N ALA A 180 -84.88 -34.91 23.47
CA ALA A 180 -86.10 -35.69 23.70
C ALA A 180 -87.05 -34.96 24.65
N ASN A 181 -88.31 -34.83 24.21
CA ASN A 181 -89.31 -34.15 25.03
C ASN A 181 -90.70 -34.69 24.72
N GLN A 182 -91.71 -34.15 25.42
CA GLN A 182 -93.09 -34.58 25.22
C GLN A 182 -94.06 -33.66 25.94
N ALA A 183 -95.19 -33.37 25.30
CA ALA A 183 -96.19 -32.50 25.88
C ALA A 183 -97.47 -32.50 25.05
N GLU A 184 -98.51 -33.14 25.58
CA GLU A 184 -99.79 -33.22 24.88
C GLU A 184 -100.76 -32.16 25.40
N LEU A 185 -101.24 -31.32 24.50
CA LEU A 185 -102.18 -30.26 24.87
C LEU A 185 -103.62 -30.72 24.69
N GLU A 186 -104.03 -31.69 25.49
CA GLU A 186 -105.39 -32.22 25.41
C GLU A 186 -106.31 -31.50 26.40
N ASN A 187 -107.61 -31.74 26.28
CA ASN A 187 -108.60 -31.11 27.14
C ASN A 187 -109.70 -32.10 27.52
N ALA A 188 -110.34 -31.86 28.66
CA ALA A 188 -111.41 -32.73 29.13
C ALA A 188 -112.59 -31.90 29.65
N TYR A 189 -113.73 -32.03 28.99
CA TYR A 189 -114.93 -31.29 29.38
C TYR A 189 -115.61 -31.97 30.56
N GLY A 1 49.20 40.07 -119.31
CA GLY A 1 48.88 38.73 -118.86
C GLY A 1 48.15 38.72 -117.53
N TRP A 2 46.91 38.24 -117.54
CA TRP A 2 46.10 38.17 -116.33
C TRP A 2 46.82 37.39 -115.24
N GLN A 3 46.55 37.74 -113.99
CA GLN A 3 47.18 37.06 -112.85
C GLN A 3 46.16 36.82 -111.74
N ALA A 4 46.11 35.59 -111.23
CA ALA A 4 45.20 35.24 -110.17
C ALA A 4 45.94 34.59 -108.99
N PHE A 5 45.19 34.26 -107.95
CA PHE A 5 45.77 33.65 -106.76
C PHE A 5 44.89 32.52 -106.24
N LYS A 6 44.00 32.03 -107.11
CA LYS A 6 43.09 30.95 -106.74
C LYS A 6 42.26 31.33 -105.52
N ASN A 7 41.41 30.41 -105.07
CA ASN A 7 40.56 30.65 -103.92
C ASN A 7 40.34 29.36 -103.13
N ASP A 8 39.62 29.47 -102.01
CA ASP A 8 39.34 28.32 -101.17
C ASP A 8 37.98 28.47 -100.48
N ALA A 9 37.67 27.52 -99.60
CA ALA A 9 36.41 27.55 -98.87
C ALA A 9 36.44 26.58 -97.69
N THR A 10 36.43 27.14 -96.48
CA THR A 10 36.46 26.32 -95.27
C THR A 10 36.12 27.15 -94.04
N GLU A 11 34.84 27.48 -93.87
CA GLU A 11 34.39 28.28 -92.74
C GLU A 11 33.40 27.49 -91.89
N ILE A 12 32.97 28.10 -90.78
CA ILE A 12 32.01 27.46 -89.90
C ILE A 12 30.70 28.25 -89.83
N ILE A 13 29.72 27.80 -90.62
CA ILE A 13 28.42 28.46 -90.67
C ILE A 13 27.29 27.44 -90.53
N PRO A 14 27.11 26.93 -89.31
CA PRO A 14 26.06 25.94 -89.02
C PRO A 14 24.66 26.55 -89.07
N GLU A 15 23.65 25.69 -89.15
CA GLU A 15 22.27 26.14 -89.22
C GLU A 15 21.84 26.73 -87.88
N LEU A 16 21.59 25.85 -86.90
CA LEU A 16 21.17 26.29 -85.58
C LEU A 16 22.23 25.95 -84.53
N GLY A 17 22.18 26.64 -83.39
CA GLY A 17 23.13 26.40 -82.33
C GLY A 17 22.47 26.23 -80.98
N GLU A 18 21.44 27.05 -80.73
CA GLU A 18 20.72 27.00 -79.46
C GLU A 18 21.66 27.26 -78.29
N TYR A 19 21.10 27.36 -77.09
CA TYR A 19 21.88 27.61 -75.89
C TYR A 19 21.49 26.65 -74.77
N PRO A 20 21.89 25.38 -74.91
CA PRO A 20 21.59 24.34 -73.91
C PRO A 20 22.36 24.54 -72.62
N GLU A 21 21.81 25.37 -71.73
CA GLU A 21 22.44 25.65 -70.45
C GLU A 21 21.43 26.21 -69.45
N PRO A 22 20.49 25.36 -69.03
CA PRO A 22 19.45 25.75 -68.06
C PRO A 22 20.01 26.00 -66.67
N PRO A 23 19.19 26.61 -65.79
CA PRO A 23 19.58 26.91 -64.42
C PRO A 23 19.72 25.65 -63.57
N PRO A 24 20.32 25.81 -62.37
CA PRO A 24 20.53 24.69 -61.44
C PRO A 24 19.22 24.20 -60.83
N GLU A 25 19.13 22.89 -60.64
CA GLU A 25 17.93 22.28 -60.06
C GLU A 25 18.27 21.03 -59.26
N LEU A 26 19.28 21.16 -58.40
CA LEU A 26 19.72 20.04 -57.57
C LEU A 26 19.74 20.43 -56.10
N GLU A 27 18.66 21.04 -55.63
CA GLU A 27 18.56 21.47 -54.25
C GLU A 27 17.25 20.99 -53.63
N ASN A 28 17.22 20.91 -52.30
CA ASN A 28 16.03 20.48 -51.58
C ASN A 28 16.17 20.71 -50.08
N ASN A 29 15.06 21.02 -49.43
CA ASN A 29 15.07 21.28 -47.99
C ASN A 29 13.76 20.81 -47.36
N LYS A 30 13.83 20.46 -46.07
CA LYS A 30 12.65 20.01 -45.35
C LYS A 30 12.95 19.86 -43.86
N THR A 31 11.98 20.21 -43.02
CA THR A 31 12.14 20.13 -41.58
C THR A 31 10.79 20.13 -40.87
N MET A 32 10.81 20.03 -39.55
CA MET A 32 9.59 20.02 -38.75
C MET A 32 9.71 20.95 -37.56
N ASN A 33 8.63 21.07 -36.80
CA ASN A 33 8.61 21.94 -35.63
C ASN A 33 7.80 21.31 -34.50
N ARG A 34 8.04 21.78 -33.28
CA ARG A 34 7.33 21.25 -32.11
C ARG A 34 7.75 22.01 -30.85
N ALA A 35 6.87 21.99 -29.84
CA ALA A 35 7.14 22.67 -28.59
C ALA A 35 6.11 22.29 -27.53
N GLU A 36 6.50 22.41 -26.26
CA GLU A 36 5.61 22.08 -25.15
C GLU A 36 6.18 22.58 -23.83
N ASN A 37 5.35 22.56 -22.79
CA ASN A 37 5.77 23.01 -21.47
C ASN A 37 4.89 22.40 -20.38
N GLY A 38 5.24 22.67 -19.13
CA GLY A 38 4.48 22.13 -18.02
C GLY A 38 5.31 21.98 -16.76
N GLY A 39 4.64 21.72 -15.63
CA GLY A 39 5.35 21.55 -14.38
C GLY A 39 4.66 22.26 -13.22
N ARG A 40 3.78 21.53 -12.53
CA ARG A 40 3.05 22.10 -11.41
C ARG A 40 3.05 21.14 -10.22
N PRO A 41 4.23 20.96 -9.61
CA PRO A 41 4.39 20.07 -8.45
C PRO A 41 3.71 20.61 -7.20
N PRO A 42 3.60 19.75 -6.17
CA PRO A 42 2.97 20.12 -4.90
C PRO A 42 3.81 21.11 -4.11
N HIS A 43 3.19 21.77 -3.14
CA HIS A 43 3.88 22.74 -2.31
C HIS A 43 3.40 22.67 -0.85
N HIS A 44 3.23 21.44 -0.37
CA HIS A 44 2.77 21.22 1.01
C HIS A 44 3.65 20.20 1.72
N PRO A 45 4.88 20.62 2.06
CA PRO A 45 5.84 19.76 2.75
C PRO A 45 5.43 19.47 4.19
N PHE A 46 6.31 18.80 4.92
CA PHE A 46 6.03 18.46 6.32
C PHE A 46 7.31 18.56 7.16
N GLU A 47 7.13 18.74 8.47
CA GLU A 47 8.27 18.85 9.38
C GLU A 47 8.71 17.47 9.86
N THR A 48 9.67 17.46 10.78
CA THR A 48 10.20 16.21 11.32
C THR A 48 9.71 15.98 12.76
N LYS A 49 8.68 15.17 12.91
CA LYS A 49 8.13 14.87 14.22
C LYS A 49 8.71 13.57 14.77
N ASP A 50 8.84 13.50 16.10
CA ASP A 50 9.37 12.32 16.75
C ASP A 50 9.24 12.42 18.27
N VAL A 51 9.35 11.29 18.95
CA VAL A 51 9.24 11.25 20.40
C VAL A 51 9.51 9.85 20.94
N SER A 52 10.06 9.79 22.15
CA SER A 52 10.38 8.51 22.77
C SER A 52 11.37 7.72 21.93
N GLU A 53 12.61 8.19 21.90
CA GLU A 53 13.66 7.53 21.13
C GLU A 53 13.25 7.41 19.66
N TYR A 54 14.11 6.78 18.86
CA TYR A 54 13.85 6.60 17.44
C TYR A 54 12.99 5.35 17.20
N SER A 55 12.07 5.45 16.26
CA SER A 55 11.18 4.34 15.92
C SER A 55 10.24 4.71 14.79
N CYS A 56 9.42 3.75 14.37
CA CYS A 56 8.47 3.97 13.29
C CYS A 56 7.30 4.83 13.77
N ARG A 57 6.44 5.22 12.83
CA ARG A 57 5.28 6.03 13.16
C ARG A 57 3.98 5.25 12.98
N GLU A 58 2.98 5.58 13.78
CA GLU A 58 1.69 4.90 13.71
C GLU A 58 0.73 5.65 12.80
N LEU A 59 0.29 4.99 11.73
CA LEU A 59 -0.63 5.58 10.78
C LEU A 59 -2.04 5.02 10.96
N HIS A 60 -2.93 5.82 11.52
CA HIS A 60 -4.31 5.41 11.74
C HIS A 60 -5.22 5.93 10.63
N PHE A 61 -6.00 5.02 10.04
CA PHE A 61 -6.91 5.39 8.97
C PHE A 61 -8.36 5.20 9.39
N THR A 62 -9.08 6.30 9.53
CA THR A 62 -10.49 6.25 9.94
C THR A 62 -11.41 6.10 8.73
N ARG A 63 -12.23 5.05 8.75
CA ARG A 63 -13.16 4.80 7.66
C ARG A 63 -14.41 4.10 8.17
N TYR A 64 -15.53 4.33 7.48
CA TYR A 64 -16.80 3.73 7.87
C TYR A 64 -17.01 2.39 7.15
N VAL A 65 -17.11 1.32 7.94
CA VAL A 65 -17.31 -0.01 7.38
C VAL A 65 -18.79 -0.33 7.22
N THR A 66 -19.15 -0.95 6.10
CA THR A 66 -20.53 -1.30 5.83
C THR A 66 -20.62 -2.57 4.99
N ASP A 67 -21.45 -3.50 5.43
CA ASP A 67 -21.62 -4.76 4.72
C ASP A 67 -23.11 -5.07 4.52
N GLY A 68 -23.60 -4.81 3.32
CA GLY A 68 -25.00 -5.06 3.02
C GLY A 68 -25.86 -3.82 3.16
N PRO A 69 -27.16 -4.02 3.40
CA PRO A 69 -28.12 -2.92 3.56
C PRO A 69 -27.91 -2.16 4.85
N CYS A 70 -26.99 -2.65 5.68
CA CYS A 70 -26.70 -2.01 6.96
C CYS A 70 -25.39 -1.22 6.88
N ARG A 71 -25.20 -0.32 7.84
CA ARG A 71 -23.99 0.50 7.88
C ARG A 71 -23.52 0.72 9.32
N SER A 72 -22.21 0.77 9.51
CA SER A 72 -21.64 0.96 10.84
C SER A 72 -22.14 2.27 11.46
N ALA A 73 -22.44 2.24 12.75
CA ALA A 73 -22.93 3.41 13.46
C ALA A 73 -21.79 4.40 13.72
N LYS A 74 -20.56 3.88 13.73
CA LYS A 74 -19.39 4.72 13.96
C LYS A 74 -18.21 4.26 13.11
N PRO A 75 -17.22 5.16 12.93
CA PRO A 75 -16.03 4.86 12.15
C PRO A 75 -15.11 3.86 12.83
N VAL A 76 -14.17 3.31 12.07
CA VAL A 76 -13.22 2.33 12.61
C VAL A 76 -11.79 2.79 12.41
N THR A 77 -10.93 2.47 13.38
CA THR A 77 -9.53 2.84 13.33
C THR A 77 -8.70 1.77 12.64
N GLU A 78 -7.87 2.19 11.68
CA GLU A 78 -7.03 1.26 10.95
C GLU A 78 -5.55 1.62 11.14
N LEU A 79 -4.89 0.91 12.05
CA LEU A 79 -3.48 1.14 12.33
C LEU A 79 -2.60 0.49 11.27
N VAL A 80 -1.61 1.24 10.79
CA VAL A 80 -0.70 0.73 9.77
C VAL A 80 0.76 0.97 10.18
N CYS A 81 1.65 0.11 9.68
CA CYS A 81 3.08 0.23 9.98
C CYS A 81 3.81 0.94 8.85
N SER A 82 4.41 2.09 9.17
CA SER A 82 5.14 2.87 8.19
C SER A 82 6.08 3.86 8.88
N GLY A 83 7.21 4.13 8.23
CA GLY A 83 8.18 5.06 8.78
C GLY A 83 9.58 4.49 8.81
N GLN A 84 10.51 5.23 9.40
CA GLN A 84 11.90 4.79 9.48
C GLN A 84 12.57 5.35 10.72
N CYS A 85 13.49 4.58 11.30
CA CYS A 85 14.21 5.00 12.50
C CYS A 85 15.71 4.71 12.36
N GLY A 86 16.50 5.29 13.25
CA GLY A 86 17.94 5.08 13.22
C GLY A 86 18.42 4.23 14.39
N PRO A 87 19.75 4.10 14.51
CA PRO A 87 20.37 3.31 15.58
C PRO A 87 20.20 3.97 16.94
N ALA A 88 19.62 3.24 17.89
CA ALA A 88 19.41 3.76 19.24
C ALA A 88 18.87 2.67 20.16
N ARG A 89 19.79 1.90 20.75
CA ARG A 89 19.41 0.82 21.65
C ARG A 89 20.15 0.93 22.98
N LEU A 90 20.54 2.15 23.33
CA LEU A 90 21.27 2.40 24.57
C LEU A 90 20.36 3.04 25.61
N LEU A 91 19.09 2.61 25.63
CA LEU A 91 18.12 3.12 26.58
C LEU A 91 18.66 3.06 28.00
N PRO A 92 18.11 3.91 28.88
CA PRO A 92 18.51 3.97 30.30
C PRO A 92 18.10 2.72 31.07
N ASN A 93 18.79 1.62 30.83
CA ASN A 93 18.49 0.37 31.51
C ASN A 93 19.43 -0.75 31.05
N ALA A 94 19.80 -0.70 29.77
CA ALA A 94 20.70 -1.69 29.20
C ALA A 94 22.13 -1.17 29.11
N ILE A 95 22.69 -0.81 30.26
CA ILE A 95 24.05 -0.30 30.31
C ILE A 95 24.80 -0.84 31.52
N GLY A 96 26.13 -0.92 31.40
CA GLY A 96 26.94 -1.43 32.48
C GLY A 96 28.38 -1.68 32.08
N ARG A 97 28.64 -2.85 31.49
CA ARG A 97 29.98 -3.20 31.05
C ARG A 97 30.07 -3.17 29.53
N GLY A 98 29.07 -3.72 28.87
CA GLY A 98 29.05 -3.76 27.42
C GLY A 98 29.97 -4.83 26.86
N LYS A 99 29.65 -5.31 25.66
CA LYS A 99 30.44 -6.34 25.00
C LYS A 99 30.07 -6.46 23.54
N TRP A 100 29.72 -5.34 22.91
CA TRP A 100 29.35 -5.32 21.51
C TRP A 100 30.48 -4.77 20.65
N TRP A 101 31.22 -5.67 20.01
CA TRP A 101 32.33 -5.26 19.15
C TRP A 101 31.93 -5.28 17.68
N ARG A 102 31.07 -6.22 17.32
CA ARG A 102 30.60 -6.34 15.95
C ARG A 102 29.92 -5.05 15.48
N PRO A 103 29.81 -4.88 14.16
CA PRO A 103 29.19 -3.70 13.56
C PRO A 103 27.69 -3.66 13.79
N SER A 104 27.01 -2.72 13.12
CA SER A 104 25.57 -2.58 13.26
C SER A 104 24.89 -2.54 11.88
N GLY A 105 23.58 -2.65 11.87
CA GLY A 105 22.83 -2.63 10.62
C GLY A 105 22.20 -1.28 10.35
N PRO A 106 21.75 -1.07 9.11
CA PRO A 106 21.11 0.19 8.69
C PRO A 106 19.73 0.37 9.32
N ASP A 107 19.02 1.38 8.86
CA ASP A 107 17.68 1.67 9.37
C ASP A 107 16.73 0.50 9.08
N PHE A 108 16.71 0.05 7.83
CA PHE A 108 15.85 -1.05 7.42
C PHE A 108 14.38 -0.67 7.58
N ARG A 109 13.51 -1.66 7.44
CA ARG A 109 12.07 -1.44 7.56
C ARG A 109 11.63 -1.57 9.01
N CYS A 110 10.31 -1.59 9.23
CA CYS A 110 9.76 -1.71 10.57
C CYS A 110 8.94 -2.99 10.71
N ILE A 111 9.21 -3.75 11.76
CA ILE A 111 8.50 -5.00 12.01
C ILE A 111 7.15 -4.74 12.69
N PRO A 112 6.21 -5.67 12.49
CA PRO A 112 4.87 -5.58 13.07
C PRO A 112 4.89 -5.77 14.58
N ASP A 113 3.72 -5.64 15.20
CA ASP A 113 3.59 -5.81 16.64
C ASP A 113 2.23 -6.38 17.01
N ARG A 114 1.92 -6.40 18.31
CA ARG A 114 0.65 -6.93 18.78
C ARG A 114 -0.51 -6.31 18.02
N TYR A 115 -1.55 -7.11 17.77
CA TYR A 115 -2.72 -6.65 17.05
C TYR A 115 -3.88 -6.40 18.00
N ARG A 116 -4.99 -5.87 17.46
CA ARG A 116 -6.17 -5.58 18.25
C ARG A 116 -7.43 -5.93 17.49
N ALA A 117 -8.43 -6.46 18.21
CA ALA A 117 -9.69 -6.83 17.59
C ALA A 117 -10.82 -5.89 18.04
N GLN A 118 -11.26 -5.04 17.13
CA GLN A 118 -12.33 -4.09 17.42
C GLN A 118 -13.67 -4.60 16.91
N ARG A 119 -14.74 -4.30 17.64
CA ARG A 119 -16.07 -4.73 17.26
C ARG A 119 -16.92 -3.54 16.81
N VAL A 120 -17.41 -3.60 15.58
CA VAL A 120 -18.22 -2.53 15.03
C VAL A 120 -19.69 -2.91 15.00
N GLN A 121 -20.57 -1.91 15.11
CA GLN A 121 -22.01 -2.16 15.11
C GLN A 121 -22.66 -1.57 13.86
N LEU A 122 -23.29 -2.44 13.07
CA LEU A 122 -23.94 -2.00 11.83
C LEU A 122 -25.45 -1.92 12.03
N LEU A 123 -26.04 -0.79 11.65
CA LEU A 123 -27.47 -0.58 11.78
C LEU A 123 -28.17 -0.76 10.44
N CYS A 124 -29.41 -1.22 10.48
CA CYS A 124 -30.19 -1.45 9.27
C CYS A 124 -31.50 -0.67 9.31
N PRO A 125 -31.56 0.46 8.58
CA PRO A 125 -32.74 1.31 8.53
C PRO A 125 -33.89 0.66 7.77
N GLY A 126 -34.89 0.18 8.51
CA GLY A 126 -36.03 -0.46 7.90
C GLY A 126 -35.63 -1.55 6.94
N GLY A 127 -35.47 -2.77 7.45
CA GLY A 127 -35.10 -3.89 6.61
C GLY A 127 -34.62 -5.09 7.42
N GLU A 128 -33.94 -4.81 8.53
CA GLU A 128 -33.43 -5.87 9.39
C GLU A 128 -32.91 -5.30 10.71
N ALA A 129 -32.38 -6.18 11.54
CA ALA A 129 -31.85 -5.76 12.84
C ALA A 129 -30.35 -5.48 12.77
N PRO A 130 -29.83 -4.74 13.75
CA PRO A 130 -28.41 -4.39 13.82
C PRO A 130 -27.52 -5.59 14.12
N ARG A 131 -26.33 -5.60 13.53
CA ARG A 131 -25.39 -6.69 13.74
C ARG A 131 -24.05 -6.18 14.25
N ALA A 132 -23.14 -7.09 14.56
CA ALA A 132 -21.82 -6.73 15.06
C ALA A 132 -20.72 -7.44 14.29
N ARG A 133 -19.85 -6.67 13.65
CA ARG A 133 -18.75 -7.24 12.88
C ARG A 133 -17.42 -6.94 13.55
N LYS A 134 -16.58 -7.97 13.68
CA LYS A 134 -15.27 -7.83 14.29
C LYS A 134 -14.20 -7.55 13.24
N VAL A 135 -13.23 -6.71 13.61
CA VAL A 135 -12.15 -6.36 12.69
C VAL A 135 -10.80 -6.39 13.41
N ARG A 136 -9.92 -7.27 12.95
CA ARG A 136 -8.58 -7.40 13.54
C ARG A 136 -7.59 -6.47 12.85
N LEU A 137 -7.23 -5.38 13.53
CA LEU A 137 -6.28 -4.42 12.97
C LEU A 137 -5.06 -4.28 13.89
N VAL A 138 -3.94 -3.89 13.30
CA VAL A 138 -2.70 -3.70 14.05
C VAL A 138 -2.93 -2.81 15.27
N ALA A 139 -2.29 -3.17 16.38
CA ALA A 139 -2.43 -2.39 17.61
C ALA A 139 -1.15 -1.62 17.91
N SER A 140 -0.01 -2.22 17.54
CA SER A 140 1.28 -1.58 17.79
C SER A 140 2.23 -1.82 16.60
N CYS A 141 3.43 -1.26 16.70
CA CYS A 141 4.43 -1.41 15.65
C CYS A 141 5.83 -1.13 16.18
N LYS A 142 6.80 -1.90 15.67
CA LYS A 142 8.18 -1.74 16.10
C LYS A 142 9.09 -1.48 14.90
N CYS A 143 10.21 -0.79 15.15
CA CYS A 143 11.16 -0.48 14.08
C CYS A 143 12.51 -1.14 14.35
N LYS A 144 12.82 -2.16 13.58
CA LYS A 144 14.08 -2.89 13.72
C LYS A 144 14.56 -3.44 12.38
N ARG A 145 15.86 -3.69 12.27
CA ARG A 145 16.44 -4.21 11.05
C ARG A 145 16.57 -5.73 11.12
N LEU A 146 17.01 -6.33 10.02
CA LEU A 146 17.18 -7.78 9.95
C LEU A 146 18.38 -8.14 9.08
N THR A 147 18.21 -8.02 7.77
CA THR A 147 19.28 -8.33 6.82
C THR A 147 18.86 -8.00 5.40
N ARG A 148 19.70 -7.22 4.70
CA ARG A 148 19.42 -6.83 3.33
C ARG A 148 19.95 -7.87 2.35
N PHE A 149 19.24 -8.05 1.24
CA PHE A 149 19.64 -9.01 0.22
C PHE A 149 18.97 -8.69 -1.12
N HIS A 150 19.78 -8.25 -2.07
CA HIS A 150 19.27 -7.90 -3.40
C HIS A 150 20.11 -8.56 -4.50
N ASN A 151 19.81 -8.24 -5.74
CA ASN A 151 20.53 -8.80 -6.88
C ASN A 151 20.11 -8.13 -8.18
N GLN A 152 20.83 -8.43 -9.26
CA GLN A 152 20.54 -7.85 -10.56
C GLN A 152 21.42 -8.48 -11.64
N SER A 153 20.95 -8.40 -12.89
CA SER A 153 21.69 -8.96 -14.01
C SER A 153 21.23 -8.34 -15.33
N GLU A 154 22.11 -8.37 -16.33
CA GLU A 154 21.80 -7.82 -17.64
C GLU A 154 22.61 -8.49 -18.73
N LEU A 155 22.57 -7.92 -19.93
CA LEU A 155 23.31 -8.48 -21.06
C LEU A 155 23.58 -7.40 -22.11
N LYS A 156 24.40 -7.74 -23.10
CA LYS A 156 24.73 -6.81 -24.17
C LYS A 156 24.44 -7.42 -25.54
N ASP A 157 24.90 -6.74 -26.58
CA ASP A 157 24.68 -7.22 -27.95
C ASP A 157 25.35 -6.30 -28.96
N PHE A 158 25.36 -6.71 -30.22
CA PHE A 158 25.96 -5.91 -31.28
C PHE A 158 25.07 -5.88 -32.51
N GLY A 159 25.63 -5.42 -33.64
CA GLY A 159 24.86 -5.35 -34.87
C GLY A 159 25.23 -4.14 -35.70
N THR A 160 25.76 -4.39 -36.90
CA THR A 160 26.16 -3.31 -37.80
C THR A 160 26.32 -3.82 -39.23
N GLU A 161 25.91 -3.01 -40.19
CA GLU A 161 26.01 -3.37 -41.60
C GLU A 161 26.55 -2.21 -42.42
N ALA A 162 26.98 -2.51 -43.65
CA ALA A 162 27.51 -1.49 -44.54
C ALA A 162 27.44 -1.94 -46.00
N ALA A 163 27.88 -1.08 -46.91
CA ALA A 163 27.86 -1.39 -48.33
C ALA A 163 28.64 -0.34 -49.12
N ARG A 164 29.01 -0.70 -50.34
CA ARG A 164 29.75 0.22 -51.21
C ARG A 164 28.97 0.53 -52.48
N PRO A 165 28.98 1.81 -52.89
CA PRO A 165 28.27 2.26 -54.09
C PRO A 165 28.91 1.75 -55.37
N GLN A 166 28.13 1.70 -56.44
CA GLN A 166 28.62 1.23 -57.73
C GLN A 166 28.31 2.22 -58.83
N LYS A 167 29.03 2.13 -59.94
CA LYS A 167 28.82 3.03 -61.07
C LYS A 167 29.69 2.62 -62.25
N GLY A 168 29.39 3.17 -63.42
CA GLY A 168 30.15 2.85 -64.61
C GLY A 168 29.63 3.56 -65.85
N ARG A 169 30.53 4.11 -66.64
CA ARG A 169 30.15 4.82 -67.86
C ARG A 169 30.03 3.85 -69.04
N LYS A 170 29.58 4.36 -70.18
CA LYS A 170 29.42 3.56 -71.37
C LYS A 170 29.27 4.43 -72.62
N PRO A 171 30.37 5.08 -73.00
CA PRO A 171 30.40 5.97 -74.18
C PRO A 171 30.28 5.20 -75.49
N ARG A 172 30.39 5.91 -76.60
CA ARG A 172 30.29 5.29 -77.92
C ARG A 172 31.47 5.69 -78.80
N PRO A 173 31.73 4.91 -79.85
CA PRO A 173 32.82 5.16 -80.78
C PRO A 173 32.57 6.40 -81.65
N ARG A 174 33.63 7.15 -81.92
CA ARG A 174 33.52 8.36 -82.74
C ARG A 174 33.37 8.00 -84.21
N ALA A 175 32.73 8.90 -84.96
CA ALA A 175 32.52 8.69 -86.39
C ALA A 175 32.78 9.97 -87.18
N ARG A 176 33.83 9.95 -87.99
CA ARG A 176 34.18 11.12 -88.80
C ARG A 176 34.21 10.75 -90.29
N SER A 177 33.43 11.46 -91.08
CA SER A 177 33.36 11.21 -92.52
C SER A 177 33.42 12.52 -93.30
N ALA A 178 33.89 12.45 -94.53
CA ALA A 178 33.98 13.62 -95.39
C ALA A 178 33.69 13.27 -96.85
N LYS A 179 33.28 14.27 -97.62
CA LYS A 179 32.97 14.07 -99.03
C LYS A 179 33.89 14.90 -99.92
N ALA A 180 33.97 14.52 -101.18
CA ALA A 180 34.82 15.23 -102.13
C ALA A 180 34.12 15.40 -103.48
N ASN A 181 34.20 16.61 -104.04
CA ASN A 181 33.56 16.90 -105.32
C ASN A 181 34.51 17.69 -106.22
N GLN A 182 34.82 17.12 -107.39
CA GLN A 182 35.70 17.77 -108.34
C GLN A 182 35.00 18.02 -109.67
N ALA A 183 35.71 18.61 -110.62
CA ALA A 183 35.15 18.90 -111.92
C ALA A 183 36.23 18.87 -113.01
N GLU A 184 35.80 18.85 -114.26
CA GLU A 184 36.73 18.81 -115.38
C GLU A 184 36.25 19.71 -116.53
N LEU A 185 37.12 20.62 -116.95
CA LEU A 185 36.79 21.54 -118.03
C LEU A 185 37.96 21.69 -119.00
N GLU A 186 38.02 20.80 -119.99
CA GLU A 186 39.08 20.84 -120.98
C GLU A 186 38.55 21.30 -122.34
N ASN A 187 39.35 22.10 -123.04
CA ASN A 187 38.95 22.61 -124.35
C ASN A 187 39.25 21.59 -125.44
N ALA A 188 40.52 21.19 -125.55
CA ALA A 188 40.94 20.23 -126.55
C ALA A 188 40.51 20.66 -127.95
N TYR A 189 41.29 21.54 -128.56
CA TYR A 189 40.99 22.04 -129.90
C TYR A 189 42.18 21.85 -130.83
N GLY A 1 92.26 -37.61 61.79
CA GLY A 1 93.70 -37.58 61.98
C GLY A 1 94.15 -38.53 63.08
N TRP A 2 95.38 -39.02 62.96
CA TRP A 2 95.93 -39.94 63.95
C TRP A 2 96.35 -39.18 65.21
N GLN A 3 96.86 -39.93 66.20
CA GLN A 3 97.29 -39.33 67.45
C GLN A 3 98.77 -39.63 67.71
N ALA A 4 99.52 -38.60 68.09
CA ALA A 4 100.94 -38.76 68.38
C ALA A 4 101.18 -39.01 69.86
N PHE A 5 102.44 -39.25 70.21
CA PHE A 5 102.80 -39.52 71.60
C PHE A 5 103.93 -38.60 72.06
N LYS A 6 104.38 -38.79 73.29
CA LYS A 6 105.45 -37.98 73.85
C LYS A 6 105.14 -36.49 73.72
N ASN A 7 103.86 -36.15 73.83
CA ASN A 7 103.43 -34.76 73.72
C ASN A 7 103.25 -34.14 75.10
N ASP A 8 102.72 -32.92 75.13
CA ASP A 8 102.49 -32.22 76.39
C ASP A 8 101.02 -31.85 76.55
N ALA A 9 100.71 -31.11 77.61
CA ALA A 9 99.35 -30.69 77.87
C ALA A 9 98.96 -29.51 76.99
N THR A 10 97.89 -28.82 77.38
CA THR A 10 97.41 -27.66 76.63
C THR A 10 97.09 -28.05 75.19
N GLU A 11 95.98 -28.76 75.01
CA GLU A 11 95.56 -29.19 73.68
C GLU A 11 95.31 -27.98 72.77
N ILE A 12 95.62 -28.14 71.49
CA ILE A 12 95.43 -27.07 70.52
C ILE A 12 94.73 -27.58 69.26
N ILE A 13 93.40 -27.52 69.26
CA ILE A 13 92.61 -27.97 68.12
C ILE A 13 91.67 -26.88 67.63
N PRO A 14 92.25 -25.86 66.96
CA PRO A 14 91.49 -24.73 66.42
C PRO A 14 90.61 -25.14 65.25
N GLU A 15 89.30 -25.11 65.46
CA GLU A 15 88.35 -25.48 64.41
C GLU A 15 86.92 -25.34 64.90
N LEU A 16 86.70 -25.64 66.18
CA LEU A 16 85.38 -25.55 66.78
C LEU A 16 85.11 -24.15 67.32
N GLY A 17 83.90 -23.66 67.11
CA GLY A 17 83.54 -22.33 67.59
C GLY A 17 82.57 -22.38 68.75
N GLU A 18 81.47 -23.10 68.58
CA GLU A 18 80.46 -23.21 69.63
C GLU A 18 80.06 -21.84 70.15
N TYR A 19 79.99 -20.87 69.26
CA TYR A 19 79.62 -19.50 69.64
C TYR A 19 78.39 -19.04 68.88
N PRO A 20 77.23 -19.62 69.22
CA PRO A 20 75.95 -19.28 68.59
C PRO A 20 75.47 -17.88 68.96
N GLU A 21 74.76 -17.24 68.04
CA GLU A 21 74.24 -15.90 68.28
C GLU A 21 72.85 -15.73 67.67
N PRO A 22 72.11 -14.72 68.15
CA PRO A 22 70.75 -14.43 67.67
C PRO A 22 70.75 -13.89 66.25
N PRO A 23 69.56 -13.84 65.63
CA PRO A 23 69.39 -13.35 64.27
C PRO A 23 69.62 -11.84 64.16
N PRO A 24 69.73 -11.34 62.93
CA PRO A 24 69.95 -9.91 62.66
C PRO A 24 68.72 -9.07 62.99
N GLU A 25 68.88 -7.75 62.91
CA GLU A 25 67.78 -6.84 63.19
C GLU A 25 67.96 -5.52 62.45
N LEU A 26 67.89 -5.59 61.12
CA LEU A 26 68.04 -4.40 60.28
C LEU A 26 66.73 -4.04 59.60
N GLU A 27 65.80 -3.47 60.37
CA GLU A 27 64.51 -3.08 59.83
C GLU A 27 64.28 -1.58 60.00
N ASN A 28 63.70 -0.96 58.98
CA ASN A 28 63.43 0.48 59.01
C ASN A 28 62.03 0.77 58.48
N ASN A 29 61.61 2.03 58.61
CA ASN A 29 60.29 2.44 58.15
C ASN A 29 60.12 3.96 58.28
N LYS A 30 59.99 4.63 57.13
CA LYS A 30 59.82 6.08 57.11
C LYS A 30 58.70 6.48 56.16
N THR A 31 58.15 7.67 56.37
CA THR A 31 57.06 8.18 55.53
C THR A 31 57.05 9.70 55.51
N MET A 32 57.24 10.27 54.32
CA MET A 32 57.24 11.72 54.17
C MET A 32 56.68 12.13 52.81
N ASN A 33 55.44 12.59 52.80
CA ASN A 33 54.78 13.01 51.57
C ASN A 33 54.00 14.31 51.78
N ARG A 34 53.80 15.04 50.69
CA ARG A 34 53.08 16.30 50.76
C ARG A 34 52.21 16.50 49.52
N ALA A 35 50.90 16.60 49.73
CA ALA A 35 49.96 16.79 48.63
C ALA A 35 48.56 17.09 49.14
N GLU A 36 48.26 18.37 49.34
CA GLU A 36 46.96 18.77 49.84
C GLU A 36 45.90 18.69 48.72
N ASN A 37 46.24 19.26 47.57
CA ASN A 37 45.32 19.26 46.43
C ASN A 37 46.05 19.66 45.15
N GLY A 38 45.82 18.91 44.09
CA GLY A 38 46.46 19.20 42.81
C GLY A 38 46.05 18.23 41.72
N GLY A 39 44.75 18.21 41.40
CA GLY A 39 44.27 17.31 40.37
C GLY A 39 42.76 17.35 40.24
N ARG A 40 42.20 18.56 40.22
CA ARG A 40 40.75 18.73 40.10
C ARG A 40 40.42 19.88 39.15
N PRO A 41 40.63 19.64 37.85
CA PRO A 41 40.36 20.64 36.81
C PRO A 41 38.87 20.89 36.63
N PRO A 42 38.53 21.96 35.89
CA PRO A 42 37.14 22.33 35.62
C PRO A 42 36.45 21.35 34.68
N HIS A 43 35.26 20.91 35.05
CA HIS A 43 34.49 19.97 34.24
C HIS A 43 33.19 20.60 33.75
N HIS A 44 32.79 20.25 32.54
CA HIS A 44 31.57 20.78 31.95
C HIS A 44 31.23 20.07 30.64
N PRO A 45 30.84 18.80 30.75
CA PRO A 45 30.48 17.97 29.60
C PRO A 45 29.17 18.42 28.94
N PHE A 46 29.01 18.09 27.67
CA PHE A 46 27.81 18.47 26.94
C PHE A 46 27.29 17.29 26.11
N GLU A 47 26.16 16.75 26.52
CA GLU A 47 25.56 15.61 25.82
C GLU A 47 24.11 15.90 25.45
N THR A 48 23.71 15.51 24.24
CA THR A 48 22.35 15.73 23.77
C THR A 48 22.01 14.80 22.61
N LYS A 49 21.15 13.82 22.89
CA LYS A 49 20.74 12.85 21.87
C LYS A 49 19.48 13.32 21.15
N ASP A 50 19.60 13.60 19.86
CA ASP A 50 18.47 14.04 19.07
C ASP A 50 18.53 13.47 17.65
N VAL A 51 17.49 12.74 17.26
CA VAL A 51 17.43 12.14 15.94
C VAL A 51 15.98 11.98 15.48
N SER A 52 15.09 12.78 16.04
CA SER A 52 13.67 12.72 15.69
C SER A 52 13.10 11.35 15.98
N GLU A 53 12.80 11.09 17.24
CA GLU A 53 12.24 9.80 17.65
C GLU A 53 13.23 8.67 17.38
N TYR A 54 12.99 7.53 18.01
CA TYR A 54 13.87 6.36 17.84
C TYR A 54 13.06 5.11 17.56
N SER A 55 12.08 5.23 16.67
CA SER A 55 11.23 4.10 16.32
C SER A 55 10.34 4.44 15.12
N CYS A 56 9.40 3.56 14.81
CA CYS A 56 8.49 3.76 13.69
C CYS A 56 7.25 4.53 14.13
N ARG A 57 6.97 5.64 13.45
CA ARG A 57 5.81 6.46 13.77
C ARG A 57 4.52 5.69 13.55
N GLU A 58 3.59 5.81 14.49
CA GLU A 58 2.30 5.13 14.40
C GLU A 58 1.32 5.93 13.55
N LEU A 59 0.94 5.37 12.41
CA LEU A 59 -0.01 6.03 11.51
C LEU A 59 -1.42 5.50 11.71
N HIS A 60 -2.39 6.39 11.66
CA HIS A 60 -3.80 6.02 11.84
C HIS A 60 -4.60 6.34 10.58
N PHE A 61 -5.54 5.45 10.25
CA PHE A 61 -6.38 5.63 9.08
C PHE A 61 -7.83 5.25 9.37
N THR A 62 -8.73 6.21 9.21
CA THR A 62 -10.15 5.97 9.47
C THR A 62 -10.88 5.55 8.20
N ARG A 63 -12.02 4.90 8.36
CA ARG A 63 -12.81 4.43 7.23
C ARG A 63 -14.13 3.82 7.70
N TYR A 64 -15.18 4.00 6.91
CA TYR A 64 -16.49 3.46 7.24
C TYR A 64 -16.67 2.07 6.64
N VAL A 65 -16.91 1.09 7.51
CA VAL A 65 -17.09 -0.29 7.08
C VAL A 65 -18.57 -0.59 6.85
N THR A 66 -18.85 -1.37 5.80
CA THR A 66 -20.22 -1.73 5.47
C THR A 66 -20.28 -3.10 4.80
N ASP A 67 -21.15 -3.97 5.31
CA ASP A 67 -21.30 -5.32 4.76
C ASP A 67 -22.77 -5.68 4.64
N GLY A 68 -23.29 -5.67 3.41
CA GLY A 68 -24.69 -6.01 3.20
C GLY A 68 -25.58 -4.79 3.20
N PRO A 69 -26.88 -5.00 3.45
CA PRO A 69 -27.88 -3.93 3.48
C PRO A 69 -27.69 -3.00 4.69
N CYS A 70 -26.78 -3.39 5.58
CA CYS A 70 -26.51 -2.60 6.78
C CYS A 70 -25.20 -1.82 6.64
N ARG A 71 -25.05 -0.78 7.44
CA ARG A 71 -23.85 0.04 7.40
C ARG A 71 -23.39 0.42 8.81
N SER A 72 -22.08 0.45 9.02
CA SER A 72 -21.53 0.79 10.33
C SER A 72 -22.03 2.16 10.80
N ALA A 73 -22.36 2.25 12.07
CA ALA A 73 -22.86 3.50 12.65
C ALA A 73 -21.73 4.51 12.82
N LYS A 74 -20.51 4.00 12.96
CA LYS A 74 -19.34 4.86 13.13
C LYS A 74 -18.14 4.30 12.37
N PRO A 75 -17.14 5.16 12.12
CA PRO A 75 -15.93 4.78 11.41
C PRO A 75 -15.03 3.85 12.22
N VAL A 76 -14.08 3.20 11.56
CA VAL A 76 -13.16 2.29 12.23
C VAL A 76 -11.74 2.84 12.22
N THR A 77 -11.07 2.73 13.36
CA THR A 77 -9.69 3.21 13.49
C THR A 77 -8.69 2.12 13.11
N GLU A 78 -7.90 2.38 12.08
CA GLU A 78 -6.91 1.43 11.63
C GLU A 78 -5.49 1.96 11.85
N LEU A 79 -4.56 1.06 12.13
CA LEU A 79 -3.17 1.44 12.37
C LEU A 79 -2.29 1.02 11.20
N VAL A 80 -1.16 1.71 11.05
CA VAL A 80 -0.22 1.41 9.98
C VAL A 80 1.22 1.61 10.43
N CYS A 81 2.13 0.86 9.83
CA CYS A 81 3.55 0.95 10.17
C CYS A 81 4.29 1.83 9.16
N SER A 82 4.88 2.91 9.65
CA SER A 82 5.61 3.83 8.80
C SER A 82 6.57 4.69 9.62
N GLY A 83 7.74 4.98 9.04
CA GLY A 83 8.73 5.79 9.73
C GLY A 83 10.15 5.36 9.42
N GLN A 84 11.12 6.09 9.97
CA GLN A 84 12.52 5.78 9.75
C GLN A 84 13.27 5.64 11.07
N CYS A 85 14.20 4.69 11.12
CA CYS A 85 14.99 4.46 12.32
C CYS A 85 16.41 4.99 12.16
N GLY A 86 17.12 5.13 13.28
CA GLY A 86 18.48 5.62 13.24
C GLY A 86 19.40 4.71 12.46
N PRO A 87 19.70 3.54 13.02
CA PRO A 87 20.58 2.56 12.39
C PRO A 87 19.94 1.92 11.16
N ALA A 88 20.52 2.18 9.99
CA ALA A 88 20.02 1.63 8.73
C ALA A 88 21.08 1.68 7.64
N ARG A 89 22.25 1.15 7.93
CA ARG A 89 23.35 1.14 6.98
C ARG A 89 23.27 -0.09 6.07
N LEU A 90 24.06 -0.08 5.00
CA LEU A 90 24.08 -1.19 4.05
C LEU A 90 25.47 -1.79 3.94
N LEU A 91 25.53 -3.08 3.61
CA LEU A 91 26.80 -3.77 3.48
C LEU A 91 27.08 -4.13 2.02
N PRO A 92 28.35 -4.40 1.70
CA PRO A 92 28.76 -4.77 0.34
C PRO A 92 28.27 -6.16 -0.05
N ASN A 93 28.29 -7.09 0.89
CA ASN A 93 27.84 -8.45 0.64
C ASN A 93 26.32 -8.55 0.70
N ALA A 94 25.78 -8.51 1.92
CA ALA A 94 24.35 -8.59 2.12
C ALA A 94 23.80 -9.93 1.66
N ILE A 95 23.84 -10.91 2.55
CA ILE A 95 23.34 -12.26 2.23
C ILE A 95 22.50 -12.82 3.37
N GLY A 96 21.82 -13.93 3.11
CA GLY A 96 21.00 -14.56 4.13
C GLY A 96 20.92 -16.06 3.97
N ARG A 97 20.31 -16.51 2.88
CA ARG A 97 20.17 -17.93 2.60
C ARG A 97 19.42 -18.63 3.74
N GLY A 98 18.10 -18.50 3.73
CA GLY A 98 17.28 -19.12 4.75
C GLY A 98 16.00 -18.36 5.01
N LYS A 99 16.12 -17.21 5.67
CA LYS A 99 14.95 -16.39 5.98
C LYS A 99 15.24 -14.92 5.69
N TRP A 100 14.23 -14.21 5.20
CA TRP A 100 14.36 -12.79 4.89
C TRP A 100 15.59 -12.55 4.01
N TRP A 101 15.41 -12.68 2.70
CA TRP A 101 16.50 -12.47 1.76
C TRP A 101 16.83 -10.99 1.62
N ARG A 102 15.82 -10.18 1.35
CA ARG A 102 16.00 -8.74 1.20
C ARG A 102 15.94 -8.04 2.54
N PRO A 103 16.48 -6.82 2.60
CA PRO A 103 16.50 -6.01 3.83
C PRO A 103 15.10 -5.52 4.22
N SER A 104 14.22 -5.42 3.22
CA SER A 104 12.86 -4.95 3.46
C SER A 104 11.86 -6.08 3.26
N GLY A 105 10.58 -5.78 3.48
CA GLY A 105 9.54 -6.80 3.33
C GLY A 105 8.27 -6.43 4.05
N PRO A 106 8.32 -6.49 5.39
CA PRO A 106 7.17 -6.16 6.24
C PRO A 106 6.83 -4.68 6.22
N ASP A 107 5.78 -4.34 5.47
CA ASP A 107 5.35 -2.94 5.35
C ASP A 107 6.34 -2.13 4.53
N PHE A 108 7.52 -1.91 5.08
CA PHE A 108 8.56 -1.14 4.39
C PHE A 108 9.92 -1.35 5.05
N ARG A 109 10.03 -0.90 6.30
CA ARG A 109 11.28 -1.03 7.04
C ARG A 109 11.01 -1.17 8.54
N CYS A 110 9.84 -1.71 8.88
CA CYS A 110 9.45 -1.90 10.27
C CYS A 110 8.60 -3.16 10.43
N ILE A 111 8.89 -3.92 11.48
CA ILE A 111 8.14 -5.15 11.75
C ILE A 111 6.83 -4.84 12.47
N PRO A 112 5.83 -5.71 12.25
CA PRO A 112 4.51 -5.56 12.87
C PRO A 112 4.53 -5.82 14.38
N ASP A 113 3.39 -5.66 15.02
CA ASP A 113 3.28 -5.87 16.46
C ASP A 113 1.92 -6.43 16.83
N ARG A 114 1.63 -6.50 18.13
CA ARG A 114 0.35 -7.01 18.61
C ARG A 114 -0.81 -6.34 17.88
N TYR A 115 -1.86 -7.11 17.63
CA TYR A 115 -3.03 -6.59 16.93
C TYR A 115 -4.19 -6.38 17.91
N ARG A 116 -5.28 -5.82 17.41
CA ARG A 116 -6.45 -5.55 18.23
C ARG A 116 -7.74 -5.74 17.43
N ALA A 117 -8.54 -6.73 17.83
CA ALA A 117 -9.79 -7.01 17.15
C ALA A 117 -10.95 -6.28 17.81
N GLN A 118 -11.64 -5.44 17.03
CA GLN A 118 -12.76 -4.67 17.54
C GLN A 118 -14.06 -5.08 16.83
N ARG A 119 -15.17 -5.00 17.56
CA ARG A 119 -16.47 -5.35 17.01
C ARG A 119 -17.25 -4.10 16.59
N VAL A 120 -17.61 -4.04 15.31
CA VAL A 120 -18.35 -2.89 14.79
C VAL A 120 -19.84 -3.19 14.72
N GLN A 121 -20.66 -2.16 14.92
CA GLN A 121 -22.11 -2.32 14.89
C GLN A 121 -22.69 -1.71 13.61
N LEU A 122 -23.27 -2.55 12.76
CA LEU A 122 -23.86 -2.09 11.51
C LEU A 122 -25.37 -1.96 11.64
N LEU A 123 -25.91 -0.83 11.19
CA LEU A 123 -27.35 -0.59 11.26
C LEU A 123 -28.01 -0.92 9.93
N CYS A 124 -29.23 -1.44 10.00
CA CYS A 124 -29.98 -1.80 8.81
C CYS A 124 -31.23 -0.94 8.66
N PRO A 125 -31.70 -0.77 7.42
CA PRO A 125 -32.89 0.03 7.11
C PRO A 125 -34.18 -0.63 7.61
N GLY A 126 -35.31 -0.07 7.21
CA GLY A 126 -36.59 -0.61 7.62
C GLY A 126 -36.75 -0.65 9.13
N GLY A 127 -37.11 -1.82 9.67
CA GLY A 127 -37.28 -1.96 11.10
C GLY A 127 -36.51 -3.12 11.67
N GLU A 128 -35.49 -3.57 10.93
CA GLU A 128 -34.67 -4.69 11.36
C GLU A 128 -33.71 -4.26 12.46
N ALA A 129 -32.91 -5.21 12.95
CA ALA A 129 -31.94 -4.93 14.00
C ALA A 129 -30.53 -4.85 13.43
N PRO A 130 -29.62 -4.20 14.20
CA PRO A 130 -28.22 -4.04 13.79
C PRO A 130 -27.46 -5.36 13.82
N ARG A 131 -26.21 -5.33 13.36
CA ARG A 131 -25.37 -6.52 13.33
C ARG A 131 -24.03 -6.26 14.02
N ALA A 132 -23.19 -7.28 14.06
CA ALA A 132 -21.87 -7.16 14.68
C ALA A 132 -20.79 -7.76 13.79
N ARG A 133 -19.85 -6.93 13.35
CA ARG A 133 -18.77 -7.39 12.50
C ARG A 133 -17.42 -7.15 13.16
N LYS A 134 -16.68 -8.24 13.40
CA LYS A 134 -15.37 -8.16 14.03
C LYS A 134 -14.30 -7.80 13.02
N VAL A 135 -13.42 -6.87 13.40
CA VAL A 135 -12.34 -6.43 12.52
C VAL A 135 -11.00 -6.47 13.23
N ARG A 136 -10.03 -7.19 12.66
CA ARG A 136 -8.70 -7.30 13.25
C ARG A 136 -7.76 -6.25 12.66
N LEU A 137 -7.48 -5.21 13.44
CA LEU A 137 -6.59 -4.15 13.00
C LEU A 137 -5.35 -4.06 13.89
N VAL A 138 -4.23 -3.65 13.31
CA VAL A 138 -2.99 -3.52 14.04
C VAL A 138 -3.18 -2.69 15.31
N ALA A 139 -2.54 -3.10 16.39
CA ALA A 139 -2.63 -2.39 17.66
C ALA A 139 -1.33 -1.67 17.99
N SER A 140 -0.22 -2.25 17.56
CA SER A 140 1.09 -1.66 17.82
C SER A 140 2.01 -1.84 16.61
N CYS A 141 3.25 -1.36 16.73
CA CYS A 141 4.23 -1.46 15.66
C CYS A 141 5.64 -1.32 16.20
N LYS A 142 6.56 -2.13 15.67
CA LYS A 142 7.95 -2.09 16.09
C LYS A 142 8.87 -1.73 14.93
N CYS A 143 10.04 -1.21 15.24
CA CYS A 143 11.01 -0.83 14.22
C CYS A 143 12.12 -1.86 14.10
N LYS A 144 12.32 -2.37 12.88
CA LYS A 144 13.34 -3.37 12.62
C LYS A 144 14.68 -2.97 13.25
N ARG A 145 15.02 -3.63 14.36
CA ARG A 145 16.26 -3.33 15.06
C ARG A 145 16.73 -4.55 15.85
N LEU A 146 17.66 -5.30 15.27
CA LEU A 146 18.20 -6.50 15.91
C LEU A 146 19.56 -6.87 15.32
N THR A 147 20.39 -7.51 16.14
CA THR A 147 21.72 -7.92 15.70
C THR A 147 21.65 -8.70 14.40
N ARG A 148 22.59 -8.42 13.49
CA ARG A 148 22.63 -9.10 12.20
C ARG A 148 24.06 -9.14 11.67
N PHE A 149 24.44 -10.29 11.10
CA PHE A 149 25.78 -10.45 10.55
C PHE A 149 25.92 -11.81 9.86
N HIS A 150 26.79 -11.88 8.86
CA HIS A 150 27.02 -13.11 8.12
C HIS A 150 28.50 -13.27 7.76
N ASN A 151 28.83 -14.40 7.15
CA ASN A 151 30.21 -14.67 6.74
C ASN A 151 30.29 -15.95 5.93
N GLN A 152 30.36 -15.81 4.62
CA GLN A 152 30.44 -16.96 3.72
C GLN A 152 31.55 -16.78 2.70
N SER A 153 31.43 -15.74 1.88
CA SER A 153 32.42 -15.45 0.85
C SER A 153 32.50 -16.60 -0.16
N GLU A 154 33.50 -16.53 -1.04
CA GLU A 154 33.70 -17.56 -2.05
C GLU A 154 35.12 -17.54 -2.57
N LEU A 155 35.68 -18.74 -2.80
CA LEU A 155 37.04 -18.86 -3.30
C LEU A 155 37.05 -19.40 -4.72
N LYS A 156 38.02 -18.95 -5.52
CA LYS A 156 38.14 -19.40 -6.90
C LYS A 156 39.53 -19.98 -7.17
N ASP A 157 39.62 -20.79 -8.21
CA ASP A 157 40.90 -21.41 -8.58
C ASP A 157 40.79 -22.12 -9.92
N PHE A 158 41.60 -21.66 -10.88
CA PHE A 158 41.59 -22.25 -12.22
C PHE A 158 42.94 -22.04 -12.90
N GLY A 159 43.55 -23.14 -13.34
CA GLY A 159 44.84 -23.06 -14.01
C GLY A 159 45.23 -24.37 -14.67
N THR A 160 45.78 -24.27 -15.88
CA THR A 160 46.20 -25.46 -16.62
C THR A 160 46.90 -25.07 -17.91
N GLU A 161 47.94 -25.83 -18.27
CA GLU A 161 48.70 -25.57 -19.49
C GLU A 161 49.25 -26.86 -20.06
N ALA A 162 49.63 -26.82 -21.34
CA ALA A 162 50.18 -27.99 -22.01
C ALA A 162 51.17 -27.58 -23.10
N ALA A 163 52.14 -28.44 -23.37
CA ALA A 163 53.15 -28.17 -24.39
C ALA A 163 53.43 -29.42 -25.23
N ARG A 164 53.90 -29.21 -26.45
CA ARG A 164 54.21 -30.31 -27.35
C ARG A 164 55.66 -30.77 -27.17
N PRO A 165 55.94 -32.00 -27.62
CA PRO A 165 57.29 -32.59 -27.51
C PRO A 165 58.29 -31.91 -28.44
N GLN A 166 59.55 -32.26 -28.30
CA GLN A 166 60.62 -31.67 -29.11
C GLN A 166 61.28 -32.75 -29.98
N LYS A 167 62.08 -32.30 -30.94
CA LYS A 167 62.79 -33.22 -31.83
C LYS A 167 64.09 -32.60 -32.33
N GLY A 168 64.92 -33.43 -32.96
CA GLY A 168 66.20 -32.95 -33.47
C GLY A 168 66.82 -33.92 -34.46
N ARG A 169 67.18 -33.42 -35.63
CA ARG A 169 67.80 -34.25 -36.67
C ARG A 169 69.30 -34.02 -36.72
N LYS A 170 70.03 -35.05 -37.11
CA LYS A 170 71.49 -34.97 -37.20
C LYS A 170 71.98 -35.54 -38.53
N PRO A 171 71.74 -34.81 -39.62
CA PRO A 171 72.15 -35.22 -40.96
C PRO A 171 73.66 -35.17 -41.15
N ARG A 172 74.13 -35.60 -42.32
CA ARG A 172 75.56 -35.60 -42.62
C ARG A 172 75.80 -35.89 -44.10
N PRO A 173 77.00 -35.53 -44.58
CA PRO A 173 77.40 -35.74 -45.98
C PRO A 173 77.58 -37.21 -46.31
N ARG A 174 77.52 -37.53 -47.61
CA ARG A 174 77.68 -38.91 -48.06
C ARG A 174 79.01 -39.49 -47.55
N ALA A 175 79.04 -40.81 -47.39
CA ALA A 175 80.24 -41.49 -46.92
C ALA A 175 81.29 -41.59 -48.02
N ARG A 176 82.51 -41.94 -47.64
CA ARG A 176 83.60 -42.07 -48.60
C ARG A 176 83.62 -43.46 -49.22
N SER A 177 84.49 -43.65 -50.21
CA SER A 177 84.60 -44.93 -50.88
C SER A 177 86.07 -45.25 -51.20
N ALA A 178 86.29 -46.42 -51.79
CA ALA A 178 87.64 -46.85 -52.14
C ALA A 178 87.79 -47.03 -53.64
N LYS A 179 88.94 -47.54 -54.06
CA LYS A 179 89.21 -47.77 -55.48
C LYS A 179 89.05 -49.24 -55.84
N ALA A 180 88.14 -49.53 -56.76
CA ALA A 180 87.90 -50.90 -57.20
C ALA A 180 89.11 -51.48 -57.91
N ASN A 181 89.53 -52.66 -57.49
CA ASN A 181 90.68 -53.33 -58.08
C ASN A 181 90.27 -54.60 -58.81
N GLN A 182 89.29 -54.46 -59.70
CA GLN A 182 88.79 -55.60 -60.47
C GLN A 182 89.25 -55.51 -61.92
N ALA A 183 89.36 -56.67 -62.57
CA ALA A 183 89.79 -56.72 -63.96
C ALA A 183 89.75 -58.14 -64.50
N GLU A 184 89.95 -58.29 -65.80
CA GLU A 184 89.94 -59.60 -66.44
C GLU A 184 91.36 -60.17 -66.54
N LEU A 185 91.46 -61.42 -66.97
CA LEU A 185 92.74 -62.09 -67.11
C LEU A 185 93.12 -62.25 -68.58
N GLU A 186 92.13 -62.58 -69.40
CA GLU A 186 92.36 -62.76 -70.83
C GLU A 186 93.43 -63.81 -71.09
N ASN A 187 93.79 -63.99 -72.35
CA ASN A 187 94.81 -64.97 -72.73
C ASN A 187 95.52 -64.55 -74.01
N ALA A 188 94.76 -64.47 -75.10
CA ALA A 188 95.32 -64.08 -76.39
C ALA A 188 94.21 -63.88 -77.43
N TYR A 189 94.11 -62.66 -77.94
CA TYR A 189 93.09 -62.34 -78.94
C TYR A 189 91.69 -62.63 -78.41
N GLY A 1 62.53 -41.43 -74.35
CA GLY A 1 61.18 -41.51 -74.90
C GLY A 1 60.89 -40.36 -75.85
N TRP A 2 59.71 -40.39 -76.45
CA TRP A 2 59.31 -39.35 -77.39
C TRP A 2 58.24 -38.45 -76.77
N GLN A 3 57.90 -37.36 -77.47
CA GLN A 3 56.91 -36.42 -76.99
C GLN A 3 55.95 -36.03 -78.11
N ALA A 4 54.72 -35.65 -77.74
CA ALA A 4 53.72 -35.25 -78.71
C ALA A 4 53.36 -36.41 -79.64
N PHE A 5 52.40 -36.17 -80.53
CA PHE A 5 51.96 -37.18 -81.47
C PHE A 5 51.96 -36.64 -82.89
N LYS A 6 51.42 -37.44 -83.82
CA LYS A 6 51.36 -37.04 -85.23
C LYS A 6 50.35 -35.92 -85.42
N ASN A 7 50.10 -35.57 -86.68
CA ASN A 7 49.15 -34.51 -87.00
C ASN A 7 47.81 -35.09 -87.44
N ASP A 8 46.87 -34.22 -87.78
CA ASP A 8 45.55 -34.65 -88.23
C ASP A 8 44.74 -33.46 -88.75
N ALA A 9 43.52 -33.74 -89.21
CA ALA A 9 42.65 -32.70 -89.73
C ALA A 9 41.23 -32.86 -89.20
N THR A 10 40.78 -31.88 -88.42
CA THR A 10 39.44 -31.91 -87.85
C THR A 10 38.72 -30.59 -88.07
N GLU A 11 38.26 -30.36 -89.30
CA GLU A 11 37.56 -29.13 -89.64
C GLU A 11 36.36 -28.92 -88.72
N ILE A 12 36.02 -27.67 -88.46
CA ILE A 12 34.90 -27.33 -87.60
C ILE A 12 33.91 -26.41 -88.31
N ILE A 13 32.88 -26.99 -88.92
CA ILE A 13 31.88 -26.21 -89.63
C ILE A 13 30.48 -26.50 -89.09
N PRO A 14 30.20 -26.00 -87.87
CA PRO A 14 28.90 -26.18 -87.23
C PRO A 14 27.78 -25.41 -87.92
N GLU A 15 26.76 -26.13 -88.37
CA GLU A 15 25.63 -25.51 -89.06
C GLU A 15 24.35 -25.67 -88.25
N LEU A 16 24.17 -24.82 -87.25
CA LEU A 16 22.99 -24.87 -86.40
C LEU A 16 22.05 -23.70 -86.71
N GLY A 17 20.89 -23.70 -86.07
CA GLY A 17 19.92 -22.64 -86.28
C GLY A 17 20.07 -21.51 -85.29
N GLU A 18 19.75 -21.79 -84.02
CA GLU A 18 19.85 -20.79 -82.98
C GLU A 18 19.14 -19.50 -83.38
N TYR A 19 17.81 -19.54 -83.34
CA TYR A 19 17.00 -18.39 -83.71
C TYR A 19 16.09 -17.96 -82.55
N PRO A 20 16.70 -17.36 -81.51
CA PRO A 20 15.98 -16.89 -80.33
C PRO A 20 15.08 -15.70 -80.63
N GLU A 21 14.06 -15.50 -79.80
CA GLU A 21 13.13 -14.39 -79.98
C GLU A 21 13.21 -13.42 -78.82
N PRO A 22 12.79 -12.17 -79.06
CA PRO A 22 12.81 -11.11 -78.04
C PRO A 22 11.79 -11.36 -76.94
N PRO A 23 12.27 -11.64 -75.72
CA PRO A 23 11.42 -11.90 -74.57
C PRO A 23 10.70 -10.64 -74.09
N PRO A 24 9.70 -10.83 -73.20
CA PRO A 24 8.92 -9.72 -72.65
C PRO A 24 9.73 -8.84 -71.70
N GLU A 25 9.25 -7.63 -71.45
CA GLU A 25 9.93 -6.71 -70.56
C GLU A 25 8.98 -5.63 -70.05
N LEU A 26 8.47 -5.82 -68.83
CA LEU A 26 7.54 -4.87 -68.23
C LEU A 26 7.80 -4.74 -66.73
N GLU A 27 6.82 -4.18 -66.03
CA GLU A 27 6.94 -4.01 -64.58
C GLU A 27 5.63 -3.49 -63.99
N ASN A 28 5.42 -3.75 -62.70
CA ASN A 28 4.21 -3.31 -62.02
C ASN A 28 4.48 -2.09 -61.14
N ASN A 29 3.45 -1.30 -60.89
CA ASN A 29 3.59 -0.10 -60.06
C ASN A 29 2.62 -0.14 -58.88
N LYS A 30 3.10 0.25 -57.72
CA LYS A 30 2.28 0.26 -56.51
C LYS A 30 2.98 1.02 -55.38
N THR A 31 2.18 1.71 -54.57
CA THR A 31 2.73 2.48 -53.45
C THR A 31 1.66 2.73 -52.39
N MET A 32 2.08 2.75 -51.13
CA MET A 32 1.16 2.98 -50.02
C MET A 32 1.48 4.30 -49.32
N ASN A 33 0.58 4.74 -48.46
CA ASN A 33 0.76 5.98 -47.71
C ASN A 33 0.02 5.94 -46.39
N ARG A 34 0.74 5.57 -45.32
CA ARG A 34 0.14 5.49 -44.00
C ARG A 34 0.93 6.34 -43.00
N ALA A 35 0.22 7.05 -42.14
CA ALA A 35 0.84 7.89 -41.13
C ALA A 35 -0.17 8.41 -40.12
N GLU A 36 0.10 8.20 -38.84
CA GLU A 36 -0.80 8.64 -37.78
C GLU A 36 -0.08 9.60 -36.83
N ASN A 37 -0.87 10.28 -36.00
CA ASN A 37 -0.32 11.23 -35.04
C ASN A 37 -1.23 11.39 -33.83
N GLY A 38 -0.70 11.09 -32.64
CA GLY A 38 -1.50 11.20 -31.44
C GLY A 38 -0.72 11.84 -30.30
N GLY A 39 -1.02 11.43 -29.07
CA GLY A 39 -0.34 11.97 -27.91
C GLY A 39 -1.19 11.93 -26.67
N ARG A 40 -0.63 11.37 -25.59
CA ARG A 40 -1.35 11.25 -24.33
C ARG A 40 -0.40 10.94 -23.18
N PRO A 41 0.40 11.94 -22.78
CA PRO A 41 1.37 11.80 -21.69
C PRO A 41 0.69 11.63 -20.33
N PRO A 42 1.48 11.25 -19.32
CA PRO A 42 0.99 11.05 -17.95
C PRO A 42 0.62 12.36 -17.28
N HIS A 43 0.15 12.27 -16.04
CA HIS A 43 -0.24 13.45 -15.28
C HIS A 43 0.50 13.52 -13.95
N HIS A 44 1.78 13.17 -13.96
CA HIS A 44 2.60 13.19 -12.75
C HIS A 44 2.86 14.62 -12.31
N PRO A 45 3.24 14.77 -11.03
CA PRO A 45 3.53 16.08 -10.44
C PRO A 45 4.82 16.70 -10.99
N PHE A 46 5.22 17.82 -10.42
CA PHE A 46 6.42 18.52 -10.86
C PHE A 46 7.30 18.88 -9.67
N GLU A 47 8.53 18.38 -9.67
CA GLU A 47 9.47 18.66 -8.58
C GLU A 47 8.98 18.04 -7.27
N THR A 48 9.80 17.15 -6.72
CA THR A 48 9.46 16.48 -5.46
C THR A 48 10.65 16.47 -4.50
N LYS A 49 10.91 17.60 -3.86
CA LYS A 49 12.01 17.72 -2.92
C LYS A 49 11.49 18.08 -1.53
N ASP A 50 11.52 17.10 -0.63
CA ASP A 50 11.07 17.30 0.74
C ASP A 50 11.31 16.06 1.58
N VAL A 51 11.30 16.24 2.91
CA VAL A 51 11.52 15.13 3.83
C VAL A 51 11.03 15.48 5.23
N SER A 52 10.34 14.55 5.86
CA SER A 52 9.81 14.75 7.21
C SER A 52 9.65 13.42 7.94
N GLU A 53 10.79 12.80 8.26
CA GLU A 53 10.77 11.52 8.97
C GLU A 53 11.95 11.42 9.93
N TYR A 54 12.01 10.32 10.66
CA TYR A 54 13.09 10.09 11.63
C TYR A 54 13.03 8.67 12.19
N SER A 55 11.82 8.18 12.41
CA SER A 55 11.63 6.84 12.94
C SER A 55 10.22 6.32 12.64
N CYS A 56 9.99 5.05 12.94
CA CYS A 56 8.68 4.43 12.70
C CYS A 56 7.66 4.92 13.72
N ARG A 57 6.89 5.94 13.34
CA ARG A 57 5.87 6.50 14.22
C ARG A 57 4.54 5.77 14.04
N GLU A 58 3.69 5.81 15.06
CA GLU A 58 2.40 5.16 15.02
C GLU A 58 1.34 6.10 14.44
N LEU A 59 0.77 5.70 13.30
CA LEU A 59 -0.25 6.51 12.65
C LEU A 59 -1.63 5.88 12.82
N HIS A 60 -2.67 6.71 12.75
CA HIS A 60 -4.04 6.24 12.89
C HIS A 60 -4.86 6.55 11.66
N PHE A 61 -5.44 5.52 11.05
CA PHE A 61 -6.25 5.70 9.85
C PHE A 61 -7.71 5.36 10.12
N THR A 62 -8.61 6.04 9.43
CA THR A 62 -10.04 5.82 9.60
C THR A 62 -10.67 5.28 8.33
N ARG A 63 -11.83 4.64 8.47
CA ARG A 63 -12.53 4.07 7.32
C ARG A 63 -13.91 3.54 7.74
N TYR A 64 -14.89 3.71 6.86
CA TYR A 64 -16.24 3.25 7.13
C TYR A 64 -16.45 1.83 6.63
N VAL A 65 -16.70 0.90 7.56
CA VAL A 65 -16.93 -0.49 7.21
C VAL A 65 -18.41 -0.80 7.07
N THR A 66 -18.79 -1.42 5.96
CA THR A 66 -20.18 -1.77 5.71
C THR A 66 -20.29 -3.10 4.98
N ASP A 67 -21.03 -4.04 5.56
CA ASP A 67 -21.22 -5.35 4.96
C ASP A 67 -22.69 -5.61 4.67
N GLY A 68 -22.99 -5.94 3.41
CA GLY A 68 -24.36 -6.21 3.04
C GLY A 68 -25.22 -4.95 3.00
N PRO A 69 -26.54 -5.12 3.21
CA PRO A 69 -27.48 -4.01 3.22
C PRO A 69 -27.31 -3.10 4.43
N CYS A 70 -26.44 -3.50 5.35
CA CYS A 70 -26.17 -2.72 6.55
C CYS A 70 -24.85 -1.98 6.44
N ARG A 71 -24.60 -1.06 7.37
CA ARG A 71 -23.38 -0.29 7.38
C ARG A 71 -23.05 0.21 8.79
N SER A 72 -21.77 0.32 9.09
CA SER A 72 -21.33 0.78 10.41
C SER A 72 -21.88 2.18 10.70
N ALA A 73 -22.34 2.39 11.93
CA ALA A 73 -22.89 3.66 12.35
C ALA A 73 -21.78 4.70 12.51
N LYS A 74 -20.56 4.23 12.71
CA LYS A 74 -19.41 5.12 12.89
C LYS A 74 -18.16 4.52 12.26
N PRO A 75 -17.16 5.38 11.99
CA PRO A 75 -15.89 4.96 11.39
C PRO A 75 -15.05 4.11 12.34
N VAL A 76 -14.11 3.36 11.78
CA VAL A 76 -13.24 2.50 12.57
C VAL A 76 -11.82 3.05 12.59
N THR A 77 -11.21 3.05 13.78
CA THR A 77 -9.86 3.56 13.95
C THR A 77 -8.84 2.41 13.92
N GLU A 78 -8.06 2.35 12.85
CA GLU A 78 -7.06 1.31 12.70
C GLU A 78 -5.65 1.91 12.66
N LEU A 79 -4.72 1.28 13.38
CA LEU A 79 -3.34 1.75 13.44
C LEU A 79 -2.58 1.33 12.18
N VAL A 80 -1.76 2.24 11.65
CA VAL A 80 -0.98 1.97 10.46
C VAL A 80 0.52 2.04 10.76
N CYS A 81 1.31 1.27 10.02
CA CYS A 81 2.75 1.24 10.21
C CYS A 81 3.44 2.12 9.17
N SER A 82 4.19 3.11 9.64
CA SER A 82 4.90 4.04 8.76
C SER A 82 6.10 4.66 9.48
N GLY A 83 6.92 5.39 8.72
CA GLY A 83 8.08 6.03 9.30
C GLY A 83 9.35 5.24 9.06
N GLN A 84 10.44 5.95 8.79
CA GLN A 84 11.73 5.32 8.55
C GLN A 84 12.68 5.54 9.71
N CYS A 85 13.40 4.49 10.10
CA CYS A 85 14.35 4.57 11.20
C CYS A 85 15.77 4.82 10.68
N GLY A 86 16.66 5.18 11.58
CA GLY A 86 18.04 5.45 11.20
C GLY A 86 18.70 6.50 12.07
N PRO A 87 18.33 7.77 11.85
CA PRO A 87 18.87 8.90 12.61
C PRO A 87 18.41 8.91 14.06
N ALA A 88 19.20 9.53 14.93
CA ALA A 88 18.85 9.60 16.34
C ALA A 88 18.68 8.22 16.95
N ARG A 89 19.79 7.50 17.12
CA ARG A 89 19.76 6.16 17.69
C ARG A 89 19.48 6.20 19.19
N LEU A 90 18.27 5.84 19.58
CA LEU A 90 17.88 5.84 20.98
C LEU A 90 17.51 4.43 21.44
N LEU A 91 18.13 3.99 22.53
CA LEU A 91 17.86 2.66 23.07
C LEU A 91 17.24 2.76 24.47
N PRO A 92 16.59 1.67 24.90
CA PRO A 92 15.94 1.61 26.21
C PRO A 92 16.95 1.59 27.36
N ASN A 93 18.11 1.01 27.11
CA ASN A 93 19.16 0.91 28.11
C ASN A 93 20.24 1.98 27.87
N ALA A 94 20.74 2.04 26.65
CA ALA A 94 21.77 3.01 26.30
C ALA A 94 22.99 2.87 27.19
N ILE A 95 23.94 2.04 26.76
CA ILE A 95 25.16 1.82 27.53
C ILE A 95 26.40 2.01 26.66
N GLY A 96 27.57 1.90 27.29
CA GLY A 96 28.81 2.05 26.55
C GLY A 96 29.41 0.72 26.12
N ARG A 97 29.16 -0.32 26.91
CA ARG A 97 29.67 -1.64 26.61
C ARG A 97 29.05 -2.19 25.33
N GLY A 98 29.61 -3.28 24.82
CA GLY A 98 29.10 -3.88 23.61
C GLY A 98 29.90 -3.51 22.38
N LYS A 99 29.69 -4.24 21.29
CA LYS A 99 30.40 -3.98 20.05
C LYS A 99 29.56 -4.38 18.85
N TRP A 100 29.90 -3.84 17.68
CA TRP A 100 29.18 -4.13 16.45
C TRP A 100 30.14 -4.39 15.30
N TRP A 101 29.80 -5.37 14.46
CA TRP A 101 30.63 -5.72 13.32
C TRP A 101 30.33 -4.80 12.13
N ARG A 102 29.09 -4.82 11.68
CA ARG A 102 28.68 -4.00 10.54
C ARG A 102 28.62 -2.52 10.93
N PRO A 103 28.65 -1.63 9.92
CA PRO A 103 28.61 -0.19 10.13
C PRO A 103 27.25 0.28 10.63
N SER A 104 26.24 -0.57 10.47
CA SER A 104 24.88 -0.23 10.89
C SER A 104 24.38 1.02 10.18
N GLY A 105 23.10 1.32 10.36
CA GLY A 105 22.51 2.48 9.72
C GLY A 105 21.13 2.20 9.17
N PRO A 106 21.06 1.39 8.10
CA PRO A 106 19.79 1.03 7.47
C PRO A 106 18.94 0.11 8.34
N ASP A 107 17.66 0.43 8.45
CA ASP A 107 16.74 -0.35 9.26
C ASP A 107 15.92 -1.29 8.37
N PHE A 108 16.05 -1.13 7.06
CA PHE A 108 15.32 -1.96 6.11
C PHE A 108 13.82 -1.64 6.14
N ARG A 109 13.14 -2.12 7.19
CA ARG A 109 11.72 -1.89 7.34
C ARG A 109 11.29 -2.04 8.80
N CYS A 110 9.99 -2.07 9.03
CA CYS A 110 9.44 -2.21 10.38
C CYS A 110 8.57 -3.45 10.50
N ILE A 111 8.82 -4.25 11.52
CA ILE A 111 8.06 -5.48 11.74
C ILE A 111 6.73 -5.18 12.45
N PRO A 112 5.74 -6.06 12.22
CA PRO A 112 4.42 -5.91 12.83
C PRO A 112 4.43 -6.15 14.34
N ASP A 113 3.28 -5.95 14.97
CA ASP A 113 3.16 -6.15 16.42
C ASP A 113 1.78 -6.69 16.77
N ARG A 114 1.48 -6.72 18.07
CA ARG A 114 0.20 -7.22 18.55
C ARG A 114 -0.95 -6.55 17.81
N TYR A 115 -2.01 -7.31 17.55
CA TYR A 115 -3.17 -6.78 16.85
C TYR A 115 -4.33 -6.52 17.82
N ARG A 116 -5.41 -5.96 17.30
CA ARG A 116 -6.58 -5.66 18.11
C ARG A 116 -7.87 -5.82 17.32
N ALA A 117 -8.80 -6.59 17.85
CA ALA A 117 -10.08 -6.83 17.20
C ALA A 117 -11.16 -5.92 17.73
N GLN A 118 -11.59 -4.97 16.90
CA GLN A 118 -12.64 -4.03 17.29
C GLN A 118 -14.00 -4.45 16.75
N ARG A 119 -15.01 -4.40 17.61
CA ARG A 119 -16.36 -4.78 17.22
C ARG A 119 -17.16 -3.55 16.76
N VAL A 120 -17.64 -3.60 15.52
CA VAL A 120 -18.42 -2.50 14.96
C VAL A 120 -19.89 -2.86 14.90
N GLN A 121 -20.75 -1.84 14.93
CA GLN A 121 -22.19 -2.04 14.87
C GLN A 121 -22.76 -1.52 13.56
N LEU A 122 -23.14 -2.44 12.67
CA LEU A 122 -23.70 -2.08 11.38
C LEU A 122 -25.23 -2.03 11.44
N LEU A 123 -25.79 -0.92 10.99
CA LEU A 123 -27.24 -0.73 10.98
C LEU A 123 -27.83 -1.11 9.64
N CYS A 124 -29.03 -1.68 9.66
CA CYS A 124 -29.71 -2.09 8.43
C CYS A 124 -30.99 -1.27 8.23
N PRO A 125 -31.39 -1.12 6.95
CA PRO A 125 -32.59 -0.36 6.59
C PRO A 125 -33.87 -1.07 7.02
N GLY A 126 -35.00 -0.41 6.85
CA GLY A 126 -36.28 -0.99 7.22
C GLY A 126 -36.55 -0.90 8.71
N GLY A 127 -35.64 -1.45 9.50
CA GLY A 127 -35.79 -1.42 10.93
C GLY A 127 -35.13 -2.60 11.62
N GLU A 128 -34.80 -3.62 10.84
CA GLU A 128 -34.17 -4.82 11.37
C GLU A 128 -32.97 -4.46 12.24
N ALA A 129 -32.75 -5.24 13.29
CA ALA A 129 -31.64 -5.00 14.21
C ALA A 129 -30.31 -4.95 13.46
N PRO A 130 -29.31 -4.31 14.07
CA PRO A 130 -27.98 -4.17 13.47
C PRO A 130 -27.23 -5.50 13.43
N ARG A 131 -25.95 -5.44 13.08
CA ARG A 131 -25.12 -6.64 12.99
C ARG A 131 -23.69 -6.35 13.46
N ALA A 132 -23.28 -6.98 14.55
CA ALA A 132 -21.94 -6.80 15.08
C ALA A 132 -20.89 -7.46 14.20
N ARG A 133 -19.86 -6.69 13.84
CA ARG A 133 -18.80 -7.21 12.99
C ARG A 133 -17.43 -6.94 13.61
N LYS A 134 -16.66 -8.00 13.82
CA LYS A 134 -15.33 -7.89 14.41
C LYS A 134 -14.27 -7.63 13.33
N VAL A 135 -13.53 -6.54 13.48
CA VAL A 135 -12.48 -6.20 12.53
C VAL A 135 -11.10 -6.33 13.15
N ARG A 136 -10.23 -7.08 12.49
CA ARG A 136 -8.87 -7.29 12.98
C ARG A 136 -7.92 -6.22 12.45
N LEU A 137 -7.56 -5.27 13.30
CA LEU A 137 -6.67 -4.19 12.92
C LEU A 137 -5.43 -4.17 13.81
N VAL A 138 -4.29 -3.82 13.23
CA VAL A 138 -3.04 -3.74 13.97
C VAL A 138 -3.19 -2.89 15.22
N ALA A 139 -2.56 -3.33 16.31
CA ALA A 139 -2.63 -2.60 17.57
C ALA A 139 -1.32 -1.87 17.86
N SER A 140 -0.21 -2.47 17.45
CA SER A 140 1.10 -1.89 17.66
C SER A 140 2.02 -2.15 16.47
N CYS A 141 3.22 -1.60 16.52
CA CYS A 141 4.20 -1.78 15.45
C CYS A 141 5.62 -1.57 15.97
N LYS A 142 6.54 -2.41 15.49
CA LYS A 142 7.94 -2.31 15.90
C LYS A 142 8.85 -2.08 14.69
N CYS A 143 9.99 -1.44 14.93
CA CYS A 143 10.94 -1.15 13.87
C CYS A 143 12.15 -2.08 13.96
N LYS A 144 12.24 -3.02 13.02
CA LYS A 144 13.35 -3.96 12.99
C LYS A 144 13.66 -4.39 11.57
N ARG A 145 14.94 -4.68 11.31
CA ARG A 145 15.37 -5.10 9.98
C ARG A 145 14.87 -6.50 9.66
N LEU A 146 14.95 -6.89 8.39
CA LEU A 146 14.51 -8.21 7.96
C LEU A 146 15.20 -8.61 6.66
N THR A 147 15.63 -9.87 6.61
CA THR A 147 16.32 -10.39 5.42
C THR A 147 15.72 -11.72 4.99
N ARG A 148 16.20 -12.24 3.86
CA ARG A 148 15.72 -13.51 3.34
C ARG A 148 14.20 -13.49 3.19
N PHE A 149 13.73 -12.99 2.04
CA PHE A 149 12.30 -12.92 1.78
C PHE A 149 11.83 -14.13 0.99
N HIS A 150 10.52 -14.34 0.97
CA HIS A 150 9.94 -15.47 0.26
C HIS A 150 8.78 -15.02 -0.63
N ASN A 151 9.12 -14.50 -1.81
CA ASN A 151 8.11 -14.03 -2.74
C ASN A 151 8.26 -14.71 -4.11
N GLN A 152 7.38 -15.67 -4.38
CA GLN A 152 7.42 -16.39 -5.65
C GLN A 152 6.11 -17.13 -5.88
N SER A 153 5.22 -16.51 -6.65
CA SER A 153 3.92 -17.11 -6.96
C SER A 153 3.31 -16.46 -8.20
N GLU A 154 3.12 -17.27 -9.25
CA GLU A 154 2.53 -16.77 -10.49
C GLU A 154 1.86 -17.91 -11.26
N LEU A 155 0.64 -17.66 -11.72
CA LEU A 155 -0.10 -18.66 -12.48
C LEU A 155 -1.05 -17.99 -13.47
N LYS A 156 -0.85 -18.26 -14.76
CA LYS A 156 -1.69 -17.68 -15.80
C LYS A 156 -2.67 -18.73 -16.34
N ASP A 157 -3.71 -18.26 -17.04
CA ASP A 157 -4.71 -19.15 -17.61
C ASP A 157 -5.75 -18.36 -18.39
N PHE A 158 -5.56 -18.26 -19.69
CA PHE A 158 -6.48 -17.52 -20.56
C PHE A 158 -6.57 -18.18 -21.93
N GLY A 159 -7.16 -17.46 -22.88
CA GLY A 159 -7.30 -17.98 -24.23
C GLY A 159 -8.72 -18.45 -24.53
N THR A 160 -9.54 -17.54 -25.04
CA THR A 160 -10.93 -17.87 -25.37
C THR A 160 -11.25 -17.48 -26.80
N GLU A 161 -11.63 -18.46 -27.61
CA GLU A 161 -11.98 -18.23 -29.01
C GLU A 161 -13.36 -18.80 -29.33
N ALA A 162 -14.01 -18.21 -30.34
CA ALA A 162 -15.33 -18.66 -30.75
C ALA A 162 -15.71 -18.08 -32.12
N ALA A 163 -16.67 -18.71 -32.77
CA ALA A 163 -17.12 -18.26 -34.08
C ALA A 163 -18.46 -18.89 -34.44
N ARG A 164 -19.43 -18.04 -34.78
CA ARG A 164 -20.76 -18.51 -35.15
C ARG A 164 -21.25 -17.81 -36.41
N PRO A 165 -20.67 -18.18 -37.56
CA PRO A 165 -21.03 -17.61 -38.86
C PRO A 165 -22.42 -18.04 -39.32
N GLN A 166 -23.08 -17.17 -40.07
CA GLN A 166 -24.42 -17.46 -40.57
C GLN A 166 -24.82 -16.48 -41.67
N LYS A 167 -25.14 -17.02 -42.84
CA LYS A 167 -25.54 -16.20 -43.98
C LYS A 167 -26.33 -17.01 -45.01
N GLY A 168 -26.78 -16.35 -46.06
CA GLY A 168 -27.53 -17.04 -47.09
C GLY A 168 -28.82 -16.31 -47.44
N ARG A 169 -28.92 -15.87 -48.69
CA ARG A 169 -30.10 -15.15 -49.15
C ARG A 169 -30.17 -15.15 -50.69
N LYS A 170 -31.28 -15.65 -51.22
CA LYS A 170 -31.47 -15.70 -52.66
C LYS A 170 -32.62 -14.79 -53.09
N PRO A 171 -32.65 -14.44 -54.38
CA PRO A 171 -33.69 -13.57 -54.95
C PRO A 171 -35.05 -14.27 -55.01
N ARG A 172 -36.06 -13.52 -55.44
CA ARG A 172 -37.41 -14.07 -55.55
C ARG A 172 -38.11 -13.54 -56.80
N PRO A 173 -37.67 -14.01 -57.98
CA PRO A 173 -38.25 -13.59 -59.26
C PRO A 173 -39.67 -14.13 -59.46
N ARG A 174 -40.65 -13.36 -59.01
CA ARG A 174 -42.04 -13.76 -59.15
C ARG A 174 -42.71 -13.03 -60.31
N ALA A 175 -43.24 -13.79 -61.26
CA ALA A 175 -43.91 -13.22 -62.42
C ALA A 175 -44.94 -14.18 -63.00
N ARG A 176 -45.99 -13.62 -63.59
CA ARG A 176 -47.05 -14.44 -64.17
C ARG A 176 -47.57 -13.81 -65.47
N SER A 177 -48.20 -14.63 -66.31
CA SER A 177 -48.72 -14.16 -67.59
C SER A 177 -49.84 -15.07 -68.08
N ALA A 178 -50.85 -14.48 -68.70
CA ALA A 178 -51.98 -15.24 -69.22
C ALA A 178 -52.68 -14.48 -70.34
N LYS A 179 -53.40 -15.20 -71.19
CA LYS A 179 -54.12 -14.60 -72.30
C LYS A 179 -55.40 -15.36 -72.61
N ALA A 180 -56.21 -14.83 -73.51
CA ALA A 180 -57.47 -15.46 -73.89
C ALA A 180 -57.72 -15.34 -75.38
N ASN A 181 -57.95 -14.11 -75.84
CA ASN A 181 -58.21 -13.86 -77.26
C ASN A 181 -59.46 -14.59 -77.72
N GLN A 182 -59.94 -14.24 -78.91
CA GLN A 182 -61.14 -14.86 -79.46
C GLN A 182 -60.89 -15.31 -80.91
N ALA A 183 -61.93 -15.88 -81.52
CA ALA A 183 -61.82 -16.35 -82.90
C ALA A 183 -63.21 -16.55 -83.51
N GLU A 184 -63.24 -17.01 -84.76
CA GLU A 184 -64.50 -17.25 -85.46
C GLU A 184 -65.29 -15.96 -85.61
N LEU A 185 -66.34 -16.00 -86.41
CA LEU A 185 -67.17 -14.83 -86.64
C LEU A 185 -68.62 -15.24 -86.93
N GLU A 186 -68.78 -16.25 -87.79
CA GLU A 186 -70.10 -16.74 -88.15
C GLU A 186 -70.92 -15.63 -88.83
N ASN A 187 -72.10 -16.01 -89.32
CA ASN A 187 -72.98 -15.05 -89.98
C ASN A 187 -74.33 -15.69 -90.29
N ALA A 188 -74.31 -16.96 -90.66
CA ALA A 188 -75.54 -17.69 -90.97
C ALA A 188 -76.28 -17.04 -92.14
N TYR A 189 -77.49 -17.50 -92.41
CA TYR A 189 -78.30 -16.98 -93.50
C TYR A 189 -79.10 -15.75 -93.03
N GLY A 1 70.77 55.67 -121.77
CA GLY A 1 70.87 56.37 -120.50
C GLY A 1 70.07 55.69 -119.39
N TRP A 2 70.43 55.99 -118.15
CA TRP A 2 69.73 55.41 -117.00
C TRP A 2 69.81 56.33 -115.79
N GLN A 3 68.88 56.16 -114.86
CA GLN A 3 68.84 56.98 -113.65
C GLN A 3 68.11 56.26 -112.53
N ALA A 4 68.48 56.58 -111.29
CA ALA A 4 67.86 55.97 -110.12
C ALA A 4 67.26 57.02 -109.20
N PHE A 5 66.57 56.57 -108.15
CA PHE A 5 65.96 57.47 -107.19
C PHE A 5 66.06 56.92 -105.78
N LYS A 6 66.02 57.81 -104.79
CA LYS A 6 66.11 57.41 -103.40
C LYS A 6 65.05 58.11 -102.55
N ASN A 7 64.72 57.53 -101.41
CA ASN A 7 63.71 58.11 -100.52
C ASN A 7 63.80 57.49 -99.13
N ASP A 8 64.05 58.33 -98.13
CA ASP A 8 64.17 57.87 -96.75
C ASP A 8 63.37 58.77 -95.81
N ALA A 9 62.41 58.19 -95.11
CA ALA A 9 61.58 58.93 -94.18
C ALA A 9 61.37 58.15 -92.88
N THR A 10 62.45 57.87 -92.18
CA THR A 10 62.39 57.13 -90.92
C THR A 10 62.86 57.99 -89.75
N GLU A 11 61.93 58.71 -89.15
CA GLU A 11 62.25 59.58 -88.01
C GLU A 11 61.55 59.09 -86.75
N ILE A 12 62.32 58.98 -85.67
CA ILE A 12 61.77 58.52 -84.39
C ILE A 12 61.51 59.70 -83.45
N ILE A 13 60.26 60.16 -83.42
CA ILE A 13 59.88 61.28 -82.57
C ILE A 13 58.66 60.94 -81.74
N PRO A 14 58.85 60.09 -80.72
CA PRO A 14 57.77 59.67 -79.82
C PRO A 14 57.30 60.79 -78.91
N GLU A 15 56.07 60.67 -78.42
CA GLU A 15 55.50 61.68 -77.53
C GLU A 15 54.55 61.05 -76.53
N LEU A 16 55.10 60.60 -75.41
CA LEU A 16 54.29 59.97 -74.37
C LEU A 16 53.87 60.99 -73.32
N GLY A 17 52.58 61.05 -73.04
CA GLY A 17 52.07 61.99 -72.05
C GLY A 17 50.99 61.38 -71.17
N GLU A 18 51.40 60.49 -70.26
CA GLU A 18 50.47 59.84 -69.36
C GLU A 18 50.67 60.33 -67.92
N TYR A 19 49.63 60.93 -67.36
CA TYR A 19 49.69 61.44 -65.99
C TYR A 19 48.68 60.74 -65.11
N PRO A 20 48.96 59.46 -64.77
CA PRO A 20 48.08 58.66 -63.92
C PRO A 20 48.07 59.13 -62.48
N GLU A 21 47.29 60.18 -62.21
CA GLU A 21 47.20 60.72 -60.86
C GLU A 21 45.78 61.16 -60.55
N PRO A 22 44.89 60.18 -60.33
CA PRO A 22 43.47 60.44 -60.03
C PRO A 22 43.29 61.04 -58.64
N PRO A 23 42.08 61.54 -58.37
CA PRO A 23 41.74 62.15 -57.07
C PRO A 23 41.66 61.12 -55.95
N PRO A 24 41.62 61.61 -54.70
CA PRO A 24 41.55 60.75 -53.52
C PRO A 24 40.20 60.04 -53.40
N GLU A 25 40.24 58.79 -52.94
CA GLU A 25 39.02 58.00 -52.78
C GLU A 25 39.05 57.23 -51.47
N LEU A 26 38.63 57.89 -50.39
CA LEU A 26 38.59 57.27 -49.08
C LEU A 26 37.23 57.42 -48.43
N GLU A 27 36.28 56.57 -48.83
CA GLU A 27 34.93 56.62 -48.28
C GLU A 27 34.89 56.03 -46.87
N ASN A 28 34.09 56.64 -46.01
CA ASN A 28 33.96 56.17 -44.62
C ASN A 28 32.66 56.68 -44.01
N ASN A 29 32.33 56.14 -42.84
CA ASN A 29 31.11 56.53 -42.14
C ASN A 29 31.18 56.16 -40.66
N LYS A 30 30.34 56.79 -39.86
CA LYS A 30 30.31 56.53 -38.42
C LYS A 30 28.88 56.57 -37.88
N THR A 31 28.70 56.10 -36.65
CA THR A 31 27.38 56.08 -36.03
C THR A 31 27.48 55.71 -34.56
N MET A 32 26.50 56.17 -33.77
CA MET A 32 26.48 55.87 -32.34
C MET A 32 25.07 55.52 -31.89
N ASN A 33 24.96 55.02 -30.66
CA ASN A 33 23.67 54.63 -30.11
C ASN A 33 23.80 54.20 -28.65
N ARG A 34 22.72 54.35 -27.89
CA ARG A 34 22.72 53.98 -26.48
C ARG A 34 21.33 53.54 -26.04
N ALA A 35 21.28 52.56 -25.14
CA ALA A 35 20.02 52.04 -24.63
C ALA A 35 20.25 51.09 -23.46
N GLU A 36 19.51 51.30 -22.38
CA GLU A 36 19.63 50.46 -21.20
C GLU A 36 18.46 50.69 -20.25
N ASN A 37 17.77 49.60 -19.90
CA ASN A 37 16.62 49.68 -19.00
C ASN A 37 16.28 48.30 -18.44
N GLY A 38 15.68 48.29 -17.24
CA GLY A 38 15.31 47.04 -16.62
C GLY A 38 15.77 46.95 -15.18
N GLY A 39 14.85 47.19 -14.25
CA GLY A 39 15.19 47.14 -12.84
C GLY A 39 13.96 46.98 -11.95
N ARG A 40 13.40 45.78 -11.94
CA ARG A 40 12.22 45.49 -11.14
C ARG A 40 12.35 44.13 -10.44
N PRO A 41 13.22 44.06 -9.44
CA PRO A 41 13.45 42.83 -8.67
C PRO A 41 12.27 42.47 -7.79
N PRO A 42 11.60 41.35 -8.14
CA PRO A 42 10.43 40.86 -7.39
C PRO A 42 10.81 40.33 -6.02
N HIS A 43 9.83 40.25 -5.13
CA HIS A 43 10.05 39.74 -3.79
C HIS A 43 8.90 38.86 -3.33
N HIS A 44 9.23 37.65 -2.87
CA HIS A 44 8.23 36.71 -2.41
C HIS A 44 8.87 35.53 -1.69
N PRO A 45 9.38 35.79 -0.47
CA PRO A 45 10.05 34.77 0.35
C PRO A 45 9.06 33.73 0.88
N PHE A 46 9.60 32.66 1.47
CA PHE A 46 8.76 31.60 2.02
C PHE A 46 9.37 31.04 3.29
N GLU A 47 8.65 30.14 3.94
CA GLU A 47 9.12 29.53 5.18
C GLU A 47 9.59 28.10 4.94
N THR A 48 10.22 27.50 5.95
CA THR A 48 10.73 26.15 5.84
C THR A 48 10.83 25.48 7.21
N LYS A 49 10.07 24.41 7.39
CA LYS A 49 10.06 23.68 8.65
C LYS A 49 10.94 22.43 8.56
N ASP A 50 11.23 21.83 9.72
CA ASP A 50 12.05 20.63 9.77
C ASP A 50 11.74 19.82 11.02
N VAL A 51 11.86 18.50 10.91
CA VAL A 51 11.59 17.61 12.02
C VAL A 51 12.17 16.22 11.77
N SER A 52 12.82 15.66 12.80
CA SER A 52 13.42 14.33 12.68
C SER A 52 12.82 13.37 13.71
N GLU A 53 11.98 12.47 13.23
CA GLU A 53 11.33 11.49 14.11
C GLU A 53 12.23 10.28 14.33
N TYR A 54 11.80 9.38 15.21
CA TYR A 54 12.57 8.19 15.51
C TYR A 54 11.65 6.97 15.64
N SER A 55 12.17 5.80 15.29
CA SER A 55 11.40 4.57 15.37
C SER A 55 10.21 4.61 14.43
N CYS A 56 9.37 3.59 14.50
CA CYS A 56 8.18 3.50 13.66
C CYS A 56 6.98 4.15 14.35
N ARG A 57 6.40 5.16 13.70
CA ARG A 57 5.24 5.85 14.25
C ARG A 57 3.95 5.10 13.95
N GLU A 58 2.88 5.49 14.62
CA GLU A 58 1.58 4.84 14.43
C GLU A 58 0.61 5.78 13.71
N LEU A 59 0.22 5.39 12.50
CA LEU A 59 -0.70 6.20 11.71
C LEU A 59 -2.14 5.68 11.84
N HIS A 60 -2.99 6.47 12.47
CA HIS A 60 -4.39 6.09 12.66
C HIS A 60 -5.20 6.35 11.40
N PHE A 61 -5.72 5.28 10.81
CA PHE A 61 -6.52 5.39 9.59
C PHE A 61 -8.01 5.26 9.90
N THR A 62 -8.80 6.17 9.36
CA THR A 62 -10.24 6.15 9.57
C THR A 62 -10.99 5.83 8.29
N ARG A 63 -12.17 5.23 8.43
CA ARG A 63 -12.98 4.87 7.28
C ARG A 63 -14.29 4.22 7.72
N TYR A 64 -15.31 4.30 6.87
CA TYR A 64 -16.61 3.72 7.18
C TYR A 64 -16.71 2.29 6.67
N VAL A 65 -16.85 1.35 7.59
CA VAL A 65 -16.96 -0.06 7.25
C VAL A 65 -18.41 -0.47 7.01
N THR A 66 -18.62 -1.42 6.13
CA THR A 66 -19.96 -1.90 5.80
C THR A 66 -19.94 -3.38 5.45
N ASP A 67 -20.81 -4.15 6.10
CA ASP A 67 -20.90 -5.59 5.85
C ASP A 67 -22.35 -6.03 5.70
N GLY A 68 -22.78 -6.21 4.45
CA GLY A 68 -24.15 -6.63 4.20
C GLY A 68 -25.08 -5.45 3.95
N PRO A 69 -26.38 -5.66 4.13
CA PRO A 69 -27.40 -4.62 3.93
C PRO A 69 -27.33 -3.52 4.98
N CYS A 70 -26.47 -3.72 5.97
CA CYS A 70 -26.30 -2.74 7.04
C CYS A 70 -25.02 -1.93 6.84
N ARG A 71 -24.91 -0.83 7.58
CA ARG A 71 -23.74 0.03 7.49
C ARG A 71 -23.30 0.50 8.87
N SER A 72 -21.99 0.59 9.08
CA SER A 72 -21.44 1.02 10.36
C SER A 72 -21.99 2.38 10.74
N ALA A 73 -22.46 2.50 11.98
CA ALA A 73 -23.01 3.76 12.47
C ALA A 73 -21.92 4.81 12.63
N LYS A 74 -20.71 4.36 12.92
CA LYS A 74 -19.57 5.26 13.09
C LYS A 74 -18.35 4.75 12.33
N PRO A 75 -17.39 5.66 12.08
CA PRO A 75 -16.16 5.32 11.36
C PRO A 75 -15.24 4.44 12.18
N VAL A 76 -14.65 3.43 11.54
CA VAL A 76 -13.75 2.51 12.21
C VAL A 76 -12.31 3.02 12.15
N THR A 77 -11.56 2.80 13.23
CA THR A 77 -10.18 3.23 13.31
C THR A 77 -9.23 2.05 13.23
N GLU A 78 -8.27 2.13 12.31
CA GLU A 78 -7.29 1.06 12.14
C GLU A 78 -5.86 1.61 12.22
N LEU A 79 -5.07 1.02 13.11
CA LEU A 79 -3.68 1.44 13.29
C LEU A 79 -2.82 0.99 12.12
N VAL A 80 -1.95 1.89 11.65
CA VAL A 80 -1.07 1.58 10.53
C VAL A 80 0.39 1.79 10.92
N CYS A 81 1.28 1.04 10.29
CA CYS A 81 2.71 1.13 10.57
C CYS A 81 3.40 2.00 9.52
N SER A 82 4.24 2.92 9.99
CA SER A 82 4.97 3.82 9.09
C SER A 82 6.17 4.42 9.79
N GLY A 83 7.02 5.10 9.03
CA GLY A 83 8.21 5.72 9.59
C GLY A 83 9.45 5.42 8.78
N GLN A 84 10.53 6.16 9.06
CA GLN A 84 11.79 5.96 8.35
C GLN A 84 12.90 5.56 9.32
N CYS A 85 13.42 4.35 9.13
CA CYS A 85 14.49 3.84 9.99
C CYS A 85 15.82 3.81 9.23
N GLY A 86 16.89 4.15 9.94
CA GLY A 86 18.21 4.15 9.32
C GLY A 86 19.26 3.50 10.19
N PRO A 87 19.69 4.21 11.24
CA PRO A 87 20.70 3.72 12.17
C PRO A 87 20.18 2.58 13.04
N ALA A 88 21.10 1.88 13.71
CA ALA A 88 20.73 0.77 14.58
C ALA A 88 21.81 0.50 15.62
N ARG A 89 21.55 0.87 16.85
CA ARG A 89 22.51 0.67 17.94
C ARG A 89 22.00 -0.37 18.93
N LEU A 90 22.48 -1.60 18.80
CA LEU A 90 22.07 -2.68 19.70
C LEU A 90 22.72 -2.53 21.06
N LEU A 91 22.11 -3.16 22.07
CA LEU A 91 22.63 -3.09 23.43
C LEU A 91 23.95 -3.85 23.54
N PRO A 92 24.73 -3.55 24.60
CA PRO A 92 26.01 -4.19 24.85
C PRO A 92 25.87 -5.64 25.25
N ASN A 93 24.66 -6.03 25.66
CA ASN A 93 24.39 -7.41 26.07
C ASN A 93 23.26 -8.01 25.24
N ALA A 94 23.14 -7.56 24.00
CA ALA A 94 22.10 -8.05 23.09
C ALA A 94 22.71 -8.76 21.89
N ILE A 95 23.40 -9.86 22.14
CA ILE A 95 24.03 -10.63 21.07
C ILE A 95 23.82 -12.12 21.27
N GLY A 96 24.18 -12.91 20.26
CA GLY A 96 24.03 -14.35 20.34
C GLY A 96 25.31 -15.05 20.71
N ARG A 97 26.32 -14.91 19.87
CA ARG A 97 27.62 -15.54 20.12
C ARG A 97 28.67 -15.05 19.11
N GLY A 98 29.90 -14.92 19.57
CA GLY A 98 30.97 -14.47 18.71
C GLY A 98 30.85 -13.00 18.36
N LYS A 99 31.99 -12.33 18.19
CA LYS A 99 32.00 -10.91 17.85
C LYS A 99 32.37 -10.70 16.39
N TRP A 100 31.82 -11.54 15.52
CA TRP A 100 32.10 -11.45 14.08
C TRP A 100 30.84 -11.74 13.27
N TRP A 101 29.71 -11.21 13.72
CA TRP A 101 28.43 -11.41 13.04
C TRP A 101 28.01 -10.14 12.31
N ARG A 102 28.42 -10.03 11.05
CA ARG A 102 28.08 -8.86 10.24
C ARG A 102 26.94 -9.18 9.28
N PRO A 103 26.21 -8.14 8.86
CA PRO A 103 25.08 -8.28 7.94
C PRO A 103 25.53 -8.67 6.53
N SER A 104 24.70 -9.46 5.85
CA SER A 104 25.01 -9.90 4.50
C SER A 104 23.94 -9.43 3.52
N GLY A 105 23.44 -8.22 3.74
CA GLY A 105 22.40 -7.68 2.86
C GLY A 105 21.03 -7.69 3.50
N PRO A 106 20.84 -6.80 4.49
CA PRO A 106 19.57 -6.69 5.22
C PRO A 106 18.46 -6.11 4.34
N ASP A 107 17.23 -6.13 4.86
CA ASP A 107 16.09 -5.61 4.12
C ASP A 107 14.96 -5.22 5.08
N PHE A 108 14.53 -6.17 5.89
CA PHE A 108 13.45 -5.94 6.85
C PHE A 108 13.76 -4.73 7.72
N ARG A 109 13.04 -3.64 7.48
CA ARG A 109 13.23 -2.41 8.25
C ARG A 109 12.35 -2.39 9.49
N CYS A 110 11.05 -2.22 9.29
CA CYS A 110 10.10 -2.18 10.39
C CYS A 110 9.34 -3.51 10.50
N ILE A 111 9.20 -4.00 11.73
CA ILE A 111 8.50 -5.26 11.97
C ILE A 111 7.16 -5.01 12.65
N PRO A 112 6.16 -5.84 12.31
CA PRO A 112 4.82 -5.74 12.88
C PRO A 112 4.77 -6.15 14.34
N ASP A 113 3.60 -6.00 14.96
CA ASP A 113 3.44 -6.36 16.36
C ASP A 113 2.04 -6.93 16.61
N ARG A 114 1.70 -7.13 17.88
CA ARG A 114 0.40 -7.67 18.24
C ARG A 114 -0.73 -6.90 17.56
N TYR A 115 -1.81 -7.60 17.24
CA TYR A 115 -2.94 -6.98 16.58
C TYR A 115 -4.10 -6.79 17.56
N ARG A 116 -5.17 -6.14 17.09
CA ARG A 116 -6.33 -5.89 17.92
C ARG A 116 -7.61 -5.93 17.09
N ALA A 117 -8.63 -6.59 17.62
CA ALA A 117 -9.91 -6.71 16.92
C ALA A 117 -10.91 -5.69 17.46
N GLN A 118 -11.58 -4.98 16.54
CA GLN A 118 -12.57 -3.98 16.91
C GLN A 118 -13.95 -4.36 16.43
N ARG A 119 -14.91 -4.41 17.35
CA ARG A 119 -16.28 -4.78 17.01
C ARG A 119 -17.12 -3.53 16.74
N VAL A 120 -17.69 -3.47 15.53
CA VAL A 120 -18.52 -2.33 15.15
C VAL A 120 -19.98 -2.72 15.03
N GLN A 121 -20.87 -1.76 15.25
CA GLN A 121 -22.30 -2.02 15.16
C GLN A 121 -22.90 -1.39 13.91
N LEU A 122 -23.24 -2.24 12.95
CA LEU A 122 -23.82 -1.77 11.69
C LEU A 122 -25.34 -1.72 11.77
N LEU A 123 -25.92 -0.67 11.22
CA LEU A 123 -27.38 -0.50 11.23
C LEU A 123 -27.98 -0.84 9.87
N CYS A 124 -29.20 -1.35 9.88
CA CYS A 124 -29.89 -1.73 8.65
C CYS A 124 -31.12 -0.85 8.43
N PRO A 125 -31.59 -0.80 7.17
CA PRO A 125 -32.77 0.00 6.81
C PRO A 125 -34.07 -0.58 7.37
N GLY A 126 -35.16 0.15 7.20
CA GLY A 126 -36.44 -0.31 7.70
C GLY A 126 -36.39 -0.70 9.16
N GLY A 127 -36.88 -1.90 9.47
CA GLY A 127 -36.87 -2.37 10.84
C GLY A 127 -35.91 -3.52 11.06
N GLU A 128 -34.99 -3.70 10.11
CA GLU A 128 -34.01 -4.78 10.22
C GLU A 128 -33.00 -4.49 11.33
N ALA A 129 -32.78 -5.48 12.18
CA ALA A 129 -31.83 -5.35 13.28
C ALA A 129 -30.42 -5.09 12.77
N PRO A 130 -29.57 -4.53 13.65
CA PRO A 130 -28.17 -4.23 13.32
C PRO A 130 -27.33 -5.49 13.14
N ARG A 131 -26.03 -5.29 12.95
CA ARG A 131 -25.11 -6.41 12.76
C ARG A 131 -23.72 -6.08 13.30
N ALA A 132 -23.18 -6.97 14.12
CA ALA A 132 -21.85 -6.76 14.70
C ALA A 132 -20.76 -7.34 13.79
N ARG A 133 -19.75 -6.52 13.53
CA ARG A 133 -18.64 -6.94 12.68
C ARG A 133 -17.30 -6.71 13.37
N LYS A 134 -16.40 -7.69 13.25
CA LYS A 134 -15.08 -7.60 13.87
C LYS A 134 -14.04 -7.16 12.85
N VAL A 135 -13.21 -6.20 13.24
CA VAL A 135 -12.16 -5.71 12.35
C VAL A 135 -10.78 -5.92 12.96
N ARG A 136 -9.94 -6.67 12.25
CA ARG A 136 -8.58 -6.95 12.73
C ARG A 136 -7.62 -5.85 12.28
N LEU A 137 -7.23 -5.00 13.22
CA LEU A 137 -6.30 -3.91 12.94
C LEU A 137 -5.07 -3.99 13.84
N VAL A 138 -3.92 -3.61 13.29
CA VAL A 138 -2.68 -3.62 14.04
C VAL A 138 -2.83 -2.91 15.38
N ALA A 139 -2.23 -3.49 16.42
CA ALA A 139 -2.30 -2.91 17.75
C ALA A 139 -1.00 -2.21 18.12
N SER A 140 0.13 -2.78 17.69
CA SER A 140 1.44 -2.21 17.97
C SER A 140 2.35 -2.34 16.76
N CYS A 141 3.59 -1.87 16.91
CA CYS A 141 4.56 -1.93 15.83
C CYS A 141 5.95 -1.51 16.32
N LYS A 142 6.98 -2.18 15.82
CA LYS A 142 8.35 -1.88 16.21
C LYS A 142 9.27 -1.85 14.99
N CYS A 143 10.35 -1.09 15.09
CA CYS A 143 11.30 -0.96 13.99
C CYS A 143 12.71 -1.31 14.47
N LYS A 144 13.22 -2.45 14.03
CA LYS A 144 14.56 -2.89 14.40
C LYS A 144 15.21 -3.68 13.27
N ARG A 145 16.46 -3.37 12.97
CA ARG A 145 17.20 -4.05 11.91
C ARG A 145 17.30 -5.55 12.20
N LEU A 146 17.54 -6.32 11.16
CA LEU A 146 17.67 -7.78 11.31
C LEU A 146 18.17 -8.40 10.01
N THR A 147 18.79 -9.57 10.13
CA THR A 147 19.32 -10.28 8.97
C THR A 147 18.43 -11.46 8.60
N ARG A 148 18.47 -11.86 7.33
CA ARG A 148 17.68 -12.99 6.86
C ARG A 148 18.51 -13.91 5.97
N PHE A 149 18.14 -15.19 5.94
CA PHE A 149 18.85 -16.17 5.12
C PHE A 149 17.99 -16.63 3.96
N HIS A 150 16.68 -16.65 4.17
CA HIS A 150 15.74 -17.07 3.12
C HIS A 150 15.68 -16.05 2.00
N ASN A 151 15.51 -16.53 0.77
CA ASN A 151 15.44 -15.66 -0.39
C ASN A 151 14.00 -15.22 -0.64
N GLN A 152 13.82 -14.29 -1.58
CA GLN A 152 12.51 -13.79 -1.92
C GLN A 152 12.01 -14.38 -3.24
N SER A 153 11.05 -15.29 -3.15
CA SER A 153 10.50 -15.93 -4.34
C SER A 153 9.33 -15.12 -4.91
N GLU A 154 9.66 -14.05 -5.63
CA GLU A 154 8.64 -13.20 -6.22
C GLU A 154 8.92 -12.97 -7.70
N LEU A 155 9.11 -14.06 -8.44
CA LEU A 155 9.39 -13.97 -9.87
C LEU A 155 8.12 -14.22 -10.69
N LYS A 156 7.45 -13.14 -11.07
CA LYS A 156 6.23 -13.22 -11.86
C LYS A 156 6.23 -12.18 -12.98
N ASP A 157 5.35 -12.40 -13.96
CA ASP A 157 5.25 -11.48 -15.09
C ASP A 157 3.83 -11.47 -15.65
N PHE A 158 3.05 -10.46 -15.27
CA PHE A 158 1.68 -10.33 -15.74
C PHE A 158 1.23 -8.87 -15.70
N GLY A 159 1.11 -8.27 -16.88
CA GLY A 159 0.69 -6.88 -16.97
C GLY A 159 -0.81 -6.72 -16.74
N THR A 160 -1.36 -5.61 -17.23
CA THR A 160 -2.78 -5.33 -17.10
C THR A 160 -3.29 -4.46 -18.24
N GLU A 161 -4.35 -4.91 -18.89
CA GLU A 161 -4.93 -4.17 -20.00
C GLU A 161 -6.45 -4.37 -20.06
N ALA A 162 -7.17 -3.29 -20.33
CA ALA A 162 -8.62 -3.35 -20.41
C ALA A 162 -9.17 -2.23 -21.30
N ALA A 163 -10.49 -2.08 -21.29
CA ALA A 163 -11.14 -1.04 -22.10
C ALA A 163 -12.65 -1.05 -21.89
N ARG A 164 -13.26 0.12 -22.04
CA ARG A 164 -14.70 0.25 -21.86
C ARG A 164 -15.28 1.28 -22.83
N PRO A 165 -16.44 0.94 -23.42
CA PRO A 165 -17.11 1.82 -24.38
C PRO A 165 -17.70 3.06 -23.71
N GLN A 166 -17.66 4.18 -24.44
CA GLN A 166 -18.19 5.44 -23.91
C GLN A 166 -19.13 6.09 -24.92
N LYS A 167 -20.26 6.58 -24.43
CA LYS A 167 -21.26 7.22 -25.29
C LYS A 167 -21.31 8.72 -25.01
N GLY A 168 -21.57 9.50 -26.05
CA GLY A 168 -21.65 10.94 -25.91
C GLY A 168 -23.08 11.45 -25.85
N ARG A 169 -23.35 12.52 -26.59
CA ARG A 169 -24.69 13.10 -26.62
C ARG A 169 -24.93 13.84 -27.92
N LYS A 170 -26.15 14.36 -28.10
CA LYS A 170 -26.51 15.09 -29.30
C LYS A 170 -27.82 15.84 -29.11
N PRO A 171 -27.76 16.92 -28.31
CA PRO A 171 -28.94 17.75 -28.04
C PRO A 171 -29.40 18.55 -29.26
N ARG A 172 -30.70 18.77 -29.37
CA ARG A 172 -31.26 19.52 -30.48
C ARG A 172 -32.42 20.40 -30.02
N PRO A 173 -32.08 21.46 -29.27
CA PRO A 173 -33.08 22.41 -28.75
C PRO A 173 -33.68 23.26 -29.85
N ARG A 174 -34.76 23.98 -29.51
CA ARG A 174 -35.44 24.84 -30.48
C ARG A 174 -35.44 26.29 -30.01
N ALA A 175 -35.25 27.21 -30.94
CA ALA A 175 -35.23 28.63 -30.62
C ALA A 175 -36.52 29.31 -31.07
N ARG A 176 -36.83 30.45 -30.45
CA ARG A 176 -38.04 31.19 -30.79
C ARG A 176 -37.70 32.39 -31.69
N SER A 177 -38.71 32.89 -32.40
CA SER A 177 -38.52 34.03 -33.29
C SER A 177 -39.57 35.11 -33.03
N ALA A 178 -39.34 36.30 -33.56
CA ALA A 178 -40.27 37.41 -33.39
C ALA A 178 -41.04 37.67 -34.67
N LYS A 179 -42.37 37.51 -34.60
CA LYS A 179 -43.23 37.73 -35.76
C LYS A 179 -44.03 39.02 -35.59
N ALA A 180 -43.41 40.03 -34.99
CA ALA A 180 -44.08 41.31 -34.78
C ALA A 180 -44.48 41.95 -36.10
N ASN A 181 -45.17 43.09 -36.02
CA ASN A 181 -45.62 43.79 -37.21
C ASN A 181 -45.54 45.30 -37.02
N GLN A 182 -45.75 46.05 -38.09
CA GLN A 182 -45.69 47.50 -38.03
C GLN A 182 -47.08 48.09 -37.84
N ALA A 183 -47.25 48.87 -36.78
CA ALA A 183 -48.55 49.50 -36.50
C ALA A 183 -48.37 50.73 -35.61
N GLU A 184 -48.81 51.88 -36.12
CA GLU A 184 -48.70 53.12 -35.37
C GLU A 184 -50.01 53.91 -35.42
N LEU A 185 -50.11 54.94 -34.60
CA LEU A 185 -51.31 55.78 -34.56
C LEU A 185 -51.27 56.84 -35.66
N GLU A 186 -51.29 56.39 -36.91
CA GLU A 186 -51.27 57.29 -38.05
C GLU A 186 -49.96 58.08 -38.09
N ASN A 187 -49.74 58.81 -39.17
CA ASN A 187 -48.53 59.62 -39.32
C ASN A 187 -48.88 61.09 -39.51
N ALA A 188 -49.92 61.36 -40.29
CA ALA A 188 -50.35 62.73 -40.53
C ALA A 188 -51.87 62.84 -40.53
N TYR A 189 -52.40 63.63 -39.59
CA TYR A 189 -53.84 63.81 -39.48
C TYR A 189 -54.41 64.44 -40.74
N GLY A 1 -134.99 79.71 13.16
CA GLY A 1 -135.18 78.51 12.38
C GLY A 1 -134.84 78.70 10.91
N TRP A 2 -135.71 78.22 10.04
CA TRP A 2 -135.50 78.33 8.59
C TRP A 2 -134.13 77.81 8.20
N GLN A 3 -133.76 76.66 8.75
CA GLN A 3 -132.47 76.05 8.45
C GLN A 3 -132.64 74.59 8.05
N ALA A 4 -131.58 74.00 7.50
CA ALA A 4 -131.60 72.62 7.07
C ALA A 4 -130.51 71.81 7.76
N PHE A 5 -130.39 70.54 7.37
CA PHE A 5 -129.39 69.66 7.95
C PHE A 5 -128.75 68.78 6.89
N LYS A 6 -127.46 68.46 7.08
CA LYS A 6 -126.74 67.64 6.13
C LYS A 6 -126.00 66.51 6.84
N ASN A 7 -126.37 65.27 6.53
CA ASN A 7 -125.74 64.10 7.14
C ASN A 7 -124.77 63.44 6.18
N ASP A 8 -123.97 64.25 5.49
CA ASP A 8 -123.00 63.75 4.54
C ASP A 8 -121.64 64.40 4.75
N ALA A 9 -120.64 63.58 5.06
CA ALA A 9 -119.29 64.08 5.29
C ALA A 9 -118.28 62.94 5.31
N THR A 10 -117.70 62.64 4.15
CA THR A 10 -116.72 61.56 4.04
C THR A 10 -115.65 61.91 3.02
N GLU A 11 -114.74 62.79 3.40
CA GLU A 11 -113.65 63.21 2.52
C GLU A 11 -112.41 62.34 2.73
N ILE A 12 -111.62 62.20 1.68
CA ILE A 12 -110.41 61.39 1.73
C ILE A 12 -109.17 62.27 1.70
N ILE A 13 -108.59 62.53 2.87
CA ILE A 13 -107.40 63.35 2.97
C ILE A 13 -106.34 62.67 3.83
N PRO A 14 -105.73 61.61 3.29
CA PRO A 14 -104.68 60.85 4.00
C PRO A 14 -103.39 61.64 4.12
N GLU A 15 -102.56 61.24 5.09
CA GLU A 15 -101.29 61.92 5.32
C GLU A 15 -100.12 61.02 4.93
N LEU A 16 -100.34 59.71 4.99
CA LEU A 16 -99.30 58.74 4.64
C LEU A 16 -99.83 57.72 3.64
N GLY A 17 -99.45 57.88 2.38
CA GLY A 17 -99.90 56.96 1.34
C GLY A 17 -98.86 55.91 1.01
N GLU A 18 -97.60 56.20 1.33
CA GLU A 18 -96.51 55.28 1.07
C GLU A 18 -95.91 54.75 2.37
N TYR A 19 -95.01 53.79 2.25
CA TYR A 19 -94.37 53.19 3.42
C TYR A 19 -92.89 52.95 3.16
N PRO A 20 -92.11 54.03 3.12
CA PRO A 20 -90.66 53.96 2.88
C PRO A 20 -89.91 53.35 4.07
N GLU A 21 -88.64 53.03 3.85
CA GLU A 21 -87.81 52.43 4.89
C GLU A 21 -86.50 53.18 5.03
N PRO A 22 -85.83 53.01 6.19
CA PRO A 22 -84.55 53.66 6.48
C PRO A 22 -83.41 53.10 5.63
N PRO A 23 -82.27 53.80 5.63
CA PRO A 23 -81.09 53.38 4.87
C PRO A 23 -80.44 52.13 5.44
N PRO A 24 -79.51 51.53 4.68
CA PRO A 24 -78.80 50.32 5.09
C PRO A 24 -77.83 50.58 6.23
N GLU A 25 -77.55 49.54 7.02
CA GLU A 25 -76.63 49.67 8.15
C GLU A 25 -76.43 48.31 8.82
N LEU A 26 -75.47 47.54 8.32
CA LEU A 26 -75.16 46.23 8.87
C LEU A 26 -73.79 45.74 8.41
N GLU A 27 -72.82 46.66 8.42
CA GLU A 27 -71.46 46.32 8.01
C GLU A 27 -70.85 45.27 8.94
N ASN A 28 -69.81 44.60 8.46
CA ASN A 28 -69.14 43.58 9.26
C ASN A 28 -67.62 43.67 9.09
N ASN A 29 -66.90 42.93 9.92
CA ASN A 29 -65.44 42.92 9.86
C ASN A 29 -64.89 41.52 10.11
N LYS A 30 -63.70 41.26 9.57
CA LYS A 30 -63.06 39.95 9.73
C LYS A 30 -61.64 40.12 10.27
N THR A 31 -61.08 39.01 10.76
CA THR A 31 -59.73 39.03 11.30
C THR A 31 -59.01 37.70 11.03
N MET A 32 -57.72 37.65 11.36
CA MET A 32 -56.93 36.44 11.15
C MET A 32 -55.91 36.27 12.27
N ASN A 33 -55.12 35.20 12.18
CA ASN A 33 -54.11 34.91 13.19
C ASN A 33 -52.79 34.54 12.53
N ARG A 34 -51.71 34.57 13.33
CA ARG A 34 -50.39 34.24 12.82
C ARG A 34 -49.58 33.48 13.87
N ALA A 35 -48.41 32.99 13.47
CA ALA A 35 -47.54 32.26 14.38
C ALA A 35 -46.07 32.53 14.08
N GLU A 36 -45.18 31.95 14.90
CA GLU A 36 -43.75 32.15 14.72
C GLU A 36 -42.97 31.25 15.68
N ASN A 37 -41.88 30.66 15.17
CA ASN A 37 -41.04 29.79 15.99
C ASN A 37 -39.63 29.71 15.41
N GLY A 38 -38.72 29.10 16.18
CA GLY A 38 -37.35 28.97 15.74
C GLY A 38 -36.49 28.24 16.73
N GLY A 39 -35.41 27.63 16.24
CA GLY A 39 -34.51 26.89 17.12
C GLY A 39 -33.17 26.60 16.47
N ARG A 40 -32.29 25.94 17.21
CA ARG A 40 -30.97 25.60 16.70
C ARG A 40 -30.63 24.14 16.98
N PRO A 41 -29.69 23.59 16.20
CA PRO A 41 -29.26 22.20 16.34
C PRO A 41 -28.46 21.97 17.62
N PRO A 42 -28.24 20.69 17.96
CA PRO A 42 -27.49 20.32 19.16
C PRO A 42 -25.99 20.64 19.03
N HIS A 43 -25.21 20.16 19.99
CA HIS A 43 -23.76 20.40 19.99
C HIS A 43 -23.04 19.31 19.21
N HIS A 44 -21.73 19.47 19.05
CA HIS A 44 -20.92 18.50 18.33
C HIS A 44 -19.47 18.54 18.80
N PRO A 45 -19.23 18.01 20.01
CA PRO A 45 -17.90 17.97 20.61
C PRO A 45 -16.96 17.00 19.89
N PHE A 46 -15.75 16.85 20.41
CA PHE A 46 -14.77 15.96 19.81
C PHE A 46 -13.75 15.49 20.85
N GLU A 47 -12.83 14.64 20.43
CA GLU A 47 -11.80 14.12 21.32
C GLU A 47 -10.47 13.97 20.60
N THR A 48 -9.42 13.63 21.34
CA THR A 48 -8.09 13.46 20.78
C THR A 48 -7.20 12.64 21.70
N LYS A 49 -6.58 11.60 21.15
CA LYS A 49 -5.71 10.73 21.92
C LYS A 49 -4.43 10.43 21.15
N ASP A 50 -3.55 9.64 21.76
CA ASP A 50 -2.28 9.27 21.12
C ASP A 50 -1.51 8.28 21.98
N VAL A 51 -0.65 7.49 21.34
CA VAL A 51 0.15 6.50 22.05
C VAL A 51 1.14 5.82 21.11
N SER A 52 2.26 5.37 21.67
CA SER A 52 3.29 4.70 20.89
C SER A 52 4.41 4.20 21.78
N GLU A 53 5.10 3.14 21.33
CA GLU A 53 6.20 2.57 22.08
C GLU A 53 7.52 2.73 21.34
N TYR A 54 7.71 1.94 20.29
CA TYR A 54 8.93 1.99 19.50
C TYR A 54 9.00 3.28 18.69
N SER A 55 10.14 3.53 18.07
CA SER A 55 10.34 4.73 17.27
C SER A 55 10.01 4.47 15.81
N CYS A 56 8.76 4.72 15.44
CA CYS A 56 8.31 4.52 14.07
C CYS A 56 7.06 5.35 13.78
N ARG A 57 7.02 5.93 12.59
CA ARG A 57 5.89 6.76 12.17
C ARG A 57 4.61 5.94 12.12
N GLU A 58 3.82 6.00 13.18
CA GLU A 58 2.57 5.26 13.25
C GLU A 58 1.50 5.92 12.41
N LEU A 59 1.05 5.21 11.36
CA LEU A 59 0.04 5.74 10.46
C LEU A 59 -1.36 5.32 10.92
N HIS A 60 -2.23 6.31 11.11
CA HIS A 60 -3.60 6.03 11.54
C HIS A 60 -4.61 6.59 10.53
N PHE A 61 -5.36 5.69 9.91
CA PHE A 61 -6.36 6.08 8.93
C PHE A 61 -7.78 5.82 9.45
N THR A 62 -8.70 6.72 9.09
CA THR A 62 -10.08 6.60 9.54
C THR A 62 -11.02 6.40 8.34
N ARG A 63 -12.14 5.74 8.59
CA ARG A 63 -13.12 5.49 7.54
C ARG A 63 -14.32 4.71 8.08
N TYR A 64 -15.42 4.72 7.33
CA TYR A 64 -16.63 4.02 7.73
C TYR A 64 -16.64 2.59 7.20
N VAL A 65 -17.18 1.67 7.98
CA VAL A 65 -17.27 0.27 7.58
C VAL A 65 -18.71 -0.15 7.35
N THR A 66 -18.94 -0.91 6.28
CA THR A 66 -20.28 -1.38 5.95
C THR A 66 -20.23 -2.76 5.32
N ASP A 67 -21.05 -3.67 5.85
CA ASP A 67 -21.10 -5.04 5.35
C ASP A 67 -22.55 -5.48 5.12
N GLY A 68 -22.99 -5.43 3.86
CA GLY A 68 -24.34 -5.82 3.54
C GLY A 68 -25.29 -4.64 3.50
N PRO A 69 -26.60 -4.93 3.68
CA PRO A 69 -27.64 -3.89 3.67
C PRO A 69 -27.57 -2.98 4.89
N CYS A 70 -26.70 -3.33 5.83
CA CYS A 70 -26.53 -2.54 7.04
C CYS A 70 -25.26 -1.70 6.98
N ARG A 71 -25.17 -0.71 7.86
CA ARG A 71 -24.00 0.18 7.89
C ARG A 71 -23.60 0.47 9.34
N SER A 72 -22.29 0.48 9.58
CA SER A 72 -21.77 0.75 10.92
C SER A 72 -22.31 2.06 11.47
N ALA A 73 -22.44 2.15 12.79
CA ALA A 73 -22.94 3.35 13.44
C ALA A 73 -21.85 4.41 13.54
N LYS A 74 -20.61 3.96 13.70
CA LYS A 74 -19.48 4.87 13.81
C LYS A 74 -18.30 4.38 12.98
N PRO A 75 -17.40 5.30 12.61
CA PRO A 75 -16.21 4.98 11.82
C PRO A 75 -15.19 4.15 12.59
N VAL A 76 -14.17 3.68 11.89
CA VAL A 76 -13.13 2.87 12.51
C VAL A 76 -11.75 3.53 12.35
N THR A 77 -10.73 2.89 12.92
CA THR A 77 -9.37 3.41 12.84
C THR A 77 -8.35 2.28 12.78
N GLU A 78 -7.75 2.10 11.62
CA GLU A 78 -6.75 1.05 11.43
C GLU A 78 -5.34 1.62 11.50
N LEU A 79 -4.45 0.91 12.20
CA LEU A 79 -3.07 1.35 12.36
C LEU A 79 -2.18 0.74 11.27
N VAL A 80 -1.10 1.43 10.95
CA VAL A 80 -0.17 0.95 9.93
C VAL A 80 1.28 1.15 10.37
N CYS A 81 2.17 0.31 9.86
CA CYS A 81 3.58 0.40 10.20
C CYS A 81 4.36 1.14 9.11
N SER A 82 5.09 2.17 9.52
CA SER A 82 5.87 2.97 8.59
C SER A 82 6.94 3.77 9.32
N GLY A 83 8.16 3.71 8.81
CA GLY A 83 9.27 4.43 9.43
C GLY A 83 10.51 3.58 9.55
N GLN A 84 11.53 4.12 10.24
CA GLN A 84 12.79 3.42 10.42
C GLN A 84 13.46 3.83 11.72
N CYS A 85 14.18 2.90 12.34
CA CYS A 85 14.87 3.17 13.59
C CYS A 85 16.38 3.26 13.37
N GLY A 86 17.07 3.91 14.30
CA GLY A 86 18.52 4.05 14.18
C GLY A 86 19.26 2.80 14.63
N PRO A 87 20.56 2.76 14.35
CA PRO A 87 21.41 1.62 14.71
C PRO A 87 21.63 1.51 16.21
N ALA A 88 22.26 0.41 16.64
CA ALA A 88 22.51 0.18 18.05
C ALA A 88 23.96 -0.25 18.28
N ARG A 89 24.84 0.13 17.36
CA ARG A 89 26.25 -0.22 17.45
C ARG A 89 27.13 1.03 17.39
N LEU A 90 28.39 0.88 17.76
CA LEU A 90 29.33 1.99 17.74
C LEU A 90 30.77 1.49 17.83
N LEU A 91 31.62 2.00 16.95
CA LEU A 91 33.03 1.60 16.92
C LEU A 91 33.93 2.80 17.21
N PRO A 92 35.16 2.52 17.68
CA PRO A 92 36.15 3.56 17.99
C PRO A 92 36.68 4.25 16.74
N ASN A 93 36.97 3.47 15.71
CA ASN A 93 37.49 4.00 14.46
C ASN A 93 36.44 3.89 13.35
N ALA A 94 35.56 2.92 13.47
CA ALA A 94 34.50 2.70 12.49
C ALA A 94 35.09 2.35 11.13
N ILE A 95 36.00 1.38 11.12
CA ILE A 95 36.65 0.94 9.89
C ILE A 95 35.61 0.60 8.82
N GLY A 96 35.82 1.14 7.62
CA GLY A 96 34.89 0.88 6.53
C GLY A 96 35.12 1.80 5.35
N ARG A 97 35.31 1.20 4.17
CA ARG A 97 35.55 1.97 2.95
C ARG A 97 34.87 1.32 1.75
N GLY A 98 35.26 0.09 1.45
CA GLY A 98 34.67 -0.62 0.33
C GLY A 98 33.60 -1.58 0.75
N LYS A 99 33.95 -2.86 0.85
CA LYS A 99 33.00 -3.89 1.26
C LYS A 99 31.80 -3.91 0.32
N TRP A 100 30.79 -4.71 0.68
CA TRP A 100 29.57 -4.82 -0.12
C TRP A 100 28.37 -4.34 0.66
N TRP A 101 27.18 -4.52 0.09
CA TRP A 101 25.94 -4.11 0.73
C TRP A 101 26.02 -2.64 1.17
N ARG A 102 25.83 -1.73 0.23
CA ARG A 102 25.88 -0.30 0.52
C ARG A 102 24.78 0.09 1.51
N PRO A 103 24.97 1.25 2.15
CA PRO A 103 24.00 1.76 3.13
C PRO A 103 22.70 2.22 2.48
N SER A 104 21.62 2.22 3.24
CA SER A 104 20.32 2.62 2.74
C SER A 104 19.91 1.77 1.54
N GLY A 105 20.19 0.48 1.62
CA GLY A 105 19.84 -0.42 0.54
C GLY A 105 18.52 -1.14 0.78
N PRO A 106 18.24 -2.15 -0.05
CA PRO A 106 17.01 -2.94 0.06
C PRO A 106 16.99 -3.82 1.30
N ASP A 107 16.18 -3.43 2.28
CA ASP A 107 16.07 -4.18 3.53
C ASP A 107 14.85 -3.74 4.33
N PHE A 108 14.61 -4.39 5.45
CA PHE A 108 13.47 -4.06 6.30
C PHE A 108 13.65 -2.67 6.93
N ARG A 109 12.72 -2.30 7.80
CA ARG A 109 12.77 -1.00 8.46
C ARG A 109 11.86 -0.98 9.69
N CYS A 110 10.60 -1.33 9.48
CA CYS A 110 9.63 -1.36 10.57
C CYS A 110 8.82 -2.66 10.56
N ILE A 111 8.85 -3.37 11.67
CA ILE A 111 8.12 -4.63 11.79
C ILE A 111 6.79 -4.43 12.52
N PRO A 112 5.83 -5.31 12.24
CA PRO A 112 4.50 -5.26 12.85
C PRO A 112 4.53 -5.63 14.33
N ASP A 113 3.38 -5.56 14.98
CA ASP A 113 3.27 -5.88 16.39
C ASP A 113 1.89 -6.44 16.72
N ARG A 114 1.61 -6.58 18.02
CA ARG A 114 0.32 -7.10 18.46
C ARG A 114 -0.83 -6.37 17.77
N TYR A 115 -1.87 -7.12 17.42
CA TYR A 115 -3.03 -6.55 16.75
C TYR A 115 -4.19 -6.38 17.72
N ARG A 116 -5.28 -5.77 17.23
CA ARG A 116 -6.45 -5.53 18.06
C ARG A 116 -7.73 -5.68 17.24
N ALA A 117 -8.58 -6.63 17.65
CA ALA A 117 -9.84 -6.88 16.95
C ALA A 117 -10.94 -5.98 17.48
N GLN A 118 -11.37 -5.02 16.66
CA GLN A 118 -12.42 -4.09 17.06
C GLN A 118 -13.77 -4.52 16.48
N ARG A 119 -14.82 -4.37 17.28
CA ARG A 119 -16.17 -4.74 16.85
C ARG A 119 -17.01 -3.50 16.57
N VAL A 120 -17.86 -3.60 15.55
CA VAL A 120 -18.73 -2.49 15.18
C VAL A 120 -20.19 -2.91 15.17
N GLN A 121 -21.09 -1.92 15.17
CA GLN A 121 -22.52 -2.19 15.17
C GLN A 121 -23.18 -1.64 13.90
N LEU A 122 -23.46 -2.52 12.96
CA LEU A 122 -24.09 -2.11 11.70
C LEU A 122 -25.61 -2.17 11.81
N LEU A 123 -26.25 -1.05 11.52
CA LEU A 123 -27.71 -0.96 11.59
C LEU A 123 -28.32 -1.11 10.20
N CYS A 124 -29.52 -1.69 10.15
CA CYS A 124 -30.22 -1.90 8.88
C CYS A 124 -31.51 -1.10 8.85
N PRO A 125 -32.01 -0.83 7.62
CA PRO A 125 -33.24 -0.07 7.42
C PRO A 125 -34.48 -0.85 7.84
N GLY A 126 -35.64 -0.21 7.76
CA GLY A 126 -36.88 -0.85 8.14
C GLY A 126 -36.80 -1.48 9.53
N GLY A 127 -37.22 -2.74 9.63
CA GLY A 127 -37.19 -3.42 10.91
C GLY A 127 -36.06 -4.41 11.02
N GLU A 128 -35.29 -4.55 9.94
CA GLU A 128 -34.17 -5.48 9.91
C GLU A 128 -33.25 -5.25 11.11
N ALA A 129 -32.98 -6.33 11.85
CA ALA A 129 -32.12 -6.25 13.01
C ALA A 129 -30.69 -5.87 12.62
N PRO A 130 -29.93 -5.36 13.60
CA PRO A 130 -28.54 -4.94 13.38
C PRO A 130 -27.60 -6.12 13.12
N ARG A 131 -26.34 -5.82 12.86
CA ARG A 131 -25.35 -6.87 12.60
C ARG A 131 -23.96 -6.42 13.04
N ALA A 132 -23.40 -7.11 14.02
CA ALA A 132 -22.08 -6.79 14.53
C ALA A 132 -20.99 -7.29 13.59
N ARG A 133 -19.97 -6.46 13.38
CA ARG A 133 -18.86 -6.83 12.50
C ARG A 133 -17.53 -6.69 13.23
N LYS A 134 -16.60 -7.60 12.92
CA LYS A 134 -15.28 -7.57 13.55
C LYS A 134 -14.22 -7.15 12.54
N VAL A 135 -13.33 -6.26 12.97
CA VAL A 135 -12.25 -5.78 12.11
C VAL A 135 -10.91 -5.86 12.80
N ARG A 136 -10.02 -6.69 12.27
CA ARG A 136 -8.69 -6.87 12.84
C ARG A 136 -7.75 -5.75 12.40
N LEU A 137 -7.48 -4.82 13.31
CA LEU A 137 -6.60 -3.69 13.02
C LEU A 137 -5.37 -3.71 13.93
N VAL A 138 -4.23 -3.32 13.37
CA VAL A 138 -2.99 -3.28 14.13
C VAL A 138 -3.16 -2.53 15.44
N ALA A 139 -2.54 -3.03 16.49
CA ALA A 139 -2.61 -2.40 17.80
C ALA A 139 -1.30 -1.73 18.18
N SER A 140 -0.19 -2.29 17.71
CA SER A 140 1.13 -1.74 17.99
C SER A 140 2.05 -1.91 16.78
N CYS A 141 3.26 -1.37 16.89
CA CYS A 141 4.24 -1.45 15.82
C CYS A 141 5.66 -1.24 16.35
N LYS A 142 6.59 -2.04 15.86
CA LYS A 142 7.99 -1.94 16.28
C LYS A 142 8.89 -1.60 15.10
N CYS A 143 10.02 -0.97 15.40
CA CYS A 143 10.97 -0.58 14.36
C CYS A 143 12.24 -1.44 14.44
N LYS A 144 12.54 -2.12 13.34
CA LYS A 144 13.72 -2.99 13.29
C LYS A 144 14.28 -3.03 11.87
N ARG A 145 15.59 -3.20 11.76
CA ARG A 145 16.25 -3.27 10.46
C ARG A 145 17.02 -4.58 10.31
N LEU A 146 16.57 -5.41 9.37
CA LEU A 146 17.22 -6.71 9.14
C LEU A 146 18.41 -6.54 8.20
N THR A 147 19.11 -7.65 7.93
CA THR A 147 20.27 -7.64 7.05
C THR A 147 20.72 -9.05 6.73
N ARG A 148 21.02 -9.29 5.45
CA ARG A 148 21.47 -10.60 5.01
C ARG A 148 20.39 -11.65 5.23
N PHE A 149 19.19 -11.35 4.75
CA PHE A 149 18.06 -12.27 4.89
C PHE A 149 17.63 -12.83 3.54
N HIS A 150 17.01 -14.00 3.56
CA HIS A 150 16.55 -14.65 2.33
C HIS A 150 15.70 -15.87 2.65
N ASN A 151 14.51 -15.93 2.06
CA ASN A 151 13.60 -17.05 2.28
C ASN A 151 12.35 -16.91 1.42
N GLN A 152 11.99 -17.98 0.74
CA GLN A 152 10.81 -17.99 -0.13
C GLN A 152 9.87 -19.13 0.24
N SER A 153 8.60 -18.99 -0.13
CA SER A 153 7.61 -20.01 0.15
C SER A 153 7.15 -20.71 -1.14
N GLU A 154 6.51 -21.85 -0.98
CA GLU A 154 6.01 -22.61 -2.13
C GLU A 154 4.50 -22.78 -2.07
N LEU A 155 3.82 -22.25 -3.09
CA LEU A 155 2.36 -22.32 -3.15
C LEU A 155 1.92 -23.31 -4.24
N LYS A 156 0.72 -23.85 -4.08
CA LYS A 156 0.18 -24.79 -5.05
C LYS A 156 -1.21 -24.36 -5.52
N ASP A 157 -1.43 -24.42 -6.82
CA ASP A 157 -2.72 -24.04 -7.40
C ASP A 157 -2.82 -24.49 -8.85
N PHE A 158 -3.45 -25.64 -9.07
CA PHE A 158 -3.62 -26.17 -10.42
C PHE A 158 -4.92 -26.95 -10.54
N GLY A 159 -5.82 -26.47 -11.39
CA GLY A 159 -7.10 -27.13 -11.58
C GLY A 159 -7.73 -26.78 -12.92
N THR A 160 -8.35 -27.77 -13.55
CA THR A 160 -9.01 -27.57 -14.84
C THR A 160 -10.21 -28.48 -14.99
N GLU A 161 -11.38 -27.87 -15.16
CA GLU A 161 -12.62 -28.63 -15.31
C GLU A 161 -13.53 -27.99 -16.35
N ALA A 162 -13.96 -28.77 -17.33
CA ALA A 162 -14.84 -28.27 -18.38
C ALA A 162 -16.04 -29.20 -18.58
N ALA A 163 -17.15 -28.62 -19.04
CA ALA A 163 -18.36 -29.39 -19.27
C ALA A 163 -19.37 -28.61 -20.11
N ARG A 164 -19.57 -29.04 -21.35
CA ARG A 164 -20.51 -28.38 -22.25
C ARG A 164 -21.26 -29.39 -23.10
N PRO A 165 -22.18 -30.13 -22.45
CA PRO A 165 -22.99 -31.16 -23.13
C PRO A 165 -24.01 -30.54 -24.08
N GLN A 166 -24.79 -31.40 -24.73
CA GLN A 166 -25.81 -30.94 -25.67
C GLN A 166 -27.03 -31.84 -25.64
N LYS A 167 -28.21 -31.25 -25.76
CA LYS A 167 -29.45 -32.01 -25.75
C LYS A 167 -30.53 -31.30 -26.57
N GLY A 168 -31.05 -31.99 -27.57
CA GLY A 168 -32.08 -31.42 -28.41
C GLY A 168 -32.68 -32.43 -29.37
N ARG A 169 -33.47 -31.95 -30.32
CA ARG A 169 -34.11 -32.82 -31.31
C ARG A 169 -34.48 -32.04 -32.56
N LYS A 170 -34.55 -32.74 -33.69
CA LYS A 170 -34.90 -32.13 -34.96
C LYS A 170 -35.99 -32.91 -35.67
N PRO A 171 -37.22 -32.84 -35.12
CA PRO A 171 -38.37 -33.54 -35.67
C PRO A 171 -38.83 -32.93 -36.99
N ARG A 172 -39.13 -33.78 -37.97
CA ARG A 172 -39.57 -33.32 -39.27
C ARG A 172 -40.25 -34.45 -40.05
N PRO A 173 -41.45 -34.85 -39.58
CA PRO A 173 -42.22 -35.93 -40.21
C PRO A 173 -42.78 -35.52 -41.57
N ARG A 174 -42.69 -36.44 -42.54
CA ARG A 174 -43.19 -36.18 -43.88
C ARG A 174 -44.68 -36.51 -44.00
N ALA A 175 -45.33 -35.93 -44.98
CA ALA A 175 -46.76 -36.16 -45.20
C ALA A 175 -47.17 -35.78 -46.61
N ARG A 176 -48.04 -36.57 -47.20
CA ARG A 176 -48.52 -36.32 -48.57
C ARG A 176 -49.99 -36.70 -48.71
N SER A 177 -50.76 -35.82 -49.35
CA SER A 177 -52.19 -36.06 -49.54
C SER A 177 -52.77 -35.09 -50.57
N ALA A 178 -52.45 -35.31 -51.83
CA ALA A 178 -52.94 -34.46 -52.90
C ALA A 178 -53.44 -35.27 -54.08
N LYS A 179 -54.75 -35.24 -54.32
CA LYS A 179 -55.34 -35.98 -55.42
C LYS A 179 -55.53 -35.09 -56.64
N ALA A 180 -56.06 -35.67 -57.72
CA ALA A 180 -56.30 -34.93 -58.95
C ALA A 180 -57.77 -34.61 -59.13
N ASN A 181 -58.61 -35.64 -59.10
CA ASN A 181 -60.04 -35.48 -59.26
C ASN A 181 -60.37 -34.87 -60.62
N GLN A 182 -61.66 -34.83 -60.95
CA GLN A 182 -62.10 -34.27 -62.22
C GLN A 182 -61.45 -35.00 -63.40
N ALA A 183 -61.92 -36.21 -63.68
CA ALA A 183 -61.38 -37.01 -64.77
C ALA A 183 -62.51 -37.59 -65.63
N GLU A 184 -62.84 -36.90 -66.72
CA GLU A 184 -63.89 -37.34 -67.62
C GLU A 184 -63.77 -36.65 -68.97
N LEU A 185 -64.29 -37.31 -70.00
CA LEU A 185 -64.23 -36.77 -71.36
C LEU A 185 -65.62 -36.35 -71.84
N GLU A 186 -66.20 -35.38 -71.14
CA GLU A 186 -67.53 -34.87 -71.50
C GLU A 186 -67.57 -34.41 -72.94
N ASN A 187 -68.76 -34.40 -73.52
CA ASN A 187 -68.93 -33.97 -74.91
C ASN A 187 -70.42 -33.86 -75.26
N ALA A 188 -70.74 -32.90 -76.13
CA ALA A 188 -72.13 -32.69 -76.55
C ALA A 188 -72.59 -33.80 -77.50
N TYR A 189 -73.84 -33.72 -77.91
CA TYR A 189 -74.40 -34.71 -78.82
C TYR A 189 -73.55 -34.84 -80.09
N GLY A 1 -122.59 106.85 -6.42
CA GLY A 1 -121.53 106.51 -5.50
C GLY A 1 -120.43 105.70 -6.16
N TRP A 2 -119.32 105.53 -5.46
CA TRP A 2 -118.19 104.77 -5.98
C TRP A 2 -117.44 104.07 -4.85
N GLN A 3 -116.42 103.30 -5.22
CA GLN A 3 -115.61 102.57 -4.24
C GLN A 3 -114.13 102.62 -4.60
N ALA A 4 -113.28 102.74 -3.59
CA ALA A 4 -111.84 102.80 -3.80
C ALA A 4 -111.13 101.71 -3.01
N PHE A 5 -109.81 101.65 -3.16
CA PHE A 5 -109.01 100.65 -2.46
C PHE A 5 -107.63 101.20 -2.11
N LYS A 6 -106.95 100.53 -1.19
CA LYS A 6 -105.63 100.95 -0.76
C LYS A 6 -104.66 99.77 -0.71
N ASN A 7 -103.38 100.05 -0.93
CA ASN A 7 -102.36 99.01 -0.91
C ASN A 7 -100.96 99.62 -0.86
N ASP A 8 -99.94 98.77 -0.91
CA ASP A 8 -98.55 99.22 -0.87
C ASP A 8 -97.62 98.14 -1.39
N ALA A 9 -96.34 98.49 -1.52
CA ALA A 9 -95.33 97.54 -2.01
C ALA A 9 -94.28 97.27 -0.94
N THR A 10 -94.73 97.10 0.30
CA THR A 10 -93.82 96.84 1.42
C THR A 10 -93.68 95.33 1.66
N GLU A 11 -92.86 94.68 0.83
CA GLU A 11 -92.63 93.25 0.96
C GLU A 11 -91.18 92.96 1.29
N ILE A 12 -90.96 91.96 2.13
CA ILE A 12 -89.61 91.57 2.52
C ILE A 12 -89.26 90.17 2.03
N ILE A 13 -88.61 90.11 0.88
CA ILE A 13 -88.21 88.83 0.29
C ILE A 13 -86.70 88.71 0.21
N PRO A 14 -86.04 88.51 1.36
CA PRO A 14 -84.59 88.38 1.44
C PRO A 14 -84.10 87.06 0.83
N GLU A 15 -83.37 87.17 -0.28
CA GLU A 15 -82.83 86.00 -0.96
C GLU A 15 -81.40 85.71 -0.52
N LEU A 16 -80.69 86.77 -0.13
CA LEU A 16 -79.30 86.64 0.32
C LEU A 16 -79.24 86.02 1.71
N GLY A 17 -78.06 85.49 2.06
CA GLY A 17 -77.90 84.88 3.37
C GLY A 17 -76.93 83.71 3.33
N GLU A 18 -75.80 83.90 2.66
CA GLU A 18 -74.80 82.84 2.55
C GLU A 18 -73.40 83.39 2.88
N TYR A 19 -72.90 83.03 4.05
CA TYR A 19 -71.58 83.48 4.49
C TYR A 19 -70.68 82.30 4.81
N PRO A 20 -70.27 81.55 3.78
CA PRO A 20 -69.41 80.39 3.93
C PRO A 20 -67.99 80.77 4.32
N GLU A 21 -67.68 80.65 5.61
CA GLU A 21 -66.36 80.98 6.13
C GLU A 21 -66.09 80.28 7.45
N PRO A 22 -65.93 78.95 7.40
CA PRO A 22 -65.66 78.14 8.59
C PRO A 22 -64.28 78.39 9.17
N PRO A 23 -64.05 77.89 10.39
CA PRO A 23 -62.76 78.05 11.08
C PRO A 23 -61.65 77.24 10.43
N PRO A 24 -60.40 77.51 10.83
CA PRO A 24 -59.23 76.81 10.29
C PRO A 24 -59.16 75.35 10.75
N GLU A 25 -58.66 74.49 9.88
CA GLU A 25 -58.55 73.07 10.19
C GLU A 25 -57.42 72.43 9.39
N LEU A 26 -56.19 72.55 9.89
CA LEU A 26 -55.03 71.98 9.22
C LEU A 26 -53.90 71.72 10.22
N GLU A 27 -52.85 71.05 9.76
CA GLU A 27 -51.71 70.73 10.61
C GLU A 27 -50.53 70.23 9.78
N ASN A 28 -49.34 70.24 10.37
CA ASN A 28 -48.14 69.79 9.69
C ASN A 28 -46.98 69.65 10.66
N ASN A 29 -46.29 68.52 10.61
CA ASN A 29 -45.16 68.26 11.49
C ASN A 29 -44.18 67.29 10.84
N LYS A 30 -42.92 67.36 11.26
CA LYS A 30 -41.89 66.48 10.72
C LYS A 30 -40.85 66.17 11.79
N THR A 31 -40.26 64.98 11.70
CA THR A 31 -39.24 64.55 12.66
C THR A 31 -38.69 63.17 12.29
N MET A 32 -37.49 62.87 12.79
CA MET A 32 -36.85 61.59 12.51
C MET A 32 -35.55 61.46 13.30
N ASN A 33 -35.09 60.22 13.47
CA ASN A 33 -33.87 59.95 14.21
C ASN A 33 -33.51 58.47 14.15
N ARG A 34 -32.21 58.18 14.14
CA ARG A 34 -31.73 56.80 14.09
C ARG A 34 -30.22 56.74 14.29
N ALA A 35 -29.77 55.74 15.04
CA ALA A 35 -28.35 55.57 15.31
C ALA A 35 -28.07 54.22 15.96
N GLU A 36 -27.64 53.26 15.14
CA GLU A 36 -27.35 51.92 15.63
C GLU A 36 -26.33 51.22 14.74
N ASN A 37 -25.24 50.75 15.35
CA ASN A 37 -24.19 50.07 14.60
C ASN A 37 -23.15 49.47 15.55
N GLY A 38 -22.37 48.52 15.05
CA GLY A 38 -21.35 47.88 15.86
C GLY A 38 -21.15 46.43 15.50
N GLY A 39 -19.94 45.93 15.70
CA GLY A 39 -19.64 44.55 15.38
C GLY A 39 -18.19 44.18 15.65
N ARG A 40 -17.79 44.21 16.91
CA ARG A 40 -16.42 43.90 17.30
C ARG A 40 -16.39 42.99 18.52
N PRO A 41 -16.81 41.73 18.33
CA PRO A 41 -16.85 40.73 19.40
C PRO A 41 -15.45 40.31 19.85
N PRO A 42 -15.38 39.61 20.98
CA PRO A 42 -14.11 39.12 21.54
C PRO A 42 -13.50 38.01 20.70
N HIS A 43 -12.16 38.00 20.61
CA HIS A 43 -11.45 36.99 19.84
C HIS A 43 -10.13 36.63 20.50
N HIS A 44 -10.05 35.39 20.99
CA HIS A 44 -8.83 34.91 21.66
C HIS A 44 -8.77 33.38 21.64
N PRO A 45 -8.57 32.81 20.44
CA PRO A 45 -8.49 31.37 20.26
C PRO A 45 -7.21 30.78 20.86
N PHE A 46 -7.12 29.46 20.85
CA PHE A 46 -5.94 28.77 21.39
C PHE A 46 -5.41 27.74 20.40
N GLU A 47 -4.28 27.13 20.74
CA GLU A 47 -3.67 26.12 19.89
C GLU A 47 -2.45 25.51 20.56
N THR A 48 -2.31 24.19 20.43
CA THR A 48 -1.18 23.48 21.03
C THR A 48 -0.88 22.20 20.25
N LYS A 49 0.23 22.21 19.52
CA LYS A 49 0.64 21.05 18.74
C LYS A 49 2.11 20.73 18.96
N ASP A 50 2.41 19.46 19.21
CA ASP A 50 3.79 19.04 19.44
C ASP A 50 3.96 17.55 19.09
N VAL A 51 5.19 17.16 18.80
CA VAL A 51 5.49 15.77 18.46
C VAL A 51 7.00 15.54 18.39
N SER A 52 7.42 14.34 18.80
CA SER A 52 8.83 14.00 18.79
C SER A 52 9.03 12.52 19.16
N GLU A 53 9.52 11.74 18.20
CA GLU A 53 9.76 10.32 18.41
C GLU A 53 10.70 9.75 17.36
N TYR A 54 11.19 8.54 17.60
CA TYR A 54 12.11 7.89 16.66
C TYR A 54 11.48 6.62 16.10
N SER A 55 10.63 5.99 16.89
CA SER A 55 9.97 4.76 16.48
C SER A 55 9.12 4.99 15.24
N CYS A 56 8.31 3.99 14.89
CA CYS A 56 7.45 4.08 13.71
C CYS A 56 6.26 5.00 13.98
N ARG A 57 6.16 6.07 13.18
CA ARG A 57 5.08 7.03 13.34
C ARG A 57 3.72 6.37 13.09
N GLU A 58 3.06 5.98 14.18
CA GLU A 58 1.75 5.32 14.08
C GLU A 58 0.76 6.21 13.33
N LEU A 59 0.31 5.75 12.17
CA LEU A 59 -0.64 6.50 11.36
C LEU A 59 -2.06 6.00 11.58
N HIS A 60 -2.92 6.88 12.07
CA HIS A 60 -4.32 6.52 12.32
C HIS A 60 -5.19 6.86 11.12
N PHE A 61 -5.75 5.83 10.50
CA PHE A 61 -6.61 6.02 9.33
C PHE A 61 -8.07 5.77 9.69
N THR A 62 -8.96 6.51 9.03
CA THR A 62 -10.40 6.37 9.28
C THR A 62 -11.13 5.89 8.03
N ARG A 63 -11.99 4.89 8.20
CA ARG A 63 -12.76 4.34 7.09
C ARG A 63 -14.05 3.70 7.58
N TYR A 64 -15.10 3.81 6.77
CA TYR A 64 -16.40 3.25 7.12
C TYR A 64 -16.53 1.83 6.60
N VAL A 65 -16.81 0.90 7.52
CA VAL A 65 -16.97 -0.51 7.15
C VAL A 65 -18.44 -0.86 6.95
N THR A 66 -18.69 -1.78 6.03
CA THR A 66 -20.05 -2.22 5.72
C THR A 66 -20.09 -3.69 5.35
N ASP A 67 -21.02 -4.43 5.96
CA ASP A 67 -21.17 -5.85 5.70
C ASP A 67 -22.64 -6.23 5.56
N GLY A 68 -23.10 -6.38 4.33
CA GLY A 68 -24.49 -6.74 4.09
C GLY A 68 -25.37 -5.53 3.85
N PRO A 69 -26.68 -5.70 4.06
CA PRO A 69 -27.66 -4.61 3.87
C PRO A 69 -27.52 -3.52 4.92
N CYS A 70 -26.66 -3.76 5.91
CA CYS A 70 -26.45 -2.80 6.98
C CYS A 70 -25.13 -2.05 6.78
N ARG A 71 -24.93 -1.00 7.56
CA ARG A 71 -23.71 -0.19 7.47
C ARG A 71 -23.25 0.26 8.85
N SER A 72 -21.94 0.30 9.05
CA SER A 72 -21.37 0.71 10.33
C SER A 72 -21.88 2.10 10.72
N ALA A 73 -22.26 2.25 11.99
CA ALA A 73 -22.76 3.52 12.49
C ALA A 73 -21.64 4.55 12.58
N LYS A 74 -20.41 4.07 12.75
CA LYS A 74 -19.25 4.94 12.84
C LYS A 74 -18.05 4.34 12.13
N PRO A 75 -17.06 5.19 11.80
CA PRO A 75 -15.84 4.76 11.12
C PRO A 75 -14.94 3.92 12.01
N VAL A 76 -13.93 3.30 11.41
CA VAL A 76 -12.99 2.47 12.15
C VAL A 76 -11.58 3.02 12.07
N THR A 77 -10.91 3.10 13.22
CA THR A 77 -9.54 3.61 13.28
C THR A 77 -8.53 2.50 13.06
N GLU A 78 -7.78 2.59 11.96
CA GLU A 78 -6.77 1.59 11.64
C GLU A 78 -5.37 2.18 11.75
N LEU A 79 -4.49 1.48 12.47
CA LEU A 79 -3.12 1.94 12.64
C LEU A 79 -2.24 1.47 11.50
N VAL A 80 -1.31 2.31 11.08
CA VAL A 80 -0.40 1.97 9.99
C VAL A 80 1.06 2.11 10.43
N CYS A 81 1.94 1.34 9.80
CA CYS A 81 3.36 1.38 10.13
C CYS A 81 4.12 2.25 9.13
N SER A 82 4.87 3.21 9.65
CA SER A 82 5.66 4.11 8.82
C SER A 82 6.75 4.79 9.63
N GLY A 83 8.00 4.43 9.33
CA GLY A 83 9.13 5.01 10.03
C GLY A 83 10.33 4.08 10.08
N GLN A 84 11.48 4.62 10.48
CA GLN A 84 12.70 3.83 10.56
C GLN A 84 13.34 3.96 11.93
N CYS A 85 14.31 3.09 12.22
CA CYS A 85 15.00 3.12 13.50
C CYS A 85 16.49 2.83 13.31
N GLY A 86 17.31 3.84 13.59
CA GLY A 86 18.75 3.68 13.45
C GLY A 86 19.52 4.35 14.57
N PRO A 87 19.50 3.74 15.77
CA PRO A 87 20.20 4.26 16.94
C PRO A 87 21.70 4.17 16.81
N ALA A 88 22.42 4.73 17.77
CA ALA A 88 23.88 4.71 17.77
C ALA A 88 24.42 4.20 19.10
N ARG A 89 24.55 2.88 19.20
CA ARG A 89 25.06 2.26 20.42
C ARG A 89 26.42 1.60 20.17
N LEU A 90 27.35 1.81 21.10
CA LEU A 90 28.69 1.24 20.98
C LEU A 90 28.90 0.13 22.01
N LEU A 91 29.71 -0.86 21.65
CA LEU A 91 30.00 -1.97 22.54
C LEU A 91 31.48 -1.99 22.94
N PRO A 92 31.79 -2.69 24.04
CA PRO A 92 33.16 -2.80 24.53
C PRO A 92 34.04 -3.66 23.63
N ASN A 93 33.41 -4.48 22.80
CA ASN A 93 34.14 -5.35 21.87
C ASN A 93 33.84 -4.97 20.43
N ALA A 94 33.59 -3.68 20.20
CA ALA A 94 33.30 -3.19 18.86
C ALA A 94 34.10 -1.93 18.54
N ILE A 95 35.38 -1.94 18.88
CA ILE A 95 36.24 -0.80 18.64
C ILE A 95 37.08 -0.99 17.37
N GLY A 96 37.45 0.12 16.73
CA GLY A 96 38.24 0.04 15.51
C GLY A 96 38.37 1.39 14.84
N ARG A 97 38.77 2.40 15.60
CA ARG A 97 38.94 3.75 15.06
C ARG A 97 37.70 4.17 14.29
N GLY A 98 36.54 3.71 14.72
CA GLY A 98 35.29 4.06 14.06
C GLY A 98 34.43 2.84 13.77
N LYS A 99 33.14 2.97 14.05
CA LYS A 99 32.19 1.87 13.83
C LYS A 99 32.13 1.51 12.34
N TRP A 100 31.53 0.37 12.05
CA TRP A 100 31.40 -0.10 10.67
C TRP A 100 30.04 -0.74 10.44
N TRP A 101 29.33 -0.25 9.42
CA TRP A 101 28.00 -0.77 9.10
C TRP A 101 27.64 -0.45 7.65
N ARG A 102 27.78 -1.44 6.77
CA ARG A 102 27.46 -1.25 5.37
C ARG A 102 26.09 -1.84 5.04
N PRO A 103 25.51 -1.40 3.91
CA PRO A 103 24.20 -1.87 3.46
C PRO A 103 24.23 -3.32 2.99
N SER A 104 23.06 -3.94 2.90
CA SER A 104 22.95 -5.33 2.46
C SER A 104 21.50 -5.78 2.43
N GLY A 105 21.09 -6.35 1.30
CA GLY A 105 19.73 -6.82 1.16
C GLY A 105 18.72 -5.68 1.12
N PRO A 106 17.43 -6.02 1.28
CA PRO A 106 16.36 -5.03 1.27
C PRO A 106 16.38 -4.13 2.51
N ASP A 107 16.81 -4.70 3.63
CA ASP A 107 16.88 -3.95 4.88
C ASP A 107 15.49 -3.49 5.32
N PHE A 108 14.90 -4.23 6.26
CA PHE A 108 13.58 -3.90 6.77
C PHE A 108 13.52 -2.46 7.27
N ARG A 109 12.33 -1.88 7.24
CA ARG A 109 12.15 -0.50 7.69
C ARG A 109 11.27 -0.44 8.94
N CYS A 110 10.42 -1.45 9.10
CA CYS A 110 9.52 -1.52 10.25
C CYS A 110 8.73 -2.83 10.26
N ILE A 111 8.76 -3.53 11.39
CA ILE A 111 8.05 -4.79 11.52
C ILE A 111 6.72 -4.60 12.24
N PRO A 112 5.77 -5.51 11.98
CA PRO A 112 4.44 -5.47 12.59
C PRO A 112 4.48 -5.80 14.09
N ASP A 113 3.34 -5.68 14.75
CA ASP A 113 3.24 -5.96 16.17
C ASP A 113 1.86 -6.53 16.52
N ARG A 114 1.60 -6.66 17.81
CA ARG A 114 0.32 -7.19 18.28
C ARG A 114 -0.84 -6.49 17.59
N TYR A 115 -1.90 -7.24 17.30
CA TYR A 115 -3.08 -6.69 16.64
C TYR A 115 -4.23 -6.50 17.64
N ARG A 116 -5.32 -5.92 17.17
CA ARG A 116 -6.48 -5.67 18.02
C ARG A 116 -7.77 -5.85 17.24
N ALA A 117 -8.54 -6.87 17.59
CA ALA A 117 -9.81 -7.15 16.93
C ALA A 117 -10.96 -6.40 17.60
N GLN A 118 -11.46 -5.36 16.92
CA GLN A 118 -12.56 -4.57 17.46
C GLN A 118 -13.88 -4.99 16.84
N ARG A 119 -14.96 -4.84 17.60
CA ARG A 119 -16.29 -5.20 17.12
C ARG A 119 -17.08 -3.97 16.70
N VAL A 120 -17.51 -3.94 15.45
CA VAL A 120 -18.27 -2.82 14.92
C VAL A 120 -19.77 -3.12 14.93
N GLN A 121 -20.57 -2.06 15.08
CA GLN A 121 -22.02 -2.21 15.12
C GLN A 121 -22.65 -1.63 13.86
N LEU A 122 -23.13 -2.49 12.98
CA LEU A 122 -23.75 -2.06 11.74
C LEU A 122 -25.26 -1.91 11.92
N LEU A 123 -25.83 -0.87 11.32
CA LEU A 123 -27.26 -0.61 11.40
C LEU A 123 -27.93 -0.85 10.05
N CYS A 124 -29.18 -1.29 10.10
CA CYS A 124 -29.95 -1.55 8.88
C CYS A 124 -31.15 -0.62 8.78
N PRO A 125 -31.67 -0.47 7.56
CA PRO A 125 -32.82 0.40 7.29
C PRO A 125 -34.12 -0.14 7.88
N GLY A 126 -35.20 0.61 7.75
CA GLY A 126 -36.48 0.19 8.28
C GLY A 126 -36.40 -0.21 9.74
N GLY A 127 -36.86 -1.43 10.05
CA GLY A 127 -36.83 -1.91 11.42
C GLY A 127 -35.86 -3.05 11.61
N GLU A 128 -35.20 -3.45 10.52
CA GLU A 128 -34.23 -4.55 10.58
C GLU A 128 -33.21 -4.31 11.68
N ALA A 129 -32.92 -5.36 12.43
CA ALA A 129 -31.95 -5.28 13.52
C ALA A 129 -30.53 -5.06 12.99
N PRO A 130 -29.65 -4.55 13.86
CA PRO A 130 -28.25 -4.29 13.49
C PRO A 130 -27.46 -5.57 13.26
N ARG A 131 -26.15 -5.42 13.02
CA ARG A 131 -25.29 -6.57 12.78
C ARG A 131 -23.87 -6.28 13.25
N ALA A 132 -23.36 -7.13 14.13
CA ALA A 132 -22.01 -6.96 14.66
C ALA A 132 -20.98 -7.59 13.73
N ARG A 133 -19.86 -6.90 13.53
CA ARG A 133 -18.80 -7.39 12.65
C ARG A 133 -17.43 -7.13 13.28
N LYS A 134 -16.64 -8.20 13.40
CA LYS A 134 -15.30 -8.09 13.98
C LYS A 134 -14.28 -7.65 12.92
N VAL A 135 -13.42 -6.71 13.29
CA VAL A 135 -12.40 -6.21 12.37
C VAL A 135 -11.01 -6.35 12.98
N ARG A 136 -10.13 -7.05 12.26
CA ARG A 136 -8.76 -7.25 12.73
C ARG A 136 -7.84 -6.15 12.22
N LEU A 137 -7.47 -5.23 13.12
CA LEU A 137 -6.60 -4.12 12.76
C LEU A 137 -5.37 -4.09 13.66
N VAL A 138 -4.26 -3.60 13.11
CA VAL A 138 -3.01 -3.51 13.86
C VAL A 138 -3.20 -2.72 15.15
N ALA A 139 -2.56 -3.17 16.22
CA ALA A 139 -2.65 -2.50 17.51
C ALA A 139 -1.35 -1.80 17.87
N SER A 140 -0.24 -2.38 17.43
CA SER A 140 1.07 -1.80 17.70
C SER A 140 1.99 -1.96 16.49
N CYS A 141 3.21 -1.43 16.61
CA CYS A 141 4.18 -1.50 15.54
C CYS A 141 5.60 -1.32 16.07
N LYS A 142 6.54 -2.10 15.53
CA LYS A 142 7.93 -2.03 15.95
C LYS A 142 8.83 -1.68 14.78
N CYS A 143 9.97 -1.05 15.07
CA CYS A 143 10.92 -0.66 14.04
C CYS A 143 12.23 -1.44 14.19
N LYS A 144 12.58 -2.21 13.17
CA LYS A 144 13.81 -2.99 13.18
C LYS A 144 14.37 -3.15 11.77
N ARG A 145 15.68 -3.35 11.69
CA ARG A 145 16.34 -3.52 10.40
C ARG A 145 17.08 -4.85 10.33
N LEU A 146 16.70 -5.70 9.38
CA LEU A 146 17.33 -7.00 9.22
C LEU A 146 17.50 -7.34 7.74
N THR A 147 18.02 -8.53 7.47
CA THR A 147 18.24 -8.99 6.10
C THR A 147 17.48 -10.28 5.82
N ARG A 148 17.72 -10.86 4.65
CA ARG A 148 17.06 -12.10 4.26
C ARG A 148 17.87 -12.85 3.21
N PHE A 149 17.55 -14.11 3.00
CA PHE A 149 18.24 -14.94 2.03
C PHE A 149 17.43 -16.17 1.67
N HIS A 150 18.06 -17.10 0.95
CA HIS A 150 17.39 -18.34 0.54
C HIS A 150 18.38 -19.30 -0.10
N ASN A 151 17.88 -20.46 -0.53
CA ASN A 151 18.72 -21.47 -1.16
C ASN A 151 18.11 -21.93 -2.48
N GLN A 152 18.73 -22.93 -3.10
CA GLN A 152 18.25 -23.46 -4.36
C GLN A 152 18.53 -24.96 -4.47
N SER A 153 19.80 -25.31 -4.64
CA SER A 153 20.21 -26.71 -4.75
C SER A 153 19.60 -27.34 -6.00
N GLU A 154 20.06 -28.54 -6.33
CA GLU A 154 19.57 -29.25 -7.51
C GLU A 154 20.08 -30.68 -7.52
N LEU A 155 19.35 -31.56 -8.22
CA LEU A 155 19.74 -32.96 -8.31
C LEU A 155 20.04 -33.35 -9.76
N LYS A 156 20.20 -34.65 -10.00
CA LYS A 156 20.49 -35.14 -11.34
C LYS A 156 20.32 -36.65 -11.40
N ASP A 157 20.15 -37.18 -12.62
CA ASP A 157 19.98 -38.61 -12.82
C ASP A 157 19.84 -38.94 -14.30
N PHE A 158 20.64 -39.89 -14.77
CA PHE A 158 20.62 -40.30 -16.17
C PHE A 158 21.26 -41.67 -16.36
N GLY A 159 20.48 -42.62 -16.86
CA GLY A 159 20.99 -43.95 -17.08
C GLY A 159 20.03 -44.82 -17.87
N THR A 160 20.57 -45.55 -18.86
CA THR A 160 19.77 -46.41 -19.70
C THR A 160 20.63 -47.26 -20.60
N GLU A 161 20.21 -48.52 -20.83
CA GLU A 161 20.96 -49.43 -21.67
C GLU A 161 20.12 -50.66 -22.01
N ALA A 162 20.55 -51.40 -23.04
CA ALA A 162 19.84 -52.60 -23.46
C ALA A 162 20.63 -53.36 -24.51
N ALA A 163 20.08 -54.48 -24.98
CA ALA A 163 20.73 -55.30 -25.98
C ALA A 163 19.84 -56.45 -26.42
N ARG A 164 20.36 -57.31 -27.30
CA ARG A 164 19.61 -58.45 -27.79
C ARG A 164 20.54 -59.54 -28.30
N PRO A 165 20.23 -60.80 -27.97
CA PRO A 165 21.03 -61.96 -28.37
C PRO A 165 20.94 -62.22 -29.88
N GLN A 166 21.64 -63.25 -30.33
CA GLN A 166 21.64 -63.61 -31.75
C GLN A 166 21.64 -65.12 -31.92
N LYS A 167 20.93 -65.59 -32.94
CA LYS A 167 20.85 -67.02 -33.22
C LYS A 167 20.23 -67.28 -34.59
N GLY A 168 20.26 -68.53 -35.02
CA GLY A 168 19.69 -68.89 -36.31
C GLY A 168 20.24 -70.19 -36.86
N ARG A 169 19.40 -70.95 -37.54
CA ARG A 169 19.80 -72.22 -38.11
C ARG A 169 19.10 -72.48 -39.43
N LYS A 170 19.51 -73.53 -40.13
CA LYS A 170 18.91 -73.90 -41.41
C LYS A 170 18.82 -75.41 -41.56
N PRO A 171 17.94 -76.03 -40.78
CA PRO A 171 17.73 -77.48 -40.81
C PRO A 171 17.05 -77.94 -42.09
N ARG A 172 17.04 -79.26 -42.32
CA ARG A 172 16.42 -79.82 -43.52
C ARG A 172 16.46 -81.35 -43.47
N PRO A 173 15.62 -81.93 -42.60
CA PRO A 173 15.53 -83.38 -42.45
C PRO A 173 14.91 -84.07 -43.66
N ARG A 174 14.81 -85.39 -43.61
CA ARG A 174 14.23 -86.15 -44.71
C ARG A 174 13.76 -87.53 -44.23
N ALA A 175 13.05 -88.24 -45.09
CA ALA A 175 12.55 -89.56 -44.76
C ALA A 175 12.20 -90.36 -46.01
N ARG A 176 11.73 -91.58 -45.83
CA ARG A 176 11.36 -92.44 -46.95
C ARG A 176 10.50 -93.62 -46.47
N SER A 177 9.62 -94.09 -47.35
CA SER A 177 8.75 -95.21 -47.02
C SER A 177 8.07 -95.76 -48.27
N ALA A 178 8.16 -97.07 -48.47
CA ALA A 178 7.55 -97.71 -49.63
C ALA A 178 7.75 -99.22 -49.58
N LYS A 179 6.69 -99.94 -49.22
CA LYS A 179 6.75 -101.40 -49.14
C LYS A 179 5.36 -101.99 -48.96
N ALA A 180 4.90 -102.74 -49.96
CA ALA A 180 3.58 -103.36 -49.91
C ALA A 180 3.52 -104.58 -50.82
N ASN A 181 2.76 -105.59 -50.40
CA ASN A 181 2.61 -106.81 -51.18
C ASN A 181 1.15 -107.03 -51.57
N GLN A 182 0.96 -107.57 -52.78
CA GLN A 182 -0.39 -107.84 -53.28
C GLN A 182 -0.66 -109.34 -53.32
N ALA A 183 -1.82 -109.73 -52.80
CA ALA A 183 -2.21 -111.14 -52.78
C ALA A 183 -3.63 -111.31 -52.25
N GLU A 184 -4.28 -112.40 -52.66
CA GLU A 184 -5.64 -112.68 -52.23
C GLU A 184 -5.98 -114.15 -52.41
N LEU A 185 -7.20 -114.53 -52.04
CA LEU A 185 -7.65 -115.90 -52.17
C LEU A 185 -9.15 -116.02 -51.93
N GLU A 186 -9.92 -115.99 -53.01
CA GLU A 186 -11.38 -116.10 -52.92
C GLU A 186 -11.97 -116.65 -54.21
N ASN A 187 -12.94 -117.55 -54.07
CA ASN A 187 -13.59 -118.16 -55.22
C ASN A 187 -14.90 -118.83 -54.82
N ALA A 188 -15.52 -119.51 -55.77
CA ALA A 188 -16.78 -120.21 -55.52
C ALA A 188 -17.87 -119.24 -55.08
N TYR A 189 -19.09 -119.73 -54.99
CA TYR A 189 -20.22 -118.91 -54.58
C TYR A 189 -20.46 -119.00 -53.08
N GLY A 1 61.03 -60.99 5.95
CA GLY A 1 61.28 -59.56 6.00
C GLY A 1 61.91 -59.14 7.31
N TRP A 2 63.17 -58.71 7.26
CA TRP A 2 63.89 -58.27 8.45
C TRP A 2 64.03 -56.75 8.48
N GLN A 3 63.06 -56.06 7.89
CA GLN A 3 63.08 -54.60 7.85
C GLN A 3 61.67 -54.04 8.00
N ALA A 4 61.56 -52.92 8.73
CA ALA A 4 60.27 -52.29 8.95
C ALA A 4 60.16 -50.98 8.16
N PHE A 5 59.12 -50.21 8.43
CA PHE A 5 58.90 -48.95 7.74
C PHE A 5 58.58 -47.83 8.74
N LYS A 6 59.18 -46.66 8.53
CA LYS A 6 58.96 -45.52 9.39
C LYS A 6 57.60 -44.90 9.15
N ASN A 7 57.35 -43.75 9.78
CA ASN A 7 56.07 -43.06 9.63
C ASN A 7 56.29 -41.68 8.99
N ASP A 8 55.21 -41.10 8.49
CA ASP A 8 55.26 -39.78 7.87
C ASP A 8 54.04 -38.95 8.23
N ALA A 9 54.27 -37.66 8.50
CA ALA A 9 53.19 -36.76 8.86
C ALA A 9 53.44 -35.36 8.30
N THR A 10 52.45 -34.84 7.59
CA THR A 10 52.55 -33.51 6.99
C THR A 10 51.22 -32.77 7.04
N GLU A 11 50.85 -32.29 8.22
CA GLU A 11 49.60 -31.56 8.41
C GLU A 11 49.65 -30.21 7.72
N ILE A 12 48.48 -29.61 7.50
CA ILE A 12 48.40 -28.31 6.86
C ILE A 12 47.41 -27.40 7.58
N ILE A 13 47.92 -26.57 8.50
CA ILE A 13 47.09 -25.66 9.25
C ILE A 13 47.45 -24.21 8.97
N PRO A 14 47.09 -23.72 7.78
CA PRO A 14 47.37 -22.35 7.35
C PRO A 14 46.55 -21.32 8.13
N GLU A 15 46.62 -20.07 7.70
CA GLU A 15 45.89 -18.99 8.35
C GLU A 15 44.95 -18.29 7.37
N LEU A 16 43.85 -18.93 7.05
CA LEU A 16 42.87 -18.36 6.12
C LEU A 16 42.16 -17.18 6.73
N GLY A 17 41.53 -16.36 5.89
CA GLY A 17 40.81 -15.20 6.38
C GLY A 17 40.02 -14.50 5.28
N GLU A 18 38.77 -14.92 5.10
CA GLU A 18 37.91 -14.32 4.09
C GLU A 18 36.90 -13.36 4.71
N TYR A 19 36.14 -12.69 3.86
CA TYR A 19 35.13 -11.75 4.32
C TYR A 19 33.83 -11.90 3.55
N PRO A 20 33.14 -13.03 3.78
CA PRO A 20 31.86 -13.33 3.11
C PRO A 20 30.73 -12.43 3.58
N GLU A 21 30.10 -11.73 2.65
CA GLU A 21 29.01 -10.83 2.98
C GLU A 21 27.66 -11.50 2.74
N PRO A 22 26.61 -10.96 3.35
CA PRO A 22 25.25 -11.50 3.23
C PRO A 22 24.66 -11.27 1.84
N PRO A 23 24.47 -12.37 1.10
CA PRO A 23 23.91 -12.31 -0.27
C PRO A 23 22.44 -11.92 -0.28
N PRO A 24 21.92 -11.60 -1.47
CA PRO A 24 20.52 -11.21 -1.64
C PRO A 24 19.55 -12.38 -1.43
N GLU A 25 18.27 -12.12 -1.64
CA GLU A 25 17.25 -13.15 -1.47
C GLU A 25 15.88 -12.65 -1.93
N LEU A 26 15.69 -12.59 -3.25
CA LEU A 26 14.44 -12.13 -3.82
C LEU A 26 13.63 -13.31 -4.36
N GLU A 27 12.85 -13.95 -3.49
CA GLU A 27 12.03 -15.08 -3.88
C GLU A 27 10.59 -14.88 -3.42
N ASN A 28 9.64 -15.32 -4.25
CA ASN A 28 8.23 -15.20 -3.93
C ASN A 28 7.47 -16.45 -4.34
N ASN A 29 7.12 -17.29 -3.36
CA ASN A 29 6.39 -18.51 -3.63
C ASN A 29 5.68 -19.01 -2.36
N LYS A 30 5.22 -18.07 -1.55
CA LYS A 30 4.53 -18.41 -0.31
C LYS A 30 3.57 -17.29 0.10
N THR A 31 2.67 -17.59 1.03
CA THR A 31 1.70 -16.61 1.51
C THR A 31 2.22 -15.90 2.75
N MET A 32 1.50 -14.84 3.15
CA MET A 32 1.89 -14.07 4.32
C MET A 32 1.23 -14.63 5.58
N ASN A 33 2.05 -14.87 6.61
CA ASN A 33 1.55 -15.40 7.87
C ASN A 33 2.64 -15.39 8.93
N ARG A 34 3.00 -14.20 9.40
CA ARG A 34 4.02 -14.04 10.42
C ARG A 34 5.36 -14.56 9.91
N ALA A 35 6.08 -13.71 9.18
CA ALA A 35 7.38 -14.09 8.64
C ALA A 35 8.08 -12.88 8.02
N GLU A 36 9.31 -13.10 7.55
CA GLU A 36 10.09 -12.02 6.94
C GLU A 36 9.71 -11.85 5.48
N ASN A 37 8.98 -10.77 5.19
CA ASN A 37 8.54 -10.48 3.83
C ASN A 37 7.91 -9.09 3.74
N GLY A 38 8.15 -8.40 2.64
CA GLY A 38 7.61 -7.07 2.45
C GLY A 38 8.55 -6.15 1.71
N GLY A 39 8.92 -6.53 0.49
CA GLY A 39 9.83 -5.72 -0.29
C GLY A 39 9.13 -4.95 -1.39
N ARG A 40 8.95 -3.65 -1.18
CA ARG A 40 8.28 -2.80 -2.15
C ARG A 40 9.28 -1.98 -2.95
N PRO A 41 8.86 -1.48 -4.11
CA PRO A 41 9.71 -0.68 -4.99
C PRO A 41 10.01 0.70 -4.40
N PRO A 42 10.98 1.40 -5.02
CA PRO A 42 11.38 2.74 -4.56
C PRO A 42 10.31 3.79 -4.84
N HIS A 43 9.91 4.50 -3.79
CA HIS A 43 8.89 5.54 -3.91
C HIS A 43 9.53 6.90 -4.13
N HIS A 44 8.72 7.87 -4.55
CA HIS A 44 9.21 9.22 -4.79
C HIS A 44 9.56 9.91 -3.49
N PRO A 45 10.37 10.97 -3.58
CA PRO A 45 10.80 11.75 -2.41
C PRO A 45 9.66 12.56 -1.80
N PHE A 46 9.89 13.07 -0.59
CA PHE A 46 8.88 13.86 0.11
C PHE A 46 9.52 14.79 1.12
N GLU A 47 8.87 15.91 1.39
CA GLU A 47 9.39 16.89 2.35
C GLU A 47 8.84 16.62 3.74
N THR A 48 9.66 16.88 4.76
CA THR A 48 9.25 16.66 6.14
C THR A 48 10.14 17.46 7.09
N LYS A 49 9.51 18.27 7.94
CA LYS A 49 10.23 19.08 8.91
C LYS A 49 9.95 18.61 10.34
N ASP A 50 10.87 17.81 10.88
CA ASP A 50 10.72 17.29 12.23
C ASP A 50 12.00 16.59 12.69
N VAL A 51 12.24 16.60 14.00
CA VAL A 51 13.42 15.96 14.57
C VAL A 51 13.18 15.54 16.01
N SER A 52 11.91 15.34 16.36
CA SER A 52 11.55 14.95 17.71
C SER A 52 11.11 13.49 17.75
N GLU A 53 11.67 12.69 16.84
CA GLU A 53 11.34 11.27 16.77
C GLU A 53 12.30 10.53 15.85
N TYR A 54 12.49 9.24 16.12
CA TYR A 54 13.40 8.42 15.32
C TYR A 54 12.69 7.16 14.81
N SER A 55 11.97 6.50 15.71
CA SER A 55 11.24 5.28 15.35
C SER A 55 10.17 5.57 14.31
N CYS A 56 9.31 4.59 14.06
CA CYS A 56 8.24 4.73 13.08
C CYS A 56 7.12 5.62 13.62
N ARG A 57 6.44 6.32 12.72
CA ARG A 57 5.34 7.20 13.11
C ARG A 57 4.01 6.45 13.13
N GLU A 58 3.23 6.66 14.18
CA GLU A 58 1.93 6.00 14.31
C GLU A 58 1.00 6.41 13.17
N LEU A 59 0.65 5.44 12.33
CA LEU A 59 -0.24 5.70 11.21
C LEU A 59 -1.64 5.15 11.49
N HIS A 60 -2.64 6.03 11.38
CA HIS A 60 -4.03 5.64 11.61
C HIS A 60 -4.88 5.90 10.37
N PHE A 61 -5.69 4.91 10.00
CA PHE A 61 -6.55 5.03 8.83
C PHE A 61 -8.02 4.85 9.22
N THR A 62 -8.87 5.73 8.70
CA THR A 62 -10.30 5.68 8.99
C THR A 62 -11.09 5.21 7.78
N ARG A 63 -12.20 4.51 8.03
CA ARG A 63 -13.04 4.00 6.95
C ARG A 63 -14.37 3.50 7.50
N TYR A 64 -15.44 3.73 6.75
CA TYR A 64 -16.77 3.30 7.16
C TYR A 64 -17.09 1.91 6.62
N VAL A 65 -17.27 0.96 7.54
CA VAL A 65 -17.58 -0.42 7.16
C VAL A 65 -19.08 -0.65 7.14
N THR A 66 -19.56 -1.22 6.03
CA THR A 66 -20.99 -1.51 5.88
C THR A 66 -21.21 -2.81 5.14
N ASP A 67 -21.94 -3.74 5.76
CA ASP A 67 -22.22 -5.03 5.15
C ASP A 67 -23.71 -5.16 4.84
N GLY A 68 -24.02 -5.21 3.55
CA GLY A 68 -25.41 -5.33 3.14
C GLY A 68 -26.17 -4.03 3.26
N PRO A 69 -27.48 -4.13 3.51
CA PRO A 69 -28.36 -2.96 3.66
C PRO A 69 -28.07 -2.18 4.94
N CYS A 70 -27.20 -2.73 5.78
CA CYS A 70 -26.83 -2.09 7.03
C CYS A 70 -25.45 -1.44 6.93
N ARG A 71 -25.10 -0.64 7.94
CA ARG A 71 -23.82 0.04 7.96
C ARG A 71 -23.41 0.39 9.40
N SER A 72 -22.10 0.39 9.65
CA SER A 72 -21.59 0.70 10.98
C SER A 72 -22.08 2.07 11.45
N ALA A 73 -22.11 2.25 12.77
CA ALA A 73 -22.57 3.51 13.35
C ALA A 73 -21.46 4.55 13.33
N LYS A 74 -20.21 4.09 13.44
CA LYS A 74 -19.07 4.98 13.43
C LYS A 74 -17.91 4.39 12.61
N PRO A 75 -16.97 5.25 12.21
CA PRO A 75 -15.80 4.83 11.42
C PRO A 75 -14.83 3.99 12.23
N VAL A 76 -14.06 3.16 11.54
CA VAL A 76 -13.08 2.30 12.20
C VAL A 76 -11.66 2.82 11.98
N THR A 77 -10.90 2.94 13.07
CA THR A 77 -9.53 3.42 12.99
C THR A 77 -8.54 2.26 13.08
N GLU A 78 -7.80 2.04 12.01
CA GLU A 78 -6.81 0.97 11.97
C GLU A 78 -5.39 1.52 12.06
N LEU A 79 -4.53 0.82 12.78
CA LEU A 79 -3.14 1.25 12.93
C LEU A 79 -2.25 0.62 11.87
N VAL A 80 -1.16 1.30 11.53
CA VAL A 80 -0.22 0.81 10.53
C VAL A 80 1.21 1.17 10.89
N CYS A 81 2.15 0.35 10.42
CA CYS A 81 3.56 0.58 10.69
C CYS A 81 4.24 1.28 9.52
N SER A 82 4.77 2.47 9.78
CA SER A 82 5.43 3.25 8.74
C SER A 82 6.50 4.16 9.35
N GLY A 83 7.59 4.36 8.61
CA GLY A 83 8.66 5.21 9.09
C GLY A 83 10.03 4.58 8.86
N GLN A 84 11.07 5.26 9.37
CA GLN A 84 12.44 4.76 9.21
C GLN A 84 13.28 5.13 10.43
N CYS A 85 14.06 4.17 10.92
CA CYS A 85 14.91 4.39 12.07
C CYS A 85 16.28 3.75 11.87
N GLY A 86 17.24 4.13 12.71
CA GLY A 86 18.58 3.58 12.61
C GLY A 86 19.45 3.95 13.78
N PRO A 87 20.73 3.54 13.74
CA PRO A 87 21.69 3.82 14.81
C PRO A 87 22.07 5.29 14.87
N ALA A 88 22.03 5.86 16.08
CA ALA A 88 22.38 7.26 16.27
C ALA A 88 23.17 7.46 17.56
N ARG A 89 24.40 6.99 17.56
CA ARG A 89 25.27 7.11 18.73
C ARG A 89 26.16 8.34 18.63
N LEU A 90 26.78 8.72 19.74
CA LEU A 90 27.67 9.88 19.77
C LEU A 90 28.88 9.61 20.64
N LEU A 91 30.07 9.93 20.11
CA LEU A 91 31.31 9.72 20.84
C LEU A 91 32.02 11.05 21.10
N PRO A 92 32.93 11.06 22.08
CA PRO A 92 33.70 12.26 22.44
C PRO A 92 34.70 12.64 21.36
N ASN A 93 35.05 11.70 20.50
CA ASN A 93 36.00 11.94 19.43
C ASN A 93 35.29 12.02 18.07
N ALA A 94 34.54 10.97 17.74
CA ALA A 94 33.81 10.92 16.48
C ALA A 94 34.75 11.10 15.29
N ILE A 95 35.26 9.98 14.77
CA ILE A 95 36.16 10.01 13.63
C ILE A 95 35.81 8.93 12.62
N GLY A 96 36.52 8.92 11.50
CA GLY A 96 36.27 7.93 10.46
C GLY A 96 35.66 8.54 9.21
N ARG A 97 34.63 7.90 8.68
CA ARG A 97 33.95 8.38 7.49
C ARG A 97 34.94 8.53 6.34
N GLY A 98 35.20 7.42 5.64
CA GLY A 98 36.12 7.46 4.52
C GLY A 98 35.70 6.54 3.39
N LYS A 99 35.52 5.27 3.70
CA LYS A 99 35.11 4.29 2.70
C LYS A 99 33.85 3.54 3.15
N TRP A 100 33.14 2.96 2.19
CA TRP A 100 31.93 2.22 2.48
C TRP A 100 32.13 0.73 2.26
N TRP A 101 32.10 -0.04 3.34
CA TRP A 101 32.28 -1.49 3.26
C TRP A 101 30.93 -2.19 3.12
N ARG A 102 29.89 -1.59 3.67
CA ARG A 102 28.56 -2.16 3.62
C ARG A 102 27.90 -1.89 2.26
N PRO A 103 26.88 -2.68 1.94
CA PRO A 103 26.15 -2.55 0.67
C PRO A 103 25.32 -1.28 0.61
N SER A 104 24.98 -0.74 1.77
CA SER A 104 24.17 0.47 1.85
C SER A 104 22.81 0.27 1.21
N GLY A 105 21.83 -0.11 2.03
CA GLY A 105 20.48 -0.33 1.53
C GLY A 105 19.85 -1.59 2.12
N PRO A 106 19.41 -1.49 3.38
CA PRO A 106 18.78 -2.62 4.08
C PRO A 106 17.40 -2.94 3.53
N ASP A 107 16.83 -4.05 3.99
CA ASP A 107 15.51 -4.47 3.54
C ASP A 107 14.46 -4.24 4.63
N PHE A 108 14.80 -4.66 5.85
CA PHE A 108 13.89 -4.49 6.98
C PHE A 108 14.17 -3.21 7.73
N ARG A 109 13.12 -2.55 8.21
CA ARG A 109 13.27 -1.30 8.95
C ARG A 109 12.23 -1.21 10.06
N CYS A 110 10.99 -1.60 9.75
CA CYS A 110 9.90 -1.56 10.72
C CYS A 110 9.12 -2.87 10.70
N ILE A 111 8.98 -3.49 11.87
CA ILE A 111 8.26 -4.75 11.99
C ILE A 111 6.92 -4.54 12.70
N PRO A 112 5.95 -5.42 12.42
CA PRO A 112 4.62 -5.35 13.03
C PRO A 112 4.65 -5.70 14.50
N ASP A 113 3.48 -5.60 15.15
CA ASP A 113 3.37 -5.92 16.57
C ASP A 113 2.01 -6.54 16.88
N ARG A 114 1.71 -6.68 18.17
CA ARG A 114 0.45 -7.27 18.60
C ARG A 114 -0.73 -6.60 17.89
N TYR A 115 -1.74 -7.40 17.57
CA TYR A 115 -2.92 -6.89 16.88
C TYR A 115 -4.09 -6.75 17.85
N ARG A 116 -5.20 -6.20 17.35
CA ARG A 116 -6.39 -6.01 18.17
C ARG A 116 -7.66 -6.04 17.31
N ALA A 117 -8.55 -6.96 17.66
CA ALA A 117 -9.80 -7.10 16.92
C ALA A 117 -10.88 -6.18 17.47
N GLN A 118 -11.28 -5.21 16.67
CA GLN A 118 -12.31 -4.26 17.08
C GLN A 118 -13.67 -4.64 16.53
N ARG A 119 -14.72 -4.49 17.34
CA ARG A 119 -16.07 -4.82 16.92
C ARG A 119 -16.86 -3.57 16.58
N VAL A 120 -17.76 -3.69 15.61
CA VAL A 120 -18.58 -2.56 15.19
C VAL A 120 -20.06 -2.91 15.22
N GLN A 121 -20.91 -1.89 15.24
CA GLN A 121 -22.36 -2.09 15.28
C GLN A 121 -23.02 -1.54 14.02
N LEU A 122 -23.38 -2.43 13.11
CA LEU A 122 -24.02 -2.03 11.87
C LEU A 122 -25.54 -1.94 12.04
N LEU A 123 -26.11 -0.82 11.62
CA LEU A 123 -27.55 -0.61 11.72
C LEU A 123 -28.21 -0.70 10.35
N CYS A 124 -29.47 -1.12 10.34
CA CYS A 124 -30.23 -1.24 9.09
C CYS A 124 -31.36 -0.23 9.04
N PRO A 125 -31.77 0.14 7.82
CA PRO A 125 -32.86 1.10 7.61
C PRO A 125 -34.22 0.52 7.98
N GLY A 126 -34.43 0.33 9.29
CA GLY A 126 -35.70 -0.21 9.75
C GLY A 126 -36.13 -1.44 8.97
N GLY A 127 -35.15 -2.21 8.48
CA GLY A 127 -35.46 -3.40 7.72
C GLY A 127 -35.12 -4.67 8.46
N GLU A 128 -34.08 -4.61 9.28
CA GLU A 128 -33.63 -5.77 10.06
C GLU A 128 -32.75 -5.34 11.23
N ALA A 129 -32.71 -6.18 12.27
CA ALA A 129 -31.91 -5.88 13.44
C ALA A 129 -30.48 -5.54 13.06
N PRO A 130 -29.75 -4.89 13.98
CA PRO A 130 -28.35 -4.50 13.75
C PRO A 130 -27.41 -5.69 13.72
N ARG A 131 -26.38 -5.61 12.89
CA ARG A 131 -25.40 -6.68 12.75
C ARG A 131 -24.03 -6.23 13.24
N ALA A 132 -23.40 -7.07 14.07
CA ALA A 132 -22.08 -6.75 14.61
C ALA A 132 -20.98 -7.29 13.69
N ARG A 133 -19.96 -6.47 13.46
CA ARG A 133 -18.84 -6.86 12.61
C ARG A 133 -17.53 -6.84 13.39
N LYS A 134 -16.62 -7.74 13.03
CA LYS A 134 -15.32 -7.82 13.69
C LYS A 134 -14.18 -7.55 12.71
N VAL A 135 -13.31 -6.61 13.06
CA VAL A 135 -12.17 -6.27 12.20
C VAL A 135 -10.86 -6.38 12.97
N ARG A 136 -9.93 -7.15 12.42
CA ARG A 136 -8.62 -7.35 13.05
C ARG A 136 -7.62 -6.33 12.52
N LEU A 137 -7.31 -5.32 13.34
CA LEU A 137 -6.36 -4.29 12.95
C LEU A 137 -5.16 -4.28 13.90
N VAL A 138 -4.03 -3.77 13.40
CA VAL A 138 -2.81 -3.71 14.19
C VAL A 138 -3.04 -2.91 15.48
N ALA A 139 -2.43 -3.38 16.56
CA ALA A 139 -2.56 -2.71 17.86
C ALA A 139 -1.29 -1.95 18.21
N SER A 140 -0.15 -2.48 17.81
CA SER A 140 1.13 -1.85 18.08
C SER A 140 2.09 -2.01 16.90
N CYS A 141 3.24 -1.36 16.98
CA CYS A 141 4.24 -1.43 15.92
C CYS A 141 5.65 -1.24 16.48
N LYS A 142 6.62 -1.88 15.85
CA LYS A 142 8.01 -1.78 16.29
C LYS A 142 8.92 -1.39 15.14
N CYS A 143 10.04 -0.75 15.45
CA CYS A 143 10.99 -0.32 14.44
C CYS A 143 12.31 -1.06 14.59
N LYS A 144 12.59 -1.97 13.67
CA LYS A 144 13.83 -2.74 13.70
C LYS A 144 14.30 -3.07 12.28
N ARG A 145 15.62 -3.07 12.09
CA ARG A 145 16.19 -3.37 10.78
C ARG A 145 17.14 -4.56 10.88
N LEU A 146 16.83 -5.62 10.14
CA LEU A 146 17.67 -6.82 10.14
C LEU A 146 17.12 -7.87 9.17
N THR A 147 18.00 -8.73 8.67
CA THR A 147 17.59 -9.77 7.74
C THR A 147 17.72 -11.15 8.39
N ARG A 148 16.97 -12.11 7.87
CA ARG A 148 17.00 -13.47 8.39
C ARG A 148 17.12 -14.48 7.26
N PHE A 149 17.81 -14.09 6.19
CA PHE A 149 18.00 -14.96 5.04
C PHE A 149 16.66 -15.49 4.53
N HIS A 150 16.73 -16.42 3.57
CA HIS A 150 15.52 -17.00 3.00
C HIS A 150 15.80 -18.41 2.48
N ASN A 151 14.75 -19.22 2.37
CA ASN A 151 14.88 -20.59 1.88
C ASN A 151 14.70 -20.63 0.37
N GLN A 152 14.70 -21.85 -0.18
CA GLN A 152 14.54 -22.04 -1.62
C GLN A 152 13.31 -22.88 -1.92
N SER A 153 13.15 -23.26 -3.18
CA SER A 153 12.01 -24.07 -3.60
C SER A 153 12.21 -24.59 -5.02
N GLU A 154 11.26 -25.41 -5.48
CA GLU A 154 11.33 -25.98 -6.82
C GLU A 154 10.02 -26.64 -7.20
N LEU A 155 9.73 -26.67 -8.50
CA LEU A 155 8.49 -27.27 -8.99
C LEU A 155 8.68 -27.78 -10.42
N LYS A 156 7.80 -28.68 -10.84
CA LYS A 156 7.85 -29.24 -12.18
C LYS A 156 6.63 -28.84 -13.00
N ASP A 157 6.66 -29.13 -14.29
CA ASP A 157 5.55 -28.81 -15.18
C ASP A 157 5.79 -29.37 -16.58
N PHE A 158 4.95 -30.33 -16.97
CA PHE A 158 5.06 -30.95 -18.28
C PHE A 158 3.68 -31.21 -18.88
N GLY A 159 3.41 -30.58 -20.02
CA GLY A 159 2.13 -30.76 -20.68
C GLY A 159 2.25 -30.77 -22.19
N THR A 160 1.55 -31.71 -22.83
CA THR A 160 1.59 -31.83 -24.29
C THR A 160 0.59 -32.87 -24.77
N GLU A 161 -0.10 -32.56 -25.87
CA GLU A 161 -1.08 -33.48 -26.44
C GLU A 161 -1.02 -33.45 -27.97
N ALA A 162 -1.54 -34.50 -28.59
CA ALA A 162 -1.55 -34.61 -30.03
C ALA A 162 -2.77 -35.39 -30.53
N ALA A 163 -2.85 -35.60 -31.83
CA ALA A 163 -3.96 -36.34 -32.42
C ALA A 163 -3.54 -37.01 -33.73
N ARG A 164 -4.30 -38.03 -34.13
CA ARG A 164 -4.01 -38.76 -35.35
C ARG A 164 -5.26 -39.41 -35.91
N PRO A 165 -6.16 -38.59 -36.48
CA PRO A 165 -7.42 -39.06 -37.06
C PRO A 165 -7.21 -39.86 -38.33
N GLN A 166 -8.29 -40.36 -38.91
CA GLN A 166 -8.22 -41.13 -40.14
C GLN A 166 -9.14 -40.54 -41.21
N LYS A 167 -8.54 -40.07 -42.30
CA LYS A 167 -9.30 -39.48 -43.39
C LYS A 167 -9.52 -40.50 -44.51
N GLY A 168 -10.38 -40.16 -45.46
CA GLY A 168 -10.65 -41.06 -46.57
C GLY A 168 -10.97 -40.30 -47.85
N ARG A 169 -11.35 -41.05 -48.89
CA ARG A 169 -11.67 -40.45 -50.17
C ARG A 169 -12.39 -41.45 -51.08
N LYS A 170 -13.29 -40.94 -51.92
CA LYS A 170 -14.04 -41.79 -52.83
C LYS A 170 -13.80 -41.38 -54.28
N PRO A 171 -12.58 -41.64 -54.78
CA PRO A 171 -12.19 -41.31 -56.16
C PRO A 171 -12.91 -42.18 -57.18
N ARG A 172 -13.69 -41.55 -58.05
CA ARG A 172 -14.42 -42.27 -59.08
C ARG A 172 -14.45 -41.47 -60.38
N PRO A 173 -13.30 -41.37 -61.04
CA PRO A 173 -13.17 -40.64 -62.31
C PRO A 173 -13.87 -41.34 -63.45
N ARG A 174 -14.50 -40.55 -64.32
CA ARG A 174 -15.22 -41.10 -65.47
C ARG A 174 -14.81 -40.37 -66.76
N ALA A 175 -14.40 -41.15 -67.76
CA ALA A 175 -13.99 -40.59 -69.03
C ALA A 175 -14.63 -41.34 -70.20
N ARG A 176 -14.51 -40.78 -71.40
CA ARG A 176 -15.08 -41.40 -72.59
C ARG A 176 -14.13 -41.27 -73.78
N SER A 177 -14.47 -41.93 -74.87
CA SER A 177 -13.65 -41.90 -76.08
C SER A 177 -14.50 -41.62 -77.31
N ALA A 178 -13.85 -41.61 -78.47
CA ALA A 178 -14.56 -41.37 -79.73
C ALA A 178 -13.71 -41.77 -80.93
N LYS A 179 -14.15 -41.42 -82.12
CA LYS A 179 -13.43 -41.75 -83.35
C LYS A 179 -14.05 -41.05 -84.55
N ALA A 180 -13.25 -40.84 -85.58
CA ALA A 180 -13.72 -40.18 -86.79
C ALA A 180 -12.66 -40.21 -87.89
N ASN A 181 -12.84 -41.09 -88.87
CA ASN A 181 -11.90 -41.23 -89.97
C ASN A 181 -12.54 -41.92 -91.16
N GLN A 182 -11.74 -42.23 -92.17
CA GLN A 182 -12.24 -42.89 -93.37
C GLN A 182 -13.32 -42.06 -94.04
N ALA A 183 -12.90 -41.06 -94.81
CA ALA A 183 -13.84 -40.19 -95.52
C ALA A 183 -13.23 -39.67 -96.82
N GLU A 184 -14.05 -39.59 -97.86
CA GLU A 184 -13.60 -39.11 -99.16
C GLU A 184 -14.52 -38.02 -99.69
N LEU A 185 -14.02 -37.24 -100.64
CA LEU A 185 -14.81 -36.16 -101.24
C LEU A 185 -14.30 -35.82 -102.63
N GLU A 186 -13.72 -36.82 -103.30
CA GLU A 186 -13.19 -36.62 -104.65
C GLU A 186 -14.27 -36.10 -105.58
N ASN A 187 -13.86 -35.28 -106.55
CA ASN A 187 -14.79 -34.70 -107.50
C ASN A 187 -14.08 -34.29 -108.78
N ALA A 188 -14.72 -34.52 -109.92
CA ALA A 188 -14.15 -34.18 -111.22
C ALA A 188 -15.22 -33.69 -112.19
N TYR A 189 -14.80 -33.05 -113.26
CA TYR A 189 -15.72 -32.54 -114.27
C TYR A 189 -16.01 -33.60 -115.32
N GLY A 1 87.88 -12.04 44.87
CA GLY A 1 86.44 -12.12 45.04
C GLY A 1 85.88 -13.47 44.63
N TRP A 2 84.62 -13.72 44.98
CA TRP A 2 83.97 -14.99 44.64
C TRP A 2 82.47 -14.79 44.44
N GLN A 3 82.09 -13.60 44.01
CA GLN A 3 80.68 -13.29 43.78
C GLN A 3 80.47 -12.73 42.37
N ALA A 4 79.48 -13.26 41.68
CA ALA A 4 79.17 -12.81 40.33
C ALA A 4 77.75 -13.20 39.92
N PHE A 5 76.82 -13.10 40.87
CA PHE A 5 75.43 -13.44 40.63
C PHE A 5 75.28 -14.93 40.28
N LYS A 6 74.07 -15.45 40.40
CA LYS A 6 73.80 -16.85 40.11
C LYS A 6 73.01 -16.99 38.81
N ASN A 7 73.72 -17.23 37.71
CA ASN A 7 73.09 -17.38 36.41
C ASN A 7 73.57 -18.65 35.73
N ASP A 8 73.08 -19.80 36.19
CA ASP A 8 73.46 -21.08 35.61
C ASP A 8 72.39 -21.57 34.65
N ALA A 9 72.58 -22.79 34.14
CA ALA A 9 71.63 -23.38 33.19
C ALA A 9 70.41 -23.92 33.92
N THR A 10 69.65 -24.78 33.24
CA THR A 10 68.45 -25.37 33.81
C THR A 10 67.56 -24.30 34.43
N GLU A 11 67.56 -23.11 33.84
CA GLU A 11 66.76 -22.00 34.34
C GLU A 11 65.27 -22.25 34.06
N ILE A 12 64.44 -21.31 34.49
CA ILE A 12 62.99 -21.43 34.29
C ILE A 12 62.49 -20.41 33.28
N ILE A 13 62.46 -20.82 32.01
CA ILE A 13 62.00 -19.95 30.94
C ILE A 13 60.88 -20.61 30.13
N PRO A 14 59.71 -20.75 30.76
CA PRO A 14 58.54 -21.35 30.12
C PRO A 14 57.95 -20.48 29.01
N GLU A 15 58.10 -20.93 27.77
CA GLU A 15 57.59 -20.18 26.62
C GLU A 15 57.80 -20.96 25.33
N LEU A 16 56.71 -21.48 24.78
CA LEU A 16 56.77 -22.25 23.54
C LEU A 16 56.99 -21.33 22.34
N GLY A 17 57.15 -21.93 21.17
CA GLY A 17 57.35 -21.16 19.95
C GLY A 17 56.15 -20.31 19.59
N GLU A 18 55.20 -20.92 18.87
CA GLU A 18 54.00 -20.22 18.45
C GLU A 18 52.76 -21.06 18.71
N TYR A 19 51.76 -20.45 19.34
CA TYR A 19 50.52 -21.15 19.65
C TYR A 19 49.33 -20.51 18.93
N PRO A 20 49.26 -20.74 17.60
CA PRO A 20 48.18 -20.19 16.77
C PRO A 20 46.83 -20.85 17.06
N GLU A 21 45.85 -20.04 17.41
CA GLU A 21 44.51 -20.54 17.71
C GLU A 21 43.44 -19.75 16.96
N PRO A 22 43.36 -19.98 15.64
CA PRO A 22 42.38 -19.30 14.78
C PRO A 22 40.95 -19.74 15.05
N PRO A 23 39.98 -19.00 14.50
CA PRO A 23 38.56 -19.30 14.67
C PRO A 23 38.15 -20.56 13.93
N PRO A 24 36.93 -21.05 14.23
CA PRO A 24 36.39 -22.26 13.60
C PRO A 24 36.04 -22.05 12.12
N GLU A 25 35.99 -23.14 11.37
CA GLU A 25 35.67 -23.07 9.94
C GLU A 25 35.27 -24.43 9.41
N LEU A 26 33.97 -24.68 9.34
CA LEU A 26 33.46 -25.95 8.84
C LEU A 26 32.05 -25.78 8.27
N GLU A 27 31.80 -24.63 7.66
CA GLU A 27 30.51 -24.33 7.06
C GLU A 27 30.46 -24.82 5.62
N ASN A 28 29.26 -25.15 5.15
CA ASN A 28 29.07 -25.63 3.79
C ASN A 28 27.58 -25.71 3.44
N ASN A 29 27.23 -25.14 2.29
CA ASN A 29 25.84 -25.14 1.83
C ASN A 29 25.71 -24.48 0.46
N LYS A 30 24.79 -24.98 -0.35
CA LYS A 30 24.56 -24.45 -1.68
C LYS A 30 23.13 -23.94 -1.84
N THR A 31 22.95 -22.94 -2.70
CA THR A 31 21.63 -22.36 -2.93
C THR A 31 21.42 -22.06 -4.41
N MET A 32 20.17 -21.84 -4.79
CA MET A 32 19.83 -21.53 -6.17
C MET A 32 18.36 -21.15 -6.31
N ASN A 33 18.10 -19.85 -6.44
CA ASN A 33 16.74 -19.36 -6.58
C ASN A 33 16.62 -18.40 -7.75
N ARG A 34 15.39 -18.05 -8.10
CA ARG A 34 15.14 -17.14 -9.21
C ARG A 34 13.67 -16.73 -9.26
N ALA A 35 13.40 -15.57 -9.87
CA ALA A 35 12.04 -15.06 -9.98
C ALA A 35 11.94 -14.00 -11.06
N GLU A 36 10.93 -14.13 -11.92
CA GLU A 36 10.74 -13.17 -13.00
C GLU A 36 10.13 -11.87 -12.48
N ASN A 37 9.93 -10.91 -13.38
CA ASN A 37 9.37 -9.62 -13.01
C ASN A 37 8.54 -9.04 -14.14
N GLY A 38 7.29 -8.72 -13.85
CA GLY A 38 6.41 -8.16 -14.87
C GLY A 38 5.44 -7.14 -14.29
N GLY A 39 5.98 -6.05 -13.76
CA GLY A 39 5.14 -5.01 -13.19
C GLY A 39 5.84 -4.27 -12.07
N ARG A 40 6.30 -3.06 -12.37
CA ARG A 40 6.99 -2.24 -11.38
C ARG A 40 6.01 -1.66 -10.37
N PRO A 41 6.52 -1.27 -9.19
CA PRO A 41 5.70 -0.70 -8.12
C PRO A 41 5.19 0.69 -8.47
N PRO A 42 4.23 1.19 -7.67
CA PRO A 42 3.64 2.51 -7.88
C PRO A 42 4.62 3.65 -7.57
N HIS A 43 4.14 4.88 -7.66
CA HIS A 43 4.97 6.05 -7.39
C HIS A 43 5.53 5.99 -5.98
N HIS A 44 6.80 6.38 -5.83
CA HIS A 44 7.45 6.38 -4.53
C HIS A 44 6.90 7.49 -3.65
N PRO A 45 7.11 7.36 -2.33
CA PRO A 45 6.64 8.34 -1.34
C PRO A 45 7.39 9.66 -1.43
N PHE A 46 7.12 10.56 -0.49
CA PHE A 46 7.78 11.85 -0.46
C PHE A 46 8.97 11.84 0.48
N GLU A 47 9.61 10.68 0.60
CA GLU A 47 10.76 10.52 1.48
C GLU A 47 10.40 10.82 2.93
N THR A 48 9.10 10.76 3.23
CA THR A 48 8.61 11.02 4.58
C THR A 48 9.08 12.39 5.07
N LYS A 49 8.43 13.44 4.59
CA LYS A 49 8.77 14.79 4.99
C LYS A 49 7.99 15.21 6.23
N ASP A 50 8.57 14.97 7.40
CA ASP A 50 7.94 15.32 8.66
C ASP A 50 8.92 15.21 9.82
N VAL A 51 8.42 15.39 11.04
CA VAL A 51 9.26 15.31 12.23
C VAL A 51 8.74 14.26 13.19
N SER A 52 9.21 13.03 13.01
CA SER A 52 8.79 11.92 13.87
C SER A 52 9.84 10.82 13.89
N GLU A 53 10.68 10.82 14.92
CA GLU A 53 11.73 9.83 15.06
C GLU A 53 11.31 8.70 16.01
N TYR A 54 12.26 7.85 16.36
CA TYR A 54 11.97 6.73 17.27
C TYR A 54 10.94 5.79 16.66
N SER A 55 11.42 4.72 16.04
CA SER A 55 10.54 3.73 15.42
C SER A 55 9.62 4.40 14.40
N CYS A 56 8.72 3.61 13.82
CA CYS A 56 7.79 4.12 12.83
C CYS A 56 6.69 4.96 13.50
N ARG A 57 6.42 6.13 12.92
CA ARG A 57 5.40 7.02 13.46
C ARG A 57 4.02 6.36 13.41
N GLU A 58 3.26 6.51 14.49
CA GLU A 58 1.92 5.93 14.56
C GLU A 58 1.08 6.32 13.35
N LEU A 59 0.73 5.33 12.54
CA LEU A 59 -0.08 5.57 11.35
C LEU A 59 -1.53 5.16 11.58
N HIS A 60 -2.39 6.17 11.71
CA HIS A 60 -3.81 5.90 11.94
C HIS A 60 -4.63 6.24 10.68
N PHE A 61 -5.32 5.24 10.15
CA PHE A 61 -6.14 5.42 8.95
C PHE A 61 -7.61 5.17 9.26
N THR A 62 -8.41 6.23 9.19
CA THR A 62 -9.84 6.12 9.46
C THR A 62 -10.59 5.64 8.22
N ARG A 63 -11.75 5.03 8.45
CA ARG A 63 -12.57 4.53 7.34
C ARG A 63 -13.87 3.91 7.87
N TYR A 64 -14.94 4.06 7.10
CA TYR A 64 -16.23 3.52 7.49
C TYR A 64 -16.39 2.08 7.02
N VAL A 65 -16.69 1.18 7.96
CA VAL A 65 -16.86 -0.22 7.64
C VAL A 65 -18.33 -0.56 7.44
N THR A 66 -18.62 -1.35 6.41
CA THR A 66 -19.99 -1.75 6.10
C THR A 66 -20.03 -3.13 5.45
N ASP A 67 -20.89 -4.00 5.96
CA ASP A 67 -21.01 -5.34 5.43
C ASP A 67 -22.49 -5.70 5.21
N GLY A 68 -22.92 -5.63 3.96
CA GLY A 68 -24.31 -5.94 3.65
C GLY A 68 -25.18 -4.71 3.58
N PRO A 69 -26.49 -4.89 3.77
CA PRO A 69 -27.47 -3.80 3.74
C PRO A 69 -27.34 -2.86 4.93
N CYS A 70 -26.47 -3.23 5.87
CA CYS A 70 -26.25 -2.44 7.07
C CYS A 70 -24.93 -1.66 6.96
N ARG A 71 -24.79 -0.64 7.80
CA ARG A 71 -23.59 0.18 7.80
C ARG A 71 -23.19 0.57 9.22
N SER A 72 -21.89 0.65 9.47
CA SER A 72 -21.38 1.00 10.79
C SER A 72 -21.91 2.36 11.23
N ALA A 73 -22.04 2.55 12.54
CA ALA A 73 -22.54 3.80 13.08
C ALA A 73 -21.44 4.87 13.10
N LYS A 74 -20.20 4.42 13.21
CA LYS A 74 -19.05 5.33 13.23
C LYS A 74 -17.86 4.72 12.49
N PRO A 75 -16.91 5.59 12.11
CA PRO A 75 -15.71 5.16 11.39
C PRO A 75 -14.75 4.37 12.27
N VAL A 76 -14.07 3.40 11.68
CA VAL A 76 -13.12 2.57 12.42
C VAL A 76 -11.70 3.12 12.31
N THR A 77 -10.93 2.98 13.38
CA THR A 77 -9.56 3.46 13.40
C THR A 77 -8.58 2.32 13.16
N GLU A 78 -7.91 2.35 12.00
CA GLU A 78 -6.94 1.33 11.65
C GLU A 78 -5.52 1.80 11.89
N LEU A 79 -4.64 0.88 12.27
CA LEU A 79 -3.25 1.21 12.54
C LEU A 79 -2.32 0.56 11.52
N VAL A 80 -1.24 1.25 11.18
CA VAL A 80 -0.27 0.74 10.22
C VAL A 80 1.16 1.12 10.61
N CYS A 81 2.12 0.35 10.12
CA CYS A 81 3.52 0.62 10.43
C CYS A 81 4.19 1.38 9.28
N SER A 82 4.66 2.58 9.59
CA SER A 82 5.32 3.42 8.59
C SER A 82 6.16 4.50 9.25
N GLY A 83 7.37 4.70 8.74
CA GLY A 83 8.27 5.71 9.30
C GLY A 83 9.71 5.25 9.31
N GLN A 84 10.59 6.14 9.76
CA GLN A 84 12.02 5.82 9.84
C GLN A 84 12.49 5.76 11.29
N CYS A 85 13.58 5.03 11.52
CA CYS A 85 14.13 4.90 12.86
C CYS A 85 15.62 4.57 12.81
N GLY A 86 16.24 4.44 13.97
CA GLY A 86 17.65 4.13 14.03
C GLY A 86 18.42 5.11 14.90
N PRO A 87 19.68 4.76 15.22
CA PRO A 87 20.54 5.59 16.06
C PRO A 87 20.98 6.87 15.35
N ALA A 88 21.91 7.58 15.96
CA ALA A 88 22.41 8.83 15.38
C ALA A 88 23.92 8.75 15.14
N ARG A 89 24.40 7.56 14.77
CA ARG A 89 25.81 7.35 14.50
C ARG A 89 26.09 7.33 13.01
N LEU A 90 27.35 7.12 12.64
CA LEU A 90 27.75 7.08 11.24
C LEU A 90 27.39 8.39 10.54
N LEU A 91 28.38 9.28 10.44
CA LEU A 91 28.18 10.56 9.79
C LEU A 91 28.08 10.40 8.28
N PRO A 92 27.50 11.42 7.60
CA PRO A 92 27.33 11.40 6.14
C PRO A 92 28.67 11.54 5.40
N ASN A 93 29.57 12.34 5.96
CA ASN A 93 30.88 12.56 5.36
C ASN A 93 31.81 11.38 5.63
N ALA A 94 32.24 11.26 6.88
CA ALA A 94 33.13 10.18 7.28
C ALA A 94 34.49 10.30 6.60
N ILE A 95 34.75 11.47 6.02
CA ILE A 95 36.01 11.71 5.33
C ILE A 95 36.34 10.57 4.37
N GLY A 96 37.57 10.58 3.86
CA GLY A 96 38.00 9.55 2.93
C GLY A 96 39.06 8.65 3.52
N ARG A 97 39.96 8.17 2.66
CA ARG A 97 41.03 7.29 3.10
C ARG A 97 40.48 6.13 3.93
N GLY A 98 39.79 5.22 3.26
CA GLY A 98 39.22 4.07 3.95
C GLY A 98 38.91 2.93 3.00
N LYS A 99 39.38 1.73 3.35
CA LYS A 99 39.15 0.55 2.53
C LYS A 99 38.19 -0.41 3.22
N TRP A 100 36.89 -0.12 3.11
CA TRP A 100 35.86 -0.96 3.71
C TRP A 100 34.68 -1.15 2.76
N TRP A 101 33.65 -1.84 3.24
CA TRP A 101 32.46 -2.08 2.43
C TRP A 101 31.20 -1.78 3.22
N ARG A 102 31.08 -0.56 3.71
CA ARG A 102 29.92 -0.14 4.49
C ARG A 102 28.63 -0.44 3.73
N PRO A 103 27.52 -0.57 4.48
CA PRO A 103 26.20 -0.85 3.90
C PRO A 103 25.65 0.32 3.11
N SER A 104 25.94 0.36 1.81
CA SER A 104 25.49 1.43 0.94
C SER A 104 23.97 1.35 0.76
N GLY A 105 23.26 2.36 1.27
CA GLY A 105 21.82 2.39 1.15
C GLY A 105 21.14 1.44 2.10
N PRO A 106 21.14 1.80 3.40
CA PRO A 106 20.52 0.98 4.44
C PRO A 106 19.00 0.97 4.35
N ASP A 107 18.35 0.17 5.18
CA ASP A 107 16.90 0.06 5.19
C ASP A 107 16.39 -0.36 6.56
N PHE A 108 16.09 0.62 7.41
CA PHE A 108 15.61 0.36 8.76
C PHE A 108 14.41 -0.60 8.71
N ARG A 109 13.56 -0.42 7.72
CA ARG A 109 12.37 -1.26 7.57
C ARG A 109 11.42 -1.09 8.76
N CYS A 110 10.41 -1.95 8.83
CA CYS A 110 9.44 -1.88 9.90
C CYS A 110 8.62 -3.17 9.97
N ILE A 111 8.51 -3.74 11.17
CA ILE A 111 7.76 -4.97 11.37
C ILE A 111 6.49 -4.72 12.17
N PRO A 112 5.49 -5.59 12.00
CA PRO A 112 4.21 -5.48 12.71
C PRO A 112 4.34 -5.79 14.19
N ASP A 113 3.22 -5.69 14.91
CA ASP A 113 3.22 -5.95 16.35
C ASP A 113 1.90 -6.58 16.77
N ARG A 114 1.69 -6.69 18.08
CA ARG A 114 0.47 -7.27 18.62
C ARG A 114 -0.77 -6.63 17.97
N TYR A 115 -1.74 -7.48 17.62
CA TYR A 115 -2.96 -7.00 16.99
C TYR A 115 -4.07 -6.85 18.03
N ARG A 116 -5.22 -6.33 17.58
CA ARG A 116 -6.36 -6.13 18.45
C ARG A 116 -7.66 -6.12 17.67
N ALA A 117 -8.52 -7.10 17.93
CA ALA A 117 -9.80 -7.21 17.24
C ALA A 117 -10.87 -6.38 17.95
N GLN A 118 -11.55 -5.54 17.18
CA GLN A 118 -12.60 -4.69 17.73
C GLN A 118 -13.94 -4.95 17.04
N ARG A 119 -15.01 -4.98 17.82
CA ARG A 119 -16.34 -5.23 17.29
C ARG A 119 -17.05 -3.91 16.97
N VAL A 120 -17.54 -3.78 15.74
CA VAL A 120 -18.23 -2.58 15.31
C VAL A 120 -19.74 -2.80 15.26
N GLN A 121 -20.50 -1.73 15.44
CA GLN A 121 -21.95 -1.82 15.42
C GLN A 121 -22.51 -1.30 14.09
N LEU A 122 -23.16 -2.19 13.35
CA LEU A 122 -23.75 -1.84 12.06
C LEU A 122 -25.27 -1.72 12.15
N LEU A 123 -25.81 -0.66 11.59
CA LEU A 123 -27.26 -0.43 11.60
C LEU A 123 -27.87 -0.75 10.25
N CYS A 124 -29.12 -1.20 10.27
CA CYS A 124 -29.83 -1.55 9.05
C CYS A 124 -31.10 -0.70 8.89
N PRO A 125 -31.54 -0.52 7.63
CA PRO A 125 -32.73 0.27 7.33
C PRO A 125 -34.02 -0.43 7.78
N GLY A 126 -35.13 0.28 7.69
CA GLY A 126 -36.40 -0.27 8.09
C GLY A 126 -36.67 -1.63 7.44
N GLY A 127 -36.50 -2.70 8.20
CA GLY A 127 -36.73 -4.03 7.68
C GLY A 127 -36.08 -5.11 8.51
N GLU A 128 -35.02 -4.74 9.23
CA GLU A 128 -34.29 -5.67 10.07
C GLU A 128 -33.61 -4.96 11.23
N ALA A 129 -32.95 -5.73 12.10
CA ALA A 129 -32.26 -5.16 13.25
C ALA A 129 -30.77 -4.99 12.96
N PRO A 130 -30.11 -4.14 13.76
CA PRO A 130 -28.68 -3.87 13.61
C PRO A 130 -27.81 -5.06 14.01
N ARG A 131 -26.67 -5.20 13.34
CA ARG A 131 -25.76 -6.31 13.62
C ARG A 131 -24.39 -5.78 14.05
N ALA A 132 -23.44 -6.69 14.23
CA ALA A 132 -22.08 -6.33 14.62
C ALA A 132 -21.04 -7.04 13.77
N ARG A 133 -19.97 -6.34 13.46
CA ARG A 133 -18.90 -6.91 12.65
C ARG A 133 -17.54 -6.76 13.34
N LYS A 134 -16.83 -7.87 13.49
CA LYS A 134 -15.52 -7.86 14.13
C LYS A 134 -14.42 -7.54 13.12
N VAL A 135 -13.60 -6.55 13.46
CA VAL A 135 -12.50 -6.13 12.59
C VAL A 135 -11.15 -6.43 13.24
N ARG A 136 -10.27 -7.07 12.47
CA ARG A 136 -8.94 -7.41 12.97
C ARG A 136 -7.89 -6.43 12.43
N LEU A 137 -7.45 -5.53 13.30
CA LEU A 137 -6.45 -4.53 12.92
C LEU A 137 -5.31 -4.50 13.92
N VAL A 138 -4.09 -4.35 13.42
CA VAL A 138 -2.91 -4.29 14.29
C VAL A 138 -3.09 -3.27 15.40
N ALA A 139 -2.45 -3.51 16.54
CA ALA A 139 -2.54 -2.61 17.67
C ALA A 139 -1.26 -1.79 17.84
N SER A 140 -0.12 -2.48 17.80
CA SER A 140 1.17 -1.82 17.94
C SER A 140 2.01 -1.97 16.68
N CYS A 141 3.22 -1.44 16.70
CA CYS A 141 4.12 -1.51 15.55
C CYS A 141 5.57 -1.37 15.99
N LYS A 142 6.46 -2.13 15.36
CA LYS A 142 7.88 -2.09 15.68
C LYS A 142 8.70 -1.74 14.45
N CYS A 143 9.86 -1.11 14.67
CA CYS A 143 10.74 -0.73 13.57
C CYS A 143 12.06 -1.48 13.66
N LYS A 144 12.27 -2.43 12.75
CA LYS A 144 13.49 -3.22 12.71
C LYS A 144 13.83 -3.64 11.28
N ARG A 145 15.12 -3.78 11.01
CA ARG A 145 15.58 -4.18 9.69
C ARG A 145 15.75 -5.69 9.59
N LEU A 146 14.84 -6.34 8.88
CA LEU A 146 14.89 -7.79 8.72
C LEU A 146 15.06 -8.17 7.24
N THR A 147 15.93 -9.13 6.98
CA THR A 147 16.18 -9.59 5.62
C THR A 147 16.72 -11.02 5.60
N ARG A 148 15.95 -11.95 6.16
CA ARG A 148 16.34 -13.34 6.22
C ARG A 148 17.53 -13.53 7.16
N PHE A 149 18.71 -13.15 6.70
CA PHE A 149 19.92 -13.28 7.51
C PHE A 149 20.11 -14.73 7.97
N HIS A 150 20.83 -15.50 7.17
CA HIS A 150 21.09 -16.90 7.48
C HIS A 150 22.58 -17.17 7.63
N ASN A 151 22.93 -18.41 7.90
CA ASN A 151 24.34 -18.79 8.07
C ASN A 151 25.04 -18.86 6.72
N GLN A 152 24.56 -19.77 5.86
CA GLN A 152 25.15 -19.94 4.54
C GLN A 152 24.08 -20.35 3.53
N SER A 153 22.85 -19.97 3.80
CA SER A 153 21.73 -20.30 2.91
C SER A 153 21.56 -21.81 2.79
N GLU A 154 20.60 -22.35 3.54
CA GLU A 154 20.34 -23.78 3.52
C GLU A 154 18.91 -24.06 3.08
N LEU A 155 18.77 -24.85 2.02
CA LEU A 155 17.46 -25.20 1.48
C LEU A 155 17.42 -26.66 1.04
N LYS A 156 16.54 -27.43 1.65
CA LYS A 156 16.40 -28.85 1.32
C LYS A 156 14.94 -29.29 1.45
N ASP A 157 14.69 -30.56 1.16
CA ASP A 157 13.34 -31.12 1.26
C ASP A 157 13.36 -32.62 1.00
N PHE A 158 12.30 -33.31 1.45
CA PHE A 158 12.19 -34.74 1.27
C PHE A 158 10.75 -35.15 1.00
N GLY A 159 10.48 -36.45 1.09
CA GLY A 159 9.14 -36.95 0.84
C GLY A 159 8.64 -37.85 1.95
N THR A 160 7.66 -38.68 1.63
CA THR A 160 7.09 -39.61 2.61
C THR A 160 6.12 -40.59 1.96
N GLU A 161 6.03 -41.78 2.52
CA GLU A 161 5.15 -42.81 1.98
C GLU A 161 4.36 -43.48 3.11
N ALA A 162 3.29 -44.18 2.73
CA ALA A 162 2.44 -44.87 3.71
C ALA A 162 1.81 -46.11 3.09
N ALA A 163 1.16 -46.91 3.94
CA ALA A 163 0.52 -48.13 3.48
C ALA A 163 -0.87 -47.84 2.93
N ARG A 164 -1.59 -48.90 2.54
CA ARG A 164 -2.94 -48.75 2.00
C ARG A 164 -3.78 -49.99 2.29
N PRO A 165 -4.15 -50.17 3.57
CA PRO A 165 -4.97 -51.30 4.01
C PRO A 165 -6.39 -51.23 3.49
N GLN A 166 -7.18 -52.26 3.79
CA GLN A 166 -8.57 -52.32 3.36
C GLN A 166 -9.50 -52.58 4.53
N LYS A 167 -10.80 -52.48 4.29
CA LYS A 167 -11.80 -52.71 5.33
C LYS A 167 -13.02 -53.43 4.76
N GLY A 168 -13.78 -54.07 5.63
CA GLY A 168 -14.98 -54.78 5.19
C GLY A 168 -15.74 -55.39 6.35
N ARG A 169 -16.79 -54.70 6.79
CA ARG A 169 -17.61 -55.19 7.90
C ARG A 169 -19.03 -55.51 7.43
N LYS A 170 -19.88 -55.93 8.37
CA LYS A 170 -21.26 -56.27 8.06
C LYS A 170 -22.21 -55.17 8.52
N PRO A 171 -23.42 -55.16 7.94
CA PRO A 171 -24.45 -54.17 8.28
C PRO A 171 -25.00 -54.37 9.69
N ARG A 172 -25.70 -53.35 10.20
CA ARG A 172 -26.28 -53.42 11.54
C ARG A 172 -27.64 -54.10 11.50
N PRO A 173 -28.09 -54.57 12.67
CA PRO A 173 -29.39 -55.25 12.81
C PRO A 173 -30.56 -54.30 12.63
N ARG A 174 -31.54 -54.73 11.84
CA ARG A 174 -32.73 -53.91 11.59
C ARG A 174 -33.87 -54.30 12.53
N ALA A 175 -34.86 -53.42 12.65
CA ALA A 175 -36.00 -53.68 13.51
C ALA A 175 -37.14 -52.69 13.23
N ARG A 176 -38.33 -53.22 12.98
CA ARG A 176 -39.49 -52.39 12.69
C ARG A 176 -40.65 -52.73 13.61
N SER A 177 -41.15 -51.73 14.33
CA SER A 177 -42.26 -51.92 15.25
C SER A 177 -43.23 -50.74 15.20
N ALA A 178 -44.52 -51.05 15.11
CA ALA A 178 -45.55 -50.01 15.06
C ALA A 178 -46.88 -50.54 15.58
N LYS A 179 -47.52 -49.76 16.44
CA LYS A 179 -48.80 -50.13 17.03
C LYS A 179 -49.94 -49.34 16.39
N ALA A 180 -51.17 -49.65 16.80
CA ALA A 180 -52.34 -48.96 16.28
C ALA A 180 -53.47 -48.92 17.31
N ASN A 181 -53.61 -47.79 17.99
CA ASN A 181 -54.64 -47.63 19.00
C ASN A 181 -55.68 -46.61 18.56
N GLN A 182 -56.95 -47.03 18.56
CA GLN A 182 -58.04 -46.15 18.15
C GLN A 182 -59.15 -46.14 19.21
N ALA A 183 -59.89 -45.04 19.27
CA ALA A 183 -60.98 -44.91 20.23
C ALA A 183 -62.13 -44.09 19.64
N GLU A 184 -63.25 -44.06 20.35
CA GLU A 184 -64.41 -43.31 19.90
C GLU A 184 -65.02 -42.50 21.05
N LEU A 185 -65.68 -41.40 20.69
CA LEU A 185 -66.30 -40.53 21.69
C LEU A 185 -67.40 -39.68 21.05
N GLU A 186 -68.34 -40.33 20.38
CA GLU A 186 -69.44 -39.64 19.73
C GLU A 186 -70.57 -39.36 20.73
N ASN A 187 -70.26 -38.52 21.72
CA ASN A 187 -71.25 -38.16 22.74
C ASN A 187 -72.38 -37.35 22.13
N ALA A 188 -73.32 -36.93 22.98
CA ALA A 188 -74.46 -36.14 22.54
C ALA A 188 -75.29 -35.66 23.71
N TYR A 189 -76.28 -34.82 23.43
CA TYR A 189 -77.16 -34.29 24.47
C TYR A 189 -77.74 -35.40 25.32
N GLY A 1 7.06 173.97 52.09
CA GLY A 1 7.99 172.86 52.08
C GLY A 1 7.31 171.54 51.73
N TRP A 2 7.77 170.47 52.33
CA TRP A 2 7.21 169.14 52.08
C TRP A 2 7.27 168.80 50.60
N GLN A 3 8.34 168.12 50.20
CA GLN A 3 8.52 167.74 48.81
C GLN A 3 8.65 166.23 48.67
N ALA A 4 8.48 165.72 47.45
CA ALA A 4 8.59 164.29 47.20
C ALA A 4 8.48 164.00 45.70
N PHE A 5 8.42 162.71 45.36
CA PHE A 5 8.31 162.30 43.97
C PHE A 5 7.11 161.37 43.76
N LYS A 6 6.94 160.91 42.53
CA LYS A 6 5.84 160.02 42.20
C LYS A 6 6.19 159.10 41.04
N ASN A 7 6.50 159.70 39.89
CA ASN A 7 6.87 158.94 38.70
C ASN A 7 5.73 158.01 38.28
N ASP A 8 5.93 157.32 37.16
CA ASP A 8 4.92 156.40 36.65
C ASP A 8 5.57 155.27 35.86
N ALA A 9 4.90 154.13 35.82
CA ALA A 9 5.41 152.96 35.10
C ALA A 9 4.35 151.88 34.98
N THR A 10 3.76 151.76 33.79
CA THR A 10 2.73 150.77 33.55
C THR A 10 2.82 150.23 32.12
N GLU A 11 3.80 149.37 31.88
CA GLU A 11 3.99 148.77 30.56
C GLU A 11 3.18 147.49 30.41
N ILE A 12 2.97 147.07 29.17
CA ILE A 12 2.21 145.85 28.90
C ILE A 12 2.86 145.03 27.80
N ILE A 13 3.75 144.12 28.18
CA ILE A 13 4.44 143.28 27.21
C ILE A 13 4.24 141.80 27.54
N PRO A 14 3.02 141.31 27.30
CA PRO A 14 2.66 139.91 27.55
C PRO A 14 3.34 138.95 26.58
N GLU A 15 3.55 137.71 27.03
CA GLU A 15 4.20 136.71 26.20
C GLU A 15 3.32 135.46 26.06
N LEU A 16 3.93 134.36 25.66
CA LEU A 16 3.20 133.10 25.50
C LEU A 16 3.83 131.99 26.33
N GLY A 17 3.00 131.30 27.10
CA GLY A 17 3.49 130.22 27.94
C GLY A 17 3.15 128.85 27.37
N GLU A 18 3.46 128.64 26.10
CA GLU A 18 3.19 127.37 25.44
C GLU A 18 4.43 126.49 25.42
N TYR A 19 4.63 125.71 26.48
CA TYR A 19 5.78 124.83 26.58
C TYR A 19 5.34 123.38 26.83
N PRO A 20 4.76 122.76 25.79
CA PRO A 20 4.29 121.37 25.86
C PRO A 20 5.43 120.37 25.97
N GLU A 21 5.50 119.66 27.09
CA GLU A 21 6.56 118.68 27.30
C GLU A 21 6.02 117.48 28.10
N PRO A 22 5.14 116.69 27.45
CA PRO A 22 4.55 115.51 28.07
C PRO A 22 5.56 114.39 28.28
N PRO A 23 5.16 113.37 29.07
CA PRO A 23 6.02 112.22 29.36
C PRO A 23 6.24 111.33 28.15
N PRO A 24 7.20 110.40 28.24
CA PRO A 24 7.52 109.46 27.17
C PRO A 24 6.42 108.44 26.95
N GLU A 25 6.63 107.56 25.97
CA GLU A 25 5.64 106.52 25.66
C GLU A 25 6.16 105.60 24.56
N LEU A 26 6.73 104.46 24.96
CA LEU A 26 7.27 103.50 24.01
C LEU A 26 7.56 102.17 24.69
N GLU A 27 6.66 101.21 24.54
CA GLU A 27 6.82 99.90 25.16
C GLU A 27 6.27 98.80 24.25
N ASN A 28 6.92 97.65 24.24
CA ASN A 28 6.49 96.53 23.42
C ASN A 28 7.16 95.24 23.87
N ASN A 29 6.35 94.27 24.29
CA ASN A 29 6.86 92.99 24.76
C ASN A 29 5.99 91.83 24.23
N LYS A 30 6.60 90.67 24.07
CA LYS A 30 5.89 89.49 23.58
C LYS A 30 6.54 88.21 24.10
N THR A 31 6.01 87.08 23.67
CA THR A 31 6.53 85.78 24.09
C THR A 31 5.95 84.65 23.25
N MET A 32 6.77 83.64 22.98
CA MET A 32 6.34 82.49 22.19
C MET A 32 7.08 81.23 22.60
N ASN A 33 6.56 80.08 22.19
CA ASN A 33 7.19 78.80 22.51
C ASN A 33 6.48 77.65 21.80
N ARG A 34 7.22 76.59 21.52
CA ARG A 34 6.67 75.42 20.84
C ARG A 34 7.09 74.13 21.53
N ALA A 35 6.56 73.01 21.06
CA ALA A 35 6.89 71.71 21.64
C ALA A 35 6.53 70.58 20.67
N GLU A 36 7.04 69.38 20.95
CA GLU A 36 6.77 68.22 20.11
C GLU A 36 7.12 66.93 20.84
N ASN A 37 6.72 65.80 20.26
CA ASN A 37 6.98 64.50 20.86
C ASN A 37 6.72 63.38 19.85
N GLY A 38 7.20 62.18 20.17
CA GLY A 38 7.00 61.05 19.29
C GLY A 38 7.89 59.87 19.64
N GLY A 39 7.30 58.69 19.78
CA GLY A 39 8.05 57.51 20.12
C GLY A 39 7.48 56.24 19.51
N ARG A 40 8.02 55.84 18.37
CA ARG A 40 7.55 54.65 17.68
C ARG A 40 8.61 54.13 16.70
N PRO A 41 9.70 53.58 17.24
CA PRO A 41 10.80 53.04 16.43
C PRO A 41 10.40 51.77 15.68
N PRO A 42 11.25 51.36 14.74
CA PRO A 42 11.01 50.15 13.94
C PRO A 42 11.15 48.87 14.75
N HIS A 43 10.41 47.84 14.36
CA HIS A 43 10.46 46.56 15.06
C HIS A 43 9.85 45.45 14.19
N HIS A 44 10.23 44.21 14.49
CA HIS A 44 9.74 43.06 13.74
C HIS A 44 9.59 41.84 14.65
N PRO A 45 8.78 40.87 14.21
CA PRO A 45 8.54 39.63 14.97
C PRO A 45 9.77 38.73 15.01
N PHE A 46 9.62 37.57 15.64
CA PHE A 46 10.72 36.62 15.75
C PHE A 46 10.50 35.43 14.82
N GLU A 47 11.37 34.42 14.94
CA GLU A 47 11.27 33.22 14.11
C GLU A 47 11.23 31.97 14.97
N THR A 48 10.36 31.03 14.59
CA THR A 48 10.22 29.78 15.33
C THR A 48 9.63 28.68 14.45
N LYS A 49 10.45 27.70 14.10
CA LYS A 49 10.01 26.59 13.26
C LYS A 49 10.49 25.25 13.83
N ASP A 50 9.56 24.32 13.98
CA ASP A 50 9.90 22.99 14.51
C ASP A 50 8.79 21.99 14.19
N VAL A 51 9.18 20.86 13.59
CA VAL A 51 8.23 19.83 13.24
C VAL A 51 8.84 18.43 13.38
N SER A 52 9.93 18.35 14.13
CA SER A 52 10.62 17.09 14.35
C SER A 52 11.01 16.45 13.02
N GLU A 53 11.62 15.27 13.10
CA GLU A 53 12.04 14.55 11.89
C GLU A 53 11.07 13.43 11.57
N TYR A 54 11.40 12.67 10.53
CA TYR A 54 10.55 11.56 10.10
C TYR A 54 11.16 10.22 10.49
N SER A 55 10.30 9.23 10.73
CA SER A 55 10.76 7.90 11.11
C SER A 55 9.59 6.93 11.18
N CYS A 56 9.86 5.74 11.72
CA CYS A 56 8.83 4.71 11.84
C CYS A 56 7.84 5.06 12.95
N ARG A 57 6.62 5.39 12.56
CA ARG A 57 5.57 5.74 13.52
C ARG A 57 4.31 4.94 13.27
N GLU A 58 3.25 5.24 14.02
CA GLU A 58 1.98 4.54 13.88
C GLU A 58 0.98 5.39 13.08
N LEU A 59 0.49 4.83 11.98
CA LEU A 59 -0.46 5.54 11.13
C LEU A 59 -1.89 5.20 11.54
N HIS A 60 -2.70 6.24 11.77
CA HIS A 60 -4.09 6.05 12.15
C HIS A 60 -5.03 6.52 11.05
N PHE A 61 -5.78 5.60 10.47
CA PHE A 61 -6.72 5.92 9.40
C PHE A 61 -8.14 5.59 9.81
N THR A 62 -9.03 6.59 9.74
CA THR A 62 -10.42 6.40 10.10
C THR A 62 -11.31 6.32 8.87
N ARG A 63 -12.38 5.54 8.97
CA ARG A 63 -13.31 5.37 7.86
C ARG A 63 -14.56 4.62 8.31
N TYR A 64 -15.62 4.74 7.52
CA TYR A 64 -16.88 4.07 7.83
C TYR A 64 -16.94 2.68 7.19
N VAL A 65 -17.01 1.65 8.03
CA VAL A 65 -17.08 0.28 7.55
C VAL A 65 -18.52 -0.14 7.28
N THR A 66 -18.70 -1.07 6.35
CA THR A 66 -20.03 -1.57 6.00
C THR A 66 -19.97 -3.02 5.57
N ASP A 67 -20.86 -3.84 6.14
CA ASP A 67 -20.92 -5.25 5.83
C ASP A 67 -22.36 -5.72 5.66
N GLY A 68 -22.81 -5.85 4.42
CA GLY A 68 -24.17 -6.29 4.15
C GLY A 68 -25.12 -5.12 3.97
N PRO A 69 -26.42 -5.38 4.17
CA PRO A 69 -27.46 -4.36 4.02
C PRO A 69 -27.40 -3.31 5.13
N CYS A 70 -26.53 -3.53 6.11
CA CYS A 70 -26.38 -2.61 7.23
C CYS A 70 -25.11 -1.77 7.06
N ARG A 71 -24.99 -0.72 7.87
CA ARG A 71 -23.83 0.15 7.82
C ARG A 71 -23.39 0.56 9.22
N SER A 72 -22.08 0.70 9.42
CA SER A 72 -21.53 1.08 10.71
C SER A 72 -22.14 2.39 11.20
N ALA A 73 -22.41 2.47 12.49
CA ALA A 73 -22.99 3.67 13.09
C ALA A 73 -21.92 4.72 13.36
N LYS A 74 -20.70 4.27 13.61
CA LYS A 74 -19.58 5.17 13.87
C LYS A 74 -18.34 4.75 13.10
N PRO A 75 -17.39 5.68 12.94
CA PRO A 75 -16.14 5.43 12.22
C PRO A 75 -15.22 4.50 12.99
N VAL A 76 -14.28 3.87 12.27
CA VAL A 76 -13.33 2.96 12.89
C VAL A 76 -11.90 3.38 12.61
N THR A 77 -11.10 3.52 13.66
CA THR A 77 -9.70 3.93 13.52
C THR A 77 -8.80 2.71 13.44
N GLU A 78 -8.22 2.47 12.26
CA GLU A 78 -7.33 1.34 12.06
C GLU A 78 -5.86 1.80 12.07
N LEU A 79 -5.03 1.05 12.78
CA LEU A 79 -3.61 1.36 12.88
C LEU A 79 -2.82 0.71 11.75
N VAL A 80 -1.73 1.34 11.35
CA VAL A 80 -0.89 0.83 10.28
C VAL A 80 0.59 1.10 10.55
N CYS A 81 1.45 0.27 9.97
CA CYS A 81 2.89 0.43 10.16
C CYS A 81 3.52 1.17 8.97
N SER A 82 4.29 2.22 9.28
CA SER A 82 4.93 3.01 8.23
C SER A 82 6.18 3.70 8.78
N GLY A 83 6.94 4.32 7.89
CA GLY A 83 8.16 5.00 8.29
C GLY A 83 9.29 4.03 8.59
N GLN A 84 10.48 4.58 8.82
CA GLN A 84 11.66 3.76 9.11
C GLN A 84 12.55 4.45 10.14
N CYS A 85 13.11 3.65 11.05
CA CYS A 85 13.98 4.18 12.09
C CYS A 85 15.44 4.07 11.67
N GLY A 86 16.23 5.08 12.04
CA GLY A 86 17.63 5.09 11.69
C GLY A 86 18.10 6.44 11.17
N PRO A 87 17.67 6.77 9.95
CA PRO A 87 18.04 8.04 9.30
C PRO A 87 17.38 9.24 9.97
N ALA A 88 18.03 10.39 9.87
CA ALA A 88 17.51 11.62 10.46
C ALA A 88 18.33 12.83 10.03
N ARG A 89 18.62 12.91 8.75
CA ARG A 89 19.40 14.03 8.20
C ARG A 89 20.70 14.21 8.98
N LEU A 90 21.20 13.12 9.56
CA LEU A 90 22.44 13.15 10.32
C LEU A 90 22.36 14.21 11.43
N LEU A 91 23.48 14.45 12.09
CA LEU A 91 23.54 15.45 13.16
C LEU A 91 23.90 16.82 12.61
N PRO A 92 23.60 17.87 13.39
CA PRO A 92 23.89 19.25 13.01
C PRO A 92 25.38 19.55 13.00
N ASN A 93 26.15 18.76 13.75
CA ASN A 93 27.59 18.94 13.84
C ASN A 93 28.25 17.75 14.53
N ALA A 94 28.88 16.89 13.74
CA ALA A 94 29.56 15.71 14.28
C ALA A 94 30.59 15.17 13.30
N ILE A 95 31.39 16.07 12.74
CA ILE A 95 32.43 15.68 11.79
C ILE A 95 33.75 15.40 12.49
N GLY A 96 34.69 14.82 11.75
CA GLY A 96 35.98 14.50 12.32
C GLY A 96 36.62 13.29 11.66
N ARG A 97 37.35 12.50 12.45
CA ARG A 97 38.01 11.31 11.94
C ARG A 97 37.10 10.09 12.01
N GLY A 98 37.37 9.11 11.16
CA GLY A 98 36.57 7.90 11.15
C GLY A 98 35.75 7.76 9.88
N LYS A 99 35.45 6.52 9.51
CA LYS A 99 34.68 6.25 8.30
C LYS A 99 33.38 5.52 8.64
N TRP A 100 32.41 5.58 7.73
CA TRP A 100 31.13 4.92 7.94
C TRP A 100 30.66 4.23 6.65
N TRP A 101 31.41 3.23 6.22
CA TRP A 101 31.06 2.49 5.02
C TRP A 101 31.13 0.98 5.25
N ARG A 102 30.28 0.50 6.16
CA ARG A 102 30.24 -0.92 6.49
C ARG A 102 29.17 -1.63 5.67
N PRO A 103 29.30 -2.97 5.57
CA PRO A 103 28.35 -3.79 4.82
C PRO A 103 26.98 -3.87 5.50
N SER A 104 26.97 -3.65 6.81
CA SER A 104 25.73 -3.70 7.58
C SER A 104 25.83 -2.83 8.83
N GLY A 105 25.95 -1.52 8.61
CA GLY A 105 26.05 -0.59 9.73
C GLY A 105 24.69 -0.10 10.20
N PRO A 106 24.07 0.78 9.40
CA PRO A 106 22.75 1.35 9.71
C PRO A 106 21.64 0.31 9.61
N ASP A 107 20.49 0.63 10.20
CA ASP A 107 19.35 -0.27 10.17
C ASP A 107 18.22 0.30 9.32
N PHE A 108 17.17 -0.49 9.13
CA PHE A 108 16.03 -0.06 8.33
C PHE A 108 14.85 -1.02 8.49
N ARG A 109 13.73 -0.69 7.83
CA ARG A 109 12.55 -1.53 7.91
C ARG A 109 12.02 -1.59 9.34
N CYS A 110 10.77 -2.04 9.49
CA CYS A 110 10.15 -2.14 10.80
C CYS A 110 9.36 -3.45 10.92
N ILE A 111 9.31 -3.99 12.14
CA ILE A 111 8.60 -5.24 12.38
C ILE A 111 7.23 -4.98 13.01
N PRO A 112 6.26 -5.83 12.67
CA PRO A 112 4.89 -5.71 13.18
C PRO A 112 4.80 -6.04 14.66
N ASP A 113 3.62 -5.83 15.24
CA ASP A 113 3.40 -6.11 16.66
C ASP A 113 2.01 -6.69 16.89
N ARG A 114 1.63 -6.81 18.16
CA ARG A 114 0.32 -7.36 18.51
C ARG A 114 -0.79 -6.63 17.77
N TYR A 115 -1.85 -7.36 17.45
CA TYR A 115 -2.98 -6.79 16.72
C TYR A 115 -4.16 -6.54 17.67
N ARG A 116 -5.22 -5.93 17.14
CA ARG A 116 -6.40 -5.63 17.93
C ARG A 116 -7.66 -5.74 17.08
N ALA A 117 -8.59 -6.59 17.51
CA ALA A 117 -9.84 -6.79 16.79
C ALA A 117 -10.99 -6.06 17.48
N GLN A 118 -11.46 -4.99 16.85
CA GLN A 118 -12.56 -4.20 17.42
C GLN A 118 -13.87 -4.54 16.73
N ARG A 119 -14.89 -4.85 17.53
CA ARG A 119 -16.20 -5.19 17.00
C ARG A 119 -17.07 -3.94 16.83
N VAL A 120 -17.52 -3.69 15.60
CA VAL A 120 -18.36 -2.54 15.32
C VAL A 120 -19.83 -2.93 15.24
N GLN A 121 -20.70 -1.98 15.53
CA GLN A 121 -22.14 -2.22 15.49
C GLN A 121 -22.78 -1.56 14.28
N LEU A 122 -23.16 -2.38 13.29
CA LEU A 122 -23.78 -1.87 12.09
C LEU A 122 -25.30 -1.82 12.22
N LEU A 123 -25.91 -0.81 11.63
CA LEU A 123 -27.37 -0.64 11.69
C LEU A 123 -27.99 -0.87 10.32
N CYS A 124 -29.23 -1.37 10.32
CA CYS A 124 -29.94 -1.63 9.07
C CYS A 124 -31.16 -0.74 8.95
N PRO A 125 -31.67 -0.58 7.72
CA PRO A 125 -32.84 0.25 7.44
C PRO A 125 -34.13 -0.38 7.99
N GLY A 126 -35.22 0.38 7.90
CA GLY A 126 -36.50 -0.11 8.39
C GLY A 126 -36.91 -1.42 7.74
N GLY A 127 -36.97 -2.49 8.53
CA GLY A 127 -37.35 -3.78 8.00
C GLY A 127 -36.35 -4.86 8.36
N GLU A 128 -35.12 -4.46 8.64
CA GLU A 128 -34.06 -5.41 9.00
C GLU A 128 -33.54 -5.14 10.40
N ALA A 129 -32.52 -5.89 10.80
CA ALA A 129 -31.92 -5.73 12.12
C ALA A 129 -30.44 -5.43 12.03
N PRO A 130 -29.86 -4.88 13.11
CA PRO A 130 -28.45 -4.52 13.16
C PRO A 130 -27.55 -5.76 13.21
N ARG A 131 -26.26 -5.55 13.01
CA ARG A 131 -25.29 -6.65 13.03
C ARG A 131 -23.96 -6.19 13.60
N ALA A 132 -23.04 -7.14 13.79
CA ALA A 132 -21.72 -6.83 14.32
C ALA A 132 -20.63 -7.25 13.36
N ARG A 133 -19.64 -6.38 13.16
CA ARG A 133 -18.53 -6.66 12.25
C ARG A 133 -17.19 -6.40 12.94
N LYS A 134 -16.41 -7.46 13.11
CA LYS A 134 -15.11 -7.34 13.74
C LYS A 134 -14.03 -6.97 12.73
N VAL A 135 -13.18 -6.01 13.10
CA VAL A 135 -12.11 -5.57 12.22
C VAL A 135 -10.75 -5.78 12.86
N ARG A 136 -9.89 -6.56 12.20
CA ARG A 136 -8.56 -6.84 12.71
C ARG A 136 -7.57 -5.76 12.26
N LEU A 137 -7.19 -4.90 13.19
CA LEU A 137 -6.25 -3.82 12.89
C LEU A 137 -5.03 -3.88 13.81
N VAL A 138 -3.87 -3.55 13.28
CA VAL A 138 -2.64 -3.57 14.06
C VAL A 138 -2.80 -2.79 15.36
N ALA A 139 -2.21 -3.31 16.43
CA ALA A 139 -2.30 -2.67 17.74
C ALA A 139 -1.02 -1.91 18.05
N SER A 140 0.12 -2.49 17.70
CA SER A 140 1.42 -1.87 17.95
C SER A 140 2.36 -2.08 16.77
N CYS A 141 3.58 -1.57 16.89
CA CYS A 141 4.57 -1.70 15.83
C CYS A 141 5.94 -1.22 16.31
N LYS A 142 6.98 -1.93 15.91
CA LYS A 142 8.35 -1.57 16.29
C LYS A 142 9.26 -1.50 15.07
N CYS A 143 10.32 -0.71 15.18
CA CYS A 143 11.27 -0.54 14.09
C CYS A 143 12.61 -1.18 14.43
N LYS A 144 12.91 -2.31 13.81
CA LYS A 144 14.17 -3.00 14.04
C LYS A 144 14.65 -3.73 12.79
N ARG A 145 15.94 -3.98 12.71
CA ARG A 145 16.53 -4.65 11.56
C ARG A 145 17.00 -6.06 11.94
N LEU A 146 16.51 -7.06 11.21
CA LEU A 146 16.89 -8.44 11.47
C LEU A 146 16.31 -9.37 10.41
N THR A 147 17.14 -10.27 9.88
CA THR A 147 16.71 -11.21 8.86
C THR A 147 16.76 -12.65 9.39
N ARG A 148 15.65 -13.09 9.97
CA ARG A 148 15.56 -14.45 10.51
C ARG A 148 14.86 -15.38 9.54
N PHE A 149 15.06 -16.68 9.72
CA PHE A 149 14.45 -17.67 8.85
C PHE A 149 14.37 -19.03 9.55
N HIS A 150 15.53 -19.55 9.96
CA HIS A 150 15.60 -20.83 10.64
C HIS A 150 15.04 -21.94 9.75
N ASN A 151 14.97 -23.15 10.30
CA ASN A 151 14.46 -24.30 9.56
C ASN A 151 14.12 -25.45 10.51
N GLN A 152 13.22 -26.33 10.06
CA GLN A 152 12.80 -27.47 10.87
C GLN A 152 12.69 -28.73 10.01
N SER A 153 13.37 -29.79 10.43
CA SER A 153 13.35 -31.05 9.70
C SER A 153 13.27 -32.23 10.65
N GLU A 154 12.66 -33.32 10.20
CA GLU A 154 12.52 -34.52 11.01
C GLU A 154 12.39 -35.76 10.14
N LEU A 155 12.94 -36.88 10.62
CA LEU A 155 12.88 -38.14 9.89
C LEU A 155 12.25 -39.24 10.74
N LYS A 156 11.56 -40.16 10.08
CA LYS A 156 10.92 -41.28 10.77
C LYS A 156 11.75 -42.55 10.65
N ASP A 157 11.17 -43.67 11.06
CA ASP A 157 11.85 -44.95 11.00
C ASP A 157 10.88 -46.08 10.66
N PHE A 158 11.34 -47.02 9.86
CA PHE A 158 10.51 -48.15 9.45
C PHE A 158 11.34 -49.44 9.37
N GLY A 159 10.76 -50.46 8.75
CA GLY A 159 11.45 -51.72 8.62
C GLY A 159 10.79 -52.84 9.39
N THR A 160 10.26 -53.83 8.68
CA THR A 160 9.59 -54.96 9.31
C THR A 160 9.49 -56.14 8.36
N GLU A 161 9.64 -57.35 8.90
CA GLU A 161 9.57 -58.57 8.10
C GLU A 161 8.57 -59.56 8.69
N ALA A 162 8.13 -60.51 7.88
CA ALA A 162 7.18 -61.52 8.32
C ALA A 162 7.79 -62.92 8.27
N ALA A 163 7.02 -63.91 8.66
CA ALA A 163 7.49 -65.29 8.65
C ALA A 163 6.36 -66.25 8.25
N ARG A 164 6.66 -67.55 8.29
CA ARG A 164 5.68 -68.56 7.93
C ARG A 164 5.96 -69.88 8.65
N PRO A 165 5.68 -69.90 9.97
CA PRO A 165 5.91 -71.09 10.79
C PRO A 165 4.94 -72.22 10.46
N GLN A 166 5.47 -73.36 10.05
CA GLN A 166 4.65 -74.51 9.70
C GLN A 166 5.14 -75.76 10.41
N LYS A 167 4.35 -76.83 10.34
CA LYS A 167 4.71 -78.09 10.96
C LYS A 167 5.14 -79.12 9.93
N GLY A 168 5.49 -80.31 10.39
CA GLY A 168 5.91 -81.38 9.49
C GLY A 168 5.76 -82.76 10.10
N ARG A 169 4.61 -83.37 9.86
CA ARG A 169 4.34 -84.70 10.40
C ARG A 169 4.12 -85.71 9.27
N LYS A 170 4.39 -86.97 9.54
CA LYS A 170 4.22 -88.04 8.56
C LYS A 170 3.53 -89.25 9.16
N PRO A 171 2.96 -90.10 8.30
CA PRO A 171 2.26 -91.31 8.73
C PRO A 171 3.20 -92.37 9.29
N ARG A 172 2.89 -92.85 10.49
CA ARG A 172 3.71 -93.86 11.14
C ARG A 172 2.94 -95.16 11.33
N PRO A 173 3.68 -96.26 11.54
CA PRO A 173 3.08 -97.59 11.72
C PRO A 173 2.34 -97.71 13.06
N ARG A 174 1.01 -97.76 13.00
CA ARG A 174 0.19 -97.88 14.20
C ARG A 174 -0.51 -99.23 14.25
N ALA A 175 -0.84 -99.76 13.07
CA ALA A 175 -1.51 -101.05 12.99
C ALA A 175 -1.40 -101.64 11.59
N ARG A 176 -0.37 -102.46 11.38
CA ARG A 176 -0.16 -103.09 10.08
C ARG A 176 0.30 -104.53 10.25
N SER A 177 -0.37 -105.27 11.12
CA SER A 177 -0.03 -106.67 11.38
C SER A 177 -0.53 -107.56 10.24
N ALA A 178 0.02 -108.77 10.18
CA ALA A 178 -0.37 -109.73 9.14
C ALA A 178 -1.07 -110.94 9.75
N LYS A 179 -2.15 -111.38 9.11
CA LYS A 179 -2.90 -112.52 9.58
C LYS A 179 -2.97 -113.62 8.52
N ALA A 180 -2.35 -114.75 8.80
CA ALA A 180 -2.34 -115.87 7.87
C ALA A 180 -2.23 -117.20 8.61
N ASN A 181 -3.37 -117.69 9.08
CA ASN A 181 -3.41 -118.96 9.80
C ASN A 181 -3.47 -120.15 8.84
N GLN A 182 -3.68 -121.34 9.39
CA GLN A 182 -3.76 -122.55 8.58
C GLN A 182 -4.22 -123.74 9.41
N ALA A 183 -5.31 -124.36 8.98
CA ALA A 183 -5.86 -125.51 9.69
C ALA A 183 -5.99 -126.72 8.75
N GLU A 184 -6.17 -127.90 9.34
CA GLU A 184 -6.31 -129.12 8.56
C GLU A 184 -7.50 -129.95 9.06
N LEU A 185 -7.81 -131.01 8.32
CA LEU A 185 -8.93 -131.88 8.69
C LEU A 185 -8.68 -132.56 10.03
N GLU A 186 -7.42 -132.93 10.26
CA GLU A 186 -7.04 -133.59 11.51
C GLU A 186 -7.89 -134.83 11.75
N ASN A 187 -8.31 -135.48 10.66
CA ASN A 187 -9.13 -136.67 10.76
C ASN A 187 -8.27 -137.92 10.80
N ALA A 188 -8.57 -138.82 11.73
CA ALA A 188 -7.83 -140.06 11.88
C ALA A 188 -8.74 -141.22 12.25
N TYR A 189 -8.30 -142.43 11.96
CA TYR A 189 -9.09 -143.63 12.26
C TYR A 189 -9.22 -143.83 13.76
N GLY A 1 -10.16 113.73 122.91
CA GLY A 1 -10.36 113.76 121.48
C GLY A 1 -11.12 114.99 121.02
N TRP A 2 -10.80 115.45 119.81
CA TRP A 2 -11.45 116.63 119.26
C TRP A 2 -11.52 116.55 117.74
N GLN A 3 -12.16 117.55 117.12
CA GLN A 3 -12.29 117.59 115.67
C GLN A 3 -12.85 116.27 115.14
N ALA A 4 -12.83 116.11 113.82
CA ALA A 4 -13.33 114.90 113.19
C ALA A 4 -12.96 114.85 111.72
N PHE A 5 -11.78 115.40 111.39
CA PHE A 5 -11.31 115.42 110.01
C PHE A 5 -12.25 116.23 109.13
N LYS A 6 -11.75 116.65 107.96
CA LYS A 6 -12.55 117.43 107.02
C LYS A 6 -11.79 117.64 105.71
N ASN A 7 -12.34 118.46 104.84
CA ASN A 7 -11.73 118.74 103.55
C ASN A 7 -11.62 117.48 102.70
N ASP A 8 -11.31 117.65 101.43
CA ASP A 8 -11.18 116.52 100.51
C ASP A 8 -9.79 116.47 99.92
N ALA A 9 -9.43 115.31 99.36
CA ALA A 9 -8.11 115.13 98.76
C ALA A 9 -8.19 114.22 97.53
N THR A 10 -8.45 114.83 96.38
CA THR A 10 -8.56 114.07 95.14
C THR A 10 -7.18 113.79 94.55
N GLU A 11 -6.44 112.89 95.19
CA GLU A 11 -5.10 112.52 94.73
C GLU A 11 -5.18 111.50 93.60
N ILE A 12 -6.39 111.04 93.30
CA ILE A 12 -6.60 110.07 92.25
C ILE A 12 -7.24 110.71 91.02
N ILE A 13 -6.43 111.04 90.03
CA ILE A 13 -6.92 111.65 88.81
C ILE A 13 -6.55 110.82 87.58
N PRO A 14 -7.24 109.68 87.42
CA PRO A 14 -7.01 108.77 86.29
C PRO A 14 -7.47 109.37 84.96
N GLU A 15 -6.87 108.90 83.86
CA GLU A 15 -7.22 109.39 82.53
C GLU A 15 -7.12 108.27 81.50
N LEU A 16 -8.27 107.69 81.17
CA LEU A 16 -8.30 106.61 80.18
C LEU A 16 -7.59 107.01 78.90
N GLY A 17 -7.01 106.03 78.22
CA GLY A 17 -6.31 106.30 76.98
C GLY A 17 -6.36 105.13 76.01
N GLU A 18 -7.55 104.87 75.48
CA GLU A 18 -7.75 103.77 74.54
C GLU A 18 -7.45 104.22 73.12
N TYR A 19 -6.18 104.15 72.73
CA TYR A 19 -5.76 104.56 71.39
C TYR A 19 -5.09 103.40 70.66
N PRO A 20 -5.88 102.37 70.32
CA PRO A 20 -5.38 101.18 69.62
C PRO A 20 -5.00 101.49 68.17
N GLU A 21 -3.99 100.79 67.67
CA GLU A 21 -3.52 100.99 66.30
C GLU A 21 -3.41 99.66 65.56
N PRO A 22 -4.57 99.09 65.21
CA PRO A 22 -4.65 97.81 64.49
C PRO A 22 -4.15 97.92 63.05
N PRO A 23 -3.00 97.27 62.78
CA PRO A 23 -2.39 97.29 61.44
C PRO A 23 -3.21 96.49 60.42
N PRO A 24 -2.87 96.66 59.14
CA PRO A 24 -3.56 95.96 58.04
C PRO A 24 -3.26 94.46 58.03
N GLU A 25 -3.90 93.75 57.11
CA GLU A 25 -3.71 92.30 56.99
C GLU A 25 -4.41 91.76 55.75
N LEU A 26 -3.70 91.78 54.63
CA LEU A 26 -4.25 91.30 53.37
C LEU A 26 -3.20 90.54 52.57
N GLU A 27 -3.04 89.25 52.87
CA GLU A 27 -2.07 88.42 52.18
C GLU A 27 -2.77 87.35 51.35
N ASN A 28 -2.12 86.93 50.26
CA ASN A 28 -2.67 85.90 49.40
C ASN A 28 -1.76 84.69 49.34
N ASN A 29 -2.32 83.51 49.60
CA ASN A 29 -1.57 82.27 49.59
C ASN A 29 -2.06 81.34 48.48
N LYS A 30 -1.13 80.85 47.68
CA LYS A 30 -1.47 79.95 46.58
C LYS A 30 -0.85 78.57 46.79
N THR A 31 -1.19 77.64 45.91
CA THR A 31 -0.66 76.27 46.00
C THR A 31 -0.74 75.56 44.65
N MET A 32 0.18 74.64 44.43
CA MET A 32 0.21 73.88 43.18
C MET A 32 0.62 72.43 43.43
N ASN A 33 0.34 71.56 42.46
CA ASN A 33 0.69 70.15 42.58
C ASN A 33 0.39 69.41 41.27
N ARG A 34 1.20 68.39 40.99
CA ARG A 34 1.03 67.60 39.77
C ARG A 34 1.96 66.40 39.77
N ALA A 35 1.39 65.21 39.61
CA ALA A 35 2.17 63.98 39.59
C ALA A 35 1.31 62.79 39.18
N GLU A 36 1.89 61.89 38.38
CA GLU A 36 1.17 60.71 37.93
C GLU A 36 2.13 59.57 37.62
N ASN A 37 1.60 58.36 37.52
CA ASN A 37 2.41 57.19 37.23
C ASN A 37 1.55 56.02 36.75
N GLY A 38 2.19 54.93 36.35
CA GLY A 38 1.46 53.77 35.87
C GLY A 38 1.98 53.26 34.55
N GLY A 39 1.29 52.29 33.97
CA GLY A 39 1.70 51.74 32.70
C GLY A 39 2.71 50.61 32.86
N ARG A 40 2.42 49.47 32.23
CA ARG A 40 3.31 48.32 32.31
C ARG A 40 3.66 47.81 30.92
N PRO A 41 4.79 47.09 30.83
CA PRO A 41 5.27 46.53 29.56
C PRO A 41 4.38 45.40 29.04
N PRO A 42 4.60 45.01 27.78
CA PRO A 42 3.83 43.93 27.14
C PRO A 42 4.16 42.56 27.73
N HIS A 43 3.33 41.57 27.41
CA HIS A 43 3.54 40.22 27.90
C HIS A 43 3.98 39.28 26.77
N HIS A 44 5.19 38.75 26.89
CA HIS A 44 5.73 37.86 25.88
C HIS A 44 6.72 36.87 26.51
N PRO A 45 6.19 35.93 27.30
CA PRO A 45 7.01 34.92 27.97
C PRO A 45 7.60 33.90 26.98
N PHE A 46 8.42 33.00 27.51
CA PHE A 46 9.04 31.97 26.67
C PHE A 46 8.45 30.59 26.97
N GLU A 47 8.64 29.66 26.04
CA GLU A 47 8.12 28.30 26.19
C GLU A 47 8.71 27.37 25.13
N THR A 48 8.56 26.07 25.36
CA THR A 48 9.08 25.07 24.43
C THR A 48 8.42 23.72 24.65
N LYS A 49 7.81 23.19 23.60
CA LYS A 49 7.14 21.89 23.67
C LYS A 49 7.20 21.16 22.33
N ASP A 50 7.68 19.93 22.36
CA ASP A 50 7.79 19.12 21.15
C ASP A 50 8.34 17.74 21.45
N VAL A 51 8.12 16.80 20.55
CA VAL A 51 8.60 15.43 20.72
C VAL A 51 8.53 14.65 19.41
N SER A 52 9.50 13.77 19.19
CA SER A 52 9.55 12.97 17.99
C SER A 52 10.16 11.60 18.26
N GLU A 53 9.87 10.64 17.40
CA GLU A 53 10.39 9.28 17.56
C GLU A 53 11.57 9.04 16.62
N TYR A 54 12.18 7.87 16.74
CA TYR A 54 13.32 7.51 15.90
C TYR A 54 13.26 6.05 15.47
N SER A 55 12.07 5.62 15.05
CA SER A 55 11.86 4.25 14.61
C SER A 55 10.75 4.17 13.57
N CYS A 56 9.52 4.33 14.03
CA CYS A 56 8.36 4.28 13.15
C CYS A 56 7.17 5.03 13.74
N ARG A 57 6.82 6.16 13.13
CA ARG A 57 5.71 6.97 13.61
C ARG A 57 4.39 6.20 13.53
N GLU A 58 3.60 6.28 14.58
CA GLU A 58 2.32 5.59 14.64
C GLU A 58 1.23 6.40 13.93
N LEU A 59 0.70 5.87 12.84
CA LEU A 59 -0.34 6.55 12.08
C LEU A 59 -1.70 5.93 12.36
N HIS A 60 -2.76 6.71 12.15
CA HIS A 60 -4.12 6.24 12.37
C HIS A 60 -4.99 6.47 11.14
N PHE A 61 -5.44 5.37 10.53
CA PHE A 61 -6.28 5.46 9.33
C PHE A 61 -7.74 5.19 9.68
N THR A 62 -8.63 5.94 9.05
CA THR A 62 -10.07 5.77 9.29
C THR A 62 -10.77 5.21 8.06
N ARG A 63 -11.77 4.37 8.30
CA ARG A 63 -12.52 3.76 7.21
C ARG A 63 -13.86 3.21 7.71
N TYR A 64 -14.88 3.32 6.87
CA TYR A 64 -16.22 2.86 7.23
C TYR A 64 -16.41 1.41 6.80
N VAL A 65 -16.76 0.55 7.76
CA VAL A 65 -16.99 -0.87 7.47
C VAL A 65 -18.47 -1.16 7.27
N THR A 66 -18.77 -2.05 6.34
CA THR A 66 -20.15 -2.42 6.04
C THR A 66 -20.24 -3.88 5.61
N ASP A 67 -21.19 -4.60 6.19
CA ASP A 67 -21.39 -6.01 5.87
C ASP A 67 -22.88 -6.34 5.77
N GLY A 68 -23.39 -6.42 4.55
CA GLY A 68 -24.80 -6.73 4.34
C GLY A 68 -25.63 -5.48 4.12
N PRO A 69 -26.94 -5.60 4.36
CA PRO A 69 -27.88 -4.48 4.20
C PRO A 69 -27.68 -3.40 5.25
N CYS A 70 -26.82 -3.66 6.22
CA CYS A 70 -26.54 -2.71 7.28
C CYS A 70 -25.20 -2.02 7.05
N ARG A 71 -24.93 -0.98 7.84
CA ARG A 71 -23.68 -0.24 7.72
C ARG A 71 -23.23 0.26 9.09
N SER A 72 -21.91 0.29 9.30
CA SER A 72 -21.34 0.74 10.56
C SER A 72 -21.81 2.16 10.89
N ALA A 73 -22.24 2.36 12.13
CA ALA A 73 -22.72 3.66 12.57
C ALA A 73 -21.57 4.67 12.62
N LYS A 74 -20.36 4.17 12.80
CA LYS A 74 -19.17 5.02 12.86
C LYS A 74 -17.97 4.34 12.24
N PRO A 75 -16.95 5.14 11.86
CA PRO A 75 -15.72 4.63 11.25
C PRO A 75 -14.87 3.84 12.23
N VAL A 76 -13.84 3.17 11.71
CA VAL A 76 -12.96 2.36 12.54
C VAL A 76 -11.53 2.91 12.49
N THR A 77 -10.95 3.14 13.67
CA THR A 77 -9.59 3.65 13.75
C THR A 77 -8.56 2.52 13.77
N GLU A 78 -7.76 2.44 12.72
CA GLU A 78 -6.75 1.39 12.61
C GLU A 78 -5.34 2.00 12.57
N LEU A 79 -4.41 1.38 13.28
CA LEU A 79 -3.03 1.85 13.32
C LEU A 79 -2.26 1.41 12.08
N VAL A 80 -1.45 2.32 11.54
CA VAL A 80 -0.65 2.03 10.36
C VAL A 80 0.84 2.08 10.67
N CYS A 81 1.62 1.28 9.95
CA CYS A 81 3.07 1.23 10.14
C CYS A 81 3.79 2.10 9.11
N SER A 82 4.50 3.12 9.60
CA SER A 82 5.23 4.02 8.71
C SER A 82 6.30 4.77 9.49
N GLY A 83 7.40 5.11 8.81
CA GLY A 83 8.48 5.84 9.44
C GLY A 83 9.84 5.29 9.07
N GLN A 84 10.87 5.73 9.78
CA GLN A 84 12.23 5.27 9.52
C GLN A 84 13.02 5.13 10.82
N CYS A 85 14.00 4.24 10.81
CA CYS A 85 14.82 3.99 11.99
C CYS A 85 16.10 4.82 11.93
N GLY A 86 16.58 5.25 13.10
CA GLY A 86 17.79 6.05 13.16
C GLY A 86 18.74 5.57 14.23
N PRO A 87 20.00 6.04 14.17
CA PRO A 87 21.04 5.67 15.14
C PRO A 87 20.77 6.26 16.52
N ALA A 88 21.28 5.60 17.55
CA ALA A 88 21.11 6.06 18.91
C ALA A 88 22.39 5.89 19.72
N ARG A 89 23.52 5.90 19.02
CA ARG A 89 24.83 5.75 19.67
C ARG A 89 25.27 7.06 20.29
N LEU A 90 26.49 7.08 20.81
CA LEU A 90 27.05 8.28 21.45
C LEU A 90 26.11 8.79 22.54
N LEU A 91 25.51 7.86 23.29
CA LEU A 91 24.60 8.22 24.37
C LEU A 91 25.24 9.23 25.31
N PRO A 92 24.41 9.93 26.08
CA PRO A 92 24.87 10.92 27.06
C PRO A 92 25.60 10.29 28.24
N ASN A 93 25.08 9.16 28.71
CA ASN A 93 25.68 8.45 29.83
C ASN A 93 26.51 7.27 29.36
N ALA A 94 26.02 6.59 28.32
CA ALA A 94 26.72 5.44 27.76
C ALA A 94 26.94 4.37 28.83
N ILE A 95 26.01 3.43 28.92
CA ILE A 95 26.10 2.35 29.90
C ILE A 95 26.22 0.99 29.21
N GLY A 96 25.67 0.90 28.00
CA GLY A 96 25.73 -0.34 27.25
C GLY A 96 26.74 -0.30 26.14
N ARG A 97 27.69 -1.23 26.16
CA ARG A 97 28.73 -1.29 25.15
C ARG A 97 28.71 -2.64 24.42
N GLY A 98 28.31 -2.62 23.15
CA GLY A 98 28.25 -3.85 22.38
C GLY A 98 28.74 -3.66 20.96
N LYS A 99 29.63 -2.70 20.76
CA LYS A 99 30.18 -2.41 19.44
C LYS A 99 29.09 -1.94 18.49
N TRP A 100 29.49 -1.40 17.35
CA TRP A 100 28.54 -0.91 16.35
C TRP A 100 28.86 -1.48 14.98
N TRP A 101 28.22 -2.59 14.62
CA TRP A 101 28.45 -3.23 13.34
C TRP A 101 27.24 -3.02 12.41
N ARG A 102 26.08 -2.82 13.01
CA ARG A 102 24.86 -2.60 12.24
C ARG A 102 24.88 -1.25 11.55
N PRO A 103 24.04 -1.09 10.51
CA PRO A 103 23.95 0.15 9.74
C PRO A 103 23.32 1.28 10.55
N SER A 104 22.66 0.93 11.65
CA SER A 104 22.02 1.91 12.51
C SER A 104 20.90 2.63 11.75
N GLY A 105 20.15 1.88 10.96
CA GLY A 105 19.06 2.46 10.20
C GLY A 105 17.93 1.48 9.96
N PRO A 106 17.02 1.82 9.04
CA PRO A 106 15.87 0.98 8.70
C PRO A 106 16.28 -0.30 7.97
N ASP A 107 17.13 -0.15 6.96
CA ASP A 107 17.60 -1.29 6.18
C ASP A 107 16.49 -1.84 5.28
N PHE A 108 15.48 -2.44 5.90
CA PHE A 108 14.36 -3.00 5.16
C PHE A 108 13.07 -2.22 5.44
N ARG A 109 12.57 -2.34 6.66
CA ARG A 109 11.34 -1.65 7.05
C ARG A 109 10.98 -1.96 8.51
N CYS A 110 9.79 -1.56 8.91
CA CYS A 110 9.33 -1.79 10.27
C CYS A 110 8.51 -3.07 10.36
N ILE A 111 8.80 -3.88 11.38
CA ILE A 111 8.10 -5.14 11.58
C ILE A 111 6.77 -4.92 12.29
N PRO A 112 5.81 -5.83 12.04
CA PRO A 112 4.48 -5.76 12.65
C PRO A 112 4.51 -6.06 14.15
N ASP A 113 3.38 -5.85 14.81
CA ASP A 113 3.28 -6.09 16.24
C ASP A 113 1.90 -6.65 16.60
N ARG A 114 1.62 -6.74 17.90
CA ARG A 114 0.34 -7.25 18.37
C ARG A 114 -0.81 -6.56 17.66
N TYR A 115 -1.88 -7.32 17.39
CA TYR A 115 -3.04 -6.79 16.70
C TYR A 115 -4.19 -6.59 17.69
N ARG A 116 -5.29 -6.01 17.19
CA ARG A 116 -6.46 -5.75 18.02
C ARG A 116 -7.74 -5.92 17.21
N ALA A 117 -8.55 -6.90 17.59
CA ALA A 117 -9.82 -7.15 16.90
C ALA A 117 -10.97 -6.43 17.58
N GLN A 118 -11.47 -5.38 16.93
CA GLN A 118 -12.57 -4.60 17.48
C GLN A 118 -13.88 -4.97 16.80
N ARG A 119 -14.98 -4.83 17.53
CA ARG A 119 -16.31 -5.14 17.00
C ARG A 119 -17.11 -3.88 16.73
N VAL A 120 -17.52 -3.70 15.49
CA VAL A 120 -18.31 -2.52 15.10
C VAL A 120 -19.80 -2.83 15.08
N GLN A 121 -20.61 -1.82 15.35
CA GLN A 121 -22.06 -1.99 15.36
C GLN A 121 -22.68 -1.47 14.06
N LEU A 122 -23.15 -2.38 13.23
CA LEU A 122 -23.78 -2.02 11.97
C LEU A 122 -25.28 -1.82 12.13
N LEU A 123 -25.80 -0.75 11.55
CA LEU A 123 -27.22 -0.45 11.63
C LEU A 123 -27.91 -0.69 10.28
N CYS A 124 -29.18 -1.07 10.33
CA CYS A 124 -29.95 -1.33 9.12
C CYS A 124 -31.09 -0.33 8.98
N PRO A 125 -31.61 -0.18 7.75
CA PRO A 125 -32.71 0.74 7.46
C PRO A 125 -34.04 0.27 8.06
N GLY A 126 -35.06 1.11 7.92
CA GLY A 126 -36.36 0.76 8.46
C GLY A 126 -36.91 -0.51 7.87
N GLY A 127 -36.75 -1.62 8.58
CA GLY A 127 -37.24 -2.90 8.11
C GLY A 127 -36.38 -4.06 8.56
N GLU A 128 -35.15 -3.77 8.93
CA GLU A 128 -34.21 -4.79 9.39
C GLU A 128 -33.67 -4.46 10.77
N ALA A 129 -32.79 -5.32 11.27
CA ALA A 129 -32.20 -5.12 12.59
C ALA A 129 -30.69 -4.91 12.49
N PRO A 130 -30.10 -4.33 13.54
CA PRO A 130 -28.66 -4.07 13.60
C PRO A 130 -27.84 -5.35 13.72
N ARG A 131 -26.53 -5.24 13.49
CA ARG A 131 -25.64 -6.38 13.57
C ARG A 131 -24.26 -5.95 14.06
N ALA A 132 -23.35 -6.93 14.17
CA ALA A 132 -21.99 -6.65 14.62
C ALA A 132 -20.97 -7.26 13.67
N ARG A 133 -19.90 -6.52 13.40
CA ARG A 133 -18.85 -6.99 12.51
C ARG A 133 -17.48 -6.83 13.15
N LYS A 134 -16.74 -7.93 13.27
CA LYS A 134 -15.42 -7.91 13.86
C LYS A 134 -14.36 -7.51 12.83
N VAL A 135 -13.41 -6.68 13.27
CA VAL A 135 -12.34 -6.23 12.38
C VAL A 135 -10.99 -6.33 13.05
N ARG A 136 -10.08 -7.08 12.43
CA ARG A 136 -8.73 -7.27 12.97
C ARG A 136 -7.78 -6.22 12.42
N LEU A 137 -7.43 -5.24 13.25
CA LEU A 137 -6.52 -4.18 12.85
C LEU A 137 -5.29 -4.14 13.74
N VAL A 138 -4.16 -3.76 13.16
CA VAL A 138 -2.91 -3.69 13.91
C VAL A 138 -3.08 -2.87 15.18
N ALA A 139 -2.44 -3.33 16.26
CA ALA A 139 -2.52 -2.65 17.54
C ALA A 139 -1.22 -1.91 17.86
N SER A 140 -0.10 -2.48 17.42
CA SER A 140 1.21 -1.89 17.65
C SER A 140 2.12 -2.11 16.46
N CYS A 141 3.32 -1.53 16.53
CA CYS A 141 4.29 -1.65 15.45
C CYS A 141 5.71 -1.43 15.97
N LYS A 142 6.66 -2.20 15.44
CA LYS A 142 8.05 -2.08 15.86
C LYS A 142 8.95 -1.81 14.65
N CYS A 143 10.08 -1.14 14.90
CA CYS A 143 11.03 -0.82 13.84
C CYS A 143 12.32 -1.62 13.99
N LYS A 144 12.53 -2.59 13.13
CA LYS A 144 13.72 -3.43 13.17
C LYS A 144 14.11 -3.89 11.76
N ARG A 145 15.38 -4.23 11.60
CA ARG A 145 15.88 -4.70 10.30
C ARG A 145 15.43 -6.13 10.03
N LEU A 146 14.38 -6.28 9.23
CA LEU A 146 13.86 -7.59 8.89
C LEU A 146 13.66 -7.73 7.38
N THR A 147 14.50 -8.56 6.76
CA THR A 147 14.42 -8.78 5.32
C THR A 147 14.28 -10.26 5.00
N ARG A 148 13.83 -10.57 3.78
CA ARG A 148 13.65 -11.95 3.36
C ARG A 148 13.31 -12.01 1.88
N PHE A 149 13.34 -13.21 1.31
CA PHE A 149 13.02 -13.42 -0.09
C PHE A 149 12.16 -14.67 -0.28
N HIS A 150 11.74 -14.90 -1.53
CA HIS A 150 10.92 -16.06 -1.85
C HIS A 150 10.92 -16.32 -3.35
N ASN A 151 10.95 -17.60 -3.73
CA ASN A 151 10.94 -17.98 -5.14
C ASN A 151 9.67 -18.73 -5.49
N GLN A 152 9.54 -19.11 -6.76
CA GLN A 152 8.36 -19.83 -7.23
C GLN A 152 8.63 -20.48 -8.59
N SER A 153 8.25 -21.74 -8.73
CA SER A 153 8.45 -22.47 -9.97
C SER A 153 7.55 -23.70 -10.02
N GLU A 154 6.93 -23.93 -11.18
CA GLU A 154 6.04 -25.07 -11.37
C GLU A 154 6.00 -25.49 -12.84
N LEU A 155 5.96 -26.80 -13.07
CA LEU A 155 5.91 -27.32 -14.43
C LEU A 155 4.73 -28.27 -14.60
N LYS A 156 4.39 -28.57 -15.85
CA LYS A 156 3.29 -29.47 -16.16
C LYS A 156 3.64 -30.40 -17.31
N ASP A 157 2.63 -31.12 -17.82
CA ASP A 157 2.84 -32.04 -18.93
C ASP A 157 1.51 -32.62 -19.40
N PHE A 158 1.54 -33.27 -20.56
CA PHE A 158 0.33 -33.87 -21.12
C PHE A 158 0.64 -35.25 -21.72
N GLY A 159 -0.31 -35.78 -22.49
CA GLY A 159 -0.12 -37.07 -23.11
C GLY A 159 -1.34 -37.95 -23.00
N THR A 160 -1.90 -38.35 -24.14
CA THR A 160 -3.08 -39.19 -24.17
C THR A 160 -3.38 -39.68 -25.58
N GLU A 161 -3.81 -40.94 -25.70
CA GLU A 161 -4.13 -41.52 -26.99
C GLU A 161 -4.65 -42.95 -26.83
N ALA A 162 -5.13 -43.52 -27.92
CA ALA A 162 -5.64 -44.88 -27.92
C ALA A 162 -5.74 -45.45 -29.32
N ALA A 163 -5.78 -46.78 -29.42
CA ALA A 163 -5.86 -47.45 -30.72
C ALA A 163 -7.28 -47.90 -31.00
N ARG A 164 -7.72 -47.72 -32.25
CA ARG A 164 -9.07 -48.12 -32.64
C ARG A 164 -9.07 -48.68 -34.06
N PRO A 165 -8.54 -49.90 -34.22
CA PRO A 165 -8.47 -50.58 -35.52
C PRO A 165 -9.84 -51.00 -36.02
N GLN A 166 -9.86 -51.76 -37.13
CA GLN A 166 -11.11 -52.23 -37.71
C GLN A 166 -11.04 -53.71 -38.01
N LYS A 167 -12.20 -54.36 -38.03
CA LYS A 167 -12.29 -55.79 -38.30
C LYS A 167 -13.69 -56.19 -38.73
N GLY A 168 -13.91 -56.26 -40.04
CA GLY A 168 -15.21 -56.63 -40.55
C GLY A 168 -15.24 -58.04 -41.11
N ARG A 169 -16.07 -58.90 -40.52
CA ARG A 169 -16.18 -60.28 -40.96
C ARG A 169 -17.64 -60.65 -41.22
N LYS A 170 -17.85 -61.54 -42.18
CA LYS A 170 -19.20 -61.99 -42.53
C LYS A 170 -19.23 -63.49 -42.78
N PRO A 171 -20.43 -64.08 -42.65
CA PRO A 171 -20.63 -65.52 -42.86
C PRO A 171 -20.48 -65.92 -44.32
N ARG A 172 -19.55 -66.83 -44.60
CA ARG A 172 -19.32 -67.29 -45.96
C ARG A 172 -19.31 -68.82 -46.02
N PRO A 173 -20.50 -69.42 -45.86
CA PRO A 173 -20.66 -70.87 -45.90
C PRO A 173 -20.46 -71.45 -47.29
N ARG A 174 -19.37 -72.17 -47.47
CA ARG A 174 -19.06 -72.77 -48.77
C ARG A 174 -18.92 -74.29 -48.64
N ALA A 175 -19.91 -74.92 -48.02
CA ALA A 175 -19.90 -76.36 -47.84
C ALA A 175 -21.24 -76.85 -47.30
N ARG A 176 -21.62 -78.06 -47.71
CA ARG A 176 -22.89 -78.65 -47.27
C ARG A 176 -22.70 -80.11 -46.89
N SER A 177 -23.80 -80.77 -46.53
CA SER A 177 -23.76 -82.17 -46.14
C SER A 177 -25.05 -82.88 -46.53
N ALA A 178 -24.92 -84.07 -47.11
CA ALA A 178 -26.07 -84.85 -47.53
C ALA A 178 -25.79 -86.35 -47.41
N LYS A 179 -25.99 -86.89 -46.21
CA LYS A 179 -25.76 -88.30 -45.96
C LYS A 179 -26.31 -88.71 -44.60
N ALA A 180 -27.60 -89.03 -44.56
CA ALA A 180 -28.24 -89.44 -43.31
C ALA A 180 -28.90 -90.80 -43.46
N ASN A 181 -28.38 -91.79 -42.75
CA ASN A 181 -28.91 -93.15 -42.80
C ASN A 181 -28.85 -93.81 -41.42
N GLN A 182 -29.76 -94.75 -41.18
CA GLN A 182 -29.80 -95.46 -39.92
C GLN A 182 -30.19 -96.92 -40.11
N ALA A 183 -29.93 -97.75 -39.12
CA ALA A 183 -30.26 -99.17 -39.18
C ALA A 183 -30.59 -99.73 -37.80
N GLU A 184 -31.53 -100.66 -37.75
CA GLU A 184 -31.94 -101.27 -36.49
C GLU A 184 -32.36 -102.72 -36.71
N LEU A 185 -32.05 -103.57 -35.73
CA LEU A 185 -32.39 -104.99 -35.81
C LEU A 185 -32.75 -105.54 -34.43
N GLU A 186 -33.66 -104.85 -33.74
CA GLU A 186 -34.08 -105.27 -32.41
C GLU A 186 -34.55 -106.72 -32.42
N ASN A 187 -34.73 -107.28 -31.23
CA ASN A 187 -35.17 -108.67 -31.11
C ASN A 187 -35.78 -108.93 -29.73
N ALA A 188 -36.58 -109.97 -29.63
CA ALA A 188 -37.22 -110.32 -28.37
C ALA A 188 -37.55 -111.82 -28.32
N TYR A 189 -38.00 -112.28 -27.16
CA TYR A 189 -38.34 -113.69 -26.97
C TYR A 189 -39.33 -114.15 -28.03
N GLY A 1 -11.63 44.31 -117.05
CA GLY A 1 -12.88 44.86 -116.55
C GLY A 1 -13.81 43.80 -116.00
N TRP A 2 -15.04 43.80 -116.47
CA TRP A 2 -16.04 42.83 -116.03
C TRP A 2 -16.22 42.89 -114.52
N GLN A 3 -17.11 43.76 -114.07
CA GLN A 3 -17.39 43.92 -112.64
C GLN A 3 -18.85 43.62 -112.32
N ALA A 4 -19.24 43.89 -111.10
CA ALA A 4 -20.62 43.65 -110.67
C ALA A 4 -20.93 44.39 -109.37
N PHE A 5 -22.12 44.15 -108.82
CA PHE A 5 -22.53 44.80 -107.58
C PHE A 5 -23.62 43.99 -106.88
N LYS A 6 -24.03 44.45 -105.71
CA LYS A 6 -25.06 43.77 -104.93
C LYS A 6 -26.02 44.77 -104.30
N ASN A 7 -27.15 44.27 -103.78
CA ASN A 7 -28.14 45.12 -103.14
C ASN A 7 -28.72 44.44 -101.91
N ASP A 8 -29.40 45.22 -101.08
CA ASP A 8 -30.01 44.70 -99.86
C ASP A 8 -31.47 45.12 -99.76
N ALA A 9 -32.17 44.59 -98.76
CA ALA A 9 -33.57 44.92 -98.55
C ALA A 9 -33.98 44.69 -97.10
N THR A 10 -34.85 45.56 -96.59
CA THR A 10 -35.31 45.46 -95.21
C THR A 10 -36.77 45.01 -95.16
N GLU A 11 -36.98 43.70 -95.26
CA GLU A 11 -38.32 43.14 -95.22
C GLU A 11 -38.61 42.48 -93.87
N ILE A 12 -37.58 42.43 -93.03
CA ILE A 12 -37.71 41.83 -91.70
C ILE A 12 -37.82 42.89 -90.62
N ILE A 13 -39.05 43.21 -90.24
CA ILE A 13 -39.30 44.22 -89.21
C ILE A 13 -40.16 43.65 -88.09
N PRO A 14 -39.55 42.79 -87.26
CA PRO A 14 -40.25 42.16 -86.12
C PRO A 14 -40.56 43.16 -85.01
N GLU A 15 -41.83 43.51 -84.87
CA GLU A 15 -42.26 44.46 -83.85
C GLU A 15 -42.67 43.73 -82.58
N LEU A 16 -41.68 43.16 -81.88
CA LEU A 16 -41.94 42.43 -80.64
C LEU A 16 -42.17 43.40 -79.48
N GLY A 17 -42.93 42.95 -78.48
CA GLY A 17 -43.20 43.78 -77.33
C GLY A 17 -43.58 42.97 -76.10
N GLU A 18 -42.68 42.10 -75.66
CA GLU A 18 -42.93 41.26 -74.50
C GLU A 18 -43.30 42.10 -73.29
N TYR A 19 -44.49 41.87 -72.73
CA TYR A 19 -44.95 42.62 -71.57
C TYR A 19 -45.29 41.67 -70.43
N PRO A 20 -44.24 41.11 -69.79
CA PRO A 20 -44.40 40.19 -68.67
C PRO A 20 -44.90 40.88 -67.42
N GLU A 21 -45.58 40.12 -66.55
CA GLU A 21 -46.12 40.66 -65.31
C GLU A 21 -46.60 39.56 -64.39
N PRO A 22 -45.65 38.79 -63.83
CA PRO A 22 -45.94 37.68 -62.93
C PRO A 22 -46.48 38.16 -61.58
N PRO A 23 -47.01 37.22 -60.79
CA PRO A 23 -47.56 37.52 -59.47
C PRO A 23 -46.49 37.90 -58.45
N PRO A 24 -46.92 38.44 -57.30
CA PRO A 24 -46.00 38.84 -56.24
C PRO A 24 -45.34 37.65 -55.55
N GLU A 25 -44.44 37.94 -54.61
CA GLU A 25 -43.74 36.89 -53.89
C GLU A 25 -42.85 37.48 -52.79
N LEU A 26 -43.33 37.45 -51.55
CA LEU A 26 -42.57 37.98 -50.43
C LEU A 26 -42.77 37.12 -49.19
N GLU A 27 -42.43 37.67 -48.02
CA GLU A 27 -42.57 36.96 -46.77
C GLU A 27 -42.39 37.90 -45.58
N ASN A 28 -42.70 37.41 -44.39
CA ASN A 28 -42.57 38.21 -43.17
C ASN A 28 -42.47 37.32 -41.94
N ASN A 29 -41.55 37.66 -41.04
CA ASN A 29 -41.36 36.88 -39.81
C ASN A 29 -40.44 37.61 -38.86
N LYS A 30 -40.80 37.61 -37.57
CA LYS A 30 -40.00 38.26 -36.54
C LYS A 30 -40.07 37.51 -35.22
N THR A 31 -38.94 37.42 -34.54
CA THR A 31 -38.88 36.72 -33.25
C THR A 31 -37.53 36.90 -32.59
N MET A 32 -37.54 37.29 -31.32
CA MET A 32 -36.31 37.52 -30.57
C MET A 32 -36.60 37.66 -29.08
N ASN A 33 -35.80 36.99 -28.26
CA ASN A 33 -35.98 37.05 -26.80
C ASN A 33 -34.84 36.31 -26.10
N ARG A 34 -33.99 37.06 -25.41
CA ARG A 34 -32.87 36.47 -24.68
C ARG A 34 -32.71 37.11 -23.31
N ALA A 35 -32.01 36.43 -22.42
CA ALA A 35 -31.78 36.94 -21.07
C ALA A 35 -30.81 36.04 -20.30
N GLU A 36 -30.26 36.58 -19.21
CA GLU A 36 -29.32 35.82 -18.40
C GLU A 36 -28.95 36.60 -17.14
N ASN A 37 -28.64 35.87 -16.07
CA ASN A 37 -28.26 36.51 -14.80
C ASN A 37 -27.83 35.45 -13.79
N GLY A 38 -27.12 35.90 -12.76
CA GLY A 38 -26.65 34.99 -11.73
C GLY A 38 -25.25 35.32 -11.24
N GLY A 39 -24.87 34.74 -10.11
CA GLY A 39 -23.55 34.99 -9.56
C GLY A 39 -23.51 34.86 -8.06
N ARG A 40 -22.56 34.08 -7.55
CA ARG A 40 -22.43 33.87 -6.11
C ARG A 40 -21.18 33.05 -5.79
N PRO A 41 -20.01 33.68 -5.94
CA PRO A 41 -18.72 33.04 -5.67
C PRO A 41 -18.50 32.77 -4.19
N PRO A 42 -18.49 31.47 -3.82
CA PRO A 42 -18.30 31.05 -2.42
C PRO A 42 -16.88 31.31 -1.94
N HIS A 43 -16.58 30.83 -0.74
CA HIS A 43 -15.25 31.00 -0.16
C HIS A 43 -15.12 30.22 1.14
N HIS A 44 -13.90 29.77 1.44
CA HIS A 44 -13.64 29.00 2.66
C HIS A 44 -12.34 29.46 3.32
N PRO A 45 -12.20 29.14 4.61
CA PRO A 45 -11.01 29.50 5.38
C PRO A 45 -9.77 28.72 4.95
N PHE A 46 -8.69 28.86 5.71
CA PHE A 46 -7.45 28.17 5.41
C PHE A 46 -6.78 27.65 6.68
N GLU A 47 -6.01 26.58 6.55
CA GLU A 47 -5.32 26.00 7.69
C GLU A 47 -3.89 25.60 7.32
N THR A 48 -3.08 25.30 8.33
CA THR A 48 -1.69 24.91 8.12
C THR A 48 -1.19 24.02 9.24
N LYS A 49 -0.72 22.83 8.87
CA LYS A 49 -0.20 21.87 9.86
C LYS A 49 1.20 21.40 9.48
N ASP A 50 1.82 20.63 10.36
CA ASP A 50 3.16 20.11 10.11
C ASP A 50 3.35 18.76 10.81
N VAL A 51 4.31 17.99 10.32
CA VAL A 51 4.60 16.68 10.89
C VAL A 51 6.09 16.36 10.82
N SER A 52 6.59 15.67 11.83
CA SER A 52 8.00 15.30 11.88
C SER A 52 8.31 14.44 13.11
N GLU A 53 9.13 13.42 12.92
CA GLU A 53 9.49 12.52 14.01
C GLU A 53 10.50 11.48 13.55
N TYR A 54 10.96 10.65 14.48
CA TYR A 54 11.93 9.61 14.16
C TYR A 54 11.33 8.22 14.35
N SER A 55 12.08 7.19 13.97
CA SER A 55 11.61 5.82 14.09
C SER A 55 10.32 5.61 13.32
N CYS A 56 9.78 4.40 13.41
CA CYS A 56 8.54 4.06 12.71
C CYS A 56 7.34 4.70 13.40
N ARG A 57 6.92 5.86 12.90
CA ARG A 57 5.78 6.57 13.48
C ARG A 57 4.50 5.75 13.31
N GLU A 58 3.57 5.93 14.25
CA GLU A 58 2.30 5.22 14.21
C GLU A 58 1.25 6.01 13.44
N LEU A 59 0.81 5.47 12.32
CA LEU A 59 -0.20 6.13 11.49
C LEU A 59 -1.59 5.59 11.79
N HIS A 60 -2.56 6.49 11.84
CA HIS A 60 -3.95 6.10 12.12
C HIS A 60 -4.86 6.48 10.95
N PHE A 61 -5.64 5.51 10.48
CA PHE A 61 -6.55 5.74 9.37
C PHE A 61 -7.99 5.47 9.78
N THR A 62 -8.87 6.42 9.48
CA THR A 62 -10.28 6.29 9.83
C THR A 62 -11.14 6.09 8.58
N ARG A 63 -12.18 5.28 8.71
CA ARG A 63 -13.08 5.00 7.60
C ARG A 63 -14.35 4.30 8.08
N TYR A 64 -15.41 4.42 7.29
CA TYR A 64 -16.69 3.80 7.65
C TYR A 64 -16.80 2.40 7.06
N VAL A 65 -17.12 1.44 7.91
CA VAL A 65 -17.26 0.05 7.48
C VAL A 65 -18.73 -0.32 7.27
N THR A 66 -18.99 -1.12 6.23
CA THR A 66 -20.35 -1.54 5.91
C THR A 66 -20.36 -2.98 5.43
N ASP A 67 -21.23 -3.79 6.02
CA ASP A 67 -21.35 -5.19 5.64
C ASP A 67 -22.82 -5.58 5.46
N GLY A 68 -23.26 -5.63 4.20
CA GLY A 68 -24.64 -5.99 3.91
C GLY A 68 -25.54 -4.77 3.84
N PRO A 69 -26.85 -4.99 4.05
CA PRO A 69 -27.84 -3.92 4.01
C PRO A 69 -27.71 -2.95 5.18
N CYS A 70 -26.84 -3.29 6.12
CA CYS A 70 -26.62 -2.46 7.29
C CYS A 70 -25.31 -1.68 7.17
N ARG A 71 -25.19 -0.61 7.95
CA ARG A 71 -23.99 0.22 7.93
C ARG A 71 -23.53 0.56 9.35
N SER A 72 -22.23 0.54 9.57
CA SER A 72 -21.67 0.84 10.87
C SER A 72 -22.14 2.20 11.37
N ALA A 73 -22.41 2.28 12.68
CA ALA A 73 -22.87 3.53 13.28
C ALA A 73 -21.74 4.55 13.35
N LYS A 74 -20.53 4.07 13.56
CA LYS A 74 -19.36 4.95 13.66
C LYS A 74 -18.19 4.38 12.86
N PRO A 75 -17.22 5.24 12.53
CA PRO A 75 -16.03 4.84 11.77
C PRO A 75 -15.09 3.97 12.59
N VAL A 76 -14.09 3.40 11.93
CA VAL A 76 -13.12 2.54 12.59
C VAL A 76 -11.69 3.01 12.34
N THR A 77 -10.95 3.25 13.41
CA THR A 77 -9.57 3.70 13.31
C THR A 77 -8.60 2.53 13.35
N GLU A 78 -7.74 2.44 12.33
CA GLU A 78 -6.76 1.37 12.25
C GLU A 78 -5.34 1.93 12.26
N LEU A 79 -4.40 1.16 12.81
CA LEU A 79 -3.01 1.58 12.88
C LEU A 79 -2.23 1.08 11.67
N VAL A 80 -1.16 1.78 11.33
CA VAL A 80 -0.32 1.40 10.19
C VAL A 80 1.16 1.50 10.54
N CYS A 81 1.97 0.66 9.90
CA CYS A 81 3.40 0.66 10.14
C CYS A 81 4.14 1.45 9.06
N SER A 82 4.82 2.51 9.49
CA SER A 82 5.56 3.36 8.57
C SER A 82 6.61 4.19 9.31
N GLY A 83 7.46 4.87 8.56
CA GLY A 83 8.49 5.69 9.17
C GLY A 83 9.88 5.13 8.97
N GLN A 84 10.86 6.01 8.74
CA GLN A 84 12.24 5.60 8.52
C GLN A 84 13.05 5.73 9.81
N CYS A 85 13.71 4.64 10.20
CA CYS A 85 14.52 4.63 11.40
C CYS A 85 15.99 4.92 11.07
N GLY A 86 16.83 4.91 12.11
CA GLY A 86 18.24 5.18 11.91
C GLY A 86 19.10 4.67 13.06
N PRO A 87 18.99 5.33 14.21
CA PRO A 87 19.74 4.96 15.41
C PRO A 87 19.27 3.64 16.01
N ALA A 88 20.20 2.90 16.61
CA ALA A 88 19.88 1.62 17.22
C ALA A 88 21.04 1.11 18.08
N ARG A 89 21.68 2.04 18.79
CA ARG A 89 22.80 1.68 19.65
C ARG A 89 22.44 1.88 21.12
N LEU A 90 21.16 1.78 21.43
CA LEU A 90 20.68 1.94 22.79
C LEU A 90 19.92 0.70 23.26
N LEU A 91 20.64 -0.26 23.82
CA LEU A 91 20.02 -1.50 24.31
C LEU A 91 19.94 -1.49 25.83
N PRO A 92 19.06 -2.35 26.37
CA PRO A 92 18.87 -2.48 27.82
C PRO A 92 20.05 -3.11 28.52
N ASN A 93 20.72 -4.04 27.82
CA ASN A 93 21.88 -4.71 28.38
C ASN A 93 23.02 -4.77 27.36
N ALA A 94 23.48 -3.60 26.93
CA ALA A 94 24.56 -3.52 25.96
C ALA A 94 25.43 -2.29 26.21
N ILE A 95 26.15 -2.31 27.33
CA ILE A 95 27.03 -1.20 27.69
C ILE A 95 28.41 -1.70 28.11
N GLY A 96 29.36 -0.78 28.20
CA GLY A 96 30.72 -1.15 28.59
C GLY A 96 31.59 -1.46 27.40
N ARG A 97 31.19 -0.99 26.22
CA ARG A 97 31.95 -1.23 25.01
C ARG A 97 32.21 -2.71 24.80
N GLY A 98 31.20 -3.42 24.31
CA GLY A 98 31.34 -4.85 24.08
C GLY A 98 31.79 -5.17 22.67
N LYS A 99 32.43 -4.20 22.02
CA LYS A 99 32.90 -4.38 20.65
C LYS A 99 31.74 -4.63 19.70
N TRP A 100 32.06 -4.74 18.41
CA TRP A 100 31.04 -4.99 17.39
C TRP A 100 31.21 -6.36 16.76
N TRP A 101 30.71 -7.38 17.45
CA TRP A 101 30.81 -8.75 16.96
C TRP A 101 29.77 -9.02 15.87
N ARG A 102 28.60 -8.39 16.00
CA ARG A 102 27.53 -8.56 15.03
C ARG A 102 27.80 -7.74 13.77
N PRO A 103 27.12 -8.11 12.68
CA PRO A 103 27.28 -7.41 11.39
C PRO A 103 26.67 -6.01 11.41
N SER A 104 25.79 -5.76 12.37
CA SER A 104 25.14 -4.46 12.50
C SER A 104 24.31 -4.16 11.26
N GLY A 105 23.58 -3.04 11.32
CA GLY A 105 22.74 -2.65 10.20
C GLY A 105 21.65 -1.67 10.60
N PRO A 106 22.04 -0.40 10.82
CA PRO A 106 21.10 0.65 11.21
C PRO A 106 20.15 1.03 10.09
N ASP A 107 19.01 1.61 10.46
CA ASP A 107 18.01 2.03 9.47
C ASP A 107 17.54 0.84 8.64
N PHE A 108 16.42 0.25 9.05
CA PHE A 108 15.88 -0.90 8.34
C PHE A 108 14.35 -0.89 8.40
N ARG A 109 13.74 -1.98 7.93
CA ARG A 109 12.28 -2.09 7.91
C ARG A 109 11.73 -2.11 9.34
N CYS A 110 10.44 -2.41 9.47
CA CYS A 110 9.80 -2.46 10.77
C CYS A 110 8.95 -3.73 10.90
N ILE A 111 9.16 -4.48 11.99
CA ILE A 111 8.42 -5.70 12.23
C ILE A 111 7.07 -5.41 12.88
N PRO A 112 6.10 -6.30 12.66
CA PRO A 112 4.75 -6.16 13.20
C PRO A 112 4.72 -6.37 14.71
N ASP A 113 3.57 -6.09 15.33
CA ASP A 113 3.41 -6.25 16.77
C ASP A 113 2.01 -6.75 17.10
N ARG A 114 1.68 -6.75 18.40
CA ARG A 114 0.38 -7.20 18.85
C ARG A 114 -0.74 -6.54 18.05
N TYR A 115 -1.78 -7.30 17.75
CA TYR A 115 -2.91 -6.79 16.98
C TYR A 115 -4.08 -6.44 17.91
N ARG A 116 -5.14 -5.86 17.32
CA ARG A 116 -6.31 -5.49 18.09
C ARG A 116 -7.58 -5.63 17.25
N ALA A 117 -8.53 -6.42 17.75
CA ALA A 117 -9.78 -6.64 17.04
C ALA A 117 -10.84 -5.63 17.49
N GLN A 118 -11.27 -4.78 16.57
CA GLN A 118 -12.27 -3.78 16.86
C GLN A 118 -13.66 -4.23 16.39
N ARG A 119 -14.65 -4.09 17.27
CA ARG A 119 -16.01 -4.49 16.94
C ARG A 119 -16.87 -3.27 16.63
N VAL A 120 -17.73 -3.39 15.62
CA VAL A 120 -18.61 -2.30 15.22
C VAL A 120 -20.07 -2.74 15.24
N GLN A 121 -20.98 -1.77 15.22
CA GLN A 121 -22.41 -2.06 15.23
C GLN A 121 -23.09 -1.48 14.00
N LEU A 122 -23.39 -2.34 13.04
CA LEU A 122 -24.05 -1.92 11.80
C LEU A 122 -25.56 -1.94 11.96
N LEU A 123 -26.19 -0.80 11.68
CA LEU A 123 -27.64 -0.69 11.78
C LEU A 123 -28.30 -0.86 10.42
N CYS A 124 -29.52 -1.39 10.41
CA CYS A 124 -30.26 -1.60 9.18
C CYS A 124 -31.52 -0.73 9.13
N PRO A 125 -32.05 -0.51 7.93
CA PRO A 125 -33.26 0.29 7.73
C PRO A 125 -34.50 -0.40 8.25
N GLY A 126 -35.67 0.17 7.95
CA GLY A 126 -36.92 -0.40 8.41
C GLY A 126 -37.22 -1.74 7.75
N GLY A 127 -37.04 -2.81 8.52
CA GLY A 127 -37.29 -4.15 7.99
C GLY A 127 -36.25 -5.15 8.45
N GLU A 128 -34.98 -4.78 8.34
CA GLU A 128 -33.89 -5.66 8.75
C GLU A 128 -33.49 -5.39 10.19
N ALA A 129 -32.51 -6.16 10.67
CA ALA A 129 -32.03 -6.01 12.04
C ALA A 129 -30.55 -5.62 12.06
N PRO A 130 -30.10 -5.05 13.20
CA PRO A 130 -28.71 -4.63 13.37
C PRO A 130 -27.74 -5.80 13.45
N ARG A 131 -26.53 -5.60 12.94
CA ARG A 131 -25.52 -6.65 12.96
C ARG A 131 -24.14 -6.06 13.26
N ALA A 132 -23.42 -6.72 14.17
CA ALA A 132 -22.08 -6.26 14.55
C ALA A 132 -21.01 -6.95 13.71
N ARG A 133 -19.89 -6.27 13.53
CA ARG A 133 -18.78 -6.81 12.75
C ARG A 133 -17.46 -6.67 13.49
N LYS A 134 -16.52 -7.57 13.22
CA LYS A 134 -15.21 -7.53 13.86
C LYS A 134 -14.11 -7.29 12.84
N VAL A 135 -13.23 -6.34 13.14
CA VAL A 135 -12.13 -6.01 12.25
C VAL A 135 -10.79 -6.16 12.95
N ARG A 136 -9.89 -6.94 12.36
CA ARG A 136 -8.57 -7.17 12.94
C ARG A 136 -7.57 -6.14 12.42
N LEU A 137 -7.23 -5.18 13.27
CA LEU A 137 -6.29 -4.13 12.90
C LEU A 137 -5.09 -4.11 13.86
N VAL A 138 -3.91 -3.85 13.32
CA VAL A 138 -2.70 -3.80 14.12
C VAL A 138 -2.86 -2.88 15.32
N ALA A 139 -2.31 -3.29 16.45
CA ALA A 139 -2.40 -2.49 17.68
C ALA A 139 -1.07 -1.81 17.98
N SER A 140 0.02 -2.47 17.62
CA SER A 140 1.36 -1.93 17.86
C SER A 140 2.30 -2.26 16.72
N CYS A 141 3.48 -1.64 16.72
CA CYS A 141 4.46 -1.87 15.68
C CYS A 141 5.87 -1.59 16.19
N LYS A 142 6.83 -2.41 15.74
CA LYS A 142 8.21 -2.24 16.17
C LYS A 142 9.12 -2.04 14.96
N CYS A 143 10.25 -1.36 15.17
CA CYS A 143 11.20 -1.09 14.10
C CYS A 143 12.47 -1.93 14.28
N LYS A 144 12.64 -2.94 13.44
CA LYS A 144 13.80 -3.80 13.50
C LYS A 144 14.17 -4.32 12.11
N ARG A 145 15.44 -4.71 11.95
CA ARG A 145 15.91 -5.22 10.67
C ARG A 145 15.64 -6.71 10.54
N LEU A 146 15.86 -7.25 9.34
CA LEU A 146 15.63 -8.67 9.09
C LEU A 146 16.49 -9.16 7.93
N THR A 147 16.68 -10.47 7.86
CA THR A 147 17.48 -11.06 6.79
C THR A 147 17.09 -12.52 6.56
N ARG A 148 15.80 -12.81 6.68
CA ARG A 148 15.30 -14.16 6.49
C ARG A 148 14.58 -14.29 5.14
N PHE A 149 14.28 -15.53 4.76
CA PHE A 149 13.59 -15.78 3.49
C PHE A 149 12.82 -17.09 3.56
N HIS A 150 12.29 -17.51 2.41
CA HIS A 150 11.53 -18.75 2.33
C HIS A 150 11.40 -19.22 0.88
N ASN A 151 10.73 -20.36 0.69
CA ASN A 151 10.53 -20.91 -0.64
C ASN A 151 9.39 -21.92 -0.66
N GLN A 152 9.19 -22.57 -1.79
CA GLN A 152 8.13 -23.56 -1.94
C GLN A 152 8.59 -24.74 -2.78
N SER A 153 7.84 -25.83 -2.73
CA SER A 153 8.18 -27.03 -3.49
C SER A 153 7.15 -28.13 -3.25
N GLU A 154 7.00 -29.02 -4.24
CA GLU A 154 6.05 -30.12 -4.14
C GLU A 154 6.48 -31.29 -5.02
N LEU A 155 5.58 -32.26 -5.17
CA LEU A 155 5.87 -33.44 -5.99
C LEU A 155 4.63 -33.88 -6.77
N LYS A 156 4.83 -34.78 -7.71
CA LYS A 156 3.73 -35.28 -8.52
C LYS A 156 3.97 -36.74 -8.93
N ASP A 157 2.97 -37.58 -8.72
CA ASP A 157 3.07 -39.00 -9.07
C ASP A 157 1.75 -39.72 -8.81
N PHE A 158 0.95 -39.87 -9.85
CA PHE A 158 -0.34 -40.53 -9.73
C PHE A 158 -0.68 -41.28 -11.02
N GLY A 159 -1.94 -41.70 -11.14
CA GLY A 159 -2.37 -42.42 -12.33
C GLY A 159 -3.75 -43.03 -12.16
N THR A 160 -4.61 -42.82 -13.15
CA THR A 160 -5.96 -43.35 -13.11
C THR A 160 -6.43 -43.80 -14.50
N GLU A 161 -6.40 -45.11 -14.73
CA GLU A 161 -6.82 -45.66 -16.01
C GLU A 161 -7.65 -46.94 -15.82
N ALA A 162 -8.65 -47.10 -16.66
CA ALA A 162 -9.52 -48.27 -16.58
C ALA A 162 -9.36 -49.16 -17.81
N ALA A 163 -10.14 -50.23 -17.87
CA ALA A 163 -10.10 -51.16 -18.99
C ALA A 163 -11.16 -50.82 -20.02
N ARG A 164 -11.00 -51.35 -21.23
CA ARG A 164 -11.95 -51.10 -22.32
C ARG A 164 -12.41 -52.41 -22.94
N PRO A 165 -13.22 -53.17 -22.18
CA PRO A 165 -13.74 -54.47 -22.64
C PRO A 165 -14.77 -54.30 -23.75
N GLN A 166 -14.74 -55.22 -24.72
CA GLN A 166 -15.68 -55.17 -25.83
C GLN A 166 -16.50 -56.46 -25.91
N LYS A 167 -17.81 -56.33 -25.67
CA LYS A 167 -18.70 -57.49 -25.71
C LYS A 167 -19.69 -57.36 -26.87
N GLY A 168 -19.88 -58.47 -27.59
CA GLY A 168 -20.80 -58.47 -28.72
C GLY A 168 -21.56 -59.77 -28.84
N ARG A 169 -22.88 -59.68 -28.81
CA ARG A 169 -23.74 -60.87 -28.92
C ARG A 169 -25.14 -60.49 -29.37
N LYS A 170 -25.93 -61.49 -29.73
CA LYS A 170 -27.30 -61.27 -30.17
C LYS A 170 -28.06 -62.59 -30.29
N PRO A 171 -29.31 -62.59 -29.80
CA PRO A 171 -30.16 -63.79 -29.84
C PRO A 171 -30.61 -64.14 -31.25
N ARG A 172 -30.84 -65.42 -31.49
CA ARG A 172 -31.27 -65.89 -32.81
C ARG A 172 -32.68 -66.48 -32.74
N PRO A 173 -33.69 -65.61 -32.60
CA PRO A 173 -35.09 -66.03 -32.51
C PRO A 173 -35.62 -66.56 -33.84
N ARG A 174 -35.43 -67.85 -34.08
CA ARG A 174 -35.88 -68.48 -35.31
C ARG A 174 -36.61 -69.78 -35.01
N ALA A 175 -37.80 -69.93 -35.57
CA ALA A 175 -38.61 -71.14 -35.37
C ALA A 175 -39.07 -71.70 -36.71
N ARG A 176 -39.53 -72.96 -36.67
CA ARG A 176 -40.01 -73.62 -37.88
C ARG A 176 -41.50 -73.39 -38.08
N SER A 177 -42.01 -73.76 -39.25
CA SER A 177 -43.42 -73.59 -39.57
C SER A 177 -44.00 -74.87 -40.16
N ALA A 178 -45.20 -75.22 -39.72
CA ALA A 178 -45.87 -76.43 -40.22
C ALA A 178 -47.32 -76.12 -40.59
N LYS A 179 -47.70 -76.50 -41.80
CA LYS A 179 -49.06 -76.28 -42.27
C LYS A 179 -49.81 -77.60 -42.43
N ALA A 180 -51.13 -77.54 -42.37
CA ALA A 180 -51.96 -78.73 -42.51
C ALA A 180 -53.35 -78.38 -43.03
N ASN A 181 -53.94 -79.30 -43.79
CA ASN A 181 -55.27 -79.08 -44.36
C ASN A 181 -55.78 -80.36 -45.03
N GLN A 182 -57.09 -80.41 -45.25
CA GLN A 182 -57.71 -81.57 -45.88
C GLN A 182 -59.20 -81.31 -46.15
N ALA A 183 -59.74 -82.02 -47.14
CA ALA A 183 -61.15 -81.88 -47.48
C ALA A 183 -61.65 -83.08 -48.27
N GLU A 184 -62.96 -83.14 -48.48
CA GLU A 184 -63.56 -84.25 -49.23
C GLU A 184 -64.92 -83.85 -49.79
N LEU A 185 -65.49 -84.72 -50.61
CA LEU A 185 -66.79 -84.46 -51.22
C LEU A 185 -67.85 -85.40 -50.65
N GLU A 186 -67.53 -86.69 -50.63
CA GLU A 186 -68.45 -87.70 -50.11
C GLU A 186 -69.75 -87.69 -50.91
N ASN A 187 -69.74 -88.35 -52.07
CA ASN A 187 -70.92 -88.41 -52.92
C ASN A 187 -71.90 -89.47 -52.41
N ALA A 188 -73.11 -89.04 -52.09
CA ALA A 188 -74.14 -89.94 -51.59
C ALA A 188 -75.40 -89.86 -52.44
N TYR A 189 -76.26 -90.86 -52.31
CA TYR A 189 -77.51 -90.91 -53.07
C TYR A 189 -78.32 -89.64 -52.86
N GLY A 1 -42.71 116.80 -51.55
CA GLY A 1 -43.90 116.31 -50.89
C GLY A 1 -43.78 116.34 -49.38
N TRP A 2 -42.55 116.32 -48.89
CA TRP A 2 -42.29 116.34 -47.44
C TRP A 2 -43.03 117.49 -46.78
N GLN A 3 -43.92 117.16 -45.84
CA GLN A 3 -44.70 118.17 -45.13
C GLN A 3 -44.69 117.90 -43.63
N ALA A 4 -45.19 118.86 -42.87
CA ALA A 4 -45.25 118.72 -41.41
C ALA A 4 -46.01 119.88 -40.78
N PHE A 5 -47.18 119.60 -40.24
CA PHE A 5 -48.00 120.63 -39.60
C PHE A 5 -48.62 120.10 -38.31
N LYS A 6 -48.50 120.89 -37.24
CA LYS A 6 -49.04 120.51 -35.94
C LYS A 6 -49.09 121.71 -35.00
N ASN A 7 -50.22 121.87 -34.31
CA ASN A 7 -50.40 122.98 -33.38
C ASN A 7 -51.51 122.67 -32.39
N ASP A 8 -51.13 122.21 -31.21
CA ASP A 8 -52.10 121.87 -30.16
C ASP A 8 -51.39 121.45 -28.88
N ALA A 9 -52.17 121.03 -27.89
CA ALA A 9 -51.62 120.59 -26.61
C ALA A 9 -52.68 119.86 -25.78
N THR A 10 -52.53 118.55 -25.67
CA THR A 10 -53.47 117.74 -24.90
C THR A 10 -52.74 116.63 -24.14
N GLU A 11 -52.08 117.02 -23.05
CA GLU A 11 -51.34 116.06 -22.23
C GLU A 11 -52.29 115.31 -21.28
N ILE A 12 -51.97 114.06 -21.00
CA ILE A 12 -52.78 113.25 -20.11
C ILE A 12 -51.98 112.77 -18.91
N ILE A 13 -52.05 113.53 -17.81
CA ILE A 13 -51.33 113.18 -16.59
C ILE A 13 -52.27 113.12 -15.40
N PRO A 14 -53.10 112.07 -15.34
CA PRO A 14 -54.06 111.88 -14.26
C PRO A 14 -53.38 111.53 -12.93
N GLU A 15 -54.04 111.84 -11.83
CA GLU A 15 -53.50 111.55 -10.50
C GLU A 15 -53.58 110.06 -10.19
N LEU A 16 -54.57 109.39 -10.78
CA LEU A 16 -54.75 107.96 -10.56
C LEU A 16 -54.78 107.64 -9.07
N GLY A 17 -54.72 106.35 -8.75
CA GLY A 17 -54.75 105.92 -7.36
C GLY A 17 -54.39 104.47 -7.19
N GLU A 18 -53.16 104.12 -7.58
CA GLU A 18 -52.70 102.74 -7.47
C GLU A 18 -51.43 102.66 -6.63
N TYR A 19 -51.59 102.31 -5.35
CA TYR A 19 -50.46 102.20 -4.44
C TYR A 19 -50.64 101.03 -3.48
N PRO A 20 -50.50 99.81 -4.02
CA PRO A 20 -50.64 98.57 -3.23
C PRO A 20 -49.50 98.38 -2.25
N GLU A 21 -49.83 98.03 -1.02
CA GLU A 21 -48.83 97.81 0.02
C GLU A 21 -49.19 96.61 0.87
N PRO A 22 -49.07 95.40 0.29
CA PRO A 22 -49.38 94.15 0.98
C PRO A 22 -48.36 93.83 2.07
N PRO A 23 -48.81 93.88 3.34
CA PRO A 23 -47.96 93.59 4.49
C PRO A 23 -47.58 92.12 4.59
N PRO A 24 -46.60 91.81 5.46
CA PRO A 24 -46.13 90.44 5.66
C PRO A 24 -47.16 89.57 6.36
N GLU A 25 -46.75 88.35 6.72
CA GLU A 25 -47.64 87.42 7.39
C GLU A 25 -46.86 86.46 8.29
N LEU A 26 -45.79 86.96 8.88
CA LEU A 26 -44.95 86.16 9.76
C LEU A 26 -44.52 84.86 9.06
N GLU A 27 -43.40 84.93 8.35
CA GLU A 27 -42.87 83.76 7.64
C GLU A 27 -41.65 83.20 8.34
N ASN A 28 -41.39 81.91 8.13
CA ASN A 28 -40.25 81.25 8.75
C ASN A 28 -40.09 79.83 8.22
N ASN A 29 -38.92 79.25 8.43
CA ASN A 29 -38.63 77.89 7.98
C ASN A 29 -38.37 76.97 9.16
N LYS A 30 -38.23 75.68 8.87
CA LYS A 30 -37.98 74.68 9.90
C LYS A 30 -36.94 73.67 9.44
N THR A 31 -36.15 73.16 10.38
CA THR A 31 -35.11 72.18 10.07
C THR A 31 -35.38 70.85 10.77
N MET A 32 -34.75 69.79 10.28
CA MET A 32 -34.93 68.47 10.86
C MET A 32 -33.59 67.89 11.32
N ASN A 33 -33.60 66.63 11.74
CA ASN A 33 -32.39 65.98 12.20
C ASN A 33 -32.26 64.58 11.60
N ARG A 34 -31.11 63.95 11.81
CA ARG A 34 -30.87 62.61 11.29
C ARG A 34 -30.05 61.78 12.28
N ALA A 35 -29.79 60.53 11.92
CA ALA A 35 -29.03 59.63 12.78
C ALA A 35 -27.88 59.00 12.00
N GLU A 36 -27.11 58.14 12.68
CA GLU A 36 -25.98 57.46 12.06
C GLU A 36 -25.85 56.03 12.56
N ASN A 37 -24.78 55.36 12.15
CA ASN A 37 -24.55 53.98 12.57
C ASN A 37 -23.05 53.67 12.59
N GLY A 38 -22.72 52.41 12.86
CA GLY A 38 -21.32 52.01 12.91
C GLY A 38 -21.08 50.67 12.24
N GLY A 39 -19.94 50.05 12.56
CA GLY A 39 -19.61 48.77 11.96
C GLY A 39 -19.11 47.77 12.99
N ARG A 40 -18.35 46.78 12.53
CA ARG A 40 -17.81 45.76 13.41
C ARG A 40 -16.29 45.73 13.34
N PRO A 41 -15.66 45.13 14.36
CA PRO A 41 -14.20 45.03 14.44
C PRO A 41 -13.64 44.06 13.41
N PRO A 42 -12.31 44.09 13.23
CA PRO A 42 -11.61 43.22 12.28
C PRO A 42 -11.62 41.76 12.72
N HIS A 43 -10.86 40.93 12.01
CA HIS A 43 -10.78 39.50 12.32
C HIS A 43 -9.69 39.24 13.35
N HIS A 44 -9.42 37.96 13.61
CA HIS A 44 -8.40 37.57 14.58
C HIS A 44 -7.41 36.59 13.95
N PRO A 45 -6.23 36.46 14.57
CA PRO A 45 -5.17 35.56 14.11
C PRO A 45 -5.54 34.10 14.30
N PHE A 46 -4.58 33.21 14.07
CA PHE A 46 -4.80 31.78 14.23
C PHE A 46 -3.64 31.13 14.97
N GLU A 47 -3.71 29.80 15.13
CA GLU A 47 -2.67 29.06 15.83
C GLU A 47 -2.08 27.97 14.94
N THR A 48 -1.00 27.35 15.41
CA THR A 48 -0.35 26.28 14.65
C THR A 48 0.53 25.44 15.56
N LYS A 49 0.32 24.12 15.51
CA LYS A 49 1.10 23.19 16.33
C LYS A 49 1.97 22.29 15.45
N ASP A 50 2.82 21.50 16.09
CA ASP A 50 3.70 20.59 15.37
C ASP A 50 4.16 19.46 16.27
N VAL A 51 4.68 18.39 15.66
CA VAL A 51 5.17 17.24 16.41
C VAL A 51 5.81 16.21 15.48
N SER A 52 6.80 15.50 16.00
CA SER A 52 7.50 14.48 15.21
C SER A 52 8.25 13.51 16.13
N GLU A 53 8.55 12.33 15.59
CA GLU A 53 9.26 11.32 16.36
C GLU A 53 10.23 10.55 15.47
N TYR A 54 10.88 9.54 16.05
CA TYR A 54 11.84 8.73 15.32
C TYR A 54 11.31 7.31 15.11
N SER A 55 12.12 6.47 14.47
CA SER A 55 11.73 5.09 14.21
C SER A 55 10.42 5.02 13.43
N CYS A 56 9.87 3.82 13.31
CA CYS A 56 8.61 3.63 12.60
C CYS A 56 7.43 4.15 13.41
N ARG A 57 7.01 5.38 13.12
CA ARG A 57 5.89 5.99 13.82
C ARG A 57 4.61 5.20 13.58
N GLU A 58 3.57 5.53 14.35
CA GLU A 58 2.28 4.86 14.22
C GLU A 58 1.27 5.75 13.50
N LEU A 59 0.82 5.31 12.33
CA LEU A 59 -0.15 6.08 11.55
C LEU A 59 -1.57 5.62 11.86
N HIS A 60 -2.48 6.58 11.97
CA HIS A 60 -3.88 6.28 12.27
C HIS A 60 -4.77 6.73 11.12
N PHE A 61 -5.61 5.82 10.63
CA PHE A 61 -6.53 6.13 9.54
C PHE A 61 -7.95 5.70 9.88
N THR A 62 -8.87 6.65 9.81
CA THR A 62 -10.28 6.39 10.11
C THR A 62 -11.05 6.02 8.85
N ARG A 63 -12.19 5.36 9.04
CA ARG A 63 -13.02 4.94 7.91
C ARG A 63 -14.27 4.22 8.41
N TYR A 64 -15.34 4.31 7.62
CA TYR A 64 -16.60 3.67 7.98
C TYR A 64 -16.67 2.25 7.41
N VAL A 65 -17.20 1.32 8.19
CA VAL A 65 -17.33 -0.06 7.76
C VAL A 65 -18.78 -0.44 7.52
N THR A 66 -19.03 -1.22 6.47
CA THR A 66 -20.38 -1.64 6.12
C THR A 66 -20.37 -3.05 5.54
N ASP A 67 -21.33 -3.86 5.99
CA ASP A 67 -21.44 -5.24 5.52
C ASP A 67 -22.91 -5.64 5.35
N GLY A 68 -23.38 -5.61 4.11
CA GLY A 68 -24.76 -5.97 3.83
C GLY A 68 -25.68 -4.75 3.76
N PRO A 69 -26.98 -4.98 3.95
CA PRO A 69 -27.97 -3.91 3.91
C PRO A 69 -27.87 -2.97 5.10
N CYS A 70 -27.00 -3.31 6.04
CA CYS A 70 -26.80 -2.48 7.23
C CYS A 70 -25.50 -1.68 7.12
N ARG A 71 -25.31 -0.75 8.05
CA ARG A 71 -24.12 0.09 8.05
C ARG A 71 -23.68 0.40 9.49
N SER A 72 -22.38 0.40 9.71
CA SER A 72 -21.83 0.68 11.04
C SER A 72 -22.33 2.02 11.56
N ALA A 73 -22.62 2.09 12.85
CA ALA A 73 -23.11 3.31 13.47
C ALA A 73 -22.00 4.35 13.58
N LYS A 74 -20.79 3.89 13.88
CA LYS A 74 -19.64 4.78 14.02
C LYS A 74 -18.46 4.27 13.20
N PRO A 75 -17.51 5.16 12.91
CA PRO A 75 -16.31 4.83 12.14
C PRO A 75 -15.36 3.92 12.91
N VAL A 76 -14.35 3.41 12.21
CA VAL A 76 -13.37 2.53 12.83
C VAL A 76 -11.95 3.08 12.69
N THR A 77 -11.09 2.77 13.66
CA THR A 77 -9.71 3.24 13.63
C THR A 77 -8.78 2.15 13.13
N GLU A 78 -7.91 2.51 12.18
CA GLU A 78 -6.96 1.56 11.62
C GLU A 78 -5.52 2.05 11.79
N LEU A 79 -4.65 1.17 12.24
CA LEU A 79 -3.25 1.52 12.45
C LEU A 79 -2.39 1.08 11.26
N VAL A 80 -1.38 1.88 10.95
CA VAL A 80 -0.48 1.57 9.84
C VAL A 80 0.98 1.68 10.27
N CYS A 81 1.84 0.89 9.63
CA CYS A 81 3.27 0.89 9.94
C CYS A 81 4.03 1.74 8.94
N SER A 82 4.69 2.79 9.44
CA SER A 82 5.47 3.68 8.58
C SER A 82 6.55 4.40 9.38
N GLY A 83 7.42 5.11 8.67
CA GLY A 83 8.49 5.83 9.34
C GLY A 83 9.86 5.26 9.01
N GLN A 84 10.85 6.14 8.85
CA GLN A 84 12.20 5.72 8.54
C GLN A 84 13.01 5.50 9.81
N CYS A 85 13.90 4.50 9.77
CA CYS A 85 14.73 4.18 10.92
C CYS A 85 16.21 4.42 10.60
N GLY A 86 17.08 4.08 11.55
CA GLY A 86 18.50 4.27 11.35
C GLY A 86 19.33 3.23 12.09
N PRO A 87 20.66 3.37 12.00
CA PRO A 87 21.59 2.45 12.66
C PRO A 87 21.57 2.59 14.18
N ALA A 88 21.94 1.51 14.88
CA ALA A 88 21.97 1.52 16.33
C ALA A 88 22.84 0.39 16.87
N ARG A 89 23.90 0.06 16.13
CA ARG A 89 24.81 -0.99 16.53
C ARG A 89 24.06 -2.27 16.86
N LEU A 90 23.84 -3.11 15.84
CA LEU A 90 23.13 -4.37 16.02
C LEU A 90 23.59 -5.39 14.99
N LEU A 91 24.31 -6.41 15.46
CA LEU A 91 24.80 -7.47 14.58
C LEU A 91 24.19 -8.82 14.95
N PRO A 92 24.21 -9.76 14.01
CA PRO A 92 23.67 -11.10 14.21
C PRO A 92 24.53 -11.93 15.18
N ASN A 93 25.83 -11.87 15.00
CA ASN A 93 26.76 -12.60 15.86
C ASN A 93 27.57 -11.65 16.72
N ALA A 94 27.83 -10.46 16.21
CA ALA A 94 28.59 -9.45 16.93
C ALA A 94 30.03 -9.92 17.17
N ILE A 95 30.92 -9.60 16.25
CA ILE A 95 32.32 -10.00 16.37
C ILE A 95 33.22 -8.77 16.54
N GLY A 96 32.78 -7.64 16.01
CA GLY A 96 33.56 -6.42 16.12
C GLY A 96 33.33 -5.49 14.95
N ARG A 97 34.00 -4.34 14.97
CA ARG A 97 33.87 -3.36 13.90
C ARG A 97 34.59 -3.83 12.63
N GLY A 98 34.04 -3.46 11.48
CA GLY A 98 34.64 -3.86 10.22
C GLY A 98 34.71 -2.71 9.22
N LYS A 99 34.71 -3.04 7.94
CA LYS A 99 34.78 -2.04 6.89
C LYS A 99 33.73 -2.30 5.82
N TRP A 100 32.65 -1.53 5.85
CA TRP A 100 31.57 -1.68 4.88
C TRP A 100 31.14 -3.15 4.77
N TRP A 101 30.89 -3.77 5.91
CA TRP A 101 30.47 -5.17 5.94
C TRP A 101 29.10 -5.34 5.29
N ARG A 102 28.31 -4.27 5.31
CA ARG A 102 26.97 -4.31 4.72
C ARG A 102 27.02 -4.77 3.27
N PRO A 103 25.87 -5.23 2.75
CA PRO A 103 25.77 -5.70 1.37
C PRO A 103 25.90 -4.58 0.35
N SER A 104 25.60 -3.36 0.78
CA SER A 104 25.68 -2.20 -0.09
C SER A 104 25.37 -0.92 0.68
N GLY A 105 24.10 -0.74 1.03
CA GLY A 105 23.68 0.44 1.77
C GLY A 105 22.69 0.13 2.86
N PRO A 106 22.41 1.11 3.72
CA PRO A 106 21.46 0.97 4.83
C PRO A 106 20.03 0.84 4.35
N ASP A 107 19.46 -0.35 4.48
CA ASP A 107 18.09 -0.61 4.05
C ASP A 107 17.43 -1.65 4.95
N PHE A 108 16.70 -1.18 5.95
CA PHE A 108 16.02 -2.07 6.88
C PHE A 108 14.50 -1.90 6.79
N ARG A 109 13.78 -2.66 7.61
CA ARG A 109 12.32 -2.58 7.62
C ARG A 109 11.78 -2.55 9.05
N CYS A 110 10.47 -2.68 9.18
CA CYS A 110 9.83 -2.67 10.50
C CYS A 110 8.92 -3.88 10.67
N ILE A 111 9.13 -4.62 11.76
CA ILE A 111 8.33 -5.80 12.05
C ILE A 111 7.00 -5.41 12.72
N PRO A 112 5.99 -6.27 12.54
CA PRO A 112 4.66 -6.05 13.11
C PRO A 112 4.66 -6.19 14.64
N ASP A 113 3.51 -5.93 15.25
CA ASP A 113 3.37 -6.03 16.70
C ASP A 113 1.96 -6.50 17.08
N ARG A 114 1.66 -6.44 18.36
CA ARG A 114 0.35 -6.86 18.87
C ARG A 114 -0.77 -6.20 18.06
N TYR A 115 -1.84 -6.95 17.83
CA TYR A 115 -2.97 -6.44 17.07
C TYR A 115 -4.12 -6.06 18.00
N ARG A 116 -5.18 -5.49 17.42
CA ARG A 116 -6.34 -5.07 18.20
C ARG A 116 -7.62 -5.26 17.40
N ALA A 117 -8.52 -6.09 17.91
CA ALA A 117 -9.79 -6.36 17.25
C ALA A 117 -10.85 -5.33 17.65
N GLN A 118 -11.32 -4.57 16.66
CA GLN A 118 -12.34 -3.55 16.91
C GLN A 118 -13.71 -4.04 16.50
N ARG A 119 -14.69 -3.89 17.39
CA ARG A 119 -16.05 -4.32 17.12
C ARG A 119 -16.94 -3.12 16.78
N VAL A 120 -17.84 -3.33 15.82
CA VAL A 120 -18.75 -2.27 15.40
C VAL A 120 -20.20 -2.74 15.43
N GLN A 121 -21.13 -1.79 15.37
CA GLN A 121 -22.56 -2.11 15.39
C GLN A 121 -23.25 -1.57 14.15
N LEU A 122 -23.54 -2.45 13.20
CA LEU A 122 -24.21 -2.06 11.97
C LEU A 122 -25.72 -2.10 12.14
N LEU A 123 -26.38 -1.01 11.76
CA LEU A 123 -27.84 -0.92 11.86
C LEU A 123 -28.48 -1.02 10.49
N CYS A 124 -29.70 -1.57 10.45
CA CYS A 124 -30.42 -1.72 9.20
C CYS A 124 -31.69 -0.87 9.20
N PRO A 125 -31.65 0.26 8.50
CA PRO A 125 -32.77 1.19 8.40
C PRO A 125 -33.92 0.61 7.58
N GLY A 126 -34.93 0.07 8.26
CA GLY A 126 -36.07 -0.51 7.58
C GLY A 126 -35.65 -1.51 6.51
N GLY A 127 -35.36 -2.73 6.93
CA GLY A 127 -34.96 -3.77 5.99
C GLY A 127 -34.54 -5.04 6.68
N GLU A 128 -33.83 -4.91 7.80
CA GLU A 128 -33.37 -6.07 8.55
C GLU A 128 -32.94 -5.66 9.96
N ALA A 129 -32.50 -6.65 10.75
CA ALA A 129 -32.06 -6.40 12.11
C ALA A 129 -30.61 -5.96 12.15
N PRO A 130 -30.21 -5.33 13.26
CA PRO A 130 -28.83 -4.86 13.44
C PRO A 130 -27.84 -6.01 13.62
N ARG A 131 -26.62 -5.81 13.13
CA ARG A 131 -25.58 -6.83 13.24
C ARG A 131 -24.22 -6.19 13.52
N ALA A 132 -23.47 -6.81 14.43
CA ALA A 132 -22.15 -6.30 14.80
C ALA A 132 -21.06 -6.98 13.97
N ARG A 133 -19.95 -6.27 13.77
CA ARG A 133 -18.84 -6.80 13.00
C ARG A 133 -17.52 -6.62 13.76
N LYS A 134 -16.56 -7.50 13.49
CA LYS A 134 -15.26 -7.44 14.14
C LYS A 134 -14.15 -7.29 13.11
N VAL A 135 -13.30 -6.27 13.30
CA VAL A 135 -12.20 -6.02 12.39
C VAL A 135 -10.86 -6.07 13.12
N ARG A 136 -9.95 -6.90 12.61
CA ARG A 136 -8.63 -7.05 13.22
C ARG A 136 -7.65 -6.05 12.63
N LEU A 137 -7.34 -5.01 13.40
CA LEU A 137 -6.40 -3.98 12.95
C LEU A 137 -5.18 -3.91 13.87
N VAL A 138 -4.03 -3.67 13.27
CA VAL A 138 -2.78 -3.58 14.02
C VAL A 138 -2.92 -2.62 15.20
N ALA A 139 -2.34 -2.99 16.33
CA ALA A 139 -2.39 -2.16 17.53
C ALA A 139 -1.04 -1.48 17.79
N SER A 140 0.04 -2.17 17.44
CA SER A 140 1.37 -1.64 17.64
C SER A 140 2.29 -2.02 16.49
N CYS A 141 3.51 -1.48 16.49
CA CYS A 141 4.48 -1.76 15.44
C CYS A 141 5.91 -1.54 15.95
N LYS A 142 6.81 -2.41 15.53
CA LYS A 142 8.21 -2.32 15.93
C LYS A 142 9.12 -2.17 14.72
N CYS A 143 10.27 -1.55 14.92
CA CYS A 143 11.23 -1.34 13.85
C CYS A 143 12.47 -2.22 14.04
N LYS A 144 12.60 -3.25 13.21
CA LYS A 144 13.73 -4.17 13.29
C LYS A 144 14.08 -4.72 11.92
N ARG A 145 15.33 -5.13 11.75
CA ARG A 145 15.79 -5.68 10.48
C ARG A 145 15.42 -7.17 10.36
N LEU A 146 15.00 -7.56 9.16
CA LEU A 146 14.61 -8.95 8.92
C LEU A 146 15.24 -9.47 7.64
N THR A 147 15.01 -10.74 7.34
CA THR A 147 15.56 -11.37 6.14
C THR A 147 14.82 -12.66 5.81
N ARG A 148 14.94 -13.09 4.56
CA ARG A 148 14.29 -14.33 4.11
C ARG A 148 15.16 -15.08 3.13
N PHE A 149 14.84 -16.34 2.89
CA PHE A 149 15.59 -17.18 1.98
C PHE A 149 14.70 -18.23 1.32
N HIS A 150 15.23 -18.90 0.31
CA HIS A 150 14.48 -19.93 -0.41
C HIS A 150 15.22 -21.26 -0.36
N ASN A 151 14.61 -22.29 -0.96
CA ASN A 151 15.22 -23.62 -0.99
C ASN A 151 14.94 -24.31 -2.32
N GLN A 152 15.80 -25.27 -2.67
CA GLN A 152 15.65 -26.00 -3.92
C GLN A 152 15.00 -27.35 -3.68
N SER A 153 14.51 -27.97 -4.75
CA SER A 153 13.86 -29.27 -4.65
C SER A 153 14.24 -30.16 -5.83
N GLU A 154 13.72 -31.39 -5.83
CA GLU A 154 14.01 -32.33 -6.91
C GLU A 154 12.84 -33.30 -7.10
N LEU A 155 12.57 -33.66 -8.35
CA LEU A 155 11.49 -34.58 -8.67
C LEU A 155 11.99 -35.74 -9.51
N LYS A 156 11.65 -36.95 -9.10
CA LYS A 156 12.07 -38.16 -9.81
C LYS A 156 10.95 -38.66 -10.72
N ASP A 157 11.13 -39.86 -11.27
CA ASP A 157 10.14 -40.45 -12.15
C ASP A 157 10.36 -41.96 -12.28
N PHE A 158 9.29 -42.67 -12.63
CA PHE A 158 9.37 -44.13 -12.78
C PHE A 158 8.53 -44.59 -13.96
N GLY A 159 8.30 -45.90 -14.04
CA GLY A 159 7.52 -46.46 -15.13
C GLY A 159 7.45 -47.97 -15.08
N THR A 160 6.60 -48.55 -15.92
CA THR A 160 6.45 -50.00 -15.97
C THR A 160 5.94 -50.44 -17.34
N GLU A 161 5.59 -51.72 -17.45
CA GLU A 161 5.10 -52.27 -18.71
C GLU A 161 4.07 -53.36 -18.45
N ALA A 162 3.61 -53.99 -19.53
CA ALA A 162 2.61 -55.06 -19.42
C ALA A 162 2.67 -55.98 -20.64
N ALA A 163 2.66 -57.29 -20.39
CA ALA A 163 2.70 -58.27 -21.46
C ALA A 163 1.32 -58.86 -21.72
N ARG A 164 1.24 -59.79 -22.67
CA ARG A 164 -0.02 -60.44 -23.01
C ARG A 164 0.21 -61.88 -23.44
N PRO A 165 -0.85 -62.70 -23.33
CA PRO A 165 -0.79 -64.12 -23.70
C PRO A 165 -0.66 -64.33 -25.20
N GLN A 166 -0.37 -65.55 -25.60
CA GLN A 166 -0.22 -65.88 -27.01
C GLN A 166 -0.48 -67.36 -27.27
N LYS A 167 -1.30 -67.65 -28.27
CA LYS A 167 -1.63 -69.03 -28.62
C LYS A 167 -1.59 -69.23 -30.12
N GLY A 168 -1.89 -70.46 -30.55
CA GLY A 168 -1.88 -70.77 -31.98
C GLY A 168 -2.21 -72.22 -32.25
N ARG A 169 -2.97 -72.46 -33.31
CA ARG A 169 -3.35 -73.82 -33.68
C ARG A 169 -3.77 -73.89 -35.14
N LYS A 170 -4.06 -75.09 -35.63
CA LYS A 170 -4.47 -75.29 -37.01
C LYS A 170 -5.15 -76.64 -37.19
N PRO A 171 -6.39 -76.76 -36.68
CA PRO A 171 -7.17 -77.99 -36.76
C PRO A 171 -7.63 -78.29 -38.19
N ARG A 172 -7.69 -79.58 -38.52
CA ARG A 172 -8.11 -80.00 -39.86
C ARG A 172 -9.17 -81.10 -39.78
N PRO A 173 -9.95 -81.24 -40.85
CA PRO A 173 -11.02 -82.26 -40.92
C PRO A 173 -10.46 -83.67 -41.02
N ARG A 174 -11.17 -84.62 -40.43
CA ARG A 174 -10.74 -86.02 -40.46
C ARG A 174 -11.95 -86.96 -40.49
N ALA A 175 -12.24 -87.49 -41.67
CA ALA A 175 -13.36 -88.40 -41.84
C ALA A 175 -13.28 -89.12 -43.19
N ARG A 176 -13.91 -90.29 -43.27
CA ARG A 176 -13.91 -91.08 -44.49
C ARG A 176 -15.32 -91.21 -45.05
N SER A 177 -15.46 -91.05 -46.37
CA SER A 177 -16.75 -91.15 -47.02
C SER A 177 -16.76 -92.29 -48.04
N ALA A 178 -17.94 -92.84 -48.29
CA ALA A 178 -18.08 -93.94 -49.25
C ALA A 178 -18.57 -93.42 -50.60
N LYS A 179 -18.62 -94.31 -51.58
CA LYS A 179 -19.07 -93.95 -52.92
C LYS A 179 -20.46 -94.48 -53.18
N ALA A 180 -20.62 -95.79 -53.18
CA ALA A 180 -21.91 -96.43 -53.42
C ALA A 180 -21.86 -97.92 -53.12
N ASN A 181 -23.00 -98.58 -53.23
CA ASN A 181 -23.08 -100.02 -52.98
C ASN A 181 -24.44 -100.57 -53.41
N GLN A 182 -24.51 -101.08 -54.64
CA GLN A 182 -25.75 -101.63 -55.16
C GLN A 182 -25.46 -102.55 -56.34
N ALA A 183 -26.17 -103.68 -56.39
CA ALA A 183 -26.00 -104.64 -57.46
C ALA A 183 -27.02 -105.78 -57.35
N GLU A 184 -27.80 -105.98 -58.41
CA GLU A 184 -28.81 -107.03 -58.41
C GLU A 184 -28.83 -107.74 -59.77
N LEU A 185 -29.56 -108.85 -59.83
CA LEU A 185 -29.66 -109.63 -61.06
C LEU A 185 -31.11 -110.05 -61.32
N GLU A 186 -31.79 -109.32 -62.19
CA GLU A 186 -33.18 -109.61 -62.52
C GLU A 186 -33.34 -109.79 -64.02
N ASN A 187 -34.20 -110.74 -64.40
CA ASN A 187 -34.45 -111.03 -65.81
C ASN A 187 -35.60 -112.01 -65.97
N ALA A 188 -36.45 -111.77 -66.96
CA ALA A 188 -37.59 -112.64 -67.23
C ALA A 188 -38.21 -112.35 -68.59
N TYR A 189 -39.25 -113.10 -68.93
CA TYR A 189 -39.93 -112.92 -70.21
C TYR A 189 -40.82 -111.67 -70.19
N GLY A 1 -18.02 -31.26 -141.70
CA GLY A 1 -17.40 -30.15 -140.98
C GLY A 1 -17.37 -30.39 -139.48
N TRP A 2 -16.28 -29.99 -138.84
CA TRP A 2 -16.13 -30.16 -137.39
C TRP A 2 -17.24 -29.42 -136.65
N GLN A 3 -17.36 -29.71 -135.36
CA GLN A 3 -18.37 -29.08 -134.52
C GLN A 3 -17.82 -28.72 -133.15
N ALA A 4 -18.65 -28.12 -132.31
CA ALA A 4 -18.24 -27.74 -130.96
C ALA A 4 -19.44 -27.43 -130.09
N PHE A 5 -19.18 -26.90 -128.89
CA PHE A 5 -20.24 -26.56 -127.96
C PHE A 5 -19.92 -25.27 -127.21
N LYS A 6 -20.81 -24.88 -126.30
CA LYS A 6 -20.62 -23.68 -125.51
C LYS A 6 -21.69 -23.56 -124.42
N ASN A 7 -22.93 -23.89 -124.79
CA ASN A 7 -24.03 -23.82 -123.84
C ASN A 7 -24.26 -22.39 -123.35
N ASP A 8 -25.32 -22.20 -122.59
CA ASP A 8 -25.64 -20.87 -122.06
C ASP A 8 -24.80 -20.57 -120.82
N ALA A 9 -24.42 -19.30 -120.67
CA ALA A 9 -23.62 -18.87 -119.53
C ALA A 9 -23.83 -17.39 -119.23
N THR A 10 -24.76 -17.09 -118.34
CA THR A 10 -25.06 -15.71 -117.98
C THR A 10 -24.46 -15.37 -116.62
N GLU A 11 -23.27 -15.88 -116.36
CA GLU A 11 -22.59 -15.61 -115.10
C GLU A 11 -23.49 -15.96 -113.91
N ILE A 12 -23.03 -15.63 -112.71
CA ILE A 12 -23.79 -15.90 -111.49
C ILE A 12 -23.94 -14.65 -110.65
N ILE A 13 -25.14 -14.07 -110.65
CA ILE A 13 -25.42 -12.87 -109.88
C ILE A 13 -24.95 -13.01 -108.44
N PRO A 14 -23.88 -12.31 -108.08
CA PRO A 14 -23.30 -12.35 -106.73
C PRO A 14 -24.21 -11.67 -105.71
N GLU A 15 -24.35 -12.29 -104.54
CA GLU A 15 -25.19 -11.75 -103.48
C GLU A 15 -24.78 -12.31 -102.12
N LEU A 16 -24.02 -11.52 -101.36
CA LEU A 16 -23.57 -11.95 -100.04
C LEU A 16 -24.39 -11.27 -98.95
N GLY A 17 -23.95 -11.44 -97.70
CA GLY A 17 -24.66 -10.85 -96.58
C GLY A 17 -23.81 -10.82 -95.32
N GLU A 18 -23.16 -9.69 -95.07
CA GLU A 18 -22.32 -9.54 -93.89
C GLU A 18 -23.02 -8.70 -92.83
N TYR A 19 -23.51 -9.37 -91.79
CA TYR A 19 -24.21 -8.67 -90.71
C TYR A 19 -23.56 -8.98 -89.36
N PRO A 20 -22.34 -8.45 -89.16
CA PRO A 20 -21.59 -8.65 -87.92
C PRO A 20 -22.22 -7.93 -86.73
N GLU A 21 -22.09 -8.51 -85.55
CA GLU A 21 -22.64 -7.91 -84.34
C GLU A 21 -21.72 -8.15 -83.14
N PRO A 22 -20.56 -7.48 -83.15
CA PRO A 22 -19.57 -7.59 -82.08
C PRO A 22 -20.04 -6.96 -80.78
N PRO A 23 -19.32 -7.24 -79.67
CA PRO A 23 -19.66 -6.70 -78.36
C PRO A 23 -19.40 -5.21 -78.25
N PRO A 24 -19.90 -4.59 -77.18
CA PRO A 24 -19.74 -3.15 -76.95
C PRO A 24 -18.31 -2.77 -76.61
N GLU A 25 -17.90 -1.58 -77.01
CA GLU A 25 -16.54 -1.10 -76.76
C GLU A 25 -16.56 0.34 -76.24
N LEU A 26 -16.71 0.50 -74.93
CA LEU A 26 -16.75 1.81 -74.31
C LEU A 26 -16.04 1.80 -72.96
N GLU A 27 -16.30 2.83 -72.16
CA GLU A 27 -15.69 2.93 -70.83
C GLU A 27 -16.47 3.91 -69.95
N ASN A 28 -16.47 3.64 -68.65
CA ASN A 28 -17.17 4.50 -67.70
C ASN A 28 -16.21 5.06 -66.66
N ASN A 29 -16.75 5.83 -65.72
CA ASN A 29 -15.94 6.43 -64.67
C ASN A 29 -16.40 5.96 -63.29
N LYS A 30 -15.45 5.41 -62.52
CA LYS A 30 -15.76 4.92 -61.18
C LYS A 30 -14.87 5.59 -60.14
N THR A 31 -15.48 6.23 -59.16
CA THR A 31 -14.73 6.90 -58.10
C THR A 31 -14.66 6.04 -56.85
N MET A 32 -13.58 6.21 -56.09
CA MET A 32 -13.39 5.44 -54.86
C MET A 32 -12.37 6.12 -53.96
N ASN A 33 -12.65 6.13 -52.66
CA ASN A 33 -11.75 6.75 -51.69
C ASN A 33 -12.14 6.36 -50.27
N ARG A 34 -11.27 6.70 -49.31
CA ARG A 34 -11.53 6.38 -47.91
C ARG A 34 -10.46 7.00 -47.01
N ALA A 35 -10.90 7.71 -45.97
CA ALA A 35 -9.98 8.34 -45.04
C ALA A 35 -10.44 8.16 -43.60
N GLU A 36 -9.50 7.80 -42.72
CA GLU A 36 -9.82 7.59 -41.32
C GLU A 36 -8.87 8.38 -40.42
N ASN A 37 -9.43 9.24 -39.58
CA ASN A 37 -8.64 10.07 -38.67
C ASN A 37 -9.23 10.04 -37.26
N GLY A 38 -8.39 10.36 -36.27
CA GLY A 38 -8.85 10.37 -34.90
C GLY A 38 -7.77 9.93 -33.93
N GLY A 39 -7.47 10.78 -32.95
CA GLY A 39 -6.45 10.46 -31.98
C GLY A 39 -6.42 11.44 -30.82
N ARG A 40 -5.90 11.00 -29.68
CA ARG A 40 -5.83 11.85 -28.50
C ARG A 40 -4.38 11.99 -28.03
N PRO A 41 -4.11 13.07 -27.28
CA PRO A 41 -2.76 13.35 -26.76
C PRO A 41 -2.35 12.36 -25.67
N PRO A 42 -1.05 12.38 -25.32
CA PRO A 42 -0.50 11.49 -24.29
C PRO A 42 -0.99 11.86 -22.88
N HIS A 43 -1.33 10.85 -22.10
CA HIS A 43 -1.82 11.06 -20.74
C HIS A 43 -1.48 9.86 -19.85
N HIS A 44 -0.82 10.13 -18.73
CA HIS A 44 -0.44 9.08 -17.80
C HIS A 44 -0.30 9.63 -16.39
N PRO A 45 -0.42 8.74 -15.38
CA PRO A 45 -0.31 9.12 -13.97
C PRO A 45 1.11 9.50 -13.58
N PHE A 46 1.24 10.23 -12.48
CA PHE A 46 2.54 10.67 -12.01
C PHE A 46 2.84 10.09 -10.62
N GLU A 47 2.09 9.06 -10.25
CA GLU A 47 2.26 8.42 -8.95
C GLU A 47 2.03 9.41 -7.82
N THR A 48 2.25 8.95 -6.59
CA THR A 48 2.04 9.79 -5.42
C THR A 48 3.38 10.22 -4.81
N LYS A 49 3.33 10.74 -3.60
CA LYS A 49 4.54 11.18 -2.90
C LYS A 49 5.07 10.09 -1.99
N ASP A 50 6.36 10.15 -1.67
CA ASP A 50 6.99 9.17 -0.80
C ASP A 50 7.92 9.84 0.20
N VAL A 51 7.70 9.57 1.48
CA VAL A 51 8.51 10.14 2.54
C VAL A 51 8.73 9.15 3.67
N SER A 52 9.78 9.37 4.45
CA SER A 52 10.11 8.49 5.57
C SER A 52 11.07 9.17 6.54
N GLU A 53 10.57 10.16 7.26
CA GLU A 53 11.38 10.89 8.22
C GLU A 53 11.16 10.36 9.64
N TYR A 54 12.08 10.69 10.54
CA TYR A 54 11.99 10.25 11.93
C TYR A 54 11.92 8.73 12.01
N SER A 55 11.83 8.22 13.23
CA SER A 55 11.75 6.77 13.45
C SER A 55 10.42 6.22 12.95
N CYS A 56 10.24 4.91 13.12
CA CYS A 56 9.01 4.26 12.69
C CYS A 56 7.85 4.60 13.62
N ARG A 57 6.99 5.52 13.18
CA ARG A 57 5.84 5.93 13.96
C ARG A 57 4.61 5.14 13.56
N GLU A 58 3.52 5.35 14.31
CA GLU A 58 2.26 4.66 14.04
C GLU A 58 1.19 5.64 13.56
N LEU A 59 0.76 5.47 12.31
CA LEU A 59 -0.26 6.34 11.74
C LEU A 59 -1.65 5.88 12.13
N HIS A 60 -2.61 6.81 12.13
CA HIS A 60 -3.98 6.49 12.48
C HIS A 60 -4.96 6.99 11.41
N PHE A 61 -5.73 6.07 10.84
CA PHE A 61 -6.70 6.41 9.81
C PHE A 61 -8.10 5.96 10.19
N THR A 62 -9.10 6.64 9.65
CA THR A 62 -10.49 6.31 9.94
C THR A 62 -11.28 6.08 8.66
N ARG A 63 -12.41 5.37 8.78
CA ARG A 63 -13.26 5.08 7.63
C ARG A 63 -14.51 4.33 8.06
N TYR A 64 -15.59 4.50 7.29
CA TYR A 64 -16.85 3.84 7.60
C TYR A 64 -16.94 2.49 6.88
N VAL A 65 -17.00 1.42 7.67
CA VAL A 65 -17.09 0.08 7.12
C VAL A 65 -18.56 -0.35 6.97
N THR A 66 -18.83 -1.12 5.92
CA THR A 66 -20.17 -1.60 5.65
C THR A 66 -20.15 -2.98 5.01
N ASP A 67 -20.92 -3.90 5.58
CA ASP A 67 -21.00 -5.27 5.07
C ASP A 67 -22.44 -5.70 4.86
N GLY A 68 -22.91 -5.64 3.61
CA GLY A 68 -24.27 -6.03 3.30
C GLY A 68 -25.20 -4.84 3.24
N PRO A 69 -26.51 -5.10 3.44
CA PRO A 69 -27.53 -4.05 3.42
C PRO A 69 -27.44 -3.12 4.61
N CYS A 70 -26.54 -3.44 5.55
CA CYS A 70 -26.36 -2.63 6.74
C CYS A 70 -25.09 -1.78 6.62
N ARG A 71 -24.98 -0.77 7.47
CA ARG A 71 -23.82 0.13 7.46
C ARG A 71 -23.43 0.52 8.88
N SER A 72 -22.13 0.63 9.12
CA SER A 72 -21.62 1.00 10.44
C SER A 72 -22.17 2.36 10.87
N ALA A 73 -22.64 2.44 12.11
CA ALA A 73 -23.18 3.68 12.64
C ALA A 73 -22.09 4.70 12.90
N LYS A 74 -20.88 4.20 13.22
CA LYS A 74 -19.74 5.07 13.48
C LYS A 74 -18.51 4.60 12.72
N PRO A 75 -17.53 5.50 12.56
CA PRO A 75 -16.29 5.20 11.86
C PRO A 75 -15.40 4.23 12.64
N VAL A 76 -14.49 3.57 11.94
CA VAL A 76 -13.58 2.62 12.57
C VAL A 76 -12.13 3.13 12.53
N THR A 77 -11.40 2.88 13.60
CA THR A 77 -10.00 3.31 13.69
C THR A 77 -9.06 2.23 13.19
N GLU A 78 -8.18 2.58 12.28
CA GLU A 78 -7.22 1.64 11.72
C GLU A 78 -5.79 2.15 11.89
N LEU A 79 -4.94 1.32 12.48
CA LEU A 79 -3.55 1.68 12.71
C LEU A 79 -2.68 1.30 11.51
N VAL A 80 -1.69 2.13 11.20
CA VAL A 80 -0.80 1.88 10.08
C VAL A 80 0.66 2.09 10.49
N CYS A 81 1.57 1.36 9.85
CA CYS A 81 2.99 1.47 10.13
C CYS A 81 3.68 2.37 9.11
N SER A 82 4.61 3.20 9.59
CA SER A 82 5.34 4.11 8.72
C SER A 82 6.63 4.57 9.39
N GLY A 83 7.58 5.03 8.58
CA GLY A 83 8.85 5.50 9.11
C GLY A 83 9.92 4.43 9.12
N GLN A 84 11.11 4.78 9.57
CA GLN A 84 12.23 3.83 9.62
C GLN A 84 13.17 4.17 10.77
N CYS A 85 13.65 3.14 11.45
CA CYS A 85 14.56 3.33 12.58
C CYS A 85 16.01 3.19 12.11
N GLY A 86 16.92 3.85 12.84
CA GLY A 86 18.33 3.79 12.49
C GLY A 86 19.15 3.06 13.54
N PRO A 87 20.48 3.21 13.46
CA PRO A 87 21.41 2.56 14.39
C PRO A 87 21.32 3.16 15.80
N ALA A 88 22.20 2.70 16.69
CA ALA A 88 22.22 3.20 18.06
C ALA A 88 23.35 4.21 18.26
N ARG A 89 23.12 5.44 17.82
CA ARG A 89 24.12 6.50 17.95
C ARG A 89 23.97 7.22 19.28
N LEU A 90 24.86 6.89 20.22
CA LEU A 90 24.83 7.52 21.54
C LEU A 90 25.89 8.61 21.64
N LEU A 91 25.92 9.27 22.80
CA LEU A 91 26.89 10.35 23.03
C LEU A 91 28.31 9.79 23.11
N PRO A 92 29.30 10.68 22.91
CA PRO A 92 30.71 10.30 22.96
C PRO A 92 31.17 9.94 24.37
N ASN A 93 30.38 10.34 25.36
CA ASN A 93 30.71 10.06 26.76
C ASN A 93 30.08 8.75 27.21
N ALA A 94 28.98 8.37 26.56
CA ALA A 94 28.27 7.14 26.90
C ALA A 94 28.08 6.26 25.66
N ILE A 95 29.08 6.26 24.78
CA ILE A 95 29.02 5.46 23.56
C ILE A 95 28.67 4.02 23.87
N GLY A 96 29.13 3.52 25.01
CA GLY A 96 28.85 2.16 25.40
C GLY A 96 29.52 1.14 24.48
N ARG A 97 28.78 0.69 23.48
CA ARG A 97 29.30 -0.29 22.52
C ARG A 97 30.25 0.37 21.53
N GLY A 98 30.75 -0.41 20.59
CA GLY A 98 31.66 0.11 19.58
C GLY A 98 30.97 1.04 18.60
N LYS A 99 31.76 1.91 17.96
CA LYS A 99 31.22 2.86 17.00
C LYS A 99 30.62 2.13 15.80
N TRP A 100 29.84 2.86 15.01
CA TRP A 100 29.20 2.28 13.83
C TRP A 100 29.83 2.81 12.55
N TRP A 101 30.40 1.91 11.76
CA TRP A 101 31.04 2.31 10.50
C TRP A 101 30.84 1.24 9.43
N ARG A 102 29.76 0.46 9.58
CA ARG A 102 29.46 -0.59 8.62
C ARG A 102 29.45 -0.05 7.19
N PRO A 103 29.65 -0.95 6.22
CA PRO A 103 29.68 -0.60 4.80
C PRO A 103 28.30 -0.21 4.28
N SER A 104 27.26 -0.62 5.00
CA SER A 104 25.89 -0.33 4.60
C SER A 104 25.55 -0.98 3.26
N GLY A 105 24.26 -1.11 2.98
CA GLY A 105 23.83 -1.70 1.73
C GLY A 105 22.37 -2.10 1.75
N PRO A 106 22.05 -3.16 2.52
CA PRO A 106 20.68 -3.66 2.64
C PRO A 106 19.77 -2.71 3.41
N ASP A 107 18.66 -2.34 2.80
CA ASP A 107 17.71 -1.42 3.43
C ASP A 107 17.02 -2.09 4.62
N PHE A 108 16.54 -1.27 5.56
CA PHE A 108 15.87 -1.79 6.74
C PHE A 108 14.36 -1.55 6.66
N ARG A 109 13.60 -2.32 7.42
CA ARG A 109 12.15 -2.19 7.44
C ARG A 109 11.62 -2.22 8.87
N CYS A 110 10.29 -2.29 9.00
CA CYS A 110 9.65 -2.33 10.30
C CYS A 110 8.75 -3.54 10.43
N ILE A 111 8.98 -4.33 11.48
CA ILE A 111 8.20 -5.54 11.73
C ILE A 111 6.89 -5.20 12.43
N PRO A 112 5.88 -6.05 12.24
CA PRO A 112 4.56 -5.87 12.85
C PRO A 112 4.58 -6.08 14.36
N ASP A 113 3.44 -5.86 15.00
CA ASP A 113 3.33 -6.03 16.45
C ASP A 113 1.94 -6.52 16.84
N ARG A 114 1.67 -6.53 18.13
CA ARG A 114 0.37 -6.98 18.63
C ARG A 114 -0.77 -6.29 17.90
N TYR A 115 -1.86 -7.01 17.70
CA TYR A 115 -3.02 -6.46 17.00
C TYR A 115 -4.16 -6.16 17.97
N ARG A 116 -5.23 -5.57 17.46
CA ARG A 116 -6.38 -5.22 18.29
C ARG A 116 -7.69 -5.47 17.52
N ALA A 117 -8.48 -6.40 18.03
CA ALA A 117 -9.76 -6.73 17.40
C ALA A 117 -10.87 -5.82 17.91
N GLN A 118 -11.44 -5.02 17.01
CA GLN A 118 -12.51 -4.10 17.37
C GLN A 118 -13.85 -4.58 16.80
N ARG A 119 -14.92 -4.32 17.54
CA ARG A 119 -16.26 -4.72 17.11
C ARG A 119 -17.09 -3.50 16.74
N VAL A 120 -17.57 -3.46 15.50
CA VAL A 120 -18.39 -2.35 15.02
C VAL A 120 -19.86 -2.76 14.93
N GLN A 121 -20.73 -1.77 15.06
CA GLN A 121 -22.17 -2.01 15.00
C GLN A 121 -22.76 -1.47 13.70
N LEU A 122 -23.27 -2.37 12.86
CA LEU A 122 -23.86 -1.98 11.59
C LEU A 122 -25.38 -1.95 11.68
N LEU A 123 -25.99 -0.88 11.18
CA LEU A 123 -27.44 -0.74 11.21
C LEU A 123 -28.05 -1.11 9.86
N CYS A 124 -29.24 -1.69 9.90
CA CYS A 124 -29.92 -2.09 8.67
C CYS A 124 -31.23 -1.31 8.50
N PRO A 125 -31.66 -1.16 7.25
CA PRO A 125 -32.90 -0.45 6.92
C PRO A 125 -34.16 -1.19 7.37
N GLY A 126 -35.32 -0.71 6.95
CA GLY A 126 -36.57 -1.35 7.33
C GLY A 126 -36.68 -1.56 8.82
N GLY A 127 -36.84 -2.81 9.23
CA GLY A 127 -36.97 -3.12 10.65
C GLY A 127 -36.01 -4.20 11.09
N GLU A 128 -34.99 -4.46 10.28
CA GLU A 128 -34.00 -5.48 10.59
C GLU A 128 -33.07 -5.03 11.72
N ALA A 129 -32.59 -5.97 12.51
CA ALA A 129 -31.69 -5.67 13.62
C ALA A 129 -30.28 -5.39 13.12
N PRO A 130 -29.48 -4.71 13.95
CA PRO A 130 -28.09 -4.37 13.62
C PRO A 130 -27.19 -5.60 13.60
N ARG A 131 -26.19 -5.57 12.72
CA ARG A 131 -25.25 -6.69 12.61
C ARG A 131 -23.85 -6.27 13.04
N ALA A 132 -23.38 -6.81 14.16
CA ALA A 132 -22.06 -6.49 14.68
C ALA A 132 -20.98 -7.24 13.91
N ARG A 133 -19.95 -6.51 13.49
CA ARG A 133 -18.85 -7.12 12.75
C ARG A 133 -17.52 -6.85 13.45
N LYS A 134 -16.61 -7.83 13.36
CA LYS A 134 -15.30 -7.71 13.99
C LYS A 134 -14.24 -7.31 12.96
N VAL A 135 -13.29 -6.49 13.39
CA VAL A 135 -12.22 -6.03 12.50
C VAL A 135 -10.87 -6.08 13.21
N ARG A 136 -9.98 -6.93 12.70
CA ARG A 136 -8.65 -7.07 13.29
C ARG A 136 -7.69 -6.05 12.69
N LEU A 137 -7.37 -5.03 13.47
CA LEU A 137 -6.45 -3.99 13.01
C LEU A 137 -5.20 -3.94 13.89
N VAL A 138 -4.07 -3.60 13.27
CA VAL A 138 -2.81 -3.52 14.00
C VAL A 138 -2.94 -2.65 15.24
N ALA A 139 -2.31 -3.07 16.32
CA ALA A 139 -2.36 -2.33 17.58
C ALA A 139 -1.02 -1.63 17.86
N SER A 140 0.07 -2.25 17.43
CA SER A 140 1.40 -1.69 17.64
C SER A 140 2.30 -1.98 16.44
N CYS A 141 3.53 -1.50 16.51
CA CYS A 141 4.50 -1.72 15.44
C CYS A 141 5.93 -1.55 15.95
N LYS A 142 6.82 -2.40 15.46
CA LYS A 142 8.22 -2.35 15.86
C LYS A 142 9.13 -2.15 14.65
N CYS A 143 10.30 -1.57 14.89
CA CYS A 143 11.26 -1.31 13.82
C CYS A 143 12.56 -2.07 14.07
N LYS A 144 12.86 -3.04 13.22
CA LYS A 144 14.08 -3.83 13.35
C LYS A 144 14.58 -4.28 11.98
N ARG A 145 15.88 -4.58 11.90
CA ARG A 145 16.48 -5.02 10.64
C ARG A 145 15.81 -6.29 10.13
N LEU A 146 15.83 -6.48 8.82
CA LEU A 146 15.23 -7.65 8.20
C LEU A 146 16.10 -8.19 7.07
N THR A 147 15.97 -9.48 6.79
CA THR A 147 16.74 -10.11 5.74
C THR A 147 16.05 -11.36 5.21
N ARG A 148 16.20 -11.62 3.91
CA ARG A 148 15.57 -12.79 3.29
C ARG A 148 16.53 -13.44 2.29
N PHE A 149 16.05 -14.49 1.63
CA PHE A 149 16.86 -15.21 0.66
C PHE A 149 15.99 -15.77 -0.46
N HIS A 150 16.58 -16.62 -1.30
CA HIS A 150 15.87 -17.23 -2.41
C HIS A 150 16.15 -18.73 -2.48
N ASN A 151 15.33 -19.45 -3.22
CA ASN A 151 15.50 -20.89 -3.38
C ASN A 151 14.47 -21.46 -4.36
N GLN A 152 14.78 -22.62 -4.91
CA GLN A 152 13.88 -23.28 -5.87
C GLN A 152 14.39 -24.67 -6.22
N SER A 153 13.68 -25.34 -7.12
CA SER A 153 14.06 -26.68 -7.55
C SER A 153 13.63 -26.93 -8.99
N GLU A 154 13.95 -28.12 -9.49
CA GLU A 154 13.60 -28.49 -10.86
C GLU A 154 13.71 -30.00 -11.07
N LEU A 155 12.87 -30.53 -11.95
CA LEU A 155 12.87 -31.97 -12.23
C LEU A 155 13.22 -32.23 -13.70
N LYS A 156 13.23 -33.50 -14.08
CA LYS A 156 13.54 -33.89 -15.45
C LYS A 156 12.95 -35.25 -15.78
N ASP A 157 13.20 -35.73 -17.00
CA ASP A 157 12.70 -37.03 -17.42
C ASP A 157 13.20 -37.35 -18.83
N PHE A 158 13.47 -38.64 -19.07
CA PHE A 158 13.97 -39.08 -20.36
C PHE A 158 13.56 -40.53 -20.63
N GLY A 159 12.90 -40.75 -21.75
CA GLY A 159 12.45 -42.09 -22.11
C GLY A 159 12.67 -42.41 -23.58
N THR A 160 11.85 -43.30 -24.11
CA THR A 160 11.95 -43.69 -25.52
C THR A 160 10.63 -44.25 -26.04
N GLU A 161 10.66 -44.80 -27.24
CA GLU A 161 9.46 -45.37 -27.85
C GLU A 161 9.76 -46.73 -28.47
N ALA A 162 8.70 -47.49 -28.74
CA ALA A 162 8.85 -48.82 -29.34
C ALA A 162 8.01 -48.95 -30.61
N ALA A 163 8.53 -49.69 -31.57
CA ALA A 163 7.83 -49.90 -32.83
C ALA A 163 8.05 -51.32 -33.36
N ARG A 164 7.08 -51.83 -34.09
CA ARG A 164 7.17 -53.17 -34.65
C ARG A 164 5.92 -53.52 -35.46
N PRO A 165 5.76 -52.85 -36.62
CA PRO A 165 4.62 -53.06 -37.50
C PRO A 165 4.66 -54.43 -38.19
N GLN A 166 3.68 -54.67 -39.07
CA GLN A 166 3.61 -55.95 -39.78
C GLN A 166 3.02 -55.75 -41.17
N LYS A 167 3.51 -56.52 -42.13
CA LYS A 167 3.03 -56.44 -43.50
C LYS A 167 3.33 -57.72 -44.26
N GLY A 168 2.54 -57.98 -45.30
CA GLY A 168 2.74 -59.18 -46.10
C GLY A 168 1.83 -59.23 -47.31
N ARG A 169 2.32 -59.83 -48.39
CA ARG A 169 1.55 -59.94 -49.62
C ARG A 169 2.03 -61.12 -50.46
N LYS A 170 1.10 -61.73 -51.20
CA LYS A 170 1.41 -62.87 -52.05
C LYS A 170 0.91 -62.65 -53.47
N PRO A 171 1.56 -61.73 -54.19
CA PRO A 171 1.18 -61.42 -55.57
C PRO A 171 1.51 -62.55 -56.54
N ARG A 172 0.53 -62.93 -57.36
CA ARG A 172 0.71 -64.01 -58.33
C ARG A 172 0.43 -63.51 -59.74
N PRO A 173 0.95 -64.26 -60.74
CA PRO A 173 0.77 -63.92 -62.15
C PRO A 173 -0.66 -64.10 -62.61
N ARG A 174 -1.04 -63.39 -63.67
CA ARG A 174 -2.39 -63.48 -64.22
C ARG A 174 -2.37 -63.93 -65.67
N ALA A 175 -2.19 -65.22 -65.87
CA ALA A 175 -2.14 -65.79 -67.22
C ALA A 175 -3.54 -65.85 -67.84
N ARG A 176 -3.58 -65.94 -69.16
CA ARG A 176 -4.86 -66.01 -69.88
C ARG A 176 -4.84 -67.10 -70.94
N SER A 177 -5.88 -67.93 -70.94
CA SER A 177 -5.97 -69.03 -71.90
C SER A 177 -6.50 -68.53 -73.24
N ALA A 178 -5.94 -69.07 -74.33
CA ALA A 178 -6.36 -68.68 -75.67
C ALA A 178 -5.87 -69.68 -76.70
N LYS A 179 -6.68 -69.93 -77.72
CA LYS A 179 -6.34 -70.86 -78.77
C LYS A 179 -7.41 -70.89 -79.86
N ALA A 180 -7.00 -71.16 -81.10
CA ALA A 180 -7.92 -71.21 -82.22
C ALA A 180 -7.62 -72.41 -83.12
N ASN A 181 -8.42 -72.57 -84.17
CA ASN A 181 -8.24 -73.68 -85.10
C ASN A 181 -8.91 -73.37 -86.44
N GLN A 182 -8.41 -74.00 -87.50
CA GLN A 182 -8.96 -73.79 -88.84
C GLN A 182 -9.37 -75.13 -89.47
N ALA A 183 -10.18 -75.06 -90.52
CA ALA A 183 -10.64 -76.26 -91.21
C ALA A 183 -10.59 -76.06 -92.72
N GLU A 184 -11.00 -77.09 -93.46
CA GLU A 184 -11.00 -77.03 -94.91
C GLU A 184 -12.41 -77.21 -95.47
N LEU A 185 -12.53 -77.19 -96.79
CA LEU A 185 -13.83 -77.35 -97.45
C LEU A 185 -13.66 -77.86 -98.87
N GLU A 186 -13.23 -79.12 -98.99
CA GLU A 186 -13.03 -79.72 -100.31
C GLU A 186 -13.38 -81.21 -100.27
N ASN A 187 -14.06 -81.67 -101.31
CA ASN A 187 -14.45 -83.08 -101.40
C ASN A 187 -13.78 -83.75 -102.59
N ALA A 188 -13.94 -83.18 -103.77
CA ALA A 188 -13.34 -83.72 -104.98
C ALA A 188 -12.86 -82.61 -105.90
N TYR A 189 -13.79 -81.84 -106.43
CA TYR A 189 -13.47 -80.74 -107.34
C TYR A 189 -13.91 -79.40 -106.75
N GLY A 1 75.12 129.64 -4.73
CA GLY A 1 74.63 128.67 -5.67
C GLY A 1 73.11 128.54 -5.63
N TRP A 2 72.46 128.75 -6.77
CA TRP A 2 71.01 128.64 -6.85
C TRP A 2 70.60 127.56 -7.84
N GLN A 3 69.54 126.83 -7.51
CA GLN A 3 69.04 125.77 -8.37
C GLN A 3 67.51 125.78 -8.43
N ALA A 4 66.96 125.21 -9.49
CA ALA A 4 65.52 125.15 -9.67
C ALA A 4 65.01 123.71 -9.67
N PHE A 5 63.70 123.55 -9.80
CA PHE A 5 63.10 122.22 -9.81
C PHE A 5 61.91 122.18 -10.76
N LYS A 6 61.87 121.16 -11.61
CA LYS A 6 60.78 121.00 -12.57
C LYS A 6 60.55 119.53 -12.90
N ASN A 7 59.47 118.98 -12.37
CA ASN A 7 59.13 117.57 -12.60
C ASN A 7 57.67 117.42 -13.03
N ASP A 8 57.46 116.85 -14.20
CA ASP A 8 56.13 116.65 -14.74
C ASP A 8 56.16 115.82 -16.01
N ALA A 9 56.03 114.50 -15.87
CA ALA A 9 56.05 113.60 -17.00
C ALA A 9 54.63 113.25 -17.46
N THR A 10 53.89 114.26 -17.91
CA THR A 10 52.52 114.06 -18.37
C THR A 10 52.34 114.57 -19.79
N GLU A 11 52.63 113.71 -20.76
CA GLU A 11 52.49 114.07 -22.17
C GLU A 11 51.26 113.43 -22.78
N ILE A 12 51.08 113.62 -24.08
CA ILE A 12 49.95 113.05 -24.79
C ILE A 12 50.36 111.85 -25.62
N ILE A 13 50.18 110.66 -25.06
CA ILE A 13 50.53 109.42 -25.75
C ILE A 13 49.35 108.47 -25.80
N PRO A 14 48.35 108.80 -26.62
CA PRO A 14 47.14 107.97 -26.78
C PRO A 14 47.43 106.67 -27.51
N GLU A 15 47.04 105.56 -26.89
CA GLU A 15 47.26 104.23 -27.48
C GLU A 15 45.94 103.46 -27.56
N LEU A 16 46.05 102.14 -27.68
CA LEU A 16 44.88 101.28 -27.76
C LEU A 16 43.97 101.47 -26.56
N GLY A 17 42.67 101.59 -26.80
CA GLY A 17 41.71 101.77 -25.73
C GLY A 17 40.34 101.28 -26.09
N GLU A 18 40.25 100.03 -26.53
CA GLU A 18 38.98 99.44 -26.92
C GLU A 18 38.74 98.11 -26.19
N TYR A 19 37.49 97.85 -25.84
CA TYR A 19 37.14 96.61 -25.14
C TYR A 19 36.12 95.81 -25.92
N PRO A 20 36.58 95.19 -27.02
CA PRO A 20 35.72 94.38 -27.89
C PRO A 20 35.29 93.08 -27.22
N GLU A 21 34.26 93.17 -26.38
CA GLU A 21 33.76 91.99 -25.68
C GLU A 21 32.26 91.81 -25.93
N PRO A 22 31.92 91.37 -27.15
CA PRO A 22 30.52 91.15 -27.55
C PRO A 22 29.91 89.95 -26.84
N PRO A 23 28.57 89.83 -26.95
CA PRO A 23 27.83 88.73 -26.32
C PRO A 23 28.10 87.39 -26.99
N PRO A 24 27.68 86.29 -26.34
CA PRO A 24 27.87 84.94 -26.85
C PRO A 24 27.01 84.66 -28.09
N GLU A 25 27.20 83.49 -28.69
CA GLU A 25 26.44 83.10 -29.87
C GLU A 25 26.32 81.58 -29.97
N LEU A 26 26.12 80.93 -28.82
CA LEU A 26 25.99 79.48 -28.79
C LEU A 26 24.65 79.07 -28.18
N GLU A 27 23.59 79.77 -28.57
CA GLU A 27 22.26 79.48 -28.06
C GLU A 27 21.60 78.38 -28.88
N ASN A 28 20.74 77.60 -28.23
CA ASN A 28 20.04 76.50 -28.91
C ASN A 28 18.95 75.94 -28.01
N ASN A 29 17.70 76.22 -28.37
CA ASN A 29 16.55 75.74 -27.60
C ASN A 29 16.10 74.37 -28.09
N LYS A 30 16.36 73.35 -27.29
CA LYS A 30 15.98 71.99 -27.64
C LYS A 30 15.84 71.12 -26.38
N THR A 31 14.96 70.13 -26.46
CA THR A 31 14.73 69.23 -25.34
C THR A 31 13.82 68.07 -25.73
N MET A 32 14.41 66.90 -25.96
CA MET A 32 13.65 65.72 -26.35
C MET A 32 14.23 64.47 -25.71
N ASN A 33 13.41 63.77 -24.92
CA ASN A 33 13.84 62.55 -24.25
C ASN A 33 12.67 61.84 -23.60
N ARG A 34 12.88 60.60 -23.18
CA ARG A 34 11.84 59.80 -22.54
C ARG A 34 12.45 58.69 -21.69
N ALA A 35 11.73 58.31 -20.64
CA ALA A 35 12.20 57.25 -19.75
C ALA A 35 11.05 56.33 -19.33
N GLU A 36 11.38 55.07 -19.08
CA GLU A 36 10.36 54.10 -18.67
C GLU A 36 10.94 53.11 -17.65
N ASN A 37 10.06 52.32 -17.05
CA ASN A 37 10.47 51.34 -16.05
C ASN A 37 9.71 50.04 -16.22
N GLY A 38 10.21 48.97 -15.60
CA GLY A 38 9.55 47.68 -15.69
C GLY A 38 10.24 46.62 -14.85
N GLY A 39 9.87 46.54 -13.57
CA GLY A 39 10.48 45.56 -12.70
C GLY A 39 9.54 45.14 -11.58
N ARG A 40 8.75 44.10 -11.83
CA ARG A 40 7.80 43.60 -10.84
C ARG A 40 7.68 42.08 -10.92
N PRO A 41 8.73 41.38 -10.47
CA PRO A 41 8.77 39.91 -10.48
C PRO A 41 7.80 39.30 -9.48
N PRO A 42 7.58 37.99 -9.58
CA PRO A 42 6.68 37.25 -8.69
C PRO A 42 7.24 37.13 -7.28
N HIS A 43 6.39 37.38 -6.28
CA HIS A 43 6.80 37.30 -4.89
C HIS A 43 5.95 36.28 -4.14
N HIS A 44 6.58 35.21 -3.67
CA HIS A 44 5.88 34.17 -2.93
C HIS A 44 6.70 33.73 -1.72
N PRO A 45 6.01 33.15 -0.72
CA PRO A 45 6.65 32.67 0.52
C PRO A 45 7.51 31.44 0.28
N PHE A 46 8.29 31.06 1.29
CA PHE A 46 9.16 29.90 1.19
C PHE A 46 9.32 29.22 2.54
N GLU A 47 9.41 27.89 2.53
CA GLU A 47 9.56 27.12 3.75
C GLU A 47 9.82 25.65 3.44
N THR A 48 10.43 24.95 4.39
CA THR A 48 10.72 23.54 4.22
C THR A 48 10.35 22.74 5.46
N LYS A 49 9.06 22.63 5.73
CA LYS A 49 8.57 21.89 6.89
C LYS A 49 8.46 20.39 6.58
N ASP A 50 8.76 19.57 7.58
CA ASP A 50 8.69 18.13 7.41
C ASP A 50 8.98 17.41 8.73
N VAL A 51 8.46 16.20 8.87
CA VAL A 51 8.66 15.42 10.08
C VAL A 51 9.12 14.00 9.75
N SER A 52 10.42 13.85 9.51
CA SER A 52 11.00 12.55 9.18
C SER A 52 11.55 11.87 10.42
N GLU A 53 11.00 10.70 10.74
CA GLU A 53 11.44 9.94 11.92
C GLU A 53 12.42 8.83 11.51
N TYR A 54 12.92 8.12 12.51
CA TYR A 54 13.86 7.04 12.26
C TYR A 54 13.17 5.68 12.34
N SER A 55 12.08 5.63 13.10
CA SER A 55 11.33 4.39 13.27
C SER A 55 10.04 4.43 12.44
N CYS A 56 9.17 3.44 12.68
CA CYS A 56 7.90 3.37 11.95
C CYS A 56 6.78 4.02 12.75
N ARG A 57 6.45 5.25 12.38
CA ARG A 57 5.39 5.99 13.07
C ARG A 57 4.04 5.28 12.92
N GLU A 58 3.17 5.46 13.91
CA GLU A 58 1.86 4.85 13.88
C GLU A 58 0.86 5.69 13.09
N LEU A 59 0.30 5.12 12.04
CA LEU A 59 -0.66 5.82 11.20
C LEU A 59 -2.09 5.43 11.56
N HIS A 60 -2.81 6.33 12.22
CA HIS A 60 -4.18 6.08 12.62
C HIS A 60 -5.15 6.39 11.48
N PHE A 61 -5.83 5.36 10.99
CA PHE A 61 -6.78 5.52 9.90
C PHE A 61 -8.21 5.39 10.41
N THR A 62 -8.95 6.50 10.34
CA THR A 62 -10.33 6.52 10.80
C THR A 62 -11.30 6.62 9.61
N ARG A 63 -12.22 5.67 9.52
CA ARG A 63 -13.20 5.66 8.44
C ARG A 63 -14.44 4.86 8.84
N TYR A 64 -15.51 5.03 8.08
CA TYR A 64 -16.76 4.34 8.35
C TYR A 64 -16.82 3.00 7.62
N VAL A 65 -16.87 1.91 8.38
CA VAL A 65 -16.93 0.58 7.81
C VAL A 65 -18.37 0.19 7.46
N THR A 66 -18.53 -0.58 6.38
CA THR A 66 -19.84 -1.02 5.95
C THR A 66 -19.77 -2.37 5.25
N ASP A 67 -20.56 -3.32 5.71
CA ASP A 67 -20.59 -4.65 5.13
C ASP A 67 -22.02 -5.10 4.83
N GLY A 68 -22.42 -5.00 3.57
CA GLY A 68 -23.76 -5.39 3.19
C GLY A 68 -24.73 -4.22 3.18
N PRO A 69 -26.02 -4.52 3.32
CA PRO A 69 -27.07 -3.50 3.33
C PRO A 69 -27.04 -2.64 4.59
N CYS A 70 -26.18 -3.02 5.53
CA CYS A 70 -26.05 -2.28 6.78
C CYS A 70 -24.80 -1.42 6.78
N ARG A 71 -24.77 -0.42 7.65
CA ARG A 71 -23.62 0.47 7.75
C ARG A 71 -23.28 0.76 9.20
N SER A 72 -21.98 0.87 9.49
CA SER A 72 -21.52 1.13 10.85
C SER A 72 -22.09 2.45 11.36
N ALA A 73 -22.58 2.43 12.60
CA ALA A 73 -23.16 3.62 13.21
C ALA A 73 -22.06 4.61 13.60
N LYS A 74 -20.85 4.11 13.79
CA LYS A 74 -19.71 4.97 14.16
C LYS A 74 -18.46 4.55 13.40
N PRO A 75 -17.47 5.46 13.33
CA PRO A 75 -16.21 5.21 12.64
C PRO A 75 -15.34 4.19 13.36
N VAL A 76 -14.48 3.51 12.61
CA VAL A 76 -13.60 2.51 13.19
C VAL A 76 -12.14 2.97 13.16
N THR A 77 -11.50 2.96 14.31
CA THR A 77 -10.11 3.39 14.41
C THR A 77 -9.16 2.21 14.23
N GLU A 78 -8.49 2.18 13.08
CA GLU A 78 -7.55 1.11 12.78
C GLU A 78 -6.11 1.63 12.75
N LEU A 79 -5.20 0.90 13.39
CA LEU A 79 -3.80 1.28 13.44
C LEU A 79 -3.01 0.64 12.30
N VAL A 80 -2.27 1.45 11.58
CA VAL A 80 -1.45 0.96 10.46
C VAL A 80 0.03 1.15 10.73
N CYS A 81 0.84 0.28 10.15
CA CYS A 81 2.30 0.35 10.33
C CYS A 81 2.95 1.05 9.14
N SER A 82 3.67 2.13 9.42
CA SER A 82 4.35 2.90 8.37
C SER A 82 5.46 3.76 8.97
N GLY A 83 6.25 4.38 8.09
CA GLY A 83 7.33 5.23 8.54
C GLY A 83 8.67 4.83 7.94
N GLN A 84 9.32 5.77 7.26
CA GLN A 84 10.61 5.51 6.64
C GLN A 84 11.68 5.27 7.71
N CYS A 85 12.23 4.06 7.71
CA CYS A 85 13.27 3.70 8.68
C CYS A 85 14.65 3.78 8.04
N GLY A 86 15.55 4.50 8.68
CA GLY A 86 16.90 4.65 8.17
C GLY A 86 17.94 4.65 9.26
N PRO A 87 19.22 4.56 8.87
CA PRO A 87 20.34 4.54 9.81
C PRO A 87 20.56 5.89 10.48
N ALA A 88 20.66 5.89 11.81
CA ALA A 88 20.88 7.11 12.56
C ALA A 88 21.01 6.82 14.05
N ARG A 89 22.15 6.25 14.44
CA ARG A 89 22.41 5.91 15.84
C ARG A 89 23.76 6.47 16.29
N LEU A 90 23.98 6.46 17.59
CA LEU A 90 25.23 6.96 18.16
C LEU A 90 25.48 6.37 19.54
N LEU A 91 26.50 5.52 19.64
CA LEU A 91 26.85 4.89 20.90
C LEU A 91 27.98 5.64 21.60
N PRO A 92 28.13 5.41 22.91
CA PRO A 92 29.18 6.05 23.71
C PRO A 92 30.57 5.54 23.37
N ASN A 93 30.67 4.22 23.16
CA ASN A 93 31.94 3.60 22.84
C ASN A 93 31.80 2.68 21.63
N ALA A 94 31.09 1.57 21.82
CA ALA A 94 30.87 0.62 20.74
C ALA A 94 32.18 0.01 20.28
N ILE A 95 32.63 -1.04 20.98
CA ILE A 95 33.88 -1.71 20.63
C ILE A 95 33.61 -3.00 19.86
N GLY A 96 32.46 -3.61 20.12
CA GLY A 96 32.11 -4.84 19.43
C GLY A 96 31.15 -4.61 18.28
N ARG A 97 31.65 -4.74 17.06
CA ARG A 97 30.83 -4.55 15.87
C ARG A 97 30.11 -3.20 15.92
N GLY A 98 30.83 -2.13 15.63
CA GLY A 98 30.25 -0.80 15.65
C GLY A 98 29.72 -0.38 14.30
N LYS A 99 30.49 0.43 13.59
CA LYS A 99 30.09 0.91 12.26
C LYS A 99 29.95 -0.25 11.29
N TRP A 100 29.67 0.08 10.02
CA TRP A 100 29.52 -0.94 8.99
C TRP A 100 30.55 -0.76 7.88
N TRP A 101 30.39 -1.49 6.80
CA TRP A 101 31.31 -1.41 5.68
C TRP A 101 30.57 -1.52 4.34
N ARG A 102 29.72 -2.54 4.23
CA ARG A 102 28.95 -2.76 3.01
C ARG A 102 27.80 -1.76 2.92
N PRO A 103 27.26 -1.58 1.70
CA PRO A 103 26.15 -0.67 1.44
C PRO A 103 24.85 -1.15 2.05
N SER A 104 23.79 -0.36 1.90
CA SER A 104 22.49 -0.71 2.44
C SER A 104 22.54 -0.86 3.95
N GLY A 105 21.38 -1.08 4.56
CA GLY A 105 21.31 -1.23 6.00
C GLY A 105 20.11 -2.05 6.45
N PRO A 106 18.93 -1.43 6.42
CA PRO A 106 17.68 -2.09 6.81
C PRO A 106 17.26 -3.18 5.83
N ASP A 107 16.56 -4.19 6.33
CA ASP A 107 16.10 -5.29 5.49
C ASP A 107 14.76 -4.95 4.83
N PHE A 108 13.73 -4.78 5.66
CA PHE A 108 12.40 -4.45 5.16
C PHE A 108 12.03 -3.01 5.53
N ARG A 109 11.72 -2.79 6.80
CA ARG A 109 11.34 -1.47 7.28
C ARG A 109 11.05 -1.49 8.77
N CYS A 110 10.01 -2.20 9.17
CA CYS A 110 9.63 -2.30 10.57
C CYS A 110 8.84 -3.58 10.83
N ILE A 111 9.13 -4.23 11.95
CA ILE A 111 8.46 -5.47 12.32
C ILE A 111 7.13 -5.18 13.00
N PRO A 112 6.13 -6.06 12.76
CA PRO A 112 4.79 -5.92 13.34
C PRO A 112 4.79 -6.17 14.84
N ASP A 113 3.62 -5.99 15.46
CA ASP A 113 3.49 -6.20 16.89
C ASP A 113 2.11 -6.77 17.23
N ARG A 114 1.79 -6.82 18.51
CA ARG A 114 0.51 -7.34 18.97
C ARG A 114 -0.64 -6.69 18.20
N TYR A 115 -1.68 -7.47 17.93
CA TYR A 115 -2.84 -6.97 17.20
C TYR A 115 -4.02 -6.76 18.14
N ARG A 116 -4.85 -5.76 17.83
CA ARG A 116 -6.03 -5.46 18.65
C ARG A 116 -7.27 -5.35 17.78
N ALA A 117 -8.20 -6.29 17.97
CA ALA A 117 -9.45 -6.30 17.20
C ALA A 117 -10.52 -5.47 17.90
N GLN A 118 -11.44 -4.93 17.11
CA GLN A 118 -12.52 -4.12 17.66
C GLN A 118 -13.86 -4.51 17.03
N ARG A 119 -14.89 -4.57 17.87
CA ARG A 119 -16.23 -4.95 17.40
C ARG A 119 -17.05 -3.70 17.10
N VAL A 120 -17.64 -3.67 15.91
CA VAL A 120 -18.46 -2.53 15.49
C VAL A 120 -19.92 -2.95 15.28
N GLN A 121 -20.84 -2.01 15.46
CA GLN A 121 -22.25 -2.28 15.28
C GLN A 121 -22.78 -1.62 14.01
N LEU A 122 -23.23 -2.44 13.07
CA LEU A 122 -23.77 -1.93 11.81
C LEU A 122 -25.30 -1.91 11.82
N LEU A 123 -25.87 -0.81 11.37
CA LEU A 123 -27.32 -0.67 11.34
C LEU A 123 -27.87 -0.95 9.93
N CYS A 124 -29.06 -1.52 9.87
CA CYS A 124 -29.69 -1.85 8.60
C CYS A 124 -30.96 -1.04 8.40
N PRO A 125 -30.88 0.00 7.57
CA PRO A 125 -32.02 0.88 7.27
C PRO A 125 -33.08 0.19 6.43
N GLY A 126 -32.71 -0.94 5.83
CA GLY A 126 -33.65 -1.68 5.01
C GLY A 126 -34.88 -2.11 5.79
N GLY A 127 -34.68 -2.90 6.85
CA GLY A 127 -35.80 -3.35 7.65
C GLY A 127 -35.44 -4.58 8.48
N GLU A 128 -34.26 -4.55 9.09
CA GLU A 128 -33.81 -5.65 9.92
C GLU A 128 -32.96 -5.16 11.09
N ALA A 129 -32.56 -6.07 11.96
CA ALA A 129 -31.74 -5.72 13.11
C ALA A 129 -30.30 -5.45 12.70
N PRO A 130 -29.56 -4.74 13.56
CA PRO A 130 -28.16 -4.39 13.31
C PRO A 130 -27.24 -5.61 13.37
N ARG A 131 -26.19 -5.60 12.55
CA ARG A 131 -25.24 -6.69 12.50
C ARG A 131 -23.90 -6.27 13.09
N ALA A 132 -23.30 -7.16 13.87
CA ALA A 132 -22.02 -6.89 14.50
C ALA A 132 -20.87 -7.36 13.61
N ARG A 133 -19.88 -6.48 13.41
CA ARG A 133 -18.74 -6.81 12.58
C ARG A 133 -17.44 -6.65 13.36
N LYS A 134 -16.62 -7.70 13.38
CA LYS A 134 -15.35 -7.67 14.09
C LYS A 134 -14.20 -7.43 13.13
N VAL A 135 -13.34 -6.46 13.48
CA VAL A 135 -12.19 -6.13 12.65
C VAL A 135 -10.89 -6.24 13.44
N ARG A 136 -9.88 -6.86 12.83
CA ARG A 136 -8.58 -7.04 13.48
C ARG A 136 -7.59 -5.98 12.99
N LEU A 137 -7.34 -4.99 13.83
CA LEU A 137 -6.41 -3.92 13.49
C LEU A 137 -5.16 -3.99 14.36
N VAL A 138 -4.01 -3.69 13.76
CA VAL A 138 -2.74 -3.71 14.48
C VAL A 138 -2.82 -2.91 15.77
N ALA A 139 -2.20 -3.42 16.83
CA ALA A 139 -2.21 -2.75 18.12
C ALA A 139 -0.91 -1.97 18.33
N SER A 140 0.21 -2.58 17.94
CA SER A 140 1.51 -1.94 18.10
C SER A 140 2.39 -2.20 16.87
N CYS A 141 3.61 -1.66 16.90
CA CYS A 141 4.54 -1.84 15.80
C CYS A 141 5.92 -1.31 16.17
N LYS A 142 6.96 -2.03 15.77
CA LYS A 142 8.33 -1.63 16.06
C LYS A 142 9.18 -1.63 14.79
N CYS A 143 10.22 -0.81 14.77
CA CYS A 143 11.10 -0.70 13.63
C CYS A 143 12.47 -1.31 13.94
N LYS A 144 12.74 -2.48 13.35
CA LYS A 144 14.01 -3.15 13.57
C LYS A 144 14.42 -3.94 12.33
N ARG A 145 15.71 -4.21 12.20
CA ARG A 145 16.24 -4.96 11.06
C ARG A 145 16.22 -6.46 11.34
N LEU A 146 15.98 -7.25 10.29
CA LEU A 146 15.93 -8.70 10.43
C LEU A 146 16.02 -9.38 9.07
N THR A 147 16.65 -10.54 9.03
CA THR A 147 16.80 -11.29 7.79
C THR A 147 16.42 -12.76 7.98
N ARG A 148 16.04 -13.41 6.88
CA ARG A 148 15.65 -14.81 6.93
C ARG A 148 15.92 -15.50 5.60
N PHE A 149 16.18 -16.80 5.65
CA PHE A 149 16.47 -17.57 4.46
C PHE A 149 15.56 -18.80 4.36
N HIS A 150 15.76 -19.60 3.32
CA HIS A 150 14.95 -20.79 3.11
C HIS A 150 15.44 -21.58 1.90
N ASN A 151 15.26 -22.90 1.94
CA ASN A 151 15.69 -23.76 0.84
C ASN A 151 14.94 -25.09 0.88
N GLN A 152 15.15 -25.90 -0.16
CA GLN A 152 14.49 -27.20 -0.24
C GLN A 152 15.24 -28.12 -1.22
N SER A 153 14.76 -29.34 -1.35
CA SER A 153 15.37 -30.32 -2.25
C SER A 153 14.31 -31.14 -2.97
N GLU A 154 14.76 -32.09 -3.78
CA GLU A 154 13.85 -32.95 -4.54
C GLU A 154 14.62 -34.02 -5.30
N LEU A 155 13.99 -35.17 -5.49
CA LEU A 155 14.61 -36.28 -6.20
C LEU A 155 13.69 -36.82 -7.29
N LYS A 156 14.27 -37.38 -8.33
CA LYS A 156 13.49 -37.95 -9.43
C LYS A 156 14.10 -39.26 -9.92
N ASP A 157 13.46 -39.89 -10.89
CA ASP A 157 13.94 -41.15 -11.45
C ASP A 157 13.17 -41.52 -12.72
N PHE A 158 13.89 -42.01 -13.71
CA PHE A 158 13.28 -42.40 -14.98
C PHE A 158 13.91 -43.69 -15.51
N GLY A 159 13.08 -44.71 -15.66
CA GLY A 159 13.57 -45.99 -16.16
C GLY A 159 12.44 -46.93 -16.55
N THR A 160 12.25 -47.12 -17.85
CA THR A 160 11.21 -47.99 -18.37
C THR A 160 11.58 -48.56 -19.73
N GLU A 161 11.42 -49.87 -19.88
CA GLU A 161 11.74 -50.53 -21.14
C GLU A 161 11.15 -51.94 -21.18
N ALA A 162 10.53 -52.28 -22.30
CA ALA A 162 9.92 -53.59 -22.47
C ALA A 162 10.09 -54.10 -23.90
N ALA A 163 10.24 -55.42 -24.05
CA ALA A 163 10.40 -56.02 -25.36
C ALA A 163 9.09 -56.65 -25.84
N ARG A 164 9.17 -57.38 -26.95
CA ARG A 164 8.00 -58.03 -27.51
C ARG A 164 8.39 -58.96 -28.65
N PRO A 165 9.08 -60.07 -28.32
CA PRO A 165 9.53 -61.05 -29.31
C PRO A 165 8.37 -61.84 -29.90
N GLN A 166 8.66 -62.64 -30.92
CA GLN A 166 7.64 -63.45 -31.59
C GLN A 166 8.27 -64.40 -32.61
N LYS A 167 7.52 -65.42 -32.99
CA LYS A 167 8.00 -66.39 -33.96
C LYS A 167 6.95 -66.68 -35.02
N GLY A 168 7.31 -67.50 -36.00
CA GLY A 168 6.37 -67.84 -37.07
C GLY A 168 6.89 -68.95 -37.95
N ARG A 169 5.98 -69.79 -38.42
CA ARG A 169 6.34 -70.91 -39.29
C ARG A 169 5.10 -71.66 -39.76
N LYS A 170 5.05 -71.96 -41.06
CA LYS A 170 3.92 -72.69 -41.63
C LYS A 170 4.28 -73.23 -43.01
N PRO A 171 5.10 -74.28 -43.04
CA PRO A 171 5.52 -74.92 -44.29
C PRO A 171 4.39 -75.66 -44.98
N ARG A 172 4.36 -75.60 -46.31
CA ARG A 172 3.32 -76.28 -47.09
C ARG A 172 3.84 -76.65 -48.47
N PRO A 173 4.74 -77.63 -48.52
CA PRO A 173 5.33 -78.10 -49.79
C PRO A 173 4.32 -78.85 -50.66
N ARG A 174 4.71 -79.14 -51.90
CA ARG A 174 3.84 -79.84 -52.83
C ARG A 174 4.65 -80.75 -53.75
N ALA A 175 4.19 -81.98 -53.91
CA ALA A 175 4.87 -82.94 -54.77
C ALA A 175 3.87 -83.78 -55.56
N ARG A 176 4.32 -84.31 -56.70
CA ARG A 176 3.46 -85.13 -57.54
C ARG A 176 4.28 -85.84 -58.62
N SER A 177 4.28 -87.16 -58.57
CA SER A 177 5.02 -87.97 -59.53
C SER A 177 4.30 -89.28 -59.82
N ALA A 178 4.15 -89.59 -61.11
CA ALA A 178 3.47 -90.82 -61.52
C ALA A 178 3.66 -91.08 -63.01
N LYS A 179 3.91 -92.33 -63.36
CA LYS A 179 4.11 -92.71 -64.76
C LYS A 179 3.88 -94.21 -64.96
N ALA A 180 3.17 -94.55 -66.02
CA ALA A 180 2.88 -95.95 -66.31
C ALA A 180 2.68 -96.15 -67.81
N ASN A 181 2.74 -97.41 -68.25
CA ASN A 181 2.56 -97.74 -69.65
C ASN A 181 2.63 -99.25 -69.87
N GLN A 182 2.20 -99.70 -71.05
CA GLN A 182 2.20 -101.11 -71.38
C GLN A 182 2.17 -101.33 -72.89
N ALA A 183 3.35 -101.53 -73.47
CA ALA A 183 3.46 -101.75 -74.91
C ALA A 183 4.50 -102.82 -75.23
N GLU A 184 4.12 -103.79 -76.05
CA GLU A 184 5.02 -104.87 -76.43
C GLU A 184 4.96 -105.12 -77.93
N LEU A 185 6.08 -105.57 -78.49
CA LEU A 185 6.16 -105.83 -79.92
C LEU A 185 6.14 -107.34 -80.19
N GLU A 186 4.94 -107.90 -80.27
CA GLU A 186 4.77 -109.33 -80.52
C GLU A 186 3.91 -109.57 -81.76
N ASN A 187 4.45 -110.32 -82.71
CA ASN A 187 3.73 -110.62 -83.95
C ASN A 187 4.07 -112.02 -84.44
N ALA A 188 3.07 -112.90 -84.42
CA ALA A 188 3.27 -114.27 -84.87
C ALA A 188 2.80 -114.45 -86.31
N TYR A 189 3.75 -114.49 -87.24
CA TYR A 189 3.44 -114.66 -88.65
C TYR A 189 2.57 -113.49 -89.15
N GLY A 1 78.78 1.60 91.51
CA GLY A 1 80.09 1.14 91.94
C GLY A 1 81.10 1.15 90.82
N TRP A 2 82.38 1.09 91.18
CA TRP A 2 83.46 1.11 90.20
C TRP A 2 83.32 2.30 89.26
N GLN A 3 83.81 3.46 89.69
CA GLN A 3 83.75 4.67 88.89
C GLN A 3 84.90 5.60 89.22
N ALA A 4 85.01 6.70 88.47
CA ALA A 4 86.06 7.68 88.69
C ALA A 4 85.53 9.10 88.59
N PHE A 5 84.34 9.32 89.14
CA PHE A 5 83.72 10.64 89.11
C PHE A 5 83.60 11.15 87.68
N LYS A 6 82.44 10.89 87.07
CA LYS A 6 82.20 11.33 85.69
C LYS A 6 80.83 11.98 85.58
N ASN A 7 79.79 11.29 86.06
CA ASN A 7 78.44 11.81 86.01
C ASN A 7 78.03 12.13 84.57
N ASP A 8 76.85 12.72 84.41
CA ASP A 8 76.35 13.08 83.09
C ASP A 8 76.15 11.84 82.23
N ALA A 9 75.46 12.01 81.11
CA ALA A 9 75.20 10.90 80.20
C ALA A 9 74.75 11.41 78.82
N THR A 10 75.37 10.86 77.78
CA THR A 10 75.04 11.27 76.41
C THR A 10 74.57 10.08 75.58
N GLU A 11 73.34 9.64 75.82
CA GLU A 11 72.77 8.51 75.11
C GLU A 11 72.24 8.94 73.74
N ILE A 12 72.22 8.02 72.80
CA ILE A 12 71.75 8.30 71.45
C ILE A 12 70.85 7.18 70.94
N ILE A 13 69.55 7.40 70.99
CA ILE A 13 68.58 6.40 70.52
C ILE A 13 67.65 6.99 69.47
N PRO A 14 68.18 7.19 68.26
CA PRO A 14 67.42 7.75 67.14
C PRO A 14 66.36 6.77 66.62
N GLU A 15 65.65 7.18 65.58
CA GLU A 15 64.61 6.35 64.99
C GLU A 15 64.14 6.92 63.66
N LEU A 16 64.41 6.21 62.57
CA LEU A 16 64.02 6.65 61.24
C LEU A 16 62.54 6.35 60.99
N GLY A 17 62.07 6.71 59.79
CA GLY A 17 60.68 6.48 59.45
C GLY A 17 60.44 6.56 57.95
N GLU A 18 60.46 5.40 57.29
CA GLU A 18 60.25 5.35 55.85
C GLU A 18 59.16 4.33 55.50
N TYR A 19 58.20 4.75 54.69
CA TYR A 19 57.11 3.88 54.28
C TYR A 19 56.82 4.04 52.79
N PRO A 20 57.74 3.54 51.96
CA PRO A 20 57.60 3.61 50.50
C PRO A 20 56.49 2.69 49.97
N GLU A 21 55.73 3.20 49.00
CA GLU A 21 54.64 2.43 48.43
C GLU A 21 54.07 3.13 47.20
N PRO A 22 54.84 3.13 46.10
CA PRO A 22 54.43 3.77 44.85
C PRO A 22 53.29 3.03 44.17
N PRO A 23 52.69 3.67 43.15
CA PRO A 23 51.57 3.09 42.39
C PRO A 23 52.02 1.92 41.52
N PRO A 24 51.04 1.17 40.99
CA PRO A 24 51.30 0.02 40.13
C PRO A 24 51.85 0.42 38.77
N GLU A 25 51.97 -0.55 37.86
CA GLU A 25 52.49 -0.28 36.53
C GLU A 25 52.33 -1.51 35.63
N LEU A 26 51.20 -1.59 34.93
CA LEU A 26 50.92 -2.71 34.05
C LEU A 26 49.73 -2.41 33.13
N GLU A 27 50.01 -2.28 31.85
CA GLU A 27 48.96 -1.99 30.87
C GLU A 27 49.38 -2.45 29.47
N ASN A 28 48.43 -3.02 28.74
CA ASN A 28 48.69 -3.50 27.39
C ASN A 28 47.39 -3.93 26.70
N ASN A 29 47.50 -4.25 25.42
CA ASN A 29 46.34 -4.68 24.64
C ASN A 29 46.75 -5.21 23.28
N LYS A 30 45.80 -5.81 22.57
CA LYS A 30 46.07 -6.35 21.24
C LYS A 30 44.85 -6.21 20.33
N THR A 31 44.98 -6.69 19.10
CA THR A 31 43.89 -6.62 18.13
C THR A 31 44.18 -7.48 16.91
N MET A 32 43.12 -8.00 16.30
CA MET A 32 43.26 -8.84 15.12
C MET A 32 42.55 -8.22 13.92
N ASN A 33 42.45 -8.99 12.84
CA ASN A 33 41.78 -8.50 11.62
C ASN A 33 41.54 -9.65 10.65
N ARG A 34 40.80 -9.37 9.59
CA ARG A 34 40.49 -10.38 8.58
C ARG A 34 40.22 -9.73 7.22
N ALA A 35 39.86 -10.55 6.24
CA ALA A 35 39.57 -10.05 4.91
C ALA A 35 38.45 -10.86 4.25
N GLU A 36 38.24 -10.61 2.96
CA GLU A 36 37.19 -11.31 2.22
C GLU A 36 37.59 -11.49 0.76
N ASN A 37 36.72 -12.15 -0.01
CA ASN A 37 36.98 -12.39 -1.42
C ASN A 37 35.76 -13.02 -2.10
N GLY A 38 35.44 -12.51 -3.28
CA GLY A 38 34.30 -13.03 -4.02
C GLY A 38 32.98 -12.53 -3.47
N GLY A 39 32.13 -12.01 -4.35
CA GLY A 39 30.84 -11.50 -3.92
C GLY A 39 30.29 -10.44 -4.86
N ARG A 40 28.99 -10.19 -4.77
CA ARG A 40 28.34 -9.20 -5.62
C ARG A 40 27.07 -8.67 -4.96
N PRO A 41 27.24 -7.88 -3.90
CA PRO A 41 26.12 -7.28 -3.16
C PRO A 41 25.39 -6.21 -3.98
N PRO A 42 24.21 -5.80 -3.48
CA PRO A 42 23.40 -4.78 -4.14
C PRO A 42 24.02 -3.39 -4.06
N HIS A 43 23.26 -2.38 -4.46
CA HIS A 43 23.74 -1.00 -4.43
C HIS A 43 23.62 -0.42 -3.03
N HIS A 44 24.53 0.49 -2.68
CA HIS A 44 24.52 1.13 -1.37
C HIS A 44 24.66 2.64 -1.50
N PRO A 45 23.57 3.30 -1.95
CA PRO A 45 23.55 4.75 -2.12
C PRO A 45 23.57 5.50 -0.80
N PHE A 46 23.47 6.82 -0.86
CA PHE A 46 23.48 7.65 0.34
C PHE A 46 22.08 7.72 0.96
N GLU A 47 22.04 8.06 2.25
CA GLU A 47 20.77 8.16 2.96
C GLU A 47 20.97 8.75 4.35
N THR A 48 20.00 9.53 4.81
CA THR A 48 20.07 10.17 6.12
C THR A 48 18.68 10.47 6.67
N LYS A 49 18.05 9.45 7.24
CA LYS A 49 16.71 9.60 7.81
C LYS A 49 16.67 9.08 9.24
N ASP A 50 16.17 9.92 10.15
CA ASP A 50 16.07 9.54 11.56
C ASP A 50 15.35 10.62 12.35
N VAL A 51 14.77 10.23 13.48
CA VAL A 51 14.05 11.17 14.34
C VAL A 51 14.18 10.78 15.81
N SER A 52 15.27 10.07 16.14
CA SER A 52 15.51 9.64 17.50
C SER A 52 14.32 8.86 18.05
N GLU A 53 14.14 7.65 17.55
CA GLU A 53 13.03 6.80 17.99
C GLU A 53 13.37 5.32 17.80
N TYR A 54 12.64 4.46 18.50
CA TYR A 54 12.86 3.02 18.41
C TYR A 54 11.63 2.31 17.89
N SER A 55 10.95 2.94 16.92
CA SER A 55 9.73 2.37 16.34
C SER A 55 9.36 3.10 15.06
N CYS A 56 8.62 2.41 14.20
CA CYS A 56 8.20 2.98 12.92
C CYS A 56 7.08 4.00 13.13
N ARG A 57 7.01 4.99 12.24
CA ARG A 57 5.99 6.02 12.33
C ARG A 57 4.60 5.43 12.16
N GLU A 58 3.93 5.16 13.28
CA GLU A 58 2.59 4.59 13.26
C GLU A 58 1.61 5.54 12.58
N LEU A 59 0.66 4.98 11.85
CA LEU A 59 -0.35 5.77 11.15
C LEU A 59 -1.76 5.33 11.53
N HIS A 60 -2.45 6.15 12.32
CA HIS A 60 -3.81 5.83 12.74
C HIS A 60 -4.83 6.54 11.86
N PHE A 61 -5.61 5.77 11.13
CA PHE A 61 -6.62 6.33 10.24
C PHE A 61 -8.01 5.82 10.62
N THR A 62 -9.03 6.66 10.42
CA THR A 62 -10.39 6.30 10.75
C THR A 62 -11.25 6.17 9.48
N ARG A 63 -12.18 5.23 9.49
CA ARG A 63 -13.06 5.01 8.35
C ARG A 63 -14.35 4.32 8.78
N TYR A 64 -15.42 4.58 8.03
CA TYR A 64 -16.71 3.99 8.34
C TYR A 64 -16.90 2.66 7.61
N VAL A 65 -17.02 1.58 8.38
CA VAL A 65 -17.20 0.26 7.81
C VAL A 65 -18.68 -0.07 7.64
N THR A 66 -19.03 -0.57 6.46
CA THR A 66 -20.42 -0.92 6.16
C THR A 66 -20.50 -2.17 5.29
N ASP A 67 -21.20 -3.19 5.78
CA ASP A 67 -21.35 -4.43 5.04
C ASP A 67 -22.79 -4.61 4.57
N GLY A 68 -22.97 -4.60 3.25
CA GLY A 68 -24.31 -4.75 2.68
C GLY A 68 -25.16 -3.51 2.86
N PRO A 69 -26.47 -3.71 2.99
CA PRO A 69 -27.43 -2.62 3.17
C PRO A 69 -27.31 -1.95 4.54
N CYS A 70 -26.45 -2.52 5.39
CA CYS A 70 -26.24 -1.98 6.73
C CYS A 70 -24.92 -1.22 6.80
N ARG A 71 -24.72 -0.49 7.89
CA ARG A 71 -23.50 0.28 8.08
C ARG A 71 -23.23 0.52 9.57
N SER A 72 -21.96 0.55 9.93
CA SER A 72 -21.56 0.77 11.32
C SER A 72 -22.16 2.06 11.86
N ALA A 73 -22.29 2.14 13.19
CA ALA A 73 -22.86 3.32 13.83
C ALA A 73 -21.79 4.41 14.00
N LYS A 74 -20.55 3.98 14.20
CA LYS A 74 -19.44 4.91 14.39
C LYS A 74 -18.24 4.49 13.54
N PRO A 75 -17.32 5.45 13.31
CA PRO A 75 -16.11 5.20 12.53
C PRO A 75 -15.13 4.29 13.25
N VAL A 76 -14.61 3.29 12.53
CA VAL A 76 -13.66 2.35 13.10
C VAL A 76 -12.23 2.85 12.95
N THR A 77 -11.40 2.56 13.93
CA THR A 77 -10.00 2.98 13.91
C THR A 77 -9.09 1.83 13.46
N GLU A 78 -8.14 2.16 12.58
CA GLU A 78 -7.21 1.15 12.07
C GLU A 78 -5.79 1.72 12.01
N LEU A 79 -4.85 1.00 12.62
CA LEU A 79 -3.46 1.42 12.65
C LEU A 79 -2.69 0.80 11.48
N VAL A 80 -1.70 1.55 10.98
CA VAL A 80 -0.89 1.07 9.86
C VAL A 80 0.60 1.17 10.19
N CYS A 81 1.39 0.27 9.60
CA CYS A 81 2.82 0.26 9.83
C CYS A 81 3.56 0.95 8.68
N SER A 82 4.27 2.03 9.02
CA SER A 82 5.01 2.78 8.02
C SER A 82 6.07 3.65 8.68
N GLY A 83 7.02 4.13 7.88
CA GLY A 83 8.09 4.97 8.40
C GLY A 83 9.47 4.43 8.09
N GLN A 84 10.48 5.26 8.32
CA GLN A 84 11.87 4.85 8.06
C GLN A 84 12.72 5.01 9.31
N CYS A 85 13.89 4.38 9.30
CA CYS A 85 14.81 4.45 10.44
C CYS A 85 16.24 4.69 9.96
N GLY A 86 17.07 5.21 10.87
CA GLY A 86 18.46 5.48 10.52
C GLY A 86 19.41 4.44 11.09
N PRO A 87 20.69 4.54 10.70
CA PRO A 87 21.72 3.61 11.16
C PRO A 87 22.05 3.78 12.64
N ALA A 88 21.49 4.82 13.24
CA ALA A 88 21.71 5.10 14.66
C ALA A 88 23.19 5.35 14.94
N ARG A 89 23.60 6.61 14.89
CA ARG A 89 24.99 6.98 15.13
C ARG A 89 25.19 7.41 16.58
N LEU A 90 24.32 6.91 17.46
CA LEU A 90 24.41 7.25 18.88
C LEU A 90 23.81 6.14 19.74
N LEU A 91 24.65 5.52 20.56
CA LEU A 91 24.20 4.44 21.44
C LEU A 91 24.25 4.87 22.90
N PRO A 92 23.51 4.16 23.76
CA PRO A 92 23.45 4.45 25.19
C PRO A 92 24.76 4.12 25.90
N ASN A 93 25.43 3.08 25.44
CA ASN A 93 26.70 2.67 26.04
C ASN A 93 27.87 2.99 25.11
N ALA A 94 27.59 3.03 23.81
CA ALA A 94 28.62 3.34 22.82
C ALA A 94 29.74 2.30 22.85
N ILE A 95 29.41 1.07 22.47
CA ILE A 95 30.39 -0.01 22.44
C ILE A 95 30.25 -0.85 21.18
N GLY A 96 31.27 -1.67 20.91
CA GLY A 96 31.25 -2.52 19.73
C GLY A 96 30.94 -3.96 20.06
N ARG A 97 29.74 -4.41 19.69
CA ARG A 97 29.32 -5.78 19.95
C ARG A 97 29.94 -6.74 18.93
N GLY A 98 29.58 -6.58 17.66
CA GLY A 98 30.10 -7.44 16.63
C GLY A 98 31.22 -6.78 15.83
N LYS A 99 31.20 -5.45 15.79
CA LYS A 99 32.21 -4.70 15.06
C LYS A 99 32.18 -5.05 13.58
N TRP A 100 31.53 -4.19 12.79
CA TRP A 100 31.43 -4.41 11.35
C TRP A 100 31.84 -3.16 10.58
N TRP A 101 31.70 -3.21 9.26
CA TRP A 101 32.06 -2.08 8.41
C TRP A 101 30.82 -1.36 7.91
N ARG A 102 30.11 -1.99 6.97
CA ARG A 102 28.90 -1.40 6.40
C ARG A 102 27.67 -1.86 7.17
N PRO A 103 26.56 -1.11 7.03
CA PRO A 103 25.30 -1.42 7.70
C PRO A 103 24.64 -2.67 7.14
N SER A 104 24.97 -3.00 5.89
CA SER A 104 24.39 -4.18 5.25
C SER A 104 22.87 -4.15 5.30
N GLY A 105 22.30 -2.95 5.24
CA GLY A 105 20.86 -2.80 5.29
C GLY A 105 20.42 -1.37 5.11
N PRO A 106 20.63 -0.82 3.91
CA PRO A 106 20.27 0.57 3.59
C PRO A 106 18.75 0.75 3.52
N ASP A 107 18.04 -0.31 3.17
CA ASP A 107 16.59 -0.27 3.07
C ASP A 107 15.94 -0.10 4.44
N PHE A 108 14.74 0.45 4.46
CA PHE A 108 14.01 0.66 5.70
C PHE A 108 12.95 -0.41 5.90
N ARG A 109 12.98 -1.08 7.05
CA ARG A 109 12.02 -2.12 7.37
C ARG A 109 11.53 -2.00 8.81
N CYS A 110 10.29 -2.40 9.03
CA CYS A 110 9.70 -2.35 10.37
C CYS A 110 8.84 -3.57 10.64
N ILE A 111 9.13 -4.26 11.74
CA ILE A 111 8.39 -5.46 12.13
C ILE A 111 7.08 -5.09 12.83
N PRO A 112 6.08 -5.98 12.73
CA PRO A 112 4.77 -5.78 13.36
C PRO A 112 4.84 -5.88 14.88
N ASP A 113 3.70 -5.68 15.52
CA ASP A 113 3.62 -5.74 16.98
C ASP A 113 2.26 -6.26 17.43
N ARG A 114 1.99 -6.16 18.73
CA ARG A 114 0.73 -6.62 19.29
C ARG A 114 -0.45 -6.08 18.49
N TYR A 115 -1.45 -6.92 18.28
CA TYR A 115 -2.63 -6.53 17.51
C TYR A 115 -3.81 -6.24 18.46
N ARG A 116 -4.79 -5.50 17.95
CA ARG A 116 -5.97 -5.16 18.74
C ARG A 116 -7.22 -5.10 17.87
N ALA A 117 -8.14 -6.03 18.08
CA ALA A 117 -9.38 -6.08 17.31
C ALA A 117 -10.47 -5.24 17.98
N GLN A 118 -11.37 -4.71 17.16
CA GLN A 118 -12.46 -3.89 17.67
C GLN A 118 -13.79 -4.31 17.05
N ARG A 119 -14.85 -4.34 17.86
CA ARG A 119 -16.17 -4.72 17.39
C ARG A 119 -16.99 -3.49 17.02
N VAL A 120 -17.84 -3.63 16.02
CA VAL A 120 -18.70 -2.53 15.57
C VAL A 120 -20.15 -2.97 15.49
N GLN A 121 -21.05 -1.98 15.43
CA GLN A 121 -22.48 -2.26 15.35
C GLN A 121 -23.07 -1.69 14.07
N LEU A 122 -23.31 -2.56 13.09
CA LEU A 122 -23.87 -2.14 11.81
C LEU A 122 -25.40 -2.16 11.86
N LEU A 123 -26.01 -1.04 11.50
CA LEU A 123 -27.47 -0.92 11.50
C LEU A 123 -28.02 -1.03 10.08
N CYS A 124 -29.22 -1.59 9.95
CA CYS A 124 -29.86 -1.74 8.66
C CYS A 124 -31.17 -0.95 8.60
N PRO A 125 -31.56 -0.56 7.38
CA PRO A 125 -32.79 0.20 7.15
C PRO A 125 -34.04 -0.62 7.40
N GLY A 126 -35.20 0.02 7.33
CA GLY A 126 -36.46 -0.68 7.56
C GLY A 126 -36.60 -1.91 6.69
N GLY A 127 -36.39 -3.08 7.27
CA GLY A 127 -36.49 -4.31 6.53
C GLY A 127 -35.83 -5.49 7.24
N GLU A 128 -34.70 -5.22 7.87
CA GLU A 128 -33.97 -6.27 8.59
C GLU A 128 -33.44 -5.74 9.92
N ALA A 129 -32.74 -6.60 10.65
CA ALA A 129 -32.18 -6.21 11.94
C ALA A 129 -30.68 -5.90 11.82
N PRO A 130 -30.15 -5.17 12.80
CA PRO A 130 -28.74 -4.78 12.84
C PRO A 130 -27.83 -5.97 13.10
N ARG A 131 -26.53 -5.80 12.81
CA ARG A 131 -25.55 -6.85 13.01
C ARG A 131 -24.19 -6.27 13.37
N ALA A 132 -23.51 -6.92 14.30
CA ALA A 132 -22.20 -6.47 14.75
C ALA A 132 -21.09 -7.20 13.99
N ARG A 133 -19.97 -6.49 13.77
CA ARG A 133 -18.84 -7.07 13.06
C ARG A 133 -17.54 -6.88 13.84
N LYS A 134 -16.61 -7.82 13.69
CA LYS A 134 -15.34 -7.75 14.39
C LYS A 134 -14.20 -7.54 13.40
N VAL A 135 -13.34 -6.56 13.70
CA VAL A 135 -12.20 -6.26 12.84
C VAL A 135 -10.89 -6.33 13.62
N ARG A 136 -9.92 -7.05 13.07
CA ARG A 136 -8.62 -7.19 13.71
C ARG A 136 -7.61 -6.23 13.11
N LEU A 137 -7.31 -5.15 13.84
CA LEU A 137 -6.35 -4.15 13.38
C LEU A 137 -5.10 -4.17 14.24
N VAL A 138 -4.03 -3.58 13.72
CA VAL A 138 -2.76 -3.52 14.44
C VAL A 138 -2.86 -2.58 15.63
N ALA A 139 -2.24 -2.98 16.74
CA ALA A 139 -2.26 -2.18 17.96
C ALA A 139 -0.94 -1.43 18.14
N SER A 140 0.16 -2.05 17.72
CA SER A 140 1.47 -1.43 17.84
C SER A 140 2.35 -1.83 16.66
N CYS A 141 3.52 -1.20 16.57
CA CYS A 141 4.46 -1.47 15.50
C CYS A 141 5.89 -1.13 15.91
N LYS A 142 6.84 -1.95 15.49
CA LYS A 142 8.25 -1.73 15.82
C LYS A 142 9.09 -1.60 14.55
N CYS A 143 10.20 -0.89 14.65
CA CYS A 143 11.09 -0.69 13.53
C CYS A 143 12.41 -1.42 13.73
N LYS A 144 12.60 -2.51 12.98
CA LYS A 144 13.82 -3.30 13.09
C LYS A 144 14.49 -3.44 11.72
N ARG A 145 15.80 -3.66 11.74
CA ARG A 145 16.56 -3.81 10.50
C ARG A 145 17.14 -5.21 10.39
N LEU A 146 16.67 -5.96 9.40
CA LEU A 146 17.13 -7.33 9.18
C LEU A 146 18.51 -7.33 8.50
N THR A 147 19.47 -8.00 9.14
CA THR A 147 20.82 -8.08 8.59
C THR A 147 21.19 -9.53 8.25
N ARG A 148 21.88 -9.70 7.14
CA ARG A 148 22.30 -11.03 6.70
C ARG A 148 23.77 -11.03 6.28
N PHE A 149 24.66 -11.16 7.26
CA PHE A 149 26.09 -11.17 6.98
C PHE A 149 26.56 -12.58 6.63
N HIS A 150 27.12 -12.73 5.43
CA HIS A 150 27.62 -14.02 4.98
C HIS A 150 28.87 -13.85 4.14
N ASN A 151 28.70 -13.31 2.93
CA ASN A 151 29.83 -13.10 2.02
C ASN A 151 29.38 -12.37 0.76
N GLN A 152 29.70 -11.09 0.67
CA GLN A 152 29.33 -10.29 -0.48
C GLN A 152 29.91 -8.87 -0.38
N SER A 153 30.99 -8.63 -1.09
CA SER A 153 31.64 -7.32 -1.08
C SER A 153 32.84 -7.30 -2.02
N GLU A 154 32.57 -7.07 -3.30
CA GLU A 154 33.62 -7.02 -4.31
C GLU A 154 33.28 -6.02 -5.40
N LEU A 155 34.06 -6.03 -6.48
CA LEU A 155 33.85 -5.12 -7.60
C LEU A 155 34.44 -5.69 -8.88
N LYS A 156 34.26 -4.96 -9.98
CA LYS A 156 34.78 -5.38 -11.28
C LYS A 156 34.09 -6.66 -11.74
N ASP A 157 33.32 -6.56 -12.82
CA ASP A 157 32.61 -7.70 -13.37
C ASP A 157 32.11 -7.40 -14.79
N PHE A 158 32.37 -8.31 -15.71
CA PHE A 158 31.94 -8.15 -17.09
C PHE A 158 31.49 -9.48 -17.69
N GLY A 159 30.23 -9.53 -18.11
CA GLY A 159 29.69 -10.75 -18.69
C GLY A 159 28.48 -10.49 -19.57
N THR A 160 28.59 -10.83 -20.85
CA THR A 160 27.50 -10.64 -21.79
C THR A 160 27.72 -11.45 -23.06
N GLU A 161 26.63 -11.96 -23.62
CA GLU A 161 26.70 -12.76 -24.85
C GLU A 161 26.13 -11.99 -26.03
N ALA A 162 26.05 -12.65 -27.18
CA ALA A 162 25.51 -12.03 -28.38
C ALA A 162 24.59 -12.99 -29.13
N ALA A 163 23.98 -12.50 -30.21
CA ALA A 163 23.07 -13.31 -31.00
C ALA A 163 23.15 -12.93 -32.47
N ARG A 164 22.36 -13.61 -33.30
CA ARG A 164 22.35 -13.34 -34.74
C ARG A 164 20.92 -13.13 -35.24
N PRO A 165 20.78 -12.44 -36.37
CA PRO A 165 19.48 -12.16 -36.99
C PRO A 165 18.82 -13.41 -37.54
N GLN A 166 17.70 -13.22 -38.22
CA GLN A 166 16.96 -14.34 -38.82
C GLN A 166 16.53 -14.01 -40.24
N LYS A 167 15.94 -14.99 -40.91
CA LYS A 167 15.48 -14.81 -42.28
C LYS A 167 14.14 -15.50 -42.51
N GLY A 168 13.52 -15.23 -43.65
CA GLY A 168 12.24 -15.84 -43.97
C GLY A 168 11.89 -15.75 -45.44
N ARG A 169 10.61 -15.87 -45.76
CA ARG A 169 10.16 -15.80 -47.14
C ARG A 169 8.72 -15.31 -47.21
N LYS A 170 8.34 -14.79 -48.38
CA LYS A 170 6.99 -14.28 -48.58
C LYS A 170 6.41 -14.80 -49.90
N PRO A 171 6.08 -16.10 -49.92
CA PRO A 171 5.50 -16.74 -51.11
C PRO A 171 4.08 -16.28 -51.38
N ARG A 172 3.67 -16.37 -52.65
CA ARG A 172 2.33 -15.96 -53.05
C ARG A 172 1.94 -16.61 -54.38
N PRO A 173 0.62 -16.70 -54.61
CA PRO A 173 0.07 -17.31 -55.83
C PRO A 173 0.35 -16.45 -57.07
N ARG A 174 0.18 -17.05 -58.24
CA ARG A 174 0.40 -16.35 -59.50
C ARG A 174 -0.91 -15.82 -60.07
N ALA A 175 -0.84 -15.24 -61.26
CA ALA A 175 -2.03 -14.69 -61.91
C ALA A 175 -2.70 -15.73 -62.80
N ARG A 176 -4.00 -15.57 -63.00
CA ARG A 176 -4.76 -16.50 -63.84
C ARG A 176 -4.89 -15.97 -65.26
N SER A 177 -5.55 -16.75 -66.11
CA SER A 177 -5.73 -16.37 -67.51
C SER A 177 -7.16 -15.90 -67.75
N ALA A 178 -7.39 -15.30 -68.91
CA ALA A 178 -8.71 -14.82 -69.28
C ALA A 178 -9.49 -15.86 -70.07
N LYS A 179 -10.64 -15.47 -70.61
CA LYS A 179 -11.48 -16.37 -71.38
C LYS A 179 -11.87 -15.74 -72.72
N ALA A 180 -11.97 -16.57 -73.76
CA ALA A 180 -12.34 -16.08 -75.08
C ALA A 180 -13.05 -17.17 -75.88
N ASN A 181 -14.02 -16.77 -76.69
CA ASN A 181 -14.78 -17.71 -77.51
C ASN A 181 -15.77 -16.98 -78.40
N GLN A 182 -16.60 -17.74 -79.11
CA GLN A 182 -17.59 -17.16 -80.00
C GLN A 182 -16.94 -16.37 -81.12
N ALA A 183 -16.87 -16.97 -82.31
CA ALA A 183 -16.26 -16.31 -83.46
C ALA A 183 -16.44 -17.16 -84.72
N GLU A 184 -17.27 -16.67 -85.64
CA GLU A 184 -17.53 -17.38 -86.89
C GLU A 184 -17.81 -16.40 -88.02
N LEU A 185 -17.93 -16.92 -89.24
CA LEU A 185 -18.20 -16.09 -90.41
C LEU A 185 -18.59 -16.95 -91.60
N GLU A 186 -19.89 -17.15 -91.79
CA GLU A 186 -20.39 -17.95 -92.90
C GLU A 186 -21.16 -17.09 -93.89
N ASN A 187 -21.05 -17.42 -95.17
CA ASN A 187 -21.73 -16.67 -96.22
C ASN A 187 -21.50 -17.30 -97.59
N ALA A 188 -22.19 -16.79 -98.60
CA ALA A 188 -22.04 -17.30 -99.95
C ALA A 188 -22.56 -16.30 -100.98
N TYR A 189 -21.95 -16.30 -102.16
CA TYR A 189 -22.35 -15.39 -103.23
C TYR A 189 -22.67 -16.15 -104.50
N GLY A 1 126.74 47.64 -79.33
CA GLY A 1 126.03 47.00 -78.24
C GLY A 1 126.76 47.11 -76.91
N TRP A 2 127.00 45.98 -76.27
CA TRP A 2 127.70 45.96 -74.98
C TRP A 2 126.97 46.81 -73.96
N GLN A 3 125.87 46.29 -73.43
CA GLN A 3 125.09 47.01 -72.44
C GLN A 3 124.25 46.05 -71.61
N ALA A 4 123.77 46.53 -70.46
CA ALA A 4 122.95 45.71 -69.57
C ALA A 4 122.38 46.54 -68.43
N PHE A 5 121.46 45.95 -67.68
CA PHE A 5 120.82 46.64 -66.56
C PHE A 5 120.71 45.72 -65.35
N LYS A 6 120.74 46.30 -64.17
CA LYS A 6 120.64 45.53 -62.92
C LYS A 6 119.74 46.25 -61.92
N ASN A 7 118.58 45.66 -61.64
CA ASN A 7 117.63 46.24 -60.70
C ASN A 7 117.68 45.51 -59.36
N ASP A 8 117.51 46.25 -58.27
CA ASP A 8 117.54 45.67 -56.94
C ASP A 8 116.49 46.32 -56.05
N ALA A 9 116.31 45.76 -54.85
CA ALA A 9 115.33 46.29 -53.90
C ALA A 9 115.67 45.86 -52.48
N THR A 10 116.17 46.80 -51.68
CA THR A 10 116.53 46.52 -50.29
C THR A 10 115.99 47.60 -49.36
N GLU A 11 114.69 47.55 -49.10
CA GLU A 11 114.05 48.52 -48.22
C GLU A 11 113.65 47.88 -46.90
N ILE A 12 113.56 48.68 -45.84
CA ILE A 12 113.19 48.19 -44.54
C ILE A 12 112.12 49.07 -43.90
N ILE A 13 110.85 48.74 -44.14
CA ILE A 13 109.74 49.50 -43.59
C ILE A 13 108.87 48.63 -42.70
N PRO A 14 109.38 48.31 -41.49
CA PRO A 14 108.67 47.49 -40.52
C PRO A 14 107.46 48.21 -39.92
N GLU A 15 106.45 47.44 -39.52
CA GLU A 15 105.25 48.00 -38.93
C GLU A 15 104.97 47.37 -37.57
N LEU A 16 103.72 47.51 -37.11
CA LEU A 16 103.32 46.95 -35.83
C LEU A 16 102.55 45.65 -36.01
N GLY A 17 103.00 44.60 -35.34
CA GLY A 17 102.34 43.31 -35.45
C GLY A 17 101.54 42.98 -34.20
N GLU A 18 101.90 43.59 -33.08
CA GLU A 18 101.21 43.34 -31.82
C GLU A 18 100.36 44.55 -31.42
N TYR A 19 99.11 44.29 -31.05
CA TYR A 19 98.20 45.35 -30.64
C TYR A 19 97.62 45.07 -29.26
N PRO A 20 98.47 45.21 -28.23
CA PRO A 20 98.06 44.98 -26.84
C PRO A 20 97.12 46.06 -26.32
N GLU A 21 95.83 45.76 -26.34
CA GLU A 21 94.82 46.72 -25.87
C GLU A 21 93.72 46.00 -25.10
N PRO A 22 94.03 45.55 -23.89
CA PRO A 22 93.09 44.85 -23.02
C PRO A 22 91.99 45.77 -22.50
N PRO A 23 90.74 45.53 -22.97
CA PRO A 23 89.59 46.33 -22.55
C PRO A 23 89.20 46.08 -21.11
N PRO A 24 88.31 46.94 -20.57
CA PRO A 24 87.84 46.84 -19.19
C PRO A 24 86.93 45.64 -18.97
N GLU A 25 86.73 45.28 -17.71
CA GLU A 25 85.90 44.14 -17.37
C GLU A 25 85.62 44.08 -15.87
N LEU A 26 84.92 45.09 -15.37
CA LEU A 26 84.58 45.16 -13.95
C LEU A 26 83.10 45.48 -13.74
N GLU A 27 82.31 44.43 -13.56
CA GLU A 27 80.87 44.59 -13.36
C GLU A 27 80.45 44.03 -12.00
N ASN A 28 79.58 44.76 -11.31
CA ASN A 28 79.10 44.33 -10.01
C ASN A 28 77.70 44.88 -9.74
N ASN A 29 76.85 44.06 -9.14
CA ASN A 29 75.48 44.47 -8.82
C ASN A 29 74.78 43.42 -7.97
N LYS A 30 73.73 43.83 -7.29
CA LYS A 30 72.96 42.93 -6.43
C LYS A 30 71.69 43.58 -5.92
N THR A 31 70.75 42.78 -5.43
CA THR A 31 69.49 43.29 -4.92
C THR A 31 68.92 42.36 -3.86
N MET A 32 67.91 42.85 -3.14
CA MET A 32 67.27 42.07 -2.08
C MET A 32 65.83 42.51 -1.88
N ASN A 33 64.95 41.54 -1.63
CA ASN A 33 63.54 41.83 -1.42
C ASN A 33 62.94 40.89 -0.39
N ARG A 34 61.85 41.31 0.23
CA ARG A 34 61.18 40.50 1.25
C ARG A 34 59.67 40.70 1.20
N ALA A 35 58.94 39.84 1.90
CA ALA A 35 57.48 39.93 1.93
C ALA A 35 56.90 39.10 3.08
N GLU A 36 55.58 39.07 3.17
CA GLU A 36 54.90 38.31 4.23
C GLU A 36 53.47 38.01 3.84
N ASN A 37 53.00 36.81 4.21
CA ASN A 37 51.64 36.40 3.89
C ASN A 37 50.64 37.01 4.88
N GLY A 38 49.36 36.96 4.54
CA GLY A 38 48.33 37.51 5.41
C GLY A 38 47.06 36.69 5.38
N GLY A 39 46.63 36.25 6.56
CA GLY A 39 45.42 35.45 6.66
C GLY A 39 45.46 34.46 7.80
N ARG A 40 44.43 33.62 7.89
CA ARG A 40 44.35 32.62 8.95
C ARG A 40 43.57 31.40 8.49
N PRO A 41 43.76 30.27 9.19
CA PRO A 41 43.08 29.01 8.87
C PRO A 41 41.59 29.07 9.17
N PRO A 42 40.84 28.07 8.69
CA PRO A 42 39.39 27.98 8.90
C PRO A 42 39.04 27.66 10.35
N HIS A 43 38.04 28.36 10.88
CA HIS A 43 37.60 28.15 12.25
C HIS A 43 36.21 28.75 12.48
N HIS A 44 35.22 28.22 11.77
CA HIS A 44 33.85 28.70 11.89
C HIS A 44 32.99 27.71 12.67
N PRO A 45 31.86 28.20 13.20
CA PRO A 45 30.92 27.36 13.97
C PRO A 45 30.21 26.34 13.09
N PHE A 46 29.61 25.34 13.73
CA PHE A 46 28.88 24.30 13.02
C PHE A 46 27.38 24.40 13.26
N GLU A 47 26.60 23.71 12.43
CA GLU A 47 25.15 23.74 12.56
C GLU A 47 24.60 22.34 12.82
N THR A 48 23.34 22.26 13.20
CA THR A 48 22.69 20.99 13.47
C THR A 48 21.26 20.97 12.96
N LYS A 49 20.99 20.09 11.99
CA LYS A 49 19.66 19.97 11.41
C LYS A 49 18.97 18.70 11.87
N ASP A 50 17.78 18.45 11.35
CA ASP A 50 17.02 17.25 11.71
C ASP A 50 16.19 16.76 10.53
N VAL A 51 16.38 15.50 10.16
CA VAL A 51 15.65 14.91 9.05
C VAL A 51 15.71 13.39 9.09
N SER A 52 14.68 12.74 8.56
CA SER A 52 14.61 11.29 8.54
C SER A 52 14.60 10.74 9.96
N GLU A 53 13.43 10.78 10.60
CA GLU A 53 13.29 10.27 11.96
C GLU A 53 13.71 8.81 12.06
N TYR A 54 13.66 8.26 13.26
CA TYR A 54 14.04 6.88 13.48
C TYR A 54 12.85 6.04 13.95
N SER A 55 12.93 4.74 13.73
CA SER A 55 11.85 3.84 14.12
C SER A 55 10.57 4.15 13.36
N CYS A 56 9.64 3.20 13.35
CA CYS A 56 8.37 3.38 12.66
C CYS A 56 7.32 3.97 13.60
N ARG A 57 6.99 5.24 13.37
CA ARG A 57 5.99 5.92 14.20
C ARG A 57 4.63 5.26 14.05
N GLU A 58 3.72 5.60 14.97
CA GLU A 58 2.37 5.03 14.95
C GLU A 58 1.41 5.97 14.20
N LEU A 59 0.77 5.42 13.18
CA LEU A 59 -0.19 6.19 12.38
C LEU A 59 -1.61 5.74 12.64
N HIS A 60 -2.55 6.68 12.57
CA HIS A 60 -3.96 6.37 12.79
C HIS A 60 -4.79 6.72 11.56
N PHE A 61 -5.51 5.73 11.04
CA PHE A 61 -6.35 5.93 9.87
C PHE A 61 -7.79 5.50 10.15
N THR A 62 -8.74 6.28 9.65
CA THR A 62 -10.15 5.98 9.84
C THR A 62 -10.79 5.45 8.57
N ARG A 63 -11.91 4.76 8.70
CA ARG A 63 -12.61 4.20 7.56
C ARG A 63 -13.96 3.62 7.97
N TYR A 64 -14.96 3.78 7.11
CA TYR A 64 -16.30 3.28 7.39
C TYR A 64 -16.47 1.85 6.85
N VAL A 65 -16.68 0.90 7.75
CA VAL A 65 -16.86 -0.49 7.36
C VAL A 65 -18.34 -0.84 7.24
N THR A 66 -18.70 -1.51 6.15
CA THR A 66 -20.07 -1.91 5.91
C THR A 66 -20.15 -3.29 5.25
N ASP A 67 -20.89 -4.19 5.88
CA ASP A 67 -21.05 -5.55 5.35
C ASP A 67 -22.51 -5.87 5.13
N GLY A 68 -22.87 -6.17 3.88
CA GLY A 68 -24.24 -6.50 3.55
C GLY A 68 -25.12 -5.27 3.47
N PRO A 69 -26.43 -5.47 3.71
CA PRO A 69 -27.41 -4.38 3.66
C PRO A 69 -27.25 -3.41 4.83
N CYS A 70 -26.37 -3.75 5.76
CA CYS A 70 -26.11 -2.90 6.92
C CYS A 70 -24.74 -2.24 6.82
N ARG A 71 -24.57 -1.14 7.54
CA ARG A 71 -23.31 -0.40 7.54
C ARG A 71 -22.99 0.14 8.92
N SER A 72 -21.71 0.30 9.21
CA SER A 72 -21.26 0.80 10.50
C SER A 72 -21.90 2.15 10.80
N ALA A 73 -22.28 2.36 12.05
CA ALA A 73 -22.90 3.61 12.48
C ALA A 73 -21.85 4.70 12.65
N LYS A 74 -20.61 4.30 12.87
CA LYS A 74 -19.51 5.25 13.06
C LYS A 74 -18.23 4.73 12.42
N PRO A 75 -17.29 5.65 12.14
CA PRO A 75 -16.00 5.31 11.53
C PRO A 75 -15.10 4.53 12.48
N VAL A 76 -14.43 3.51 11.94
CA VAL A 76 -13.53 2.68 12.74
C VAL A 76 -12.11 3.26 12.74
N THR A 77 -11.39 3.02 13.83
CA THR A 77 -10.01 3.51 13.95
C THR A 77 -9.02 2.37 13.81
N GLU A 78 -8.15 2.47 12.80
CA GLU A 78 -7.14 1.45 12.57
C GLU A 78 -5.73 2.03 12.72
N LEU A 79 -4.77 1.16 13.04
CA LEU A 79 -3.39 1.59 13.22
C LEU A 79 -2.53 1.12 12.05
N VAL A 80 -1.87 2.07 11.38
CA VAL A 80 -1.02 1.75 10.25
C VAL A 80 0.46 1.83 10.65
N CYS A 81 1.28 1.02 9.99
CA CYS A 81 2.71 1.01 10.26
C CYS A 81 3.48 1.84 9.25
N SER A 82 4.16 2.89 9.72
CA SER A 82 4.93 3.76 8.85
C SER A 82 5.98 4.53 9.64
N GLY A 83 6.91 5.15 8.93
CA GLY A 83 7.96 5.91 9.58
C GLY A 83 9.34 5.54 9.09
N GLN A 84 10.19 6.55 8.88
CA GLN A 84 11.55 6.32 8.40
C GLN A 84 12.45 5.84 9.53
N CYS A 85 13.39 4.96 9.19
CA CYS A 85 14.32 4.43 10.18
C CYS A 85 15.76 4.68 9.76
N GLY A 86 16.67 4.64 10.72
CA GLY A 86 18.08 4.87 10.44
C GLY A 86 18.65 3.83 9.50
N PRO A 87 19.88 4.07 9.02
CA PRO A 87 20.57 3.16 8.11
C PRO A 87 20.99 1.86 8.78
N ALA A 88 20.82 1.80 10.10
CA ALA A 88 21.16 0.61 10.87
C ALA A 88 22.65 0.29 10.74
N ARG A 89 23.43 0.74 11.72
CA ARG A 89 24.87 0.51 11.71
C ARG A 89 25.35 -0.02 13.06
N LEU A 90 26.52 -0.63 13.07
CA LEU A 90 27.08 -1.18 14.30
C LEU A 90 27.22 -0.11 15.37
N LEU A 91 27.73 -0.50 16.54
CA LEU A 91 27.92 0.44 17.64
C LEU A 91 28.75 1.64 17.20
N PRO A 92 28.66 2.73 17.97
CA PRO A 92 29.40 3.97 17.69
C PRO A 92 30.90 3.81 17.91
N ASN A 93 31.28 2.79 18.68
CA ASN A 93 32.68 2.54 18.97
C ASN A 93 33.28 1.57 17.96
N ALA A 94 32.77 0.34 17.93
CA ALA A 94 33.25 -0.67 17.00
C ALA A 94 34.77 -0.81 17.08
N ILE A 95 35.29 -0.88 18.31
CA ILE A 95 36.72 -1.01 18.53
C ILE A 95 37.28 -2.20 17.74
N GLY A 96 38.38 -1.96 17.03
CA GLY A 96 39.00 -3.02 16.25
C GLY A 96 39.36 -2.57 14.85
N ARG A 97 40.23 -3.32 14.19
CA ARG A 97 40.66 -3.00 12.84
C ARG A 97 40.34 -4.14 11.88
N GLY A 98 40.46 -3.86 10.58
CA GLY A 98 40.18 -4.86 9.58
C GLY A 98 39.39 -4.32 8.41
N LYS A 99 39.86 -3.20 7.85
CA LYS A 99 39.18 -2.58 6.72
C LYS A 99 37.79 -2.10 7.12
N TRP A 100 37.22 -1.22 6.30
CA TRP A 100 35.88 -0.68 6.57
C TRP A 100 35.01 -0.78 5.33
N TRP A 101 34.98 -1.96 4.71
CA TRP A 101 34.18 -2.19 3.52
C TRP A 101 33.13 -3.26 3.76
N ARG A 102 32.23 -3.01 4.71
CA ARG A 102 31.18 -3.96 5.04
C ARG A 102 30.39 -4.36 3.79
N PRO A 103 29.76 -5.54 3.84
CA PRO A 103 28.97 -6.07 2.72
C PRO A 103 27.69 -5.26 2.49
N SER A 104 26.86 -5.74 1.57
CA SER A 104 25.60 -5.07 1.25
C SER A 104 24.45 -6.06 1.25
N GLY A 105 23.30 -5.62 1.78
CA GLY A 105 22.13 -6.48 1.83
C GLY A 105 20.88 -5.79 1.33
N PRO A 106 19.72 -6.41 1.57
CA PRO A 106 18.42 -5.87 1.13
C PRO A 106 18.04 -4.62 1.92
N ASP A 107 16.95 -3.98 1.50
CA ASP A 107 16.47 -2.78 2.17
C ASP A 107 15.98 -3.10 3.58
N PHE A 108 15.70 -2.05 4.35
CA PHE A 108 15.22 -2.22 5.72
C PHE A 108 13.75 -1.83 5.84
N ARG A 109 13.03 -2.51 6.73
CA ARG A 109 11.62 -2.24 6.94
C ARG A 109 11.26 -2.35 8.42
N CYS A 110 9.96 -2.31 8.70
CA CYS A 110 9.48 -2.41 10.08
C CYS A 110 8.66 -3.67 10.28
N ILE A 111 8.81 -4.28 11.46
CA ILE A 111 8.08 -5.51 11.78
C ILE A 111 6.78 -5.19 12.50
N PRO A 112 5.75 -6.02 12.26
CA PRO A 112 4.43 -5.86 12.89
C PRO A 112 4.46 -6.16 14.38
N ASP A 113 3.31 -5.97 15.04
CA ASP A 113 3.20 -6.22 16.47
C ASP A 113 1.81 -6.73 16.82
N ARG A 114 1.54 -6.83 18.13
CA ARG A 114 0.24 -7.31 18.59
C ARG A 114 -0.90 -6.56 17.90
N TYR A 115 -1.98 -7.29 17.59
CA TYR A 115 -3.13 -6.70 16.93
C TYR A 115 -4.25 -6.42 17.92
N ARG A 116 -5.32 -5.79 17.44
CA ARG A 116 -6.46 -5.47 18.29
C ARG A 116 -7.76 -5.57 17.51
N ALA A 117 -8.61 -6.52 17.90
CA ALA A 117 -9.89 -6.71 17.24
C ALA A 117 -10.97 -5.81 17.83
N GLN A 118 -11.60 -5.01 16.98
CA GLN A 118 -12.65 -4.10 17.42
C GLN A 118 -14.00 -4.49 16.82
N ARG A 119 -15.01 -4.62 17.68
CA ARG A 119 -16.34 -4.99 17.24
C ARG A 119 -17.14 -3.75 16.85
N VAL A 120 -17.60 -3.71 15.61
CA VAL A 120 -18.39 -2.58 15.12
C VAL A 120 -19.88 -2.92 15.07
N GLN A 121 -20.71 -1.90 15.12
CA GLN A 121 -22.16 -2.09 15.08
C GLN A 121 -22.74 -1.57 13.78
N LEU A 122 -23.14 -2.48 12.89
CA LEU A 122 -23.70 -2.11 11.61
C LEU A 122 -25.22 -2.02 11.70
N LEU A 123 -25.78 -0.94 11.14
CA LEU A 123 -27.22 -0.73 11.14
C LEU A 123 -27.82 -0.97 9.77
N CYS A 124 -29.06 -1.44 9.74
CA CYS A 124 -29.75 -1.71 8.48
C CYS A 124 -30.94 -0.78 8.30
N PRO A 125 -31.38 -0.61 7.04
CA PRO A 125 -32.52 0.26 6.71
C PRO A 125 -33.85 -0.33 7.19
N GLY A 126 -34.93 0.39 6.94
CA GLY A 126 -36.25 -0.08 7.35
C GLY A 126 -36.29 -0.45 8.81
N GLY A 127 -36.60 -1.72 9.09
CA GLY A 127 -36.68 -2.20 10.46
C GLY A 127 -35.70 -3.31 10.74
N GLU A 128 -34.93 -3.70 9.71
CA GLU A 128 -33.95 -4.77 9.86
C GLU A 128 -33.04 -4.51 11.05
N ALA A 129 -32.72 -5.57 11.79
CA ALA A 129 -31.84 -5.45 12.95
C ALA A 129 -30.39 -5.23 12.53
N PRO A 130 -29.59 -4.71 13.46
CA PRO A 130 -28.17 -4.44 13.21
C PRO A 130 -27.35 -5.72 13.08
N ARG A 131 -26.04 -5.57 12.87
CA ARG A 131 -25.15 -6.71 12.72
C ARG A 131 -23.74 -6.36 13.22
N ALA A 132 -23.29 -7.09 14.23
CA ALA A 132 -21.96 -6.86 14.79
C ALA A 132 -20.88 -7.46 13.89
N ARG A 133 -19.83 -6.67 13.64
CA ARG A 133 -18.73 -7.11 12.80
C ARG A 133 -17.39 -6.79 13.43
N LYS A 134 -16.60 -7.81 13.71
CA LYS A 134 -15.29 -7.63 14.32
C LYS A 134 -14.23 -7.34 13.27
N VAL A 135 -13.44 -6.30 13.51
CA VAL A 135 -12.38 -5.91 12.57
C VAL A 135 -11.01 -6.04 13.22
N ARG A 136 -10.10 -6.71 12.52
CA ARG A 136 -8.74 -6.90 13.03
C ARG A 136 -7.84 -5.74 12.62
N LEU A 137 -7.54 -4.87 13.57
CA LEU A 137 -6.69 -3.71 13.30
C LEU A 137 -5.42 -3.76 14.16
N VAL A 138 -4.28 -3.48 13.54
CA VAL A 138 -3.00 -3.50 14.24
C VAL A 138 -3.08 -2.67 15.53
N ALA A 139 -2.46 -3.17 16.58
CA ALA A 139 -2.45 -2.48 17.86
C ALA A 139 -1.11 -1.80 18.12
N SER A 140 -0.03 -2.47 17.72
CA SER A 140 1.32 -1.92 17.90
C SER A 140 2.16 -2.14 16.65
N CYS A 141 3.41 -1.69 16.71
CA CYS A 141 4.33 -1.84 15.58
C CYS A 141 5.74 -1.42 15.98
N LYS A 142 6.73 -2.14 15.45
CA LYS A 142 8.13 -1.84 15.74
C LYS A 142 8.97 -1.87 14.47
N CYS A 143 10.07 -1.11 14.48
CA CYS A 143 10.96 -1.06 13.33
C CYS A 143 12.24 -1.84 13.59
N LYS A 144 12.39 -2.96 12.90
CA LYS A 144 13.57 -3.80 13.05
C LYS A 144 13.99 -4.42 11.72
N ARG A 145 15.27 -4.73 11.60
CA ARG A 145 15.79 -5.32 10.36
C ARG A 145 15.26 -6.74 10.17
N LEU A 146 14.33 -6.90 9.25
CA LEU A 146 13.74 -8.21 8.97
C LEU A 146 12.78 -8.13 7.78
N THR A 147 12.85 -9.14 6.92
CA THR A 147 12.00 -9.19 5.73
C THR A 147 11.25 -10.52 5.65
N ARG A 148 9.99 -10.51 6.07
CA ARG A 148 9.16 -11.71 6.05
C ARG A 148 7.81 -11.43 5.40
N PHE A 149 7.34 -12.39 4.61
CA PHE A 149 6.06 -12.24 3.93
C PHE A 149 5.08 -13.31 4.38
N HIS A 150 3.81 -12.92 4.50
CA HIS A 150 2.76 -13.85 4.94
C HIS A 150 1.83 -14.20 3.78
N ASN A 151 0.89 -15.10 4.04
CA ASN A 151 -0.07 -15.51 3.02
C ASN A 151 -1.49 -15.13 3.42
N GLN A 152 -2.08 -14.20 2.66
CA GLN A 152 -3.44 -13.75 2.94
C GLN A 152 -4.46 -14.60 2.19
N SER A 153 -5.64 -14.75 2.79
CA SER A 153 -6.71 -15.55 2.18
C SER A 153 -8.06 -14.86 2.33
N GLU A 154 -9.12 -15.55 1.94
CA GLU A 154 -10.46 -15.00 2.03
C GLU A 154 -11.51 -16.09 1.78
N LEU A 155 -12.54 -16.12 2.62
CA LEU A 155 -13.60 -17.11 2.49
C LEU A 155 -14.97 -16.48 2.78
N LYS A 156 -15.95 -16.80 1.95
CA LYS A 156 -17.30 -16.27 2.11
C LYS A 156 -17.88 -16.70 3.46
N ASP A 157 -19.14 -16.33 3.69
CA ASP A 157 -19.82 -16.67 4.93
C ASP A 157 -21.32 -16.57 4.77
N PHE A 158 -22.06 -17.33 5.59
CA PHE A 158 -23.51 -17.31 5.54
C PHE A 158 -24.11 -17.39 6.94
N GLY A 159 -25.40 -17.67 7.01
CA GLY A 159 -26.08 -17.76 8.30
C GLY A 159 -27.05 -16.63 8.53
N THR A 160 -28.21 -16.95 9.10
CA THR A 160 -29.23 -15.95 9.38
C THR A 160 -30.17 -16.41 10.49
N GLU A 161 -31.25 -15.66 10.69
CA GLU A 161 -32.23 -16.00 11.72
C GLU A 161 -33.64 -15.94 11.16
N ALA A 162 -34.61 -16.32 11.99
CA ALA A 162 -36.01 -16.31 11.59
C ALA A 162 -36.92 -15.90 12.74
N ALA A 163 -37.98 -15.18 12.43
CA ALA A 163 -38.93 -14.72 13.44
C ALA A 163 -40.24 -14.27 12.80
N ARG A 164 -41.19 -15.20 12.73
CA ARG A 164 -42.50 -14.90 12.14
C ARG A 164 -43.34 -14.04 13.09
N PRO A 165 -44.36 -13.38 12.52
CA PRO A 165 -45.26 -12.51 13.30
C PRO A 165 -46.15 -13.30 14.24
N GLN A 166 -46.61 -12.64 15.30
CA GLN A 166 -47.49 -13.28 16.29
C GLN A 166 -48.35 -12.25 17.00
N LYS A 167 -49.63 -12.55 17.14
CA LYS A 167 -50.56 -11.64 17.82
C LYS A 167 -51.80 -12.40 18.30
N GLY A 168 -52.36 -11.96 19.41
CA GLY A 168 -53.54 -12.60 19.96
C GLY A 168 -54.00 -11.97 21.26
N ARG A 169 -55.32 -11.92 21.45
CA ARG A 169 -55.89 -11.34 22.67
C ARG A 169 -56.97 -12.24 23.25
N LYS A 170 -57.36 -11.96 24.49
CA LYS A 170 -58.38 -12.75 25.16
C LYS A 170 -59.74 -12.02 25.13
N PRO A 171 -60.82 -12.78 25.34
CA PRO A 171 -62.17 -12.23 25.34
C PRO A 171 -62.44 -11.34 26.55
N ARG A 172 -63.66 -10.82 26.64
CA ARG A 172 -64.04 -9.95 27.76
C ARG A 172 -65.35 -10.41 28.38
N PRO A 173 -65.30 -11.55 29.09
CA PRO A 173 -66.47 -12.13 29.76
C PRO A 173 -66.93 -11.29 30.95
N ARG A 174 -68.18 -11.49 31.35
CA ARG A 174 -68.73 -10.75 32.48
C ARG A 174 -69.56 -11.67 33.39
N ALA A 175 -69.71 -11.28 34.64
CA ALA A 175 -70.46 -12.07 35.60
C ALA A 175 -71.25 -11.17 36.56
N ARG A 176 -72.57 -11.27 36.52
CA ARG A 176 -73.43 -10.47 37.39
C ARG A 176 -74.44 -11.35 38.12
N SER A 177 -75.10 -10.77 39.12
CA SER A 177 -76.08 -11.50 39.91
C SER A 177 -76.89 -10.55 40.78
N ALA A 178 -78.16 -10.90 41.02
CA ALA A 178 -79.03 -10.08 41.84
C ALA A 178 -80.14 -10.91 42.46
N LYS A 179 -80.24 -10.88 43.78
CA LYS A 179 -81.25 -11.65 44.50
C LYS A 179 -81.60 -10.99 45.83
N ALA A 180 -82.88 -10.76 46.06
CA ALA A 180 -83.33 -10.13 47.30
C ALA A 180 -84.55 -10.86 47.86
N ASN A 181 -84.89 -10.56 49.12
CA ASN A 181 -86.03 -11.18 49.77
C ASN A 181 -86.52 -10.32 50.95
N GLN A 182 -87.72 -10.63 51.43
CA GLN A 182 -88.29 -9.89 52.55
C GLN A 182 -89.58 -10.55 53.03
N ALA A 183 -89.84 -10.44 54.33
CA ALA A 183 -91.04 -11.02 54.91
C ALA A 183 -91.30 -10.47 56.31
N GLU A 184 -92.48 -10.74 56.84
CA GLU A 184 -92.85 -10.27 58.18
C GLU A 184 -92.99 -11.44 59.15
N LEU A 185 -92.71 -11.17 60.42
CA LEU A 185 -92.80 -12.19 61.45
C LEU A 185 -94.23 -12.32 61.97
N GLU A 186 -95.11 -12.87 61.13
CA GLU A 186 -96.51 -13.05 61.52
C GLU A 186 -96.63 -13.91 62.77
N ASN A 187 -97.57 -13.55 63.64
CA ASN A 187 -97.78 -14.29 64.88
C ASN A 187 -99.11 -13.90 65.52
N ALA A 188 -99.63 -14.78 66.37
CA ALA A 188 -100.90 -14.53 67.05
C ALA A 188 -101.03 -15.39 68.30
N TYR A 189 -101.40 -14.76 69.40
CA TYR A 189 -101.57 -15.47 70.67
C TYR A 189 -103.04 -15.58 71.05
N GLY A 1 6.52 104.11 54.64
CA GLY A 1 7.40 102.95 54.64
C GLY A 1 6.65 101.65 54.41
N TRP A 2 6.26 101.41 53.16
CA TRP A 2 5.53 100.20 52.81
C TRP A 2 4.22 100.11 53.58
N GLN A 3 3.43 99.09 53.28
CA GLN A 3 2.14 98.89 53.94
C GLN A 3 2.00 97.45 54.45
N ALA A 4 0.98 97.22 55.26
CA ALA A 4 0.73 95.89 55.81
C ALA A 4 -0.62 95.35 55.36
N PHE A 5 -0.85 94.07 55.62
CA PHE A 5 -2.10 93.43 55.24
C PHE A 5 -2.45 92.30 56.20
N LYS A 6 -3.66 92.34 56.75
CA LYS A 6 -4.12 91.33 57.69
C LYS A 6 -5.31 90.56 57.12
N ASN A 7 -5.57 89.38 57.69
CA ASN A 7 -6.68 88.55 57.23
C ASN A 7 -7.52 88.07 58.41
N ASP A 8 -8.59 87.33 58.11
CA ASP A 8 -9.47 86.82 59.14
C ASP A 8 -9.69 85.32 58.97
N ALA A 9 -10.41 84.72 59.92
CA ALA A 9 -10.68 83.29 59.88
C ALA A 9 -12.04 82.98 60.49
N THR A 10 -13.07 82.91 59.65
CA THR A 10 -14.42 82.61 60.10
C THR A 10 -15.05 81.48 59.30
N GLU A 11 -14.55 80.26 59.51
CA GLU A 11 -15.06 79.10 58.80
C GLU A 11 -16.52 78.86 59.14
N ILE A 12 -17.33 78.65 58.10
CA ILE A 12 -18.76 78.40 58.29
C ILE A 12 -19.06 76.91 58.34
N ILE A 13 -19.08 76.36 59.55
CA ILE A 13 -19.36 74.94 59.73
C ILE A 13 -20.63 74.73 60.55
N PRO A 14 -21.78 75.02 59.95
CA PRO A 14 -23.08 74.88 60.60
C PRO A 14 -23.46 73.41 60.82
N GLU A 15 -24.62 73.19 61.44
CA GLU A 15 -25.09 71.83 61.70
C GLU A 15 -26.57 71.83 62.05
N LEU A 16 -27.41 71.98 61.03
CA LEU A 16 -28.85 72.00 61.22
C LEU A 16 -29.36 70.64 61.71
N GLY A 17 -30.65 70.56 61.97
CA GLY A 17 -31.23 69.32 62.45
C GLY A 17 -32.46 68.90 61.65
N GLU A 18 -32.26 68.61 60.37
CA GLU A 18 -33.35 68.20 59.50
C GLU A 18 -33.62 66.71 59.62
N TYR A 19 -34.61 66.36 60.43
CA TYR A 19 -34.98 64.96 60.63
C TYR A 19 -36.41 64.70 60.21
N PRO A 20 -36.65 64.73 58.89
CA PRO A 20 -37.98 64.49 58.31
C PRO A 20 -38.42 63.04 58.45
N GLU A 21 -39.30 62.79 59.41
CA GLU A 21 -39.82 61.44 59.66
C GLU A 21 -41.26 61.49 60.14
N PRO A 22 -42.19 61.82 59.24
CA PRO A 22 -43.62 61.90 59.55
C PRO A 22 -44.23 60.53 59.82
N PRO A 23 -45.46 60.53 60.36
CA PRO A 23 -46.18 59.30 60.67
C PRO A 23 -46.62 58.56 59.42
N PRO A 24 -47.07 57.29 59.60
CA PRO A 24 -47.53 56.46 58.49
C PRO A 24 -48.85 56.95 57.91
N GLU A 25 -49.43 56.15 57.02
CA GLU A 25 -50.70 56.49 56.39
C GLU A 25 -51.18 55.37 55.49
N LEU A 26 -50.92 54.13 55.90
CA LEU A 26 -51.33 52.96 55.13
C LEU A 26 -50.87 53.07 53.68
N GLU A 27 -49.63 52.66 53.44
CA GLU A 27 -49.07 52.71 52.09
C GLU A 27 -48.90 51.30 51.52
N ASN A 28 -49.12 51.16 50.22
CA ASN A 28 -48.99 49.87 49.55
C ASN A 28 -49.10 50.02 48.04
N ASN A 29 -49.12 48.89 47.34
CA ASN A 29 -49.22 48.91 45.89
C ASN A 29 -49.76 47.57 45.37
N LYS A 30 -51.07 47.41 45.40
CA LYS A 30 -51.71 46.18 44.93
C LYS A 30 -51.87 46.20 43.41
N THR A 31 -51.50 45.10 42.77
CA THR A 31 -51.61 44.99 41.32
C THR A 31 -51.26 43.58 40.85
N MET A 32 -51.63 43.26 39.61
CA MET A 32 -51.35 41.95 39.04
C MET A 32 -50.74 42.08 37.65
N ASN A 33 -49.63 41.41 37.43
CA ASN A 33 -48.95 41.45 36.13
C ASN A 33 -48.34 40.09 35.79
N ARG A 34 -47.98 39.91 34.52
CA ARG A 34 -47.40 38.65 34.07
C ARG A 34 -46.07 38.90 33.36
N ALA A 35 -45.22 37.89 33.34
CA ALA A 35 -43.92 37.99 32.69
C ALA A 35 -43.33 36.62 32.41
N GLU A 36 -42.21 36.59 31.69
CA GLU A 36 -41.56 35.34 31.34
C GLU A 36 -40.05 35.53 31.20
N ASN A 37 -39.32 34.43 31.05
CA ASN A 37 -37.87 34.47 30.92
C ASN A 37 -37.33 33.13 30.45
N GLY A 38 -36.01 33.02 30.40
CA GLY A 38 -35.38 31.78 29.97
C GLY A 38 -33.91 31.97 29.61
N GLY A 39 -33.17 30.87 29.57
CA GLY A 39 -31.77 30.94 29.24
C GLY A 39 -30.97 29.79 29.86
N ARG A 40 -30.83 28.70 29.11
CA ARG A 40 -30.10 27.53 29.58
C ARG A 40 -29.14 27.02 28.51
N PRO A 41 -28.10 27.81 28.21
CA PRO A 41 -27.10 27.44 27.20
C PRO A 41 -26.22 26.29 27.64
N PRO A 42 -26.37 25.14 26.97
CA PRO A 42 -25.60 23.93 27.28
C PRO A 42 -24.13 24.07 26.90
N HIS A 43 -23.32 23.10 27.31
CA HIS A 43 -21.89 23.12 27.01
C HIS A 43 -21.45 21.80 26.37
N HIS A 44 -20.37 21.86 25.60
CA HIS A 44 -19.85 20.68 24.92
C HIS A 44 -18.37 20.85 24.58
N PRO A 45 -17.52 20.81 25.62
CA PRO A 45 -16.07 20.97 25.45
C PRO A 45 -15.44 19.77 24.75
N PHE A 46 -14.13 19.85 24.53
CA PHE A 46 -13.40 18.77 23.87
C PHE A 46 -11.94 18.75 24.32
N GLU A 47 -11.28 17.63 24.07
CA GLU A 47 -9.88 17.47 24.45
C GLU A 47 -9.02 17.10 23.23
N THR A 48 -7.70 17.05 23.44
CA THR A 48 -6.78 16.72 22.36
C THR A 48 -5.45 16.22 22.91
N LYS A 49 -5.10 14.99 22.57
CA LYS A 49 -3.86 14.39 23.04
C LYS A 49 -3.22 13.54 21.94
N ASP A 50 -2.00 13.07 22.19
CA ASP A 50 -1.28 12.24 21.23
C ASP A 50 -0.02 11.66 21.85
N VAL A 51 0.58 10.70 21.16
CA VAL A 51 1.80 10.05 21.64
C VAL A 51 2.34 9.06 20.62
N SER A 52 3.65 8.95 20.54
CA SER A 52 4.30 8.04 19.60
C SER A 52 5.54 7.41 20.23
N GLU A 53 5.95 6.27 19.68
CA GLU A 53 7.12 5.55 20.19
C GLU A 53 8.38 6.04 19.50
N TYR A 54 9.49 5.36 19.74
CA TYR A 54 10.77 5.72 19.16
C TYR A 54 11.29 4.62 18.24
N SER A 55 10.50 4.28 17.23
CA SER A 55 10.88 3.23 16.28
C SER A 55 10.29 3.52 14.90
N CYS A 56 8.99 3.30 14.76
CA CYS A 56 8.30 3.53 13.49
C CYS A 56 7.03 4.34 13.70
N ARG A 57 6.74 5.24 12.77
CA ARG A 57 5.56 6.08 12.85
C ARG A 57 4.29 5.24 12.76
N GLU A 58 3.24 5.68 13.45
CA GLU A 58 1.97 4.96 13.44
C GLU A 58 0.91 5.74 12.66
N LEU A 59 0.46 5.16 11.54
CA LEU A 59 -0.55 5.79 10.71
C LEU A 59 -1.95 5.37 11.14
N HIS A 60 -2.74 6.34 11.57
CA HIS A 60 -4.11 6.06 12.02
C HIS A 60 -5.09 6.27 10.87
N PHE A 61 -5.73 5.18 10.44
CA PHE A 61 -6.70 5.24 9.35
C PHE A 61 -8.13 5.11 9.88
N THR A 62 -8.95 6.12 9.63
CA THR A 62 -10.33 6.12 10.08
C THR A 62 -11.30 6.18 8.90
N ARG A 63 -12.28 5.28 8.90
CA ARG A 63 -13.26 5.23 7.83
C ARG A 63 -14.52 4.49 8.28
N TYR A 64 -15.62 4.68 7.54
CA TYR A 64 -16.88 4.05 7.87
C TYR A 64 -17.01 2.71 7.15
N VAL A 65 -17.10 1.63 7.93
CA VAL A 65 -17.23 0.29 7.38
C VAL A 65 -18.69 -0.06 7.13
N THR A 66 -18.94 -0.85 6.09
CA THR A 66 -20.29 -1.25 5.73
C THR A 66 -20.30 -2.62 5.04
N ASP A 67 -21.14 -3.51 5.54
CA ASP A 67 -21.25 -4.86 4.98
C ASP A 67 -22.70 -5.29 4.87
N GLY A 68 -23.25 -5.23 3.67
CA GLY A 68 -24.63 -5.62 3.46
C GLY A 68 -25.58 -4.44 3.49
N PRO A 69 -26.87 -4.71 3.75
CA PRO A 69 -27.90 -3.68 3.81
C PRO A 69 -27.74 -2.78 5.04
N CYS A 70 -26.82 -3.14 5.92
CA CYS A 70 -26.56 -2.36 7.12
C CYS A 70 -25.30 -1.52 6.97
N ARG A 71 -25.14 -0.55 7.86
CA ARG A 71 -23.98 0.34 7.84
C ARG A 71 -23.49 0.65 9.25
N SER A 72 -22.18 0.74 9.42
CA SER A 72 -21.59 1.04 10.71
C SER A 72 -22.16 2.34 11.29
N ALA A 73 -22.35 2.36 12.61
CA ALA A 73 -22.88 3.54 13.27
C ALA A 73 -21.80 4.59 13.49
N LYS A 74 -20.56 4.13 13.61
CA LYS A 74 -19.42 5.03 13.83
C LYS A 74 -18.23 4.59 12.99
N PRO A 75 -17.28 5.53 12.77
CA PRO A 75 -16.07 5.27 11.99
C PRO A 75 -15.11 4.33 12.71
N VAL A 76 -14.58 3.36 11.99
CA VAL A 76 -13.64 2.40 12.56
C VAL A 76 -12.20 2.90 12.44
N THR A 77 -11.40 2.63 13.47
CA THR A 77 -10.01 3.05 13.49
C THR A 77 -9.07 1.85 13.36
N GLU A 78 -8.04 2.00 12.53
CA GLU A 78 -7.07 0.93 12.33
C GLU A 78 -5.65 1.49 12.24
N LEU A 79 -4.75 0.93 13.04
CA LEU A 79 -3.37 1.37 13.05
C LEU A 79 -2.59 0.75 11.90
N VAL A 80 -1.68 1.52 11.32
CA VAL A 80 -0.86 1.05 10.21
C VAL A 80 0.62 1.29 10.47
N CYS A 81 1.47 0.48 9.85
CA CYS A 81 2.91 0.60 10.01
C CYS A 81 3.53 1.37 8.85
N SER A 82 4.20 2.48 9.16
CA SER A 82 4.83 3.31 8.15
C SER A 82 5.90 4.21 8.76
N GLY A 83 7.14 4.01 8.36
CA GLY A 83 8.23 4.81 8.88
C GLY A 83 9.59 4.18 8.64
N GLN A 84 10.65 4.86 9.08
CA GLN A 84 12.00 4.35 8.91
C GLN A 84 12.89 4.80 10.06
N CYS A 85 13.98 4.07 10.28
CA CYS A 85 14.92 4.39 11.35
C CYS A 85 16.24 4.90 10.78
N GLY A 86 17.17 5.21 11.66
CA GLY A 86 18.46 5.71 11.23
C GLY A 86 18.97 6.86 12.09
N PRO A 87 19.37 6.55 13.33
CA PRO A 87 19.87 7.54 14.28
C PRO A 87 21.24 8.10 13.87
N ALA A 88 22.29 7.42 14.29
CA ALA A 88 23.65 7.84 13.96
C ALA A 88 23.91 9.27 14.43
N ARG A 89 24.34 9.41 15.68
CA ARG A 89 24.61 10.73 16.24
C ARG A 89 25.85 11.35 15.60
N LEU A 90 25.62 12.37 14.77
CA LEU A 90 26.71 13.06 14.09
C LEU A 90 27.75 13.55 15.08
N LEU A 91 29.03 13.37 14.74
CA LEU A 91 30.13 13.80 15.59
C LEU A 91 30.04 15.29 15.89
N PRO A 92 30.70 15.72 16.97
CA PRO A 92 30.71 17.13 17.39
C PRO A 92 31.51 18.01 16.43
N ASN A 93 32.44 17.38 15.69
CA ASN A 93 33.27 18.11 14.75
C ASN A 93 32.91 17.73 13.31
N ALA A 94 32.95 16.44 13.01
CA ALA A 94 32.62 15.95 11.68
C ALA A 94 33.54 16.57 10.64
N ILE A 95 34.76 16.89 11.04
CA ILE A 95 35.73 17.50 10.13
C ILE A 95 36.28 16.46 9.15
N GLY A 96 36.26 15.19 9.56
CA GLY A 96 36.76 14.13 8.71
C GLY A 96 35.77 13.74 7.63
N ARG A 97 35.98 14.30 6.44
CA ARG A 97 35.09 14.01 5.30
C ARG A 97 35.90 13.52 4.10
N GLY A 98 35.29 12.64 3.31
CA GLY A 98 35.96 12.11 2.14
C GLY A 98 35.01 11.38 1.21
N LYS A 99 35.27 10.10 0.98
CA LYS A 99 34.43 9.29 0.10
C LYS A 99 33.24 8.73 0.87
N TRP A 100 32.18 8.41 0.14
CA TRP A 100 30.97 7.85 0.74
C TRP A 100 30.50 6.62 -0.02
N TRP A 101 29.33 6.11 0.35
CA TRP A 101 28.77 4.94 -0.30
C TRP A 101 27.24 4.94 -0.20
N ARG A 102 26.59 5.52 -1.20
CA ARG A 102 25.14 5.59 -1.22
C ARG A 102 24.52 4.21 -1.04
N PRO A 103 23.26 4.17 -0.57
CA PRO A 103 22.54 2.92 -0.34
C PRO A 103 22.18 2.21 -1.64
N SER A 104 21.46 1.10 -1.52
CA SER A 104 21.05 0.33 -2.69
C SER A 104 19.54 0.39 -2.88
N GLY A 105 18.81 0.18 -1.78
CA GLY A 105 17.36 0.21 -1.84
C GLY A 105 16.72 0.34 -0.47
N PRO A 106 15.40 0.09 -0.40
CA PRO A 106 14.66 0.18 0.86
C PRO A 106 15.02 -0.94 1.82
N ASP A 107 15.74 -0.58 2.89
CA ASP A 107 16.15 -1.56 3.89
C ASP A 107 15.62 -1.18 5.27
N PHE A 108 16.09 -1.87 6.29
CA PHE A 108 15.65 -1.61 7.66
C PHE A 108 14.20 -2.04 7.86
N ARG A 109 13.27 -1.24 7.34
CA ARG A 109 11.86 -1.54 7.46
C ARG A 109 11.42 -1.52 8.92
N CYS A 110 10.20 -1.97 9.17
CA CYS A 110 9.66 -2.01 10.53
C CYS A 110 8.83 -3.28 10.75
N ILE A 111 9.14 -4.01 11.82
CA ILE A 111 8.41 -5.23 12.14
C ILE A 111 7.10 -4.92 12.86
N PRO A 112 6.12 -5.84 12.72
CA PRO A 112 4.81 -5.70 13.35
C PRO A 112 4.87 -5.85 14.87
N ASP A 113 3.74 -5.67 15.52
CA ASP A 113 3.66 -5.78 16.97
C ASP A 113 2.30 -6.32 17.41
N ARG A 114 2.03 -6.26 18.71
CA ARG A 114 0.76 -6.74 19.26
C ARG A 114 -0.41 -6.18 18.47
N TYR A 115 -1.38 -7.04 18.17
CA TYR A 115 -2.57 -6.63 17.42
C TYR A 115 -3.75 -6.39 18.35
N ARG A 116 -4.80 -5.75 17.82
CA ARG A 116 -5.99 -5.47 18.60
C ARG A 116 -7.22 -5.37 17.70
N ALA A 117 -8.13 -6.32 17.86
CA ALA A 117 -9.36 -6.33 17.07
C ALA A 117 -10.48 -5.57 17.77
N GLN A 118 -11.38 -4.99 16.98
CA GLN A 118 -12.49 -4.24 17.52
C GLN A 118 -13.81 -4.66 16.87
N ARG A 119 -14.86 -4.74 17.69
CA ARG A 119 -16.18 -5.15 17.19
C ARG A 119 -17.03 -3.93 16.86
N VAL A 120 -17.53 -3.88 15.64
CA VAL A 120 -18.36 -2.77 15.20
C VAL A 120 -19.83 -3.17 15.14
N GLN A 121 -20.72 -2.20 15.34
CA GLN A 121 -22.16 -2.45 15.31
C GLN A 121 -22.81 -1.75 14.13
N LEU A 122 -23.19 -2.53 13.12
CA LEU A 122 -23.84 -1.97 11.93
C LEU A 122 -25.35 -1.92 12.10
N LEU A 123 -25.95 -0.82 11.67
CA LEU A 123 -27.39 -0.64 11.76
C LEU A 123 -28.07 -0.88 10.42
N CYS A 124 -29.30 -1.37 10.45
CA CYS A 124 -30.05 -1.64 9.24
C CYS A 124 -31.36 -0.83 9.21
N PRO A 125 -31.35 0.26 8.42
CA PRO A 125 -32.52 1.13 8.29
C PRO A 125 -33.67 0.46 7.54
N GLY A 126 -34.78 0.23 8.24
CA GLY A 126 -35.92 -0.40 7.61
C GLY A 126 -36.52 -1.50 8.47
N GLY A 127 -36.82 -2.63 7.85
CA GLY A 127 -37.40 -3.75 8.58
C GLY A 127 -36.39 -4.83 8.88
N GLU A 128 -35.11 -4.48 8.85
CA GLU A 128 -34.04 -5.43 9.11
C GLU A 128 -33.42 -5.19 10.48
N ALA A 129 -32.44 -6.02 10.83
CA ALA A 129 -31.77 -5.90 12.12
C ALA A 129 -30.30 -5.54 11.93
N PRO A 130 -29.67 -5.01 12.99
CA PRO A 130 -28.26 -4.62 12.98
C PRO A 130 -27.33 -5.82 12.91
N ARG A 131 -26.19 -5.64 12.23
CA ARG A 131 -25.21 -6.71 12.09
C ARG A 131 -23.88 -6.31 12.69
N ALA A 132 -23.27 -7.22 13.44
CA ALA A 132 -21.98 -6.95 14.07
C ALA A 132 -20.83 -7.45 13.21
N ARG A 133 -19.78 -6.65 13.10
CA ARG A 133 -18.61 -7.02 12.30
C ARG A 133 -17.33 -6.85 13.11
N LYS A 134 -16.52 -7.90 13.15
CA LYS A 134 -15.27 -7.88 13.88
C LYS A 134 -14.10 -7.60 12.95
N VAL A 135 -13.25 -6.65 13.33
CA VAL A 135 -12.09 -6.28 12.54
C VAL A 135 -10.80 -6.39 13.34
N ARG A 136 -9.77 -6.98 12.74
CA ARG A 136 -8.49 -7.15 13.41
C ARG A 136 -7.48 -6.11 12.90
N LEU A 137 -7.23 -5.09 13.71
CA LEU A 137 -6.29 -4.04 13.34
C LEU A 137 -5.04 -4.11 14.21
N VAL A 138 -3.97 -3.47 13.75
CA VAL A 138 -2.71 -3.45 14.48
C VAL A 138 -2.81 -2.58 15.73
N ALA A 139 -2.21 -3.03 16.82
CA ALA A 139 -2.22 -2.28 18.07
C ALA A 139 -0.91 -1.52 18.27
N SER A 140 0.19 -2.13 17.86
CA SER A 140 1.50 -1.51 18.00
C SER A 140 2.39 -1.86 16.81
N CYS A 141 3.56 -1.21 16.75
CA CYS A 141 4.51 -1.45 15.65
C CYS A 141 5.93 -1.12 16.10
N LYS A 142 6.88 -1.95 15.69
CA LYS A 142 8.28 -1.75 16.04
C LYS A 142 9.13 -1.56 14.79
N CYS A 143 10.24 -0.86 14.93
CA CYS A 143 11.14 -0.60 13.81
C CYS A 143 12.43 -1.41 13.96
N LYS A 144 12.57 -2.44 13.12
CA LYS A 144 13.76 -3.28 13.16
C LYS A 144 14.12 -3.77 11.75
N ARG A 145 15.39 -4.13 11.57
CA ARG A 145 15.85 -4.61 10.27
C ARG A 145 14.97 -5.75 9.77
N LEU A 146 15.17 -6.12 8.50
CA LEU A 146 14.40 -7.20 7.89
C LEU A 146 15.17 -7.85 6.76
N THR A 147 15.61 -9.10 7.00
CA THR A 147 16.37 -9.84 6.00
C THR A 147 15.87 -11.27 5.89
N ARG A 148 16.46 -12.03 4.96
CA ARG A 148 16.07 -13.42 4.76
C ARG A 148 17.26 -14.26 4.31
N PHE A 149 17.01 -15.51 3.94
CA PHE A 149 18.06 -16.40 3.49
C PHE A 149 17.47 -17.69 2.92
N HIS A 150 17.71 -17.90 1.63
CA HIS A 150 17.19 -19.10 0.95
C HIS A 150 18.13 -19.53 -0.18
N ASN A 151 18.69 -20.73 -0.07
CA ASN A 151 19.59 -21.25 -1.08
C ASN A 151 19.50 -22.76 -1.16
N GLN A 152 20.00 -23.33 -2.26
CA GLN A 152 19.97 -24.77 -2.47
C GLN A 152 20.74 -25.15 -3.73
N SER A 153 21.30 -26.36 -3.73
CA SER A 153 22.06 -26.85 -4.87
C SER A 153 22.35 -28.34 -4.73
N GLU A 154 22.42 -29.03 -5.86
CA GLU A 154 22.70 -30.47 -5.86
C GLU A 154 22.97 -30.97 -7.28
N LEU A 155 23.76 -32.02 -7.39
CA LEU A 155 24.10 -32.60 -8.68
C LEU A 155 24.45 -34.08 -8.55
N LYS A 156 23.81 -34.91 -9.37
CA LYS A 156 24.06 -36.35 -9.35
C LYS A 156 23.90 -36.95 -10.74
N ASP A 157 24.56 -38.07 -10.97
CA ASP A 157 24.50 -38.75 -12.26
C ASP A 157 25.23 -40.09 -12.21
N PHE A 158 24.53 -41.14 -11.81
CA PHE A 158 25.12 -42.46 -11.72
C PHE A 158 24.11 -43.53 -12.16
N GLY A 159 24.48 -44.29 -13.19
CA GLY A 159 23.61 -45.33 -13.69
C GLY A 159 23.87 -45.66 -15.15
N THR A 160 25.10 -46.04 -15.45
CA THR A 160 25.48 -46.37 -16.82
C THR A 160 26.19 -47.73 -16.88
N GLU A 161 25.67 -48.69 -16.12
CA GLU A 161 26.26 -50.02 -16.09
C GLU A 161 25.28 -51.03 -15.49
N ALA A 162 25.10 -52.15 -16.18
CA ALA A 162 24.19 -53.20 -15.72
C ALA A 162 24.22 -54.40 -16.66
N ALA A 163 24.46 -55.58 -16.09
CA ALA A 163 24.51 -56.80 -16.87
C ALA A 163 24.44 -58.03 -15.98
N ARG A 164 24.08 -59.17 -16.56
CA ARG A 164 23.95 -60.41 -15.82
C ARG A 164 24.09 -61.62 -16.75
N PRO A 165 24.41 -62.79 -16.16
CA PRO A 165 24.57 -64.03 -16.91
C PRO A 165 23.26 -64.56 -17.47
N GLN A 166 23.34 -65.47 -18.43
CA GLN A 166 22.15 -66.04 -19.05
C GLN A 166 22.21 -67.57 -19.03
N LYS A 167 21.53 -68.17 -18.07
CA LYS A 167 21.50 -69.62 -17.94
C LYS A 167 20.31 -70.08 -17.09
N GLY A 168 19.63 -71.14 -17.56
CA GLY A 168 18.48 -71.65 -16.83
C GLY A 168 17.28 -71.85 -17.72
N ARG A 169 16.23 -72.44 -17.17
CA ARG A 169 15.01 -72.70 -17.92
C ARG A 169 13.80 -72.81 -16.99
N LYS A 170 12.63 -73.02 -17.57
CA LYS A 170 11.40 -73.16 -16.79
C LYS A 170 11.48 -74.34 -15.84
N PRO A 171 10.63 -74.33 -14.82
CA PRO A 171 10.58 -75.41 -13.82
C PRO A 171 10.03 -76.71 -14.39
N ARG A 172 9.80 -77.69 -13.51
CA ARG A 172 9.28 -78.98 -13.94
C ARG A 172 8.17 -79.46 -12.99
N PRO A 173 7.02 -78.77 -13.05
CA PRO A 173 5.87 -79.11 -12.20
C PRO A 173 5.22 -80.42 -12.61
N ARG A 174 4.99 -81.30 -11.63
CA ARG A 174 4.37 -82.59 -11.89
C ARG A 174 3.55 -83.05 -10.68
N ALA A 175 2.23 -82.92 -10.78
CA ALA A 175 1.34 -83.32 -9.71
C ALA A 175 -0.06 -83.63 -10.24
N ARG A 176 -0.97 -83.95 -9.33
CA ARG A 176 -2.34 -84.28 -9.71
C ARG A 176 -3.33 -83.57 -8.79
N SER A 177 -4.31 -82.90 -9.38
CA SER A 177 -5.33 -82.19 -8.61
C SER A 177 -6.62 -83.00 -8.53
N ALA A 178 -7.17 -83.10 -7.33
CA ALA A 178 -8.41 -83.84 -7.12
C ALA A 178 -9.41 -83.02 -6.31
N LYS A 179 -10.68 -83.09 -6.71
CA LYS A 179 -11.74 -82.36 -6.02
C LYS A 179 -13.11 -82.81 -6.49
N ALA A 180 -14.04 -82.94 -5.55
CA ALA A 180 -15.39 -83.37 -5.87
C ALA A 180 -16.29 -83.34 -4.63
N ASN A 181 -16.31 -82.20 -3.95
CA ASN A 181 -17.12 -82.03 -2.76
C ASN A 181 -18.17 -80.94 -2.95
N GLN A 182 -19.40 -81.25 -2.57
CA GLN A 182 -20.50 -80.29 -2.71
C GLN A 182 -21.72 -80.75 -1.91
N ALA A 183 -22.66 -79.83 -1.71
CA ALA A 183 -23.87 -80.14 -0.96
C ALA A 183 -24.93 -79.04 -1.16
N GLU A 184 -26.18 -79.46 -1.27
CA GLU A 184 -27.28 -78.52 -1.46
C GLU A 184 -27.81 -78.02 -0.12
N LEU A 185 -28.01 -76.71 -0.02
CA LEU A 185 -28.52 -76.11 1.21
C LEU A 185 -29.89 -75.49 0.98
N GLU A 186 -30.93 -76.33 0.98
CA GLU A 186 -32.29 -75.85 0.78
C GLU A 186 -33.14 -76.08 2.04
N ASN A 187 -33.31 -75.02 2.82
CA ASN A 187 -34.10 -75.11 4.04
C ASN A 187 -34.93 -73.84 4.25
N ALA A 188 -36.05 -73.99 4.94
CA ALA A 188 -36.94 -72.86 5.21
C ALA A 188 -38.08 -73.26 6.13
N TYR A 189 -38.92 -72.30 6.48
CA TYR A 189 -40.05 -72.55 7.37
C TYR A 189 -41.18 -73.25 6.62
N GLY A 1 40.50 -14.59 -69.37
CA GLY A 1 40.18 -14.73 -70.78
C GLY A 1 39.69 -16.12 -71.12
N TRP A 2 40.45 -17.13 -70.72
CA TRP A 2 40.10 -18.52 -70.99
C TRP A 2 39.79 -19.27 -69.70
N GLN A 3 39.14 -20.42 -69.82
CA GLN A 3 38.79 -21.24 -68.67
C GLN A 3 38.06 -20.40 -67.62
N ALA A 4 37.88 -20.97 -66.43
CA ALA A 4 37.19 -20.28 -65.35
C ALA A 4 35.76 -19.95 -65.73
N PHE A 5 35.00 -19.45 -64.76
CA PHE A 5 33.60 -19.10 -64.99
C PHE A 5 32.78 -20.33 -65.35
N LYS A 6 31.47 -20.23 -65.21
CA LYS A 6 30.57 -21.33 -65.51
C LYS A 6 30.97 -22.59 -64.75
N ASN A 7 30.89 -22.52 -63.43
CA ASN A 7 31.25 -23.65 -62.58
C ASN A 7 30.86 -23.39 -61.13
N ASP A 8 31.13 -24.36 -60.26
CA ASP A 8 30.81 -24.24 -58.84
C ASP A 8 29.30 -24.11 -58.63
N ALA A 9 28.88 -24.12 -57.38
CA ALA A 9 27.47 -24.00 -57.04
C ALA A 9 27.27 -23.83 -55.53
N THR A 10 26.45 -22.85 -55.17
CA THR A 10 26.18 -22.57 -53.76
C THR A 10 24.98 -23.37 -53.26
N GLU A 11 25.13 -24.68 -53.20
CA GLU A 11 24.06 -25.56 -52.74
C GLU A 11 22.78 -25.29 -53.52
N ILE A 12 21.69 -25.95 -53.11
CA ILE A 12 20.41 -25.79 -53.78
C ILE A 12 19.31 -25.46 -52.78
N ILE A 13 19.10 -24.16 -52.54
CA ILE A 13 18.08 -23.71 -51.62
C ILE A 13 17.02 -22.87 -52.32
N PRO A 14 16.15 -23.54 -53.10
CA PRO A 14 15.07 -22.89 -53.84
C PRO A 14 13.98 -22.35 -52.93
N GLU A 15 12.98 -21.71 -53.52
CA GLU A 15 11.87 -21.15 -52.76
C GLU A 15 10.60 -21.99 -52.94
N LEU A 16 10.47 -23.04 -52.12
CA LEU A 16 9.31 -23.92 -52.19
C LEU A 16 8.03 -23.16 -51.88
N GLY A 17 6.89 -23.80 -52.11
CA GLY A 17 5.61 -23.16 -51.86
C GLY A 17 4.46 -24.15 -51.87
N GLU A 18 4.11 -24.66 -50.70
CA GLU A 18 3.02 -25.63 -50.58
C GLU A 18 1.72 -24.93 -50.17
N TYR A 19 0.67 -25.72 -50.01
CA TYR A 19 -0.64 -25.17 -49.63
C TYR A 19 -1.18 -25.89 -48.39
N PRO A 20 -0.56 -25.63 -47.23
CA PRO A 20 -0.96 -26.23 -45.96
C PRO A 20 -2.31 -25.71 -45.47
N GLU A 21 -3.04 -26.55 -44.77
CA GLU A 21 -4.35 -26.17 -44.24
C GLU A 21 -4.41 -26.38 -42.73
N PRO A 22 -3.69 -25.51 -41.99
CA PRO A 22 -3.64 -25.58 -40.52
C PRO A 22 -4.97 -25.18 -39.89
N PRO A 23 -5.10 -25.44 -38.58
CA PRO A 23 -6.32 -25.12 -37.82
C PRO A 23 -6.50 -23.62 -37.63
N PRO A 24 -7.69 -23.21 -37.18
CA PRO A 24 -8.02 -21.80 -36.95
C PRO A 24 -7.27 -21.23 -35.76
N GLU A 25 -7.40 -19.92 -35.55
CA GLU A 25 -6.74 -19.25 -34.45
C GLU A 25 -7.49 -17.99 -34.04
N LEU A 26 -8.49 -18.15 -33.18
CA LEU A 26 -9.29 -17.02 -32.71
C LEU A 26 -9.67 -17.20 -31.25
N GLU A 27 -10.67 -16.44 -30.80
CA GLU A 27 -11.13 -16.51 -29.42
C GLU A 27 -12.54 -15.94 -29.29
N ASN A 28 -13.07 -16.00 -28.07
CA ASN A 28 -14.41 -15.48 -27.81
C ASN A 28 -14.35 -14.12 -27.12
N ASN A 29 -15.51 -13.49 -26.96
CA ASN A 29 -15.59 -12.18 -26.31
C ASN A 29 -16.98 -11.92 -25.77
N LYS A 30 -17.05 -11.16 -24.69
CA LYS A 30 -18.34 -10.83 -24.07
C LYS A 30 -18.56 -9.32 -24.04
N THR A 31 -19.74 -8.91 -23.59
CA THR A 31 -20.07 -7.48 -23.51
C THR A 31 -20.92 -7.20 -22.27
N MET A 32 -20.32 -6.51 -21.31
CA MET A 32 -21.02 -6.15 -20.08
C MET A 32 -21.27 -4.65 -19.99
N ASN A 33 -21.85 -4.21 -18.88
CA ASN A 33 -22.14 -2.79 -18.68
C ASN A 33 -21.80 -2.36 -17.26
N ARG A 34 -22.13 -1.12 -16.93
CA ARG A 34 -21.85 -0.58 -15.61
C ARG A 34 -23.05 0.19 -15.07
N ALA A 35 -22.96 0.63 -13.82
CA ALA A 35 -24.04 1.37 -13.19
C ALA A 35 -23.57 2.78 -12.80
N GLU A 36 -24.54 3.66 -12.52
CA GLU A 36 -24.23 5.03 -12.14
C GLU A 36 -24.82 5.35 -10.76
N ASN A 37 -24.17 6.27 -10.05
CA ASN A 37 -24.64 6.67 -8.72
C ASN A 37 -25.61 7.83 -8.81
N GLY A 38 -26.11 8.27 -7.66
CA GLY A 38 -27.05 9.37 -7.64
C GLY A 38 -27.09 10.08 -6.30
N GLY A 39 -26.77 11.36 -6.30
CA GLY A 39 -26.77 12.13 -5.07
C GLY A 39 -25.69 13.20 -5.06
N ARG A 40 -25.27 13.59 -3.86
CA ARG A 40 -24.24 14.61 -3.71
C ARG A 40 -22.90 13.99 -3.33
N PRO A 41 -21.82 14.75 -3.56
CA PRO A 41 -20.46 14.29 -3.26
C PRO A 41 -20.19 14.19 -1.76
N PRO A 42 -19.08 13.54 -1.39
CA PRO A 42 -18.69 13.37 0.01
C PRO A 42 -18.27 14.68 0.67
N HIS A 43 -18.44 14.76 1.98
CA HIS A 43 -18.07 15.96 2.73
C HIS A 43 -16.55 16.14 2.77
N HIS A 44 -16.11 17.35 3.04
CA HIS A 44 -14.68 17.65 3.11
C HIS A 44 -14.12 17.30 4.49
N PRO A 45 -12.80 17.13 4.57
CA PRO A 45 -12.11 16.80 5.83
C PRO A 45 -12.13 17.96 6.82
N PHE A 46 -11.68 17.69 8.04
CA PHE A 46 -11.65 18.71 9.08
C PHE A 46 -10.27 18.78 9.72
N GLU A 47 -9.94 19.94 10.28
CA GLU A 47 -8.65 20.14 10.93
C GLU A 47 -8.48 19.20 12.11
N THR A 48 -7.35 18.49 12.14
CA THR A 48 -7.07 17.54 13.21
C THR A 48 -5.56 17.31 13.35
N LYS A 49 -4.93 18.11 14.21
CA LYS A 49 -3.49 17.99 14.43
C LYS A 49 -3.12 16.57 14.86
N ASP A 50 -1.94 16.13 14.44
CA ASP A 50 -1.47 14.79 14.79
C ASP A 50 0.05 14.77 14.94
N VAL A 51 0.53 13.93 15.84
CA VAL A 51 1.97 13.80 16.08
C VAL A 51 2.30 12.51 16.82
N SER A 52 3.40 11.89 16.43
CA SER A 52 3.83 10.64 17.05
C SER A 52 5.29 10.35 16.75
N GLU A 53 5.97 9.68 17.68
CA GLU A 53 7.38 9.34 17.51
C GLU A 53 7.58 7.84 17.51
N TYR A 54 7.69 7.25 18.70
CA TYR A 54 7.89 5.82 18.84
C TYR A 54 9.00 5.33 17.91
N SER A 55 9.07 4.01 17.74
CA SER A 55 10.10 3.42 16.88
C SER A 55 9.80 3.70 15.41
N CYS A 56 8.81 3.01 14.86
CA CYS A 56 8.42 3.19 13.47
C CYS A 56 7.36 4.28 13.34
N ARG A 57 7.25 4.85 12.13
CA ARG A 57 6.28 5.90 11.87
C ARG A 57 4.86 5.37 12.02
N GLU A 58 4.26 5.63 13.19
CA GLU A 58 2.90 5.18 13.46
C GLU A 58 1.89 5.97 12.63
N LEU A 59 1.20 5.28 11.72
CA LEU A 59 0.21 5.92 10.87
C LEU A 59 -1.20 5.49 11.27
N HIS A 60 -1.96 6.43 11.82
CA HIS A 60 -3.33 6.16 12.24
C HIS A 60 -4.31 6.45 11.11
N PHE A 61 -5.43 5.73 11.11
CA PHE A 61 -6.45 5.90 10.09
C PHE A 61 -7.84 5.57 10.63
N THR A 62 -8.85 6.23 10.09
CA THR A 62 -10.23 6.01 10.54
C THR A 62 -11.20 6.15 9.36
N ARG A 63 -12.25 5.33 9.38
CA ARG A 63 -13.26 5.36 8.33
C ARG A 63 -14.51 4.60 8.75
N TYR A 64 -15.59 4.78 7.99
CA TYR A 64 -16.85 4.11 8.29
C TYR A 64 -16.95 2.78 7.56
N VAL A 65 -17.23 1.72 8.32
CA VAL A 65 -17.36 0.38 7.75
C VAL A 65 -18.81 0.04 7.45
N THR A 66 -19.03 -0.75 6.41
CA THR A 66 -20.37 -1.15 6.02
C THR A 66 -20.38 -2.55 5.40
N ASP A 67 -21.21 -3.43 5.94
CA ASP A 67 -21.30 -4.79 5.43
C ASP A 67 -22.75 -5.17 5.17
N GLY A 68 -23.15 -5.11 3.91
CA GLY A 68 -24.52 -5.45 3.55
C GLY A 68 -25.43 -4.25 3.54
N PRO A 69 -26.74 -4.50 3.70
CA PRO A 69 -27.76 -3.44 3.72
C PRO A 69 -27.67 -2.58 4.99
N CYS A 70 -26.81 -2.99 5.92
CA CYS A 70 -26.63 -2.27 7.16
C CYS A 70 -25.34 -1.45 7.14
N ARG A 71 -25.26 -0.47 8.03
CA ARG A 71 -24.08 0.39 8.11
C ARG A 71 -23.66 0.61 9.56
N SER A 72 -22.36 0.61 9.81
CA SER A 72 -21.84 0.80 11.16
C SER A 72 -22.37 2.10 11.76
N ALA A 73 -22.65 2.06 13.06
CA ALA A 73 -23.16 3.24 13.75
C ALA A 73 -22.05 4.27 13.98
N LYS A 74 -20.84 3.78 14.19
CA LYS A 74 -19.69 4.67 14.41
C LYS A 74 -18.50 4.24 13.56
N PRO A 75 -17.54 5.15 13.37
CA PRO A 75 -16.33 4.89 12.59
C PRO A 75 -15.39 3.91 13.29
N VAL A 76 -14.46 3.35 12.52
CA VAL A 76 -13.49 2.40 13.07
C VAL A 76 -12.07 2.92 12.95
N THR A 77 -11.29 2.75 14.00
CA THR A 77 -9.91 3.22 14.01
C THR A 77 -8.94 2.07 13.74
N GLU A 78 -8.08 2.25 12.75
CA GLU A 78 -7.11 1.23 12.39
C GLU A 78 -5.71 1.83 12.25
N LEU A 79 -4.73 1.15 12.81
CA LEU A 79 -3.34 1.61 12.75
C LEU A 79 -2.57 0.89 11.64
N VAL A 80 -1.59 1.58 11.06
CA VAL A 80 -0.78 1.02 10.00
C VAL A 80 0.70 1.11 10.33
N CYS A 81 1.47 0.14 9.84
CA CYS A 81 2.91 0.11 10.09
C CYS A 81 3.68 0.66 8.88
N SER A 82 4.41 1.75 9.11
CA SER A 82 5.19 2.38 8.05
C SER A 82 6.32 3.22 8.62
N GLY A 83 7.33 3.48 7.81
CA GLY A 83 8.46 4.27 8.25
C GLY A 83 9.75 3.47 8.33
N GLN A 84 10.87 4.17 8.42
CA GLN A 84 12.17 3.51 8.49
C GLN A 84 13.14 4.32 9.37
N CYS A 85 13.95 3.61 10.14
CA CYS A 85 14.92 4.26 11.03
C CYS A 85 16.32 4.23 10.40
N GLY A 86 17.28 4.82 11.10
CA GLY A 86 18.64 4.87 10.61
C GLY A 86 19.27 3.48 10.53
N PRO A 87 20.60 3.45 10.34
CA PRO A 87 21.35 2.20 10.24
C PRO A 87 21.41 1.45 11.58
N ALA A 88 20.93 2.10 12.64
CA ALA A 88 20.93 1.50 13.97
C ALA A 88 22.32 0.98 14.33
N ARG A 89 23.16 1.88 14.84
CA ARG A 89 24.52 1.52 15.23
C ARG A 89 24.50 0.56 16.42
N LEU A 90 25.65 -0.05 16.70
CA LEU A 90 25.77 -0.99 17.81
C LEU A 90 26.96 -0.64 18.69
N LEU A 91 27.09 -1.34 19.81
CA LEU A 91 28.19 -1.11 20.74
C LEU A 91 29.54 -1.22 20.03
N PRO A 92 30.58 -0.65 20.65
CA PRO A 92 31.94 -0.68 20.09
C PRO A 92 32.55 -2.07 20.12
N ASN A 93 31.99 -2.94 20.96
CA ASN A 93 32.48 -4.31 21.10
C ASN A 93 31.45 -5.30 20.60
N ALA A 94 30.59 -4.85 19.69
CA ALA A 94 29.56 -5.71 19.13
C ALA A 94 29.71 -5.84 17.61
N ILE A 95 30.72 -6.59 17.18
CA ILE A 95 30.97 -6.79 15.76
C ILE A 95 30.64 -8.22 15.34
N GLY A 96 29.82 -8.36 14.31
CA GLY A 96 29.45 -9.68 13.81
C GLY A 96 30.10 -10.01 12.49
N ARG A 97 29.34 -10.65 11.61
CA ARG A 97 29.86 -11.04 10.30
C ARG A 97 28.95 -10.51 9.19
N GLY A 98 28.33 -9.37 9.43
CA GLY A 98 27.43 -8.79 8.44
C GLY A 98 28.11 -7.71 7.62
N LYS A 99 27.84 -7.69 6.32
CA LYS A 99 28.42 -6.71 5.42
C LYS A 99 27.35 -6.02 4.60
N TRP A 100 27.13 -4.73 4.88
CA TRP A 100 26.13 -3.95 4.17
C TRP A 100 26.68 -2.58 3.78
N TRP A 101 26.33 -2.12 2.58
CA TRP A 101 26.79 -0.83 2.10
C TRP A 101 25.63 -0.01 1.52
N ARG A 102 24.79 -0.68 0.74
CA ARG A 102 23.64 -0.02 0.13
C ARG A 102 22.80 0.70 1.18
N PRO A 103 22.04 1.72 0.74
CA PRO A 103 21.17 2.50 1.62
C PRO A 103 19.99 1.70 2.15
N SER A 104 19.60 0.66 1.40
CA SER A 104 18.48 -0.18 1.78
C SER A 104 18.41 -1.42 0.90
N GLY A 105 18.64 -2.58 1.51
CA GLY A 105 18.59 -3.83 0.76
C GLY A 105 17.19 -4.40 0.66
N PRO A 106 16.67 -4.89 1.79
CA PRO A 106 15.33 -5.48 1.86
C PRO A 106 14.23 -4.43 1.70
N ASP A 107 12.99 -4.84 1.92
CA ASP A 107 11.86 -3.93 1.81
C ASP A 107 12.03 -2.73 2.72
N PHE A 108 11.95 -2.96 4.02
CA PHE A 108 12.10 -1.89 5.00
C PHE A 108 12.55 -2.44 6.35
N ARG A 109 13.07 -1.56 7.20
CA ARG A 109 13.54 -1.95 8.52
C ARG A 109 12.50 -1.63 9.59
N CYS A 110 11.40 -2.38 9.57
CA CYS A 110 10.33 -2.18 10.55
C CYS A 110 9.47 -3.44 10.67
N ILE A 111 9.29 -3.90 11.90
CA ILE A 111 8.49 -5.09 12.16
C ILE A 111 7.18 -4.73 12.86
N PRO A 112 6.16 -5.60 12.69
CA PRO A 112 4.84 -5.39 13.29
C PRO A 112 4.87 -5.57 14.81
N ASP A 113 3.71 -5.43 15.43
CA ASP A 113 3.59 -5.57 16.88
C ASP A 113 2.22 -6.11 17.27
N ARG A 114 1.92 -6.08 18.56
CA ARG A 114 0.64 -6.56 19.06
C ARG A 114 -0.51 -5.96 18.27
N TYR A 115 -1.52 -6.78 17.97
CA TYR A 115 -2.68 -6.33 17.21
C TYR A 115 -3.87 -6.12 18.13
N ARG A 116 -4.86 -5.36 17.65
CA ARG A 116 -6.06 -5.08 18.42
C ARG A 116 -7.28 -5.02 17.52
N ALA A 117 -8.18 -5.99 17.69
CA ALA A 117 -9.41 -6.04 16.90
C ALA A 117 -10.51 -5.20 17.52
N GLN A 118 -11.41 -4.69 16.68
CA GLN A 118 -12.51 -3.87 17.15
C GLN A 118 -13.83 -4.32 16.53
N ARG A 119 -14.87 -4.39 17.36
CA ARG A 119 -16.19 -4.81 16.90
C ARG A 119 -17.10 -3.61 16.69
N VAL A 120 -17.91 -3.67 15.64
CA VAL A 120 -18.84 -2.58 15.33
C VAL A 120 -20.27 -3.09 15.24
N GLN A 121 -21.23 -2.17 15.33
CA GLN A 121 -22.64 -2.53 15.25
C GLN A 121 -23.31 -1.83 14.07
N LEU A 122 -23.54 -2.58 13.00
CA LEU A 122 -24.17 -2.04 11.81
C LEU A 122 -25.69 -2.11 11.92
N LEU A 123 -26.34 -0.98 11.70
CA LEU A 123 -27.81 -0.91 11.78
C LEU A 123 -28.43 -0.95 10.39
N CYS A 124 -29.63 -1.51 10.29
CA CYS A 124 -30.34 -1.62 9.02
C CYS A 124 -31.60 -0.77 9.03
N PRO A 125 -32.11 -0.44 7.84
CA PRO A 125 -33.33 0.37 7.68
C PRO A 125 -34.57 -0.39 8.10
N GLY A 126 -35.74 0.19 7.82
CA GLY A 126 -36.99 -0.45 8.18
C GLY A 126 -37.25 -1.72 7.39
N GLY A 127 -36.76 -2.84 7.90
CA GLY A 127 -36.95 -4.11 7.23
C GLY A 127 -36.11 -5.22 7.82
N GLU A 128 -34.79 -5.10 7.69
CA GLU A 128 -33.87 -6.10 8.22
C GLU A 128 -33.49 -5.78 9.66
N ALA A 129 -32.59 -6.57 10.22
CA ALA A 129 -32.13 -6.37 11.59
C ALA A 129 -30.66 -5.97 11.62
N PRO A 130 -30.25 -5.36 12.74
CA PRO A 130 -28.86 -4.91 12.92
C PRO A 130 -27.88 -6.07 13.07
N ARG A 131 -26.64 -5.84 12.66
CA ARG A 131 -25.61 -6.87 12.74
C ARG A 131 -24.33 -6.31 13.35
N ALA A 132 -23.32 -7.16 13.47
CA ALA A 132 -22.04 -6.76 14.05
C ALA A 132 -20.88 -7.24 13.19
N ARG A 133 -19.83 -6.42 13.10
CA ARG A 133 -18.66 -6.76 12.32
C ARG A 133 -17.38 -6.59 13.14
N LYS A 134 -16.45 -7.53 12.97
CA LYS A 134 -15.19 -7.50 13.70
C LYS A 134 -14.02 -7.30 12.75
N VAL A 135 -13.15 -6.34 13.05
CA VAL A 135 -11.99 -6.06 12.22
C VAL A 135 -10.70 -6.13 13.04
N ARG A 136 -9.68 -6.77 12.46
CA ARG A 136 -8.40 -6.92 13.13
C ARG A 136 -7.41 -5.86 12.65
N LEU A 137 -7.19 -4.85 13.47
CA LEU A 137 -6.26 -3.77 13.13
C LEU A 137 -5.02 -3.82 14.01
N VAL A 138 -3.96 -3.15 13.57
CA VAL A 138 -2.70 -3.12 14.30
C VAL A 138 -2.84 -2.27 15.57
N ALA A 139 -2.25 -2.75 16.65
CA ALA A 139 -2.29 -2.04 17.92
C ALA A 139 -0.98 -1.29 18.19
N SER A 140 0.13 -1.90 17.79
CA SER A 140 1.44 -1.29 17.98
C SER A 140 2.36 -1.59 16.80
N CYS A 141 3.56 -1.05 16.85
CA CYS A 141 4.54 -1.25 15.77
C CYS A 141 5.96 -1.04 16.29
N LYS A 142 6.90 -1.82 15.74
CA LYS A 142 8.29 -1.71 16.14
C LYS A 142 9.19 -1.46 14.93
N CYS A 143 10.33 -0.83 15.16
CA CYS A 143 11.27 -0.52 14.09
C CYS A 143 12.58 -1.27 14.29
N LYS A 144 12.81 -2.29 13.47
CA LYS A 144 14.03 -3.09 13.56
C LYS A 144 14.51 -3.52 12.17
N ARG A 145 15.79 -3.82 12.05
CA ARG A 145 16.36 -4.25 10.78
C ARG A 145 16.17 -5.75 10.57
N LEU A 146 15.90 -6.14 9.33
CA LEU A 146 15.69 -7.54 9.00
C LEU A 146 16.45 -7.93 7.74
N THR A 147 16.94 -9.16 7.69
CA THR A 147 17.67 -9.64 6.53
C THR A 147 17.14 -10.99 6.06
N ARG A 148 16.05 -11.44 6.67
CA ARG A 148 15.44 -12.71 6.31
C ARG A 148 14.95 -12.69 4.87
N PHE A 149 15.36 -13.69 4.09
CA PHE A 149 14.96 -13.78 2.70
C PHE A 149 15.33 -15.15 2.12
N HIS A 150 14.40 -15.73 1.36
CA HIS A 150 14.63 -17.03 0.74
C HIS A 150 13.46 -17.42 -0.15
N ASN A 151 13.75 -18.20 -1.19
CA ASN A 151 12.71 -18.64 -2.13
C ASN A 151 13.32 -19.53 -3.21
N GLN A 152 12.59 -20.59 -3.56
CA GLN A 152 13.05 -21.53 -4.57
C GLN A 152 11.95 -22.53 -4.93
N SER A 153 11.82 -22.82 -6.22
CA SER A 153 10.80 -23.77 -6.69
C SER A 153 11.12 -24.24 -8.09
N GLU A 154 10.52 -25.37 -8.49
CA GLU A 154 10.74 -25.94 -9.81
C GLU A 154 9.89 -27.19 -10.01
N LEU A 155 9.42 -27.39 -11.23
CA LEU A 155 8.60 -28.56 -11.55
C LEU A 155 8.43 -28.71 -13.06
N LYS A 156 8.21 -29.94 -13.51
CA LYS A 156 8.03 -30.21 -14.94
C LYS A 156 7.25 -31.50 -15.14
N ASP A 157 6.49 -31.56 -16.23
CA ASP A 157 5.70 -32.75 -16.54
C ASP A 157 5.06 -32.62 -17.92
N PHE A 158 5.81 -33.01 -18.95
CA PHE A 158 5.32 -32.94 -20.32
C PHE A 158 5.79 -34.14 -21.13
N GLY A 159 4.83 -34.92 -21.64
CA GLY A 159 5.17 -36.09 -22.42
C GLY A 159 4.01 -37.07 -22.52
N THR A 160 3.17 -36.90 -23.52
CA THR A 160 2.01 -37.78 -23.72
C THR A 160 1.52 -37.71 -25.16
N GLU A 161 1.67 -38.83 -25.88
CA GLU A 161 1.23 -38.90 -27.27
C GLU A 161 0.67 -40.29 -27.59
N ALA A 162 -0.17 -40.35 -28.61
CA ALA A 162 -0.78 -41.62 -29.02
C ALA A 162 -1.27 -41.55 -30.46
N ALA A 163 -1.34 -42.69 -31.11
CA ALA A 163 -1.80 -42.76 -32.50
C ALA A 163 -2.59 -44.05 -32.76
N ARG A 164 -3.57 -43.97 -33.65
CA ARG A 164 -4.39 -45.12 -33.98
C ARG A 164 -5.11 -44.91 -35.32
N PRO A 165 -4.33 -44.93 -36.41
CA PRO A 165 -4.86 -44.74 -37.77
C PRO A 165 -5.71 -45.92 -38.22
N GLN A 166 -7.01 -45.70 -38.37
CA GLN A 166 -7.93 -46.75 -38.79
C GLN A 166 -8.82 -46.26 -39.93
N LYS A 167 -8.72 -46.91 -41.08
CA LYS A 167 -9.53 -46.55 -42.25
C LYS A 167 -10.32 -47.73 -42.75
N GLY A 168 -11.18 -47.50 -43.74
CA GLY A 168 -11.99 -48.56 -44.30
C GLY A 168 -13.37 -48.07 -44.71
N ARG A 169 -13.41 -46.93 -45.39
CA ARG A 169 -14.68 -46.36 -45.84
C ARG A 169 -14.64 -46.06 -47.33
N LYS A 170 -15.77 -46.24 -48.00
CA LYS A 170 -15.87 -45.99 -49.43
C LYS A 170 -17.30 -46.18 -49.93
N PRO A 171 -17.62 -45.57 -51.07
CA PRO A 171 -18.95 -45.66 -51.67
C PRO A 171 -19.23 -47.05 -52.25
N ARG A 172 -20.41 -47.58 -51.93
CA ARG A 172 -20.80 -48.90 -52.42
C ARG A 172 -22.15 -48.84 -53.12
N PRO A 173 -22.17 -48.24 -54.32
CA PRO A 173 -23.39 -48.10 -55.13
C PRO A 173 -23.86 -49.44 -55.68
N ARG A 174 -25.08 -49.47 -56.20
CA ARG A 174 -25.66 -50.68 -56.77
C ARG A 174 -26.50 -50.36 -58.01
N ALA A 175 -27.54 -49.56 -57.82
CA ALA A 175 -28.41 -49.19 -58.92
C ALA A 175 -29.07 -50.41 -59.54
N ARG A 176 -29.78 -50.20 -60.65
CA ARG A 176 -30.46 -51.29 -61.34
C ARG A 176 -31.02 -50.81 -62.69
N SER A 177 -31.67 -51.72 -63.39
CA SER A 177 -32.25 -51.40 -64.69
C SER A 177 -33.05 -52.58 -65.24
N ALA A 178 -34.32 -52.33 -65.54
CA ALA A 178 -35.20 -53.37 -66.07
C ALA A 178 -36.48 -52.77 -66.64
N LYS A 179 -36.43 -52.42 -67.93
CA LYS A 179 -37.59 -51.83 -68.60
C LYS A 179 -37.76 -52.42 -70.00
N ALA A 180 -38.96 -52.88 -70.30
CA ALA A 180 -39.25 -53.47 -71.60
C ALA A 180 -40.75 -53.67 -71.80
N ASN A 181 -41.26 -53.23 -72.94
CA ASN A 181 -42.68 -53.36 -73.25
C ASN A 181 -42.94 -53.22 -74.74
N GLN A 182 -44.00 -53.85 -75.22
CA GLN A 182 -44.35 -53.80 -76.63
C GLN A 182 -45.77 -54.31 -76.86
N ALA A 183 -46.37 -53.91 -77.97
CA ALA A 183 -47.72 -54.33 -78.31
C ALA A 183 -48.10 -53.87 -79.72
N GLU A 184 -49.14 -54.51 -80.27
CA GLU A 184 -49.60 -54.15 -81.61
C GLU A 184 -51.04 -54.65 -81.83
N LEU A 185 -51.66 -54.15 -82.89
CA LEU A 185 -53.04 -54.53 -83.21
C LEU A 185 -53.38 -54.16 -84.65
N GLU A 186 -53.18 -55.10 -85.56
CA GLU A 186 -53.47 -54.87 -86.97
C GLU A 186 -54.57 -55.83 -87.46
N ASN A 187 -55.82 -55.45 -87.21
CA ASN A 187 -56.95 -56.27 -87.63
C ASN A 187 -57.54 -55.76 -88.94
N ALA A 188 -58.54 -56.48 -89.45
CA ALA A 188 -59.19 -56.10 -90.70
C ALA A 188 -60.32 -57.05 -91.04
N TYR A 189 -61.53 -56.50 -91.18
CA TYR A 189 -62.70 -57.31 -91.51
C TYR A 189 -62.91 -58.40 -90.47
N GLY A 1 -18.29 -83.72 85.47
CA GLY A 1 -18.95 -83.36 84.23
C GLY A 1 -20.39 -82.92 84.46
N TRP A 2 -21.33 -83.64 83.86
CA TRP A 2 -22.74 -83.32 83.99
C TRP A 2 -23.04 -81.91 83.45
N GLN A 3 -23.16 -81.81 82.13
CA GLN A 3 -23.44 -80.53 81.50
C GLN A 3 -24.68 -80.61 80.61
N ALA A 4 -25.24 -79.46 80.27
CA ALA A 4 -26.42 -79.41 79.42
C ALA A 4 -26.71 -77.99 78.96
N PHE A 5 -27.70 -77.83 78.09
CA PHE A 5 -28.08 -76.52 77.58
C PHE A 5 -29.60 -76.34 77.60
N LYS A 6 -30.06 -75.20 77.09
CA LYS A 6 -31.48 -74.91 77.05
C LYS A 6 -31.89 -74.34 75.69
N ASN A 7 -32.80 -75.03 75.02
CA ASN A 7 -33.26 -74.59 73.71
C ASN A 7 -34.72 -74.98 73.49
N ASP A 8 -35.51 -74.05 72.97
CA ASP A 8 -36.93 -74.29 72.71
C ASP A 8 -37.45 -73.36 71.62
N ALA A 9 -38.75 -73.42 71.38
CA ALA A 9 -39.38 -72.59 70.36
C ALA A 9 -39.60 -71.16 70.88
N THR A 10 -40.45 -70.41 70.19
CA THR A 10 -40.76 -69.04 70.58
C THR A 10 -39.48 -68.24 70.83
N GLU A 11 -38.44 -68.56 70.05
CA GLU A 11 -37.16 -67.87 70.18
C GLU A 11 -37.30 -66.40 69.83
N ILE A 12 -36.20 -65.66 69.94
CA ILE A 12 -36.20 -64.24 69.63
C ILE A 12 -35.79 -63.99 68.18
N ILE A 13 -36.79 -63.88 67.30
CA ILE A 13 -36.53 -63.64 65.89
C ILE A 13 -37.19 -62.33 65.43
N PRO A 14 -36.60 -61.20 65.86
CA PRO A 14 -37.11 -59.87 65.50
C PRO A 14 -36.90 -59.55 64.02
N GLU A 15 -37.75 -58.69 63.48
CA GLU A 15 -37.66 -58.30 62.08
C GLU A 15 -38.68 -57.21 61.74
N LEU A 16 -38.20 -55.97 61.66
CA LEU A 16 -39.08 -54.85 61.34
C LEU A 16 -39.78 -55.05 60.00
N GLY A 17 -40.80 -54.24 59.74
CA GLY A 17 -41.53 -54.35 58.49
C GLY A 17 -42.68 -53.36 58.40
N GLU A 18 -42.35 -52.13 58.01
CA GLU A 18 -43.36 -51.07 57.89
C GLU A 18 -43.95 -51.06 56.49
N TYR A 19 -44.81 -50.08 56.23
CA TYR A 19 -45.46 -49.95 54.92
C TYR A 19 -45.35 -48.53 54.40
N PRO A 20 -44.15 -48.14 53.97
CA PRO A 20 -43.89 -46.80 53.44
C PRO A 20 -44.56 -46.58 52.09
N GLU A 21 -45.00 -45.34 51.85
CA GLU A 21 -45.65 -44.99 50.60
C GLU A 21 -44.67 -44.32 49.64
N PRO A 22 -45.02 -44.32 48.34
CA PRO A 22 -44.19 -43.71 47.30
C PRO A 22 -44.16 -42.19 47.40
N PRO A 23 -43.23 -41.56 46.65
CA PRO A 23 -43.08 -40.10 46.64
C PRO A 23 -44.25 -39.41 45.94
N PRO A 24 -44.32 -38.07 46.10
CA PRO A 24 -45.38 -37.27 45.49
C PRO A 24 -45.24 -37.18 43.98
N GLU A 25 -46.37 -37.10 43.29
CA GLU A 25 -46.39 -37.01 41.83
C GLU A 25 -47.23 -35.83 41.36
N LEU A 26 -46.63 -34.64 41.38
CA LEU A 26 -47.34 -33.44 40.97
C LEU A 26 -46.39 -32.48 40.22
N GLU A 27 -46.80 -31.23 40.10
CA GLU A 27 -45.99 -30.22 39.41
C GLU A 27 -46.35 -28.82 39.90
N ASN A 28 -45.41 -27.89 39.72
CA ASN A 28 -45.62 -26.51 40.13
C ASN A 28 -46.46 -25.75 39.11
N ASN A 29 -46.65 -24.45 39.35
CA ASN A 29 -47.43 -23.62 38.46
C ASN A 29 -46.56 -22.51 37.85
N LYS A 30 -46.95 -22.04 36.67
CA LYS A 30 -46.22 -20.98 35.98
C LYS A 30 -47.14 -19.81 35.67
N THR A 31 -46.59 -18.82 34.95
CA THR A 31 -47.36 -17.64 34.57
C THR A 31 -46.71 -16.91 33.41
N MET A 32 -47.53 -16.31 32.55
CA MET A 32 -47.03 -15.57 31.40
C MET A 32 -46.62 -14.16 31.80
N ASN A 33 -45.74 -13.55 31.00
CA ASN A 33 -45.26 -12.20 31.27
C ASN A 33 -45.17 -11.39 29.99
N ARG A 34 -44.77 -10.13 30.11
CA ARG A 34 -44.63 -9.25 28.95
C ARG A 34 -43.21 -8.70 28.86
N ALA A 35 -42.70 -8.61 27.63
CA ALA A 35 -41.35 -8.11 27.40
C ALA A 35 -41.38 -6.62 27.07
N GLU A 36 -40.24 -5.96 27.26
CA GLU A 36 -40.14 -4.53 26.99
C GLU A 36 -38.98 -4.24 26.04
N ASN A 37 -38.80 -2.97 25.69
CA ASN A 37 -37.74 -2.56 24.79
C ASN A 37 -36.48 -2.19 25.58
N GLY A 38 -35.43 -1.80 24.86
CA GLY A 38 -34.19 -1.42 25.49
C GLY A 38 -33.94 0.07 25.45
N GLY A 39 -32.71 0.48 25.76
CA GLY A 39 -32.37 1.89 25.75
C GLY A 39 -31.16 2.20 26.61
N ARG A 40 -30.04 2.50 25.97
CA ARG A 40 -28.82 2.83 26.69
C ARG A 40 -28.47 4.30 26.55
N PRO A 41 -27.63 4.81 27.46
CA PRO A 41 -27.20 6.21 27.47
C PRO A 41 -26.28 6.54 26.29
N PRO A 42 -26.06 7.85 26.08
CA PRO A 42 -25.21 8.33 24.98
C PRO A 42 -23.73 8.01 25.22
N HIS A 43 -22.89 8.37 24.26
CA HIS A 43 -21.46 8.13 24.36
C HIS A 43 -20.71 9.40 24.75
N HIS A 44 -19.41 9.28 24.97
CA HIS A 44 -18.59 10.42 25.34
C HIS A 44 -17.32 10.49 24.48
N PRO A 45 -16.74 11.69 24.39
CA PRO A 45 -15.53 11.92 23.59
C PRO A 45 -14.30 11.27 24.21
N PHE A 46 -13.20 11.24 23.46
CA PHE A 46 -11.97 10.64 23.94
C PHE A 46 -10.86 11.69 24.06
N GLU A 47 -9.97 11.50 25.02
CA GLU A 47 -8.87 12.43 25.24
C GLU A 47 -7.89 12.40 24.07
N THR A 48 -6.90 13.29 24.11
CA THR A 48 -5.90 13.36 23.05
C THR A 48 -4.56 12.78 23.51
N LYS A 49 -4.33 11.52 23.20
CA LYS A 49 -3.09 10.84 23.57
C LYS A 49 -2.13 10.76 22.40
N ASP A 50 -0.84 10.80 22.68
CA ASP A 50 0.18 10.73 21.64
C ASP A 50 1.33 9.82 22.08
N VAL A 51 1.96 9.17 21.10
CA VAL A 51 3.08 8.28 21.39
C VAL A 51 4.15 8.39 20.31
N SER A 52 5.40 8.21 20.71
CA SER A 52 6.52 8.29 19.78
C SER A 52 7.78 7.68 20.40
N GLU A 53 8.38 6.73 19.67
CA GLU A 53 9.58 6.05 20.15
C GLU A 53 10.64 6.01 19.04
N TYR A 54 11.70 5.26 19.30
CA TYR A 54 12.79 5.13 18.33
C TYR A 54 12.30 4.45 17.05
N SER A 55 11.44 3.45 17.21
CA SER A 55 10.89 2.73 16.07
C SER A 55 10.11 3.66 15.15
N CYS A 56 9.45 3.09 14.15
CA CYS A 56 8.66 3.86 13.20
C CYS A 56 7.36 4.32 13.84
N ARG A 57 6.80 5.41 13.31
CA ARG A 57 5.56 5.96 13.83
C ARG A 57 4.38 5.07 13.46
N GLU A 58 3.18 5.46 13.89
CA GLU A 58 1.98 4.69 13.62
C GLU A 58 0.92 5.55 12.93
N LEU A 59 0.62 5.21 11.69
CA LEU A 59 -0.37 5.95 10.91
C LEU A 59 -1.79 5.59 11.34
N HIS A 60 -2.58 6.61 11.67
CA HIS A 60 -3.96 6.40 12.11
C HIS A 60 -4.94 6.97 11.09
N PHE A 61 -5.72 6.09 10.47
CA PHE A 61 -6.70 6.50 9.47
C PHE A 61 -8.09 6.05 9.86
N THR A 62 -9.10 6.76 9.37
CA THR A 62 -10.49 6.44 9.67
C THR A 62 -11.22 5.96 8.42
N ARG A 63 -12.28 5.18 8.62
CA ARG A 63 -13.07 4.66 7.51
C ARG A 63 -14.35 4.00 8.01
N TYR A 64 -15.41 4.11 7.22
CA TYR A 64 -16.70 3.53 7.58
C TYR A 64 -16.83 2.11 7.04
N VAL A 65 -17.04 1.16 7.95
CA VAL A 65 -17.19 -0.24 7.57
C VAL A 65 -18.65 -0.60 7.32
N THR A 66 -18.89 -1.45 6.32
CA THR A 66 -20.24 -1.86 5.99
C THR A 66 -20.25 -3.27 5.38
N ASP A 67 -21.16 -4.10 5.85
CA ASP A 67 -21.27 -5.47 5.35
C ASP A 67 -22.73 -5.89 5.25
N GLY A 68 -23.26 -5.86 4.04
CA GLY A 68 -24.65 -6.24 3.83
C GLY A 68 -25.57 -5.04 3.73
N PRO A 69 -26.88 -5.27 3.96
CA PRO A 69 -27.88 -4.21 3.90
C PRO A 69 -27.75 -3.20 5.03
N CYS A 70 -26.86 -3.51 5.98
CA CYS A 70 -26.63 -2.63 7.12
C CYS A 70 -25.34 -1.84 6.94
N ARG A 71 -25.11 -0.89 7.85
CA ARG A 71 -23.91 -0.06 7.80
C ARG A 71 -23.49 0.38 9.20
N SER A 72 -22.18 0.47 9.41
CA SER A 72 -21.65 0.88 10.71
C SER A 72 -22.22 2.22 11.14
N ALA A 73 -22.52 2.34 12.43
CA ALA A 73 -23.07 3.57 12.97
C ALA A 73 -21.99 4.63 13.15
N LYS A 74 -20.74 4.18 13.30
CA LYS A 74 -19.61 5.08 13.47
C LYS A 74 -18.38 4.57 12.73
N PRO A 75 -17.43 5.48 12.48
CA PRO A 75 -16.19 5.14 11.77
C PRO A 75 -15.27 4.26 12.61
N VAL A 76 -14.28 3.65 11.96
CA VAL A 76 -13.33 2.78 12.64
C VAL A 76 -11.91 3.33 12.51
N THR A 77 -11.12 3.14 13.57
CA THR A 77 -9.73 3.60 13.57
C THR A 77 -8.78 2.49 13.13
N GLU A 78 -8.20 2.67 11.94
CA GLU A 78 -7.27 1.69 11.40
C GLU A 78 -5.82 2.14 11.59
N LEU A 79 -5.01 1.25 12.17
CA LEU A 79 -3.61 1.56 12.41
C LEU A 79 -2.73 1.03 11.30
N VAL A 80 -1.65 1.74 11.00
CA VAL A 80 -0.72 1.34 9.95
C VAL A 80 0.72 1.49 10.40
N CYS A 81 1.60 0.68 9.83
CA CYS A 81 3.03 0.72 10.18
C CYS A 81 3.81 1.53 9.15
N SER A 82 4.42 2.62 9.60
CA SER A 82 5.20 3.49 8.73
C SER A 82 6.15 4.37 9.53
N GLY A 83 7.29 4.70 8.93
CA GLY A 83 8.27 5.53 9.62
C GLY A 83 9.67 4.99 9.50
N GLN A 84 10.65 5.88 9.57
CA GLN A 84 12.05 5.47 9.48
C GLN A 84 12.68 5.36 10.86
N CYS A 85 13.86 4.74 10.92
CA CYS A 85 14.57 4.57 12.18
C CYS A 85 16.05 4.93 12.04
N GLY A 86 16.50 5.88 12.86
CA GLY A 86 17.88 6.30 12.81
C GLY A 86 18.83 5.27 13.39
N PRO A 87 18.77 5.10 14.73
CA PRO A 87 19.63 4.14 15.43
C PRO A 87 19.25 2.70 15.14
N ALA A 88 20.25 1.88 14.83
CA ALA A 88 20.03 0.47 14.52
C ALA A 88 21.34 -0.24 14.26
N ARG A 89 21.62 -1.28 15.05
CA ARG A 89 22.84 -2.06 14.89
C ARG A 89 24.06 -1.20 15.18
N LEU A 90 25.25 -1.77 14.96
CA LEU A 90 26.50 -1.05 15.20
C LEU A 90 26.52 0.27 14.43
N LEU A 91 26.77 1.36 15.15
CA LEU A 91 26.82 2.68 14.54
C LEU A 91 28.20 2.96 13.95
N PRO A 92 28.26 3.93 13.03
CA PRO A 92 29.52 4.32 12.38
C PRO A 92 30.48 5.01 13.34
N ASN A 93 29.94 5.55 14.43
CA ASN A 93 30.75 6.24 15.43
C ASN A 93 30.65 5.55 16.78
N ALA A 94 30.71 4.23 16.77
CA ALA A 94 30.63 3.45 18.00
C ALA A 94 31.63 2.30 17.99
N ILE A 95 32.52 2.31 17.01
CA ILE A 95 33.52 1.26 16.88
C ILE A 95 32.88 -0.10 16.59
N GLY A 96 33.58 -0.93 15.84
CA GLY A 96 33.06 -2.24 15.51
C GLY A 96 33.56 -2.75 14.17
N ARG A 97 32.65 -2.88 13.21
CA ARG A 97 33.02 -3.36 11.88
C ARG A 97 31.90 -3.09 10.88
N GLY A 98 32.27 -2.92 9.62
CA GLY A 98 31.29 -2.65 8.59
C GLY A 98 31.74 -1.57 7.62
N LYS A 99 31.18 -1.59 6.41
CA LYS A 99 31.53 -0.61 5.39
C LYS A 99 30.28 -0.05 4.72
N TRP A 100 29.18 -0.03 5.47
CA TRP A 100 27.91 0.48 4.94
C TRP A 100 27.42 1.66 5.76
N TRP A 101 28.35 2.48 6.23
CA TRP A 101 28.01 3.65 7.03
C TRP A 101 27.25 4.68 6.20
N ARG A 102 27.55 4.72 4.90
CA ARG A 102 26.90 5.66 3.99
C ARG A 102 25.41 5.34 3.86
N PRO A 103 24.63 6.34 3.40
CA PRO A 103 23.18 6.19 3.23
C PRO A 103 22.83 5.25 2.07
N SER A 104 21.92 4.33 2.32
CA SER A 104 21.50 3.36 1.31
C SER A 104 20.42 2.45 1.85
N GLY A 105 20.54 2.06 3.11
CA GLY A 105 19.56 1.19 3.72
C GLY A 105 19.57 -0.21 3.12
N PRO A 106 20.65 -0.95 3.38
CA PRO A 106 20.81 -2.32 2.87
C PRO A 106 19.85 -3.30 3.53
N ASP A 107 19.54 -3.05 4.80
CA ASP A 107 18.63 -3.91 5.55
C ASP A 107 17.89 -3.11 6.62
N PHE A 108 16.90 -2.34 6.18
CA PHE A 108 16.12 -1.52 7.11
C PHE A 108 14.63 -1.66 6.82
N ARG A 109 13.84 -1.86 7.88
CA ARG A 109 12.40 -2.01 7.74
C ARG A 109 11.73 -2.08 9.10
N CYS A 110 10.40 -1.94 9.12
CA CYS A 110 9.65 -1.99 10.36
C CYS A 110 8.76 -3.23 10.41
N ILE A 111 8.92 -4.03 11.46
CA ILE A 111 8.14 -5.24 11.62
C ILE A 111 6.83 -4.96 12.34
N PRO A 112 5.82 -5.81 12.09
CA PRO A 112 4.50 -5.66 12.71
C PRO A 112 4.52 -5.97 14.20
N ASP A 113 3.37 -5.81 14.85
CA ASP A 113 3.26 -6.08 16.28
C ASP A 113 1.86 -6.57 16.63
N ARG A 114 1.58 -6.66 17.93
CA ARG A 114 0.28 -7.11 18.40
C ARG A 114 -0.85 -6.36 17.71
N TYR A 115 -1.94 -7.06 17.43
CA TYR A 115 -3.10 -6.45 16.77
C TYR A 115 -4.21 -6.16 17.76
N ARG A 116 -5.27 -5.52 17.29
CA ARG A 116 -6.41 -5.19 18.13
C ARG A 116 -7.73 -5.41 17.39
N ALA A 117 -8.52 -6.38 17.85
CA ALA A 117 -9.80 -6.69 17.22
C ALA A 117 -10.92 -5.86 17.85
N GLN A 118 -11.52 -4.99 17.04
CA GLN A 118 -12.61 -4.15 17.51
C GLN A 118 -13.93 -4.55 16.86
N ARG A 119 -14.96 -4.71 17.69
CA ARG A 119 -16.28 -5.09 17.20
C ARG A 119 -17.13 -3.87 16.88
N VAL A 120 -17.56 -3.76 15.63
CA VAL A 120 -18.37 -2.63 15.20
C VAL A 120 -19.86 -2.99 15.20
N GLN A 121 -20.71 -1.99 15.43
CA GLN A 121 -22.14 -2.20 15.47
C GLN A 121 -22.81 -1.60 14.23
N LEU A 122 -23.25 -2.45 13.32
CA LEU A 122 -23.91 -1.99 12.10
C LEU A 122 -25.42 -1.91 12.29
N LEU A 123 -26.02 -0.90 11.67
CA LEU A 123 -27.46 -0.70 11.77
C LEU A 123 -28.14 -0.93 10.43
N CYS A 124 -29.39 -1.41 10.47
CA CYS A 124 -30.14 -1.67 9.25
C CYS A 124 -31.41 -0.81 9.20
N PRO A 125 -31.36 0.26 8.39
CA PRO A 125 -32.50 1.18 8.24
C PRO A 125 -33.66 0.54 7.49
N GLY A 126 -33.36 -0.50 6.72
CA GLY A 126 -34.39 -1.18 5.95
C GLY A 126 -35.48 -1.75 6.84
N GLY A 127 -35.16 -1.97 8.12
CA GLY A 127 -36.13 -2.51 9.05
C GLY A 127 -35.59 -3.71 9.81
N GLU A 128 -34.55 -4.34 9.27
CA GLU A 128 -33.95 -5.50 9.90
C GLU A 128 -33.26 -5.11 11.20
N ALA A 129 -32.50 -6.05 11.77
CA ALA A 129 -31.79 -5.82 13.01
C ALA A 129 -30.32 -5.51 12.75
N PRO A 130 -29.66 -4.89 13.74
CA PRO A 130 -28.23 -4.53 13.63
C PRO A 130 -27.33 -5.75 13.66
N ARG A 131 -26.21 -5.67 12.95
CA ARG A 131 -25.25 -6.76 12.90
C ARG A 131 -23.87 -6.32 13.38
N ALA A 132 -23.18 -7.20 14.08
CA ALA A 132 -21.85 -6.89 14.59
C ALA A 132 -20.77 -7.41 13.64
N ARG A 133 -19.68 -6.64 13.53
CA ARG A 133 -18.58 -7.01 12.65
C ARG A 133 -17.24 -6.72 13.33
N LYS A 134 -16.46 -7.78 13.55
CA LYS A 134 -15.15 -7.64 14.18
C LYS A 134 -14.08 -7.32 13.14
N VAL A 135 -13.35 -6.24 13.39
CA VAL A 135 -12.28 -5.82 12.47
C VAL A 135 -10.92 -5.96 13.13
N ARG A 136 -10.03 -6.71 12.49
CA ARG A 136 -8.68 -6.92 13.01
C ARG A 136 -7.72 -5.89 12.44
N LEU A 137 -7.35 -4.92 13.27
CA LEU A 137 -6.43 -3.86 12.85
C LEU A 137 -5.19 -3.83 13.74
N VAL A 138 -4.05 -3.47 13.16
CA VAL A 138 -2.80 -3.39 13.91
C VAL A 138 -2.97 -2.56 15.17
N ALA A 139 -2.35 -3.01 16.26
CA ALA A 139 -2.43 -2.31 17.53
C ALA A 139 -1.09 -1.66 17.88
N SER A 140 -0.01 -2.31 17.47
CA SER A 140 1.33 -1.78 17.74
C SER A 140 2.25 -2.00 16.54
N CYS A 141 3.51 -1.58 16.69
CA CYS A 141 4.48 -1.72 15.61
C CYS A 141 5.91 -1.65 16.16
N LYS A 142 6.78 -2.50 15.65
CA LYS A 142 8.17 -2.53 16.09
C LYS A 142 9.11 -2.27 14.92
N CYS A 143 10.30 -1.74 15.22
CA CYS A 143 11.28 -1.44 14.20
C CYS A 143 12.52 -2.31 14.36
N LYS A 144 12.69 -3.26 13.45
CA LYS A 144 13.84 -4.16 13.49
C LYS A 144 14.24 -4.60 12.09
N ARG A 145 15.49 -5.01 11.94
CA ARG A 145 16.01 -5.45 10.65
C ARG A 145 15.55 -6.87 10.32
N LEU A 146 14.89 -7.03 9.18
CA LEU A 146 14.40 -8.33 8.76
C LEU A 146 15.12 -8.82 7.51
N THR A 147 14.93 -10.09 7.17
CA THR A 147 15.56 -10.67 6.00
C THR A 147 14.60 -11.59 5.26
N ARG A 148 14.96 -11.94 4.02
CA ARG A 148 14.12 -12.82 3.21
C ARG A 148 14.95 -13.48 2.11
N PHE A 149 14.45 -14.60 1.60
CA PHE A 149 15.14 -15.33 0.54
C PHE A 149 14.32 -16.53 0.08
N HIS A 150 14.66 -17.07 -1.08
CA HIS A 150 13.96 -18.23 -1.62
C HIS A 150 14.88 -19.04 -2.53
N ASN A 151 14.37 -20.18 -3.00
CA ASN A 151 15.15 -21.06 -3.88
C ASN A 151 14.24 -22.06 -4.59
N GLN A 152 14.61 -22.41 -5.81
CA GLN A 152 13.84 -23.36 -6.60
C GLN A 152 14.55 -23.70 -7.90
N SER A 153 14.30 -24.90 -8.42
CA SER A 153 14.92 -25.35 -9.65
C SER A 153 14.21 -26.59 -10.21
N GLU A 154 14.31 -26.78 -11.51
CA GLU A 154 13.68 -27.93 -12.16
C GLU A 154 14.46 -28.34 -13.40
N LEU A 155 14.52 -29.66 -13.65
CA LEU A 155 15.23 -30.18 -14.80
C LEU A 155 14.46 -31.34 -15.43
N LYS A 156 14.54 -31.44 -16.75
CA LYS A 156 13.86 -32.50 -17.48
C LYS A 156 14.29 -32.54 -18.94
N ASP A 157 14.62 -33.73 -19.43
CA ASP A 157 15.05 -33.90 -20.81
C ASP A 157 15.24 -35.38 -21.14
N PHE A 158 14.35 -35.91 -21.98
CA PHE A 158 14.41 -37.31 -22.38
C PHE A 158 13.92 -37.49 -23.82
N GLY A 159 13.69 -38.74 -24.21
CA GLY A 159 13.22 -39.02 -25.55
C GLY A 159 13.80 -40.31 -26.11
N THR A 160 12.93 -41.18 -26.60
CA THR A 160 13.36 -42.45 -27.17
C THR A 160 12.23 -43.13 -27.93
N GLU A 161 12.58 -43.78 -29.03
CA GLU A 161 11.59 -44.47 -29.86
C GLU A 161 12.25 -45.56 -30.70
N ALA A 162 11.43 -46.35 -31.38
CA ALA A 162 11.92 -47.44 -32.22
C ALA A 162 10.79 -48.09 -33.00
N ALA A 163 11.11 -48.56 -34.20
CA ALA A 163 10.12 -49.21 -35.06
C ALA A 163 10.78 -49.95 -36.20
N ARG A 164 10.18 -51.05 -36.64
CA ARG A 164 10.71 -51.85 -37.74
C ARG A 164 9.72 -51.90 -38.90
N PRO A 165 10.25 -52.17 -40.11
CA PRO A 165 9.43 -52.25 -41.32
C PRO A 165 8.52 -53.48 -41.33
N GLN A 166 7.52 -53.45 -42.20
CA GLN A 166 6.57 -54.55 -42.30
C GLN A 166 6.54 -55.11 -43.73
N LYS A 167 6.37 -56.42 -43.85
CA LYS A 167 6.32 -57.07 -45.15
C LYS A 167 5.99 -58.56 -45.00
N GLY A 168 4.98 -59.02 -45.72
CA GLY A 168 4.58 -60.41 -45.66
C GLY A 168 3.52 -60.76 -46.67
N ARG A 169 3.76 -61.79 -47.46
CA ARG A 169 2.82 -62.23 -48.47
C ARG A 169 2.14 -63.53 -48.06
N LYS A 170 1.15 -63.95 -48.84
CA LYS A 170 0.42 -65.18 -48.56
C LYS A 170 0.19 -65.98 -49.85
N PRO A 171 1.27 -66.52 -50.42
CA PRO A 171 1.20 -67.30 -51.66
C PRO A 171 0.53 -68.66 -51.44
N ARG A 172 -0.23 -69.10 -52.43
CA ARG A 172 -0.93 -70.38 -52.35
C ARG A 172 -0.66 -71.23 -53.59
N PRO A 173 -0.83 -72.55 -53.45
CA PRO A 173 -0.62 -73.50 -54.55
C PRO A 173 -1.67 -73.37 -55.64
N ARG A 174 -1.22 -73.38 -56.89
CA ARG A 174 -2.12 -73.27 -58.03
C ARG A 174 -2.18 -74.57 -58.82
N ALA A 175 -3.37 -75.16 -58.90
CA ALA A 175 -3.55 -76.42 -59.63
C ALA A 175 -4.32 -76.19 -60.93
N ARG A 176 -3.95 -76.94 -61.96
CA ARG A 176 -4.59 -76.82 -63.26
C ARG A 176 -4.51 -78.13 -64.03
N SER A 177 -5.60 -78.89 -64.02
CA SER A 177 -5.64 -80.16 -64.73
C SER A 177 -6.64 -80.13 -65.88
N ALA A 178 -6.61 -81.14 -66.73
CA ALA A 178 -7.51 -81.23 -67.87
C ALA A 178 -8.18 -82.60 -67.95
N LYS A 179 -9.46 -82.64 -67.61
CA LYS A 179 -10.22 -83.89 -67.64
C LYS A 179 -11.23 -83.88 -68.78
N ALA A 180 -10.97 -84.69 -69.81
CA ALA A 180 -11.86 -84.79 -70.95
C ALA A 180 -11.69 -86.12 -71.67
N ASN A 181 -12.63 -87.03 -71.44
CA ASN A 181 -12.58 -88.34 -72.07
C ASN A 181 -13.90 -88.66 -72.76
N GLN A 182 -13.85 -89.56 -73.74
CA GLN A 182 -15.04 -89.95 -74.49
C GLN A 182 -14.99 -91.42 -74.86
N ALA A 183 -16.16 -92.08 -74.84
CA ALA A 183 -16.25 -93.50 -75.18
C ALA A 183 -17.64 -93.84 -75.71
N GLU A 184 -17.68 -94.33 -76.94
CA GLU A 184 -18.95 -94.70 -77.57
C GLU A 184 -18.97 -96.19 -77.93
N LEU A 185 -20.14 -96.70 -78.23
CA LEU A 185 -20.30 -98.11 -78.60
C LEU A 185 -20.75 -98.25 -80.05
N GLU A 186 -21.63 -97.35 -80.48
CA GLU A 186 -22.15 -97.38 -81.84
C GLU A 186 -22.69 -98.76 -82.19
N ASN A 187 -23.61 -99.25 -81.36
CA ASN A 187 -24.20 -100.56 -81.59
C ASN A 187 -25.42 -100.46 -82.52
N ALA A 188 -25.53 -101.42 -83.43
CA ALA A 188 -26.64 -101.44 -84.38
C ALA A 188 -27.26 -102.83 -84.46
N TYR A 189 -28.22 -102.98 -85.37
CA TYR A 189 -28.89 -104.27 -85.56
C TYR A 189 -27.97 -105.28 -86.22
N GLY A 1 60.55 42.75 73.77
CA GLY A 1 61.43 41.61 73.72
C GLY A 1 60.81 40.43 73.01
N TRP A 2 60.83 39.27 73.66
CA TRP A 2 60.27 38.06 73.07
C TRP A 2 60.95 37.71 71.75
N GLN A 3 62.07 37.00 71.84
CA GLN A 3 62.81 36.61 70.64
C GLN A 3 63.38 35.21 70.80
N ALA A 4 63.43 34.47 69.69
CA ALA A 4 63.95 33.10 69.71
C ALA A 4 64.91 32.88 68.54
N PHE A 5 65.29 31.63 68.33
CA PHE A 5 66.23 31.28 67.26
C PHE A 5 65.56 30.36 66.25
N LYS A 6 66.33 29.90 65.27
CA LYS A 6 65.82 29.02 64.24
C LYS A 6 66.95 28.22 63.59
N ASN A 7 66.78 26.90 63.53
CA ASN A 7 67.79 26.03 62.94
C ASN A 7 67.14 24.97 62.06
N ASP A 8 67.19 25.17 60.75
CA ASP A 8 66.61 24.23 59.80
C ASP A 8 67.45 24.13 58.54
N ALA A 9 67.62 22.92 58.03
CA ALA A 9 68.40 22.70 56.83
C ALA A 9 68.17 21.30 56.26
N THR A 10 67.58 21.24 55.07
CA THR A 10 67.29 19.97 54.42
C THR A 10 67.16 20.14 52.91
N GLU A 11 68.23 19.85 52.19
CA GLU A 11 68.23 19.97 50.74
C GLU A 11 67.69 18.69 50.09
N ILE A 12 66.88 18.86 49.04
CA ILE A 12 66.32 17.72 48.33
C ILE A 12 66.68 17.76 46.85
N ILE A 13 67.72 17.03 46.49
CA ILE A 13 68.17 16.98 45.10
C ILE A 13 68.44 15.54 44.66
N PRO A 14 67.36 14.75 44.55
CA PRO A 14 67.45 13.35 44.14
C PRO A 14 67.83 13.20 42.66
N GLU A 15 68.00 11.95 42.23
CA GLU A 15 68.38 11.68 40.85
C GLU A 15 68.19 10.20 40.52
N LEU A 16 67.13 9.90 39.76
CA LEU A 16 66.83 8.53 39.38
C LEU A 16 66.46 8.45 37.90
N GLY A 17 67.17 7.61 37.16
CA GLY A 17 66.90 7.46 35.74
C GLY A 17 67.57 6.24 35.15
N GLU A 18 67.22 5.06 35.66
CA GLU A 18 67.80 3.81 35.18
C GLU A 18 66.71 2.84 34.72
N TYR A 19 66.39 2.89 33.43
CA TYR A 19 65.37 2.02 32.86
C TYR A 19 65.84 1.42 31.54
N PRO A 20 66.78 0.47 31.63
CA PRO A 20 67.34 -0.20 30.44
C PRO A 20 66.33 -1.14 29.79
N GLU A 21 66.45 -1.31 28.48
CA GLU A 21 65.54 -2.17 27.72
C GLU A 21 66.10 -2.48 26.33
N PRO A 22 67.14 -3.32 26.29
CA PRO A 22 67.79 -3.71 25.04
C PRO A 22 66.90 -4.61 24.18
N PRO A 23 66.46 -4.07 23.03
CA PRO A 23 65.59 -4.81 22.10
C PRO A 23 66.32 -5.95 21.40
N PRO A 24 65.56 -6.82 20.73
CA PRO A 24 66.12 -7.97 20.01
C PRO A 24 66.90 -7.54 18.77
N GLU A 25 67.30 -8.53 17.97
CA GLU A 25 68.06 -8.26 16.75
C GLU A 25 68.17 -9.52 15.90
N LEU A 26 67.28 -9.65 14.92
CA LEU A 26 67.28 -10.81 14.03
C LEU A 26 66.90 -10.39 12.61
N GLU A 27 66.52 -11.37 11.80
CA GLU A 27 66.14 -11.11 10.42
C GLU A 27 65.53 -12.36 9.77
N ASN A 28 64.69 -12.15 8.76
CA ASN A 28 64.05 -13.26 8.06
C ASN A 28 63.26 -12.75 6.87
N ASN A 29 62.62 -13.68 6.15
CA ASN A 29 61.83 -13.33 4.98
C ASN A 29 60.74 -14.36 4.72
N LYS A 30 60.28 -15.00 5.80
CA LYS A 30 59.23 -16.02 5.69
C LYS A 30 58.00 -15.60 6.48
N THR A 31 56.84 -16.11 6.08
CA THR A 31 55.58 -15.80 6.74
C THR A 31 54.67 -17.01 6.79
N MET A 32 53.69 -16.97 7.69
CA MET A 32 52.74 -18.07 7.83
C MET A 32 51.46 -17.80 7.05
N ASN A 33 50.53 -18.74 7.07
CA ASN A 33 49.27 -18.60 6.36
C ASN A 33 48.10 -19.08 7.22
N ARG A 34 47.04 -18.29 7.24
CA ARG A 34 45.85 -18.63 8.04
C ARG A 34 44.61 -18.67 7.15
N ALA A 35 43.54 -19.27 7.68
CA ALA A 35 42.28 -19.37 6.93
C ALA A 35 41.30 -18.29 7.37
N GLU A 36 40.71 -17.60 6.39
CA GLU A 36 39.76 -16.54 6.68
C GLU A 36 38.36 -16.95 6.24
N ASN A 37 37.36 -16.17 6.67
CA ASN A 37 35.97 -16.46 6.32
C ASN A 37 35.46 -15.48 5.26
N GLY A 38 34.72 -16.00 4.30
CA GLY A 38 34.18 -15.16 3.23
C GLY A 38 32.70 -15.37 3.01
N GLY A 39 32.06 -14.42 2.36
CA GLY A 39 30.63 -14.52 2.10
C GLY A 39 29.97 -13.16 1.97
N ARG A 40 30.10 -12.55 0.80
CA ARG A 40 29.51 -11.24 0.55
C ARG A 40 28.55 -11.30 -0.63
N PRO A 41 27.40 -11.96 -0.43
CA PRO A 41 26.37 -12.10 -1.46
C PRO A 41 25.67 -10.78 -1.77
N PRO A 42 24.90 -10.76 -2.86
CA PRO A 42 24.16 -9.57 -3.28
C PRO A 42 23.00 -9.25 -2.35
N HIS A 43 22.84 -7.96 -2.05
CA HIS A 43 21.77 -7.52 -1.17
C HIS A 43 21.09 -6.26 -1.71
N HIS A 44 19.77 -6.29 -1.77
CA HIS A 44 19.00 -5.14 -2.27
C HIS A 44 17.81 -4.85 -1.37
N PRO A 45 18.08 -4.29 -0.19
CA PRO A 45 17.04 -3.94 0.79
C PRO A 45 16.17 -2.78 0.32
N PHE A 46 15.10 -2.51 1.06
CA PHE A 46 14.20 -1.42 0.72
C PHE A 46 14.74 -0.08 1.23
N GLU A 47 14.84 0.89 0.32
CA GLU A 47 15.35 2.21 0.66
C GLU A 47 14.21 3.23 0.73
N THR A 48 14.52 4.42 1.22
CA THR A 48 13.52 5.48 1.35
C THR A 48 14.19 6.84 1.55
N LYS A 49 14.04 7.71 0.56
CA LYS A 49 14.63 9.04 0.63
C LYS A 49 13.65 10.03 1.27
N ASP A 50 13.58 10.03 2.59
CA ASP A 50 12.69 10.91 3.32
C ASP A 50 13.14 11.06 4.78
N VAL A 51 12.87 12.23 5.36
CA VAL A 51 13.23 12.49 6.75
C VAL A 51 12.23 13.41 7.42
N SER A 52 11.23 12.81 8.07
CA SER A 52 10.20 13.57 8.75
C SER A 52 10.20 13.29 10.25
N GLU A 53 11.00 12.30 10.65
CA GLU A 53 11.10 11.92 12.06
C GLU A 53 12.36 11.10 12.30
N TYR A 54 12.49 10.58 13.53
CA TYR A 54 13.65 9.78 13.89
C TYR A 54 13.27 8.32 14.09
N SER A 55 12.00 8.09 14.44
CA SER A 55 11.51 6.74 14.66
C SER A 55 10.35 6.43 13.72
N CYS A 56 9.77 5.24 13.88
CA CYS A 56 8.66 4.82 13.05
C CYS A 56 7.38 5.56 13.43
N ARG A 57 6.99 6.53 12.60
CA ARG A 57 5.79 7.32 12.84
C ARG A 57 4.54 6.46 12.69
N GLU A 58 3.90 6.16 13.83
CA GLU A 58 2.69 5.34 13.82
C GLU A 58 1.56 6.05 13.06
N LEU A 59 1.14 5.45 11.95
CA LEU A 59 0.08 6.03 11.13
C LEU A 59 -1.29 5.55 11.62
N HIS A 60 -2.33 6.28 11.23
CA HIS A 60 -3.69 5.92 11.62
C HIS A 60 -4.69 6.33 10.54
N PHE A 61 -5.39 5.36 9.97
CA PHE A 61 -6.38 5.63 8.93
C PHE A 61 -7.77 5.20 9.38
N THR A 62 -8.79 5.83 8.81
CA THR A 62 -10.17 5.51 9.15
C THR A 62 -10.96 5.08 7.91
N ARG A 63 -12.06 4.38 8.13
CA ARG A 63 -12.90 3.92 7.04
C ARG A 63 -14.24 3.40 7.56
N TYR A 64 -15.30 3.63 6.78
CA TYR A 64 -16.64 3.19 7.17
C TYR A 64 -16.93 1.80 6.63
N VAL A 65 -17.20 0.86 7.54
CA VAL A 65 -17.51 -0.50 7.14
C VAL A 65 -19.01 -0.76 7.13
N THR A 66 -19.50 -1.31 6.02
CA THR A 66 -20.92 -1.60 5.88
C THR A 66 -21.14 -2.88 5.09
N ASP A 67 -21.86 -3.82 5.69
CA ASP A 67 -22.15 -5.10 5.04
C ASP A 67 -23.65 -5.28 4.84
N GLY A 68 -24.06 -5.54 3.60
CA GLY A 68 -25.46 -5.72 3.31
C GLY A 68 -26.26 -4.43 3.39
N PRO A 69 -27.56 -4.55 3.69
CA PRO A 69 -28.46 -3.40 3.81
C PRO A 69 -28.16 -2.56 5.04
N CYS A 70 -27.24 -3.04 5.87
CA CYS A 70 -26.86 -2.33 7.09
C CYS A 70 -25.51 -1.62 6.91
N ARG A 71 -25.12 -0.85 7.92
CA ARG A 71 -23.86 -0.12 7.87
C ARG A 71 -23.40 0.27 9.27
N SER A 72 -22.10 0.46 9.43
CA SER A 72 -21.53 0.83 10.73
C SER A 72 -22.04 2.20 11.16
N ALA A 73 -22.26 2.35 12.46
CA ALA A 73 -22.74 3.61 13.02
C ALA A 73 -21.63 4.65 13.05
N LYS A 74 -20.39 4.19 13.12
CA LYS A 74 -19.24 5.08 13.16
C LYS A 74 -18.04 4.46 12.43
N PRO A 75 -17.08 5.31 12.04
CA PRO A 75 -15.87 4.88 11.33
C PRO A 75 -14.94 4.06 12.22
N VAL A 76 -14.17 3.18 11.61
CA VAL A 76 -13.22 2.34 12.34
C VAL A 76 -11.80 2.89 12.23
N THR A 77 -11.13 2.99 13.37
CA THR A 77 -9.75 3.49 13.40
C THR A 77 -8.75 2.34 13.38
N GLU A 78 -8.07 2.18 12.26
CA GLU A 78 -7.08 1.12 12.11
C GLU A 78 -5.67 1.70 12.05
N LEU A 79 -4.83 1.32 13.00
CA LEU A 79 -3.45 1.79 13.06
C LEU A 79 -2.62 1.18 11.94
N VAL A 80 -1.78 1.99 11.32
CA VAL A 80 -0.91 1.53 10.24
C VAL A 80 0.56 1.66 10.61
N CYS A 81 1.39 0.81 10.01
CA CYS A 81 2.82 0.83 10.28
C CYS A 81 3.56 1.61 9.19
N SER A 82 4.30 2.63 9.61
CA SER A 82 5.07 3.45 8.68
C SER A 82 6.17 4.22 9.40
N GLY A 83 7.26 4.48 8.70
CA GLY A 83 8.38 5.21 9.28
C GLY A 83 9.62 4.36 9.41
N GLN A 84 10.66 4.91 10.04
CA GLN A 84 11.91 4.20 10.22
C GLN A 84 12.63 4.68 11.49
N CYS A 85 13.45 3.81 12.06
CA CYS A 85 14.20 4.13 13.27
C CYS A 85 15.70 4.23 12.97
N GLY A 86 16.46 4.62 13.98
CA GLY A 86 17.90 4.74 13.82
C GLY A 86 18.62 5.00 15.14
N PRO A 87 19.95 4.96 15.11
CA PRO A 87 20.79 5.18 16.29
C PRO A 87 20.75 6.63 16.75
N ALA A 88 21.02 6.85 18.04
CA ALA A 88 21.02 8.19 18.60
C ALA A 88 19.63 8.81 18.54
N ARG A 89 18.96 8.88 19.68
CA ARG A 89 17.62 9.45 19.76
C ARG A 89 17.64 10.77 20.53
N LEU A 90 18.79 11.44 20.53
CA LEU A 90 18.94 12.71 21.22
C LEU A 90 20.24 13.40 20.83
N LEU A 91 20.12 14.60 20.27
CA LEU A 91 21.30 15.36 19.86
C LEU A 91 21.72 16.35 20.94
N PRO A 92 22.97 16.81 20.86
CA PRO A 92 23.53 17.77 21.84
C PRO A 92 22.91 19.15 21.71
N ASN A 93 22.58 19.53 20.48
CA ASN A 93 21.98 20.83 20.21
C ASN A 93 20.90 20.74 19.14
N ALA A 94 19.78 20.10 19.50
CA ALA A 94 18.66 19.94 18.58
C ALA A 94 17.34 19.96 19.31
N ILE A 95 17.26 20.76 20.38
CA ILE A 95 16.04 20.86 21.17
C ILE A 95 15.17 22.01 20.67
N GLY A 96 15.80 23.02 20.09
CA GLY A 96 15.07 24.16 19.58
C GLY A 96 15.07 24.23 18.05
N ARG A 97 16.18 24.68 17.49
CA ARG A 97 16.31 24.79 16.05
C ARG A 97 17.48 23.96 15.53
N GLY A 98 17.24 23.20 14.47
CA GLY A 98 18.29 22.36 13.89
C GLY A 98 17.87 21.75 12.57
N LYS A 99 18.85 21.60 11.67
CA LYS A 99 18.58 21.02 10.36
C LYS A 99 19.61 19.94 10.03
N TRP A 100 19.16 18.69 10.01
CA TRP A 100 20.04 17.57 9.70
C TRP A 100 19.32 16.53 8.85
N TRP A 101 19.90 16.21 7.70
CA TRP A 101 19.31 15.24 6.79
C TRP A 101 20.39 14.51 5.99
N ARG A 102 21.60 14.47 6.54
CA ARG A 102 22.72 13.81 5.89
C ARG A 102 22.62 12.30 6.01
N PRO A 103 22.87 11.58 4.89
CA PRO A 103 22.81 10.12 4.86
C PRO A 103 23.94 9.47 5.65
N SER A 104 23.79 8.19 5.94
CA SER A 104 24.80 7.45 6.70
C SER A 104 24.99 6.05 6.13
N GLY A 105 23.93 5.25 6.14
CA GLY A 105 24.01 3.90 5.62
C GLY A 105 22.64 3.29 5.40
N PRO A 106 22.61 2.08 4.84
CA PRO A 106 21.36 1.36 4.55
C PRO A 106 20.67 0.89 5.83
N ASP A 107 19.34 1.00 5.85
CA ASP A 107 18.57 0.59 7.01
C ASP A 107 17.45 -0.37 6.59
N PHE A 108 16.70 -0.86 7.58
CA PHE A 108 15.62 -1.79 7.32
C PHE A 108 14.26 -1.13 7.59
N ARG A 109 13.19 -1.91 7.42
CA ARG A 109 11.85 -1.40 7.64
C ARG A 109 11.40 -1.67 9.08
N CYS A 110 10.13 -1.38 9.36
CA CYS A 110 9.58 -1.60 10.69
C CYS A 110 8.74 -2.87 10.74
N ILE A 111 9.01 -3.71 11.75
CA ILE A 111 8.30 -4.96 11.91
C ILE A 111 6.96 -4.75 12.59
N PRO A 112 6.00 -5.65 12.33
CA PRO A 112 4.66 -5.58 12.91
C PRO A 112 4.66 -5.88 14.41
N ASP A 113 3.51 -5.72 15.05
CA ASP A 113 3.38 -5.98 16.48
C ASP A 113 2.01 -6.54 16.81
N ARG A 114 1.70 -6.64 18.10
CA ARG A 114 0.43 -7.16 18.55
C ARG A 114 -0.73 -6.48 17.82
N TYR A 115 -1.77 -7.25 17.51
CA TYR A 115 -2.93 -6.72 16.82
C TYR A 115 -4.11 -6.54 17.77
N ARG A 116 -5.20 -5.97 17.26
CA ARG A 116 -6.39 -5.73 18.07
C ARG A 116 -7.65 -5.92 17.23
N ALA A 117 -8.44 -6.94 17.57
CA ALA A 117 -9.68 -7.22 16.85
C ALA A 117 -10.86 -6.50 17.50
N GLN A 118 -11.33 -5.43 16.85
CA GLN A 118 -12.45 -4.67 17.37
C GLN A 118 -13.75 -5.06 16.67
N ARG A 119 -14.86 -4.99 17.40
CA ARG A 119 -16.17 -5.34 16.85
C ARG A 119 -16.98 -4.09 16.56
N VAL A 120 -17.38 -3.93 15.30
CA VAL A 120 -18.18 -2.77 14.90
C VAL A 120 -19.67 -3.08 14.97
N GLN A 121 -20.46 -2.04 15.20
CA GLN A 121 -21.92 -2.20 15.29
C GLN A 121 -22.60 -1.62 14.07
N LEU A 122 -23.19 -2.50 13.26
CA LEU A 122 -23.89 -2.06 12.04
C LEU A 122 -25.40 -1.98 12.28
N LEU A 123 -26.02 -0.94 11.71
CA LEU A 123 -27.45 -0.74 11.86
C LEU A 123 -28.16 -0.90 10.53
N CYS A 124 -29.41 -1.37 10.58
CA CYS A 124 -30.21 -1.56 9.37
C CYS A 124 -31.42 -0.63 9.36
N PRO A 125 -31.33 0.45 8.57
CA PRO A 125 -32.40 1.43 8.45
C PRO A 125 -33.63 0.86 7.71
N GLY A 126 -33.47 -0.33 7.15
CA GLY A 126 -34.57 -0.96 6.44
C GLY A 126 -35.65 -1.47 7.36
N GLY A 127 -35.24 -1.91 8.55
CA GLY A 127 -36.20 -2.43 9.52
C GLY A 127 -35.67 -3.64 10.26
N GLU A 128 -34.61 -4.25 9.74
CA GLU A 128 -34.01 -5.42 10.36
C GLU A 128 -33.20 -5.03 11.60
N ALA A 129 -32.93 -6.01 12.45
CA ALA A 129 -32.17 -5.77 13.67
C ALA A 129 -30.72 -5.43 13.36
N PRO A 130 -30.03 -4.82 14.33
CA PRO A 130 -28.63 -4.42 14.19
C PRO A 130 -27.69 -5.62 14.16
N ARG A 131 -26.58 -5.48 13.44
CA ARG A 131 -25.61 -6.56 13.33
C ARG A 131 -24.23 -6.10 13.81
N ALA A 132 -23.27 -7.02 13.82
CA ALA A 132 -21.91 -6.71 14.26
C ALA A 132 -20.89 -7.34 13.34
N ARG A 133 -19.74 -6.68 13.19
CA ARG A 133 -18.67 -7.17 12.33
C ARG A 133 -17.31 -6.93 12.97
N LYS A 134 -16.54 -8.00 13.11
CA LYS A 134 -15.21 -7.91 13.71
C LYS A 134 -14.18 -7.47 12.68
N VAL A 135 -13.19 -6.71 13.13
CA VAL A 135 -12.14 -6.21 12.24
C VAL A 135 -10.76 -6.35 12.90
N ARG A 136 -9.84 -6.99 12.20
CA ARG A 136 -8.49 -7.19 12.70
C ARG A 136 -7.57 -6.05 12.26
N LEU A 137 -7.26 -5.15 13.18
CA LEU A 137 -6.40 -4.02 12.88
C LEU A 137 -5.18 -4.02 13.80
N VAL A 138 -4.04 -3.60 13.26
CA VAL A 138 -2.79 -3.53 14.03
C VAL A 138 -2.99 -2.75 15.32
N ALA A 139 -2.38 -3.21 16.40
CA ALA A 139 -2.48 -2.55 17.69
C ALA A 139 -1.18 -1.82 18.03
N SER A 140 -0.06 -2.38 17.61
CA SER A 140 1.25 -1.78 17.88
C SER A 140 2.18 -1.98 16.69
N CYS A 141 3.39 -1.43 16.81
CA CYS A 141 4.37 -1.53 15.74
C CYS A 141 5.79 -1.32 16.29
N LYS A 142 6.73 -2.11 15.80
CA LYS A 142 8.12 -2.01 16.24
C LYS A 142 9.04 -1.71 15.06
N CYS A 143 10.17 -1.08 15.35
CA CYS A 143 11.14 -0.73 14.32
C CYS A 143 12.46 -1.46 14.54
N LYS A 144 12.82 -2.33 13.60
CA LYS A 144 14.06 -3.09 13.69
C LYS A 144 14.93 -2.87 12.45
N ARG A 145 16.24 -2.94 12.64
CA ARG A 145 17.17 -2.74 11.53
C ARG A 145 18.09 -3.96 11.39
N LEU A 146 17.82 -4.78 10.38
CA LEU A 146 18.62 -5.98 10.13
C LEU A 146 19.12 -5.99 8.69
N THR A 147 20.42 -5.77 8.52
CA THR A 147 21.04 -5.77 7.20
C THR A 147 22.36 -6.52 7.21
N ARG A 148 22.91 -6.74 6.02
CA ARG A 148 24.19 -7.44 5.89
C ARG A 148 25.27 -6.52 5.31
N PHE A 149 26.51 -7.00 5.31
CA PHE A 149 27.63 -6.22 4.79
C PHE A 149 28.32 -6.96 3.65
N HIS A 150 29.32 -6.31 3.05
CA HIS A 150 30.06 -6.90 1.96
C HIS A 150 31.54 -7.04 2.31
N ASN A 151 32.31 -7.62 1.40
CA ASN A 151 33.74 -7.81 1.63
C ASN A 151 34.54 -7.47 0.37
N GLN A 152 35.85 -7.64 0.44
CA GLN A 152 36.73 -7.35 -0.68
C GLN A 152 38.15 -7.82 -0.41
N SER A 153 39.07 -7.48 -1.31
CA SER A 153 40.46 -7.87 -1.17
C SER A 153 41.19 -6.97 -0.18
N GLU A 154 42.28 -7.47 0.39
CA GLU A 154 43.06 -6.71 1.35
C GLU A 154 44.54 -7.06 1.23
N LEU A 155 45.34 -6.10 0.75
CA LEU A 155 46.77 -6.30 0.59
C LEU A 155 47.54 -5.61 1.71
N LYS A 156 47.59 -6.26 2.87
CA LYS A 156 48.30 -5.72 4.02
C LYS A 156 49.66 -6.39 4.19
N ASP A 157 50.31 -6.13 5.31
CA ASP A 157 51.62 -6.70 5.59
C ASP A 157 51.78 -7.00 7.08
N PHE A 158 52.59 -8.00 7.40
CA PHE A 158 52.82 -8.38 8.79
C PHE A 158 54.30 -8.66 9.03
N GLY A 159 54.61 -9.28 10.17
CA GLY A 159 55.98 -9.60 10.50
C GLY A 159 56.52 -10.77 9.71
N THR A 160 57.56 -11.41 10.23
CA THR A 160 58.16 -12.55 9.57
C THR A 160 58.50 -13.65 10.57
N GLU A 161 58.06 -14.87 10.27
CA GLU A 161 58.31 -16.02 11.15
C GLU A 161 59.25 -17.02 10.48
N ALA A 162 59.44 -18.16 11.12
CA ALA A 162 60.31 -19.20 10.58
C ALA A 162 59.52 -20.47 10.25
N ALA A 163 60.09 -21.31 9.41
CA ALA A 163 59.44 -22.55 9.01
C ALA A 163 60.47 -23.64 8.73
N ARG A 164 60.01 -24.76 8.17
CA ARG A 164 60.89 -25.88 7.86
C ARG A 164 61.22 -25.91 6.37
N PRO A 165 62.30 -26.61 6.01
CA PRO A 165 62.74 -26.74 4.62
C PRO A 165 61.80 -27.58 3.78
N GLN A 166 62.21 -27.90 2.56
CA GLN A 166 61.40 -28.70 1.66
C GLN A 166 62.27 -29.41 0.62
N LYS A 167 61.67 -30.35 -0.09
CA LYS A 167 62.40 -31.11 -1.12
C LYS A 167 61.45 -32.00 -1.91
N GLY A 168 61.94 -32.53 -3.02
CA GLY A 168 61.12 -33.40 -3.85
C GLY A 168 61.80 -33.79 -5.14
N ARG A 169 61.37 -34.89 -5.73
CA ARG A 169 61.95 -35.37 -6.99
C ARG A 169 60.88 -35.55 -8.04
N LYS A 170 61.30 -35.84 -9.27
CA LYS A 170 60.38 -36.04 -10.38
C LYS A 170 60.09 -37.53 -10.59
N PRO A 171 58.98 -37.82 -11.28
CA PRO A 171 58.57 -39.20 -11.56
C PRO A 171 59.50 -39.89 -12.56
N ARG A 172 59.61 -41.20 -12.45
CA ARG A 172 60.46 -41.97 -13.34
C ARG A 172 59.68 -43.12 -13.99
N PRO A 173 58.76 -42.77 -14.90
CA PRO A 173 57.93 -43.76 -15.60
C PRO A 173 58.73 -44.59 -16.59
N ARG A 174 58.09 -45.62 -17.14
CA ARG A 174 58.75 -46.49 -18.10
C ARG A 174 57.83 -46.81 -19.27
N ALA A 175 58.34 -47.54 -20.25
CA ALA A 175 57.57 -47.91 -21.42
C ALA A 175 58.38 -48.79 -22.37
N ARG A 176 57.70 -49.39 -23.34
CA ARG A 176 58.36 -50.26 -24.32
C ARG A 176 57.55 -50.35 -25.61
N SER A 177 58.11 -51.02 -26.61
CA SER A 177 57.44 -51.17 -27.89
C SER A 177 57.01 -52.61 -28.10
N ALA A 178 55.88 -52.80 -28.78
CA ALA A 178 55.36 -54.13 -29.06
C ALA A 178 55.37 -54.42 -30.55
N LYS A 179 56.50 -54.88 -31.06
CA LYS A 179 56.64 -55.21 -32.48
C LYS A 179 57.10 -56.64 -32.67
N ALA A 180 56.29 -57.44 -33.36
CA ALA A 180 56.62 -58.83 -33.61
C ALA A 180 56.19 -59.25 -35.02
N ASN A 181 56.94 -60.17 -35.61
CA ASN A 181 56.64 -60.65 -36.95
C ASN A 181 57.11 -62.10 -37.13
N GLN A 182 56.47 -62.80 -38.06
CA GLN A 182 56.84 -64.19 -38.32
C GLN A 182 56.18 -64.69 -39.61
N ALA A 183 54.94 -64.27 -39.84
CA ALA A 183 54.21 -64.68 -41.03
C ALA A 183 54.02 -66.18 -41.08
N GLU A 184 53.18 -66.64 -42.01
CA GLU A 184 52.90 -68.07 -42.15
C GLU A 184 51.94 -68.31 -43.32
N LEU A 185 51.01 -67.38 -43.51
CA LEU A 185 50.03 -67.50 -44.59
C LEU A 185 50.66 -67.17 -45.94
N GLU A 186 51.73 -67.89 -46.27
CA GLU A 186 52.42 -67.68 -47.55
C GLU A 186 51.92 -68.65 -48.61
N ASN A 187 52.39 -68.46 -49.83
CA ASN A 187 52.00 -69.33 -50.95
C ASN A 187 52.68 -70.68 -50.84
N ALA A 188 54.00 -70.68 -50.82
CA ALA A 188 54.78 -71.91 -50.72
C ALA A 188 54.49 -72.83 -51.91
N TYR A 189 55.13 -74.00 -51.91
CA TYR A 189 54.95 -74.97 -52.99
C TYR A 189 53.51 -75.46 -53.02
N GLY A 1 -36.95 -50.92 -136.30
CA GLY A 1 -36.76 -49.48 -136.44
C GLY A 1 -35.41 -49.03 -135.92
N TRP A 2 -35.40 -48.52 -134.69
CA TRP A 2 -34.17 -48.04 -134.07
C TRP A 2 -34.31 -47.98 -132.55
N GLN A 3 -33.19 -48.17 -131.86
CA GLN A 3 -33.20 -48.13 -130.39
C GLN A 3 -33.67 -46.77 -129.89
N ALA A 4 -33.59 -46.58 -128.57
CA ALA A 4 -34.01 -45.33 -127.96
C ALA A 4 -32.99 -44.87 -126.92
N PHE A 5 -33.37 -43.85 -126.15
CA PHE A 5 -32.49 -43.31 -125.12
C PHE A 5 -33.15 -43.39 -123.75
N LYS A 6 -32.44 -43.95 -122.77
CA LYS A 6 -32.95 -44.08 -121.42
C LYS A 6 -31.93 -43.63 -120.39
N ASN A 7 -32.38 -42.87 -119.40
CA ASN A 7 -31.50 -42.37 -118.35
C ASN A 7 -32.24 -42.24 -117.02
N ASP A 8 -31.49 -42.08 -115.94
CA ASP A 8 -32.08 -41.94 -114.61
C ASP A 8 -32.50 -40.50 -114.35
N ALA A 9 -33.58 -40.34 -113.60
CA ALA A 9 -34.10 -39.00 -113.29
C ALA A 9 -35.06 -39.06 -112.11
N THR A 10 -34.63 -38.54 -110.96
CA THR A 10 -35.45 -38.53 -109.77
C THR A 10 -36.18 -37.20 -109.61
N GLU A 11 -36.40 -36.51 -110.72
CA GLU A 11 -37.07 -35.22 -110.70
C GLU A 11 -36.42 -34.27 -109.71
N ILE A 12 -37.03 -33.11 -109.51
CA ILE A 12 -36.50 -32.11 -108.59
C ILE A 12 -37.49 -31.84 -107.46
N ILE A 13 -37.34 -32.56 -106.36
CA ILE A 13 -38.22 -32.40 -105.21
C ILE A 13 -37.42 -32.11 -103.95
N PRO A 14 -36.87 -30.88 -103.87
CA PRO A 14 -36.07 -30.43 -102.71
C PRO A 14 -36.92 -30.25 -101.46
N GLU A 15 -36.28 -29.83 -100.38
CA GLU A 15 -36.97 -29.61 -99.11
C GLU A 15 -36.39 -28.41 -98.37
N LEU A 16 -36.69 -28.33 -97.08
CA LEU A 16 -36.19 -27.23 -96.25
C LEU A 16 -35.04 -27.69 -95.36
N GLY A 17 -33.92 -26.99 -95.46
CA GLY A 17 -32.76 -27.34 -94.64
C GLY A 17 -32.47 -26.33 -93.57
N GLU A 18 -33.53 -25.69 -93.06
CA GLU A 18 -33.38 -24.68 -92.02
C GLU A 18 -33.42 -25.32 -90.63
N TYR A 19 -32.36 -25.11 -89.86
CA TYR A 19 -32.27 -25.68 -88.52
C TYR A 19 -31.94 -24.59 -87.50
N PRO A 20 -32.90 -23.68 -87.26
CA PRO A 20 -32.74 -22.58 -86.31
C PRO A 20 -32.71 -23.07 -84.86
N GLU A 21 -32.43 -22.15 -83.94
CA GLU A 21 -32.37 -22.49 -82.52
C GLU A 21 -33.27 -21.57 -81.71
N PRO A 22 -33.62 -22.02 -80.49
CA PRO A 22 -34.49 -21.25 -79.59
C PRO A 22 -33.80 -20.00 -79.04
N PRO A 23 -34.59 -19.12 -78.42
CA PRO A 23 -34.07 -17.87 -77.84
C PRO A 23 -33.21 -18.11 -76.62
N PRO A 24 -32.49 -17.06 -76.17
CA PRO A 24 -31.62 -17.14 -75.00
C PRO A 24 -32.40 -17.28 -73.70
N GLU A 25 -31.67 -17.45 -72.60
CA GLU A 25 -32.31 -17.60 -71.29
C GLU A 25 -31.27 -17.46 -70.18
N LEU A 26 -31.18 -16.25 -69.62
CA LEU A 26 -30.23 -15.98 -68.54
C LEU A 26 -30.96 -15.72 -67.23
N GLU A 27 -30.27 -15.11 -66.28
CA GLU A 27 -30.85 -14.80 -64.98
C GLU A 27 -29.99 -13.82 -64.21
N ASN A 28 -30.63 -12.91 -63.48
CA ASN A 28 -29.92 -11.90 -62.69
C ASN A 28 -30.64 -11.62 -61.39
N ASN A 29 -29.91 -11.14 -60.40
CA ASN A 29 -30.49 -10.82 -59.09
C ASN A 29 -29.47 -10.11 -58.21
N LYS A 30 -29.83 -8.93 -57.72
CA LYS A 30 -28.95 -8.15 -56.86
C LYS A 30 -29.34 -8.31 -55.40
N THR A 31 -28.38 -8.10 -54.50
CA THR A 31 -28.63 -8.22 -53.07
C THR A 31 -28.02 -7.04 -52.31
N MET A 32 -28.31 -6.97 -51.02
CA MET A 32 -27.78 -5.90 -50.17
C MET A 32 -26.91 -6.46 -49.06
N ASN A 33 -26.44 -5.58 -48.17
CA ASN A 33 -25.59 -6.00 -47.06
C ASN A 33 -25.47 -4.88 -46.03
N ARG A 34 -25.33 -5.26 -44.77
CA ARG A 34 -25.19 -4.30 -43.68
C ARG A 34 -24.33 -4.85 -42.56
N ALA A 35 -23.74 -3.95 -41.77
CA ALA A 35 -22.89 -4.35 -40.66
C ALA A 35 -22.53 -3.15 -39.79
N GLU A 36 -22.18 -3.43 -38.53
CA GLU A 36 -21.81 -2.36 -37.60
C GLU A 36 -21.23 -2.95 -36.31
N ASN A 37 -20.24 -2.26 -35.75
CA ASN A 37 -19.60 -2.72 -34.52
C ASN A 37 -18.70 -1.63 -33.95
N GLY A 38 -18.42 -1.71 -32.65
CA GLY A 38 -17.57 -0.73 -32.01
C GLY A 38 -18.10 -0.31 -30.64
N GLY A 39 -17.52 -0.88 -29.59
CA GLY A 39 -17.95 -0.54 -28.24
C GLY A 39 -17.12 -1.24 -27.18
N ARG A 40 -16.07 -0.55 -26.71
CA ARG A 40 -15.20 -1.10 -25.69
C ARG A 40 -15.71 -0.76 -24.30
N PRO A 41 -15.26 -1.54 -23.30
CA PRO A 41 -15.66 -1.33 -21.90
C PRO A 41 -15.06 -0.07 -21.31
N PRO A 42 -15.56 0.33 -20.13
CA PRO A 42 -15.09 1.53 -19.44
C PRO A 42 -13.68 1.36 -18.88
N HIS A 43 -13.17 2.39 -18.21
CA HIS A 43 -11.83 2.36 -17.62
C HIS A 43 -11.72 3.33 -16.47
N HIS A 44 -11.13 2.88 -15.37
CA HIS A 44 -10.96 3.72 -14.19
C HIS A 44 -9.82 3.20 -13.32
N PRO A 45 -8.58 3.40 -13.79
CA PRO A 45 -7.38 2.96 -13.07
C PRO A 45 -7.13 3.77 -11.81
N PHE A 46 -6.04 3.46 -11.11
CA PHE A 46 -5.69 4.17 -9.89
C PHE A 46 -4.17 4.21 -9.71
N GLU A 47 -3.72 5.02 -8.75
CA GLU A 47 -2.30 5.16 -8.48
C GLU A 47 -2.01 4.92 -7.00
N THR A 48 -0.73 4.98 -6.64
CA THR A 48 -0.31 4.76 -5.26
C THR A 48 1.02 5.46 -4.96
N LYS A 49 1.00 6.37 -4.00
CA LYS A 49 2.20 7.10 -3.62
C LYS A 49 2.67 6.70 -2.23
N ASP A 50 3.72 7.36 -1.75
CA ASP A 50 4.26 7.06 -0.43
C ASP A 50 5.14 8.21 0.07
N VAL A 51 5.57 8.12 1.32
CA VAL A 51 6.41 9.17 1.91
C VAL A 51 7.11 8.65 3.17
N SER A 52 8.37 9.06 3.34
CA SER A 52 9.14 8.64 4.50
C SER A 52 9.76 9.84 5.21
N GLU A 53 9.62 9.89 6.52
CA GLU A 53 10.16 10.98 7.31
C GLU A 53 10.03 10.69 8.81
N TYR A 54 10.99 11.18 9.58
CA TYR A 54 10.99 10.98 11.03
C TYR A 54 10.99 9.49 11.36
N SER A 55 11.08 9.17 12.65
CA SER A 55 11.10 7.79 13.11
C SER A 55 9.80 7.08 12.74
N CYS A 56 9.65 5.84 13.21
CA CYS A 56 8.46 5.06 12.93
C CYS A 56 7.27 5.56 13.74
N ARG A 57 6.41 6.34 13.09
CA ARG A 57 5.23 6.90 13.75
C ARG A 57 3.99 6.07 13.42
N GLU A 58 3.28 5.63 14.46
CA GLU A 58 2.07 4.84 14.29
C GLU A 58 1.09 5.53 13.35
N LEU A 59 0.85 4.92 12.19
CA LEU A 59 -0.07 5.49 11.22
C LEU A 59 -1.52 5.11 11.54
N HIS A 60 -2.42 6.08 11.44
CA HIS A 60 -3.83 5.84 11.72
C HIS A 60 -4.68 6.07 10.47
N PHE A 61 -5.30 5.01 9.97
CA PHE A 61 -6.14 5.11 8.78
C PHE A 61 -7.62 5.03 9.15
N THR A 62 -8.36 6.08 8.82
CA THR A 62 -9.79 6.12 9.12
C THR A 62 -10.61 5.78 7.89
N ARG A 63 -11.77 5.17 8.12
CA ARG A 63 -12.66 4.77 7.03
C ARG A 63 -13.93 4.11 7.57
N TYR A 64 -15.00 4.19 6.79
CA TYR A 64 -16.28 3.61 7.21
C TYR A 64 -16.41 2.18 6.69
N VAL A 65 -16.77 1.27 7.59
CA VAL A 65 -16.92 -0.14 7.24
C VAL A 65 -18.40 -0.49 7.05
N THR A 66 -18.69 -1.24 5.97
CA THR A 66 -20.06 -1.64 5.68
C THR A 66 -20.08 -2.98 4.96
N ASP A 67 -20.94 -3.88 5.43
CA ASP A 67 -21.08 -5.20 4.83
C ASP A 67 -22.54 -5.57 4.60
N GLY A 68 -23.00 -5.43 3.37
CA GLY A 68 -24.39 -5.74 3.06
C GLY A 68 -25.27 -4.51 3.09
N PRO A 69 -26.59 -4.74 3.31
CA PRO A 69 -27.58 -3.66 3.37
C PRO A 69 -27.42 -2.80 4.62
N CYS A 70 -26.52 -3.22 5.50
CA CYS A 70 -26.28 -2.48 6.75
C CYS A 70 -24.98 -1.68 6.65
N ARG A 71 -24.87 -0.67 7.50
CA ARG A 71 -23.69 0.19 7.51
C ARG A 71 -23.27 0.53 8.95
N SER A 72 -21.97 0.54 9.19
CA SER A 72 -21.45 0.83 10.52
C SER A 72 -21.94 2.20 11.01
N ALA A 73 -22.25 2.28 12.29
CA ALA A 73 -22.72 3.53 12.89
C ALA A 73 -21.61 4.56 12.97
N LYS A 74 -20.37 4.09 13.13
CA LYS A 74 -19.22 4.97 13.23
C LYS A 74 -18.04 4.41 12.42
N PRO A 75 -17.09 5.30 12.08
CA PRO A 75 -15.91 4.92 11.31
C PRO A 75 -14.95 4.04 12.11
N VAL A 76 -14.14 3.26 11.40
CA VAL A 76 -13.17 2.37 12.04
C VAL A 76 -11.75 2.78 11.70
N THR A 77 -10.94 3.01 12.74
CA THR A 77 -9.56 3.40 12.55
C THR A 77 -8.62 2.22 12.74
N GLU A 78 -7.73 2.00 11.77
CA GLU A 78 -6.78 0.90 11.84
C GLU A 78 -5.35 1.43 11.92
N LEU A 79 -4.55 0.86 12.82
CA LEU A 79 -3.17 1.27 13.01
C LEU A 79 -2.28 0.62 11.95
N VAL A 80 -1.17 1.30 11.63
CA VAL A 80 -0.23 0.79 10.63
C VAL A 80 1.20 1.18 10.98
N CYS A 81 2.16 0.44 10.45
CA CYS A 81 3.57 0.71 10.70
C CYS A 81 4.19 1.51 9.55
N SER A 82 4.65 2.72 9.86
CA SER A 82 5.25 3.59 8.87
C SER A 82 6.30 4.49 9.50
N GLY A 83 7.19 5.04 8.67
CA GLY A 83 8.23 5.93 9.17
C GLY A 83 9.60 5.30 9.10
N GLN A 84 10.64 6.13 9.01
CA GLN A 84 12.01 5.64 8.93
C GLN A 84 12.74 5.89 10.25
N CYS A 85 13.07 4.82 10.96
CA CYS A 85 13.77 4.92 12.23
C CYS A 85 15.27 4.75 12.03
N GLY A 86 16.05 5.23 13.00
CA GLY A 86 17.49 5.14 12.91
C GLY A 86 18.18 6.46 13.16
N PRO A 87 18.07 7.38 12.19
CA PRO A 87 18.68 8.71 12.28
C PRO A 87 18.01 9.59 13.33
N ALA A 88 18.46 10.83 13.44
CA ALA A 88 17.89 11.77 14.39
C ALA A 88 17.65 13.12 13.75
N ARG A 89 17.38 13.12 12.44
CA ARG A 89 17.12 14.35 11.71
C ARG A 89 18.23 15.37 11.95
N LEU A 90 19.27 15.33 11.12
CA LEU A 90 20.39 16.24 11.25
C LEU A 90 20.85 16.73 9.87
N LEU A 91 22.00 17.42 9.84
CA LEU A 91 22.54 17.93 8.60
C LEU A 91 22.65 16.84 7.55
N PRO A 92 22.75 17.25 6.28
CA PRO A 92 22.87 16.31 5.15
C PRO A 92 24.21 15.59 5.13
N ASN A 93 25.17 16.13 5.87
CA ASN A 93 26.51 15.53 5.93
C ASN A 93 27.35 16.20 7.01
N ALA A 94 27.48 17.52 6.92
CA ALA A 94 28.26 18.28 7.89
C ALA A 94 29.68 17.72 8.01
N ILE A 95 30.51 18.01 7.02
CA ILE A 95 31.88 17.54 7.03
C ILE A 95 32.81 18.51 6.29
N GLY A 96 32.33 19.04 5.17
CA GLY A 96 33.12 19.98 4.40
C GLY A 96 33.12 19.66 2.92
N ARG A 97 33.22 18.38 2.59
CA ARG A 97 33.22 17.94 1.20
C ARG A 97 32.56 16.58 1.05
N GLY A 98 31.24 16.58 0.91
CA GLY A 98 30.50 15.34 0.76
C GLY A 98 29.39 15.44 -0.26
N LYS A 99 28.95 14.30 -0.78
CA LYS A 99 27.88 14.26 -1.76
C LYS A 99 27.04 13.00 -1.60
N TRP A 100 25.98 12.89 -2.42
CA TRP A 100 25.09 11.75 -2.35
C TRP A 100 24.70 11.30 -3.76
N TRP A 101 24.49 9.99 -3.93
CA TRP A 101 24.11 9.43 -5.21
C TRP A 101 22.61 9.18 -5.28
N ARG A 102 22.16 8.13 -4.59
CA ARG A 102 20.74 7.78 -4.56
C ARG A 102 19.89 8.98 -4.16
N PRO A 103 18.61 8.96 -4.55
CA PRO A 103 17.67 10.04 -4.24
C PRO A 103 17.32 10.09 -2.75
N SER A 104 17.47 8.95 -2.08
CA SER A 104 17.16 8.87 -0.66
C SER A 104 17.44 7.46 -0.12
N GLY A 105 16.57 6.52 -0.46
CA GLY A 105 16.74 5.15 -0.01
C GLY A 105 15.48 4.60 0.64
N PRO A 106 15.46 3.27 0.84
CA PRO A 106 14.32 2.58 1.46
C PRO A 106 14.17 2.92 2.94
N ASP A 107 15.29 3.09 3.61
CA ASP A 107 15.29 3.42 5.04
C ASP A 107 14.66 2.29 5.85
N PHE A 108 14.85 1.05 5.39
CA PHE A 108 14.31 -0.11 6.07
C PHE A 108 12.81 0.05 6.29
N ARG A 109 12.23 -0.87 7.06
CA ARG A 109 10.80 -0.83 7.36
C ARG A 109 10.54 -1.06 8.84
N CYS A 110 9.27 -1.16 9.21
CA CYS A 110 8.88 -1.38 10.59
C CYS A 110 8.14 -2.70 10.75
N ILE A 111 8.51 -3.46 11.79
CA ILE A 111 7.87 -4.75 12.05
C ILE A 111 6.54 -4.57 12.79
N PRO A 112 5.59 -5.46 12.49
CA PRO A 112 4.26 -5.43 13.13
C PRO A 112 4.31 -5.81 14.60
N ASP A 113 3.18 -5.66 15.28
CA ASP A 113 3.09 -5.99 16.70
C ASP A 113 1.75 -6.64 17.02
N ARG A 114 1.47 -6.82 18.31
CA ARG A 114 0.23 -7.45 18.75
C ARG A 114 -0.97 -6.78 18.08
N TYR A 115 -1.93 -7.61 17.66
CA TYR A 115 -3.13 -7.11 17.00
C TYR A 115 -4.29 -7.02 17.97
N ARG A 116 -5.42 -6.49 17.50
CA ARG A 116 -6.61 -6.35 18.33
C ARG A 116 -7.88 -6.37 17.49
N ALA A 117 -8.71 -7.38 17.71
CA ALA A 117 -9.96 -7.52 16.97
C ALA A 117 -11.08 -6.71 17.62
N GLN A 118 -11.63 -5.77 16.87
CA GLN A 118 -12.72 -4.93 17.37
C GLN A 118 -14.03 -5.24 16.66
N ARG A 119 -15.13 -5.17 17.40
CA ARG A 119 -16.44 -5.45 16.85
C ARG A 119 -17.18 -4.16 16.52
N VAL A 120 -17.62 -4.04 15.27
CA VAL A 120 -18.35 -2.84 14.83
C VAL A 120 -19.83 -3.13 14.68
N GLN A 121 -20.65 -2.13 15.00
CA GLN A 121 -22.10 -2.28 14.90
C GLN A 121 -22.62 -1.67 13.60
N LEU A 122 -23.29 -2.49 12.80
CA LEU A 122 -23.84 -2.03 11.53
C LEU A 122 -25.36 -1.92 11.60
N LEU A 123 -25.89 -0.76 11.22
CA LEU A 123 -27.33 -0.53 11.24
C LEU A 123 -27.96 -0.89 9.90
N CYS A 124 -29.15 -1.48 9.94
CA CYS A 124 -29.85 -1.87 8.73
C CYS A 124 -31.15 -1.08 8.58
N PRO A 125 -31.60 -0.91 7.32
CA PRO A 125 -32.83 -0.18 7.01
C PRO A 125 -34.07 -0.92 7.46
N GLY A 126 -35.24 -0.33 7.21
CA GLY A 126 -36.49 -0.95 7.60
C GLY A 126 -36.78 -0.81 9.08
N GLY A 127 -35.87 -1.32 9.90
CA GLY A 127 -36.06 -1.23 11.34
C GLY A 127 -35.39 -2.38 12.08
N GLU A 128 -35.05 -3.44 11.34
CA GLU A 128 -34.42 -4.61 11.93
C GLU A 128 -33.20 -4.21 12.77
N ALA A 129 -32.88 -5.02 13.77
CA ALA A 129 -31.74 -4.74 14.63
C ALA A 129 -30.44 -4.71 13.84
N PRO A 130 -29.42 -4.06 14.41
CA PRO A 130 -28.11 -3.94 13.78
C PRO A 130 -27.36 -5.27 13.74
N ARG A 131 -26.08 -5.23 13.36
CA ARG A 131 -25.26 -6.43 13.28
C ARG A 131 -23.91 -6.21 13.95
N ALA A 132 -23.03 -7.20 13.84
CA ALA A 132 -21.71 -7.12 14.43
C ALA A 132 -20.64 -7.60 13.45
N ARG A 133 -19.71 -6.71 13.13
CA ARG A 133 -18.63 -7.06 12.20
C ARG A 133 -17.27 -6.94 12.89
N LYS A 134 -16.56 -8.07 12.97
CA LYS A 134 -15.24 -8.08 13.60
C LYS A 134 -14.16 -7.62 12.62
N VAL A 135 -13.33 -6.69 13.08
CA VAL A 135 -12.25 -6.16 12.25
C VAL A 135 -10.89 -6.40 12.90
N ARG A 136 -10.05 -7.20 12.25
CA ARG A 136 -8.72 -7.49 12.76
C ARG A 136 -7.72 -6.43 12.34
N LEU A 137 -7.35 -5.56 13.29
CA LEU A 137 -6.39 -4.49 13.01
C LEU A 137 -5.28 -4.48 14.04
N VAL A 138 -4.05 -4.29 13.58
CA VAL A 138 -2.89 -4.27 14.46
C VAL A 138 -3.10 -3.28 15.61
N ALA A 139 -2.54 -3.61 16.77
CA ALA A 139 -2.67 -2.76 17.95
C ALA A 139 -1.41 -1.94 18.17
N SER A 140 -0.26 -2.60 18.15
CA SER A 140 1.02 -1.92 18.35
C SER A 140 1.87 -1.99 17.09
N CYS A 141 3.09 -1.47 17.19
CA CYS A 141 4.02 -1.48 16.06
C CYS A 141 5.42 -1.04 16.50
N LYS A 142 6.43 -1.69 15.94
CA LYS A 142 7.82 -1.37 16.27
C LYS A 142 8.69 -1.38 15.02
N CYS A 143 9.79 -0.63 15.07
CA CYS A 143 10.71 -0.56 13.94
C CYS A 143 11.98 -1.36 14.21
N LYS A 144 12.16 -2.45 13.46
CA LYS A 144 13.32 -3.30 13.62
C LYS A 144 13.78 -3.86 12.28
N ARG A 145 15.08 -4.15 12.17
CA ARG A 145 15.63 -4.69 10.95
C ARG A 145 14.85 -5.91 10.47
N LEU A 146 14.15 -5.76 9.36
CA LEU A 146 13.36 -6.86 8.81
C LEU A 146 14.20 -8.12 8.64
N THR A 147 13.67 -9.25 9.08
CA THR A 147 14.37 -10.52 8.99
C THR A 147 15.78 -10.41 9.56
N ARG A 148 16.57 -11.46 9.36
CA ARG A 148 17.94 -11.49 9.86
C ARG A 148 18.70 -12.68 9.30
N PHE A 149 20.02 -12.67 9.45
CA PHE A 149 20.85 -13.76 8.97
C PHE A 149 20.87 -14.92 9.95
N HIS A 150 21.30 -16.09 9.49
CA HIS A 150 21.36 -17.28 10.33
C HIS A 150 22.00 -18.45 9.57
N ASN A 151 22.32 -19.51 10.30
CA ASN A 151 22.95 -20.68 9.70
C ASN A 151 22.98 -21.84 10.70
N GLN A 152 23.35 -23.02 10.22
CA GLN A 152 23.43 -24.20 11.06
C GLN A 152 24.15 -25.34 10.34
N SER A 153 24.44 -26.41 11.07
CA SER A 153 25.12 -27.57 10.49
C SER A 153 24.84 -28.83 11.31
N GLU A 154 24.48 -29.90 10.62
CA GLU A 154 24.18 -31.17 11.29
C GLU A 154 25.18 -32.24 10.88
N LEU A 155 25.90 -32.78 11.85
CA LEU A 155 26.90 -33.82 11.59
C LEU A 155 26.60 -35.07 12.42
N LYS A 156 27.34 -36.14 12.15
CA LYS A 156 27.16 -37.40 12.86
C LYS A 156 28.39 -38.29 12.72
N ASP A 157 28.27 -39.54 13.15
CA ASP A 157 29.37 -40.50 13.06
C ASP A 157 28.90 -41.90 13.43
N PHE A 158 29.73 -42.89 13.12
CA PHE A 158 29.39 -44.28 13.42
C PHE A 158 30.62 -45.02 13.94
N GLY A 159 30.52 -46.35 13.98
CA GLY A 159 31.62 -47.16 14.46
C GLY A 159 31.16 -48.35 15.27
N THR A 160 31.06 -49.51 14.63
CA THR A 160 30.62 -50.73 15.30
C THR A 160 31.09 -51.97 14.56
N GLU A 161 31.94 -52.75 15.22
CA GLU A 161 32.48 -53.97 14.62
C GLU A 161 32.98 -54.93 15.70
N ALA A 162 32.70 -56.21 15.51
CA ALA A 162 33.13 -57.24 16.46
C ALA A 162 32.82 -58.63 15.94
N ALA A 163 33.81 -59.52 16.02
CA ALA A 163 33.64 -60.89 15.55
C ALA A 163 34.39 -61.87 16.46
N ARG A 164 33.83 -63.06 16.62
CA ARG A 164 34.44 -64.09 17.45
C ARG A 164 34.94 -65.25 16.62
N PRO A 165 35.85 -66.05 17.19
CA PRO A 165 36.42 -67.21 16.51
C PRO A 165 35.41 -68.34 16.33
N GLN A 166 35.78 -69.34 15.55
CA GLN A 166 34.90 -70.49 15.29
C GLN A 166 35.58 -71.79 15.68
N LYS A 167 34.89 -72.60 16.48
CA LYS A 167 35.43 -73.89 16.92
C LYS A 167 34.38 -74.98 16.81
N GLY A 168 34.84 -76.22 16.67
CA GLY A 168 33.92 -77.34 16.56
C GLY A 168 34.57 -78.56 15.93
N ARG A 169 34.39 -79.71 16.55
CA ARG A 169 34.96 -80.96 16.05
C ARG A 169 33.86 -81.93 15.62
N LYS A 170 34.26 -82.98 14.89
CA LYS A 170 33.32 -83.98 14.41
C LYS A 170 33.81 -85.38 14.74
N PRO A 171 33.81 -85.72 16.04
CA PRO A 171 34.24 -87.04 16.50
C PRO A 171 33.27 -88.15 16.12
N ARG A 172 33.53 -89.36 16.59
CA ARG A 172 32.67 -90.50 16.30
C ARG A 172 32.74 -91.53 17.42
N PRO A 173 31.70 -92.37 17.51
CA PRO A 173 31.61 -93.42 18.53
C PRO A 173 32.63 -94.54 18.30
N ARG A 174 33.26 -94.98 19.38
CA ARG A 174 34.26 -96.05 19.29
C ARG A 174 33.88 -97.21 20.22
N ALA A 175 33.30 -98.25 19.63
CA ALA A 175 32.90 -99.43 20.40
C ALA A 175 32.58 -100.60 19.48
N ARG A 176 33.56 -101.48 19.29
CA ARG A 176 33.38 -102.65 18.43
C ARG A 176 33.87 -103.91 19.13
N SER A 177 33.03 -104.95 19.11
CA SER A 177 33.37 -106.22 19.74
C SER A 177 33.20 -107.38 18.77
N ALA A 178 34.10 -108.35 18.85
CA ALA A 178 34.06 -109.51 17.98
C ALA A 178 33.71 -110.77 18.76
N LYS A 179 33.14 -111.75 18.07
CA LYS A 179 32.76 -113.01 18.70
C LYS A 179 33.35 -114.20 17.94
N ALA A 180 33.59 -115.29 18.66
CA ALA A 180 34.15 -116.49 18.06
C ALA A 180 34.20 -117.64 19.06
N ASN A 181 33.14 -118.43 19.11
CA ASN A 181 33.06 -119.56 20.02
C ASN A 181 34.04 -120.66 19.62
N GLN A 182 34.58 -121.36 20.61
CA GLN A 182 35.54 -122.43 20.36
C GLN A 182 35.44 -123.51 21.44
N ALA A 183 34.31 -124.21 21.47
CA ALA A 183 34.09 -125.27 22.45
C ALA A 183 33.73 -126.57 21.76
N GLU A 184 34.74 -127.40 21.50
CA GLU A 184 34.52 -128.69 20.86
C GLU A 184 35.32 -129.79 21.54
N LEU A 185 34.72 -130.98 21.63
CA LEU A 185 35.38 -132.11 22.27
C LEU A 185 35.15 -133.39 21.47
N GLU A 186 35.36 -133.32 20.16
CA GLU A 186 35.18 -134.47 19.28
C GLU A 186 33.76 -135.02 19.41
N ASN A 187 33.50 -136.13 18.72
CA ASN A 187 32.18 -136.76 18.76
C ASN A 187 32.30 -138.28 18.73
N ALA A 188 31.36 -138.95 19.39
CA ALA A 188 31.36 -140.40 19.44
C ALA A 188 30.07 -140.98 18.88
N TYR A 189 30.18 -141.78 17.83
CA TYR A 189 29.01 -142.38 17.20
C TYR A 189 29.43 -143.53 16.29
N GLY A 1 48.17 88.48 82.65
CA GLY A 1 48.27 89.27 81.45
C GLY A 1 47.00 90.06 81.16
N TRP A 2 47.15 91.29 80.71
CA TRP A 2 46.01 92.14 80.39
C TRP A 2 46.02 92.57 78.93
N GLN A 3 45.00 93.30 78.53
CA GLN A 3 44.89 93.77 77.15
C GLN A 3 44.64 95.27 77.10
N ALA A 4 44.34 95.78 75.91
CA ALA A 4 44.07 97.20 75.73
C ALA A 4 43.10 97.43 74.58
N PHE A 5 42.55 98.65 74.51
CA PHE A 5 41.61 99.00 73.47
C PHE A 5 40.34 98.14 73.56
N LYS A 6 39.27 98.61 72.94
CA LYS A 6 38.00 97.89 72.95
C LYS A 6 37.19 98.20 71.70
N ASN A 7 36.86 99.48 71.51
CA ASN A 7 36.08 99.90 70.36
C ASN A 7 36.88 99.74 69.07
N ASP A 8 36.17 99.57 67.96
CA ASP A 8 36.81 99.39 66.66
C ASP A 8 36.49 100.56 65.73
N ALA A 9 37.18 100.62 64.59
CA ALA A 9 36.97 101.69 63.63
C ALA A 9 36.27 101.16 62.38
N THR A 10 34.94 101.15 62.41
CA THR A 10 34.16 100.66 61.28
C THR A 10 33.28 101.77 60.70
N GLU A 11 33.83 102.53 59.77
CA GLU A 11 33.10 103.62 59.14
C GLU A 11 32.51 103.18 57.80
N ILE A 12 31.39 103.79 57.43
CA ILE A 12 30.73 103.47 56.16
C ILE A 12 30.36 104.73 55.40
N ILE A 13 31.25 105.17 54.53
CA ILE A 13 31.03 106.36 53.72
C ILE A 13 31.17 106.07 52.23
N PRO A 14 30.23 105.28 51.69
CA PRO A 14 30.23 104.91 50.27
C PRO A 14 29.92 106.09 49.35
N GLU A 15 30.78 106.31 48.37
CA GLU A 15 30.60 107.40 47.42
C GLU A 15 31.51 107.23 46.21
N LEU A 16 30.91 106.90 45.07
CA LEU A 16 31.66 106.70 43.84
C LEU A 16 31.32 107.79 42.83
N GLY A 17 31.91 107.68 41.63
CA GLY A 17 31.67 108.67 40.60
C GLY A 17 30.66 108.18 39.56
N GLU A 18 31.09 107.25 38.71
CA GLU A 18 30.22 106.71 37.68
C GLU A 18 29.90 105.24 37.95
N TYR A 19 28.68 104.83 37.61
CA TYR A 19 28.25 103.45 37.82
C TYR A 19 27.53 102.91 36.60
N PRO A 20 28.30 102.64 35.53
CA PRO A 20 27.76 102.11 34.28
C PRO A 20 27.26 100.68 34.42
N GLU A 21 26.15 100.37 33.75
CA GLU A 21 25.58 99.04 33.80
C GLU A 21 25.70 98.34 32.44
N PRO A 22 25.59 97.00 32.46
CA PRO A 22 25.69 96.19 31.24
C PRO A 22 24.48 96.38 30.32
N PRO A 23 24.60 95.88 29.08
CA PRO A 23 23.53 95.98 28.09
C PRO A 23 22.32 95.10 28.43
N PRO A 24 21.21 95.33 27.72
CA PRO A 24 19.97 94.57 27.93
C PRO A 24 20.10 93.12 27.48
N GLU A 25 19.01 92.37 27.60
CA GLU A 25 19.00 90.97 27.20
C GLU A 25 17.61 90.55 26.72
N LEU A 26 17.36 90.70 25.42
CA LEU A 26 16.08 90.34 24.83
C LEU A 26 16.27 89.69 23.46
N GLU A 27 16.85 88.50 23.45
CA GLU A 27 17.09 87.78 22.20
C GLU A 27 15.99 86.76 21.95
N ASN A 28 15.65 86.55 20.68
CA ASN A 28 14.62 85.59 20.31
C ASN A 28 15.19 84.51 19.39
N ASN A 29 14.66 83.30 19.51
CA ASN A 29 15.10 82.18 18.68
C ASN A 29 14.19 80.98 18.85
N LYS A 30 14.05 80.20 17.79
CA LYS A 30 13.19 79.02 17.81
C LYS A 30 13.91 77.82 17.19
N THR A 31 13.26 76.66 17.25
CA THR A 31 13.84 75.44 16.70
C THR A 31 12.77 74.38 16.46
N MET A 32 13.20 73.18 16.07
CA MET A 32 12.27 72.08 15.81
C MET A 32 12.96 70.74 16.01
N ASN A 33 12.26 69.66 15.66
CA ASN A 33 12.81 68.33 15.79
C ASN A 33 12.13 67.35 14.82
N ARG A 34 12.44 66.07 14.95
CA ARG A 34 11.85 65.04 14.10
C ARG A 34 11.94 63.67 14.75
N ALA A 35 11.63 62.64 13.98
CA ALA A 35 11.67 61.27 14.47
C ALA A 35 11.65 60.26 13.33
N GLU A 36 11.63 58.98 13.68
CA GLU A 36 11.61 57.92 12.68
C GLU A 36 11.19 56.59 13.30
N ASN A 37 11.27 55.52 12.51
CA ASN A 37 10.89 54.20 12.99
C ASN A 37 11.21 53.14 11.94
N GLY A 38 10.92 51.88 12.27
CA GLY A 38 11.18 50.79 11.34
C GLY A 38 11.24 49.44 12.04
N GLY A 39 11.15 48.37 11.26
CA GLY A 39 11.19 47.03 11.82
C GLY A 39 10.98 45.95 10.78
N ARG A 40 11.16 44.70 11.18
CA ARG A 40 10.98 43.58 10.27
C ARG A 40 10.06 42.53 10.89
N PRO A 41 9.50 41.66 10.03
CA PRO A 41 8.60 40.60 10.47
C PRO A 41 9.33 39.50 11.25
N PRO A 42 8.55 38.62 11.90
CA PRO A 42 9.10 37.52 12.70
C PRO A 42 9.75 36.44 11.83
N HIS A 43 10.18 35.36 12.46
CA HIS A 43 10.82 34.27 11.74
C HIS A 43 11.12 33.10 12.69
N HIS A 44 10.96 31.88 12.18
CA HIS A 44 11.21 30.68 12.97
C HIS A 44 11.11 29.42 12.11
N PRO A 45 12.06 29.26 11.18
CA PRO A 45 12.09 28.10 10.29
C PRO A 45 12.44 26.81 11.02
N PHE A 46 12.66 25.75 10.25
CA PHE A 46 13.00 24.45 10.83
C PHE A 46 14.33 24.52 11.58
N GLU A 47 14.50 23.62 12.55
CA GLU A 47 15.71 23.58 13.35
C GLU A 47 16.28 22.17 13.41
N THR A 48 17.34 21.99 14.18
CA THR A 48 17.99 20.69 14.33
C THR A 48 17.60 20.03 15.66
N LYS A 49 18.40 19.06 16.07
CA LYS A 49 18.15 18.36 17.33
C LYS A 49 16.86 17.56 17.26
N ASP A 50 16.98 16.25 17.33
CA ASP A 50 15.81 15.36 17.27
C ASP A 50 16.09 14.04 17.99
N VAL A 51 15.04 13.38 18.44
CA VAL A 51 15.17 12.10 19.14
C VAL A 51 13.88 11.30 19.07
N SER A 52 14.00 9.98 19.14
CA SER A 52 12.83 9.10 19.09
C SER A 52 12.13 9.22 17.74
N GLU A 53 12.90 9.20 16.67
CA GLU A 53 12.35 9.31 15.33
C GLU A 53 12.63 8.04 14.52
N TYR A 54 13.70 7.34 14.88
CA TYR A 54 14.08 6.11 14.19
C TYR A 54 12.96 5.08 14.27
N SER A 55 12.15 5.18 15.31
CA SER A 55 11.04 4.25 15.49
C SER A 55 9.91 4.54 14.50
N CYS A 56 9.08 3.55 14.26
CA CYS A 56 7.96 3.68 13.33
C CYS A 56 6.84 4.53 13.95
N ARG A 57 6.59 5.69 13.34
CA ARG A 57 5.55 6.59 13.83
C ARG A 57 4.18 5.94 13.75
N GLU A 58 3.53 5.81 14.90
CA GLU A 58 2.20 5.19 14.96
C GLU A 58 1.20 5.96 14.10
N LEU A 59 0.71 5.31 13.05
CA LEU A 59 -0.25 5.93 12.14
C LEU A 59 -1.67 5.45 12.44
N HIS A 60 -2.64 6.32 12.17
CA HIS A 60 -4.04 5.98 12.41
C HIS A 60 -4.88 6.23 11.15
N PHE A 61 -5.58 5.19 10.70
CA PHE A 61 -6.41 5.29 9.51
C PHE A 61 -7.88 5.26 9.88
N THR A 62 -8.65 6.20 9.34
CA THR A 62 -10.08 6.29 9.62
C THR A 62 -10.90 6.06 8.36
N ARG A 63 -11.99 5.32 8.48
CA ARG A 63 -12.86 5.03 7.36
C ARG A 63 -14.12 4.31 7.81
N TYR A 64 -15.19 4.45 7.02
CA TYR A 64 -16.46 3.81 7.34
C TYR A 64 -16.55 2.42 6.72
N VAL A 65 -16.67 1.41 7.57
CA VAL A 65 -16.76 0.03 7.11
C VAL A 65 -18.21 -0.35 6.80
N THR A 66 -18.39 -1.21 5.80
CA THR A 66 -19.73 -1.65 5.41
C THR A 66 -19.69 -3.05 4.81
N ASP A 67 -20.55 -3.92 5.30
CA ASP A 67 -20.62 -5.29 4.82
C ASP A 67 -22.07 -5.75 4.67
N GLY A 68 -22.56 -5.76 3.43
CA GLY A 68 -23.93 -6.18 3.19
C GLY A 68 -24.89 -5.01 3.13
N PRO A 69 -26.18 -5.28 3.36
CA PRO A 69 -27.23 -4.26 3.34
C PRO A 69 -27.12 -3.30 4.52
N CYS A 70 -26.21 -3.61 5.44
CA CYS A 70 -26.01 -2.77 6.62
C CYS A 70 -24.74 -1.93 6.48
N ARG A 71 -24.67 -0.85 7.24
CA ARG A 71 -23.51 0.04 7.20
C ARG A 71 -23.12 0.48 8.61
N SER A 72 -21.81 0.58 8.84
CA SER A 72 -21.29 0.99 10.14
C SER A 72 -21.88 2.33 10.57
N ALA A 73 -22.07 2.51 11.87
CA ALA A 73 -22.63 3.75 12.40
C ALA A 73 -21.53 4.79 12.61
N LYS A 74 -20.30 4.33 12.76
CA LYS A 74 -19.16 5.22 12.96
C LYS A 74 -17.93 4.70 12.25
N PRO A 75 -16.96 5.59 12.01
CA PRO A 75 -15.71 5.24 11.33
C PRO A 75 -14.81 4.35 12.20
N VAL A 76 -14.24 3.32 11.58
CA VAL A 76 -13.36 2.39 12.29
C VAL A 76 -11.91 2.89 12.25
N THR A 77 -11.31 3.02 13.43
CA THR A 77 -9.93 3.48 13.54
C THR A 77 -8.96 2.29 13.58
N GLU A 78 -8.07 2.23 12.60
CA GLU A 78 -7.10 1.16 12.51
C GLU A 78 -5.67 1.71 12.57
N LEU A 79 -4.82 1.08 13.38
CA LEU A 79 -3.44 1.50 13.52
C LEU A 79 -2.59 1.01 12.36
N VAL A 80 -2.07 1.95 11.57
CA VAL A 80 -1.24 1.61 10.43
C VAL A 80 0.25 1.70 10.77
N CYS A 81 1.05 0.90 10.10
CA CYS A 81 2.50 0.89 10.34
C CYS A 81 3.22 1.72 9.28
N SER A 82 3.90 2.78 9.75
CA SER A 82 4.64 3.66 8.85
C SER A 82 5.66 4.48 9.62
N GLY A 83 6.51 5.20 8.87
CA GLY A 83 7.53 6.01 9.50
C GLY A 83 8.93 5.58 9.12
N GLN A 84 9.80 6.55 8.87
CA GLN A 84 11.18 6.26 8.48
C GLN A 84 11.95 5.63 9.64
N CYS A 85 13.10 5.05 9.34
CA CYS A 85 13.93 4.42 10.35
C CYS A 85 15.41 4.72 10.13
N GLY A 86 16.08 5.17 11.17
CA GLY A 86 17.49 5.50 11.07
C GLY A 86 18.27 5.13 12.33
N PRO A 87 19.49 5.66 12.43
CA PRO A 87 20.36 5.39 13.59
C PRO A 87 19.85 6.05 14.86
N ALA A 88 20.63 5.93 15.94
CA ALA A 88 20.24 6.52 17.22
C ALA A 88 21.31 7.49 17.70
N ARG A 89 21.19 8.75 17.30
CA ARG A 89 22.14 9.78 17.69
C ARG A 89 21.57 10.66 18.81
N LEU A 90 22.32 11.68 19.18
CA LEU A 90 21.88 12.59 20.24
C LEU A 90 21.58 11.84 21.52
N LEU A 91 20.99 12.53 22.49
CA LEU A 91 20.64 11.92 23.77
C LEU A 91 19.13 11.90 23.96
N PRO A 92 18.66 11.03 24.86
CA PRO A 92 17.23 10.89 25.17
C PRO A 92 16.67 12.11 25.90
N ASN A 93 17.56 12.90 26.49
CA ASN A 93 17.15 14.09 27.23
C ASN A 93 17.45 15.35 26.42
N ALA A 94 17.49 15.21 25.10
CA ALA A 94 17.77 16.33 24.21
C ALA A 94 16.69 16.46 23.14
N ILE A 95 15.44 16.45 23.57
CA ILE A 95 14.31 16.57 22.64
C ILE A 95 14.25 17.96 22.03
N GLY A 96 14.07 18.03 20.72
CA GLY A 96 13.99 19.31 20.04
C GLY A 96 13.02 19.29 18.88
N ARG A 97 11.93 18.53 19.02
CA ARG A 97 10.93 18.42 17.98
C ARG A 97 10.04 19.67 17.95
N GLY A 98 9.01 19.63 17.12
CA GLY A 98 8.09 20.75 17.02
C GLY A 98 8.28 21.52 15.73
N LYS A 99 9.45 21.37 15.10
CA LYS A 99 9.76 22.06 13.86
C LYS A 99 9.67 21.11 12.68
N TRP A 100 8.68 21.31 11.82
CA TRP A 100 8.49 20.47 10.65
C TRP A 100 8.03 21.30 9.45
N TRP A 101 8.42 20.87 8.25
CA TRP A 101 8.05 21.57 7.03
C TRP A 101 7.91 20.60 5.87
N ARG A 102 8.96 19.83 5.62
CA ARG A 102 8.96 18.86 4.53
C ARG A 102 8.73 17.45 5.06
N PRO A 103 8.21 16.58 4.18
CA PRO A 103 7.93 15.18 4.54
C PRO A 103 9.20 14.37 4.77
N SER A 104 9.03 13.08 5.05
CA SER A 104 10.15 12.20 5.30
C SER A 104 9.68 10.77 5.60
N GLY A 105 9.55 9.96 4.55
CA GLY A 105 9.10 8.60 4.72
C GLY A 105 9.55 7.70 3.58
N PRO A 106 10.86 7.47 3.47
CA PRO A 106 11.43 6.62 2.42
C PRO A 106 11.10 5.15 2.61
N ASP A 107 10.64 4.80 3.81
CA ASP A 107 10.27 3.43 4.12
C ASP A 107 11.49 2.51 4.03
N PHE A 108 12.12 2.26 5.17
CA PHE A 108 13.29 1.40 5.22
C PHE A 108 12.92 -0.02 5.65
N ARG A 109 12.47 -0.14 6.90
CA ARG A 109 12.09 -1.45 7.44
C ARG A 109 11.27 -1.27 8.72
N CYS A 110 10.43 -2.26 9.00
CA CYS A 110 9.59 -2.23 10.20
C CYS A 110 8.88 -3.57 10.41
N ILE A 111 8.81 -4.00 11.65
CA ILE A 111 8.17 -5.27 11.99
C ILE A 111 6.82 -5.03 12.67
N PRO A 112 5.86 -5.92 12.39
CA PRO A 112 4.51 -5.83 12.96
C PRO A 112 4.49 -6.14 14.45
N ASP A 113 3.33 -5.99 15.07
CA ASP A 113 3.18 -6.26 16.49
C ASP A 113 1.80 -6.83 16.80
N ARG A 114 1.49 -6.96 18.09
CA ARG A 114 0.20 -7.50 18.51
C ARG A 114 -0.95 -6.79 17.80
N TYR A 115 -2.00 -7.54 17.49
CA TYR A 115 -3.17 -6.98 16.82
C TYR A 115 -4.30 -6.71 17.80
N ARG A 116 -5.37 -6.11 17.30
CA ARG A 116 -6.53 -5.80 18.14
C ARG A 116 -7.83 -5.97 17.35
N ALA A 117 -8.67 -6.90 17.81
CA ALA A 117 -9.94 -7.15 17.14
C ALA A 117 -11.06 -6.34 17.78
N GLN A 118 -11.55 -5.35 17.04
CA GLN A 118 -12.63 -4.50 17.54
C GLN A 118 -13.96 -4.82 16.85
N ARG A 119 -15.03 -4.86 17.63
CA ARG A 119 -16.35 -5.16 17.09
C ARG A 119 -17.06 -3.88 16.66
N VAL A 120 -17.43 -3.82 15.38
CA VAL A 120 -18.12 -2.66 14.84
C VAL A 120 -19.62 -2.90 14.76
N GLN A 121 -20.40 -1.81 14.82
CA GLN A 121 -21.85 -1.91 14.76
C GLN A 121 -22.37 -1.40 13.43
N LEU A 122 -23.08 -2.26 12.70
CA LEU A 122 -23.64 -1.89 11.40
C LEU A 122 -25.16 -1.84 11.46
N LEU A 123 -25.72 -0.74 10.99
CA LEU A 123 -27.18 -0.57 10.98
C LEU A 123 -27.77 -1.01 9.66
N CYS A 124 -28.95 -1.63 9.71
CA CYS A 124 -29.62 -2.11 8.52
C CYS A 124 -30.94 -1.35 8.29
N PRO A 125 -31.36 -1.27 7.02
CA PRO A 125 -32.60 -0.58 6.64
C PRO A 125 -33.85 -1.31 7.14
N GLY A 126 -35.02 -0.75 6.84
CA GLY A 126 -36.26 -1.36 7.26
C GLY A 126 -36.57 -1.12 8.72
N GLY A 127 -35.66 -1.57 9.59
CA GLY A 127 -35.86 -1.39 11.02
C GLY A 127 -35.18 -2.47 11.83
N GLU A 128 -34.81 -3.56 11.17
CA GLU A 128 -34.15 -4.68 11.84
C GLU A 128 -32.95 -4.19 12.65
N ALA A 129 -32.62 -4.92 13.71
CA ALA A 129 -31.49 -4.57 14.56
C ALA A 129 -30.19 -4.60 13.78
N PRO A 130 -29.17 -3.92 14.31
CA PRO A 130 -27.84 -3.86 13.68
C PRO A 130 -27.11 -5.19 13.74
N ARG A 131 -25.95 -5.26 13.09
CA ARG A 131 -25.16 -6.48 13.06
C ARG A 131 -23.71 -6.19 13.47
N ALA A 132 -23.23 -6.90 14.48
CA ALA A 132 -21.87 -6.73 14.97
C ALA A 132 -20.87 -7.39 14.04
N ARG A 133 -19.80 -6.66 13.70
CA ARG A 133 -18.78 -7.18 12.81
C ARG A 133 -17.39 -6.95 13.39
N LYS A 134 -16.72 -8.05 13.75
CA LYS A 134 -15.38 -7.97 14.33
C LYS A 134 -14.33 -7.70 13.25
N VAL A 135 -13.50 -6.69 13.48
CA VAL A 135 -12.45 -6.34 12.53
C VAL A 135 -11.07 -6.48 13.15
N ARG A 136 -10.18 -7.19 12.46
CA ARG A 136 -8.83 -7.41 12.95
C ARG A 136 -7.89 -6.32 12.43
N LEU A 137 -7.52 -5.39 13.31
CA LEU A 137 -6.64 -4.30 12.93
C LEU A 137 -5.41 -4.26 13.84
N VAL A 138 -4.27 -3.90 13.27
CA VAL A 138 -3.03 -3.83 14.02
C VAL A 138 -3.20 -3.01 15.30
N ALA A 139 -2.59 -3.46 16.39
CA ALA A 139 -2.67 -2.77 17.66
C ALA A 139 -1.37 -2.03 17.98
N SER A 140 -0.24 -2.65 17.62
CA SER A 140 1.06 -2.06 17.86
C SER A 140 1.97 -2.23 16.65
N CYS A 141 3.19 -1.72 16.76
CA CYS A 141 4.16 -1.82 15.68
C CYS A 141 5.54 -1.34 16.13
N LYS A 142 6.58 -2.02 15.67
CA LYS A 142 7.95 -1.67 16.02
C LYS A 142 8.87 -1.71 14.80
N CYS A 143 9.93 -0.93 14.84
CA CYS A 143 10.88 -0.86 13.74
C CYS A 143 12.18 -1.58 14.10
N LYS A 144 12.41 -2.73 13.48
CA LYS A 144 13.61 -3.52 13.73
C LYS A 144 14.03 -4.29 12.50
N ARG A 145 15.31 -4.65 12.43
CA ARG A 145 15.84 -5.39 11.29
C ARG A 145 15.32 -6.82 11.28
N LEU A 146 15.68 -7.58 10.26
CA LEU A 146 15.24 -8.96 10.14
C LEU A 146 16.27 -9.79 9.36
N THR A 147 16.10 -11.11 9.40
CA THR A 147 17.01 -12.01 8.70
C THR A 147 16.55 -13.46 8.83
N ARG A 148 16.88 -14.27 7.82
CA ARG A 148 16.50 -15.67 7.82
C ARG A 148 17.19 -16.42 6.68
N PHE A 149 17.25 -17.74 6.80
CA PHE A 149 17.89 -18.57 5.78
C PHE A 149 17.79 -20.04 6.15
N HIS A 150 17.37 -20.86 5.18
CA HIS A 150 17.24 -22.29 5.39
C HIS A 150 16.87 -23.01 4.10
N ASN A 151 16.97 -24.34 4.11
CA ASN A 151 16.66 -25.14 2.93
C ASN A 151 16.84 -26.63 3.22
N GLN A 152 16.13 -27.46 2.46
CA GLN A 152 16.21 -28.90 2.64
C GLN A 152 15.35 -29.63 1.61
N SER A 153 15.53 -30.94 1.51
CA SER A 153 14.78 -31.74 0.55
C SER A 153 14.98 -33.23 0.82
N GLU A 154 14.13 -34.06 0.20
CA GLU A 154 14.22 -35.50 0.38
C GLU A 154 13.17 -36.22 -0.47
N LEU A 155 13.40 -37.49 -0.75
CA LEU A 155 12.48 -38.28 -1.55
C LEU A 155 12.87 -39.76 -1.52
N LYS A 156 11.99 -40.60 -2.05
CA LYS A 156 12.24 -42.04 -2.10
C LYS A 156 11.14 -42.76 -2.87
N ASP A 157 11.30 -44.06 -3.05
CA ASP A 157 10.32 -44.88 -3.77
C ASP A 157 10.75 -46.34 -3.82
N PHE A 158 9.80 -47.21 -4.12
CA PHE A 158 10.08 -48.64 -4.20
C PHE A 158 9.23 -49.30 -5.29
N GLY A 159 9.19 -50.64 -5.27
CA GLY A 159 8.43 -51.37 -6.25
C GLY A 159 8.95 -52.77 -6.47
N THR A 160 8.03 -53.73 -6.60
CA THR A 160 8.40 -55.12 -6.80
C THR A 160 7.17 -56.00 -6.99
N GLU A 161 7.29 -57.00 -7.86
CA GLU A 161 6.19 -57.91 -8.13
C GLU A 161 6.63 -59.04 -9.05
N ALA A 162 5.82 -60.10 -9.12
CA ALA A 162 6.12 -61.24 -9.96
C ALA A 162 5.00 -62.28 -9.91
N ALA A 163 4.97 -63.16 -10.90
CA ALA A 163 3.95 -64.21 -10.96
C ALA A 163 4.43 -65.39 -11.79
N ARG A 164 3.58 -66.41 -11.90
CA ARG A 164 3.93 -67.60 -12.66
C ARG A 164 2.67 -68.28 -13.22
N PRO A 165 2.84 -69.07 -14.28
CA PRO A 165 1.73 -69.78 -14.92
C PRO A 165 1.18 -70.91 -14.05
N GLN A 166 0.29 -71.70 -14.61
CA GLN A 166 -0.32 -72.81 -13.89
C GLN A 166 -1.01 -73.78 -14.84
N LYS A 167 -0.74 -75.07 -14.65
CA LYS A 167 -1.34 -76.10 -15.50
C LYS A 167 -1.45 -77.43 -14.75
N GLY A 168 -2.24 -78.35 -15.28
CA GLY A 168 -2.41 -79.64 -14.66
C GLY A 168 -3.55 -80.44 -15.27
N ARG A 169 -3.39 -80.81 -16.53
CA ARG A 169 -4.41 -81.59 -17.23
C ARG A 169 -3.85 -82.92 -17.70
N LYS A 170 -4.74 -83.90 -17.88
CA LYS A 170 -4.33 -85.23 -18.33
C LYS A 170 -5.40 -85.84 -19.23
N PRO A 171 -4.99 -86.80 -20.06
CA PRO A 171 -5.90 -87.50 -20.98
C PRO A 171 -6.87 -88.41 -20.25
N ARG A 172 -7.61 -89.21 -21.01
CA ARG A 172 -8.59 -90.13 -20.44
C ARG A 172 -9.03 -91.16 -21.47
N PRO A 173 -8.12 -92.08 -21.82
CA PRO A 173 -8.41 -93.13 -22.80
C PRO A 173 -9.39 -94.17 -22.27
N ARG A 174 -10.64 -94.08 -22.72
CA ARG A 174 -11.68 -95.01 -22.29
C ARG A 174 -11.56 -96.33 -23.03
N ALA A 175 -12.36 -97.32 -22.62
CA ALA A 175 -12.36 -98.62 -23.25
C ALA A 175 -13.46 -99.52 -22.68
N ARG A 176 -14.38 -99.92 -23.55
CA ARG A 176 -15.50 -100.77 -23.14
C ARG A 176 -15.60 -102.00 -24.04
N SER A 177 -16.69 -102.74 -23.88
CA SER A 177 -16.90 -103.95 -24.67
C SER A 177 -18.34 -104.46 -24.51
N ALA A 178 -18.66 -105.52 -25.25
CA ALA A 178 -20.00 -106.10 -25.18
C ALA A 178 -19.99 -107.54 -25.67
N LYS A 179 -20.89 -108.35 -25.11
CA LYS A 179 -20.99 -109.76 -25.48
C LYS A 179 -22.31 -110.36 -25.00
N ALA A 180 -22.89 -111.22 -25.82
CA ALA A 180 -24.15 -111.87 -25.48
C ALA A 180 -24.33 -113.18 -26.25
N ASN A 181 -25.34 -113.95 -25.87
CA ASN A 181 -25.61 -115.23 -26.52
C ASN A 181 -27.11 -115.50 -26.58
N GLN A 182 -27.54 -116.23 -27.61
CA GLN A 182 -28.95 -116.55 -27.78
C GLN A 182 -29.11 -117.85 -28.57
N ALA A 183 -29.20 -118.97 -27.86
CA ALA A 183 -29.35 -120.27 -28.49
C ALA A 183 -30.80 -120.75 -28.40
N GLU A 184 -31.42 -120.99 -29.55
CA GLU A 184 -32.80 -121.46 -29.59
C GLU A 184 -32.86 -122.98 -29.56
N LEU A 185 -33.88 -123.50 -28.88
CA LEU A 185 -34.05 -124.94 -28.76
C LEU A 185 -35.23 -125.43 -29.62
N GLU A 186 -34.97 -125.60 -30.91
CA GLU A 186 -36.00 -126.05 -31.82
C GLU A 186 -36.28 -127.55 -31.65
N ASN A 187 -37.52 -127.89 -31.35
CA ASN A 187 -37.91 -129.28 -31.15
C ASN A 187 -39.36 -129.50 -31.58
N ALA A 188 -39.53 -129.93 -32.82
CA ALA A 188 -40.87 -130.19 -33.36
C ALA A 188 -41.29 -131.63 -33.11
N TYR A 189 -42.57 -131.91 -33.28
CA TYR A 189 -43.11 -133.25 -33.06
C TYR A 189 -42.46 -133.92 -31.85
N GLY A 1 97.00 30.02 13.12
CA GLY A 1 96.50 29.13 14.16
C GLY A 1 96.92 27.70 13.94
N TRP A 2 96.81 26.88 14.98
CA TRP A 2 97.19 25.47 14.90
C TRP A 2 95.96 24.58 15.10
N GLN A 3 96.20 23.26 15.10
CA GLN A 3 95.12 22.30 15.30
C GLN A 3 94.86 22.06 16.78
N ALA A 4 93.69 21.52 17.09
CA ALA A 4 93.32 21.23 18.47
C ALA A 4 92.86 19.79 18.63
N PHE A 5 92.54 19.41 19.87
CA PHE A 5 92.08 18.06 20.16
C PHE A 5 91.24 18.02 21.43
N LYS A 6 90.78 16.83 21.79
CA LYS A 6 89.95 16.66 22.98
C LYS A 6 90.53 15.58 23.90
N ASN A 7 89.89 15.38 25.04
CA ASN A 7 90.34 14.38 26.00
C ASN A 7 89.23 13.36 26.28
N ASP A 8 89.61 12.08 26.32
CA ASP A 8 88.65 11.02 26.58
C ASP A 8 89.09 10.18 27.77
N ALA A 9 88.23 10.07 28.78
CA ALA A 9 88.52 9.29 29.97
C ALA A 9 87.29 8.54 30.47
N THR A 10 86.88 7.52 29.71
CA THR A 10 85.71 6.73 30.07
C THR A 10 86.12 5.35 30.56
N GLU A 11 86.73 5.29 31.74
CA GLU A 11 87.17 4.03 32.32
C GLU A 11 85.99 3.25 32.88
N ILE A 12 85.85 1.99 32.47
CA ILE A 12 84.77 1.14 32.93
C ILE A 12 85.31 -0.10 33.64
N ILE A 13 85.33 -0.06 34.96
CA ILE A 13 85.82 -1.18 35.75
C ILE A 13 84.85 -1.51 36.88
N PRO A 14 83.69 -2.09 36.53
CA PRO A 14 82.66 -2.47 37.51
C PRO A 14 83.09 -3.65 38.37
N GLU A 15 82.29 -3.95 39.38
CA GLU A 15 82.59 -5.06 40.29
C GLU A 15 81.31 -5.78 40.70
N LEU A 16 81.41 -6.56 41.77
CA LEU A 16 80.26 -7.31 42.28
C LEU A 16 79.98 -6.95 43.73
N GLY A 17 78.91 -7.52 44.27
CA GLY A 17 78.54 -7.26 45.66
C GLY A 17 78.23 -8.52 46.43
N GLU A 18 77.24 -9.27 45.96
CA GLU A 18 76.84 -10.51 46.61
C GLU A 18 76.81 -11.67 45.62
N TYR A 19 77.33 -12.82 46.04
CA TYR A 19 77.37 -14.00 45.18
C TYR A 19 76.62 -15.16 45.83
N PRO A 20 75.28 -15.03 45.93
CA PRO A 20 74.42 -16.05 46.53
C PRO A 20 74.33 -17.30 45.65
N GLU A 21 74.93 -18.39 46.13
CA GLU A 21 74.91 -19.65 45.40
C GLU A 21 74.27 -20.75 46.23
N PRO A 22 72.95 -20.66 46.42
CA PRO A 22 72.18 -21.65 47.19
C PRO A 22 72.10 -22.99 46.49
N PRO A 23 71.64 -24.02 47.22
CA PRO A 23 71.49 -25.38 46.69
C PRO A 23 70.35 -25.48 45.68
N PRO A 24 70.31 -26.60 44.95
CA PRO A 24 69.27 -26.85 43.94
C PRO A 24 67.90 -27.08 44.57
N GLU A 25 66.87 -26.54 43.92
CA GLU A 25 65.51 -26.68 44.41
C GLU A 25 64.51 -26.74 43.24
N LEU A 26 64.43 -27.89 42.60
CA LEU A 26 63.52 -28.07 41.48
C LEU A 26 63.12 -29.54 41.33
N GLU A 27 62.17 -29.97 42.15
CA GLU A 27 61.69 -31.35 42.11
C GLU A 27 60.20 -31.40 41.79
N ASN A 28 59.82 -32.34 40.93
CA ASN A 28 58.42 -32.49 40.54
C ASN A 28 58.26 -33.67 39.58
N ASN A 29 57.01 -33.92 39.17
CA ASN A 29 56.72 -35.02 38.26
C ASN A 29 55.45 -34.73 37.46
N LYS A 30 55.24 -33.45 37.13
CA LYS A 30 54.07 -33.05 36.37
C LYS A 30 54.40 -31.88 35.45
N THR A 31 53.48 -31.57 34.55
CA THR A 31 53.67 -30.46 33.62
C THR A 31 52.42 -30.22 32.78
N MET A 32 52.09 -28.95 32.56
CA MET A 32 50.92 -28.58 31.78
C MET A 32 51.06 -27.17 31.22
N ASN A 33 50.26 -26.86 30.20
CA ASN A 33 50.30 -25.54 29.57
C ASN A 33 49.17 -25.39 28.55
N ARG A 34 48.19 -24.56 28.90
CA ARG A 34 47.04 -24.33 28.03
C ARG A 34 46.76 -22.84 27.88
N ALA A 35 46.58 -22.40 26.64
CA ALA A 35 46.30 -20.99 26.38
C ALA A 35 45.89 -20.78 24.93
N GLU A 36 45.39 -19.58 24.62
CA GLU A 36 44.97 -19.26 23.26
C GLU A 36 44.51 -17.80 23.17
N ASN A 37 45.34 -16.97 22.53
CA ASN A 37 45.03 -15.56 22.37
C ASN A 37 44.65 -15.24 20.93
N GLY A 38 43.66 -14.37 20.76
CA GLY A 38 43.21 -14.00 19.44
C GLY A 38 42.29 -12.80 19.46
N GLY A 39 42.77 -11.67 18.91
CA GLY A 39 41.97 -10.46 18.88
C GLY A 39 42.68 -9.32 18.19
N ARG A 40 42.59 -9.28 16.87
CA ARG A 40 43.23 -8.22 16.09
C ARG A 40 42.50 -8.00 14.77
N PRO A 41 41.30 -7.40 14.85
CA PRO A 41 40.47 -7.11 13.68
C PRO A 41 41.07 -6.02 12.81
N PRO A 42 40.53 -5.87 11.59
CA PRO A 42 40.99 -4.85 10.63
C PRO A 42 40.64 -3.44 11.07
N HIS A 43 41.41 -2.47 10.59
CA HIS A 43 41.18 -1.06 10.93
C HIS A 43 41.35 -0.17 9.71
N HIS A 44 40.23 0.16 9.07
CA HIS A 44 40.25 1.02 7.89
C HIS A 44 39.08 1.99 7.89
N PRO A 45 39.10 2.95 8.81
CA PRO A 45 38.04 3.96 8.94
C PRO A 45 38.03 4.94 7.77
N PHE A 46 36.85 5.52 7.51
CA PHE A 46 36.70 6.47 6.41
C PHE A 46 35.52 7.40 6.66
N GLU A 47 35.70 8.67 6.33
CA GLU A 47 34.66 9.67 6.52
C GLU A 47 33.35 9.22 5.89
N THR A 48 32.24 9.62 6.49
CA THR A 48 30.92 9.24 5.99
C THR A 48 29.82 10.00 6.72
N LYS A 49 28.89 10.57 5.96
CA LYS A 49 27.77 11.31 6.54
C LYS A 49 26.78 10.39 7.22
N ASP A 50 26.33 10.76 8.40
CA ASP A 50 25.37 9.96 9.15
C ASP A 50 24.12 10.77 9.49
N VAL A 51 23.21 10.17 10.24
CA VAL A 51 21.98 10.83 10.62
C VAL A 51 21.47 10.32 11.97
N SER A 52 20.31 10.82 12.39
CA SER A 52 19.72 10.40 13.66
C SER A 52 18.22 10.69 13.67
N GLU A 53 17.42 9.62 13.66
CA GLU A 53 15.97 9.76 13.68
C GLU A 53 15.37 9.04 14.88
N TYR A 54 14.04 8.93 14.90
CA TYR A 54 13.35 8.26 15.99
C TYR A 54 12.82 6.90 15.56
N SER A 55 12.00 6.29 16.40
CA SER A 55 11.43 4.98 16.10
C SER A 55 10.58 5.03 14.84
N CYS A 56 9.85 3.95 14.58
CA CYS A 56 9.01 3.86 13.40
C CYS A 56 7.75 4.73 13.56
N ARG A 57 7.24 5.22 12.44
CA ARG A 57 6.05 6.06 12.46
C ARG A 57 4.78 5.21 12.41
N GLU A 58 3.72 5.70 13.06
CA GLU A 58 2.45 4.99 13.09
C GLU A 58 1.35 5.80 12.41
N LEU A 59 0.83 5.29 11.31
CA LEU A 59 -0.22 5.97 10.57
C LEU A 59 -1.59 5.65 11.17
N HIS A 60 -2.51 6.61 11.07
CA HIS A 60 -3.85 6.44 11.60
C HIS A 60 -4.90 6.74 10.53
N PHE A 61 -5.65 5.72 10.13
CA PHE A 61 -6.69 5.88 9.12
C PHE A 61 -8.07 5.57 9.70
N THR A 62 -8.95 6.57 9.65
CA THR A 62 -10.31 6.40 10.16
C THR A 62 -11.34 6.55 9.06
N ARG A 63 -12.31 5.65 9.03
CA ARG A 63 -13.36 5.68 8.02
C ARG A 63 -14.59 4.89 8.48
N TYR A 64 -15.69 5.03 7.75
CA TYR A 64 -16.92 4.33 8.09
C TYR A 64 -17.00 2.99 7.37
N VAL A 65 -17.18 1.92 8.14
CA VAL A 65 -17.27 0.58 7.59
C VAL A 65 -18.72 0.19 7.35
N THR A 66 -18.96 -0.52 6.24
CA THR A 66 -20.30 -0.96 5.89
C THR A 66 -20.27 -2.25 5.09
N ASP A 67 -21.04 -3.23 5.51
CA ASP A 67 -21.10 -4.52 4.84
C ASP A 67 -22.55 -4.96 4.62
N GLY A 68 -23.05 -4.77 3.41
CA GLY A 68 -24.42 -5.15 3.10
C GLY A 68 -25.38 -3.99 3.20
N PRO A 69 -26.67 -4.30 3.41
CA PRO A 69 -27.72 -3.28 3.53
C PRO A 69 -27.61 -2.49 4.83
N CYS A 70 -26.69 -2.90 5.69
CA CYS A 70 -26.48 -2.23 6.96
C CYS A 70 -25.23 -1.34 6.92
N ARG A 71 -25.12 -0.43 7.88
CA ARG A 71 -23.99 0.48 7.95
C ARG A 71 -23.55 0.71 9.39
N SER A 72 -22.25 0.81 9.62
CA SER A 72 -21.71 1.03 10.95
C SER A 72 -22.30 2.29 11.57
N ALA A 73 -22.37 2.31 12.90
CA ALA A 73 -22.92 3.45 13.62
C ALA A 73 -21.84 4.52 13.83
N LYS A 74 -20.58 4.10 13.82
CA LYS A 74 -19.46 5.02 14.01
C LYS A 74 -18.26 4.58 13.19
N PRO A 75 -17.33 5.52 12.96
CA PRO A 75 -16.12 5.26 12.18
C PRO A 75 -15.14 4.35 12.93
N VAL A 76 -14.20 3.76 12.19
CA VAL A 76 -13.22 2.86 12.78
C VAL A 76 -11.80 3.32 12.45
N THR A 77 -10.99 3.51 13.49
CA THR A 77 -9.61 3.94 13.31
C THR A 77 -8.66 2.76 13.30
N GLU A 78 -7.99 2.56 12.17
CA GLU A 78 -7.05 1.45 12.02
C GLU A 78 -5.61 1.97 11.99
N LEU A 79 -4.75 1.35 12.78
CA LEU A 79 -3.35 1.75 12.85
C LEU A 79 -2.54 1.05 11.77
N VAL A 80 -1.53 1.75 11.24
CA VAL A 80 -0.69 1.20 10.20
C VAL A 80 0.78 1.22 10.62
N CYS A 81 1.56 0.28 10.11
CA CYS A 81 2.98 0.19 10.42
C CYS A 81 3.82 0.82 9.32
N SER A 82 4.56 1.88 9.67
CA SER A 82 5.41 2.57 8.71
C SER A 82 6.87 2.14 8.86
N GLY A 83 7.71 2.58 7.93
CA GLY A 83 9.12 2.23 7.98
C GLY A 83 10.01 3.46 7.96
N GLN A 84 10.33 3.97 9.14
CA GLN A 84 11.19 5.15 9.26
C GLN A 84 11.96 5.13 10.56
N CYS A 85 13.28 4.95 10.47
CA CYS A 85 14.14 4.91 11.65
C CYS A 85 15.54 5.41 11.31
N GLY A 86 16.41 5.42 12.32
CA GLY A 86 17.77 5.87 12.11
C GLY A 86 18.73 5.30 13.14
N PRO A 87 20.04 5.46 12.86
CA PRO A 87 21.10 4.96 13.76
C PRO A 87 21.17 5.75 15.05
N ALA A 88 21.94 6.84 15.04
CA ALA A 88 22.11 7.68 16.21
C ALA A 88 22.69 6.90 17.38
N ARG A 89 24.01 7.01 17.55
CA ARG A 89 24.69 6.31 18.62
C ARG A 89 24.29 6.88 19.99
N LEU A 90 24.01 5.99 20.93
CA LEU A 90 23.62 6.40 22.28
C LEU A 90 24.72 6.12 23.29
N LEU A 91 24.49 6.50 24.53
CA LEU A 91 25.47 6.28 25.60
C LEU A 91 25.92 4.81 25.64
N PRO A 92 27.07 4.56 26.26
CA PRO A 92 27.63 3.22 26.39
C PRO A 92 26.82 2.34 27.33
N ASN A 93 26.01 2.97 28.18
CA ASN A 93 25.18 2.24 29.13
C ASN A 93 23.71 2.56 28.91
N ALA A 94 23.31 2.69 27.66
CA ALA A 94 21.93 3.00 27.31
C ALA A 94 21.51 2.27 26.03
N ILE A 95 22.14 1.13 25.77
CA ILE A 95 21.84 0.34 24.58
C ILE A 95 20.57 -0.49 24.79
N GLY A 96 20.69 -1.53 25.60
CA GLY A 96 19.55 -2.40 25.88
C GLY A 96 19.90 -3.86 25.77
N ARG A 97 20.49 -4.25 24.65
CA ARG A 97 20.88 -5.65 24.43
C ARG A 97 19.65 -6.56 24.43
N GLY A 98 19.19 -6.93 23.25
CA GLY A 98 18.03 -7.79 23.14
C GLY A 98 18.28 -8.98 22.23
N LYS A 99 18.08 -10.19 22.76
CA LYS A 99 18.29 -11.41 21.99
C LYS A 99 17.82 -12.63 22.79
N TRP A 100 17.23 -13.59 22.08
CA TRP A 100 16.75 -14.82 22.72
C TRP A 100 17.47 -16.04 22.18
N TRP A 101 18.73 -15.86 21.81
CA TRP A 101 19.53 -16.95 21.26
C TRP A 101 19.08 -17.31 19.85
N ARG A 102 17.88 -17.86 19.73
CA ARG A 102 17.33 -18.25 18.44
C ARG A 102 17.40 -17.08 17.46
N PRO A 103 17.31 -17.40 16.16
CA PRO A 103 17.36 -16.40 15.09
C PRO A 103 16.10 -15.53 15.06
N SER A 104 16.08 -14.56 14.15
CA SER A 104 14.93 -13.66 14.02
C SER A 104 14.01 -14.12 12.90
N GLY A 105 14.47 -13.94 11.66
CA GLY A 105 13.67 -14.34 10.51
C GLY A 105 13.53 -13.24 9.48
N PRO A 106 12.70 -12.23 9.79
CA PRO A 106 12.47 -11.09 8.90
C PRO A 106 13.69 -10.18 8.79
N ASP A 107 14.11 -9.92 7.56
CA ASP A 107 15.27 -9.05 7.33
C ASP A 107 14.83 -7.65 6.92
N PHE A 108 13.88 -7.09 7.67
CA PHE A 108 13.37 -5.76 7.39
C PHE A 108 13.85 -4.76 8.44
N ARG A 109 13.45 -3.51 8.28
CA ARG A 109 13.84 -2.45 9.21
C ARG A 109 12.75 -2.23 10.26
N CYS A 110 11.52 -2.56 9.91
CA CYS A 110 10.39 -2.40 10.82
C CYS A 110 9.51 -3.65 10.84
N ILE A 111 9.22 -4.16 12.03
CA ILE A 111 8.40 -5.34 12.18
C ILE A 111 7.07 -5.01 12.84
N PRO A 112 6.05 -5.84 12.59
CA PRO A 112 4.71 -5.65 13.15
C PRO A 112 4.67 -5.91 14.65
N ASP A 113 3.50 -5.74 15.24
CA ASP A 113 3.33 -5.96 16.68
C ASP A 113 1.92 -6.47 16.98
N ARG A 114 1.59 -6.54 18.27
CA ARG A 114 0.27 -7.00 18.70
C ARG A 114 -0.84 -6.28 17.94
N TYR A 115 -1.90 -7.01 17.64
CA TYR A 115 -3.03 -6.44 16.90
C TYR A 115 -4.21 -6.19 17.84
N ARG A 116 -5.26 -5.59 17.30
CA ARG A 116 -6.46 -5.28 18.08
C ARG A 116 -7.73 -5.46 17.24
N ALA A 117 -8.60 -6.36 17.68
CA ALA A 117 -9.84 -6.63 16.97
C ALA A 117 -11.00 -5.88 17.62
N GLN A 118 -11.49 -4.84 16.94
CA GLN A 118 -12.61 -4.05 17.44
C GLN A 118 -13.91 -4.44 16.76
N ARG A 119 -14.93 -4.74 17.56
CA ARG A 119 -16.23 -5.14 17.04
C ARG A 119 -17.09 -3.92 16.75
N VAL A 120 -17.51 -3.78 15.50
CA VAL A 120 -18.35 -2.65 15.09
C VAL A 120 -19.82 -3.05 15.06
N GLN A 121 -20.69 -2.06 15.24
CA GLN A 121 -22.12 -2.31 15.23
C GLN A 121 -22.78 -1.67 14.00
N LEU A 122 -23.25 -2.52 13.09
CA LEU A 122 -23.90 -2.04 11.87
C LEU A 122 -25.41 -2.05 12.01
N LEU A 123 -26.04 -0.95 11.63
CA LEU A 123 -27.50 -0.82 11.71
C LEU A 123 -28.14 -1.06 10.36
N CYS A 124 -29.36 -1.60 10.37
CA CYS A 124 -30.09 -1.87 9.13
C CYS A 124 -31.44 -1.16 9.14
N PRO A 125 -31.97 -0.88 7.93
CA PRO A 125 -33.25 -0.20 7.76
C PRO A 125 -34.43 -1.08 8.18
N GLY A 126 -35.62 -0.50 8.20
CA GLY A 126 -36.80 -1.25 8.58
C GLY A 126 -36.96 -2.54 7.80
N GLY A 127 -36.91 -3.66 8.50
CA GLY A 127 -37.04 -4.95 7.86
C GLY A 127 -35.94 -5.92 8.25
N GLU A 128 -35.06 -5.47 9.14
CA GLU A 128 -33.94 -6.29 9.59
C GLU A 128 -33.25 -5.67 10.80
N ALA A 129 -32.77 -6.52 11.70
CA ALA A 129 -32.08 -6.04 12.90
C ALA A 129 -30.62 -5.73 12.61
N PRO A 130 -30.00 -4.93 13.50
CA PRO A 130 -28.60 -4.54 13.37
C PRO A 130 -27.65 -5.71 13.60
N ARG A 131 -26.52 -5.70 12.90
CA ARG A 131 -25.53 -6.75 13.04
C ARG A 131 -24.20 -6.19 13.55
N ALA A 132 -23.19 -7.05 13.63
CA ALA A 132 -21.87 -6.64 14.10
C ALA A 132 -20.77 -7.24 13.23
N ARG A 133 -19.64 -6.55 13.16
CA ARG A 133 -18.50 -7.00 12.37
C ARG A 133 -17.18 -6.70 13.07
N LYS A 134 -16.36 -7.73 13.23
CA LYS A 134 -15.06 -7.56 13.88
C LYS A 134 -13.98 -7.18 12.88
N VAL A 135 -13.24 -6.13 13.18
CA VAL A 135 -12.17 -5.67 12.31
C VAL A 135 -10.81 -5.83 12.96
N ARG A 136 -9.91 -6.56 12.29
CA ARG A 136 -8.58 -6.79 12.82
C ARG A 136 -7.61 -5.71 12.35
N LEU A 137 -7.26 -4.79 13.24
CA LEU A 137 -6.35 -3.70 12.92
C LEU A 137 -5.14 -3.71 13.85
N VAL A 138 -3.98 -3.36 13.30
CA VAL A 138 -2.75 -3.32 14.08
C VAL A 138 -2.94 -2.51 15.35
N ALA A 139 -2.34 -2.98 16.45
CA ALA A 139 -2.43 -2.30 17.73
C ALA A 139 -1.12 -1.61 18.08
N SER A 140 -0.01 -2.22 17.70
CA SER A 140 1.31 -1.67 17.97
C SER A 140 2.25 -1.91 16.80
N CYS A 141 3.50 -1.44 16.94
CA CYS A 141 4.49 -1.60 15.90
C CYS A 141 5.90 -1.49 16.47
N LYS A 142 6.82 -2.28 15.93
CA LYS A 142 8.20 -2.29 16.39
C LYS A 142 9.16 -2.00 15.24
N CYS A 143 10.28 -1.35 15.54
CA CYS A 143 11.27 -1.02 14.54
C CYS A 143 12.56 -1.80 14.77
N LYS A 144 12.81 -2.78 13.90
CA LYS A 144 14.01 -3.59 14.01
C LYS A 144 14.88 -3.46 12.76
N ARG A 145 16.03 -2.83 12.91
CA ARG A 145 16.95 -2.65 11.79
C ARG A 145 17.71 -3.93 11.48
N LEU A 146 17.36 -4.56 10.37
CA LEU A 146 18.01 -5.81 9.96
C LEU A 146 18.31 -5.79 8.46
N THR A 147 19.03 -6.80 8.00
CA THR A 147 19.39 -6.91 6.59
C THR A 147 20.16 -8.20 6.31
N ARG A 148 19.93 -8.78 5.15
CA ARG A 148 20.61 -10.02 4.77
C ARG A 148 21.92 -9.71 4.06
N PHE A 149 22.57 -10.76 3.55
CA PHE A 149 23.84 -10.60 2.85
C PHE A 149 23.68 -10.89 1.36
N HIS A 150 23.56 -12.17 1.03
CA HIS A 150 23.39 -12.59 -0.36
C HIS A 150 23.20 -14.10 -0.46
N ASN A 151 24.26 -14.85 -0.18
CA ASN A 151 24.21 -16.31 -0.23
C ASN A 151 23.90 -16.78 -1.66
N GLN A 152 23.91 -18.11 -1.84
CA GLN A 152 23.64 -18.68 -3.16
C GLN A 152 24.71 -18.27 -4.17
N SER A 153 25.60 -19.19 -4.49
CA SER A 153 26.66 -18.92 -5.44
C SER A 153 27.43 -20.20 -5.78
N GLU A 154 27.25 -20.67 -7.01
CA GLU A 154 27.93 -21.89 -7.46
C GLU A 154 27.60 -22.18 -8.92
N LEU A 155 28.53 -22.83 -9.62
CA LEU A 155 28.34 -23.17 -11.02
C LEU A 155 29.49 -24.03 -11.53
N LYS A 156 29.33 -25.35 -11.44
CA LYS A 156 30.34 -26.29 -11.89
C LYS A 156 30.20 -26.57 -13.38
N ASP A 157 31.29 -26.98 -14.02
CA ASP A 157 31.28 -27.29 -15.44
C ASP A 157 32.51 -28.11 -15.83
N PHE A 158 32.28 -29.38 -16.15
CA PHE A 158 33.38 -30.27 -16.54
C PHE A 158 32.87 -31.42 -17.40
N GLY A 159 32.79 -31.17 -18.71
CA GLY A 159 32.32 -32.19 -19.63
C GLY A 159 32.79 -31.96 -21.05
N THR A 160 33.46 -32.94 -21.62
CA THR A 160 33.97 -32.84 -22.99
C THR A 160 34.44 -34.19 -23.50
N GLU A 161 34.01 -34.53 -24.72
CA GLU A 161 34.38 -35.80 -25.33
C GLU A 161 34.35 -35.70 -26.85
N ALA A 162 34.69 -36.81 -27.52
CA ALA A 162 34.69 -36.84 -28.98
C ALA A 162 34.22 -38.20 -29.49
N ALA A 163 33.77 -38.23 -30.74
CA ALA A 163 33.29 -39.46 -31.36
C ALA A 163 33.19 -39.31 -32.87
N ARG A 164 34.27 -39.68 -33.57
CA ARG A 164 34.31 -39.59 -35.02
C ARG A 164 35.55 -40.28 -35.58
N PRO A 165 35.53 -41.63 -35.55
CA PRO A 165 36.64 -42.45 -36.04
C PRO A 165 36.78 -42.38 -37.57
N GLN A 166 37.71 -43.15 -38.10
CA GLN A 166 37.94 -43.19 -39.54
C GLN A 166 38.55 -44.52 -39.97
N LYS A 167 38.57 -44.77 -41.28
CA LYS A 167 39.14 -46.00 -41.81
C LYS A 167 39.55 -45.82 -43.27
N GLY A 168 40.31 -46.78 -43.78
CA GLY A 168 40.77 -46.70 -45.16
C GLY A 168 41.19 -48.05 -45.70
N ARG A 169 41.39 -48.13 -47.02
CA ARG A 169 41.81 -49.37 -47.65
C ARG A 169 42.63 -49.09 -48.90
N LYS A 170 42.99 -50.15 -49.63
CA LYS A 170 43.78 -50.01 -50.84
C LYS A 170 43.08 -50.68 -52.02
N PRO A 171 43.09 -50.00 -53.18
CA PRO A 171 42.46 -50.51 -54.40
C PRO A 171 43.21 -51.70 -54.98
N ARG A 172 42.47 -52.74 -55.35
CA ARG A 172 43.06 -53.94 -55.92
C ARG A 172 42.91 -53.96 -57.45
N PRO A 173 43.99 -54.32 -58.14
CA PRO A 173 44.00 -54.39 -59.61
C PRO A 173 43.13 -55.53 -60.15
N ARG A 174 42.98 -55.57 -61.46
CA ARG A 174 42.18 -56.61 -62.10
C ARG A 174 42.86 -57.11 -63.37
N ALA A 175 42.57 -58.37 -63.73
CA ALA A 175 43.15 -58.97 -64.92
C ALA A 175 42.10 -59.72 -65.73
N ARG A 176 41.82 -59.23 -66.93
CA ARG A 176 40.83 -59.85 -67.80
C ARG A 176 41.48 -60.92 -68.68
N SER A 177 40.65 -61.71 -69.36
CA SER A 177 41.14 -62.76 -70.24
C SER A 177 40.19 -62.98 -71.42
N ALA A 178 40.74 -63.43 -72.54
CA ALA A 178 39.95 -63.68 -73.73
C ALA A 178 40.78 -64.33 -74.83
N LYS A 179 40.18 -65.28 -75.53
CA LYS A 179 40.87 -65.99 -76.60
C LYS A 179 40.22 -65.71 -77.96
N ALA A 180 38.89 -65.64 -77.96
CA ALA A 180 38.14 -65.38 -79.18
C ALA A 180 38.19 -66.57 -80.12
N ASN A 181 39.36 -66.81 -80.71
CA ASN A 181 39.54 -67.92 -81.64
C ASN A 181 38.64 -67.75 -82.87
N GLN A 182 38.84 -68.62 -83.84
CA GLN A 182 38.04 -68.58 -85.07
C GLN A 182 37.35 -69.91 -85.33
N ALA A 183 36.49 -69.94 -86.34
CA ALA A 183 35.77 -71.15 -86.69
C ALA A 183 35.44 -71.19 -88.18
N GLU A 184 35.72 -72.34 -88.81
CA GLU A 184 35.46 -72.50 -90.23
C GLU A 184 33.99 -72.80 -90.48
N LEU A 185 33.49 -72.35 -91.64
CA LEU A 185 32.09 -72.57 -92.00
C LEU A 185 31.87 -72.30 -93.48
N GLU A 186 32.71 -72.89 -94.33
CA GLU A 186 32.59 -72.71 -95.77
C GLU A 186 33.08 -73.96 -96.51
N ASN A 187 32.14 -74.71 -97.06
CA ASN A 187 32.47 -75.92 -97.80
C ASN A 187 32.82 -75.61 -99.25
N ALA A 188 32.08 -74.67 -99.84
CA ALA A 188 32.30 -74.27 -101.22
C ALA A 188 32.10 -75.44 -102.18
N TYR A 189 32.43 -75.23 -103.45
CA TYR A 189 32.27 -76.27 -104.45
C TYR A 189 33.49 -77.19 -104.48
N GLY A 1 -10.98 64.96 79.03
CA GLY A 1 -10.44 63.89 78.22
C GLY A 1 -10.27 64.28 76.77
N TRP A 2 -10.43 63.31 75.86
CA TRP A 2 -10.28 63.57 74.43
C TRP A 2 -11.60 63.30 73.71
N GLN A 3 -11.62 63.61 72.41
CA GLN A 3 -12.81 63.40 71.60
C GLN A 3 -12.44 62.98 70.18
N ALA A 4 -13.39 62.40 69.47
CA ALA A 4 -13.17 61.95 68.10
C ALA A 4 -12.04 60.92 68.03
N PHE A 5 -12.42 59.64 68.02
CA PHE A 5 -11.45 58.55 67.97
C PHE A 5 -12.15 57.23 67.66
N LYS A 6 -11.38 56.27 67.16
CA LYS A 6 -11.91 54.96 66.82
C LYS A 6 -10.78 53.98 66.48
N ASN A 7 -9.79 54.47 65.75
CA ASN A 7 -8.65 53.64 65.36
C ASN A 7 -9.10 52.48 64.49
N ASP A 8 -8.14 51.85 63.82
CA ASP A 8 -8.44 50.72 62.94
C ASP A 8 -7.57 49.51 63.30
N ALA A 9 -7.64 48.48 62.47
CA ALA A 9 -6.86 47.26 62.70
C ALA A 9 -6.57 46.54 61.39
N THR A 10 -5.85 47.22 60.50
CA THR A 10 -5.51 46.64 59.19
C THR A 10 -4.00 46.46 59.06
N GLU A 11 -3.47 45.45 59.73
CA GLU A 11 -2.04 45.17 59.69
C GLU A 11 -1.75 44.01 58.74
N ILE A 12 -0.87 44.26 57.76
CA ILE A 12 -0.50 43.24 56.79
C ILE A 12 0.99 42.94 56.85
N ILE A 13 1.35 41.90 57.61
CA ILE A 13 2.74 41.51 57.75
C ILE A 13 2.98 40.13 57.15
N PRO A 14 2.98 40.06 55.82
CA PRO A 14 3.19 38.80 55.09
C PRO A 14 4.63 38.31 55.21
N GLU A 15 4.88 37.09 54.73
CA GLU A 15 6.21 36.50 54.78
C GLU A 15 6.32 35.32 53.84
N LEU A 16 7.08 35.48 52.76
CA LEU A 16 7.27 34.43 51.78
C LEU A 16 8.73 34.31 51.37
N GLY A 17 9.17 33.09 51.10
CA GLY A 17 10.55 32.87 50.70
C GLY A 17 10.76 31.50 50.07
N GLU A 18 9.97 31.19 49.05
CA GLU A 18 10.06 29.91 48.36
C GLU A 18 10.45 30.10 46.89
N TYR A 19 11.75 30.15 46.64
CA TYR A 19 12.25 30.33 45.28
C TYR A 19 13.12 29.15 44.85
N PRO A 20 12.46 28.00 44.62
CA PRO A 20 13.15 26.78 44.20
C PRO A 20 13.70 26.87 42.77
N GLU A 21 14.24 25.76 42.27
CA GLU A 21 14.79 25.72 40.93
C GLU A 21 14.40 24.44 40.22
N PRO A 22 14.49 24.45 38.88
CA PRO A 22 14.15 23.29 38.05
C PRO A 22 15.15 22.16 38.21
N PRO A 23 14.80 20.97 37.69
CA PRO A 23 15.66 19.79 37.75
C PRO A 23 16.88 19.91 36.86
N PRO A 24 17.85 18.99 37.05
CA PRO A 24 19.09 18.98 36.27
C PRO A 24 18.85 18.58 34.82
N GLU A 25 19.90 18.71 34.00
CA GLU A 25 19.80 18.37 32.58
C GLU A 25 21.19 18.12 31.99
N LEU A 26 21.55 16.84 31.86
CA LEU A 26 22.84 16.46 31.31
C LEU A 26 22.79 15.06 30.70
N GLU A 27 23.78 14.75 29.88
CA GLU A 27 23.85 13.44 29.24
C GLU A 27 25.26 12.87 29.29
N ASN A 28 25.43 11.67 28.77
CA ASN A 28 26.73 11.01 28.77
C ASN A 28 26.86 10.05 27.60
N ASN A 29 27.89 10.23 26.78
CA ASN A 29 28.12 9.38 25.62
C ASN A 29 26.97 9.51 24.62
N LYS A 30 27.09 8.78 23.51
CA LYS A 30 26.06 8.81 22.47
C LYS A 30 25.49 7.41 22.24
N THR A 31 25.57 6.57 23.27
CA THR A 31 25.05 5.21 23.18
C THR A 31 25.80 4.41 22.12
N MET A 32 26.77 3.61 22.56
CA MET A 32 27.55 2.79 21.64
C MET A 32 27.09 1.33 21.68
N ASN A 33 26.56 0.86 20.56
CA ASN A 33 26.07 -0.52 20.46
C ASN A 33 26.45 -1.13 19.12
N ARG A 34 26.37 -2.46 19.04
CA ARG A 34 26.70 -3.17 17.81
C ARG A 34 25.63 -4.21 17.48
N ALA A 35 25.38 -4.40 16.19
CA ALA A 35 24.38 -5.37 15.74
C ALA A 35 24.83 -6.05 14.45
N GLU A 36 24.48 -7.32 14.31
CA GLU A 36 24.83 -8.08 13.12
C GLU A 36 23.64 -8.24 12.19
N ASN A 37 23.82 -7.87 10.93
CA ASN A 37 22.75 -7.96 9.93
C ASN A 37 23.19 -8.81 8.75
N GLY A 38 22.22 -9.35 8.02
CA GLY A 38 22.52 -10.17 6.87
C GLY A 38 21.76 -11.48 6.88
N GLY A 39 20.78 -11.62 6.00
CA GLY A 39 20.00 -12.84 5.93
C GLY A 39 18.57 -12.58 5.50
N ARG A 40 17.81 -13.66 5.30
CA ARG A 40 16.42 -13.54 4.88
C ARG A 40 15.51 -13.36 6.08
N PRO A 41 14.29 -12.85 5.84
CA PRO A 41 13.30 -12.62 6.89
C PRO A 41 12.74 -13.92 7.46
N PRO A 42 12.03 -13.81 8.59
CA PRO A 42 11.42 -14.97 9.26
C PRO A 42 10.26 -15.55 8.47
N HIS A 43 9.72 -16.66 8.96
CA HIS A 43 8.60 -17.32 8.30
C HIS A 43 7.29 -16.63 8.62
N HIS A 44 7.13 -16.22 9.88
CA HIS A 44 5.91 -15.54 10.31
C HIS A 44 6.21 -14.56 11.45
N PRO A 45 5.33 -13.56 11.61
CA PRO A 45 5.49 -12.55 12.66
C PRO A 45 5.25 -13.11 14.05
N PHE A 46 5.65 -12.35 15.07
CA PHE A 46 5.48 -12.77 16.45
C PHE A 46 4.67 -11.75 17.25
N GLU A 47 4.35 -12.09 18.49
CA GLU A 47 3.58 -11.21 19.35
C GLU A 47 4.31 -10.96 20.67
N THR A 48 4.15 -9.75 21.21
CA THR A 48 4.78 -9.38 22.46
C THR A 48 4.35 -7.99 22.92
N LYS A 49 3.97 -7.89 24.19
CA LYS A 49 3.53 -6.62 24.75
C LYS A 49 4.71 -5.85 25.34
N ASP A 50 4.81 -4.57 25.01
CA ASP A 50 5.89 -3.73 25.52
C ASP A 50 5.59 -2.25 25.26
N VAL A 51 6.08 -1.39 26.15
CA VAL A 51 5.86 0.05 26.01
C VAL A 51 7.07 0.83 26.53
N SER A 52 8.07 0.97 25.68
CA SER A 52 9.29 1.70 26.05
C SER A 52 10.19 1.92 24.84
N GLU A 53 9.56 2.13 23.68
CA GLU A 53 10.30 2.35 22.44
C GLU A 53 9.39 2.89 21.35
N TYR A 54 9.98 3.38 20.27
CA TYR A 54 9.22 3.91 19.15
C TYR A 54 10.15 4.32 18.01
N SER A 55 9.71 4.05 16.77
CA SER A 55 10.50 4.39 15.60
C SER A 55 9.60 4.60 14.39
N CYS A 56 8.90 3.53 13.98
CA CYS A 56 8.00 3.59 12.83
C CYS A 56 6.73 4.36 13.18
N ARG A 57 6.50 5.45 12.47
CA ARG A 57 5.31 6.28 12.70
C ARG A 57 4.04 5.49 12.41
N GLU A 58 3.20 5.36 13.43
CA GLU A 58 1.94 4.62 13.29
C GLU A 58 0.93 5.42 12.45
N LEU A 59 0.59 4.89 11.29
CA LEU A 59 -0.36 5.55 10.40
C LEU A 59 -1.80 5.29 10.83
N HIS A 60 -2.44 6.30 11.40
CA HIS A 60 -3.82 6.18 11.85
C HIS A 60 -4.79 6.68 10.79
N PHE A 61 -5.65 5.78 10.32
CA PHE A 61 -6.63 6.13 9.31
C PHE A 61 -8.03 5.66 9.70
N THR A 62 -8.96 6.61 9.82
CA THR A 62 -10.33 6.29 10.20
C THR A 62 -11.23 6.21 8.98
N ARG A 63 -12.19 5.28 9.00
CA ARG A 63 -13.12 5.11 7.90
C ARG A 63 -14.38 4.38 8.35
N TYR A 64 -15.47 4.57 7.61
CA TYR A 64 -16.74 3.93 7.95
C TYR A 64 -16.88 2.58 7.24
N VAL A 65 -16.97 1.52 8.03
CA VAL A 65 -17.10 0.18 7.48
C VAL A 65 -18.57 -0.19 7.28
N THR A 66 -18.87 -0.82 6.15
CA THR A 66 -20.24 -1.22 5.84
C THR A 66 -20.26 -2.50 5.01
N ASP A 67 -21.09 -3.45 5.42
CA ASP A 67 -21.21 -4.72 4.70
C ASP A 67 -22.68 -5.09 4.49
N GLY A 68 -23.17 -4.85 3.28
CA GLY A 68 -24.56 -5.17 2.96
C GLY A 68 -25.46 -3.96 3.07
N PRO A 69 -26.76 -4.21 3.27
CA PRO A 69 -27.76 -3.13 3.38
C PRO A 69 -27.61 -2.33 4.66
N CYS A 70 -26.71 -2.78 5.53
CA CYS A 70 -26.46 -2.10 6.80
C CYS A 70 -25.18 -1.27 6.74
N ARG A 71 -25.03 -0.37 7.70
CA ARG A 71 -23.84 0.49 7.76
C ARG A 71 -23.44 0.76 9.20
N SER A 72 -22.13 0.82 9.44
CA SER A 72 -21.61 1.07 10.78
C SER A 72 -22.18 2.36 11.35
N ALA A 73 -22.49 2.35 12.64
CA ALA A 73 -23.04 3.52 13.31
C ALA A 73 -21.95 4.55 13.61
N LYS A 74 -20.71 4.07 13.69
CA LYS A 74 -19.57 4.95 13.97
C LYS A 74 -18.34 4.51 13.18
N PRO A 75 -17.38 5.43 13.01
CA PRO A 75 -16.14 5.16 12.29
C PRO A 75 -15.23 4.20 13.05
N VAL A 76 -14.32 3.55 12.33
CA VAL A 76 -13.38 2.62 12.93
C VAL A 76 -11.94 3.11 12.78
N THR A 77 -11.16 2.94 13.85
CA THR A 77 -9.76 3.37 13.84
C THR A 77 -8.86 2.27 13.32
N GLU A 78 -8.12 2.56 12.25
CA GLU A 78 -7.21 1.60 11.65
C GLU A 78 -5.76 2.03 11.83
N LEU A 79 -4.94 1.11 12.32
CA LEU A 79 -3.53 1.41 12.54
C LEU A 79 -2.66 0.70 11.51
N VAL A 80 -1.72 1.44 10.91
CA VAL A 80 -0.83 0.88 9.91
C VAL A 80 0.63 1.05 10.31
N CYS A 81 1.49 0.16 9.83
CA CYS A 81 2.91 0.22 10.14
C CYS A 81 3.69 0.89 9.02
N SER A 82 4.32 2.01 9.33
CA SER A 82 5.10 2.75 8.34
C SER A 82 6.07 3.71 9.03
N GLY A 83 7.00 4.25 8.24
CA GLY A 83 7.98 5.18 8.78
C GLY A 83 9.41 4.74 8.51
N GLN A 84 10.35 5.28 9.27
CA GLN A 84 11.76 4.94 9.10
C GLN A 84 12.52 5.07 10.42
N CYS A 85 13.61 4.32 10.55
CA CYS A 85 14.41 4.35 11.76
C CYS A 85 15.89 4.10 11.44
N GLY A 86 16.76 4.44 12.38
CA GLY A 86 18.18 4.24 12.18
C GLY A 86 19.01 5.40 12.69
N PRO A 87 19.05 5.57 14.02
CA PRO A 87 19.80 6.65 14.65
C PRO A 87 21.31 6.46 14.54
N ALA A 88 21.71 5.29 14.04
CA ALA A 88 23.12 4.98 13.87
C ALA A 88 23.44 4.64 12.43
N ARG A 89 23.69 5.66 11.62
CA ARG A 89 24.01 5.46 10.20
C ARG A 89 25.34 4.73 10.05
N LEU A 90 25.81 4.63 8.81
CA LEU A 90 27.07 3.96 8.52
C LEU A 90 28.18 4.97 8.27
N LEU A 91 29.38 4.47 8.02
CA LEU A 91 30.54 5.32 7.76
C LEU A 91 30.24 6.33 6.66
N PRO A 92 31.03 7.40 6.60
CA PRO A 92 30.87 8.45 5.59
C PRO A 92 31.25 7.97 4.19
N ASN A 93 32.20 7.04 4.12
CA ASN A 93 32.64 6.50 2.85
C ASN A 93 31.84 5.27 2.46
N ALA A 94 31.96 4.20 3.26
CA ALA A 94 31.25 2.97 3.00
C ALA A 94 31.55 2.44 1.60
N ILE A 95 32.60 1.63 1.48
CA ILE A 95 32.99 1.07 0.20
C ILE A 95 32.70 -0.43 0.15
N GLY A 96 32.45 -0.94 -1.05
CA GLY A 96 32.16 -2.35 -1.21
C GLY A 96 32.66 -2.90 -2.53
N ARG A 97 31.76 -3.49 -3.30
CA ARG A 97 32.12 -4.05 -4.61
C ARG A 97 31.21 -3.52 -5.71
N GLY A 98 31.58 -3.80 -6.95
CA GLY A 98 30.80 -3.33 -8.08
C GLY A 98 30.45 -4.44 -9.05
N LYS A 99 30.35 -5.66 -8.54
CA LYS A 99 30.03 -6.81 -9.37
C LYS A 99 28.51 -6.93 -9.58
N TRP A 100 28.10 -7.97 -10.28
CA TRP A 100 26.68 -8.20 -10.54
C TRP A 100 26.17 -9.43 -9.79
N TRP A 101 24.94 -9.82 -10.07
CA TRP A 101 24.34 -10.98 -9.41
C TRP A 101 24.48 -10.89 -7.90
N ARG A 102 23.60 -10.09 -7.29
CA ARG A 102 23.63 -9.92 -5.83
C ARG A 102 22.55 -10.77 -5.17
N PRO A 103 22.76 -11.09 -3.89
CA PRO A 103 21.82 -11.90 -3.10
C PRO A 103 20.52 -11.15 -2.80
N SER A 104 19.43 -11.89 -2.68
CA SER A 104 18.13 -11.30 -2.40
C SER A 104 17.83 -11.35 -0.91
N GLY A 105 17.62 -10.18 -0.30
CA GLY A 105 17.33 -10.12 1.12
C GLY A 105 16.81 -8.76 1.54
N PRO A 106 15.61 -8.41 1.06
CA PRO A 106 14.98 -7.12 1.38
C PRO A 106 14.53 -7.04 2.84
N ASP A 107 13.90 -5.93 3.20
CA ASP A 107 13.42 -5.73 4.57
C ASP A 107 12.07 -5.02 4.57
N PHE A 108 11.30 -5.24 5.63
CA PHE A 108 9.98 -4.64 5.76
C PHE A 108 10.05 -3.34 6.57
N ARG A 109 11.23 -2.74 6.61
CA ARG A 109 11.43 -1.50 7.34
C ARG A 109 11.34 -1.75 8.85
N CYS A 110 10.13 -1.92 9.35
CA CYS A 110 9.91 -2.17 10.76
C CYS A 110 9.08 -3.43 10.98
N ILE A 111 9.32 -4.10 12.09
CA ILE A 111 8.59 -5.33 12.41
C ILE A 111 7.24 -5.02 13.05
N PRO A 112 6.25 -5.87 12.77
CA PRO A 112 4.89 -5.71 13.30
C PRO A 112 4.82 -5.96 14.80
N ASP A 113 3.64 -5.76 15.38
CA ASP A 113 3.45 -5.96 16.80
C ASP A 113 2.04 -6.50 17.08
N ARG A 114 1.69 -6.57 18.37
CA ARG A 114 0.38 -7.07 18.77
C ARG A 114 -0.74 -6.37 18.00
N TYR A 115 -1.81 -7.09 17.73
CA TYR A 115 -2.95 -6.54 17.00
C TYR A 115 -4.11 -6.25 17.94
N ARG A 116 -5.17 -5.65 17.39
CA ARG A 116 -6.35 -5.32 18.18
C ARG A 116 -7.63 -5.60 17.38
N ALA A 117 -8.42 -6.54 17.86
CA ALA A 117 -9.67 -6.90 17.20
C ALA A 117 -10.85 -6.13 17.79
N GLN A 118 -11.33 -5.14 17.05
CA GLN A 118 -12.45 -4.32 17.51
C GLN A 118 -13.75 -4.78 16.87
N ARG A 119 -14.86 -4.57 17.58
CA ARG A 119 -16.17 -4.96 17.07
C ARG A 119 -17.00 -3.75 16.69
N VAL A 120 -17.41 -3.69 15.43
CA VAL A 120 -18.20 -2.58 14.93
C VAL A 120 -19.69 -2.94 14.89
N GLN A 121 -20.54 -1.93 15.05
CA GLN A 121 -21.98 -2.14 15.04
C GLN A 121 -22.61 -1.55 13.78
N LEU A 122 -23.22 -2.41 12.97
CA LEU A 122 -23.85 -1.98 11.73
C LEU A 122 -25.37 -1.91 11.89
N LEU A 123 -25.95 -0.80 11.48
CA LEU A 123 -27.40 -0.61 11.57
C LEU A 123 -28.07 -0.84 10.21
N CYS A 124 -29.31 -1.31 10.25
CA CYS A 124 -30.05 -1.58 9.02
C CYS A 124 -31.38 -0.82 9.03
N PRO A 125 -31.91 -0.54 7.83
CA PRO A 125 -33.19 0.17 7.67
C PRO A 125 -34.38 -0.68 8.11
N GLY A 126 -35.57 -0.09 8.01
CA GLY A 126 -36.78 -0.80 8.40
C GLY A 126 -36.87 -2.17 7.74
N GLY A 127 -36.90 -3.22 8.56
CA GLY A 127 -36.99 -4.57 8.04
C GLY A 127 -35.73 -5.38 8.27
N GLU A 128 -34.94 -4.96 9.26
CA GLU A 128 -33.69 -5.64 9.58
C GLU A 128 -33.12 -5.14 10.90
N ALA A 129 -32.41 -6.01 11.60
CA ALA A 129 -31.80 -5.66 12.88
C ALA A 129 -30.31 -5.40 12.72
N PRO A 130 -29.73 -4.69 13.70
CA PRO A 130 -28.30 -4.36 13.70
C PRO A 130 -27.42 -5.60 13.93
N ARG A 131 -26.25 -5.61 13.30
CA ARG A 131 -25.32 -6.73 13.43
C ARG A 131 -23.99 -6.26 14.01
N ALA A 132 -23.04 -7.18 14.11
CA ALA A 132 -21.73 -6.86 14.64
C ALA A 132 -20.63 -7.49 13.80
N ARG A 133 -19.68 -6.67 13.36
CA ARG A 133 -18.57 -7.16 12.55
C ARG A 133 -17.23 -6.84 13.20
N LYS A 134 -16.39 -7.86 13.35
CA LYS A 134 -15.08 -7.69 13.96
C LYS A 134 -14.05 -7.26 12.92
N VAL A 135 -13.06 -6.49 13.37
CA VAL A 135 -12.01 -6.00 12.49
C VAL A 135 -10.63 -6.14 13.13
N ARG A 136 -9.74 -6.86 12.47
CA ARG A 136 -8.39 -7.07 12.99
C ARG A 136 -7.45 -6.00 12.46
N LEU A 137 -7.10 -5.05 13.34
CA LEU A 137 -6.19 -3.97 12.97
C LEU A 137 -4.98 -3.93 13.89
N VAL A 138 -3.83 -3.59 13.32
CA VAL A 138 -2.60 -3.51 14.10
C VAL A 138 -2.78 -2.67 15.35
N ALA A 139 -2.18 -3.12 16.46
CA ALA A 139 -2.28 -2.39 17.72
C ALA A 139 -0.99 -1.65 18.03
N SER A 140 0.14 -2.26 17.70
CA SER A 140 1.44 -1.66 17.94
C SER A 140 2.38 -1.91 16.77
N CYS A 141 3.63 -1.45 16.91
CA CYS A 141 4.63 -1.62 15.86
C CYS A 141 6.00 -1.18 16.35
N LYS A 142 7.03 -1.91 15.94
CA LYS A 142 8.40 -1.60 16.34
C LYS A 142 9.35 -1.72 15.15
N CYS A 143 10.41 -0.92 15.16
CA CYS A 143 11.39 -0.93 14.08
C CYS A 143 12.67 -1.63 14.53
N LYS A 144 12.92 -2.81 13.99
CA LYS A 144 14.12 -3.58 14.32
C LYS A 144 14.63 -4.35 13.12
N ARG A 145 15.92 -4.65 13.11
CA ARG A 145 16.53 -5.39 12.02
C ARG A 145 16.25 -6.88 12.15
N LEU A 146 16.25 -7.58 11.02
CA LEU A 146 16.00 -9.02 10.99
C LEU A 146 17.31 -9.80 11.05
N THR A 147 17.22 -11.11 10.84
CA THR A 147 18.40 -11.96 10.88
C THR A 147 18.20 -13.20 10.00
N ARG A 148 19.30 -13.83 9.63
CA ARG A 148 19.24 -15.02 8.79
C ARG A 148 18.31 -16.07 9.38
N PHE A 149 17.41 -16.59 8.54
CA PHE A 149 16.46 -17.61 8.99
C PHE A 149 16.21 -18.64 7.89
N HIS A 150 17.27 -18.98 7.17
CA HIS A 150 17.17 -19.97 6.09
C HIS A 150 18.55 -20.49 5.70
N ASN A 151 18.64 -21.79 5.45
CA ASN A 151 19.90 -22.41 5.07
C ASN A 151 19.67 -23.60 4.15
N GLN A 152 18.60 -23.53 3.36
CA GLN A 152 18.26 -24.61 2.44
C GLN A 152 17.96 -24.07 1.05
N SER A 153 17.78 -24.97 0.09
CA SER A 153 17.49 -24.58 -1.28
C SER A 153 16.27 -25.31 -1.82
N GLU A 154 15.26 -24.55 -2.23
CA GLU A 154 14.03 -25.13 -2.77
C GLU A 154 13.65 -24.47 -4.10
N LEU A 155 13.49 -25.28 -5.13
CA LEU A 155 13.12 -24.79 -6.44
C LEU A 155 11.93 -25.55 -7.01
N LYS A 156 11.10 -24.86 -7.78
CA LYS A 156 9.93 -25.48 -8.38
C LYS A 156 9.81 -25.11 -9.85
N ASP A 157 8.77 -25.61 -10.51
CA ASP A 157 8.54 -25.32 -11.92
C ASP A 157 7.27 -26.00 -12.41
N PHE A 158 6.72 -25.49 -13.52
CA PHE A 158 5.50 -26.04 -14.09
C PHE A 158 5.51 -25.91 -15.61
N GLY A 159 4.35 -26.13 -16.22
CA GLY A 159 4.23 -26.05 -17.66
C GLY A 159 3.97 -27.39 -18.32
N THR A 160 2.75 -27.58 -18.79
CA THR A 160 2.36 -28.83 -19.43
C THR A 160 1.01 -28.70 -20.13
N GLU A 161 1.05 -28.50 -21.45
CA GLU A 161 -0.17 -28.36 -22.24
C GLU A 161 -0.03 -29.05 -23.59
N ALA A 162 -1.16 -29.38 -24.20
CA ALA A 162 -1.17 -30.04 -25.50
C ALA A 162 -2.55 -30.00 -26.13
N ALA A 163 -2.60 -29.62 -27.40
CA ALA A 163 -3.87 -29.55 -28.12
C ALA A 163 -3.64 -29.54 -29.63
N ARG A 164 -4.66 -29.94 -30.38
CA ARG A 164 -4.57 -29.98 -31.84
C ARG A 164 -5.94 -30.22 -32.46
N PRO A 165 -6.81 -29.22 -32.38
CA PRO A 165 -8.18 -29.30 -32.93
C PRO A 165 -8.18 -29.31 -34.45
N GLN A 166 -9.37 -29.45 -35.03
CA GLN A 166 -9.51 -29.48 -36.48
C GLN A 166 -10.93 -29.08 -36.90
N LYS A 167 -11.20 -29.15 -38.20
CA LYS A 167 -12.51 -28.80 -38.72
C LYS A 167 -12.83 -29.62 -39.97
N GLY A 168 -14.08 -29.50 -40.44
CA GLY A 168 -14.49 -30.25 -41.62
C GLY A 168 -15.98 -30.18 -41.85
N ARG A 169 -16.38 -29.54 -42.95
CA ARG A 169 -17.79 -29.40 -43.28
C ARG A 169 -18.00 -29.54 -44.78
N LYS A 170 -19.27 -29.63 -45.18
CA LYS A 170 -19.62 -29.78 -46.59
C LYS A 170 -21.11 -29.54 -46.81
N PRO A 171 -21.55 -28.29 -46.68
CA PRO A 171 -22.95 -27.91 -46.85
C PRO A 171 -23.40 -28.01 -48.31
N ARG A 172 -24.71 -28.14 -48.51
CA ARG A 172 -25.27 -28.25 -49.86
C ARG A 172 -26.68 -27.71 -49.90
N PRO A 173 -26.82 -26.38 -49.80
CA PRO A 173 -28.12 -25.71 -49.83
C PRO A 173 -28.77 -25.76 -51.20
N ARG A 174 -30.10 -25.78 -51.23
CA ARG A 174 -30.84 -25.83 -52.48
C ARG A 174 -32.25 -25.25 -52.30
N ALA A 175 -32.79 -24.71 -53.39
CA ALA A 175 -34.13 -24.12 -53.35
C ALA A 175 -35.08 -24.86 -54.28
N ARG A 176 -36.37 -24.59 -54.13
CA ARG A 176 -37.39 -25.24 -54.94
C ARG A 176 -38.51 -24.26 -55.31
N SER A 177 -39.21 -24.56 -56.40
CA SER A 177 -40.30 -23.70 -56.86
C SER A 177 -41.55 -24.52 -57.15
N ALA A 178 -42.66 -23.84 -57.40
CA ALA A 178 -43.91 -24.49 -57.70
C ALA A 178 -44.63 -23.81 -58.87
N LYS A 179 -45.70 -24.44 -59.34
CA LYS A 179 -46.48 -23.89 -60.45
C LYS A 179 -47.94 -23.71 -60.07
N ALA A 180 -48.62 -22.79 -60.74
CA ALA A 180 -50.02 -22.53 -60.46
C ALA A 180 -50.68 -21.79 -61.63
N ASN A 181 -52.01 -21.68 -61.58
CA ASN A 181 -52.75 -20.99 -62.64
C ASN A 181 -54.22 -20.85 -62.25
N GLN A 182 -54.90 -19.90 -62.88
CA GLN A 182 -56.31 -19.65 -62.61
C GLN A 182 -57.19 -20.33 -63.66
N ALA A 183 -58.48 -20.01 -63.63
CA ALA A 183 -59.44 -20.58 -64.57
C ALA A 183 -60.64 -19.66 -64.76
N GLU A 184 -60.59 -18.84 -65.80
CA GLU A 184 -61.67 -17.91 -66.10
C GLU A 184 -62.10 -18.01 -67.56
N LEU A 185 -63.41 -18.01 -67.78
CA LEU A 185 -63.95 -18.10 -69.14
C LEU A 185 -64.74 -16.85 -69.50
N GLU A 186 -64.02 -15.80 -69.89
CA GLU A 186 -64.64 -14.54 -70.26
C GLU A 186 -65.57 -14.04 -69.15
N ASN A 187 -65.01 -13.32 -68.19
CA ASN A 187 -65.78 -12.80 -67.08
C ASN A 187 -65.40 -11.35 -66.80
N ALA A 188 -64.11 -11.10 -66.63
CA ALA A 188 -63.61 -9.75 -66.36
C ALA A 188 -63.61 -8.90 -67.62
N TYR A 189 -62.77 -9.27 -68.58
CA TYR A 189 -62.67 -8.54 -69.83
C TYR A 189 -63.36 -9.30 -70.96
N GLY A 1 44.56 134.11 -12.20
CA GLY A 1 43.84 134.00 -13.45
C GLY A 1 44.02 132.64 -14.10
N TRP A 2 44.08 132.61 -15.42
CA TRP A 2 44.24 131.37 -16.16
C TRP A 2 43.15 130.37 -15.79
N GLN A 3 41.96 130.59 -16.32
CA GLN A 3 40.82 129.71 -16.05
C GLN A 3 39.78 129.80 -17.15
N ALA A 4 39.05 128.71 -17.39
CA ALA A 4 38.02 128.67 -18.40
C ALA A 4 36.80 127.90 -17.93
N PHE A 5 35.77 127.85 -18.77
CA PHE A 5 34.54 127.14 -18.42
C PHE A 5 34.06 126.30 -19.61
N LYS A 6 32.90 125.66 -19.44
CA LYS A 6 32.33 124.83 -20.47
C LYS A 6 30.94 124.34 -20.07
N ASN A 7 30.10 124.08 -21.07
CA ASN A 7 28.74 123.61 -20.82
C ASN A 7 28.34 122.54 -21.84
N ASP A 8 27.79 121.43 -21.34
CA ASP A 8 27.37 120.34 -22.20
C ASP A 8 25.94 119.91 -21.87
N ALA A 9 25.32 119.18 -22.80
CA ALA A 9 23.96 118.69 -22.59
C ALA A 9 23.63 117.55 -23.54
N THR A 10 24.48 116.53 -23.54
CA THR A 10 24.29 115.36 -24.39
C THR A 10 23.36 114.35 -23.75
N GLU A 11 22.07 114.66 -23.74
CA GLU A 11 21.07 113.77 -23.15
C GLU A 11 20.32 113.00 -24.23
N ILE A 12 19.50 112.04 -23.81
CA ILE A 12 18.73 111.23 -24.74
C ILE A 12 17.24 111.60 -24.67
N ILE A 13 16.83 112.55 -25.51
CA ILE A 13 15.44 112.98 -25.55
C ILE A 13 14.82 112.71 -26.91
N PRO A 14 14.55 111.43 -27.21
CA PRO A 14 13.95 111.02 -28.47
C PRO A 14 12.49 111.47 -28.60
N GLU A 15 11.83 111.00 -29.66
CA GLU A 15 10.44 111.36 -29.89
C GLU A 15 9.51 110.21 -29.50
N LEU A 16 10.01 108.99 -29.60
CA LEU A 16 9.23 107.81 -29.24
C LEU A 16 9.64 107.27 -27.88
N GLY A 17 8.65 106.91 -27.07
CA GLY A 17 8.91 106.38 -25.75
C GLY A 17 7.67 105.88 -25.06
N GLU A 18 6.78 105.26 -25.82
CA GLU A 18 5.53 104.73 -25.27
C GLU A 18 5.48 103.21 -25.42
N TYR A 19 5.21 102.53 -24.30
CA TYR A 19 5.14 101.07 -24.30
C TYR A 19 3.75 100.60 -23.89
N PRO A 20 2.77 100.82 -24.78
CA PRO A 20 1.38 100.43 -24.54
C PRO A 20 1.19 98.91 -24.56
N GLU A 21 0.86 98.35 -23.41
CA GLU A 21 0.66 96.91 -23.30
C GLU A 21 -0.58 96.59 -22.46
N PRO A 22 -1.15 95.40 -22.65
CA PRO A 22 -2.34 94.95 -21.93
C PRO A 22 -2.06 94.69 -20.46
N PRO A 23 -3.13 94.52 -19.67
CA PRO A 23 -3.02 94.27 -18.23
C PRO A 23 -2.47 92.87 -17.93
N PRO A 24 -2.10 92.63 -16.67
CA PRO A 24 -1.56 91.35 -16.23
C PRO A 24 -2.61 90.25 -16.22
N GLU A 25 -2.17 89.01 -16.00
CA GLU A 25 -3.07 87.87 -15.98
C GLU A 25 -2.41 86.66 -15.32
N LEU A 26 -2.72 86.45 -14.05
CA LEU A 26 -2.15 85.33 -13.30
C LEU A 26 -3.07 84.92 -12.15
N GLU A 27 -2.63 83.96 -11.36
CA GLU A 27 -3.41 83.47 -10.22
C GLU A 27 -2.58 83.52 -8.94
N ASN A 28 -3.27 83.38 -7.80
CA ASN A 28 -2.60 83.40 -6.50
C ASN A 28 -3.48 82.77 -5.43
N ASN A 29 -3.18 81.52 -5.08
CA ASN A 29 -3.96 80.81 -4.07
C ASN A 29 -3.29 79.49 -3.71
N LYS A 30 -3.23 79.19 -2.41
CA LYS A 30 -2.63 77.95 -1.94
C LYS A 30 -3.50 77.30 -0.88
N THR A 31 -3.60 75.97 -0.94
CA THR A 31 -4.40 75.22 0.03
C THR A 31 -3.93 73.77 0.11
N MET A 32 -4.26 73.12 1.22
CA MET A 32 -3.88 71.73 1.44
C MET A 32 -4.58 71.15 2.65
N ASN A 33 -4.60 69.82 2.74
CA ASN A 33 -5.24 69.14 3.86
C ASN A 33 -5.01 67.63 3.79
N ARG A 34 -4.13 67.13 4.64
CA ARG A 34 -3.82 65.71 4.67
C ARG A 34 -2.99 65.36 5.91
N ALA A 35 -3.62 64.67 6.86
CA ALA A 35 -2.93 64.27 8.08
C ALA A 35 -3.35 62.87 8.52
N GLU A 36 -2.38 62.06 8.89
CA GLU A 36 -2.65 60.69 9.33
C GLU A 36 -1.41 60.07 9.98
N ASN A 37 -1.60 59.51 11.17
CA ASN A 37 -0.51 58.88 11.90
C ASN A 37 -1.04 57.92 12.95
N GLY A 38 -0.76 56.64 12.77
CA GLY A 38 -1.22 55.63 13.72
C GLY A 38 -0.10 55.13 14.62
N GLY A 39 -0.41 54.12 15.43
CA GLY A 39 0.59 53.57 16.33
C GLY A 39 0.27 52.15 16.74
N ARG A 40 0.43 51.21 15.82
CA ARG A 40 0.15 49.80 16.11
C ARG A 40 1.30 48.92 15.63
N PRO A 41 2.42 48.97 16.36
CA PRO A 41 3.62 48.17 16.04
C PRO A 41 3.40 46.68 16.29
N PRO A 42 4.33 45.86 15.79
CA PRO A 42 4.27 44.40 15.95
C PRO A 42 4.51 43.96 17.38
N HIS A 43 4.66 42.65 17.58
CA HIS A 43 4.91 42.10 18.92
C HIS A 43 5.97 41.01 18.86
N HIS A 44 6.33 40.50 20.03
CA HIS A 44 7.33 39.45 20.13
C HIS A 44 6.84 38.30 20.99
N PRO A 45 5.91 37.50 20.44
CA PRO A 45 5.34 36.35 21.13
C PRO A 45 6.35 35.21 21.30
N PHE A 46 5.94 34.18 22.04
CA PHE A 46 6.81 33.04 22.28
C PHE A 46 5.99 31.76 22.44
N GLU A 47 6.63 30.62 22.17
CA GLU A 47 5.95 29.33 22.29
C GLU A 47 6.95 28.22 22.59
N THR A 48 6.46 26.98 22.66
CA THR A 48 7.30 25.84 22.96
C THR A 48 6.78 24.58 22.27
N LYS A 49 7.60 24.00 21.40
CA LYS A 49 7.22 22.79 20.68
C LYS A 49 7.75 21.55 21.38
N ASP A 50 7.16 20.40 21.07
CA ASP A 50 7.57 19.14 21.68
C ASP A 50 7.06 17.95 20.87
N VAL A 51 7.82 16.86 20.88
CA VAL A 51 7.45 15.66 20.15
C VAL A 51 8.31 14.47 20.56
N SER A 52 7.74 13.27 20.49
CA SER A 52 8.47 12.06 20.84
C SER A 52 7.75 10.83 20.32
N GLU A 53 8.53 9.85 19.85
CA GLU A 53 7.96 8.62 19.30
C GLU A 53 8.59 7.40 19.97
N TYR A 54 8.14 6.21 19.58
CA TYR A 54 8.65 4.97 20.14
C TYR A 54 9.65 4.32 19.19
N SER A 55 9.14 3.75 18.11
CA SER A 55 10.00 3.09 17.13
C SER A 55 9.64 3.53 15.71
N CYS A 56 8.51 3.03 15.21
CA CYS A 56 8.06 3.38 13.87
C CYS A 56 6.96 4.44 13.93
N ARG A 57 6.81 5.19 12.84
CA ARG A 57 5.80 6.24 12.77
C ARG A 57 4.40 5.63 12.65
N GLU A 58 3.71 5.53 13.79
CA GLU A 58 2.36 4.98 13.81
C GLU A 58 1.42 5.79 12.94
N LEU A 59 0.61 5.11 12.14
CA LEU A 59 -0.33 5.77 11.26
C LEU A 59 -1.75 5.27 11.50
N HIS A 60 -2.70 6.20 11.61
CA HIS A 60 -4.09 5.84 11.85
C HIS A 60 -4.97 6.32 10.70
N PHE A 61 -5.83 5.43 10.21
CA PHE A 61 -6.73 5.76 9.11
C PHE A 61 -8.19 5.57 9.52
N THR A 62 -8.98 6.63 9.36
CA THR A 62 -10.40 6.58 9.71
C THR A 62 -11.27 6.38 8.48
N ARG A 63 -12.42 5.74 8.68
CA ARG A 63 -13.34 5.47 7.58
C ARG A 63 -14.58 4.75 8.08
N TYR A 64 -15.64 4.77 7.27
CA TYR A 64 -16.89 4.11 7.63
C TYR A 64 -16.93 2.68 7.11
N VAL A 65 -17.32 1.76 7.98
CA VAL A 65 -17.40 0.35 7.61
C VAL A 65 -18.84 -0.09 7.41
N THR A 66 -19.08 -0.91 6.40
CA THR A 66 -20.42 -1.41 6.11
C THR A 66 -20.37 -2.83 5.56
N ASP A 67 -21.18 -3.71 6.15
CA ASP A 67 -21.23 -5.11 5.71
C ASP A 67 -22.67 -5.56 5.54
N GLY A 68 -23.13 -5.59 4.30
CA GLY A 68 -24.50 -6.01 4.02
C GLY A 68 -25.46 -4.85 3.93
N PRO A 69 -26.76 -5.13 4.14
CA PRO A 69 -27.81 -4.10 4.08
C PRO A 69 -27.72 -3.12 5.25
N CYS A 70 -26.84 -3.41 6.19
CA CYS A 70 -26.66 -2.55 7.37
C CYS A 70 -25.40 -1.70 7.23
N ARG A 71 -25.30 -0.66 8.05
CA ARG A 71 -24.15 0.23 8.03
C ARG A 71 -23.71 0.59 9.45
N SER A 72 -22.40 0.69 9.64
CA SER A 72 -21.85 1.02 10.95
C SER A 72 -22.40 2.36 11.44
N ALA A 73 -22.87 2.38 12.67
CA ALA A 73 -23.42 3.60 13.26
C ALA A 73 -22.35 4.68 13.39
N LYS A 74 -21.10 4.26 13.45
CA LYS A 74 -19.98 5.18 13.56
C LYS A 74 -18.76 4.67 12.79
N PRO A 75 -17.84 5.59 12.46
CA PRO A 75 -16.61 5.25 11.73
C PRO A 75 -15.65 4.44 12.57
N VAL A 76 -14.63 3.88 11.92
CA VAL A 76 -13.62 3.08 12.61
C VAL A 76 -12.23 3.67 12.44
N THR A 77 -11.24 3.01 13.03
CA THR A 77 -9.85 3.48 12.93
C THR A 77 -8.89 2.31 12.94
N GLU A 78 -8.28 2.05 11.79
CA GLU A 78 -7.33 0.95 11.66
C GLU A 78 -5.89 1.47 11.71
N LEU A 79 -5.05 0.79 12.49
CA LEU A 79 -3.65 1.19 12.63
C LEU A 79 -2.79 0.53 11.55
N VAL A 80 -1.74 1.23 11.13
CA VAL A 80 -0.84 0.70 10.12
C VAL A 80 0.61 0.89 10.52
N CYS A 81 1.48 -0.01 10.05
CA CYS A 81 2.90 0.06 10.37
C CYS A 81 3.68 0.69 9.23
N SER A 82 4.32 1.83 9.51
CA SER A 82 5.09 2.55 8.51
C SER A 82 6.08 3.51 9.16
N GLY A 83 7.18 3.78 8.48
CA GLY A 83 8.18 4.68 9.01
C GLY A 83 9.57 4.08 9.00
N GLN A 84 10.59 4.94 9.11
CA GLN A 84 11.97 4.48 9.11
C GLN A 84 12.71 5.01 10.34
N CYS A 85 13.85 4.40 10.64
CA CYS A 85 14.65 4.80 11.79
C CYS A 85 16.08 5.13 11.37
N GLY A 86 16.91 5.53 12.33
CA GLY A 86 18.28 5.86 12.04
C GLY A 86 19.12 6.03 13.29
N PRO A 87 19.35 4.92 14.00
CA PRO A 87 20.13 4.93 15.24
C PRO A 87 21.61 5.18 14.99
N ALA A 88 22.42 5.04 16.03
CA ALA A 88 23.86 5.26 15.92
C ALA A 88 24.59 4.73 17.16
N ARG A 89 24.25 3.53 17.57
CA ARG A 89 24.87 2.91 18.73
C ARG A 89 25.36 1.50 18.42
N LEU A 90 26.63 1.25 18.68
CA LEU A 90 27.22 -0.07 18.42
C LEU A 90 27.00 -1.00 19.59
N LEU A 91 27.46 -2.24 19.44
CA LEU A 91 27.31 -3.24 20.50
C LEU A 91 28.38 -3.06 21.57
N PRO A 92 28.11 -3.62 22.76
CA PRO A 92 29.05 -3.54 23.90
C PRO A 92 30.31 -4.36 23.67
N ASN A 93 30.16 -5.52 23.03
CA ASN A 93 31.29 -6.39 22.74
C ASN A 93 31.45 -6.60 21.25
N ALA A 94 30.34 -6.74 20.55
CA ALA A 94 30.36 -6.95 19.10
C ALA A 94 30.87 -8.34 18.76
N ILE A 95 31.04 -9.18 19.76
CA ILE A 95 31.52 -10.53 19.57
C ILE A 95 32.91 -10.54 18.94
N GLY A 96 33.59 -11.68 19.02
CA GLY A 96 34.92 -11.79 18.45
C GLY A 96 35.94 -12.32 19.44
N ARG A 97 36.88 -13.12 18.96
CA ARG A 97 37.91 -13.69 19.81
C ARG A 97 39.28 -13.12 19.46
N GLY A 98 39.71 -13.33 18.23
CA GLY A 98 41.00 -12.83 17.80
C GLY A 98 40.88 -11.71 16.77
N LYS A 99 40.94 -12.09 15.50
CA LYS A 99 40.83 -11.11 14.42
C LYS A 99 39.56 -11.34 13.61
N TRP A 100 38.45 -11.57 14.31
CA TRP A 100 37.17 -11.80 13.65
C TRP A 100 36.30 -10.55 13.71
N TRP A 101 35.93 -10.03 12.55
CA TRP A 101 35.10 -8.83 12.47
C TRP A 101 34.35 -8.78 11.14
N ARG A 102 33.04 -9.06 11.20
CA ARG A 102 32.21 -9.04 10.01
C ARG A 102 31.73 -7.63 9.70
N PRO A 103 31.30 -7.40 8.44
CA PRO A 103 30.80 -6.10 7.99
C PRO A 103 29.45 -5.75 8.62
N SER A 104 28.86 -4.66 8.13
CA SER A 104 27.57 -4.21 8.65
C SER A 104 26.49 -4.33 7.58
N GLY A 105 25.25 -4.01 7.96
CA GLY A 105 24.15 -4.09 7.02
C GLY A 105 23.09 -3.03 7.27
N PRO A 106 23.41 -1.78 6.89
CA PRO A 106 22.49 -0.65 7.08
C PRO A 106 21.28 -0.73 6.16
N ASP A 107 20.11 -0.88 6.75
CA ASP A 107 18.87 -0.97 5.98
C ASP A 107 17.75 -0.17 6.66
N PHE A 108 17.60 -0.37 7.96
CA PHE A 108 16.56 0.32 8.72
C PHE A 108 15.17 -0.06 8.22
N ARG A 109 14.55 -1.04 8.88
CA ARG A 109 13.23 -1.50 8.50
C ARG A 109 12.25 -1.36 9.68
N CYS A 110 11.06 -1.93 9.51
CA CYS A 110 10.04 -1.87 10.55
C CYS A 110 9.22 -3.15 10.57
N ILE A 111 9.03 -3.71 11.77
CA ILE A 111 8.26 -4.93 11.93
C ILE A 111 6.95 -4.67 12.68
N PRO A 112 5.96 -5.54 12.45
CA PRO A 112 4.65 -5.43 13.09
C PRO A 112 4.70 -5.72 14.58
N ASP A 113 3.56 -5.60 15.25
CA ASP A 113 3.48 -5.87 16.69
C ASP A 113 2.13 -6.48 17.05
N ARG A 114 1.86 -6.58 18.35
CA ARG A 114 0.60 -7.14 18.83
C ARG A 114 -0.59 -6.52 18.11
N TYR A 115 -1.52 -7.36 17.68
CA TYR A 115 -2.71 -6.88 16.97
C TYR A 115 -3.89 -6.76 17.92
N ARG A 116 -5.00 -6.25 17.41
CA ARG A 116 -6.21 -6.08 18.21
C ARG A 116 -7.45 -5.95 17.32
N ALA A 117 -8.32 -6.94 17.39
CA ALA A 117 -9.54 -6.94 16.59
C ALA A 117 -10.66 -6.19 17.31
N GLN A 118 -11.20 -5.17 16.64
CA GLN A 118 -12.28 -4.37 17.21
C GLN A 118 -13.63 -4.80 16.65
N ARG A 119 -14.69 -4.51 17.39
CA ARG A 119 -16.04 -4.86 16.98
C ARG A 119 -16.90 -3.61 16.77
N VAL A 120 -17.57 -3.55 15.62
CA VAL A 120 -18.42 -2.41 15.30
C VAL A 120 -19.88 -2.83 15.21
N GLN A 121 -20.78 -1.89 15.48
CA GLN A 121 -22.21 -2.16 15.43
C GLN A 121 -22.83 -1.56 14.16
N LEU A 122 -23.42 -2.42 13.34
CA LEU A 122 -24.05 -1.99 12.09
C LEU A 122 -25.57 -1.97 12.24
N LEU A 123 -26.19 -0.89 11.78
CA LEU A 123 -27.63 -0.75 11.86
C LEU A 123 -28.27 -0.97 10.48
N CYS A 124 -29.48 -1.51 10.49
CA CYS A 124 -30.21 -1.77 9.25
C CYS A 124 -31.47 -0.94 9.16
N PRO A 125 -31.42 0.14 8.36
CA PRO A 125 -32.56 1.05 8.17
C PRO A 125 -33.69 0.39 7.38
N GLY A 126 -33.35 -0.62 6.60
CA GLY A 126 -34.36 -1.32 5.81
C GLY A 126 -35.45 -1.93 6.66
N GLY A 127 -35.14 -2.18 7.94
CA GLY A 127 -36.11 -2.77 8.85
C GLY A 127 -35.55 -3.96 9.60
N GLU A 128 -34.51 -4.57 9.05
CA GLU A 128 -33.89 -5.73 9.68
C GLU A 128 -33.28 -5.34 11.03
N ALA A 129 -32.51 -6.27 11.61
CA ALA A 129 -31.87 -6.03 12.89
C ALA A 129 -30.40 -5.66 12.71
N PRO A 130 -29.82 -5.02 13.74
CA PRO A 130 -28.42 -4.60 13.72
C PRO A 130 -27.45 -5.79 13.77
N ARG A 131 -26.31 -5.64 13.12
CA ARG A 131 -25.30 -6.70 13.08
C ARG A 131 -23.99 -6.22 13.71
N ALA A 132 -22.98 -7.07 13.64
CA ALA A 132 -21.67 -6.74 14.20
C ALA A 132 -20.55 -7.08 13.23
N ARG A 133 -19.59 -6.18 13.08
CA ARG A 133 -18.47 -6.39 12.18
C ARG A 133 -17.14 -6.32 12.94
N LYS A 134 -16.31 -7.34 12.77
CA LYS A 134 -15.01 -7.39 13.43
C LYS A 134 -13.90 -6.92 12.49
N VAL A 135 -13.14 -5.93 12.94
CA VAL A 135 -12.04 -5.39 12.15
C VAL A 135 -10.69 -5.72 12.77
N ARG A 136 -9.88 -6.48 12.05
CA ARG A 136 -8.56 -6.87 12.53
C ARG A 136 -7.51 -5.83 12.14
N LEU A 137 -7.08 -5.04 13.11
CA LEU A 137 -6.07 -4.01 12.88
C LEU A 137 -4.97 -4.05 13.94
N VAL A 138 -3.73 -3.95 13.50
CA VAL A 138 -2.59 -3.98 14.40
C VAL A 138 -2.76 -2.97 15.54
N ALA A 139 -2.22 -3.30 16.70
CA ALA A 139 -2.32 -2.43 17.86
C ALA A 139 -1.03 -1.64 18.06
N SER A 140 0.10 -2.34 18.04
CA SER A 140 1.40 -1.71 18.23
C SER A 140 2.27 -1.88 16.98
N CYS A 141 3.49 -1.35 17.05
CA CYS A 141 4.42 -1.44 15.92
C CYS A 141 5.86 -1.27 16.40
N LYS A 142 6.75 -2.09 15.84
CA LYS A 142 8.17 -2.03 16.20
C LYS A 142 9.02 -1.64 15.00
N CYS A 143 10.17 -1.03 15.27
CA CYS A 143 11.08 -0.61 14.21
C CYS A 143 12.41 -1.35 14.30
N LYS A 144 12.63 -2.27 13.36
CA LYS A 144 13.86 -3.05 13.33
C LYS A 144 14.24 -3.41 11.90
N ARG A 145 15.54 -3.55 11.66
CA ARG A 145 16.04 -3.88 10.33
C ARG A 145 16.41 -5.36 10.25
N LEU A 146 15.83 -6.06 9.28
CA LEU A 146 16.10 -7.49 9.09
C LEU A 146 16.57 -7.76 7.67
N THR A 147 15.98 -7.06 6.71
CA THR A 147 16.34 -7.23 5.31
C THR A 147 17.76 -6.73 5.03
N ARG A 148 18.54 -7.54 4.33
CA ARG A 148 19.92 -7.18 4.00
C ARG A 148 20.02 -6.68 2.57
N PHE A 149 19.07 -7.08 1.73
CA PHE A 149 19.05 -6.66 0.33
C PHE A 149 17.76 -7.11 -0.35
N HIS A 150 17.23 -6.26 -1.22
CA HIS A 150 16.00 -6.57 -1.95
C HIS A 150 16.10 -6.11 -3.39
N ASN A 151 15.50 -6.88 -4.30
CA ASN A 151 15.52 -6.54 -5.71
C ASN A 151 14.10 -6.54 -6.29
N GLN A 152 13.35 -5.49 -5.99
CA GLN A 152 11.98 -5.37 -6.48
C GLN A 152 11.45 -3.95 -6.26
N SER A 153 11.83 -3.04 -7.14
CA SER A 153 11.40 -1.65 -7.04
C SER A 153 11.58 -0.93 -8.38
N GLU A 154 11.28 0.37 -8.39
CA GLU A 154 11.41 1.17 -9.60
C GLU A 154 11.63 2.64 -9.25
N LEU A 155 11.54 3.50 -10.26
CA LEU A 155 11.74 4.93 -10.07
C LEU A 155 10.41 5.63 -9.81
N LYS A 156 10.40 6.55 -8.87
CA LYS A 156 9.19 7.30 -8.52
C LYS A 156 9.49 8.41 -7.52
N ASP A 157 9.17 9.64 -7.91
CA ASP A 157 9.40 10.79 -7.04
C ASP A 157 8.39 11.90 -7.32
N PHE A 158 7.49 12.11 -6.36
CA PHE A 158 6.46 13.14 -6.50
C PHE A 158 6.10 13.73 -5.15
N GLY A 159 6.67 14.90 -4.85
CA GLY A 159 6.40 15.55 -3.58
C GLY A 159 6.23 17.05 -3.74
N THR A 160 6.21 17.76 -2.60
CA THR A 160 6.05 19.21 -2.62
C THR A 160 6.33 19.80 -1.24
N GLU A 161 6.91 21.00 -1.22
CA GLU A 161 7.23 21.67 0.03
C GLU A 161 6.56 23.04 0.10
N ALA A 162 5.99 23.36 1.26
CA ALA A 162 5.31 24.64 1.45
C ALA A 162 5.68 25.26 2.80
N ALA A 163 6.13 26.51 2.76
CA ALA A 163 6.51 27.22 3.98
C ALA A 163 6.15 28.70 3.89
N ARG A 164 6.15 29.37 5.03
CA ARG A 164 5.82 30.78 5.09
C ARG A 164 6.00 31.34 6.50
N PRO A 165 6.18 32.65 6.61
CA PRO A 165 6.37 33.33 7.89
C PRO A 165 5.08 33.34 8.73
N GLN A 166 5.24 33.53 10.04
CA GLN A 166 4.10 33.56 10.94
C GLN A 166 4.22 34.72 11.93
N LYS A 167 3.23 34.84 12.82
CA LYS A 167 3.23 35.90 13.81
C LYS A 167 2.26 35.58 14.94
N GLY A 168 2.09 36.53 15.86
CA GLY A 168 1.18 36.33 16.97
C GLY A 168 1.32 37.41 18.03
N ARG A 169 1.03 37.05 19.28
CA ARG A 169 1.12 38.01 20.38
C ARG A 169 1.22 37.27 21.72
N LYS A 170 2.24 37.62 22.49
CA LYS A 170 2.45 36.99 23.79
C LYS A 170 3.52 37.73 24.59
N PRO A 171 3.16 38.93 25.10
CA PRO A 171 4.08 39.77 25.89
C PRO A 171 4.38 39.16 27.25
N ARG A 172 5.07 39.93 28.09
CA ARG A 172 5.43 39.47 29.43
C ARG A 172 5.92 40.63 30.28
N PRO A 173 4.99 41.53 30.62
CA PRO A 173 5.31 42.71 31.45
C PRO A 173 5.63 42.34 32.90
N ARG A 174 6.86 42.59 33.32
CA ARG A 174 7.27 42.28 34.68
C ARG A 174 8.56 43.03 35.03
N ALA A 175 8.86 43.10 36.32
CA ALA A 175 10.07 43.77 36.79
C ALA A 175 11.33 43.12 36.24
N ARG A 176 12.48 43.69 36.56
CA ARG A 176 13.75 43.16 36.08
C ARG A 176 14.15 41.94 36.90
N SER A 177 14.80 40.98 36.23
CA SER A 177 15.24 39.75 36.89
C SER A 177 16.30 39.04 36.06
N ALA A 178 17.54 39.50 36.17
CA ALA A 178 18.65 38.90 35.44
C ALA A 178 19.94 38.95 36.25
N LYS A 179 20.80 37.94 36.05
CA LYS A 179 22.07 37.87 36.76
C LYS A 179 23.01 36.89 36.09
N ALA A 180 24.30 37.22 36.09
CA ALA A 180 25.30 36.36 35.48
C ALA A 180 26.70 36.70 35.98
N ASN A 181 27.64 35.78 35.79
CA ASN A 181 29.02 35.99 36.24
C ASN A 181 29.94 34.91 35.67
N GLN A 182 31.21 35.27 35.51
CA GLN A 182 32.20 34.32 34.98
C GLN A 182 33.62 34.84 35.20
N ALA A 183 34.60 34.08 34.72
CA ALA A 183 35.99 34.46 34.86
C ALA A 183 36.90 33.50 34.10
N GLU A 184 38.20 33.78 34.12
CA GLU A 184 39.17 32.95 33.42
C GLU A 184 40.47 32.86 34.21
N LEU A 185 41.50 32.29 33.60
CA LEU A 185 42.80 32.15 34.24
C LEU A 185 43.88 31.77 33.21
N GLU A 186 43.59 30.76 32.41
CA GLU A 186 44.53 30.31 31.39
C GLU A 186 45.72 29.60 32.02
N ASN A 187 46.56 30.37 32.72
CA ASN A 187 47.73 29.81 33.38
C ASN A 187 48.77 29.37 32.35
N ALA A 188 48.51 28.22 31.71
CA ALA A 188 49.42 27.69 30.70
C ALA A 188 50.79 27.42 31.30
N TYR A 189 51.75 27.08 30.44
CA TYR A 189 53.10 26.79 30.87
C TYR A 189 54.01 28.01 30.70
N GLY A 1 -6.66 137.23 -53.00
CA GLY A 1 -7.96 137.42 -53.63
C GLY A 1 -8.85 138.36 -52.84
N TRP A 2 -9.92 137.84 -52.27
CA TRP A 2 -10.85 138.65 -51.49
C TRP A 2 -10.56 138.54 -50.00
N GLN A 3 -9.75 139.47 -49.50
CA GLN A 3 -9.39 139.48 -48.08
C GLN A 3 -8.87 138.11 -47.65
N ALA A 4 -8.26 137.39 -48.59
CA ALA A 4 -7.71 136.08 -48.30
C ALA A 4 -8.75 135.17 -47.66
N PHE A 5 -9.60 134.56 -48.50
CA PHE A 5 -10.64 133.68 -48.02
C PHE A 5 -10.51 132.28 -48.65
N LYS A 6 -10.10 131.32 -47.86
CA LYS A 6 -9.94 129.94 -48.33
C LYS A 6 -10.43 128.95 -47.30
N ASN A 7 -11.73 128.98 -47.02
CA ASN A 7 -12.34 128.08 -46.06
C ASN A 7 -13.77 127.75 -46.44
N ASP A 8 -14.15 126.49 -46.30
CA ASP A 8 -15.50 126.04 -46.63
C ASP A 8 -16.22 125.51 -45.39
N ALA A 9 -17.35 124.85 -45.60
CA ALA A 9 -18.12 124.30 -44.51
C ALA A 9 -17.54 122.97 -44.03
N THR A 10 -18.34 122.21 -43.28
CA THR A 10 -17.88 120.93 -42.76
C THR A 10 -19.07 119.99 -42.52
N GLU A 11 -19.23 119.00 -43.39
CA GLU A 11 -20.32 118.04 -43.26
C GLU A 11 -20.04 117.05 -42.14
N ILE A 12 -21.10 116.67 -41.42
CA ILE A 12 -20.97 115.72 -40.32
C ILE A 12 -21.74 114.44 -40.60
N ILE A 13 -21.05 113.44 -41.13
CA ILE A 13 -21.68 112.16 -41.45
C ILE A 13 -21.02 111.03 -40.69
N PRO A 14 -21.21 111.00 -39.36
CA PRO A 14 -20.63 109.96 -38.49
C PRO A 14 -21.28 108.61 -38.71
N GLU A 15 -20.93 107.65 -37.86
CA GLU A 15 -21.48 106.30 -37.96
C GLU A 15 -21.76 105.72 -36.58
N LEU A 16 -21.92 104.40 -36.52
CA LEU A 16 -22.19 103.72 -35.26
C LEU A 16 -21.23 102.55 -35.05
N GLY A 17 -20.62 102.49 -33.88
CA GLY A 17 -19.70 101.42 -33.57
C GLY A 17 -20.21 100.50 -32.49
N GLU A 18 -21.08 101.01 -31.64
CA GLU A 18 -21.66 100.23 -30.54
C GLU A 18 -20.55 99.68 -29.64
N TYR A 19 -20.96 99.02 -28.56
CA TYR A 19 -20.01 98.44 -27.62
C TYR A 19 -20.44 97.04 -27.19
N PRO A 20 -20.28 96.07 -28.11
CA PRO A 20 -20.65 94.68 -27.86
C PRO A 20 -19.72 94.01 -26.85
N GLU A 21 -20.26 93.67 -25.68
CA GLU A 21 -19.48 93.03 -24.64
C GLU A 21 -20.35 92.66 -23.45
N PRO A 22 -21.24 91.68 -23.64
CA PRO A 22 -22.16 91.21 -22.60
C PRO A 22 -21.44 90.46 -21.49
N PRO A 23 -22.15 90.22 -20.38
CA PRO A 23 -21.59 89.50 -19.23
C PRO A 23 -21.37 88.03 -19.51
N PRO A 24 -20.63 87.36 -18.61
CA PRO A 24 -20.32 85.92 -18.75
C PRO A 24 -21.54 85.05 -18.54
N GLU A 25 -21.36 83.74 -18.68
CA GLU A 25 -22.45 82.79 -18.51
C GLU A 25 -21.92 81.38 -18.32
N LEU A 26 -21.87 80.92 -17.08
CA LEU A 26 -21.39 79.59 -16.75
C LEU A 26 -21.98 79.10 -15.43
N GLU A 27 -21.92 77.78 -15.22
CA GLU A 27 -22.44 77.19 -14.00
C GLU A 27 -21.46 76.19 -13.41
N ASN A 28 -21.77 75.68 -12.23
CA ASN A 28 -20.91 74.71 -11.56
C ASN A 28 -21.72 73.55 -11.00
N ASN A 29 -21.03 72.56 -10.45
CA ASN A 29 -21.69 71.38 -9.88
C ASN A 29 -20.76 70.64 -8.93
N LYS A 30 -21.25 69.55 -8.36
CA LYS A 30 -20.47 68.75 -7.44
C LYS A 30 -20.84 67.27 -7.55
N THR A 31 -20.00 66.40 -6.99
CA THR A 31 -20.23 64.97 -7.02
C THR A 31 -19.59 64.27 -5.83
N MET A 32 -20.10 63.10 -5.48
CA MET A 32 -19.56 62.33 -4.36
C MET A 32 -19.43 60.86 -4.72
N ASN A 33 -18.76 60.09 -3.86
CA ASN A 33 -18.56 58.67 -4.10
C ASN A 33 -17.92 58.01 -2.87
N ARG A 34 -18.18 56.72 -2.72
CA ARG A 34 -17.63 55.96 -1.60
C ARG A 34 -17.12 54.60 -2.05
N ALA A 35 -16.06 54.12 -1.41
CA ALA A 35 -15.47 52.83 -1.75
C ALA A 35 -15.13 52.04 -0.49
N GLU A 36 -15.27 50.72 -0.57
CA GLU A 36 -14.97 49.85 0.56
C GLU A 36 -14.46 48.50 0.08
N ASN A 37 -13.71 47.81 0.95
CA ASN A 37 -13.16 46.51 0.62
C ASN A 37 -13.40 45.52 1.74
N GLY A 38 -13.06 44.25 1.51
CA GLY A 38 -13.24 43.22 2.51
C GLY A 38 -11.93 42.74 3.10
N GLY A 39 -11.87 41.44 3.41
CA GLY A 39 -10.66 40.88 3.98
C GLY A 39 -10.94 39.76 4.95
N ARG A 40 -9.98 38.87 5.13
CA ARG A 40 -10.13 37.74 6.04
C ARG A 40 -9.14 37.82 7.20
N PRO A 41 -9.43 37.10 8.29
CA PRO A 41 -8.58 37.09 9.47
C PRO A 41 -7.26 36.36 9.24
N PRO A 42 -6.32 36.51 10.18
CA PRO A 42 -5.00 35.88 10.09
C PRO A 42 -5.07 34.37 10.26
N HIS A 43 -3.91 33.73 10.27
CA HIS A 43 -3.83 32.28 10.44
C HIS A 43 -2.86 31.91 11.55
N HIS A 44 -3.29 31.02 12.44
CA HIS A 44 -2.46 30.58 13.55
C HIS A 44 -1.57 29.43 13.13
N PRO A 45 -0.49 29.19 13.90
CA PRO A 45 0.46 28.11 13.63
C PRO A 45 -0.14 26.73 13.88
N PHE A 46 0.68 25.70 13.72
CA PHE A 46 0.23 24.32 13.93
C PHE A 46 0.86 23.74 15.18
N GLU A 47 0.42 22.53 15.55
CA GLU A 47 0.94 21.85 16.74
C GLU A 47 1.38 20.44 16.40
N THR A 48 2.26 19.89 17.23
CA THR A 48 2.77 18.54 17.02
C THR A 48 3.00 17.82 18.35
N LYS A 49 2.04 16.99 18.74
CA LYS A 49 2.13 16.24 19.99
C LYS A 49 2.11 14.75 19.74
N ASP A 50 3.24 14.09 19.95
CA ASP A 50 3.35 12.65 19.75
C ASP A 50 4.53 12.07 20.52
N VAL A 51 4.48 10.77 20.79
CA VAL A 51 5.54 10.11 21.53
C VAL A 51 5.79 8.70 20.98
N SER A 52 6.82 8.59 20.13
CA SER A 52 7.17 7.31 19.52
C SER A 52 8.59 7.35 18.99
N GLU A 53 9.54 6.86 19.79
CA GLU A 53 10.94 6.83 19.40
C GLU A 53 11.44 5.40 19.30
N TYR A 54 10.84 4.51 20.08
CA TYR A 54 11.23 3.10 20.08
C TYR A 54 10.21 2.25 19.32
N SER A 55 9.73 2.78 18.20
CA SER A 55 8.75 2.07 17.39
C SER A 55 8.53 2.79 16.06
N CYS A 56 7.70 2.20 15.20
CA CYS A 56 7.41 2.77 13.90
C CYS A 56 6.47 3.97 14.04
N ARG A 57 6.42 4.79 13.00
CA ARG A 57 5.56 5.98 13.00
C ARG A 57 4.09 5.58 13.11
N GLU A 58 3.42 6.08 14.14
CA GLU A 58 2.01 5.77 14.36
C GLU A 58 1.14 6.46 13.31
N LEU A 59 0.45 5.66 12.51
CA LEU A 59 -0.42 6.19 11.46
C LEU A 59 -1.85 5.68 11.63
N HIS A 60 -2.74 6.56 12.09
CA HIS A 60 -4.13 6.20 12.28
C HIS A 60 -4.96 6.49 11.03
N PHE A 61 -5.74 5.50 10.60
CA PHE A 61 -6.57 5.64 9.41
C PHE A 61 -8.05 5.49 9.76
N THR A 62 -8.88 6.34 9.16
CA THR A 62 -10.31 6.30 9.41
C THR A 62 -11.07 5.88 8.16
N ARG A 63 -12.18 5.18 8.36
CA ARG A 63 -13.01 4.71 7.26
C ARG A 63 -14.28 4.04 7.76
N TYR A 64 -15.35 4.16 6.99
CA TYR A 64 -16.63 3.57 7.36
C TYR A 64 -16.76 2.15 6.79
N VAL A 65 -16.95 1.19 7.69
CA VAL A 65 -17.10 -0.21 7.28
C VAL A 65 -18.56 -0.56 7.07
N THR A 66 -18.81 -1.50 6.15
CA THR A 66 -20.17 -1.93 5.85
C THR A 66 -20.19 -3.41 5.44
N ASP A 67 -21.13 -4.16 6.02
CA ASP A 67 -21.26 -5.58 5.73
C ASP A 67 -22.73 -5.97 5.61
N GLY A 68 -23.22 -6.09 4.39
CA GLY A 68 -24.60 -6.46 4.17
C GLY A 68 -25.50 -5.26 3.96
N PRO A 69 -26.81 -5.45 4.19
CA PRO A 69 -27.79 -4.37 4.04
C PRO A 69 -27.65 -3.29 5.11
N CYS A 70 -26.79 -3.54 6.08
CA CYS A 70 -26.56 -2.59 7.16
C CYS A 70 -25.26 -1.82 6.94
N ARG A 71 -25.04 -0.80 7.76
CA ARG A 71 -23.83 0.01 7.67
C ARG A 71 -23.35 0.45 9.05
N SER A 72 -22.03 0.54 9.21
CA SER A 72 -21.45 0.93 10.49
C SER A 72 -22.00 2.29 10.94
N ALA A 73 -22.26 2.42 12.23
CA ALA A 73 -22.78 3.67 12.79
C ALA A 73 -21.67 4.70 12.95
N LYS A 74 -20.45 4.23 13.16
CA LYS A 74 -19.30 5.11 13.33
C LYS A 74 -18.09 4.58 12.58
N PRO A 75 -17.12 5.46 12.32
CA PRO A 75 -15.88 5.10 11.61
C PRO A 75 -14.98 4.20 12.44
N VAL A 76 -14.05 3.53 11.76
CA VAL A 76 -13.11 2.63 12.44
C VAL A 76 -11.68 3.16 12.34
N THR A 77 -11.00 3.24 13.48
CA THR A 77 -9.64 3.73 13.53
C THR A 77 -8.65 2.57 13.47
N GLU A 78 -7.91 2.47 12.37
CA GLU A 78 -6.92 1.41 12.20
C GLU A 78 -5.51 1.96 12.29
N LEU A 79 -4.58 1.12 12.72
CA LEU A 79 -3.17 1.52 12.85
C LEU A 79 -2.34 0.96 11.69
N VAL A 80 -1.58 1.84 11.05
CA VAL A 80 -0.74 1.44 9.93
C VAL A 80 0.74 1.47 10.32
N CYS A 81 1.53 0.59 9.72
CA CYS A 81 2.95 0.52 10.01
C CYS A 81 3.76 1.24 8.93
N SER A 82 4.48 2.28 9.34
CA SER A 82 5.28 3.06 8.41
C SER A 82 6.34 3.88 9.15
N GLY A 83 7.23 4.50 8.41
CA GLY A 83 8.29 5.30 9.01
C GLY A 83 9.55 4.51 9.25
N GLN A 84 10.69 5.20 9.30
CA GLN A 84 11.98 4.55 9.52
C GLN A 84 12.62 5.06 10.80
N CYS A 85 13.65 4.36 11.26
CA CYS A 85 14.36 4.74 12.48
C CYS A 85 15.87 4.63 12.28
N GLY A 86 16.62 5.37 13.10
CA GLY A 86 18.06 5.35 13.00
C GLY A 86 18.64 3.96 13.17
N PRO A 87 19.97 3.86 13.16
CA PRO A 87 20.67 2.57 13.32
C PRO A 87 20.55 2.01 14.73
N ALA A 88 20.83 0.72 14.87
CA ALA A 88 20.75 0.07 16.17
C ALA A 88 21.43 -1.30 16.14
N ARG A 89 22.42 -1.44 15.26
CA ARG A 89 23.16 -2.69 15.14
C ARG A 89 24.15 -2.86 16.28
N LEU A 90 25.01 -3.86 16.16
CA LEU A 90 26.02 -4.14 17.19
C LEU A 90 27.04 -3.01 17.27
N LEU A 91 28.00 -3.15 18.17
CA LEU A 91 29.04 -2.14 18.35
C LEU A 91 29.85 -1.97 17.06
N PRO A 92 30.55 -0.84 16.96
CA PRO A 92 31.38 -0.53 15.78
C PRO A 92 32.63 -1.41 15.71
N ASN A 93 33.00 -2.00 16.84
CA ASN A 93 34.17 -2.87 16.90
C ASN A 93 33.78 -4.31 16.64
N ALA A 94 33.01 -4.90 17.55
CA ALA A 94 32.57 -6.27 17.41
C ALA A 94 33.75 -7.22 17.30
N ILE A 95 34.31 -7.61 18.44
CA ILE A 95 35.45 -8.52 18.48
C ILE A 95 35.01 -9.93 18.82
N GLY A 96 35.93 -10.89 18.67
CA GLY A 96 35.63 -12.27 18.98
C GLY A 96 35.32 -13.08 17.73
N ARG A 97 36.00 -12.76 16.64
CA ARG A 97 35.79 -13.46 15.37
C ARG A 97 36.90 -13.13 14.38
N GLY A 98 37.04 -11.85 14.06
CA GLY A 98 38.07 -11.43 13.12
C GLY A 98 37.49 -11.03 11.77
N LYS A 99 37.75 -11.85 10.76
CA LYS A 99 37.25 -11.59 9.42
C LYS A 99 35.79 -12.01 9.27
N TRP A 100 35.08 -11.37 8.35
CA TRP A 100 33.67 -11.68 8.12
C TRP A 100 33.46 -12.21 6.70
N TRP A 101 32.19 -12.33 6.31
CA TRP A 101 31.86 -12.83 4.98
C TRP A 101 30.57 -12.18 4.47
N ARG A 102 29.45 -12.53 5.08
CA ARG A 102 28.16 -11.99 4.69
C ARG A 102 27.98 -10.57 5.23
N PRO A 103 27.06 -9.82 4.63
CA PRO A 103 26.76 -8.45 5.04
C PRO A 103 26.07 -8.37 6.40
N SER A 104 26.05 -7.18 6.99
CA SER A 104 25.43 -6.98 8.29
C SER A 104 24.08 -6.28 8.15
N GLY A 105 23.46 -6.44 6.98
CA GLY A 105 22.17 -5.81 6.73
C GLY A 105 22.17 -4.33 7.04
N PRO A 106 22.81 -3.55 6.14
CA PRO A 106 22.90 -2.09 6.30
C PRO A 106 21.55 -1.41 6.09
N ASP A 107 20.61 -2.13 5.52
CA ASP A 107 19.28 -1.58 5.26
C ASP A 107 18.31 -1.96 6.39
N PHE A 108 17.72 -0.96 7.01
CA PHE A 108 16.78 -1.20 8.11
C PHE A 108 15.40 -1.54 7.58
N ARG A 109 14.41 -1.58 8.46
CA ARG A 109 13.04 -1.90 8.09
C ARG A 109 12.10 -1.76 9.27
N CYS A 110 10.83 -2.11 9.06
CA CYS A 110 9.84 -2.02 10.11
C CYS A 110 9.11 -3.34 10.29
N ILE A 111 8.98 -3.80 11.53
CA ILE A 111 8.31 -5.05 11.84
C ILE A 111 6.98 -4.81 12.55
N PRO A 112 5.98 -5.64 12.24
CA PRO A 112 4.66 -5.55 12.85
C PRO A 112 4.66 -5.93 14.32
N ASP A 113 3.52 -5.74 14.98
CA ASP A 113 3.40 -6.07 16.40
C ASP A 113 2.02 -6.65 16.69
N ARG A 114 1.72 -6.82 17.98
CA ARG A 114 0.44 -7.39 18.40
C ARG A 114 -0.72 -6.65 17.73
N TYR A 115 -1.80 -7.38 17.45
CA TYR A 115 -2.97 -6.79 16.81
C TYR A 115 -4.10 -6.60 17.82
N ARG A 116 -5.19 -5.98 17.37
CA ARG A 116 -6.34 -5.73 18.22
C ARG A 116 -7.63 -5.84 17.44
N ALA A 117 -8.46 -6.81 17.80
CA ALA A 117 -9.74 -7.03 17.13
C ALA A 117 -10.83 -6.17 17.75
N GLN A 118 -11.43 -5.29 16.95
CA GLN A 118 -12.49 -4.41 17.42
C GLN A 118 -13.83 -4.80 16.82
N ARG A 119 -14.87 -4.80 17.65
CA ARG A 119 -16.21 -5.16 17.20
C ARG A 119 -17.02 -3.92 16.85
N VAL A 120 -17.47 -3.85 15.61
CA VAL A 120 -18.27 -2.71 15.15
C VAL A 120 -19.75 -3.03 15.15
N GLN A 121 -20.58 -2.00 15.33
CA GLN A 121 -22.02 -2.17 15.35
C GLN A 121 -22.68 -1.53 14.13
N LEU A 122 -23.15 -2.36 13.20
CA LEU A 122 -23.79 -1.87 11.99
C LEU A 122 -25.30 -1.74 12.18
N LEU A 123 -25.89 -0.73 11.55
CA LEU A 123 -27.33 -0.49 11.66
C LEU A 123 -28.01 -0.71 10.31
N CYS A 124 -29.26 -1.16 10.36
CA CYS A 124 -30.03 -1.39 9.14
C CYS A 124 -31.21 -0.44 9.05
N PRO A 125 -31.75 -0.27 7.83
CA PRO A 125 -32.89 0.61 7.58
C PRO A 125 -34.19 0.05 8.16
N GLY A 126 -35.25 0.85 8.10
CA GLY A 126 -36.53 0.42 8.64
C GLY A 126 -37.02 -0.87 8.01
N GLY A 127 -36.83 -1.97 8.73
CA GLY A 127 -37.26 -3.26 8.22
C GLY A 127 -36.31 -4.38 8.60
N GLU A 128 -35.06 -4.02 8.91
CA GLU A 128 -34.05 -5.00 9.27
C GLU A 128 -33.47 -4.68 10.65
N ALA A 129 -32.53 -5.52 11.09
CA ALA A 129 -31.90 -5.33 12.39
C ALA A 129 -30.40 -5.14 12.25
N PRO A 130 -29.77 -4.57 13.28
CA PRO A 130 -28.32 -4.30 13.28
C PRO A 130 -27.51 -5.60 13.38
N ARG A 131 -26.21 -5.48 13.13
CA ARG A 131 -25.31 -6.63 13.18
C ARG A 131 -23.92 -6.23 13.65
N ALA A 132 -23.18 -7.18 14.20
CA ALA A 132 -21.83 -6.92 14.68
C ALA A 132 -20.78 -7.46 13.72
N ARG A 133 -19.70 -6.71 13.55
CA ARG A 133 -18.64 -7.11 12.64
C ARG A 133 -17.26 -6.87 13.28
N LYS A 134 -16.47 -7.92 13.40
CA LYS A 134 -15.14 -7.84 13.98
C LYS A 134 -14.12 -7.37 12.95
N VAL A 135 -13.18 -6.54 13.38
CA VAL A 135 -12.14 -6.04 12.49
C VAL A 135 -10.77 -6.17 13.12
N ARG A 136 -9.86 -6.83 12.41
CA ARG A 136 -8.49 -7.02 12.91
C ARG A 136 -7.60 -5.87 12.50
N LEU A 137 -7.29 -5.00 13.46
CA LEU A 137 -6.43 -3.84 13.22
C LEU A 137 -5.18 -3.90 14.06
N VAL A 138 -4.05 -3.52 13.47
CA VAL A 138 -2.78 -3.53 14.18
C VAL A 138 -2.88 -2.78 15.51
N ALA A 139 -2.24 -3.33 16.54
CA ALA A 139 -2.26 -2.71 17.86
C ALA A 139 -0.96 -1.95 18.13
N SER A 140 0.15 -2.52 17.69
CA SER A 140 1.46 -1.89 17.89
C SER A 140 2.34 -2.08 16.67
N CYS A 141 3.56 -1.57 16.74
CA CYS A 141 4.51 -1.68 15.63
C CYS A 141 5.90 -1.19 16.05
N LYS A 142 6.93 -1.88 15.58
CA LYS A 142 8.30 -1.51 15.90
C LYS A 142 9.13 -1.35 14.63
N CYS A 143 10.18 -0.54 14.71
CA CYS A 143 11.05 -0.30 13.57
C CYS A 143 12.45 -0.86 13.83
N LYS A 144 12.78 -1.95 13.16
CA LYS A 144 14.09 -2.59 13.32
C LYS A 144 14.51 -3.27 12.03
N ARG A 145 15.82 -3.46 11.88
CA ARG A 145 16.37 -4.10 10.69
C ARG A 145 15.85 -5.53 10.55
N LEU A 146 15.15 -5.81 9.45
CA LEU A 146 14.60 -7.13 9.21
C LEU A 146 15.64 -8.04 8.53
N THR A 147 16.45 -7.44 7.66
CA THR A 147 17.48 -8.19 6.95
C THR A 147 16.87 -9.33 6.14
N ARG A 148 17.72 -10.17 5.57
CA ARG A 148 17.27 -11.30 4.76
C ARG A 148 18.43 -12.25 4.46
N PHE A 149 18.24 -13.53 4.76
CA PHE A 149 19.26 -14.53 4.52
C PHE A 149 18.88 -15.42 3.33
N HIS A 150 19.87 -16.14 2.81
CA HIS A 150 19.63 -17.03 1.67
C HIS A 150 20.87 -17.88 1.39
N ASN A 151 20.64 -19.11 0.94
CA ASN A 151 21.73 -20.03 0.64
C ASN A 151 21.81 -20.31 -0.86
N GLN A 152 23.02 -20.53 -1.35
CA GLN A 152 23.23 -20.80 -2.77
C GLN A 152 24.71 -21.08 -3.06
N SER A 153 24.95 -22.02 -3.97
CA SER A 153 26.32 -22.39 -4.34
C SER A 153 26.38 -22.89 -5.77
N GLU A 154 27.54 -22.72 -6.41
CA GLU A 154 27.73 -23.14 -7.79
C GLU A 154 29.16 -22.90 -8.24
N LEU A 155 29.58 -23.61 -9.28
CA LEU A 155 30.93 -23.47 -9.81
C LEU A 155 30.98 -23.88 -11.28
N LYS A 156 31.86 -23.24 -12.04
CA LYS A 156 32.01 -23.54 -13.45
C LYS A 156 33.48 -23.79 -13.81
N ASP A 157 33.71 -24.32 -15.01
CA ASP A 157 35.07 -24.60 -15.46
C ASP A 157 35.12 -24.69 -16.98
N PHE A 158 35.64 -23.65 -17.61
CA PHE A 158 35.75 -23.62 -19.06
C PHE A 158 37.05 -22.94 -19.50
N GLY A 159 37.99 -23.73 -20.00
CA GLY A 159 39.27 -23.19 -20.43
C GLY A 159 40.30 -24.28 -20.71
N THR A 160 40.62 -24.47 -21.98
CA THR A 160 41.59 -25.49 -22.38
C THR A 160 42.01 -25.31 -23.83
N GLU A 161 43.30 -25.43 -24.08
CA GLU A 161 43.84 -25.27 -25.43
C GLU A 161 44.48 -26.58 -25.91
N ALA A 162 45.13 -26.52 -27.07
CA ALA A 162 45.79 -27.69 -27.63
C ALA A 162 47.06 -27.30 -28.38
N ALA A 163 47.94 -28.27 -28.58
CA ALA A 163 49.19 -28.02 -29.29
C ALA A 163 49.43 -29.08 -30.36
N ARG A 164 49.68 -28.63 -31.58
CA ARG A 164 49.93 -29.54 -32.70
C ARG A 164 51.42 -29.57 -33.06
N PRO A 165 51.83 -30.63 -33.76
CA PRO A 165 53.22 -30.80 -34.18
C PRO A 165 53.63 -29.81 -35.27
N GLN A 166 54.91 -29.82 -35.63
CA GLN A 166 55.43 -28.91 -36.64
C GLN A 166 56.41 -29.63 -37.56
N LYS A 167 56.16 -29.56 -38.86
CA LYS A 167 57.02 -30.21 -39.85
C LYS A 167 57.04 -29.40 -41.15
N GLY A 168 58.08 -29.62 -41.95
CA GLY A 168 58.21 -28.91 -43.21
C GLY A 168 59.52 -29.19 -43.90
N ARG A 169 59.61 -30.33 -44.56
CA ARG A 169 60.82 -30.73 -45.27
C ARG A 169 60.49 -31.49 -46.56
N LYS A 170 61.37 -31.37 -47.55
CA LYS A 170 61.17 -32.05 -48.83
C LYS A 170 62.50 -32.56 -49.38
N PRO A 171 62.41 -33.52 -50.31
CA PRO A 171 63.60 -34.11 -50.95
C PRO A 171 64.31 -33.14 -51.88
N ARG A 172 65.60 -33.36 -52.09
CA ARG A 172 66.39 -32.50 -52.96
C ARG A 172 67.08 -33.32 -54.05
N PRO A 173 66.29 -33.79 -55.02
CA PRO A 173 66.80 -34.59 -56.14
C PRO A 173 67.65 -33.77 -57.11
N ARG A 174 68.90 -34.18 -57.29
CA ARG A 174 69.81 -33.48 -58.18
C ARG A 174 69.40 -33.66 -59.63
N ALA A 175 70.12 -33.02 -60.55
CA ALA A 175 69.83 -33.11 -61.97
C ALA A 175 70.89 -32.41 -62.80
N ARG A 176 71.41 -33.10 -63.80
CA ARG A 176 72.43 -32.54 -64.68
C ARG A 176 72.79 -33.51 -65.80
N SER A 177 73.44 -33.00 -66.84
CA SER A 177 73.82 -33.81 -67.99
C SER A 177 74.96 -33.16 -68.76
N ALA A 178 75.45 -33.85 -69.79
CA ALA A 178 76.53 -33.33 -70.62
C ALA A 178 76.66 -34.13 -71.91
N LYS A 179 77.44 -33.60 -72.85
CA LYS A 179 77.65 -34.26 -74.13
C LYS A 179 78.81 -33.63 -74.88
N ALA A 180 79.21 -34.26 -75.99
CA ALA A 180 80.31 -33.76 -76.79
C ALA A 180 80.07 -34.04 -78.28
N ASN A 181 81.04 -33.68 -79.10
CA ASN A 181 80.94 -33.90 -80.55
C ASN A 181 82.28 -33.61 -81.23
N GLN A 182 82.30 -33.80 -82.55
CA GLN A 182 83.51 -33.56 -83.33
C GLN A 182 83.18 -33.29 -84.79
N ALA A 183 84.21 -33.04 -85.59
CA ALA A 183 84.02 -32.76 -87.01
C ALA A 183 85.14 -33.36 -87.84
N GLU A 184 85.09 -33.16 -89.15
CA GLU A 184 86.10 -33.69 -90.05
C GLU A 184 86.71 -32.57 -90.90
N LEU A 185 87.99 -32.30 -90.68
CA LEU A 185 88.69 -31.26 -91.43
C LEU A 185 90.01 -31.78 -91.96
N GLU A 186 89.94 -32.70 -92.92
CA GLU A 186 91.14 -33.27 -93.52
C GLU A 186 90.84 -33.90 -94.87
N ASN A 187 91.70 -33.66 -95.85
CA ASN A 187 91.52 -34.20 -97.19
C ASN A 187 92.76 -33.98 -98.05
N ALA A 188 92.93 -34.82 -99.07
CA ALA A 188 94.07 -34.72 -99.96
C ALA A 188 93.70 -34.02 -101.26
N TYR A 189 94.28 -32.85 -101.49
CA TYR A 189 94.00 -32.08 -102.70
C TYR A 189 94.63 -32.74 -103.91
N GLY A 1 -64.87 27.00 -83.97
CA GLY A 1 -66.12 26.81 -83.26
C GLY A 1 -66.77 28.12 -82.87
N TRP A 2 -66.88 28.35 -81.56
CA TRP A 2 -67.48 29.57 -81.05
C TRP A 2 -66.73 30.09 -79.82
N GLN A 3 -67.19 31.21 -79.28
CA GLN A 3 -66.56 31.80 -78.11
C GLN A 3 -67.35 31.48 -76.85
N ALA A 4 -68.53 30.87 -77.02
CA ALA A 4 -69.37 30.51 -75.89
C ALA A 4 -69.78 31.74 -75.09
N PHE A 5 -69.98 32.86 -75.77
CA PHE A 5 -70.37 34.10 -75.12
C PHE A 5 -69.27 34.59 -74.18
N LYS A 6 -69.33 35.87 -73.83
CA LYS A 6 -68.33 36.45 -72.94
C LYS A 6 -69.00 37.37 -71.92
N ASN A 7 -69.39 36.80 -70.78
CA ASN A 7 -70.04 37.58 -69.72
C ASN A 7 -69.03 38.48 -69.02
N ASP A 8 -69.50 39.19 -67.99
CA ASP A 8 -68.63 40.08 -67.23
C ASP A 8 -69.05 40.11 -65.76
N ALA A 9 -68.33 40.89 -64.96
CA ALA A 9 -68.63 41.01 -63.54
C ALA A 9 -67.83 42.14 -62.91
N THR A 10 -68.50 42.96 -62.09
CA THR A 10 -67.86 44.08 -61.43
C THR A 10 -68.44 44.30 -60.03
N GLU A 11 -68.02 43.48 -59.08
CA GLU A 11 -68.51 43.60 -57.71
C GLU A 11 -67.85 44.76 -56.99
N ILE A 12 -68.58 45.37 -56.05
CA ILE A 12 -68.06 46.50 -55.29
C ILE A 12 -68.07 46.20 -53.79
N ILE A 13 -66.93 45.74 -53.28
CA ILE A 13 -66.82 45.42 -51.86
C ILE A 13 -65.57 46.07 -51.26
N PRO A 14 -65.62 47.40 -51.09
CA PRO A 14 -64.50 48.16 -50.53
C PRO A 14 -64.30 47.89 -49.04
N GLU A 15 -63.25 48.46 -48.47
CA GLU A 15 -62.95 48.28 -47.05
C GLU A 15 -62.75 49.62 -46.36
N LEU A 16 -63.82 50.13 -45.75
CA LEU A 16 -63.76 51.40 -45.05
C LEU A 16 -64.11 51.24 -43.57
N GLY A 17 -63.23 51.72 -42.70
CA GLY A 17 -63.47 51.62 -41.28
C GLY A 17 -63.94 52.92 -40.67
N GLU A 18 -64.51 53.79 -41.50
CA GLU A 18 -65.01 55.08 -41.03
C GLU A 18 -63.89 55.89 -40.38
N TYR A 19 -64.21 57.12 -39.98
CA TYR A 19 -63.24 57.99 -39.35
C TYR A 19 -63.82 58.64 -38.10
N PRO A 20 -64.04 57.82 -37.06
CA PRO A 20 -64.59 58.30 -35.78
C PRO A 20 -63.62 59.18 -35.02
N GLU A 21 -62.36 58.73 -34.93
CA GLU A 21 -61.34 59.48 -34.22
C GLU A 21 -61.76 59.74 -32.78
N PRO A 22 -61.80 58.69 -31.97
CA PRO A 22 -62.19 58.78 -30.56
C PRO A 22 -61.13 59.49 -29.71
N PRO A 23 -61.51 59.85 -28.47
CA PRO A 23 -60.61 60.54 -27.54
C PRO A 23 -59.48 59.64 -27.06
N PRO A 24 -58.48 60.25 -26.42
CA PRO A 24 -57.33 59.52 -25.88
C PRO A 24 -57.69 58.65 -24.68
N GLU A 25 -56.71 57.93 -24.16
CA GLU A 25 -56.93 57.06 -23.00
C GLU A 25 -55.59 56.63 -22.38
N LEU A 26 -55.14 57.39 -21.40
CA LEU A 26 -53.89 57.09 -20.72
C LEU A 26 -53.98 57.41 -19.23
N GLU A 27 -52.82 57.51 -18.57
CA GLU A 27 -52.79 57.82 -17.15
C GLU A 27 -51.35 58.05 -16.68
N ASN A 28 -51.18 58.17 -15.38
CA ASN A 28 -49.85 58.40 -14.80
C ASN A 28 -49.83 58.03 -13.32
N ASN A 29 -48.63 57.87 -12.78
CA ASN A 29 -48.47 57.51 -11.37
C ASN A 29 -47.04 57.78 -10.90
N LYS A 30 -46.79 57.55 -9.61
CA LYS A 30 -45.48 57.75 -9.04
C LYS A 30 -45.15 56.68 -8.01
N THR A 31 -43.87 56.53 -7.68
CA THR A 31 -43.44 55.54 -6.71
C THR A 31 -42.16 56.00 -6.00
N MET A 32 -41.79 55.27 -4.95
CA MET A 32 -40.58 55.59 -4.19
C MET A 32 -40.31 54.53 -3.14
N ASN A 33 -39.04 54.11 -3.04
CA ASN A 33 -38.66 53.10 -2.07
C ASN A 33 -37.13 52.99 -1.99
N ARG A 34 -36.65 52.25 -0.99
CA ARG A 34 -35.22 52.07 -0.80
C ARG A 34 -34.94 50.99 0.26
N ALA A 35 -33.75 50.42 0.20
CA ALA A 35 -33.35 49.38 1.15
C ALA A 35 -31.85 49.34 1.33
N GLU A 36 -31.39 48.53 2.27
CA GLU A 36 -29.96 48.40 2.55
C GLU A 36 -29.69 47.24 3.50
N ASN A 37 -28.53 46.61 3.35
CA ASN A 37 -28.16 45.49 4.20
C ASN A 37 -26.74 45.01 3.88
N GLY A 38 -26.19 44.18 4.75
CA GLY A 38 -24.85 43.66 4.54
C GLY A 38 -24.37 42.79 5.69
N GLY A 39 -23.17 42.23 5.54
CA GLY A 39 -22.63 41.38 6.58
C GLY A 39 -21.69 40.32 6.03
N ARG A 40 -20.39 40.58 6.15
CA ARG A 40 -19.38 39.64 5.66
C ARG A 40 -18.08 39.77 6.45
N PRO A 41 -18.11 39.31 7.71
CA PRO A 41 -16.94 39.37 8.59
C PRO A 41 -15.83 38.41 8.15
N PRO A 42 -14.64 38.58 8.75
CA PRO A 42 -13.48 37.74 8.44
C PRO A 42 -13.64 36.31 8.94
N HIS A 43 -13.08 35.35 8.20
CA HIS A 43 -13.16 33.95 8.58
C HIS A 43 -11.95 33.18 8.08
N HIS A 44 -10.85 33.24 8.84
CA HIS A 44 -9.62 32.55 8.47
C HIS A 44 -9.27 31.49 9.51
N PRO A 45 -8.41 30.53 9.11
CA PRO A 45 -7.98 29.45 9.99
C PRO A 45 -7.05 29.94 11.09
N PHE A 46 -6.53 29.00 11.88
CA PHE A 46 -5.63 29.34 12.98
C PHE A 46 -5.19 28.08 13.73
N GLU A 47 -4.38 28.27 14.77
CA GLU A 47 -3.89 27.16 15.57
C GLU A 47 -3.06 26.21 14.71
N THR A 48 -2.44 25.22 15.37
CA THR A 48 -1.61 24.25 14.67
C THR A 48 -1.53 22.94 15.45
N LYS A 49 -1.92 21.85 14.80
CA LYS A 49 -1.89 20.53 15.44
C LYS A 49 -0.84 19.63 14.79
N ASP A 50 -0.14 18.86 15.61
CA ASP A 50 0.90 17.96 15.12
C ASP A 50 1.51 17.16 16.26
N VAL A 51 1.98 15.95 15.94
CA VAL A 51 2.59 15.09 16.93
C VAL A 51 3.15 13.82 16.30
N SER A 52 4.18 13.26 16.92
CA SER A 52 4.81 12.04 16.40
C SER A 52 5.92 11.56 17.35
N GLU A 53 6.03 10.24 17.48
CA GLU A 53 7.04 9.65 18.35
C GLU A 53 7.59 8.36 17.75
N TYR A 54 8.67 7.86 18.34
CA TYR A 54 9.29 6.63 17.87
C TYR A 54 9.76 6.78 16.42
N SER A 55 10.44 5.76 15.91
CA SER A 55 10.96 5.78 14.55
C SER A 55 9.80 5.69 13.54
N CYS A 56 9.15 4.53 13.51
CA CYS A 56 8.04 4.31 12.59
C CYS A 56 6.80 5.05 13.07
N ARG A 57 6.46 6.13 12.37
CA ARG A 57 5.29 6.93 12.71
C ARG A 57 4.00 6.11 12.57
N GLU A 58 3.33 5.88 13.70
CA GLU A 58 2.09 5.11 13.70
C GLU A 58 1.02 5.79 12.86
N LEU A 59 0.63 5.14 11.76
CA LEU A 59 -0.39 5.69 10.87
C LEU A 59 -1.78 5.23 11.29
N HIS A 60 -2.55 6.15 11.87
CA HIS A 60 -3.90 5.84 12.31
C HIS A 60 -4.90 6.06 11.18
N PHE A 61 -5.54 4.97 10.74
CA PHE A 61 -6.51 5.03 9.66
C PHE A 61 -7.93 4.99 10.22
N THR A 62 -8.79 5.85 9.69
CA THR A 62 -10.18 5.92 10.13
C THR A 62 -11.14 5.96 8.94
N ARG A 63 -12.07 5.01 8.90
CA ARG A 63 -13.04 4.93 7.81
C ARG A 63 -14.31 4.23 8.27
N TYR A 64 -15.39 4.42 7.52
CA TYR A 64 -16.67 3.80 7.85
C TYR A 64 -16.81 2.45 7.16
N VAL A 65 -16.96 1.40 7.95
CA VAL A 65 -17.10 0.05 7.43
C VAL A 65 -18.57 -0.29 7.17
N THR A 66 -18.82 -1.09 6.14
CA THR A 66 -20.18 -1.50 5.79
C THR A 66 -20.20 -2.88 5.16
N ASP A 67 -21.07 -3.75 5.67
CA ASP A 67 -21.18 -5.11 5.16
C ASP A 67 -22.65 -5.51 5.04
N GLY A 68 -23.18 -5.45 3.81
CA GLY A 68 -24.57 -5.81 3.59
C GLY A 68 -25.48 -4.61 3.55
N PRO A 69 -26.79 -4.84 3.79
CA PRO A 69 -27.79 -3.77 3.79
C PRO A 69 -27.63 -2.83 4.97
N CYS A 70 -26.73 -3.17 5.89
CA CYS A 70 -26.50 -2.36 7.08
C CYS A 70 -25.20 -1.56 6.93
N ARG A 71 -25.02 -0.59 7.82
CA ARG A 71 -23.83 0.25 7.80
C ARG A 71 -23.36 0.59 9.21
N SER A 72 -22.05 0.62 9.41
CA SER A 72 -21.48 0.92 10.72
C SER A 72 -21.96 2.27 11.21
N ALA A 73 -22.39 2.32 12.47
CA ALA A 73 -22.87 3.55 13.07
C ALA A 73 -21.73 4.53 13.33
N LYS A 74 -20.51 3.98 13.48
CA LYS A 74 -19.34 4.80 13.72
C LYS A 74 -18.13 4.28 12.94
N PRO A 75 -17.13 5.14 12.74
CA PRO A 75 -15.91 4.79 12.01
C PRO A 75 -15.04 3.80 12.78
N VAL A 76 -14.08 3.21 12.09
CA VAL A 76 -13.18 2.25 12.72
C VAL A 76 -11.73 2.73 12.65
N THR A 77 -11.07 2.75 13.81
CA THR A 77 -9.68 3.19 13.88
C THR A 77 -8.73 2.00 13.93
N GLU A 78 -7.93 1.84 12.86
CA GLU A 78 -6.98 0.74 12.79
C GLU A 78 -5.55 1.27 12.67
N LEU A 79 -4.68 0.83 13.58
CA LEU A 79 -3.30 1.27 13.58
C LEU A 79 -2.53 0.64 12.41
N VAL A 80 -1.71 1.44 11.74
CA VAL A 80 -0.92 0.97 10.62
C VAL A 80 0.57 1.18 10.87
N CYS A 81 1.38 0.34 10.22
CA CYS A 81 2.83 0.43 10.37
C CYS A 81 3.45 1.19 9.20
N SER A 82 4.09 2.31 9.51
CA SER A 82 4.72 3.13 8.48
C SER A 82 5.75 4.08 9.10
N GLY A 83 6.64 4.60 8.26
CA GLY A 83 7.65 5.52 8.74
C GLY A 83 9.05 5.12 8.28
N GLN A 84 9.83 6.11 7.84
CA GLN A 84 11.19 5.86 7.38
C GLN A 84 12.12 5.60 8.55
N CYS A 85 12.93 4.54 8.43
CA CYS A 85 13.87 4.19 9.48
C CYS A 85 15.29 4.12 8.94
N GLY A 86 16.26 4.50 9.77
CA GLY A 86 17.65 4.48 9.35
C GLY A 86 18.47 3.46 10.10
N PRO A 87 19.80 3.56 10.00
CA PRO A 87 20.72 2.64 10.68
C PRO A 87 20.72 2.84 12.19
N ALA A 88 20.96 1.74 12.92
CA ALA A 88 20.99 1.79 14.37
C ALA A 88 22.08 0.89 14.93
N ARG A 89 23.16 0.75 14.17
CA ARG A 89 24.28 -0.09 14.59
C ARG A 89 23.80 -1.48 15.00
N LEU A 90 24.69 -2.27 15.59
CA LEU A 90 24.36 -3.61 16.03
C LEU A 90 24.37 -3.72 17.55
N LEU A 91 24.28 -4.94 18.06
CA LEU A 91 24.28 -5.18 19.49
C LEU A 91 25.70 -5.23 20.04
N PRO A 92 25.84 -5.05 21.36
CA PRO A 92 27.14 -5.07 22.03
C PRO A 92 27.75 -6.47 22.07
N ASN A 93 26.89 -7.48 22.02
CA ASN A 93 27.33 -8.86 22.05
C ASN A 93 27.31 -9.48 20.65
N ALA A 94 26.10 -9.78 20.16
CA ALA A 94 25.94 -10.36 18.84
C ALA A 94 26.63 -11.73 18.76
N ILE A 95 25.85 -12.78 18.96
CA ILE A 95 26.37 -14.14 18.90
C ILE A 95 25.47 -15.05 18.09
N GLY A 96 26.03 -16.17 17.61
CA GLY A 96 25.25 -17.10 16.82
C GLY A 96 25.46 -18.54 17.26
N ARG A 97 24.65 -19.45 16.71
CA ARG A 97 24.75 -20.86 17.05
C ARG A 97 23.91 -21.70 16.10
N GLY A 98 22.64 -21.34 15.93
CA GLY A 98 21.76 -22.07 15.06
C GLY A 98 22.00 -21.74 13.60
N LYS A 99 22.52 -22.70 12.85
CA LYS A 99 22.80 -22.50 11.43
C LYS A 99 23.78 -21.35 11.22
N TRP A 100 24.14 -21.12 9.96
CA TRP A 100 25.06 -20.04 9.63
C TRP A 100 24.33 -18.83 9.07
N TRP A 101 23.04 -18.74 9.38
CA TRP A 101 22.22 -17.63 8.91
C TRP A 101 22.35 -17.45 7.40
N ARG A 102 21.54 -18.17 6.65
CA ARG A 102 21.58 -18.08 5.19
C ARG A 102 21.02 -16.75 4.71
N PRO A 103 21.44 -16.32 3.51
CA PRO A 103 20.98 -15.06 2.91
C PRO A 103 19.52 -15.11 2.49
N SER A 104 18.93 -13.94 2.27
CA SER A 104 17.54 -13.85 1.86
C SER A 104 17.38 -12.93 0.66
N GLY A 105 17.68 -11.65 0.86
CA GLY A 105 17.57 -10.69 -0.22
C GLY A 105 16.93 -9.39 0.24
N PRO A 106 15.61 -9.42 0.46
CA PRO A 106 14.86 -8.24 0.90
C PRO A 106 15.20 -7.84 2.33
N ASP A 107 14.43 -6.89 2.88
CA ASP A 107 14.64 -6.43 4.24
C ASP A 107 13.47 -5.56 4.70
N PHE A 108 12.97 -5.85 5.90
CA PHE A 108 11.86 -5.10 6.46
C PHE A 108 12.35 -3.82 7.14
N ARG A 109 11.47 -2.82 7.20
CA ARG A 109 11.82 -1.54 7.82
C ARG A 109 11.45 -1.55 9.30
N CYS A 110 10.20 -1.88 9.59
CA CYS A 110 9.72 -1.93 10.96
C CYS A 110 9.04 -3.26 11.27
N ILE A 111 9.33 -3.82 12.43
CA ILE A 111 8.76 -5.09 12.84
C ILE A 111 7.36 -4.89 13.42
N PRO A 112 6.47 -5.87 13.16
CA PRO A 112 5.09 -5.82 13.65
C PRO A 112 4.99 -6.02 15.16
N ASP A 113 3.78 -5.88 15.70
CA ASP A 113 3.57 -6.05 17.13
C ASP A 113 2.23 -6.71 17.40
N ARG A 114 1.84 -6.75 18.67
CA ARG A 114 0.58 -7.37 19.06
C ARG A 114 -0.57 -6.84 18.22
N TYR A 115 -1.51 -7.72 17.86
CA TYR A 115 -2.65 -7.33 17.06
C TYR A 115 -3.90 -7.16 17.92
N ARG A 116 -4.89 -6.47 17.38
CA ARG A 116 -6.14 -6.22 18.10
C ARG A 116 -7.34 -6.39 17.18
N ALA A 117 -8.51 -6.61 17.77
CA ALA A 117 -9.74 -6.77 17.01
C ALA A 117 -10.86 -5.90 17.56
N GLN A 118 -11.35 -4.97 16.74
CA GLN A 118 -12.42 -4.08 17.15
C GLN A 118 -13.76 -4.54 16.59
N ARG A 119 -14.80 -4.44 17.41
CA ARG A 119 -16.13 -4.86 17.00
C ARG A 119 -17.03 -3.64 16.76
N VAL A 120 -17.58 -3.54 15.56
CA VAL A 120 -18.44 -2.42 15.20
C VAL A 120 -19.90 -2.87 15.10
N GLN A 121 -20.82 -1.95 15.35
CA GLN A 121 -22.24 -2.25 15.28
C GLN A 121 -22.88 -1.62 14.05
N LEU A 122 -23.21 -2.45 13.07
CA LEU A 122 -23.83 -1.97 11.84
C LEU A 122 -25.34 -1.90 11.98
N LEU A 123 -25.92 -0.78 11.54
CA LEU A 123 -27.36 -0.58 11.62
C LEU A 123 -28.00 -0.79 10.25
N CYS A 124 -29.25 -1.27 10.27
CA CYS A 124 -29.99 -1.51 9.03
C CYS A 124 -31.23 -0.62 8.96
N PRO A 125 -31.14 0.45 8.15
CA PRO A 125 -32.25 1.39 7.97
C PRO A 125 -33.41 0.78 7.20
N GLY A 126 -34.59 0.84 7.78
CA GLY A 126 -35.77 0.29 7.14
C GLY A 126 -36.54 -0.67 8.03
N GLY A 127 -35.91 -1.78 8.38
CA GLY A 127 -36.55 -2.77 9.23
C GLY A 127 -35.59 -3.84 9.70
N GLU A 128 -34.65 -4.22 8.83
CA GLU A 128 -33.67 -5.25 9.17
C GLU A 128 -32.98 -4.92 10.49
N ALA A 129 -32.44 -5.96 11.15
CA ALA A 129 -31.76 -5.79 12.42
C ALA A 129 -30.29 -5.44 12.20
N PRO A 130 -29.65 -4.88 13.24
CA PRO A 130 -28.23 -4.50 13.19
C PRO A 130 -27.31 -5.71 13.16
N ARG A 131 -26.19 -5.57 12.47
CA ARG A 131 -25.22 -6.66 12.37
C ARG A 131 -23.87 -6.24 12.95
N ALA A 132 -23.30 -7.10 13.79
CA ALA A 132 -22.01 -6.83 14.42
C ALA A 132 -20.86 -7.34 13.56
N ARG A 133 -19.97 -6.43 13.17
CA ARG A 133 -18.82 -6.81 12.34
C ARG A 133 -17.52 -6.67 13.13
N LYS A 134 -16.69 -7.69 13.07
CA LYS A 134 -15.41 -7.69 13.77
C LYS A 134 -14.26 -7.43 12.80
N VAL A 135 -13.42 -6.46 13.15
CA VAL A 135 -12.28 -6.12 12.32
C VAL A 135 -10.96 -6.38 13.05
N ARG A 136 -10.07 -7.12 12.41
CA ARG A 136 -8.78 -7.45 13.00
C ARG A 136 -7.67 -6.58 12.41
N LEU A 137 -7.22 -5.59 13.18
CA LEU A 137 -6.18 -4.68 12.74
C LEU A 137 -5.00 -4.68 13.72
N VAL A 138 -3.86 -4.19 13.26
CA VAL A 138 -2.66 -4.13 14.09
C VAL A 138 -2.91 -3.27 15.34
N ALA A 139 -2.37 -3.71 16.47
CA ALA A 139 -2.53 -2.98 17.71
C ALA A 139 -1.32 -2.09 17.99
N SER A 140 -0.12 -2.66 17.82
CA SER A 140 1.11 -1.92 18.04
C SER A 140 2.09 -2.13 16.90
N CYS A 141 3.26 -1.51 17.00
CA CYS A 141 4.28 -1.62 15.97
C CYS A 141 5.59 -0.99 16.43
N LYS A 142 6.70 -1.62 16.07
CA LYS A 142 8.02 -1.12 16.44
C LYS A 142 8.99 -1.18 15.26
N CYS A 143 9.99 -0.31 15.27
CA CYS A 143 10.98 -0.27 14.21
C CYS A 143 12.30 -0.86 14.67
N LYS A 144 12.69 -1.97 14.06
CA LYS A 144 13.94 -2.64 14.41
C LYS A 144 14.53 -3.36 13.21
N ARG A 145 15.85 -3.49 13.19
CA ARG A 145 16.53 -4.16 12.09
C ARG A 145 17.11 -5.51 12.54
N LEU A 146 17.06 -6.49 11.66
CA LEU A 146 17.58 -7.82 11.96
C LEU A 146 17.53 -8.72 10.74
N THR A 147 18.61 -9.46 10.49
CA THR A 147 18.68 -10.36 9.35
C THR A 147 17.96 -11.66 9.64
N ARG A 148 17.41 -12.28 8.59
CA ARG A 148 16.70 -13.53 8.73
C ARG A 148 15.47 -13.37 9.63
N PHE A 149 14.30 -13.29 9.01
CA PHE A 149 13.05 -13.12 9.75
C PHE A 149 11.99 -14.11 9.27
N HIS A 150 12.05 -15.33 9.80
CA HIS A 150 11.10 -16.37 9.43
C HIS A 150 9.85 -16.30 10.28
N ASN A 151 8.69 -16.25 9.63
CA ASN A 151 7.42 -16.18 10.34
C ASN A 151 6.54 -17.38 10.01
N GLN A 152 5.95 -17.98 11.05
CA GLN A 152 5.08 -19.13 10.86
C GLN A 152 3.61 -18.75 11.04
N SER A 153 2.72 -19.65 10.64
CA SER A 153 1.29 -19.40 10.75
C SER A 153 0.78 -19.83 12.13
N GLU A 154 -0.16 -19.05 12.67
CA GLU A 154 -0.73 -19.34 13.97
C GLU A 154 -2.14 -18.76 14.09
N LEU A 155 -3.08 -19.59 14.54
CA LEU A 155 -4.46 -19.16 14.70
C LEU A 155 -4.97 -19.45 16.11
N LYS A 156 -4.56 -18.62 17.07
CA LYS A 156 -4.97 -18.79 18.45
C LYS A 156 -5.84 -17.61 18.91
N ASP A 157 -6.13 -17.57 20.21
CA ASP A 157 -6.94 -16.49 20.77
C ASP A 157 -6.86 -16.50 22.30
N PHE A 158 -7.15 -15.35 22.90
CA PHE A 158 -7.11 -15.21 24.34
C PHE A 158 -8.16 -14.22 24.84
N GLY A 159 -8.05 -13.82 26.09
CA GLY A 159 -9.00 -12.88 26.66
C GLY A 159 -8.76 -11.46 26.18
N THR A 160 -8.79 -10.51 27.11
CA THR A 160 -8.57 -9.11 26.79
C THR A 160 -7.96 -8.36 27.95
N GLU A 161 -6.99 -7.49 27.66
CA GLU A 161 -6.33 -6.71 28.69
C GLU A 161 -6.19 -5.25 28.26
N ALA A 162 -6.09 -4.36 29.25
CA ALA A 162 -5.96 -2.94 28.97
C ALA A 162 -4.95 -2.29 29.91
N ALA A 163 -4.07 -1.45 29.34
CA ALA A 163 -3.06 -0.77 30.13
C ALA A 163 -2.53 0.45 29.40
N ARG A 164 -2.31 1.54 30.14
CA ARG A 164 -1.81 2.78 29.56
C ARG A 164 -0.92 3.52 30.55
N PRO A 165 -0.05 4.39 30.02
CA PRO A 165 0.88 5.17 30.84
C PRO A 165 0.16 6.24 31.67
N GLN A 166 0.86 6.76 32.67
CA GLN A 166 0.28 7.79 33.54
C GLN A 166 1.25 8.97 33.69
N LYS A 167 0.92 9.87 34.61
CA LYS A 167 1.75 11.04 34.86
C LYS A 167 1.43 11.66 36.22
N GLY A 168 2.30 12.56 36.67
CA GLY A 168 2.09 13.21 37.95
C GLY A 168 3.12 14.28 38.24
N ARG A 169 2.99 15.42 37.56
CA ARG A 169 3.91 16.53 37.74
C ARG A 169 3.16 17.85 37.90
N LYS A 170 3.63 18.68 38.83
CA LYS A 170 2.99 19.97 39.08
C LYS A 170 3.98 21.10 38.85
N PRO A 171 3.45 22.31 38.60
CA PRO A 171 4.27 23.50 38.36
C PRO A 171 4.97 23.98 39.62
N ARG A 172 6.26 24.29 39.49
CA ARG A 172 7.05 24.76 40.63
C ARG A 172 6.54 26.10 41.14
N PRO A 173 6.90 26.43 42.39
CA PRO A 173 6.47 27.68 43.02
C PRO A 173 7.14 28.90 42.39
N ARG A 174 6.81 30.08 42.92
CA ARG A 174 7.38 31.33 42.41
C ARG A 174 8.34 31.94 43.42
N ALA A 175 9.42 32.53 42.91
CA ALA A 175 10.42 33.16 43.77
C ALA A 175 11.11 34.32 43.06
N ARG A 176 11.87 35.10 43.82
CA ARG A 176 12.57 36.26 43.26
C ARG A 176 13.43 36.93 44.32
N SER A 177 14.63 37.36 43.92
CA SER A 177 15.55 38.02 44.84
C SER A 177 16.29 39.15 44.14
N ALA A 178 16.38 40.29 44.82
CA ALA A 178 17.06 41.46 44.26
C ALA A 178 17.71 42.29 45.37
N LYS A 179 18.90 42.79 45.10
CA LYS A 179 19.62 43.61 46.06
C LYS A 179 20.32 44.78 45.38
N ALA A 180 20.49 45.87 46.11
CA ALA A 180 21.14 47.06 45.58
C ALA A 180 22.47 47.34 46.30
N ASN A 181 23.20 48.33 45.81
CA ASN A 181 24.48 48.69 46.40
C ASN A 181 24.44 50.09 46.99
N GLN A 182 23.57 50.93 46.42
CA GLN A 182 23.44 52.31 46.88
C GLN A 182 24.79 53.01 46.94
N ALA A 183 25.24 53.51 45.79
CA ALA A 183 26.52 54.20 45.70
C ALA A 183 26.37 55.54 44.98
N GLU A 184 25.94 56.56 45.72
CA GLU A 184 25.75 57.89 45.15
C GLU A 184 27.03 58.71 45.25
N LEU A 185 27.40 59.37 44.16
CA LEU A 185 28.60 60.19 44.12
C LEU A 185 28.39 61.51 44.86
N GLU A 186 28.33 61.44 46.19
CA GLU A 186 28.13 62.62 47.01
C GLU A 186 29.09 62.65 48.19
N ASN A 187 29.63 63.83 48.48
CA ASN A 187 30.57 63.98 49.59
C ASN A 187 31.82 63.14 49.35
N ALA A 188 32.38 63.25 48.15
CA ALA A 188 33.59 62.50 47.80
C ALA A 188 34.65 63.43 47.22
N TYR A 189 35.85 63.37 47.79
CA TYR A 189 36.95 64.20 47.32
C TYR A 189 37.61 63.60 46.09
N GLY A 1 -120.60 119.86 21.09
CA GLY A 1 -120.06 119.68 19.76
C GLY A 1 -118.60 120.06 19.66
N TRP A 2 -118.20 120.65 18.54
CA TRP A 2 -116.82 121.05 18.34
C TRP A 2 -115.86 119.88 18.54
N GLN A 3 -115.81 118.98 17.56
CA GLN A 3 -114.94 117.81 17.63
C GLN A 3 -114.60 117.30 16.24
N ALA A 4 -113.35 116.90 16.05
CA ALA A 4 -112.89 116.38 14.77
C ALA A 4 -112.10 115.09 14.95
N PHE A 5 -111.62 114.53 13.84
CA PHE A 5 -110.85 113.30 13.87
C PHE A 5 -109.87 113.23 12.70
N LYS A 6 -108.63 112.85 12.99
CA LYS A 6 -107.61 112.75 11.96
C LYS A 6 -106.90 111.40 12.03
N ASN A 7 -106.64 110.81 10.87
CA ASN A 7 -105.98 109.51 10.79
C ASN A 7 -104.62 109.64 10.10
N ASP A 8 -103.71 108.75 10.46
CA ASP A 8 -102.37 108.76 9.87
C ASP A 8 -102.09 107.44 9.16
N ALA A 9 -100.84 107.27 8.72
CA ALA A 9 -100.43 106.06 8.02
C ALA A 9 -99.11 105.54 8.56
N THR A 10 -99.09 104.27 8.95
CA THR A 10 -97.88 103.65 9.48
C THR A 10 -97.75 102.20 9.03
N GLU A 11 -97.37 102.01 7.77
CA GLU A 11 -97.22 100.68 7.21
C GLU A 11 -95.78 100.18 7.35
N ILE A 12 -95.59 98.87 7.32
CA ILE A 12 -94.27 98.27 7.45
C ILE A 12 -94.02 97.24 6.36
N ILE A 13 -93.23 97.62 5.36
CA ILE A 13 -92.91 96.73 4.26
C ILE A 13 -91.42 96.77 3.94
N PRO A 14 -90.61 96.15 4.80
CA PRO A 14 -89.15 96.10 4.62
C PRO A 14 -88.74 95.21 3.45
N GLU A 15 -87.44 95.07 3.26
CA GLU A 15 -86.91 94.24 2.18
C GLU A 15 -85.92 93.20 2.71
N LEU A 16 -85.11 92.66 1.81
CA LEU A 16 -84.11 91.66 2.19
C LEU A 16 -82.78 91.94 1.52
N GLY A 17 -81.73 92.06 2.33
CA GLY A 17 -80.40 92.32 1.81
C GLY A 17 -79.31 91.57 2.55
N GLU A 18 -79.10 90.32 2.18
CA GLU A 18 -78.08 89.49 2.82
C GLU A 18 -77.02 89.05 1.82
N TYR A 19 -75.79 88.95 2.28
CA TYR A 19 -74.68 88.54 1.42
C TYR A 19 -74.00 87.29 1.97
N PRO A 20 -74.72 86.16 1.93
CA PRO A 20 -74.21 84.87 2.42
C PRO A 20 -73.10 84.32 1.53
N GLU A 21 -71.85 84.64 1.87
CA GLU A 21 -70.71 84.17 1.10
C GLU A 21 -69.55 83.79 2.02
N PRO A 22 -69.69 82.65 2.71
CA PRO A 22 -68.67 82.16 3.64
C PRO A 22 -67.41 81.68 2.92
N PRO A 23 -66.33 81.46 3.68
CA PRO A 23 -65.06 80.98 3.13
C PRO A 23 -65.13 79.54 2.64
N PRO A 24 -64.10 79.12 1.90
CA PRO A 24 -64.02 77.76 1.36
C PRO A 24 -63.80 76.71 2.44
N GLU A 25 -63.53 75.48 2.02
CA GLU A 25 -63.31 74.39 2.96
C GLU A 25 -62.77 73.16 2.24
N LEU A 26 -61.46 72.99 2.27
CA LEU A 26 -60.81 71.85 1.62
C LEU A 26 -59.63 71.34 2.43
N GLU A 27 -58.76 70.56 1.80
CA GLU A 27 -57.59 70.02 2.47
C GLU A 27 -56.61 69.43 1.45
N ASN A 28 -55.33 69.46 1.80
CA ASN A 28 -54.29 68.93 0.91
C ASN A 28 -53.05 68.54 1.71
N ASN A 29 -52.78 67.24 1.79
CA ASN A 29 -51.63 66.73 2.52
C ASN A 29 -50.93 65.63 1.74
N LYS A 30 -49.70 65.31 2.13
CA LYS A 30 -48.92 64.28 1.46
C LYS A 30 -48.35 63.29 2.48
N THR A 31 -47.46 62.41 2.02
CA THR A 31 -46.85 61.42 2.89
C THR A 31 -45.58 60.85 2.25
N MET A 32 -44.58 60.56 3.07
CA MET A 32 -43.32 60.00 2.59
C MET A 32 -42.57 59.31 3.71
N ASN A 33 -41.91 58.20 3.38
CA ASN A 33 -41.16 57.44 4.37
C ASN A 33 -40.16 56.51 3.68
N ARG A 34 -39.05 56.23 4.36
CA ARG A 34 -38.01 55.35 3.82
C ARG A 34 -36.93 55.11 4.84
N ALA A 35 -36.52 53.84 4.98
CA ALA A 35 -35.47 53.47 5.93
C ALA A 35 -35.16 51.99 5.83
N GLU A 36 -33.90 51.64 6.10
CA GLU A 36 -33.47 50.25 6.04
C GLU A 36 -32.03 50.11 6.54
N ASN A 37 -31.64 48.89 6.91
CA ASN A 37 -30.30 48.62 7.40
C ASN A 37 -29.99 47.12 7.36
N GLY A 38 -28.77 46.77 7.74
CA GLY A 38 -28.38 45.37 7.74
C GLY A 38 -26.99 45.16 7.14
N GLY A 39 -26.01 44.93 8.02
CA GLY A 39 -24.65 44.72 7.56
C GLY A 39 -23.64 44.83 8.67
N ARG A 40 -23.34 43.70 9.32
CA ARG A 40 -22.38 43.67 10.41
C ARG A 40 -21.05 43.08 9.96
N PRO A 41 -19.99 43.38 10.71
CA PRO A 41 -18.63 42.90 10.40
C PRO A 41 -18.50 41.39 10.64
N PRO A 42 -18.32 40.64 9.55
CA PRO A 42 -18.16 39.18 9.60
C PRO A 42 -16.84 38.77 10.24
N HIS A 43 -16.84 37.60 10.87
CA HIS A 43 -15.63 37.09 11.51
C HIS A 43 -15.62 35.56 11.50
N HIS A 44 -14.42 34.99 11.40
CA HIS A 44 -14.26 33.53 11.38
C HIS A 44 -13.12 33.09 12.28
N PRO A 45 -13.17 31.82 12.72
CA PRO A 45 -12.13 31.25 13.59
C PRO A 45 -10.80 31.06 12.87
N PHE A 46 -9.82 30.54 13.60
CA PHE A 46 -8.49 30.31 13.02
C PHE A 46 -7.89 29.01 13.56
N GLU A 47 -6.92 28.48 12.83
CA GLU A 47 -6.26 27.24 13.24
C GLU A 47 -5.09 26.91 12.32
N THR A 48 -4.47 25.76 12.54
CA THR A 48 -3.33 25.33 11.73
C THR A 48 -2.91 23.91 12.08
N LYS A 49 -2.72 23.09 11.06
CA LYS A 49 -2.31 21.70 11.26
C LYS A 49 -0.89 21.48 10.76
N ASP A 50 -0.19 20.53 11.37
CA ASP A 50 1.18 20.21 10.98
C ASP A 50 1.60 18.85 11.52
N VAL A 51 2.66 18.29 10.94
CA VAL A 51 3.15 16.99 11.36
C VAL A 51 4.43 16.61 10.61
N SER A 52 5.34 15.92 11.30
CA SER A 52 6.60 15.51 10.69
C SER A 52 7.39 14.61 11.65
N GLU A 53 7.92 13.53 11.11
CA GLU A 53 8.69 12.58 11.91
C GLU A 53 9.83 11.98 11.09
N TYR A 54 10.55 11.04 11.70
CA TYR A 54 11.67 10.39 11.02
C TYR A 54 11.82 8.94 11.49
N SER A 55 10.69 8.23 11.55
CA SER A 55 10.69 6.84 11.98
C SER A 55 9.38 6.15 11.62
N CYS A 56 9.27 4.88 11.96
CA CYS A 56 8.07 4.10 11.68
C CYS A 56 6.93 4.52 12.61
N ARG A 57 5.98 5.28 12.07
CA ARG A 57 4.84 5.74 12.85
C ARG A 57 3.59 4.90 12.53
N GLU A 58 2.75 4.70 13.55
CA GLU A 58 1.54 3.92 13.37
C GLU A 58 0.50 4.70 12.56
N LEU A 59 0.19 4.17 11.38
CA LEU A 59 -0.79 4.82 10.49
C LEU A 59 -2.21 4.58 11.00
N HIS A 60 -2.81 5.64 11.55
CA HIS A 60 -4.17 5.55 12.07
C HIS A 60 -5.18 6.06 11.04
N PHE A 61 -6.02 5.16 10.55
CA PHE A 61 -7.04 5.52 9.56
C PHE A 61 -8.44 5.43 10.16
N THR A 62 -9.09 6.57 10.31
CA THR A 62 -10.44 6.62 10.86
C THR A 62 -11.47 6.93 9.78
N ARG A 63 -12.48 6.07 9.66
CA ARG A 63 -13.53 6.26 8.67
C ARG A 63 -14.76 5.41 9.01
N TYR A 64 -15.82 5.60 8.25
CA TYR A 64 -17.06 4.85 8.46
C TYR A 64 -17.07 3.58 7.63
N VAL A 65 -17.08 2.44 8.31
CA VAL A 65 -17.11 1.14 7.63
C VAL A 65 -18.53 0.70 7.33
N THR A 66 -18.68 -0.09 6.27
CA THR A 66 -20.00 -0.59 5.87
C THR A 66 -19.90 -1.98 5.25
N ASP A 67 -20.73 -2.90 5.73
CA ASP A 67 -20.75 -4.26 5.22
C ASP A 67 -22.17 -4.77 5.04
N GLY A 68 -22.65 -4.75 3.80
CA GLY A 68 -24.00 -5.21 3.52
C GLY A 68 -25.01 -4.07 3.50
N PRO A 69 -26.29 -4.41 3.69
CA PRO A 69 -27.37 -3.43 3.71
C PRO A 69 -27.32 -2.52 4.93
N CYS A 70 -26.43 -2.83 5.86
CA CYS A 70 -26.28 -2.05 7.07
C CYS A 70 -25.05 -1.13 6.99
N ARG A 71 -24.95 -0.21 7.94
CA ARG A 71 -23.83 0.73 7.97
C ARG A 71 -23.38 0.99 9.41
N SER A 72 -22.08 1.09 9.60
CA SER A 72 -21.52 1.33 10.93
C SER A 72 -22.11 2.60 11.54
N ALA A 73 -22.45 2.53 12.82
CA ALA A 73 -23.03 3.67 13.52
C ALA A 73 -21.95 4.65 13.95
N LYS A 74 -20.73 4.15 14.09
CA LYS A 74 -19.60 4.99 14.49
C LYS A 74 -18.37 4.71 13.62
N PRO A 75 -17.43 5.66 13.61
CA PRO A 75 -16.19 5.54 12.82
C PRO A 75 -15.26 4.47 13.37
N VAL A 76 -14.80 3.58 12.50
CA VAL A 76 -13.89 2.51 12.91
C VAL A 76 -12.44 2.94 12.76
N THR A 77 -11.63 2.60 13.77
CA THR A 77 -10.22 2.96 13.77
C THR A 77 -9.35 1.78 13.33
N GLU A 78 -8.57 1.99 12.28
CA GLU A 78 -7.70 0.94 11.77
C GLU A 78 -6.23 1.34 11.89
N LEU A 79 -5.43 0.46 12.50
CA LEU A 79 -4.02 0.72 12.70
C LEU A 79 -3.18 0.03 11.63
N VAL A 80 -2.23 0.76 11.05
CA VAL A 80 -1.37 0.20 10.02
C VAL A 80 0.10 0.49 10.33
N CYS A 81 0.97 -0.38 9.83
CA CYS A 81 2.41 -0.23 10.06
C CYS A 81 3.08 0.41 8.84
N SER A 82 3.66 1.58 9.05
CA SER A 82 4.33 2.31 7.98
C SER A 82 5.29 3.35 8.55
N GLY A 83 6.08 3.96 7.67
CA GLY A 83 7.03 4.97 8.10
C GLY A 83 8.47 4.52 7.94
N GLN A 84 9.30 5.39 7.36
CA GLN A 84 10.71 5.07 7.16
C GLN A 84 11.51 5.33 8.42
N CYS A 85 12.55 4.52 8.63
CA CYS A 85 13.40 4.66 9.81
C CYS A 85 14.79 5.16 9.41
N GLY A 86 15.56 5.60 10.40
CA GLY A 86 16.90 6.09 10.14
C GLY A 86 17.21 7.36 10.91
N PRO A 87 17.42 7.23 12.23
CA PRO A 87 17.73 8.37 13.09
C PRO A 87 19.12 8.94 12.83
N ALA A 88 19.88 8.25 11.99
CA ALA A 88 21.23 8.69 11.65
C ALA A 88 21.77 7.93 10.46
N ARG A 89 21.68 8.54 9.27
CA ARG A 89 22.16 7.91 8.05
C ARG A 89 23.59 8.34 7.75
N LEU A 90 24.26 7.58 6.87
CA LEU A 90 25.63 7.88 6.51
C LEU A 90 26.55 7.88 7.73
N LEU A 91 27.21 6.76 7.96
CA LEU A 91 28.12 6.62 9.10
C LEU A 91 29.57 6.76 8.65
N PRO A 92 30.45 7.13 9.60
CA PRO A 92 31.88 7.31 9.34
C PRO A 92 32.58 5.98 9.07
N ASN A 93 31.95 4.88 9.49
CA ASN A 93 32.52 3.56 9.29
C ASN A 93 31.95 2.90 8.04
N ALA A 94 31.64 3.72 7.04
CA ALA A 94 31.09 3.22 5.78
C ALA A 94 31.89 3.75 4.59
N ILE A 95 33.20 3.90 4.78
CA ILE A 95 34.06 4.39 3.71
C ILE A 95 34.06 3.45 2.52
N GLY A 96 34.70 2.29 2.67
CA GLY A 96 34.76 1.32 1.60
C GLY A 96 35.52 0.07 1.99
N ARG A 97 35.88 -0.75 1.01
CA ARG A 97 36.61 -1.97 1.25
C ARG A 97 35.79 -2.93 2.13
N GLY A 98 36.26 -4.17 2.24
CA GLY A 98 35.55 -5.15 3.05
C GLY A 98 34.94 -6.25 2.20
N LYS A 99 33.73 -6.01 1.70
CA LYS A 99 33.04 -6.99 0.88
C LYS A 99 33.02 -6.57 -0.58
N TRP A 100 32.38 -7.37 -1.43
CA TRP A 100 32.30 -7.07 -2.84
C TRP A 100 30.88 -6.67 -3.23
N TRP A 101 30.24 -5.87 -2.39
CA TRP A 101 28.88 -5.42 -2.65
C TRP A 101 27.91 -6.59 -2.66
N ARG A 102 28.35 -7.73 -2.12
CA ARG A 102 27.53 -8.93 -2.08
C ARG A 102 26.17 -8.63 -1.42
N PRO A 103 25.10 -9.17 -2.01
CA PRO A 103 23.74 -8.98 -1.52
C PRO A 103 23.50 -9.70 -0.20
N SER A 104 22.95 -8.98 0.77
CA SER A 104 22.67 -9.55 2.10
C SER A 104 21.61 -8.72 2.83
N GLY A 105 20.62 -9.41 3.39
CA GLY A 105 19.56 -8.73 4.11
C GLY A 105 18.34 -9.59 4.31
N PRO A 106 18.44 -10.56 5.25
CA PRO A 106 17.34 -11.48 5.55
C PRO A 106 16.17 -10.78 6.24
N ASP A 107 16.49 -9.98 7.25
CA ASP A 107 15.47 -9.25 8.00
C ASP A 107 15.62 -7.75 7.80
N PHE A 108 14.49 -7.04 7.83
CA PHE A 108 14.49 -5.60 7.66
C PHE A 108 13.10 -5.01 7.87
N ARG A 109 12.94 -3.73 7.54
CA ARG A 109 11.66 -3.06 7.70
C ARG A 109 11.26 -2.99 9.17
N CYS A 110 10.01 -2.62 9.42
CA CYS A 110 9.50 -2.51 10.79
C CYS A 110 8.80 -3.80 11.20
N ILE A 111 9.15 -4.30 12.38
CA ILE A 111 8.55 -5.52 12.89
C ILE A 111 7.19 -5.25 13.54
N PRO A 112 6.32 -6.26 13.54
CA PRO A 112 4.98 -6.16 14.13
C PRO A 112 5.02 -6.06 15.65
N ASP A 113 3.86 -5.83 16.25
CA ASP A 113 3.75 -5.72 17.70
C ASP A 113 2.44 -6.29 18.20
N ARG A 114 2.13 -6.04 19.47
CA ARG A 114 0.90 -6.54 20.08
C ARG A 114 -0.30 -6.27 19.17
N TYR A 115 -1.13 -7.28 18.97
CA TYR A 115 -2.30 -7.16 18.13
C TYR A 115 -3.52 -6.73 18.95
N ARG A 116 -4.60 -6.37 18.26
CA ARG A 116 -5.82 -5.93 18.92
C ARG A 116 -6.99 -5.91 17.94
N ALA A 117 -7.96 -6.79 18.18
CA ALA A 117 -9.14 -6.86 17.32
C ALA A 117 -10.26 -5.97 17.82
N GLN A 118 -10.81 -5.15 16.93
CA GLN A 118 -11.88 -4.23 17.30
C GLN A 118 -13.22 -4.73 16.76
N ARG A 119 -14.30 -4.25 17.34
CA ARG A 119 -15.65 -4.64 16.92
C ARG A 119 -16.49 -3.41 16.57
N VAL A 120 -17.23 -3.50 15.47
CA VAL A 120 -18.07 -2.39 15.03
C VAL A 120 -19.53 -2.82 14.96
N GLN A 121 -20.44 -1.87 15.19
CA GLN A 121 -21.86 -2.15 15.15
C GLN A 121 -22.51 -1.49 13.94
N LEU A 122 -23.01 -2.30 13.02
CA LEU A 122 -23.66 -1.80 11.82
C LEU A 122 -25.18 -1.84 11.96
N LEU A 123 -25.83 -0.74 11.60
CA LEU A 123 -27.29 -0.65 11.69
C LEU A 123 -27.93 -0.78 10.31
N CYS A 124 -29.12 -1.34 10.27
CA CYS A 124 -29.84 -1.52 9.01
C CYS A 124 -31.12 -0.70 8.99
N PRO A 125 -31.64 -0.45 7.77
CA PRO A 125 -32.86 0.33 7.59
C PRO A 125 -34.11 -0.42 8.08
N GLY A 126 -35.27 0.23 7.95
CA GLY A 126 -36.50 -0.39 8.38
C GLY A 126 -36.85 -1.63 7.59
N GLY A 127 -36.43 -2.79 8.10
CA GLY A 127 -36.70 -4.04 7.41
C GLY A 127 -35.66 -5.10 7.71
N GLU A 128 -34.43 -4.66 8.01
CA GLU A 128 -33.35 -5.59 8.31
C GLU A 128 -32.84 -5.37 9.74
N ALA A 129 -31.89 -6.21 10.14
CA ALA A 129 -31.31 -6.12 11.47
C ALA A 129 -29.85 -5.69 11.42
N PRO A 130 -29.33 -5.18 12.54
CA PRO A 130 -27.94 -4.73 12.64
C PRO A 130 -26.95 -5.88 12.60
N ARG A 131 -25.77 -5.61 12.06
CA ARG A 131 -24.73 -6.64 11.94
C ARG A 131 -23.42 -6.14 12.56
N ALA A 132 -22.72 -7.03 13.25
CA ALA A 132 -21.45 -6.69 13.88
C ALA A 132 -20.28 -7.12 13.00
N ARG A 133 -19.27 -6.25 12.90
CA ARG A 133 -18.09 -6.54 12.09
C ARG A 133 -16.82 -6.40 12.93
N LYS A 134 -15.99 -7.43 12.91
CA LYS A 134 -14.74 -7.43 13.66
C LYS A 134 -13.56 -7.14 12.75
N VAL A 135 -12.65 -6.27 13.20
CA VAL A 135 -11.47 -5.92 12.43
C VAL A 135 -10.19 -6.19 13.21
N ARG A 136 -9.32 -7.01 12.65
CA ARG A 136 -8.06 -7.35 13.31
C ARG A 136 -6.95 -6.40 12.87
N LEU A 137 -6.59 -5.48 13.74
CA LEU A 137 -5.54 -4.50 13.44
C LEU A 137 -4.50 -4.47 14.56
N VAL A 138 -3.23 -4.48 14.18
CA VAL A 138 -2.14 -4.43 15.16
C VAL A 138 -2.33 -3.28 16.13
N ALA A 139 -2.28 -3.59 17.42
CA ALA A 139 -2.44 -2.58 18.46
C ALA A 139 -1.21 -1.69 18.55
N SER A 140 -0.07 -2.22 18.12
CA SER A 140 1.19 -1.48 18.16
C SER A 140 2.09 -1.88 17.00
N CYS A 141 3.27 -1.25 16.93
CA CYS A 141 4.22 -1.54 15.87
C CYS A 141 5.63 -1.07 16.26
N LYS A 142 6.62 -1.89 15.93
CA LYS A 142 8.01 -1.56 16.24
C LYS A 142 8.85 -1.50 14.98
N CYS A 143 9.93 -0.72 15.01
CA CYS A 143 10.81 -0.58 13.87
C CYS A 143 12.17 -1.22 14.16
N LYS A 144 12.43 -2.36 13.52
CA LYS A 144 13.68 -3.07 13.70
C LYS A 144 14.09 -3.78 12.41
N ARG A 145 15.28 -3.45 11.91
CA ARG A 145 15.79 -4.05 10.69
C ARG A 145 17.12 -4.76 10.95
N LEU A 146 17.13 -6.07 10.69
CA LEU A 146 18.34 -6.86 10.90
C LEU A 146 19.26 -6.78 9.68
N THR A 147 20.47 -7.31 9.83
CA THR A 147 21.45 -7.29 8.75
C THR A 147 22.73 -8.02 9.15
N ARG A 148 23.48 -8.49 8.16
CA ARG A 148 24.72 -9.20 8.41
C ARG A 148 24.48 -10.44 9.27
N PHE A 149 25.57 -11.06 9.72
CA PHE A 149 25.47 -12.26 10.54
C PHE A 149 24.82 -13.40 9.76
N HIS A 150 25.64 -14.34 9.32
CA HIS A 150 25.16 -15.49 8.55
C HIS A 150 26.29 -16.48 8.26
N ASN A 151 26.30 -17.58 9.00
CA ASN A 151 27.32 -18.61 8.82
C ASN A 151 26.70 -19.94 8.41
N GLN A 152 27.52 -20.81 7.83
CA GLN A 152 27.05 -22.11 7.38
C GLN A 152 28.20 -22.97 6.89
N SER A 153 28.37 -24.14 7.51
CA SER A 153 29.44 -25.05 7.13
C SER A 153 28.95 -26.49 7.07
N GLU A 154 29.70 -27.35 6.40
CA GLU A 154 29.33 -28.75 6.26
C GLU A 154 30.44 -29.54 5.57
N LEU A 155 30.63 -30.79 6.01
CA LEU A 155 31.65 -31.65 5.44
C LEU A 155 31.19 -33.10 5.39
N LYS A 156 31.93 -33.93 4.67
CA LYS A 156 31.59 -35.35 4.55
C LYS A 156 32.85 -36.21 4.51
N ASP A 157 32.68 -37.48 4.20
CA ASP A 157 33.80 -38.41 4.13
C ASP A 157 33.39 -39.70 3.42
N PHE A 158 34.26 -40.19 2.53
CA PHE A 158 33.98 -41.41 1.79
C PHE A 158 35.28 -42.03 1.27
N GLY A 159 35.46 -43.32 1.55
CA GLY A 159 36.67 -44.01 1.10
C GLY A 159 36.38 -45.42 0.63
N THR A 160 37.43 -46.21 0.43
CA THR A 160 37.30 -47.58 -0.03
C THR A 160 38.61 -48.34 0.10
N GLU A 161 38.56 -49.50 0.73
CA GLU A 161 39.75 -50.33 0.92
C GLU A 161 39.38 -51.81 1.01
N ALA A 162 40.36 -52.67 0.75
CA ALA A 162 40.13 -54.11 0.81
C ALA A 162 41.43 -54.87 0.55
N ALA A 163 41.56 -56.05 1.16
CA ALA A 163 42.74 -56.88 1.00
C ALA A 163 42.37 -58.34 0.84
N ARG A 164 43.34 -59.16 0.44
CA ARG A 164 43.12 -60.59 0.24
C ARG A 164 44.08 -61.41 1.10
N PRO A 165 43.72 -62.68 1.32
CA PRO A 165 44.53 -63.60 2.13
C PRO A 165 45.83 -63.99 1.42
N GLN A 166 46.64 -64.81 2.09
CA GLN A 166 47.91 -65.25 1.53
C GLN A 166 48.39 -66.53 2.21
N LYS A 167 49.07 -67.38 1.45
CA LYS A 167 49.59 -68.62 1.98
C LYS A 167 50.67 -69.21 1.07
N GLY A 168 51.29 -70.29 1.51
CA GLY A 168 52.34 -70.92 0.72
C GLY A 168 52.50 -72.40 1.04
N ARG A 169 53.41 -73.06 0.32
CA ARG A 169 53.65 -74.48 0.54
C ARG A 169 55.05 -74.87 0.05
N LYS A 170 55.39 -76.14 0.22
CA LYS A 170 56.69 -76.65 -0.21
C LYS A 170 56.68 -78.16 -0.32
N PRO A 171 57.30 -78.68 -1.39
CA PRO A 171 57.37 -80.13 -1.62
C PRO A 171 58.28 -80.84 -0.63
N ARG A 172 57.97 -82.10 -0.33
CA ARG A 172 58.76 -82.88 0.61
C ARG A 172 58.72 -84.36 0.25
N PRO A 173 59.40 -84.73 -0.85
CA PRO A 173 59.46 -86.12 -1.32
C PRO A 173 60.26 -87.01 -0.39
N ARG A 174 59.99 -88.31 -0.45
CA ARG A 174 60.68 -89.28 0.39
C ARG A 174 62.02 -89.67 -0.23
N ALA A 175 62.88 -90.29 0.56
CA ALA A 175 64.19 -90.72 0.09
C ALA A 175 64.38 -92.23 0.27
N ARG A 176 64.80 -92.89 -0.80
CA ARG A 176 65.01 -94.34 -0.76
C ARG A 176 66.41 -94.69 -1.25
N SER A 177 66.87 -95.89 -0.91
CA SER A 177 68.19 -96.35 -1.32
C SER A 177 68.17 -97.83 -1.69
N ALA A 178 69.25 -98.31 -2.28
CA ALA A 178 69.35 -99.70 -2.69
C ALA A 178 70.68 -100.31 -2.24
N LYS A 179 70.64 -101.57 -1.83
CA LYS A 179 71.84 -102.26 -1.38
C LYS A 179 71.84 -103.72 -1.84
N ALA A 180 73.00 -104.34 -1.82
CA ALA A 180 73.14 -105.73 -2.24
C ALA A 180 74.48 -106.31 -1.80
N ASN A 181 74.45 -107.57 -1.37
CA ASN A 181 75.66 -108.25 -0.92
C ASN A 181 75.89 -109.54 -1.69
N GLN A 182 77.07 -110.12 -1.53
CA GLN A 182 77.41 -111.37 -2.22
C GLN A 182 78.21 -112.29 -1.31
N ALA A 183 77.69 -113.49 -1.07
CA ALA A 183 78.36 -114.46 -0.22
C ALA A 183 79.01 -115.56 -1.05
N GLU A 184 80.26 -115.87 -0.73
CA GLU A 184 81.00 -116.90 -1.46
C GLU A 184 81.39 -118.04 -0.52
N LEU A 185 81.95 -119.11 -1.10
CA LEU A 185 82.36 -120.26 -0.32
C LEU A 185 83.57 -120.95 -0.95
N GLU A 186 84.72 -120.30 -0.88
CA GLU A 186 85.95 -120.83 -1.45
C GLU A 186 86.30 -122.18 -0.81
N ASN A 187 86.85 -123.08 -1.62
CA ASN A 187 87.22 -124.41 -1.13
C ASN A 187 88.62 -124.79 -1.63
N ALA A 188 89.58 -124.73 -0.73
CA ALA A 188 90.96 -125.08 -1.06
C ALA A 188 91.51 -126.15 -0.13
N TYR A 189 92.61 -126.77 -0.54
CA TYR A 189 93.23 -127.83 0.26
C TYR A 189 93.50 -127.34 1.68
N GLY A 1 -49.68 138.92 73.46
CA GLY A 1 -48.40 138.30 73.19
C GLY A 1 -48.19 137.03 74.00
N TRP A 2 -46.94 136.77 74.40
CA TRP A 2 -46.62 135.59 75.17
C TRP A 2 -47.04 134.32 74.43
N GLN A 3 -46.27 133.96 73.40
CA GLN A 3 -46.57 132.77 72.61
C GLN A 3 -45.31 132.27 71.90
N ALA A 4 -45.40 131.06 71.34
CA ALA A 4 -44.27 130.47 70.63
C ALA A 4 -44.74 129.71 69.39
N PHE A 5 -43.80 129.04 68.73
CA PHE A 5 -44.12 128.27 67.52
C PHE A 5 -43.16 127.10 67.36
N LYS A 6 -43.70 125.97 66.92
CA LYS A 6 -42.88 124.77 66.72
C LYS A 6 -42.48 124.64 65.25
N ASN A 7 -41.22 124.26 65.02
CA ASN A 7 -40.71 124.09 63.67
C ASN A 7 -40.98 122.68 63.16
N ASP A 8 -40.83 122.49 61.86
CA ASP A 8 -41.04 121.18 61.24
C ASP A 8 -39.81 120.29 61.40
N ALA A 9 -39.98 119.00 61.15
CA ALA A 9 -38.89 118.04 61.26
C ALA A 9 -38.79 117.18 60.01
N THR A 10 -39.04 117.78 58.85
CA THR A 10 -38.98 117.07 57.58
C THR A 10 -37.62 117.25 56.92
N GLU A 11 -36.63 116.49 57.38
CA GLU A 11 -35.29 116.57 56.82
C GLU A 11 -35.00 115.37 55.92
N ILE A 12 -33.94 115.49 55.12
CA ILE A 12 -33.56 114.42 54.21
C ILE A 12 -32.14 113.93 54.49
N ILE A 13 -32.04 112.79 55.15
CA ILE A 13 -30.74 112.21 55.50
C ILE A 13 -30.53 110.88 54.77
N PRO A 14 -30.28 110.95 53.46
CA PRO A 14 -30.06 109.75 52.64
C PRO A 14 -28.73 109.07 52.95
N GLU A 15 -28.51 107.91 52.34
CA GLU A 15 -27.28 107.16 52.55
C GLU A 15 -26.78 106.54 51.26
N LEU A 16 -25.90 105.55 51.38
CA LEU A 16 -25.34 104.87 50.21
C LEU A 16 -26.28 103.77 49.73
N GLY A 17 -26.21 103.47 48.43
CA GLY A 17 -27.06 102.43 47.87
C GLY A 17 -26.31 101.52 46.92
N GLU A 18 -25.46 102.11 46.09
CA GLU A 18 -24.67 101.34 45.13
C GLU A 18 -25.56 100.42 44.32
N TYR A 19 -26.20 100.96 43.29
CA TYR A 19 -27.09 100.19 42.43
C TYR A 19 -26.66 100.29 40.97
N PRO A 20 -25.52 99.68 40.63
CA PRO A 20 -24.97 99.70 39.27
C PRO A 20 -25.81 98.86 38.31
N GLU A 21 -25.56 99.04 37.02
CA GLU A 21 -26.30 98.30 36.00
C GLU A 21 -25.41 98.00 34.80
N PRO A 22 -24.44 97.09 34.99
CA PRO A 22 -23.50 96.69 33.93
C PRO A 22 -24.18 95.90 32.83
N PRO A 23 -23.46 95.71 31.70
CA PRO A 23 -23.98 94.96 30.56
C PRO A 23 -24.09 93.46 30.84
N PRO A 24 -24.78 92.74 29.95
CA PRO A 24 -24.98 91.29 30.09
C PRO A 24 -23.69 90.51 29.87
N GLU A 25 -23.69 89.24 30.29
CA GLU A 25 -22.52 88.39 30.14
C GLU A 25 -22.90 86.92 30.22
N LEU A 26 -23.05 86.28 29.07
CA LEU A 26 -23.42 84.87 29.01
C LEU A 26 -22.83 84.20 27.78
N GLU A 27 -23.35 83.02 27.44
CA GLU A 27 -22.89 82.29 26.27
C GLU A 27 -24.07 81.75 25.47
N ASN A 28 -23.76 81.11 24.33
CA ASN A 28 -24.79 80.55 23.47
C ASN A 28 -24.62 79.05 23.32
N ASN A 29 -25.51 78.43 22.56
CA ASN A 29 -25.47 76.98 22.34
C ASN A 29 -24.34 76.62 21.39
N LYS A 30 -23.59 75.58 21.75
CA LYS A 30 -22.47 75.12 20.92
C LYS A 30 -22.11 73.68 21.25
N THR A 31 -21.63 72.95 20.25
CA THR A 31 -21.26 71.56 20.42
C THR A 31 -20.32 71.09 19.31
N MET A 32 -19.29 70.36 19.69
CA MET A 32 -18.32 69.84 18.72
C MET A 32 -17.36 68.86 19.37
N ASN A 33 -16.85 67.93 18.58
CA ASN A 33 -15.92 66.92 19.08
C ASN A 33 -15.21 66.21 17.93
N ARG A 34 -14.06 65.61 18.22
CA ARG A 34 -13.29 64.90 17.22
C ARG A 34 -12.99 63.47 17.67
N ALA A 35 -12.63 62.62 16.73
CA ALA A 35 -12.31 61.23 17.03
C ALA A 35 -11.78 60.50 15.80
N GLU A 36 -11.12 59.37 16.02
CA GLU A 36 -10.56 58.58 14.92
C GLU A 36 -10.33 57.14 15.35
N ASN A 37 -9.67 56.37 14.49
CA ASN A 37 -9.38 54.97 14.79
C ASN A 37 -8.46 54.37 13.72
N GLY A 38 -8.00 53.16 13.98
CA GLY A 38 -7.11 52.49 13.03
C GLY A 38 -6.07 51.64 13.73
N GLY A 39 -5.38 50.81 12.96
CA GLY A 39 -4.35 49.95 13.52
C GLY A 39 -4.27 48.60 12.82
N ARG A 40 -3.30 48.46 11.93
CA ARG A 40 -3.13 47.21 11.19
C ARG A 40 -1.65 46.96 10.90
N PRO A 41 -0.89 46.59 11.94
CA PRO A 41 0.55 46.31 11.82
C PRO A 41 0.82 45.03 11.05
N PRO A 42 2.10 44.83 10.67
CA PRO A 42 2.52 43.64 9.92
C PRO A 42 2.47 42.37 10.77
N HIS A 43 2.72 41.24 10.14
CA HIS A 43 2.71 39.95 10.84
C HIS A 43 3.09 38.82 9.90
N HIS A 44 4.16 38.11 10.23
CA HIS A 44 4.63 36.99 9.42
C HIS A 44 5.78 36.26 10.10
N PRO A 45 5.46 35.50 11.15
CA PRO A 45 6.46 34.74 11.92
C PRO A 45 7.03 33.57 11.12
N PHE A 46 8.06 32.93 11.67
CA PHE A 46 8.69 31.79 11.01
C PHE A 46 9.33 30.86 12.04
N GLU A 47 9.72 29.68 11.58
CA GLU A 47 10.35 28.69 12.46
C GLU A 47 10.86 27.49 11.65
N THR A 48 11.45 26.54 12.35
CA THR A 48 11.98 25.34 11.70
C THR A 48 12.10 24.18 12.69
N LYS A 49 11.42 23.09 12.39
CA LYS A 49 11.44 21.90 13.25
C LYS A 49 11.64 20.64 12.43
N ASP A 50 11.96 19.55 13.11
CA ASP A 50 12.18 18.27 12.45
C ASP A 50 11.97 17.11 13.41
N VAL A 51 11.13 16.15 13.03
CA VAL A 51 10.84 14.99 13.87
C VAL A 51 10.48 13.78 13.02
N SER A 52 10.32 12.64 13.67
CA SER A 52 9.97 11.40 12.97
C SER A 52 9.47 10.35 13.96
N GLU A 53 8.48 10.72 14.76
CA GLU A 53 7.91 9.80 15.75
C GLU A 53 9.00 9.25 16.66
N TYR A 54 8.61 8.31 17.52
CA TYR A 54 9.55 7.70 18.45
C TYR A 54 10.37 6.61 17.76
N SER A 55 9.73 5.47 17.50
CA SER A 55 10.41 4.36 16.84
C SER A 55 9.93 4.21 15.40
N CYS A 56 8.72 3.70 15.23
CA CYS A 56 8.14 3.50 13.91
C CYS A 56 6.87 4.32 13.74
N ARG A 57 6.75 5.01 12.61
CA ARG A 57 5.59 5.83 12.33
C ARG A 57 4.33 4.98 12.25
N GLU A 58 3.24 5.49 12.80
CA GLU A 58 1.96 4.77 12.81
C GLU A 58 0.92 5.52 11.98
N LEU A 59 0.50 4.91 10.88
CA LEU A 59 -0.50 5.52 10.00
C LEU A 59 -1.91 5.22 10.49
N HIS A 60 -2.66 6.26 10.84
CA HIS A 60 -4.03 6.11 11.32
C HIS A 60 -5.02 6.36 10.19
N PHE A 61 -5.76 5.32 9.81
CA PHE A 61 -6.75 5.43 8.75
C PHE A 61 -8.16 5.29 9.30
N THR A 62 -8.92 6.38 9.26
CA THR A 62 -10.29 6.37 9.77
C THR A 62 -11.29 6.46 8.62
N ARG A 63 -12.45 5.82 8.82
CA ARG A 63 -13.50 5.82 7.80
C ARG A 63 -14.71 5.03 8.27
N TYR A 64 -15.83 5.18 7.55
CA TYR A 64 -17.06 4.48 7.90
C TYR A 64 -17.14 3.15 7.16
N VAL A 65 -17.39 2.08 7.91
CA VAL A 65 -17.51 0.75 7.33
C VAL A 65 -18.97 0.36 7.12
N THR A 66 -19.22 -0.46 6.10
CA THR A 66 -20.57 -0.90 5.79
C THR A 66 -20.57 -2.32 5.24
N ASP A 67 -21.41 -3.18 5.82
CA ASP A 67 -21.51 -4.56 5.38
C ASP A 67 -22.96 -4.97 5.20
N GLY A 68 -23.42 -4.98 3.94
CA GLY A 68 -24.78 -5.36 3.65
C GLY A 68 -25.73 -4.18 3.69
N PRO A 69 -27.02 -4.45 3.90
CA PRO A 69 -28.06 -3.41 3.96
C PRO A 69 -27.93 -2.53 5.20
N CYS A 70 -27.02 -2.91 6.09
CA CYS A 70 -26.79 -2.15 7.33
C CYS A 70 -25.54 -1.31 7.23
N ARG A 71 -25.48 -0.24 8.01
CA ARG A 71 -24.32 0.65 8.01
C ARG A 71 -23.80 0.84 9.42
N SER A 72 -22.47 0.87 9.55
CA SER A 72 -21.82 1.04 10.85
C SER A 72 -22.30 2.32 11.52
N ALA A 73 -22.60 2.22 12.82
CA ALA A 73 -23.06 3.37 13.59
C ALA A 73 -21.93 4.35 13.84
N LYS A 74 -20.70 3.88 13.71
CA LYS A 74 -19.53 4.72 13.93
C LYS A 74 -18.36 4.26 13.05
N PRO A 75 -17.38 5.15 12.86
CA PRO A 75 -16.20 4.86 12.05
C PRO A 75 -15.28 3.86 12.71
N VAL A 76 -14.20 3.51 12.02
CA VAL A 76 -13.22 2.55 12.56
C VAL A 76 -11.86 3.21 12.74
N THR A 77 -10.86 2.39 13.06
CA THR A 77 -9.50 2.88 13.27
C THR A 77 -8.46 1.91 12.73
N GLU A 78 -7.79 2.29 11.65
CA GLU A 78 -6.78 1.44 11.04
C GLU A 78 -5.38 1.88 11.47
N LEU A 79 -4.46 0.92 11.54
CA LEU A 79 -3.09 1.21 11.93
C LEU A 79 -2.10 0.51 11.00
N VAL A 80 -1.32 1.31 10.27
CA VAL A 80 -0.33 0.77 9.34
C VAL A 80 1.08 0.93 9.89
N CYS A 81 1.96 0.00 9.54
CA CYS A 81 3.34 0.04 10.00
C CYS A 81 4.26 0.62 8.93
N SER A 82 4.90 1.74 9.25
CA SER A 82 5.79 2.41 8.31
C SER A 82 6.72 3.37 9.04
N GLY A 83 7.84 3.71 8.40
CA GLY A 83 8.80 4.60 9.01
C GLY A 83 10.21 4.07 8.96
N GLN A 84 11.17 4.90 9.37
CA GLN A 84 12.58 4.50 9.38
C GLN A 84 13.31 5.10 10.56
N CYS A 85 14.07 4.26 11.27
CA CYS A 85 14.83 4.70 12.43
C CYS A 85 16.32 4.48 12.23
N GLY A 86 17.12 4.97 13.17
CA GLY A 86 18.56 4.81 13.08
C GLY A 86 19.25 5.00 14.42
N PRO A 87 20.59 5.10 14.39
CA PRO A 87 21.40 5.29 15.60
C PRO A 87 21.20 6.66 16.24
N ALA A 88 21.93 6.92 17.31
CA ALA A 88 21.84 8.20 18.01
C ALA A 88 20.41 8.47 18.46
N ARG A 89 20.10 8.06 19.69
CA ARG A 89 18.77 8.26 20.25
C ARG A 89 18.37 9.73 20.21
N LEU A 90 17.09 10.00 20.42
CA LEU A 90 16.59 11.37 20.40
C LEU A 90 17.32 12.23 21.42
N LEU A 91 17.29 13.54 21.23
CA LEU A 91 17.95 14.48 22.13
C LEU A 91 17.24 14.54 23.48
N PRO A 92 17.94 15.01 24.51
CA PRO A 92 17.39 15.14 25.87
C PRO A 92 16.32 16.23 25.96
N ASN A 93 16.34 17.15 25.00
CA ASN A 93 15.37 18.24 24.98
C ASN A 93 15.38 18.94 23.63
N ALA A 94 14.45 18.57 22.76
CA ALA A 94 14.35 19.17 21.43
C ALA A 94 12.93 19.04 20.88
N ILE A 95 11.95 19.18 21.76
CA ILE A 95 10.54 19.08 21.36
C ILE A 95 10.05 20.40 20.79
N GLY A 96 8.77 20.43 20.41
CA GLY A 96 8.19 21.65 19.85
C GLY A 96 7.04 21.35 18.91
N ARG A 97 7.05 20.16 18.32
CA ARG A 97 6.00 19.76 17.38
C ARG A 97 6.00 20.67 16.15
N GLY A 98 6.51 20.15 15.04
CA GLY A 98 6.56 20.92 13.82
C GLY A 98 6.12 20.12 12.60
N LYS A 99 6.99 20.02 11.61
CA LYS A 99 6.69 19.27 10.39
C LYS A 99 7.89 18.43 9.96
N TRP A 100 7.63 17.46 9.08
CA TRP A 100 8.70 16.60 8.58
C TRP A 100 8.54 16.35 7.09
N TRP A 101 9.66 16.30 6.38
CA TRP A 101 9.64 16.08 4.94
C TRP A 101 10.89 15.31 4.50
N ARG A 102 11.44 14.52 5.41
CA ARG A 102 12.63 13.72 5.11
C ARG A 102 12.35 12.72 4.00
N PRO A 103 13.43 12.23 3.36
CA PRO A 103 13.32 11.25 2.27
C PRO A 103 12.86 9.89 2.76
N SER A 104 12.90 8.89 1.87
CA SER A 104 12.49 7.55 2.21
C SER A 104 13.09 6.53 1.23
N GLY A 105 14.06 5.77 1.71
CA GLY A 105 14.71 4.77 0.87
C GLY A 105 14.98 3.48 1.62
N PRO A 106 15.47 2.46 0.89
CA PRO A 106 15.77 1.15 1.46
C PRO A 106 16.98 1.19 2.39
N ASP A 107 16.74 0.95 3.68
CA ASP A 107 17.80 0.97 4.68
C ASP A 107 17.41 0.13 5.89
N PHE A 108 16.51 0.67 6.71
CA PHE A 108 16.06 -0.03 7.90
C PHE A 108 14.76 -0.77 7.65
N ARG A 109 14.20 -1.36 8.70
CA ARG A 109 12.95 -2.10 8.59
C ARG A 109 12.15 -2.01 9.88
N CYS A 110 10.82 -2.05 9.75
CA CYS A 110 9.94 -1.97 10.91
C CYS A 110 9.26 -3.31 11.16
N ILE A 111 9.22 -3.72 12.43
CA ILE A 111 8.59 -4.98 12.81
C ILE A 111 7.21 -4.76 13.38
N PRO A 112 6.27 -5.65 13.05
CA PRO A 112 4.88 -5.57 13.53
C PRO A 112 4.77 -5.87 15.02
N ASP A 113 3.76 -5.28 15.66
CA ASP A 113 3.54 -5.49 17.08
C ASP A 113 2.17 -6.11 17.34
N ARG A 114 1.80 -6.19 18.61
CA ARG A 114 0.51 -6.77 19.00
C ARG A 114 -0.63 -6.14 18.18
N TYR A 115 -1.67 -6.93 17.93
CA TYR A 115 -2.82 -6.45 17.17
C TYR A 115 -4.00 -6.17 18.09
N ARG A 116 -5.07 -5.63 17.51
CA ARG A 116 -6.27 -5.30 18.28
C ARG A 116 -7.53 -5.65 17.50
N ALA A 117 -8.27 -6.63 18.00
CA ALA A 117 -9.50 -7.07 17.36
C ALA A 117 -10.72 -6.36 17.95
N GLN A 118 -11.33 -5.47 17.16
CA GLN A 118 -12.50 -4.72 17.61
C GLN A 118 -13.74 -5.19 16.88
N ARG A 119 -14.88 -5.13 17.55
CA ARG A 119 -16.15 -5.54 16.97
C ARG A 119 -17.01 -4.33 16.62
N VAL A 120 -17.37 -4.21 15.35
CA VAL A 120 -18.19 -3.09 14.89
C VAL A 120 -19.67 -3.46 14.89
N GLN A 121 -20.52 -2.47 15.08
CA GLN A 121 -21.97 -2.69 15.10
C GLN A 121 -22.65 -1.94 13.97
N LEU A 122 -23.26 -2.69 13.05
CA LEU A 122 -23.94 -2.08 11.92
C LEU A 122 -25.45 -2.07 12.14
N LEU A 123 -26.08 -0.94 11.83
CA LEU A 123 -27.52 -0.80 12.00
C LEU A 123 -28.24 -0.84 10.65
N CYS A 124 -29.46 -1.33 10.66
CA CYS A 124 -30.25 -1.44 9.44
C CYS A 124 -31.49 -0.54 9.50
N PRO A 125 -32.06 -0.23 8.33
CA PRO A 125 -33.25 0.62 8.24
C PRO A 125 -34.49 -0.07 8.78
N GLY A 126 -35.63 0.64 8.71
CA GLY A 126 -36.88 0.07 9.19
C GLY A 126 -37.32 -1.13 8.38
N GLY A 127 -36.94 -2.32 8.85
CA GLY A 127 -37.32 -3.54 8.15
C GLY A 127 -36.31 -4.66 8.35
N GLU A 128 -35.10 -4.29 8.76
CA GLU A 128 -34.05 -5.27 9.00
C GLU A 128 -33.45 -5.11 10.40
N ALA A 129 -32.49 -5.96 10.73
CA ALA A 129 -31.84 -5.91 12.03
C ALA A 129 -30.35 -5.62 11.88
N PRO A 130 -29.72 -5.16 12.98
CA PRO A 130 -28.30 -4.83 13.00
C PRO A 130 -27.42 -6.07 12.91
N ARG A 131 -26.11 -5.86 12.82
CA ARG A 131 -25.16 -6.96 12.72
C ARG A 131 -23.83 -6.58 13.36
N ALA A 132 -22.99 -7.59 13.61
CA ALA A 132 -21.68 -7.36 14.21
C ALA A 132 -20.57 -7.88 13.31
N ARG A 133 -19.60 -7.01 13.02
CA ARG A 133 -18.47 -7.38 12.16
C ARG A 133 -17.15 -7.18 12.89
N LYS A 134 -16.34 -8.24 12.95
CA LYS A 134 -15.05 -8.17 13.61
C LYS A 134 -13.97 -7.68 12.66
N VAL A 135 -13.08 -6.84 13.17
CA VAL A 135 -11.99 -6.30 12.37
C VAL A 135 -10.68 -6.29 13.15
N ARG A 136 -9.77 -7.19 12.79
CA ARG A 136 -8.48 -7.28 13.46
C ARG A 136 -7.46 -6.36 12.80
N LEU A 137 -7.15 -5.25 13.46
CA LEU A 137 -6.20 -4.29 12.95
C LEU A 137 -5.01 -4.13 13.90
N VAL A 138 -3.86 -3.78 13.34
CA VAL A 138 -2.65 -3.59 14.13
C VAL A 138 -2.91 -2.66 15.32
N ALA A 139 -2.32 -3.00 16.46
CA ALA A 139 -2.49 -2.20 17.67
C ALA A 139 -1.23 -1.38 17.97
N SER A 140 -0.08 -1.98 17.71
CA SER A 140 1.20 -1.30 17.95
C SER A 140 2.17 -1.57 16.80
N CYS A 141 3.39 -1.05 16.95
CA CYS A 141 4.42 -1.24 15.93
C CYS A 141 5.78 -0.74 16.44
N LYS A 142 6.84 -1.41 16.03
CA LYS A 142 8.19 -1.04 16.42
C LYS A 142 9.14 -1.01 15.23
N CYS A 143 10.19 -0.21 15.32
CA CYS A 143 11.16 -0.09 14.24
C CYS A 143 12.46 -0.80 14.61
N LYS A 144 12.71 -1.93 13.95
CA LYS A 144 13.91 -2.71 14.20
C LYS A 144 14.37 -3.42 12.92
N ARG A 145 15.66 -3.32 12.64
CA ARG A 145 16.23 -3.95 11.45
C ARG A 145 16.26 -5.47 11.59
N LEU A 146 16.31 -6.17 10.47
CA LEU A 146 16.33 -7.63 10.47
C LEU A 146 17.75 -8.15 10.27
N THR A 147 18.06 -9.29 10.88
CA THR A 147 19.37 -9.90 10.76
C THR A 147 19.27 -11.39 10.49
N ARG A 148 20.36 -11.97 9.99
CA ARG A 148 20.39 -13.40 9.69
C ARG A 148 21.56 -14.08 10.39
N PHE A 149 21.48 -15.40 10.53
CA PHE A 149 22.53 -16.17 11.18
C PHE A 149 22.60 -17.58 10.62
N HIS A 150 23.63 -18.32 11.00
CA HIS A 150 23.82 -19.69 10.53
C HIS A 150 25.01 -20.34 11.24
N ASN A 151 25.17 -21.64 11.01
CA ASN A 151 26.27 -22.39 11.62
C ASN A 151 26.59 -23.65 10.81
N GLN A 152 27.48 -24.48 11.35
CA GLN A 152 27.87 -25.71 10.68
C GLN A 152 28.69 -26.60 11.61
N SER A 153 28.51 -27.91 11.46
CA SER A 153 29.23 -28.88 12.29
C SER A 153 28.95 -30.30 11.83
N GLU A 154 29.88 -31.20 12.14
CA GLU A 154 29.73 -32.61 11.76
C GLU A 154 30.40 -33.52 12.78
N LEU A 155 30.50 -34.80 12.44
CA LEU A 155 31.12 -35.78 13.34
C LEU A 155 31.63 -36.99 12.55
N LYS A 156 32.30 -37.90 13.24
CA LYS A 156 32.83 -39.10 12.62
C LYS A 156 32.58 -40.33 13.48
N ASP A 157 33.14 -41.46 13.08
CA ASP A 157 32.98 -42.71 13.82
C ASP A 157 33.85 -43.81 13.24
N PHE A 158 34.10 -44.84 14.04
CA PHE A 158 34.92 -45.96 13.60
C PHE A 158 34.41 -47.28 14.17
N GLY A 159 35.22 -48.32 14.07
CA GLY A 159 34.84 -49.63 14.59
C GLY A 159 35.91 -50.68 14.37
N THR A 160 35.88 -51.72 15.19
CA THR A 160 36.85 -52.80 15.09
C THR A 160 36.45 -53.99 15.95
N GLU A 161 36.73 -55.20 15.46
CA GLU A 161 36.39 -56.41 16.18
C GLU A 161 37.59 -57.33 16.30
N ALA A 162 37.39 -58.51 16.86
CA ALA A 162 38.47 -59.48 17.04
C ALA A 162 37.91 -60.88 17.27
N ALA A 163 38.79 -61.88 17.27
CA ALA A 163 38.40 -63.26 17.48
C ALA A 163 39.44 -64.01 18.29
N ARG A 164 38.98 -64.90 19.17
CA ARG A 164 39.87 -65.69 20.01
C ARG A 164 39.47 -67.16 19.99
N PRO A 165 40.49 -68.05 19.90
CA PRO A 165 40.26 -69.49 19.87
C PRO A 165 39.78 -70.03 21.22
N GLN A 166 39.37 -71.29 21.23
CA GLN A 166 38.88 -71.92 22.46
C GLN A 166 39.26 -73.40 22.48
N LYS A 167 39.54 -73.91 23.68
CA LYS A 167 39.91 -75.32 23.85
C LYS A 167 38.77 -76.10 24.49
N GLY A 168 38.43 -77.23 23.89
CA GLY A 168 37.36 -78.06 24.42
C GLY A 168 37.76 -79.52 24.53
N ARG A 169 36.81 -80.37 24.92
CA ARG A 169 37.07 -81.79 25.06
C ARG A 169 35.76 -82.58 25.09
N LYS A 170 35.87 -83.90 25.17
CA LYS A 170 34.70 -84.77 25.21
C LYS A 170 34.68 -85.61 26.48
N PRO A 171 33.48 -86.07 26.86
CA PRO A 171 33.30 -86.88 28.06
C PRO A 171 33.91 -88.28 27.93
N ARG A 172 33.95 -89.02 29.02
CA ARG A 172 34.51 -90.37 29.02
C ARG A 172 34.04 -91.15 30.24
N PRO A 173 32.75 -91.53 30.25
CA PRO A 173 32.16 -92.28 31.36
C PRO A 173 32.67 -93.72 31.42
N ARG A 174 33.06 -94.15 32.61
CA ARG A 174 33.57 -95.51 32.81
C ARG A 174 32.46 -96.53 32.63
N ALA A 175 32.63 -97.42 31.65
CA ALA A 175 31.64 -98.46 31.38
C ALA A 175 32.01 -99.76 32.06
N ARG A 176 31.56 -99.92 33.31
CA ARG A 176 31.85 -101.13 34.08
C ARG A 176 30.74 -102.17 33.89
N SER A 177 31.14 -103.36 33.45
CA SER A 177 30.18 -104.44 33.23
C SER A 177 30.53 -105.65 34.08
N ALA A 178 29.54 -106.15 34.82
CA ALA A 178 29.75 -107.32 35.68
C ALA A 178 28.42 -107.97 36.04
N LYS A 179 27.62 -107.27 36.84
CA LYS A 179 26.32 -107.78 37.26
C LYS A 179 26.48 -109.07 38.05
N ALA A 180 25.35 -109.65 38.46
CA ALA A 180 25.36 -110.89 39.22
C ALA A 180 23.94 -111.38 39.49
N ASN A 181 23.67 -112.63 39.11
CA ASN A 181 22.36 -113.22 39.31
C ASN A 181 22.40 -114.74 39.12
N GLN A 182 21.26 -115.39 39.33
CA GLN A 182 21.17 -116.84 39.17
C GLN A 182 19.72 -117.28 38.99
N ALA A 183 18.82 -116.69 39.78
CA ALA A 183 17.41 -117.03 39.69
C ALA A 183 17.17 -118.49 40.04
N GLU A 184 15.90 -118.89 40.04
CA GLU A 184 15.53 -120.26 40.36
C GLU A 184 14.35 -120.73 39.52
N LEU A 185 14.34 -122.01 39.18
CA LEU A 185 13.26 -122.58 38.37
C LEU A 185 13.19 -124.09 38.55
N GLU A 186 13.63 -124.57 39.71
CA GLU A 186 13.61 -125.99 40.00
C GLU A 186 12.57 -126.32 41.07
N ASN A 187 11.44 -126.89 40.64
CA ASN A 187 10.37 -127.25 41.56
C ASN A 187 10.54 -128.67 42.06
N ALA A 188 9.71 -129.05 43.03
CA ALA A 188 9.76 -130.39 43.60
C ALA A 188 8.38 -130.87 44.02
N TYR A 189 8.00 -132.05 43.54
CA TYR A 189 6.69 -132.61 43.86
C TYR A 189 6.84 -134.00 44.49
N GLY A 1 -33.80 -1.29 -100.64
CA GLY A 1 -33.00 -0.28 -99.97
C GLY A 1 -31.57 -0.22 -100.50
N TRP A 2 -30.80 0.74 -100.02
CA TRP A 2 -29.42 0.91 -100.45
C TRP A 2 -28.64 -0.38 -100.26
N GLN A 3 -27.39 -0.39 -100.73
CA GLN A 3 -26.53 -1.56 -100.61
C GLN A 3 -25.58 -1.42 -99.43
N ALA A 4 -25.78 -2.23 -98.40
CA ALA A 4 -24.94 -2.19 -97.21
C ALA A 4 -25.01 -3.51 -96.46
N PHE A 5 -24.31 -3.58 -95.32
CA PHE A 5 -24.29 -4.78 -94.51
C PHE A 5 -24.78 -4.50 -93.09
N LYS A 6 -25.85 -5.18 -92.70
CA LYS A 6 -26.42 -5.00 -91.37
C LYS A 6 -26.92 -6.33 -90.80
N ASN A 7 -27.23 -6.34 -89.51
CA ASN A 7 -27.72 -7.54 -88.86
C ASN A 7 -28.84 -7.20 -87.85
N ASP A 8 -28.45 -6.57 -86.75
CA ASP A 8 -29.41 -6.18 -85.73
C ASP A 8 -28.91 -4.97 -84.94
N ALA A 9 -29.66 -4.60 -83.91
CA ALA A 9 -29.29 -3.45 -83.08
C ALA A 9 -27.99 -3.72 -82.33
N THR A 10 -27.75 -2.95 -81.27
CA THR A 10 -26.54 -3.10 -80.47
C THR A 10 -26.72 -4.16 -79.40
N GLU A 11 -26.05 -3.96 -78.26
CA GLU A 11 -26.13 -4.91 -77.15
C GLU A 11 -27.28 -4.55 -76.21
N ILE A 12 -28.06 -5.55 -75.83
CA ILE A 12 -29.19 -5.34 -74.94
C ILE A 12 -29.33 -6.49 -73.94
N ILE A 13 -28.66 -6.36 -72.81
CA ILE A 13 -28.71 -7.39 -71.78
C ILE A 13 -28.97 -6.79 -70.40
N PRO A 14 -30.21 -6.34 -70.16
CA PRO A 14 -30.61 -5.73 -68.89
C PRO A 14 -30.65 -6.74 -67.76
N GLU A 15 -30.78 -6.24 -66.52
CA GLU A 15 -30.82 -7.10 -65.35
C GLU A 15 -31.81 -6.57 -64.32
N LEU A 16 -31.68 -7.02 -63.09
CA LEU A 16 -32.57 -6.60 -62.01
C LEU A 16 -31.98 -5.42 -61.25
N GLY A 17 -32.84 -4.54 -60.77
CA GLY A 17 -32.39 -3.38 -60.02
C GLY A 17 -33.52 -2.63 -59.35
N GLU A 18 -34.47 -3.38 -58.80
CA GLU A 18 -35.62 -2.79 -58.12
C GLU A 18 -35.80 -3.38 -56.73
N TYR A 19 -34.71 -3.45 -55.97
CA TYR A 19 -34.75 -4.01 -54.62
C TYR A 19 -34.35 -2.97 -53.59
N PRO A 20 -35.20 -1.95 -53.42
CA PRO A 20 -34.95 -0.87 -52.46
C PRO A 20 -35.05 -1.34 -51.01
N GLU A 21 -34.55 -0.52 -50.09
CA GLU A 21 -34.60 -0.85 -48.67
C GLU A 21 -34.34 0.38 -47.81
N PRO A 22 -35.31 1.31 -47.81
CA PRO A 22 -35.21 2.56 -47.04
C PRO A 22 -35.32 2.32 -45.54
N PRO A 23 -34.21 2.55 -44.83
CA PRO A 23 -34.15 2.36 -43.37
C PRO A 23 -34.96 3.41 -42.62
N PRO A 24 -35.18 3.17 -41.32
CA PRO A 24 -35.95 4.09 -40.47
C PRO A 24 -35.21 5.40 -40.21
N GLU A 25 -35.98 6.48 -40.06
CA GLU A 25 -35.40 7.79 -39.81
C GLU A 25 -36.44 8.74 -39.21
N LEU A 26 -37.13 8.28 -38.18
CA LEU A 26 -38.16 9.08 -37.53
C LEU A 26 -38.48 8.53 -36.14
N GLU A 27 -37.58 8.74 -35.20
CA GLU A 27 -37.77 8.26 -33.84
C GLU A 27 -37.98 9.42 -32.86
N ASN A 28 -38.55 9.13 -31.70
CA ASN A 28 -38.80 10.15 -30.69
C ASN A 28 -37.79 10.04 -29.55
N ASN A 29 -37.48 11.18 -28.93
CA ASN A 29 -36.53 11.20 -27.82
C ASN A 29 -36.59 12.54 -27.08
N LYS A 30 -37.29 12.55 -25.95
CA LYS A 30 -37.43 13.75 -25.15
C LYS A 30 -37.16 13.47 -23.68
N THR A 31 -36.65 14.46 -22.96
CA THR A 31 -36.34 14.32 -21.55
C THR A 31 -36.29 15.68 -20.85
N MET A 32 -36.77 15.72 -19.61
CA MET A 32 -36.78 16.96 -18.83
C MET A 32 -36.43 16.69 -17.38
N ASN A 33 -35.17 16.94 -17.02
CA ASN A 33 -34.71 16.73 -15.66
C ASN A 33 -33.58 17.70 -15.31
N ARG A 34 -33.09 17.60 -14.08
CA ARG A 34 -32.02 18.48 -13.61
C ARG A 34 -31.08 17.73 -12.66
N ALA A 35 -29.89 18.29 -12.47
CA ALA A 35 -28.90 17.67 -11.59
C ALA A 35 -28.09 18.74 -10.85
N GLU A 36 -28.26 18.80 -9.53
CA GLU A 36 -27.54 19.77 -8.72
C GLU A 36 -27.61 19.40 -7.24
N ASN A 37 -26.45 19.06 -6.67
CA ASN A 37 -26.37 18.68 -5.27
C ASN A 37 -24.92 18.65 -4.79
N GLY A 38 -24.73 18.71 -3.48
CA GLY A 38 -23.39 18.69 -2.92
C GLY A 38 -23.30 19.48 -1.63
N GLY A 39 -23.02 18.78 -0.53
CA GLY A 39 -22.89 19.44 0.76
C GLY A 39 -22.66 18.47 1.90
N ARG A 40 -21.42 17.99 2.01
CA ARG A 40 -21.07 17.04 3.05
C ARG A 40 -19.73 17.40 3.69
N PRO A 41 -19.72 18.52 4.43
CA PRO A 41 -18.52 19.01 5.11
C PRO A 41 -18.10 18.11 6.27
N PRO A 42 -16.87 18.33 6.78
CA PRO A 42 -16.34 17.56 7.91
C PRO A 42 -17.06 17.86 9.21
N HIS A 43 -16.89 16.97 10.19
CA HIS A 43 -17.51 17.15 11.50
C HIS A 43 -16.79 16.33 12.57
N HIS A 44 -15.52 16.65 12.79
CA HIS A 44 -14.72 15.94 13.79
C HIS A 44 -13.65 16.85 14.37
N PRO A 45 -13.18 16.51 15.58
CA PRO A 45 -12.15 17.28 16.28
C PRO A 45 -10.79 17.18 15.60
N PHE A 46 -9.90 18.11 15.92
CA PHE A 46 -8.56 18.14 15.34
C PHE A 46 -7.53 17.69 16.37
N GLU A 47 -6.83 16.59 16.07
CA GLU A 47 -5.81 16.05 16.97
C GLU A 47 -4.42 16.43 16.49
N THR A 48 -3.53 16.70 17.44
CA THR A 48 -2.15 17.07 17.11
C THR A 48 -1.17 15.95 17.48
N LYS A 49 -1.11 14.93 16.63
CA LYS A 49 -0.21 13.80 16.87
C LYS A 49 1.17 14.09 16.30
N ASP A 50 2.19 13.54 16.96
CA ASP A 50 3.58 13.74 16.52
C ASP A 50 4.46 12.61 17.03
N VAL A 51 5.77 12.78 16.87
CA VAL A 51 6.73 11.78 17.31
C VAL A 51 7.94 12.43 17.99
N SER A 52 8.49 11.74 18.98
CA SER A 52 9.65 12.26 19.72
C SER A 52 10.46 11.11 20.31
N GLU A 53 10.76 10.12 19.49
CA GLU A 53 11.54 8.96 19.95
C GLU A 53 12.05 8.16 18.75
N TYR A 54 12.62 6.98 19.04
CA TYR A 54 13.15 6.12 17.99
C TYR A 54 12.19 4.97 17.70
N SER A 55 10.90 5.26 17.77
CA SER A 55 9.88 4.24 17.51
C SER A 55 9.25 4.45 16.13
N CYS A 56 8.48 3.46 15.69
CA CYS A 56 7.81 3.54 14.39
C CYS A 56 6.61 4.47 14.45
N ARG A 57 6.51 5.34 13.46
CA ARG A 57 5.40 6.29 13.39
C ARG A 57 4.07 5.56 13.20
N GLU A 58 3.12 5.83 14.08
CA GLU A 58 1.81 5.21 14.01
C GLU A 58 0.91 5.96 13.04
N LEU A 59 0.53 5.29 11.95
CA LEU A 59 -0.34 5.90 10.94
C LEU A 59 -1.78 5.42 11.11
N HIS A 60 -2.65 6.31 11.55
CA HIS A 60 -4.06 5.98 11.74
C HIS A 60 -4.89 6.36 10.51
N PHE A 61 -5.76 5.46 10.09
CA PHE A 61 -6.61 5.69 8.93
C PHE A 61 -8.08 5.51 9.28
N THR A 62 -8.91 6.47 8.87
CA THR A 62 -10.34 6.41 9.15
C THR A 62 -11.11 5.95 7.92
N ARG A 63 -12.25 5.30 8.15
CA ARG A 63 -13.08 4.80 7.06
C ARG A 63 -14.34 4.12 7.61
N TYR A 64 -15.45 4.26 6.89
CA TYR A 64 -16.70 3.67 7.30
C TYR A 64 -16.88 2.27 6.69
N VAL A 65 -17.05 1.29 7.56
CA VAL A 65 -17.22 -0.10 7.12
C VAL A 65 -18.69 -0.45 6.97
N THR A 66 -18.99 -1.33 6.03
CA THR A 66 -20.37 -1.75 5.78
C THR A 66 -20.43 -3.21 5.33
N ASP A 67 -21.31 -3.98 5.94
CA ASP A 67 -21.48 -5.39 5.61
C ASP A 67 -22.95 -5.77 5.57
N GLY A 68 -23.49 -5.85 4.36
CA GLY A 68 -24.89 -6.21 4.20
C GLY A 68 -25.80 -5.00 4.10
N PRO A 69 -27.09 -5.20 4.39
CA PRO A 69 -28.08 -4.12 4.33
C PRO A 69 -27.89 -3.09 5.43
N CYS A 70 -26.95 -3.37 6.35
CA CYS A 70 -26.67 -2.46 7.45
C CYS A 70 -25.38 -1.69 7.19
N ARG A 71 -25.13 -0.67 8.02
CA ARG A 71 -23.94 0.15 7.88
C ARG A 71 -23.39 0.54 9.25
N SER A 72 -22.06 0.55 9.36
CA SER A 72 -21.41 0.90 10.62
C SER A 72 -21.87 2.28 11.11
N ALA A 73 -22.21 2.36 12.38
CA ALA A 73 -22.67 3.61 12.98
C ALA A 73 -21.52 4.62 13.06
N LYS A 74 -20.29 4.11 13.17
CA LYS A 74 -19.12 4.97 13.27
C LYS A 74 -17.97 4.41 12.44
N PRO A 75 -16.99 5.26 12.11
CA PRO A 75 -15.83 4.87 11.33
C PRO A 75 -14.89 3.96 12.10
N VAL A 76 -13.96 3.33 11.39
CA VAL A 76 -13.00 2.43 12.00
C VAL A 76 -11.57 2.92 11.80
N THR A 77 -10.82 3.05 12.90
CA THR A 77 -9.44 3.51 12.84
C THR A 77 -8.48 2.34 12.63
N GLU A 78 -7.82 2.34 11.48
CA GLU A 78 -6.88 1.27 11.15
C GLU A 78 -5.44 1.74 11.40
N LEU A 79 -4.70 0.97 12.19
CA LEU A 79 -3.32 1.30 12.50
C LEU A 79 -2.37 0.70 11.47
N VAL A 80 -1.55 1.55 10.86
CA VAL A 80 -0.60 1.11 9.85
C VAL A 80 0.84 1.25 10.36
N CYS A 81 1.72 0.39 9.87
CA CYS A 81 3.13 0.42 10.27
C CYS A 81 3.97 1.15 9.23
N SER A 82 4.59 2.25 9.65
CA SER A 82 5.43 3.05 8.76
C SER A 82 6.38 3.94 9.56
N GLY A 83 7.67 3.84 9.25
CA GLY A 83 8.65 4.65 9.94
C GLY A 83 10.04 4.51 9.35
N GLN A 84 11.03 5.07 10.02
CA GLN A 84 12.41 5.00 9.55
C GLN A 84 13.38 5.04 10.71
N CYS A 85 14.45 4.26 10.62
CA CYS A 85 15.47 4.20 11.67
C CYS A 85 16.85 3.95 11.08
N GLY A 86 17.86 3.98 11.94
CA GLY A 86 19.22 3.76 11.48
C GLY A 86 19.81 2.47 12.03
N PRO A 87 20.94 2.04 11.47
CA PRO A 87 21.62 0.81 11.89
C PRO A 87 22.27 0.95 13.26
N ALA A 88 22.26 2.17 13.79
CA ALA A 88 22.84 2.44 15.10
C ALA A 88 22.60 3.89 15.52
N ARG A 89 21.71 4.07 16.49
CA ARG A 89 21.40 5.42 16.99
C ARG A 89 22.57 6.01 17.76
N LEU A 90 23.37 6.81 17.08
CA LEU A 90 24.53 7.45 17.70
C LEU A 90 25.00 8.65 16.89
N LEU A 91 26.01 9.34 17.40
CA LEU A 91 26.55 10.52 16.72
C LEU A 91 26.91 10.19 15.28
N PRO A 92 27.04 11.24 14.44
CA PRO A 92 27.39 11.08 13.03
C PRO A 92 28.84 10.64 12.84
N ASN A 93 29.63 10.74 13.89
CA ASN A 93 31.03 10.35 13.84
C ASN A 93 31.18 8.85 14.10
N ALA A 94 30.20 8.27 14.76
CA ALA A 94 30.23 6.84 15.08
C ALA A 94 29.31 6.06 14.14
N ILE A 95 29.19 6.54 12.89
CA ILE A 95 28.35 5.88 11.91
C ILE A 95 29.19 5.13 10.89
N GLY A 96 30.41 5.61 10.65
CA GLY A 96 31.29 4.97 9.69
C GLY A 96 32.14 5.97 8.94
N ARG A 97 32.32 5.73 7.64
CA ARG A 97 33.12 6.61 6.80
C ARG A 97 32.23 7.59 6.05
N GLY A 98 31.29 8.20 6.77
CA GLY A 98 30.39 9.16 6.16
C GLY A 98 29.43 8.51 5.17
N LYS A 99 29.01 9.29 4.18
CA LYS A 99 28.08 8.79 3.17
C LYS A 99 28.21 9.59 1.87
N TRP A 100 27.79 8.99 0.77
CA TRP A 100 27.86 9.65 -0.53
C TRP A 100 26.49 10.22 -0.93
N TRP A 101 26.00 11.14 -0.12
CA TRP A 101 24.70 11.77 -0.38
C TRP A 101 23.56 10.79 -0.10
N ARG A 102 23.46 9.76 -0.93
CA ARG A 102 22.41 8.76 -0.76
C ARG A 102 22.39 8.21 0.66
N PRO A 103 21.26 7.61 1.06
CA PRO A 103 21.09 7.03 2.40
C PRO A 103 21.94 5.78 2.59
N SER A 104 22.40 5.20 1.49
CA SER A 104 23.22 4.00 1.56
C SER A 104 22.47 2.85 2.25
N GLY A 105 21.36 2.44 1.65
CA GLY A 105 20.57 1.37 2.22
C GLY A 105 19.11 1.47 1.86
N PRO A 106 18.36 0.37 2.07
CA PRO A 106 16.92 0.32 1.78
C PRO A 106 16.10 1.19 2.71
N ASP A 107 14.78 1.07 2.64
CA ASP A 107 13.88 1.84 3.48
C ASP A 107 12.79 0.96 4.08
N PHE A 108 11.88 1.57 4.82
CA PHE A 108 10.79 0.84 5.46
C PHE A 108 11.33 -0.18 6.47
N ARG A 109 11.75 0.32 7.62
CA ARG A 109 12.29 -0.54 8.67
C ARG A 109 11.37 -0.54 9.89
N CYS A 110 10.30 -1.33 9.83
CA CYS A 110 9.35 -1.42 10.92
C CYS A 110 8.70 -2.81 10.97
N ILE A 111 8.65 -3.38 12.16
CA ILE A 111 8.06 -4.70 12.35
C ILE A 111 6.69 -4.61 13.01
N PRO A 112 5.76 -5.49 12.60
CA PRO A 112 4.41 -5.52 13.14
C PRO A 112 4.38 -6.02 14.58
N ASP A 113 3.59 -5.36 15.42
CA ASP A 113 3.46 -5.74 16.82
C ASP A 113 2.12 -6.43 17.08
N ARG A 114 1.82 -6.65 18.36
CA ARG A 114 0.57 -7.30 18.74
C ARG A 114 -0.63 -6.65 18.05
N TYR A 115 -1.59 -7.48 17.65
CA TYR A 115 -2.78 -6.98 16.97
C TYR A 115 -3.94 -6.83 17.96
N ARG A 116 -5.06 -6.30 17.46
CA ARG A 116 -6.24 -6.09 18.29
C ARG A 116 -7.51 -6.18 17.46
N ALA A 117 -8.34 -7.17 17.75
CA ALA A 117 -9.59 -7.36 17.02
C ALA A 117 -10.71 -6.52 17.65
N GLN A 118 -11.32 -5.66 16.83
CA GLN A 118 -12.41 -4.82 17.30
C GLN A 118 -13.74 -5.21 16.65
N ARG A 119 -14.83 -5.00 17.37
CA ARG A 119 -16.16 -5.33 16.85
C ARG A 119 -16.96 -4.07 16.57
N VAL A 120 -17.40 -3.92 15.33
CA VAL A 120 -18.18 -2.76 14.93
C VAL A 120 -19.67 -3.07 14.95
N GLN A 121 -20.48 -2.06 15.25
CA GLN A 121 -21.93 -2.22 15.30
C GLN A 121 -22.59 -1.57 14.09
N LEU A 122 -23.10 -2.38 13.18
CA LEU A 122 -23.77 -1.88 11.98
C LEU A 122 -25.27 -1.76 12.21
N LEU A 123 -25.85 -0.65 11.75
CA LEU A 123 -27.27 -0.40 11.89
C LEU A 123 -28.00 -0.62 10.57
N CYS A 124 -29.25 -1.07 10.65
CA CYS A 124 -30.06 -1.32 9.46
C CYS A 124 -31.25 -0.37 9.41
N PRO A 125 -31.83 -0.22 8.21
CA PRO A 125 -32.99 0.65 7.99
C PRO A 125 -34.25 0.10 8.63
N GLY A 126 -35.35 0.83 8.47
CA GLY A 126 -36.62 0.40 9.04
C GLY A 126 -37.11 -0.91 8.43
N GLY A 127 -37.05 -1.98 9.21
CA GLY A 127 -37.49 -3.28 8.73
C GLY A 127 -36.54 -4.39 9.09
N GLU A 128 -35.27 -4.03 9.31
CA GLU A 128 -34.25 -5.02 9.66
C GLU A 128 -33.63 -4.69 11.02
N ALA A 129 -32.74 -5.57 11.48
CA ALA A 129 -32.07 -5.37 12.76
C ALA A 129 -30.59 -5.08 12.56
N PRO A 130 -29.96 -4.49 13.60
CA PRO A 130 -28.53 -4.16 13.56
C PRO A 130 -27.64 -5.41 13.60
N ARG A 131 -26.49 -5.32 12.93
CA ARG A 131 -25.56 -6.44 12.89
C ARG A 131 -24.20 -6.04 13.46
N ALA A 132 -23.23 -6.94 13.39
CA ALA A 132 -21.89 -6.68 13.90
C ALA A 132 -20.83 -7.18 12.93
N ARG A 133 -19.68 -6.51 12.92
CA ARG A 133 -18.59 -6.89 12.03
C ARG A 133 -17.25 -6.79 12.76
N LYS A 134 -16.50 -7.90 12.76
CA LYS A 134 -15.20 -7.93 13.42
C LYS A 134 -14.10 -7.45 12.47
N VAL A 135 -13.14 -6.70 13.02
CA VAL A 135 -12.03 -6.19 12.23
C VAL A 135 -10.70 -6.46 12.91
N ARG A 136 -9.83 -7.18 12.22
CA ARG A 136 -8.52 -7.51 12.77
C ARG A 136 -7.45 -6.53 12.26
N LEU A 137 -7.04 -5.63 13.13
CA LEU A 137 -6.03 -4.64 12.78
C LEU A 137 -4.92 -4.58 13.85
N VAL A 138 -3.69 -4.36 13.39
CA VAL A 138 -2.55 -4.27 14.30
C VAL A 138 -2.83 -3.30 15.43
N ALA A 139 -2.21 -3.55 16.60
CA ALA A 139 -2.39 -2.69 17.76
C ALA A 139 -1.16 -1.81 17.97
N SER A 140 0.01 -2.42 17.96
CA SER A 140 1.26 -1.70 18.16
C SER A 140 2.19 -1.88 16.96
N CYS A 141 3.40 -1.32 17.08
CA CYS A 141 4.38 -1.41 16.00
C CYS A 141 5.75 -0.96 16.48
N LYS A 142 6.79 -1.53 15.91
CA LYS A 142 8.16 -1.18 16.27
C LYS A 142 8.99 -0.83 15.03
N CYS A 143 10.02 -0.01 15.22
CA CYS A 143 10.88 0.40 14.12
C CYS A 143 12.23 -0.29 14.21
N LYS A 144 12.47 -1.25 13.32
CA LYS A 144 13.73 -1.98 13.30
C LYS A 144 14.08 -2.41 11.87
N ARG A 145 15.37 -2.65 11.63
CA ARG A 145 15.84 -3.06 10.32
C ARG A 145 15.97 -4.58 10.24
N LEU A 146 15.30 -5.17 9.26
CA LEU A 146 15.33 -6.62 9.08
C LEU A 146 16.63 -7.04 8.39
N THR A 147 17.49 -7.72 9.14
CA THR A 147 18.77 -8.19 8.60
C THR A 147 18.57 -9.37 7.66
N ARG A 148 18.48 -9.07 6.36
CA ARG A 148 18.28 -10.11 5.35
C ARG A 148 19.60 -10.79 5.01
N PHE A 149 19.56 -12.10 4.86
CA PHE A 149 20.76 -12.88 4.54
C PHE A 149 20.48 -13.87 3.43
N HIS A 150 20.18 -13.36 2.24
CA HIS A 150 19.89 -14.21 1.08
C HIS A 150 21.15 -14.92 0.60
N ASN A 151 21.17 -16.24 0.74
CA ASN A 151 22.32 -17.03 0.31
C ASN A 151 22.11 -17.58 -1.10
N GLN A 152 23.21 -17.78 -1.82
CA GLN A 152 23.15 -18.28 -3.18
C GLN A 152 23.92 -19.60 -3.30
N SER A 153 23.36 -20.66 -2.72
CA SER A 153 24.01 -21.97 -2.77
C SER A 153 22.97 -23.07 -3.02
N GLU A 154 23.35 -24.05 -3.83
CA GLU A 154 22.47 -25.15 -4.16
C GLU A 154 23.26 -26.41 -4.53
N LEU A 155 22.57 -27.41 -5.05
CA LEU A 155 23.21 -28.66 -5.46
C LEU A 155 22.37 -29.39 -6.50
N LYS A 156 22.93 -30.46 -7.05
CA LYS A 156 22.24 -31.25 -8.06
C LYS A 156 21.06 -32.00 -7.45
N ASP A 157 19.92 -31.96 -8.13
CA ASP A 157 18.73 -32.64 -7.66
C ASP A 157 17.62 -32.59 -8.72
N PHE A 158 16.90 -33.70 -8.86
CA PHE A 158 15.82 -33.79 -9.84
C PHE A 158 14.60 -34.48 -9.24
N GLY A 159 13.71 -33.69 -8.65
CA GLY A 159 12.50 -34.24 -8.05
C GLY A 159 11.38 -34.41 -9.05
N THR A 160 11.22 -35.62 -9.56
CA THR A 160 10.18 -35.92 -10.53
C THR A 160 9.21 -36.98 -10.00
N GLU A 161 9.73 -37.88 -9.19
CA GLU A 161 8.92 -38.95 -8.62
C GLU A 161 8.36 -39.86 -9.70
N ALA A 162 7.84 -41.01 -9.31
CA ALA A 162 7.28 -41.97 -10.25
C ALA A 162 6.12 -42.74 -9.63
N ALA A 163 5.51 -43.62 -10.41
CA ALA A 163 4.39 -44.43 -9.93
C ALA A 163 4.76 -45.90 -9.85
N ARG A 164 4.58 -46.49 -8.68
CA ARG A 164 4.89 -47.90 -8.47
C ARG A 164 3.65 -48.68 -8.06
N PRO A 165 3.68 -50.00 -8.29
CA PRO A 165 2.56 -50.89 -7.94
C PRO A 165 2.39 -51.05 -6.44
N GLN A 166 1.16 -51.35 -6.01
CA GLN A 166 0.88 -51.52 -4.59
C GLN A 166 0.26 -52.90 -4.34
N LYS A 167 0.45 -53.41 -3.12
CA LYS A 167 -0.08 -54.71 -2.75
C LYS A 167 -0.73 -54.66 -1.38
N GLY A 168 -1.33 -55.77 -0.96
CA GLY A 168 -1.97 -55.84 0.34
C GLY A 168 -2.19 -57.26 0.81
N ARG A 169 -2.84 -57.40 1.96
CA ARG A 169 -3.10 -58.72 2.53
C ARG A 169 -4.61 -59.00 2.57
N LYS A 170 -4.96 -60.28 2.68
CA LYS A 170 -6.36 -60.67 2.74
C LYS A 170 -6.57 -61.79 3.76
N PRO A 171 -6.41 -61.43 5.05
CA PRO A 171 -6.58 -62.38 6.16
C PRO A 171 -8.03 -62.79 6.35
N ARG A 172 -8.29 -64.09 6.22
CA ARG A 172 -9.64 -64.61 6.38
C ARG A 172 -9.68 -65.71 7.44
N PRO A 173 -9.56 -65.30 8.71
CA PRO A 173 -9.58 -66.23 9.85
C PRO A 173 -10.96 -66.85 10.08
N ARG A 174 -11.09 -67.59 11.17
CA ARG A 174 -12.36 -68.24 11.49
C ARG A 174 -12.65 -68.15 12.99
N ALA A 175 -13.57 -67.27 13.36
CA ALA A 175 -13.94 -67.09 14.76
C ALA A 175 -14.46 -68.38 15.37
N ARG A 176 -13.97 -68.71 16.56
CA ARG A 176 -14.38 -69.93 17.24
C ARG A 176 -15.79 -69.78 17.82
N SER A 177 -16.41 -70.91 18.15
CA SER A 177 -17.76 -70.91 18.69
C SER A 177 -17.96 -72.08 19.66
N ALA A 178 -18.13 -71.75 20.94
CA ALA A 178 -18.33 -72.77 21.96
C ALA A 178 -19.67 -72.59 22.67
N LYS A 179 -20.21 -73.67 23.20
CA LYS A 179 -21.48 -73.63 23.91
C LYS A 179 -21.36 -74.22 25.31
N ALA A 180 -22.27 -73.85 26.19
CA ALA A 180 -22.26 -74.34 27.57
C ALA A 180 -23.52 -75.14 27.87
N ASN A 181 -23.68 -75.53 29.13
CA ASN A 181 -24.85 -76.30 29.56
C ASN A 181 -24.99 -76.28 31.07
N GLN A 182 -25.93 -77.07 31.59
CA GLN A 182 -26.17 -77.13 33.02
C GLN A 182 -27.06 -78.33 33.36
N ALA A 183 -27.21 -78.59 34.66
CA ALA A 183 -28.03 -79.70 35.12
C ALA A 183 -28.73 -79.36 36.44
N GLU A 184 -29.53 -80.29 36.94
CA GLU A 184 -30.25 -80.09 38.19
C GLU A 184 -29.94 -81.20 39.18
N LEU A 185 -29.33 -80.85 40.31
CA LEU A 185 -28.96 -81.81 41.33
C LEU A 185 -29.92 -81.72 42.52
N GLU A 186 -31.19 -82.02 42.28
CA GLU A 186 -32.20 -81.97 43.33
C GLU A 186 -31.93 -83.03 44.39
N ASN A 187 -32.28 -82.72 45.63
CA ASN A 187 -32.07 -83.64 46.74
C ASN A 187 -33.40 -83.98 47.42
N ALA A 188 -33.33 -84.76 48.49
CA ALA A 188 -34.52 -85.15 49.23
C ALA A 188 -34.16 -85.60 50.65
N TYR A 189 -34.76 -84.95 51.64
CA TYR A 189 -34.50 -85.28 53.04
C TYR A 189 -33.01 -85.21 53.35
#